data_8VU3
#
_entry.id   8VU3
#
_cell.length_a   1.00
_cell.length_b   1.00
_cell.length_c   1.00
_cell.angle_alpha   90.00
_cell.angle_beta   90.00
_cell.angle_gamma   90.00
#
_symmetry.space_group_name_H-M   'P 1'
#
loop_
_entity.id
_entity.type
_entity.pdbx_description
1 polymer 'Photosystem I P700 chlorophyll a apoprotein A1'
2 polymer 'Photosystem I P700 chlorophyll a apoprotein A2'
3 polymer 'Photosystem I iron-sulfur center'
4 polymer 'Photosystem I reaction center subunit II'
5 polymer 'Photosystem I reaction center subunit IV'
6 polymer 'Photosystem I reaction center subunit III'
7 polymer 'Photosystem I reaction center subunit VIII'
8 polymer 'Photosystem I reaction center subunit IX'
9 polymer 'Photosystem I reaction center subunit PsaK'
10 polymer 'Photosystem I reaction center subunit XI'
11 polymer 'Photosystem I reaction center subunit XII'
12 polymer Phosphorylase
13 non-polymer 'CHLOROPHYLL A ISOMER'
14 non-polymer 'CHLOROPHYLL A'
15 non-polymer PHYLLOQUINONE
16 non-polymer 'IRON/SULFUR CLUSTER'
17 non-polymer BETA-CAROTENE
18 non-polymer 1,2-DIPALMITOYL-PHOSPHATIDYL-GLYCEROLE
19 non-polymer 1,2-DISTEAROYL-MONOGALACTOSYL-DIGLYCERIDE
20 non-polymer 'CALCIUM ION'
#
loop_
_entity_poly.entity_id
_entity_poly.type
_entity_poly.pdbx_seq_one_letter_code
_entity_poly.pdbx_strand_id
1 'polypeptide(L)'
;MTISPPEREPKVRVVVDNDPVPTSFEKWAKPGHFDRTLARGPQTTTWIWNLHALAHDFDTHTSDLEDISRKIFSAHFGHL
AVVFIWLSGMYFHGAKFSNYEAWLADPTGIKPSAQVVWPIVGQGILNGDVGGGFHGIQITSGLFQLWRASGITNEFQLYC
TAIGGLVMAGLMLFAGWFHYHKRAPKLEWFQNVESMLNHHLAGLLGLGSLGWAGHQIHVSLPINQLLDAGVAAKDIPLPH
EFILNPSLMAELYPNINWGVFSGVIPFFTFNWAAYSDFLTFKGGLNPVTGGLWLSDTAHHHVAIAVLFIIAGHMYRTNWG
IGHSLKEILEAHKGPFTGTGHKGLYEVLTTSWHAQLAINLAMMGSLSIIVAQHMYAMPPYPYLATDYPTQLSLFTHHMWI
GGFLIVGGAAHGAIFFVRDYDPAVNQNNVLDRVLRHRDAIISHLNWVCIFLGFHSFGLYVHNDTMRAFGRPQDMFSDTGI
QLQPVFAQWVQHLHTLAPGGTAPNAAATASVAFGGDVVAVGGKVAMMPIALGTADFLVHHIHAFTIHVTVLILLKGVLFA
RSSRLIPDKANLGFRFPCDGPGRGGTCQVSGWDHVFLGLFWMYNCISVVIFHFSWKMQSDVWGTVAPDGTVSHITGGNFA
QSAITINGWLRDFLWAQASQVIGSYGSALSAYGLLFLGAHFVWAFSLMFLFSGRGYWQELIESIVWAHNKLKVAPAIQPR
ALSIIQGRAVGVAHYLLGGIATTWAFFLARIISVG
;
A,G,a
2 'polypeptide(L)'
;MATKFPKFSQDLAQDPTTRRIWYAIATAHDFESHDGMTEENLYQKIFASHFGHLAIIFLWVSGSLFHVAWQGNFEQWIQD
PLNTRPIAHAIWDPQFGKAAVDAFTQAGASSPVDIAYSGVYHWWYTIGMRTNGDLYQGAIFLLVLASLALFAGWLHLQPK
FRPSLSWFKNAESRLNHHLAGLFGVSSLAWAGHLIHVAIPESRGQHVGWDNFLSTMPHPAGLAPFFTGNWGVYAQNPDTA
SHVFGTSQGAGSAILTFLGGFHPQTESLWLTDMAHHHLAIAVLFIVAGHMYRTQFGIGHSIKEMMDAKDFFGTKVEGPFN
MPHQGIYETYNNSLHFQLGWHLACLGVITSLVAQHMYSLPPYAFIAQDHTTMAALYTHHQYIAGFLMVGAFAHGAIFLVR
DYDPVQNKGNVLDRVLQHKEAIISHLSWVSLFLGFHTLGLYVHNDVVVAFGTPEKQILIEPVFAQFIQAAHGKLLYGFDT
LLSNPDSIAATAWPNYGNVWLPGWLDAINSGNNSLFLTIGPGDFLVHHAIALGLHTTTLILVKGALDARGSKLMPDKKDF
GYAFPCDGPGRGGTCDISAWDAFYLAMFWMLNTIGWVTFYWHWKHLGVWEGNVAQFNENSTYLMGWLRDYLWLNSSQLIN
GYNPFGTNNLSVWAWMFLFGHLVWATGFMFLISWRGYWQELIETLVWAHERTPLANLVRWKDKPVALSIVQARLVGLAHF
SVGYVLTYAAFLIASTASKYG
;
B,H,b
3 'polypeptide(L)'
;MAHTVKIYDTCIGCTQCVRACPTDVLEMVPWDGCKAGQIASSPRTEDCVGCKRCETACPTDFLSIRVYLGAETTRSMGLA
Y
;
C,N,c
4 'polypeptide(L)'
;MTTLTGQPPLYGGSTGGLLSKADIEEKYAITWTSPKEQVFEMPTAGAAVMREGENLVYLARKEQCLALAAQQLRPRKIND
YKIYRIFPDGETVLLHPKDGVFPEKVNQGREAVNTVPRSIGQNPNPAQLKFSGKKPYDP
;
D,O,d
5 'polypeptide(L)' MVQRGSKVRILRPESYWYNEIGTVASVDQSGIKYPVIVRFDKVNYTGFSGSAGGVNTNNFALSEVEEVSAPKKGK E,P,e
6 'polypeptide(L)'
;MRRLLALLLVLSLWIGFTPLASADVAGLVPCKDSPAFQKRAAAAVNTTADPASGQKRFERYSQALCGEDGLPHLVVDGRL
SRAGDFLIPSALFLFITGWIGWVGRAYLIAVRNSGEANEKEIIIDVPLAIKCMLTGFAWPLAALKELASGELTAKDNEIT
VSPR
;
F,Q,f
7 'polypeptide(L)' MMGSYAASFLPWIFIPVVCWLMPVVVMGLLFLYIEGDAQA I,R,i
8 'polypeptide(L)' MQTKHLLTYLSTAPVLAALWMTITAGILIEFNRFYPDLLFHPL J,S,j
9 'polypeptide(L)'
;MVLATLPDTTWSPAVGLVVILCNLFAIAIGRYAIQSRGKGPGLPVSLPALFEGFGLPELLATTSFGHLLAAGVVSGLQYS
GAL
;
K,T,k
10 'polypeptide(L)'
;MADELVKPYNGDPFAGHLSTPISDSGLVKTFISNLPAYRQGLSPILRGLEVGMAHGYFLIGPWVKLGPLRDSDVANLGGL
ISGITLILLATACLAAYGLVSFQKASSSGDALKTGEGWSQFTAGFFVGAMGGAFVAFFLLENFAVVDGIMKGLFN
;
L,U,l
11 'polypeptide(L)' MALTDTQVYIALVIALLPAVLAFRLSAELYK M,V,m
12 'polypeptide(L)' MATKSAKPTYTFRTFWAVLLLAINFLVAAYYFGILK W,X,x
#
# COMPACT_ATOMS: atom_id res chain seq x y z
N VAL A 16 3.87 -86.50 -12.85
CA VAL A 16 2.90 -86.45 -13.94
C VAL A 16 2.00 -87.67 -13.81
N ASP A 17 0.83 -87.47 -13.19
CA ASP A 17 -0.01 -88.54 -12.67
C ASP A 17 -0.84 -89.17 -13.78
N ASN A 18 -1.08 -90.48 -13.65
CA ASN A 18 -1.80 -91.28 -14.63
C ASN A 18 -3.29 -91.30 -14.32
N ASP A 19 -4.10 -91.22 -15.40
CA ASP A 19 -5.56 -91.14 -15.47
C ASP A 19 -6.24 -90.37 -14.34
N PRO A 20 -5.92 -89.07 -14.15
CA PRO A 20 -6.49 -88.32 -13.02
C PRO A 20 -7.98 -88.06 -13.17
N VAL A 21 -8.42 -87.81 -14.39
CA VAL A 21 -9.83 -87.52 -14.69
C VAL A 21 -10.36 -88.55 -15.67
N PRO A 22 -11.44 -89.27 -15.33
CA PRO A 22 -11.98 -90.25 -16.29
C PRO A 22 -12.70 -89.59 -17.45
N THR A 23 -12.23 -89.88 -18.66
CA THR A 23 -12.87 -89.41 -19.89
C THR A 23 -14.26 -90.03 -20.02
N SER A 24 -15.29 -89.21 -19.92
CA SER A 24 -16.66 -89.71 -20.01
C SER A 24 -17.57 -88.58 -20.46
N PHE A 25 -18.72 -88.97 -21.00
CA PHE A 25 -19.75 -88.06 -21.50
C PHE A 25 -20.74 -87.67 -20.40
N GLU A 26 -20.54 -88.19 -19.19
CA GLU A 26 -21.51 -88.03 -18.11
C GLU A 26 -21.64 -86.57 -17.65
N LYS A 27 -20.52 -85.88 -17.48
CA LYS A 27 -20.59 -84.49 -17.00
C LYS A 27 -21.01 -83.53 -18.10
N TRP A 28 -20.93 -83.95 -19.36
CA TRP A 28 -21.51 -83.18 -20.46
C TRP A 28 -23.02 -83.07 -20.29
N ALA A 29 -23.65 -84.11 -19.77
CA ALA A 29 -25.06 -84.13 -19.44
C ALA A 29 -25.40 -83.34 -18.19
N LYS A 30 -24.40 -82.87 -17.43
CA LYS A 30 -24.64 -82.18 -16.17
C LYS A 30 -24.15 -80.75 -16.23
N PRO A 31 -25.00 -79.80 -16.62
CA PRO A 31 -24.59 -78.39 -16.58
C PRO A 31 -24.53 -77.87 -15.16
N GLY A 32 -23.42 -77.20 -14.84
CA GLY A 32 -23.19 -76.67 -13.52
C GLY A 32 -22.42 -77.61 -12.59
N HIS A 33 -21.82 -78.66 -13.15
CA HIS A 33 -21.04 -79.63 -12.39
C HIS A 33 -19.83 -78.99 -11.71
N PHE A 34 -19.25 -77.98 -12.34
CA PHE A 34 -17.96 -77.46 -11.92
C PHE A 34 -18.06 -76.53 -10.72
N ASP A 35 -19.28 -76.20 -10.32
CA ASP A 35 -19.51 -75.40 -9.12
C ASP A 35 -20.54 -76.10 -8.25
N ARG A 36 -20.79 -75.48 -7.09
CA ARG A 36 -21.78 -75.99 -6.13
C ARG A 36 -23.09 -75.23 -6.19
N THR A 37 -23.03 -73.89 -6.31
CA THR A 37 -24.24 -73.10 -6.45
C THR A 37 -24.93 -73.36 -7.79
N LEU A 38 -24.16 -73.75 -8.80
CA LEU A 38 -24.72 -74.02 -10.12
C LEU A 38 -25.31 -75.41 -10.24
N ALA A 39 -25.12 -76.29 -9.26
CA ALA A 39 -25.67 -77.64 -9.32
C ALA A 39 -26.69 -77.78 -8.18
N ARG A 40 -27.87 -77.22 -8.41
CA ARG A 40 -29.06 -77.48 -7.63
C ARG A 40 -30.27 -77.38 -8.54
N GLY A 41 -30.01 -77.30 -9.85
CA GLY A 41 -31.03 -76.98 -10.83
C GLY A 41 -31.21 -75.49 -10.94
N PRO A 42 -31.75 -75.01 -12.05
CA PRO A 42 -32.02 -73.58 -12.19
C PRO A 42 -33.35 -73.13 -11.62
N GLN A 43 -33.34 -72.46 -10.47
CA GLN A 43 -34.58 -71.96 -9.91
C GLN A 43 -34.94 -70.61 -10.51
N THR A 44 -33.98 -69.72 -10.65
CA THR A 44 -34.16 -68.45 -11.34
C THR A 44 -33.36 -68.46 -12.63
N THR A 45 -33.58 -67.44 -13.45
CA THR A 45 -32.91 -67.35 -14.74
C THR A 45 -31.43 -66.97 -14.60
N THR A 46 -31.07 -66.32 -13.48
CA THR A 46 -29.72 -65.83 -13.26
C THR A 46 -28.69 -66.95 -13.28
N TRP A 47 -29.13 -68.16 -12.88
CA TRP A 47 -28.33 -69.38 -12.94
C TRP A 47 -27.68 -69.56 -14.30
N ILE A 48 -28.47 -69.40 -15.37
CA ILE A 48 -27.97 -69.55 -16.74
C ILE A 48 -26.80 -68.61 -16.99
N TRP A 49 -26.99 -67.33 -16.65
CA TRP A 49 -25.93 -66.35 -16.84
C TRP A 49 -24.73 -66.71 -15.99
N ASN A 50 -24.97 -67.14 -14.75
CA ASN A 50 -23.91 -67.50 -13.82
C ASN A 50 -23.08 -68.64 -14.38
N LEU A 51 -23.72 -69.53 -15.14
CA LEU A 51 -23.03 -70.66 -15.75
C LEU A 51 -21.91 -70.16 -16.65
N HIS A 52 -22.25 -69.25 -17.58
CA HIS A 52 -21.22 -68.72 -18.46
C HIS A 52 -20.33 -67.74 -17.71
N ALA A 53 -20.84 -67.20 -16.60
CA ALA A 53 -20.02 -66.31 -15.80
C ALA A 53 -18.99 -67.08 -14.98
N LEU A 54 -19.12 -68.41 -14.89
CA LEU A 54 -18.20 -69.18 -14.05
C LEU A 54 -17.55 -70.34 -14.77
N ALA A 55 -17.62 -70.38 -16.11
CA ALA A 55 -17.08 -71.48 -16.89
C ALA A 55 -15.56 -71.55 -16.82
N HIS A 56 -14.90 -70.41 -16.99
CA HIS A 56 -13.45 -70.36 -17.11
C HIS A 56 -12.76 -69.82 -15.87
N ASP A 57 -13.51 -69.61 -14.78
CA ASP A 57 -12.89 -69.25 -13.51
C ASP A 57 -12.53 -70.55 -12.81
N PHE A 58 -11.32 -71.03 -13.11
CA PHE A 58 -10.89 -72.32 -12.60
C PHE A 58 -10.56 -72.28 -11.13
N ASP A 59 -10.11 -71.12 -10.62
CA ASP A 59 -9.76 -70.99 -9.21
C ASP A 59 -10.99 -70.97 -8.31
N THR A 60 -12.18 -70.72 -8.86
CA THR A 60 -13.44 -70.93 -8.17
C THR A 60 -13.90 -72.38 -8.20
N HIS A 61 -13.57 -73.11 -9.29
CA HIS A 61 -14.02 -74.48 -9.49
C HIS A 61 -13.53 -75.41 -8.38
N THR A 62 -12.24 -75.32 -8.06
CA THR A 62 -11.62 -76.15 -7.04
C THR A 62 -10.73 -75.24 -6.20
N SER A 63 -9.99 -75.78 -5.24
CA SER A 63 -9.19 -74.97 -4.35
C SER A 63 -7.80 -75.58 -4.21
N ASP A 64 -7.25 -76.07 -5.32
CA ASP A 64 -5.92 -76.71 -5.28
C ASP A 64 -5.14 -76.25 -6.50
N LEU A 65 -3.91 -75.79 -6.27
CA LEU A 65 -3.10 -75.19 -7.34
C LEU A 65 -2.75 -76.19 -8.43
N GLU A 66 -2.61 -77.46 -8.05
CA GLU A 66 -2.32 -78.51 -9.02
C GLU A 66 -3.43 -78.63 -10.05
N ASP A 67 -4.67 -78.79 -9.58
CA ASP A 67 -5.82 -78.95 -10.46
C ASP A 67 -6.03 -77.70 -11.31
N ILE A 68 -5.79 -76.52 -10.72
CA ILE A 68 -5.94 -75.26 -11.44
C ILE A 68 -4.93 -75.18 -12.58
N SER A 69 -3.68 -75.58 -12.31
CA SER A 69 -2.64 -75.53 -13.33
C SER A 69 -2.88 -76.56 -14.44
N ARG A 70 -3.37 -77.74 -14.07
CA ARG A 70 -3.71 -78.75 -15.08
C ARG A 70 -4.85 -78.27 -15.97
N LYS A 71 -5.85 -77.63 -15.37
CA LYS A 71 -6.96 -77.07 -16.14
C LYS A 71 -6.48 -75.97 -17.07
N ILE A 72 -5.57 -75.13 -16.59
CA ILE A 72 -5.02 -74.05 -17.43
C ILE A 72 -4.24 -74.61 -18.60
N PHE A 73 -3.42 -75.64 -18.35
CA PHE A 73 -2.69 -76.32 -19.42
C PHE A 73 -3.61 -76.89 -20.48
N SER A 74 -4.64 -77.60 -20.06
CA SER A 74 -5.56 -78.20 -21.01
C SER A 74 -6.44 -77.17 -21.73
N ALA A 75 -6.69 -76.01 -21.12
CA ALA A 75 -7.38 -74.92 -21.79
C ALA A 75 -6.48 -74.20 -22.79
N HIS A 76 -5.20 -74.06 -22.46
CA HIS A 76 -4.26 -73.48 -23.39
C HIS A 76 -4.08 -74.33 -24.64
N PHE A 77 -4.09 -75.66 -24.47
CA PHE A 77 -4.09 -76.58 -25.61
C PHE A 77 -5.31 -76.36 -26.51
N GLY A 78 -6.49 -76.17 -25.90
CA GLY A 78 -7.68 -75.87 -26.66
C GLY A 78 -7.61 -74.55 -27.40
N HIS A 79 -7.04 -73.55 -26.75
CA HIS A 79 -6.93 -72.25 -27.40
C HIS A 79 -5.91 -72.28 -28.54
N LEU A 80 -4.83 -73.04 -28.37
CA LEU A 80 -3.90 -73.25 -29.49
C LEU A 80 -4.59 -73.96 -30.64
N ALA A 81 -5.49 -74.90 -30.32
CA ALA A 81 -6.28 -75.56 -31.35
C ALA A 81 -7.18 -74.57 -32.11
N VAL A 82 -7.83 -73.64 -31.38
CA VAL A 82 -8.72 -72.70 -32.08
C VAL A 82 -7.91 -71.70 -32.91
N VAL A 83 -6.72 -71.30 -32.44
CA VAL A 83 -5.88 -70.42 -33.25
C VAL A 83 -5.35 -71.15 -34.48
N PHE A 84 -5.02 -72.43 -34.33
CA PHE A 84 -4.51 -73.19 -35.47
C PHE A 84 -5.62 -73.49 -36.48
N ILE A 85 -6.85 -73.73 -36.01
CA ILE A 85 -7.96 -73.91 -36.96
C ILE A 85 -8.28 -72.60 -37.65
N TRP A 86 -8.08 -71.46 -36.97
CA TRP A 86 -8.21 -70.16 -37.58
C TRP A 86 -7.18 -69.95 -38.70
N LEU A 87 -5.92 -70.27 -38.40
CA LEU A 87 -4.82 -70.16 -39.36
C LEU A 87 -5.05 -71.07 -40.55
N SER A 88 -5.52 -72.29 -40.29
CA SER A 88 -5.82 -73.24 -41.36
C SER A 88 -6.96 -72.75 -42.23
N GLY A 89 -7.98 -72.14 -41.62
CA GLY A 89 -9.06 -71.55 -42.37
C GLY A 89 -8.60 -70.42 -43.26
N MET A 90 -7.70 -69.59 -42.76
CA MET A 90 -7.28 -68.45 -43.57
C MET A 90 -6.38 -68.92 -44.70
N TYR A 91 -5.55 -69.94 -44.44
CA TYR A 91 -4.72 -70.49 -45.50
C TYR A 91 -5.57 -71.23 -46.55
N PHE A 92 -6.66 -71.87 -46.12
CA PHE A 92 -7.56 -72.51 -47.08
C PHE A 92 -8.29 -71.47 -47.92
N HIS A 93 -8.73 -70.38 -47.29
CA HIS A 93 -9.44 -69.34 -48.03
C HIS A 93 -8.50 -68.58 -48.95
N GLY A 94 -7.22 -68.51 -48.60
CA GLY A 94 -6.21 -67.97 -49.48
C GLY A 94 -5.72 -68.90 -50.56
N ALA A 95 -5.80 -70.21 -50.36
CA ALA A 95 -5.50 -71.17 -51.40
C ALA A 95 -6.63 -71.38 -52.40
N LYS A 96 -7.86 -71.51 -51.93
CA LYS A 96 -8.97 -71.95 -52.75
C LYS A 96 -9.98 -70.84 -53.04
N PHE A 97 -10.00 -69.77 -52.24
CA PHE A 97 -11.02 -68.76 -52.46
C PHE A 97 -10.43 -67.36 -52.61
N SER A 98 -9.23 -67.20 -53.15
CA SER A 98 -8.60 -65.89 -53.29
C SER A 98 -7.98 -65.76 -54.67
N ASN A 99 -7.29 -64.64 -54.86
CA ASN A 99 -6.56 -64.33 -56.07
C ASN A 99 -5.11 -64.02 -55.77
N TYR A 100 -4.47 -64.88 -54.97
CA TYR A 100 -3.08 -64.68 -54.58
C TYR A 100 -2.16 -64.61 -55.79
N GLU A 101 -2.30 -65.55 -56.71
CA GLU A 101 -1.40 -65.64 -57.86
C GLU A 101 -1.57 -64.42 -58.78
N ALA A 102 -2.82 -63.96 -58.97
CA ALA A 102 -3.13 -62.86 -59.88
C ALA A 102 -2.66 -61.58 -59.25
N TRP A 103 -2.85 -61.53 -57.93
CA TRP A 103 -2.33 -60.40 -57.18
C TRP A 103 -0.82 -60.37 -57.22
N LEU A 104 -0.18 -61.55 -57.24
CA LEU A 104 1.28 -61.61 -57.27
C LEU A 104 1.83 -61.18 -58.63
N ALA A 105 1.08 -61.46 -59.69
CA ALA A 105 1.51 -61.09 -61.04
C ALA A 105 1.59 -59.57 -61.20
N ASP A 106 0.51 -58.86 -60.87
CA ASP A 106 0.47 -57.40 -60.85
C ASP A 106 0.04 -56.97 -59.46
N PRO A 107 0.97 -56.57 -58.68
CA PRO A 107 0.69 -56.08 -57.32
C PRO A 107 -0.23 -54.86 -57.16
N THR A 108 0.14 -53.74 -57.78
CA THR A 108 -0.63 -52.51 -57.62
C THR A 108 -1.96 -52.61 -58.37
N GLY A 109 -1.96 -53.33 -59.49
CA GLY A 109 -3.14 -53.42 -60.32
C GLY A 109 -4.27 -54.26 -59.74
N ILE A 110 -3.94 -55.13 -58.80
CA ILE A 110 -4.92 -56.01 -58.17
C ILE A 110 -4.99 -55.68 -56.69
N LYS A 111 -6.20 -55.42 -56.20
CA LYS A 111 -6.48 -55.30 -54.77
C LYS A 111 -6.58 -56.70 -54.19
N PRO A 112 -5.98 -56.97 -53.03
CA PRO A 112 -6.11 -58.30 -52.42
C PRO A 112 -7.55 -58.61 -52.04
N SER A 113 -7.93 -59.88 -52.20
CA SER A 113 -9.30 -60.27 -51.91
C SER A 113 -9.36 -61.75 -51.56
N ALA A 114 -10.42 -62.10 -50.83
CA ALA A 114 -10.81 -63.48 -50.52
C ALA A 114 -12.29 -63.44 -50.14
N GLN A 115 -12.81 -64.54 -49.59
CA GLN A 115 -14.19 -64.64 -49.11
C GLN A 115 -15.21 -64.31 -50.19
N VAL A 116 -15.26 -65.12 -51.25
CA VAL A 116 -16.26 -64.94 -52.31
C VAL A 116 -17.63 -65.33 -51.75
N VAL A 117 -18.53 -64.35 -51.65
CA VAL A 117 -19.77 -64.60 -50.93
C VAL A 117 -20.74 -65.35 -51.83
N TRP A 118 -21.70 -66.01 -51.20
CA TRP A 118 -22.73 -66.77 -51.88
C TRP A 118 -23.83 -65.83 -52.40
N PRO A 119 -24.13 -65.88 -53.69
CA PRO A 119 -25.14 -64.98 -54.26
C PRO A 119 -26.57 -65.42 -53.91
N ILE A 120 -26.99 -65.15 -52.68
CA ILE A 120 -28.28 -65.65 -52.24
C ILE A 120 -29.37 -64.58 -52.43
N VAL A 121 -29.29 -63.45 -51.72
CA VAL A 121 -30.27 -62.37 -51.85
C VAL A 121 -29.51 -61.05 -51.93
N GLY A 122 -29.17 -60.62 -53.14
CA GLY A 122 -28.46 -59.39 -53.34
C GLY A 122 -26.96 -59.46 -53.08
N GLN A 123 -26.55 -60.38 -52.20
CA GLN A 123 -25.21 -60.55 -51.62
C GLN A 123 -24.05 -60.43 -52.60
N GLY A 124 -24.23 -60.93 -53.81
CA GLY A 124 -23.19 -60.94 -54.82
C GLY A 124 -22.71 -59.56 -55.24
N ILE A 125 -23.45 -58.52 -54.87
CA ILE A 125 -23.05 -57.14 -55.14
C ILE A 125 -21.80 -56.81 -54.34
N LEU A 126 -21.61 -57.46 -53.18
CA LEU A 126 -20.41 -57.26 -52.39
C LEU A 126 -19.18 -57.90 -53.02
N ASN A 127 -19.36 -58.84 -53.95
CA ASN A 127 -18.24 -59.38 -54.72
C ASN A 127 -17.86 -58.48 -55.88
N GLY A 128 -17.36 -57.30 -55.58
CA GLY A 128 -16.88 -56.40 -56.62
C GLY A 128 -15.54 -56.86 -57.16
N ASP A 129 -15.17 -56.38 -58.35
CA ASP A 129 -13.89 -56.75 -58.92
C ASP A 129 -12.75 -56.06 -58.19
N VAL A 130 -11.65 -56.78 -58.05
CA VAL A 130 -10.47 -56.28 -57.36
C VAL A 130 -9.29 -56.30 -58.32
N GLY A 131 -9.46 -56.97 -59.46
CA GLY A 131 -8.42 -57.07 -60.46
C GLY A 131 -8.11 -58.49 -60.87
N GLY A 132 -8.08 -58.74 -62.18
CA GLY A 132 -7.71 -60.05 -62.69
C GLY A 132 -8.89 -60.97 -62.92
N GLY A 133 -10.10 -60.42 -62.95
CA GLY A 133 -11.29 -61.23 -63.17
C GLY A 133 -11.88 -61.78 -61.88
N PHE A 134 -11.17 -61.56 -60.78
CA PHE A 134 -11.66 -62.00 -59.48
C PHE A 134 -12.72 -61.05 -58.95
N HIS A 135 -13.85 -61.62 -58.55
CA HIS A 135 -14.96 -60.89 -57.95
C HIS A 135 -15.15 -61.40 -56.53
N GLY A 136 -14.71 -60.62 -55.55
CA GLY A 136 -14.80 -61.05 -54.17
C GLY A 136 -14.59 -59.89 -53.23
N ILE A 137 -14.75 -60.18 -51.94
CA ILE A 137 -14.62 -59.16 -50.91
C ILE A 137 -13.16 -58.76 -50.78
N GLN A 138 -12.89 -57.46 -50.92
CA GLN A 138 -11.53 -56.97 -50.74
C GLN A 138 -11.11 -57.11 -49.29
N ILE A 139 -10.13 -57.97 -49.04
CA ILE A 139 -9.70 -58.25 -47.69
C ILE A 139 -8.65 -57.23 -47.27
N THR A 140 -8.55 -57.00 -45.96
CA THR A 140 -7.59 -56.04 -45.44
C THR A 140 -6.67 -56.67 -44.39
N SER A 141 -6.66 -58.00 -44.27
CA SER A 141 -5.88 -58.65 -43.23
C SER A 141 -4.38 -58.65 -43.56
N GLY A 142 -4.02 -58.28 -44.77
CA GLY A 142 -2.63 -58.27 -45.18
C GLY A 142 -2.00 -59.62 -45.41
N LEU A 143 -2.81 -60.65 -45.62
CA LEU A 143 -2.33 -62.02 -45.75
C LEU A 143 -1.50 -62.23 -47.01
N PHE A 144 -1.91 -61.64 -48.13
CA PHE A 144 -1.25 -61.79 -49.43
C PHE A 144 0.19 -61.30 -49.36
N GLN A 145 0.37 -60.18 -48.69
CA GLN A 145 1.69 -59.56 -48.60
C GLN A 145 2.64 -60.41 -47.76
N LEU A 146 2.15 -60.94 -46.64
CA LEU A 146 2.99 -61.81 -45.82
C LEU A 146 3.25 -63.15 -46.50
N TRP A 147 2.32 -63.62 -47.34
CA TRP A 147 2.57 -64.84 -48.09
C TRP A 147 3.64 -64.63 -49.14
N ARG A 148 3.62 -63.50 -49.84
CA ARG A 148 4.68 -63.20 -50.81
C ARG A 148 6.01 -62.98 -50.11
N ALA A 149 6.00 -62.31 -48.96
CA ALA A 149 7.21 -62.11 -48.19
C ALA A 149 7.79 -63.42 -47.68
N SER A 150 6.91 -64.34 -47.24
CA SER A 150 7.39 -65.63 -46.75
C SER A 150 7.94 -66.51 -47.86
N GLY A 151 7.58 -66.25 -49.11
CA GLY A 151 8.11 -66.97 -50.25
C GLY A 151 7.12 -67.86 -50.96
N ILE A 152 5.85 -67.85 -50.55
CA ILE A 152 4.84 -68.64 -51.24
C ILE A 152 4.58 -68.05 -52.62
N THR A 153 4.54 -68.92 -53.64
CA THR A 153 4.31 -68.50 -55.01
C THR A 153 2.94 -68.95 -55.51
N ASN A 154 2.66 -70.25 -55.45
CA ASN A 154 1.37 -70.76 -55.90
C ASN A 154 0.39 -70.81 -54.73
N GLU A 155 -0.75 -71.48 -54.93
CA GLU A 155 -1.74 -71.65 -53.88
C GLU A 155 -1.70 -73.02 -53.20
N PHE A 156 -1.13 -74.03 -53.85
CA PHE A 156 -1.10 -75.38 -53.28
C PHE A 156 -0.29 -75.43 -52.00
N GLN A 157 0.74 -74.58 -51.91
CA GLN A 157 1.48 -74.40 -50.68
C GLN A 157 0.56 -73.92 -49.55
N LEU A 158 -0.38 -73.04 -49.89
CA LEU A 158 -1.33 -72.58 -48.87
C LEU A 158 -2.33 -73.67 -48.49
N TYR A 159 -2.68 -74.54 -49.44
CA TYR A 159 -3.61 -75.65 -49.14
C TYR A 159 -2.95 -76.66 -48.20
N CYS A 160 -1.68 -76.98 -48.45
CA CYS A 160 -0.99 -77.90 -47.55
C CYS A 160 -0.62 -77.23 -46.22
N THR A 161 -0.46 -75.89 -46.22
CA THR A 161 -0.30 -75.18 -44.95
C THR A 161 -1.61 -75.21 -44.15
N ALA A 162 -2.74 -75.14 -44.85
CA ALA A 162 -4.04 -75.31 -44.19
C ALA A 162 -4.19 -76.73 -43.62
N ILE A 163 -3.74 -77.72 -44.38
CA ILE A 163 -3.77 -79.11 -43.92
C ILE A 163 -2.90 -79.28 -42.67
N GLY A 164 -1.71 -78.67 -42.70
CA GLY A 164 -0.81 -78.65 -41.57
C GLY A 164 -1.41 -77.95 -40.35
N GLY A 165 -2.10 -76.84 -40.58
CA GLY A 165 -2.77 -76.16 -39.48
C GLY A 165 -3.89 -76.98 -38.88
N LEU A 166 -4.62 -77.71 -39.72
CA LEU A 166 -5.71 -78.56 -39.22
C LEU A 166 -5.15 -79.69 -38.37
N VAL A 167 -4.09 -80.36 -38.86
CA VAL A 167 -3.54 -81.46 -38.05
C VAL A 167 -2.81 -80.92 -36.83
N MET A 168 -2.28 -79.69 -36.92
CA MET A 168 -1.67 -79.06 -35.75
C MET A 168 -2.71 -78.75 -34.69
N ALA A 169 -3.89 -78.28 -35.10
CA ALA A 169 -4.99 -78.05 -34.18
C ALA A 169 -5.45 -79.36 -33.54
N GLY A 170 -5.53 -80.42 -34.34
CA GLY A 170 -5.84 -81.75 -33.83
C GLY A 170 -4.82 -82.24 -32.82
N LEU A 171 -3.55 -81.96 -33.09
CA LEU A 171 -2.46 -82.30 -32.19
C LEU A 171 -2.61 -81.58 -30.85
N MET A 172 -2.89 -80.28 -30.87
CA MET A 172 -3.09 -79.53 -29.63
C MET A 172 -4.31 -80.02 -28.86
N LEU A 173 -5.39 -80.34 -29.56
CA LEU A 173 -6.60 -80.87 -28.92
C LEU A 173 -6.32 -82.21 -28.24
N PHE A 174 -5.66 -83.11 -28.94
CA PHE A 174 -5.35 -84.41 -28.35
C PHE A 174 -4.34 -84.27 -27.22
N ALA A 175 -3.44 -83.29 -27.34
CA ALA A 175 -2.51 -83.03 -26.26
C ALA A 175 -3.23 -82.54 -25.02
N GLY A 176 -4.31 -81.77 -25.21
CA GLY A 176 -5.14 -81.31 -24.11
C GLY A 176 -5.85 -82.43 -23.40
N TRP A 177 -6.43 -83.30 -24.21
CA TRP A 177 -7.08 -84.49 -23.68
C TRP A 177 -6.07 -85.34 -22.92
N PHE A 178 -4.87 -85.49 -23.48
CA PHE A 178 -3.86 -86.35 -22.88
C PHE A 178 -3.31 -85.75 -21.58
N HIS A 179 -3.06 -84.44 -21.56
CA HIS A 179 -2.49 -83.81 -20.38
C HIS A 179 -3.54 -83.36 -19.39
N TYR A 180 -4.83 -83.63 -19.63
CA TYR A 180 -5.77 -83.48 -18.54
C TYR A 180 -6.28 -84.82 -18.04
N HIS A 181 -6.74 -85.69 -18.96
CA HIS A 181 -7.46 -86.88 -18.54
C HIS A 181 -6.55 -88.09 -18.42
N LYS A 182 -5.46 -88.12 -19.18
CA LYS A 182 -4.64 -89.31 -19.27
C LYS A 182 -3.33 -89.18 -18.49
N ARG A 183 -2.54 -88.11 -18.72
CA ARG A 183 -1.34 -87.94 -17.91
C ARG A 183 -1.15 -86.46 -17.64
N ALA A 184 -1.64 -86.03 -16.51
CA ALA A 184 -1.65 -84.64 -16.14
C ALA A 184 -0.48 -84.33 -15.22
N PRO A 185 0.20 -83.21 -15.44
CA PRO A 185 1.41 -82.93 -14.66
C PRO A 185 1.11 -82.52 -13.23
N LYS A 186 2.10 -82.70 -12.37
CA LYS A 186 2.01 -82.30 -10.98
C LYS A 186 2.40 -80.83 -10.84
N LEU A 187 2.28 -80.31 -9.61
CA LEU A 187 2.43 -78.88 -9.38
C LEU A 187 3.87 -78.41 -9.58
N GLU A 188 4.84 -79.22 -9.13
CA GLU A 188 6.26 -78.85 -9.19
C GLU A 188 6.73 -78.65 -10.63
N TRP A 189 6.08 -79.33 -11.57
CA TRP A 189 6.33 -79.18 -12.99
C TRP A 189 5.94 -77.79 -13.47
N PHE A 190 4.71 -77.37 -13.14
CA PHE A 190 4.22 -76.04 -13.47
C PHE A 190 5.01 -74.97 -12.73
N GLN A 191 5.38 -75.25 -11.49
CA GLN A 191 6.16 -74.30 -10.70
C GLN A 191 7.65 -74.36 -10.99
N ASN A 192 8.09 -75.19 -11.95
CA ASN A 192 9.49 -75.20 -12.34
C ASN A 192 9.72 -74.04 -13.31
N VAL A 193 9.96 -72.86 -12.75
CA VAL A 193 9.82 -71.61 -13.48
C VAL A 193 11.09 -71.28 -14.26
N GLU A 194 12.24 -71.70 -13.74
CA GLU A 194 13.52 -71.44 -14.41
C GLU A 194 13.65 -72.24 -15.70
N SER A 195 13.35 -73.53 -15.63
CA SER A 195 13.40 -74.41 -16.79
C SER A 195 12.38 -73.98 -17.83
N MET A 196 11.21 -73.51 -17.37
CA MET A 196 10.20 -73.02 -18.29
C MET A 196 10.67 -71.78 -19.03
N LEU A 197 11.26 -70.83 -18.30
CA LEU A 197 11.74 -69.60 -18.94
C LEU A 197 12.89 -69.91 -19.91
N ASN A 198 13.77 -70.84 -19.53
CA ASN A 198 14.86 -71.26 -20.40
C ASN A 198 14.34 -71.91 -21.68
N HIS A 199 13.29 -72.74 -21.55
CA HIS A 199 12.72 -73.41 -22.71
C HIS A 199 11.87 -72.49 -23.57
N HIS A 200 11.39 -71.39 -23.01
CA HIS A 200 10.56 -70.47 -23.78
C HIS A 200 11.33 -69.35 -24.44
N LEU A 201 12.41 -68.87 -23.82
CA LEU A 201 13.29 -67.93 -24.49
C LEU A 201 14.04 -68.61 -25.62
N ALA A 202 14.82 -69.62 -25.28
CA ALA A 202 15.67 -70.30 -26.25
C ALA A 202 14.85 -71.18 -27.20
N GLY A 203 13.90 -71.94 -26.67
CA GLY A 203 13.22 -72.95 -27.45
C GLY A 203 11.98 -72.50 -28.20
N LEU A 204 11.08 -71.78 -27.53
CA LEU A 204 9.90 -71.26 -28.22
C LEU A 204 10.25 -70.10 -29.14
N LEU A 205 11.11 -69.20 -28.68
CA LEU A 205 11.35 -67.96 -29.40
C LEU A 205 12.60 -68.06 -30.26
N GLY A 206 13.72 -68.52 -29.69
CA GLY A 206 14.97 -68.60 -30.41
C GLY A 206 14.96 -69.58 -31.57
N LEU A 207 14.43 -70.77 -31.33
CA LEU A 207 14.33 -71.80 -32.37
C LEU A 207 13.34 -71.39 -33.45
N GLY A 208 12.23 -70.77 -33.06
CA GLY A 208 11.30 -70.23 -34.04
C GLY A 208 11.93 -69.17 -34.92
N SER A 209 12.68 -68.25 -34.31
CA SER A 209 13.39 -67.20 -35.03
C SER A 209 14.45 -67.77 -35.97
N LEU A 210 15.21 -68.75 -35.49
CA LEU A 210 16.24 -69.39 -36.29
C LEU A 210 15.66 -70.17 -37.46
N GLY A 211 14.58 -70.91 -37.20
CA GLY A 211 13.93 -71.66 -38.25
C GLY A 211 13.29 -70.77 -39.29
N TRP A 212 12.76 -69.61 -38.88
CA TRP A 212 12.25 -68.71 -39.89
C TRP A 212 13.36 -68.10 -40.71
N ALA A 213 14.47 -67.73 -40.06
CA ALA A 213 15.68 -67.40 -40.80
C ALA A 213 16.24 -68.58 -41.58
N GLY A 214 15.92 -69.81 -41.16
CA GLY A 214 16.21 -70.98 -41.96
C GLY A 214 15.25 -71.12 -43.13
N HIS A 215 14.08 -70.50 -43.00
CA HIS A 215 13.15 -70.31 -44.11
C HIS A 215 13.43 -69.00 -44.86
N GLN A 216 14.07 -68.03 -44.22
CA GLN A 216 14.38 -66.80 -44.94
C GLN A 216 15.55 -67.05 -45.89
N ILE A 217 16.61 -67.69 -45.39
CA ILE A 217 17.84 -67.89 -46.16
C ILE A 217 17.58 -68.81 -47.35
N HIS A 218 16.83 -69.89 -47.12
CA HIS A 218 16.65 -70.91 -48.14
C HIS A 218 15.40 -70.72 -48.98
N VAL A 219 14.38 -70.05 -48.47
CA VAL A 219 13.14 -69.94 -49.24
C VAL A 219 12.82 -68.48 -49.54
N SER A 220 12.75 -67.64 -48.51
CA SER A 220 12.18 -66.30 -48.68
C SER A 220 13.06 -65.37 -49.51
N LEU A 221 14.35 -65.26 -49.17
CA LEU A 221 15.27 -64.41 -49.95
C LEU A 221 15.39 -64.75 -51.43
N PRO A 222 15.61 -66.02 -51.86
CA PRO A 222 15.79 -66.28 -53.30
C PRO A 222 14.53 -66.00 -54.11
N ILE A 223 13.40 -66.48 -53.59
CA ILE A 223 12.10 -66.31 -54.22
C ILE A 223 11.79 -64.82 -54.34
N ASN A 224 12.05 -64.06 -53.27
CA ASN A 224 11.72 -62.65 -53.30
C ASN A 224 12.72 -61.83 -54.12
N GLN A 225 13.99 -62.26 -54.18
CA GLN A 225 15.00 -61.62 -55.01
C GLN A 225 14.62 -61.77 -56.47
N LEU A 226 14.09 -62.94 -56.83
CA LEU A 226 13.57 -63.16 -58.17
C LEU A 226 12.31 -62.34 -58.43
N LEU A 227 11.38 -62.32 -57.46
CA LEU A 227 10.12 -61.59 -57.63
C LEU A 227 10.32 -60.07 -57.73
N ASP A 228 11.39 -59.55 -57.15
CA ASP A 228 11.65 -58.11 -57.17
C ASP A 228 12.36 -57.66 -58.44
N ALA A 229 12.29 -58.46 -59.50
CA ALA A 229 12.97 -58.15 -60.75
C ALA A 229 12.07 -58.15 -61.99
N GLY A 230 10.89 -58.74 -61.93
CA GLY A 230 10.04 -58.88 -63.09
C GLY A 230 10.00 -60.28 -63.69
N VAL A 231 10.19 -61.32 -62.88
CA VAL A 231 10.31 -62.69 -63.34
C VAL A 231 8.92 -63.28 -63.59
N ALA A 232 7.88 -62.57 -63.14
CA ALA A 232 6.47 -62.96 -63.24
C ALA A 232 6.23 -64.32 -62.59
N ALA A 233 6.54 -64.38 -61.28
CA ALA A 233 6.43 -65.53 -60.38
C ALA A 233 6.80 -66.88 -60.98
N LYS A 234 5.84 -67.54 -61.62
CA LYS A 234 5.83 -68.97 -61.96
C LYS A 234 7.09 -69.53 -62.60
N ASP A 235 7.89 -68.68 -63.24
CA ASP A 235 9.12 -69.12 -63.90
C ASP A 235 10.26 -69.40 -62.91
N ILE A 236 10.02 -69.25 -61.61
CA ILE A 236 11.03 -69.58 -60.61
C ILE A 236 10.72 -70.96 -60.06
N PRO A 237 11.72 -71.73 -59.64
CA PRO A 237 11.46 -73.08 -59.15
C PRO A 237 10.77 -73.07 -57.78
N LEU A 238 10.18 -74.23 -57.47
CA LEU A 238 9.64 -74.47 -56.15
C LEU A 238 10.79 -74.49 -55.13
N PRO A 239 10.54 -74.07 -53.89
CA PRO A 239 11.65 -73.72 -52.97
C PRO A 239 12.52 -74.90 -52.53
N HIS A 240 12.27 -76.12 -52.98
CA HIS A 240 13.18 -77.21 -52.66
C HIS A 240 14.43 -77.15 -53.53
N GLU A 241 14.33 -76.45 -54.66
CA GLU A 241 15.45 -76.37 -55.60
C GLU A 241 16.57 -75.47 -55.06
N PHE A 242 16.24 -74.57 -54.16
CA PHE A 242 17.21 -73.60 -53.67
C PHE A 242 18.00 -74.17 -52.49
N ILE A 243 17.66 -75.37 -52.05
CA ILE A 243 18.50 -76.12 -51.12
C ILE A 243 19.22 -77.20 -51.91
N LEU A 244 18.47 -77.92 -52.76
CA LEU A 244 19.00 -78.98 -53.61
C LEU A 244 20.07 -78.48 -54.56
N ASN A 245 19.81 -77.37 -55.23
CA ASN A 245 20.69 -76.88 -56.29
C ASN A 245 21.22 -75.50 -55.94
N PRO A 246 22.43 -75.38 -55.41
CA PRO A 246 23.02 -74.04 -55.18
C PRO A 246 23.47 -73.32 -56.44
N SER A 247 23.19 -73.89 -57.62
CA SER A 247 23.35 -73.14 -58.87
C SER A 247 22.40 -71.95 -58.90
N LEU A 248 21.17 -72.14 -58.42
CA LEU A 248 20.24 -71.03 -58.29
C LEU A 248 20.73 -70.04 -57.23
N MET A 249 21.46 -70.53 -56.23
CA MET A 249 22.08 -69.69 -55.22
C MET A 249 23.30 -68.94 -55.71
N ALA A 250 23.74 -69.18 -56.95
CA ALA A 250 24.95 -68.53 -57.42
C ALA A 250 24.70 -67.08 -57.78
N GLU A 251 23.87 -66.82 -58.80
CA GLU A 251 23.71 -65.47 -59.36
C GLU A 251 23.12 -64.50 -58.34
N LEU A 252 22.33 -65.01 -57.41
CA LEU A 252 21.90 -64.24 -56.25
C LEU A 252 22.98 -64.40 -55.19
N TYR A 253 23.73 -63.33 -54.94
CA TYR A 253 24.72 -63.23 -53.86
C TYR A 253 25.82 -64.27 -54.03
N PRO A 254 26.76 -64.13 -54.97
CA PRO A 254 27.71 -65.20 -55.27
C PRO A 254 28.96 -65.28 -54.41
N ASN A 255 29.00 -64.65 -53.24
CA ASN A 255 30.27 -64.58 -52.50
C ASN A 255 30.42 -65.70 -51.48
N ILE A 256 29.77 -66.83 -51.71
CA ILE A 256 29.91 -68.01 -50.85
C ILE A 256 30.13 -69.19 -51.78
N ASN A 257 30.83 -70.22 -51.29
CA ASN A 257 31.03 -71.45 -52.05
C ASN A 257 29.71 -72.18 -52.33
N TRP A 258 28.75 -72.05 -51.40
CA TRP A 258 27.41 -72.63 -51.48
C TRP A 258 27.40 -74.14 -51.61
N GLY A 259 27.83 -74.86 -50.58
CA GLY A 259 27.73 -76.30 -50.57
C GLY A 259 27.23 -76.82 -49.24
N VAL A 260 26.91 -78.12 -49.22
CA VAL A 260 26.28 -78.77 -48.08
C VAL A 260 27.25 -78.90 -46.91
N PHE A 261 28.55 -78.70 -47.17
CA PHE A 261 29.53 -78.66 -46.10
C PHE A 261 30.34 -77.36 -46.18
N SER A 262 30.63 -76.93 -47.40
CA SER A 262 31.54 -75.81 -47.64
C SER A 262 30.97 -74.48 -47.18
N GLY A 263 29.70 -74.24 -47.46
CA GLY A 263 29.06 -72.97 -47.17
C GLY A 263 28.94 -72.63 -45.69
N VAL A 264 28.78 -73.66 -44.85
CA VAL A 264 28.59 -73.42 -43.43
C VAL A 264 29.92 -73.23 -42.69
N ILE A 265 31.05 -73.60 -43.30
CA ILE A 265 32.39 -73.42 -42.73
C ILE A 265 32.69 -71.94 -42.47
N PRO A 266 32.29 -70.95 -43.36
CA PRO A 266 32.40 -69.54 -42.96
C PRO A 266 31.69 -69.17 -41.67
N PHE A 267 30.61 -69.85 -41.31
CA PHE A 267 30.02 -69.62 -40.00
C PHE A 267 30.90 -70.17 -38.89
N PHE A 268 31.47 -71.36 -39.10
CA PHE A 268 32.20 -72.04 -38.04
C PHE A 268 33.62 -71.50 -37.90
N THR A 269 34.01 -70.59 -38.80
CA THR A 269 35.33 -69.98 -38.69
C THR A 269 35.30 -68.46 -38.53
N PHE A 270 34.15 -67.88 -38.12
CA PHE A 270 33.97 -66.43 -37.94
C PHE A 270 34.22 -65.66 -39.25
N ASN A 271 33.99 -66.32 -40.38
CA ASN A 271 34.13 -65.72 -41.70
C ASN A 271 32.75 -65.22 -42.10
N TRP A 272 32.38 -64.05 -41.59
CA TRP A 272 31.01 -63.60 -41.69
C TRP A 272 30.79 -62.52 -42.74
N ALA A 273 31.84 -61.76 -43.10
CA ALA A 273 31.70 -60.80 -44.21
C ALA A 273 31.49 -61.51 -45.54
N ALA A 274 31.81 -62.81 -45.61
CA ALA A 274 31.35 -63.63 -46.71
C ALA A 274 29.83 -63.66 -46.78
N TYR A 275 29.18 -63.82 -45.62
CA TYR A 275 27.72 -63.89 -45.56
C TYR A 275 27.05 -62.54 -45.77
N SER A 276 27.83 -61.45 -45.90
CA SER A 276 27.31 -60.09 -45.87
C SER A 276 26.44 -59.74 -47.06
N ASP A 277 26.38 -60.60 -48.06
CA ASP A 277 25.51 -60.34 -49.20
C ASP A 277 24.05 -60.62 -48.86
N PHE A 278 23.77 -61.51 -47.91
CA PHE A 278 22.38 -61.75 -47.51
C PHE A 278 22.10 -61.41 -46.05
N LEU A 279 23.13 -61.49 -45.20
CA LEU A 279 22.98 -60.94 -43.86
C LEU A 279 23.39 -59.47 -43.90
N THR A 280 22.46 -58.60 -44.27
CA THR A 280 22.72 -57.19 -44.51
C THR A 280 22.02 -56.35 -43.45
N PHE A 281 22.49 -55.12 -43.29
CA PHE A 281 21.87 -54.21 -42.34
C PHE A 281 21.52 -52.89 -43.01
N LYS A 282 20.98 -52.97 -44.23
CA LYS A 282 20.80 -51.79 -45.08
C LYS A 282 19.84 -50.77 -44.49
N GLY A 283 18.65 -51.21 -44.10
CA GLY A 283 17.62 -50.32 -43.60
C GLY A 283 16.85 -49.66 -44.73
N GLY A 284 15.85 -48.88 -44.33
CA GLY A 284 14.98 -48.24 -45.28
C GLY A 284 13.96 -49.21 -45.85
N LEU A 285 13.41 -48.82 -47.00
CA LEU A 285 12.44 -49.62 -47.72
C LEU A 285 13.01 -49.97 -49.09
N ASN A 286 12.57 -51.10 -49.62
CA ASN A 286 12.95 -51.47 -50.98
C ASN A 286 12.18 -50.55 -51.94
N PRO A 287 12.89 -49.79 -52.79
CA PRO A 287 12.20 -48.77 -53.60
C PRO A 287 11.35 -49.35 -54.72
N VAL A 288 11.45 -50.65 -54.96
CA VAL A 288 10.62 -51.31 -55.96
C VAL A 288 9.37 -51.96 -55.36
N THR A 289 9.31 -52.15 -54.03
CA THR A 289 8.21 -52.91 -53.44
C THR A 289 7.58 -52.25 -52.22
N GLY A 290 8.25 -51.30 -51.57
CA GLY A 290 7.65 -50.58 -50.46
C GLY A 290 7.64 -51.37 -49.19
N GLY A 291 8.25 -52.55 -49.21
CA GLY A 291 8.35 -53.39 -48.04
C GLY A 291 9.68 -53.20 -47.35
N LEU A 292 9.99 -54.10 -46.43
CA LEU A 292 11.28 -54.12 -45.81
C LEU A 292 12.25 -54.89 -46.70
N TRP A 293 13.54 -54.57 -46.57
CA TRP A 293 14.57 -55.37 -47.23
C TRP A 293 14.57 -56.73 -46.57
N LEU A 294 14.24 -57.78 -47.35
CA LEU A 294 14.11 -59.12 -46.80
C LEU A 294 15.44 -59.68 -46.32
N SER A 295 16.55 -59.24 -46.92
CA SER A 295 17.86 -59.61 -46.38
C SER A 295 18.05 -59.06 -44.98
N ASP A 296 17.60 -57.83 -44.74
CA ASP A 296 17.62 -57.27 -43.40
C ASP A 296 16.73 -58.04 -42.43
N THR A 297 15.53 -58.46 -42.86
CA THR A 297 14.66 -59.27 -41.99
C THR A 297 15.27 -60.63 -41.71
N ALA A 298 16.00 -61.20 -42.67
CA ALA A 298 16.68 -62.46 -42.44
C ALA A 298 17.79 -62.33 -41.41
N HIS A 299 18.68 -61.34 -41.61
CA HIS A 299 19.75 -61.08 -40.66
C HIS A 299 19.19 -60.72 -39.29
N HIS A 300 18.05 -60.03 -39.27
CA HIS A 300 17.27 -59.76 -38.09
C HIS A 300 16.91 -61.01 -37.32
N HIS A 301 16.22 -61.94 -37.99
CA HIS A 301 15.76 -63.17 -37.37
C HIS A 301 16.94 -64.00 -36.88
N VAL A 302 18.06 -63.93 -37.61
CA VAL A 302 19.29 -64.61 -37.18
C VAL A 302 19.78 -64.05 -35.84
N ALA A 303 19.91 -62.73 -35.75
CA ALA A 303 20.40 -62.13 -34.52
C ALA A 303 19.41 -62.29 -33.37
N ILE A 304 18.12 -62.29 -33.68
CA ILE A 304 17.06 -62.47 -32.70
C ILE A 304 17.15 -63.86 -32.12
N ALA A 305 17.34 -64.85 -33.00
CA ALA A 305 17.52 -66.24 -32.61
C ALA A 305 18.73 -66.40 -31.69
N VAL A 306 19.83 -65.75 -32.06
CA VAL A 306 21.05 -65.89 -31.26
C VAL A 306 20.85 -65.29 -29.88
N LEU A 307 20.30 -64.08 -29.80
CA LEU A 307 20.06 -63.46 -28.50
C LEU A 307 19.05 -64.22 -27.65
N PHE A 308 18.04 -64.83 -28.26
CA PHE A 308 17.07 -65.58 -27.47
C PHE A 308 17.63 -66.92 -26.99
N ILE A 309 18.43 -67.60 -27.81
CA ILE A 309 19.08 -68.83 -27.34
C ILE A 309 20.15 -68.52 -26.30
N ILE A 310 20.80 -67.36 -26.39
CA ILE A 310 21.66 -66.89 -25.30
C ILE A 310 20.86 -66.71 -24.02
N ALA A 311 19.76 -65.95 -24.09
CA ALA A 311 19.01 -65.61 -22.89
C ALA A 311 18.31 -66.81 -22.26
N GLY A 312 18.10 -67.89 -23.01
CA GLY A 312 17.55 -69.12 -22.47
C GLY A 312 18.59 -70.04 -21.89
N HIS A 313 19.71 -69.45 -21.45
CA HIS A 313 20.77 -70.21 -20.80
C HIS A 313 21.15 -69.56 -19.48
N MET A 314 20.24 -68.80 -18.89
CA MET A 314 20.48 -67.89 -17.78
C MET A 314 20.01 -68.46 -16.45
N TYR A 315 19.13 -69.44 -16.49
CA TYR A 315 18.35 -69.85 -15.32
C TYR A 315 18.76 -71.24 -14.87
N ARG A 316 19.09 -71.37 -13.59
CA ARG A 316 19.55 -72.62 -13.02
C ARG A 316 18.41 -73.63 -12.93
N THR A 317 18.58 -74.78 -13.58
CA THR A 317 17.57 -75.81 -13.50
C THR A 317 18.17 -77.06 -12.79
N ASN A 318 19.19 -77.68 -13.35
CA ASN A 318 19.63 -78.99 -12.86
C ASN A 318 21.14 -79.19 -12.85
N TRP A 319 21.92 -78.24 -13.36
CA TRP A 319 23.35 -78.47 -13.49
C TRP A 319 24.12 -77.40 -12.75
N GLY A 320 23.46 -76.73 -11.81
CA GLY A 320 24.09 -75.78 -10.92
C GLY A 320 24.58 -74.52 -11.61
N ILE A 321 24.19 -74.35 -12.87
CA ILE A 321 24.71 -73.30 -13.72
C ILE A 321 23.54 -72.38 -14.08
N GLY A 322 23.69 -71.10 -13.80
CA GLY A 322 22.62 -70.14 -14.02
C GLY A 322 22.04 -69.62 -12.72
N HIS A 323 21.01 -68.80 -12.87
CA HIS A 323 20.41 -68.07 -11.77
C HIS A 323 19.08 -68.68 -11.36
N SER A 324 18.84 -68.65 -10.06
CA SER A 324 17.50 -68.72 -9.52
C SER A 324 16.91 -67.31 -9.59
N LEU A 325 15.71 -67.19 -10.18
CA LEU A 325 15.03 -65.90 -10.26
C LEU A 325 14.74 -65.31 -8.89
N LYS A 326 14.58 -66.19 -7.88
CA LYS A 326 14.39 -65.73 -6.51
C LYS A 326 15.59 -64.95 -5.99
N GLU A 327 16.81 -65.42 -6.27
CA GLU A 327 17.99 -64.72 -5.80
C GLU A 327 18.18 -63.38 -6.50
N ILE A 328 17.85 -63.33 -7.79
CA ILE A 328 17.88 -62.08 -8.53
C ILE A 328 16.89 -61.09 -7.94
N LEU A 329 15.68 -61.56 -7.64
CA LEU A 329 14.64 -60.69 -7.09
C LEU A 329 14.99 -60.20 -5.68
N GLU A 330 15.26 -61.15 -4.77
CA GLU A 330 15.55 -60.82 -3.38
C GLU A 330 16.88 -60.10 -3.21
N ALA A 331 17.78 -60.18 -4.20
CA ALA A 331 18.97 -59.35 -4.15
C ALA A 331 18.63 -57.87 -4.32
N HIS A 332 17.70 -57.58 -5.23
CA HIS A 332 17.41 -56.21 -5.65
C HIS A 332 16.51 -55.52 -4.61
N LYS A 333 17.13 -54.69 -3.77
CA LYS A 333 16.40 -53.92 -2.77
C LYS A 333 17.22 -52.68 -2.44
N GLY A 334 16.52 -51.60 -2.13
CA GLY A 334 17.18 -50.34 -1.91
C GLY A 334 16.71 -49.65 -0.66
N PRO A 335 17.25 -48.46 -0.39
CA PRO A 335 16.92 -47.77 0.86
C PRO A 335 15.52 -47.17 0.88
N PHE A 336 14.91 -46.94 -0.29
CA PHE A 336 13.53 -46.47 -0.33
C PHE A 336 12.51 -47.59 -0.29
N THR A 337 12.86 -48.78 -0.76
CA THR A 337 11.90 -49.84 -0.99
C THR A 337 12.06 -50.98 -0.01
N GLY A 338 12.61 -50.68 1.17
CA GLY A 338 12.63 -51.60 2.30
C GLY A 338 13.33 -52.92 2.02
N THR A 339 12.56 -53.99 1.89
CA THR A 339 13.07 -55.29 1.51
C THR A 339 13.02 -55.54 0.02
N GLY A 340 12.58 -54.55 -0.77
CA GLY A 340 12.60 -54.64 -2.21
C GLY A 340 11.68 -55.70 -2.79
N HIS A 341 12.25 -56.67 -3.50
CA HIS A 341 11.48 -57.67 -4.23
C HIS A 341 11.44 -59.00 -3.50
N LYS A 342 11.63 -59.00 -2.19
CA LYS A 342 11.46 -60.21 -1.40
C LYS A 342 10.01 -60.64 -1.41
N GLY A 343 9.75 -61.89 -1.80
CA GLY A 343 8.43 -62.47 -1.80
C GLY A 343 7.71 -62.39 -3.12
N LEU A 344 8.26 -61.65 -4.08
CA LEU A 344 7.64 -61.60 -5.41
C LEU A 344 7.80 -62.92 -6.15
N TYR A 345 8.85 -63.69 -5.83
CA TYR A 345 8.98 -65.05 -6.37
C TYR A 345 7.80 -65.92 -5.98
N GLU A 346 7.45 -65.92 -4.70
CA GLU A 346 6.32 -66.71 -4.22
C GLU A 346 5.01 -66.19 -4.78
N VAL A 347 4.90 -64.87 -4.90
CA VAL A 347 3.73 -64.18 -5.43
C VAL A 347 3.49 -64.63 -6.86
N LEU A 348 4.56 -64.71 -7.65
CA LEU A 348 4.43 -65.04 -9.06
C LEU A 348 4.43 -66.54 -9.34
N THR A 349 4.94 -67.36 -8.42
CA THR A 349 4.93 -68.81 -8.61
C THR A 349 3.76 -69.48 -7.89
N THR A 350 2.98 -68.72 -7.12
CA THR A 350 1.77 -69.28 -6.53
C THR A 350 0.49 -68.67 -7.05
N SER A 351 0.51 -67.48 -7.66
CA SER A 351 -0.70 -66.84 -8.14
C SER A 351 -0.68 -66.83 -9.67
N TRP A 352 -1.63 -67.53 -10.25
CA TRP A 352 -1.81 -67.56 -11.69
C TRP A 352 -2.36 -66.24 -12.22
N HIS A 353 -3.20 -65.57 -11.42
CA HIS A 353 -3.72 -64.26 -11.80
C HIS A 353 -2.63 -63.18 -11.81
N ALA A 354 -1.66 -63.27 -10.89
CA ALA A 354 -0.56 -62.32 -10.88
C ALA A 354 0.34 -62.47 -12.09
N GLN A 355 0.49 -63.67 -12.63
CA GLN A 355 1.21 -63.83 -13.88
C GLN A 355 0.38 -63.35 -15.06
N LEU A 356 -0.93 -63.62 -15.04
CA LEU A 356 -1.80 -63.17 -16.12
C LEU A 356 -1.85 -61.66 -16.24
N ALA A 357 -1.79 -60.95 -15.10
CA ALA A 357 -1.75 -59.50 -15.12
C ALA A 357 -0.56 -58.99 -15.94
N ILE A 358 0.64 -59.47 -15.63
CA ILE A 358 1.85 -59.04 -16.33
C ILE A 358 1.79 -59.45 -17.79
N ASN A 359 1.36 -60.69 -18.06
CA ASN A 359 1.46 -61.23 -19.40
C ASN A 359 0.45 -60.55 -20.33
N LEU A 360 -0.79 -60.31 -19.85
CA LEU A 360 -1.76 -59.55 -20.61
C LEU A 360 -1.32 -58.11 -20.82
N ALA A 361 -0.78 -57.45 -19.80
CA ALA A 361 -0.33 -56.06 -19.97
C ALA A 361 0.81 -55.98 -20.97
N MET A 362 1.75 -56.91 -20.91
CA MET A 362 2.89 -56.89 -21.81
C MET A 362 2.48 -57.23 -23.24
N MET A 363 1.57 -58.19 -23.41
CA MET A 363 1.11 -58.49 -24.75
C MET A 363 0.28 -57.37 -25.34
N GLY A 364 -0.50 -56.67 -24.50
CA GLY A 364 -1.21 -55.50 -24.98
C GLY A 364 -0.28 -54.38 -25.41
N SER A 365 0.71 -54.08 -24.58
CA SER A 365 1.70 -53.07 -24.95
C SER A 365 2.49 -53.48 -26.18
N LEU A 366 2.80 -54.76 -26.34
CA LEU A 366 3.61 -55.16 -27.47
C LEU A 366 2.76 -55.20 -28.74
N SER A 367 1.46 -55.48 -28.62
CA SER A 367 0.55 -55.34 -29.76
C SER A 367 0.42 -53.89 -30.19
N ILE A 368 0.38 -52.96 -29.22
CA ILE A 368 0.43 -51.53 -29.54
C ILE A 368 1.72 -51.19 -30.27
N ILE A 369 2.83 -51.79 -29.82
CA ILE A 369 4.13 -51.61 -30.48
C ILE A 369 4.09 -52.15 -31.91
N VAL A 370 3.47 -53.31 -32.10
CA VAL A 370 3.30 -53.93 -33.41
C VAL A 370 2.52 -53.00 -34.33
N ALA A 371 1.44 -52.42 -33.81
CA ALA A 371 0.67 -51.44 -34.57
C ALA A 371 1.54 -50.26 -35.00
N GLN A 372 2.27 -49.69 -34.06
CA GLN A 372 3.06 -48.50 -34.39
C GLN A 372 4.39 -48.81 -35.06
N HIS A 373 4.67 -50.06 -35.35
CA HIS A 373 5.87 -50.41 -36.12
C HIS A 373 5.57 -50.84 -37.54
N MET A 374 4.54 -51.66 -37.76
CA MET A 374 4.21 -52.13 -39.10
C MET A 374 3.51 -51.09 -39.95
N TYR A 375 3.35 -49.87 -39.48
CA TYR A 375 2.89 -48.82 -40.38
C TYR A 375 4.03 -48.03 -40.98
N ALA A 376 5.06 -47.69 -40.19
CA ALA A 376 6.11 -46.78 -40.63
C ALA A 376 7.39 -47.49 -41.03
N MET A 377 7.57 -48.75 -40.62
CA MET A 377 8.33 -49.74 -41.40
C MET A 377 7.38 -50.85 -41.83
N PRO A 378 6.80 -50.75 -43.00
CA PRO A 378 5.88 -51.85 -43.48
C PRO A 378 6.68 -53.13 -43.80
N PRO A 379 6.71 -54.34 -43.03
CA PRO A 379 7.76 -55.17 -43.39
C PRO A 379 7.47 -56.15 -44.50
N TYR A 380 6.37 -55.91 -45.25
CA TYR A 380 5.98 -56.89 -46.25
C TYR A 380 5.94 -56.11 -47.55
N PRO A 381 6.34 -56.74 -48.64
CA PRO A 381 6.16 -56.17 -49.98
C PRO A 381 4.69 -55.83 -50.23
N TYR A 382 4.46 -54.62 -50.78
CA TYR A 382 3.16 -54.19 -51.32
C TYR A 382 2.12 -54.05 -50.22
N LEU A 383 2.59 -53.74 -49.01
CA LEU A 383 1.74 -53.45 -47.87
C LEU A 383 1.71 -51.97 -47.55
N ALA A 384 2.81 -51.26 -47.78
CA ALA A 384 2.84 -49.80 -47.63
C ALA A 384 1.89 -49.09 -48.57
N THR A 385 1.82 -49.54 -49.82
CA THR A 385 0.92 -48.98 -50.81
C THR A 385 -0.41 -49.72 -50.84
N ASP A 386 -0.67 -50.56 -49.85
CA ASP A 386 -2.01 -51.08 -49.59
C ASP A 386 -2.50 -50.31 -48.37
N TYR A 387 -3.06 -49.12 -48.64
CA TYR A 387 -3.59 -48.25 -47.58
C TYR A 387 -4.72 -48.88 -46.78
N PRO A 388 -5.71 -49.63 -47.38
CA PRO A 388 -6.66 -50.38 -46.55
C PRO A 388 -6.00 -51.33 -45.56
N THR A 389 -5.02 -52.09 -46.06
CA THR A 389 -4.28 -53.00 -45.21
C THR A 389 -3.53 -52.24 -44.12
N GLN A 390 -2.87 -51.14 -44.46
CA GLN A 390 -2.07 -50.43 -43.48
C GLN A 390 -2.93 -49.87 -42.34
N LEU A 391 -4.04 -49.20 -42.70
CA LEU A 391 -4.97 -48.67 -41.70
C LEU A 391 -5.57 -49.80 -40.86
N SER A 392 -5.94 -50.91 -41.51
CA SER A 392 -6.59 -52.00 -40.83
C SER A 392 -5.69 -52.67 -39.81
N LEU A 393 -4.44 -52.98 -40.19
CA LEU A 393 -3.54 -53.62 -39.24
C LEU A 393 -3.11 -52.70 -38.10
N PHE A 394 -2.86 -51.40 -38.39
CA PHE A 394 -2.57 -50.47 -37.31
C PHE A 394 -3.71 -50.43 -36.29
N THR A 395 -4.93 -50.23 -36.78
CA THR A 395 -6.07 -50.04 -35.90
C THR A 395 -6.41 -51.32 -35.16
N HIS A 396 -6.30 -52.47 -35.83
CA HIS A 396 -6.57 -53.76 -35.21
C HIS A 396 -5.61 -54.07 -34.08
N HIS A 397 -4.31 -53.85 -34.30
CA HIS A 397 -3.37 -54.17 -33.24
C HIS A 397 -3.44 -53.18 -32.10
N MET A 398 -3.78 -51.91 -32.39
CA MET A 398 -4.05 -50.97 -31.31
C MET A 398 -5.22 -51.39 -30.44
N TRP A 399 -6.30 -51.86 -31.07
CA TRP A 399 -7.50 -52.22 -30.30
C TRP A 399 -7.26 -53.49 -29.48
N ILE A 400 -6.60 -54.47 -30.09
CA ILE A 400 -6.25 -55.70 -29.37
C ILE A 400 -5.35 -55.39 -28.19
N GLY A 401 -4.39 -54.48 -28.39
CA GLY A 401 -3.49 -54.12 -27.32
C GLY A 401 -4.17 -53.40 -26.17
N GLY A 402 -5.08 -52.48 -26.50
CA GLY A 402 -5.82 -51.78 -25.46
C GLY A 402 -6.67 -52.72 -24.62
N PHE A 403 -7.33 -53.68 -25.29
CA PHE A 403 -8.11 -54.69 -24.58
C PHE A 403 -7.24 -55.52 -23.65
N LEU A 404 -6.09 -55.99 -24.14
CA LEU A 404 -5.24 -56.84 -23.30
C LEU A 404 -4.59 -56.06 -22.15
N ILE A 405 -4.32 -54.77 -22.34
CA ILE A 405 -3.80 -53.95 -21.25
C ILE A 405 -4.85 -53.80 -20.14
N VAL A 406 -6.10 -53.53 -20.53
CA VAL A 406 -7.17 -53.45 -19.55
C VAL A 406 -7.37 -54.79 -18.84
N GLY A 407 -7.20 -55.89 -19.57
CA GLY A 407 -7.28 -57.20 -18.95
C GLY A 407 -6.16 -57.49 -17.96
N GLY A 408 -4.95 -57.03 -18.27
CA GLY A 408 -3.86 -57.15 -17.31
C GLY A 408 -4.14 -56.39 -16.04
N ALA A 409 -4.71 -55.19 -16.17
CA ALA A 409 -5.16 -54.46 -14.99
C ALA A 409 -6.26 -55.19 -14.23
N ALA A 410 -7.18 -55.81 -14.96
CA ALA A 410 -8.27 -56.57 -14.35
C ALA A 410 -7.72 -57.73 -13.51
N HIS A 411 -6.80 -58.48 -14.08
CA HIS A 411 -6.25 -59.61 -13.34
C HIS A 411 -5.29 -59.21 -12.24
N GLY A 412 -4.68 -58.01 -12.35
CA GLY A 412 -4.00 -57.46 -11.19
C GLY A 412 -4.95 -57.21 -10.02
N ALA A 413 -6.12 -56.64 -10.32
CA ALA A 413 -7.14 -56.45 -9.29
C ALA A 413 -7.63 -57.79 -8.72
N ILE A 414 -7.79 -58.80 -9.60
CA ILE A 414 -8.21 -60.13 -9.16
C ILE A 414 -7.17 -60.76 -8.24
N PHE A 415 -5.88 -60.60 -8.58
CA PHE A 415 -4.80 -61.08 -7.73
C PHE A 415 -4.87 -60.44 -6.36
N PHE A 416 -5.07 -59.12 -6.33
CA PHE A 416 -5.10 -58.41 -5.06
C PHE A 416 -6.29 -58.83 -4.21
N VAL A 417 -7.44 -59.04 -4.83
CA VAL A 417 -8.61 -59.48 -4.09
C VAL A 417 -8.46 -60.93 -3.61
N ARG A 418 -7.82 -61.80 -4.41
CA ARG A 418 -7.89 -63.24 -4.19
C ARG A 418 -6.58 -63.89 -3.77
N ASP A 419 -5.44 -63.43 -4.27
CA ASP A 419 -4.19 -64.16 -4.11
C ASP A 419 -3.12 -63.36 -3.38
N TYR A 420 -3.49 -62.26 -2.75
CA TYR A 420 -2.57 -61.46 -1.96
C TYR A 420 -2.50 -62.04 -0.56
N ASP A 421 -1.31 -62.49 -0.16
CA ASP A 421 -1.08 -62.86 1.22
C ASP A 421 -0.19 -61.82 1.87
N PRO A 422 -0.65 -61.15 2.93
CA PRO A 422 0.21 -60.14 3.58
C PRO A 422 1.45 -60.70 4.25
N ALA A 423 1.48 -62.00 4.55
CA ALA A 423 2.60 -62.60 5.26
C ALA A 423 3.83 -62.73 4.38
N VAL A 424 3.62 -63.04 3.10
CA VAL A 424 4.69 -63.02 2.11
C VAL A 424 5.13 -61.58 1.91
N ASN A 425 4.17 -60.67 1.79
CA ASN A 425 4.43 -59.30 1.38
C ASN A 425 4.50 -58.40 2.61
N GLN A 426 5.64 -58.46 3.29
CA GLN A 426 5.94 -57.55 4.39
C GLN A 426 7.11 -56.67 3.98
N ASN A 427 6.84 -55.36 3.84
CA ASN A 427 7.82 -54.33 3.49
C ASN A 427 8.51 -54.60 2.15
N ASN A 428 7.86 -55.33 1.26
CA ASN A 428 8.31 -55.40 -0.11
C ASN A 428 7.60 -54.33 -0.92
N VAL A 429 7.92 -54.27 -2.20
CA VAL A 429 7.44 -53.23 -3.12
C VAL A 429 5.91 -53.23 -3.19
N LEU A 430 5.32 -54.43 -3.18
CA LEU A 430 3.86 -54.59 -3.13
C LEU A 430 3.27 -53.94 -1.89
N ASP A 431 3.82 -54.27 -0.72
CA ASP A 431 3.31 -53.74 0.55
C ASP A 431 3.48 -52.22 0.62
N ARG A 432 4.62 -51.71 0.15
CA ARG A 432 4.84 -50.28 0.23
C ARG A 432 4.03 -49.50 -0.79
N VAL A 433 3.63 -50.09 -1.92
CA VAL A 433 2.72 -49.32 -2.78
C VAL A 433 1.30 -49.37 -2.23
N LEU A 434 0.94 -50.46 -1.55
CA LEU A 434 -0.34 -50.47 -0.86
C LEU A 434 -0.39 -49.42 0.24
N ARG A 435 0.75 -49.14 0.87
CA ARG A 435 0.76 -48.16 1.96
C ARG A 435 0.84 -46.70 1.51
N HIS A 436 0.95 -46.41 0.21
CA HIS A 436 0.85 -45.01 -0.22
C HIS A 436 0.07 -44.88 -1.54
N ARG A 437 -0.82 -45.85 -1.78
CA ARG A 437 -1.86 -45.73 -2.80
C ARG A 437 -2.57 -44.37 -2.82
N ASP A 438 -2.81 -43.73 -1.66
CA ASP A 438 -3.50 -42.45 -1.67
C ASP A 438 -2.67 -41.37 -2.35
N ALA A 439 -1.37 -41.30 -2.03
CA ALA A 439 -0.48 -40.37 -2.71
C ALA A 439 -0.39 -40.68 -4.20
N ILE A 440 -0.28 -41.97 -4.55
CA ILE A 440 -0.17 -42.36 -5.96
C ILE A 440 -1.42 -41.95 -6.73
N ILE A 441 -2.60 -42.23 -6.17
CA ILE A 441 -3.85 -41.98 -6.86
C ILE A 441 -4.13 -40.49 -6.95
N SER A 442 -3.85 -39.73 -5.88
CA SER A 442 -4.08 -38.30 -5.92
C SER A 442 -3.14 -37.60 -6.91
N HIS A 443 -1.88 -38.04 -7.00
CA HIS A 443 -0.99 -37.43 -7.97
C HIS A 443 -1.37 -37.81 -9.40
N LEU A 444 -1.80 -39.05 -9.62
CA LEU A 444 -2.31 -39.43 -10.94
C LEU A 444 -3.56 -38.64 -11.30
N ASN A 445 -4.44 -38.43 -10.31
CA ASN A 445 -5.63 -37.60 -10.48
C ASN A 445 -5.27 -36.19 -10.94
N TRP A 446 -4.29 -35.59 -10.25
CA TRP A 446 -3.88 -34.23 -10.59
C TRP A 446 -3.24 -34.17 -11.98
N VAL A 447 -2.44 -35.18 -12.34
CA VAL A 447 -1.87 -35.23 -13.68
C VAL A 447 -2.96 -35.35 -14.74
N CYS A 448 -3.98 -36.14 -14.45
CA CYS A 448 -5.11 -36.29 -15.38
C CYS A 448 -5.83 -34.97 -15.57
N ILE A 449 -6.07 -34.23 -14.49
CA ILE A 449 -6.76 -32.94 -14.61
C ILE A 449 -5.90 -31.92 -15.35
N PHE A 450 -4.60 -31.90 -15.05
CA PHE A 450 -3.69 -30.99 -15.74
C PHE A 450 -3.65 -31.28 -17.23
N LEU A 451 -3.55 -32.56 -17.59
CA LEU A 451 -3.47 -32.94 -19.00
C LEU A 451 -4.77 -32.65 -19.72
N GLY A 452 -5.91 -32.91 -19.05
CA GLY A 452 -7.19 -32.63 -19.65
C GLY A 452 -7.38 -31.16 -19.94
N PHE A 453 -7.05 -30.31 -18.97
CA PHE A 453 -7.09 -28.87 -19.22
C PHE A 453 -6.12 -28.50 -20.35
N HIS A 454 -4.83 -28.73 -20.15
CA HIS A 454 -3.84 -28.24 -21.11
C HIS A 454 -3.75 -29.04 -22.41
N SER A 455 -4.71 -29.93 -22.67
CA SER A 455 -4.90 -30.40 -24.04
C SER A 455 -6.28 -30.04 -24.60
N PHE A 456 -7.35 -30.49 -23.92
CA PHE A 456 -8.68 -30.26 -24.46
C PHE A 456 -9.12 -28.80 -24.34
N GLY A 457 -8.73 -28.11 -23.25
CA GLY A 457 -9.01 -26.70 -23.17
C GLY A 457 -8.29 -25.91 -24.23
N LEU A 458 -7.09 -26.35 -24.62
CA LEU A 458 -6.42 -25.77 -25.80
C LEU A 458 -7.25 -25.96 -27.05
N TYR A 459 -7.78 -27.18 -27.23
CA TYR A 459 -8.65 -27.44 -28.38
C TYR A 459 -9.85 -26.50 -28.39
N VAL A 460 -10.57 -26.39 -27.26
CA VAL A 460 -11.81 -25.62 -27.27
C VAL A 460 -11.54 -24.12 -27.22
N HIS A 461 -10.38 -23.72 -26.70
CA HIS A 461 -9.89 -22.36 -26.90
C HIS A 461 -9.71 -22.09 -28.39
N ASN A 462 -9.18 -23.08 -29.13
CA ASN A 462 -9.00 -22.89 -30.57
C ASN A 462 -10.32 -22.78 -31.30
N ASP A 463 -11.30 -23.62 -30.94
CA ASP A 463 -12.64 -23.49 -31.52
C ASP A 463 -13.24 -22.12 -31.23
N THR A 464 -13.08 -21.63 -30.01
CA THR A 464 -13.68 -20.35 -29.64
C THR A 464 -12.99 -19.19 -30.33
N MET A 465 -11.66 -19.21 -30.43
CA MET A 465 -10.96 -18.16 -31.18
C MET A 465 -11.30 -18.20 -32.65
N ARG A 466 -11.41 -19.39 -33.24
CA ARG A 466 -11.71 -19.49 -34.67
C ARG A 466 -13.14 -19.05 -34.95
N ALA A 467 -14.06 -19.31 -34.03
CA ALA A 467 -15.41 -18.79 -34.19
C ALA A 467 -15.46 -17.29 -33.98
N PHE A 468 -14.63 -16.78 -33.07
CA PHE A 468 -14.51 -15.35 -32.83
C PHE A 468 -13.89 -14.58 -33.99
N GLY A 469 -13.27 -15.27 -34.95
CA GLY A 469 -12.51 -14.57 -35.96
C GLY A 469 -11.20 -14.03 -35.46
N ARG A 470 -10.55 -14.75 -34.54
CA ARG A 470 -9.24 -14.36 -34.00
C ARG A 470 -8.27 -15.53 -34.18
N PRO A 471 -7.85 -15.82 -35.41
CA PRO A 471 -6.92 -16.93 -35.62
C PRO A 471 -5.50 -16.63 -35.20
N GLN A 472 -5.17 -15.35 -34.98
CA GLN A 472 -3.89 -14.98 -34.40
C GLN A 472 -3.81 -15.36 -32.92
N ASP A 473 -4.94 -15.62 -32.29
CA ASP A 473 -5.03 -15.97 -30.88
C ASP A 473 -5.14 -17.48 -30.67
N MET A 474 -5.04 -18.27 -31.72
CA MET A 474 -5.16 -19.72 -31.60
C MET A 474 -3.81 -20.37 -31.29
N PHE A 475 -3.89 -21.65 -30.96
CA PHE A 475 -2.74 -22.53 -30.84
C PHE A 475 -2.62 -23.27 -32.17
N SER A 476 -1.99 -22.61 -33.12
CA SER A 476 -1.80 -23.17 -34.45
C SER A 476 -0.35 -22.98 -34.87
N ASP A 477 -0.04 -23.31 -36.12
CA ASP A 477 1.23 -22.91 -36.70
C ASP A 477 1.18 -21.48 -37.24
N THR A 478 -0.01 -20.89 -37.33
CA THR A 478 -0.19 -19.50 -37.73
C THR A 478 -0.61 -18.60 -36.56
N GLY A 479 -0.76 -19.15 -35.36
CA GLY A 479 -1.15 -18.37 -34.20
C GLY A 479 -0.11 -18.36 -33.10
N ILE A 480 -0.40 -19.03 -31.98
CA ILE A 480 0.54 -19.22 -30.90
C ILE A 480 1.10 -20.64 -31.03
N GLN A 481 2.35 -20.74 -31.47
CA GLN A 481 2.91 -22.03 -31.84
C GLN A 481 3.28 -22.87 -30.62
N LEU A 482 2.97 -24.16 -30.70
CA LEU A 482 3.40 -25.17 -29.72
C LEU A 482 4.17 -26.21 -30.51
N GLN A 483 5.46 -25.98 -30.68
CA GLN A 483 6.15 -26.91 -31.56
C GLN A 483 6.68 -28.10 -30.76
N PRO A 484 6.44 -29.31 -31.25
CA PRO A 484 7.03 -30.49 -30.61
C PRO A 484 8.52 -30.59 -30.88
N VAL A 485 9.32 -29.79 -30.16
CA VAL A 485 10.73 -29.62 -30.50
C VAL A 485 11.52 -30.89 -30.20
N PHE A 486 11.15 -31.60 -29.13
CA PHE A 486 11.89 -32.80 -28.74
C PHE A 486 11.66 -33.95 -29.72
N ALA A 487 10.41 -34.16 -30.14
CA ALA A 487 10.11 -35.16 -31.16
C ALA A 487 10.75 -34.83 -32.49
N GLN A 488 10.78 -33.55 -32.87
CA GLN A 488 11.47 -33.13 -34.08
C GLN A 488 12.97 -33.39 -34.00
N TRP A 489 13.57 -33.18 -32.82
CA TRP A 489 14.99 -33.48 -32.66
C TRP A 489 15.26 -34.99 -32.74
N VAL A 490 14.37 -35.80 -32.15
CA VAL A 490 14.51 -37.25 -32.25
C VAL A 490 14.37 -37.71 -33.70
N GLN A 491 13.45 -37.09 -34.44
CA GLN A 491 13.31 -37.34 -35.87
C GLN A 491 14.55 -36.95 -36.65
N HIS A 492 15.17 -35.83 -36.29
CA HIS A 492 16.42 -35.38 -36.88
C HIS A 492 17.52 -36.40 -36.63
N LEU A 493 17.56 -36.96 -35.43
CA LEU A 493 18.63 -37.89 -35.08
C LEU A 493 18.48 -39.24 -35.76
N HIS A 494 17.28 -39.57 -36.23
CA HIS A 494 17.19 -40.84 -36.94
C HIS A 494 17.58 -40.74 -38.40
N THR A 495 17.91 -39.55 -38.90
CA THR A 495 18.30 -39.40 -40.29
C THR A 495 19.73 -38.90 -40.46
N LEU A 496 20.32 -38.30 -39.42
CA LEU A 496 21.77 -38.08 -39.38
C LEU A 496 22.44 -39.23 -38.60
N ALA A 497 22.17 -40.43 -39.10
CA ALA A 497 22.52 -41.68 -38.42
C ALA A 497 22.60 -42.90 -39.32
N PRO A 498 21.91 -42.95 -40.51
CA PRO A 498 22.31 -43.93 -41.52
C PRO A 498 23.69 -43.70 -42.13
N GLY A 499 24.38 -42.62 -41.75
CA GLY A 499 25.78 -42.46 -42.11
C GLY A 499 26.62 -42.18 -40.88
N GLY A 500 25.95 -41.87 -39.77
CA GLY A 500 26.63 -41.50 -38.55
C GLY A 500 26.65 -42.60 -37.52
N THR A 501 25.72 -42.54 -36.56
CA THR A 501 25.69 -43.46 -35.44
C THR A 501 25.12 -44.83 -35.77
N ALA A 502 24.84 -45.13 -37.04
CA ALA A 502 24.68 -46.50 -37.52
C ALA A 502 25.50 -46.60 -38.80
N PRO A 503 26.84 -46.68 -38.69
CA PRO A 503 27.71 -46.61 -39.87
C PRO A 503 27.51 -47.76 -40.85
N ASN A 504 27.44 -48.99 -40.34
CA ASN A 504 27.29 -50.15 -41.20
C ASN A 504 25.83 -50.37 -41.55
N ALA A 505 25.19 -49.34 -42.11
CA ALA A 505 23.77 -49.37 -42.45
C ALA A 505 23.53 -48.40 -43.60
N ALA A 506 22.87 -48.86 -44.66
CA ALA A 506 22.70 -48.02 -45.84
C ALA A 506 21.70 -46.90 -45.59
N ALA A 507 20.45 -47.24 -45.32
CA ALA A 507 19.39 -46.27 -45.15
C ALA A 507 18.94 -46.21 -43.70
N THR A 508 18.02 -45.28 -43.44
CA THR A 508 17.55 -45.04 -42.08
C THR A 508 16.64 -46.17 -41.63
N ALA A 509 16.31 -46.12 -40.33
CA ALA A 509 15.40 -47.12 -39.78
C ALA A 509 14.02 -47.03 -40.43
N SER A 510 13.49 -45.82 -40.58
CA SER A 510 12.21 -45.63 -41.26
C SER A 510 12.22 -44.32 -41.99
N VAL A 511 11.49 -44.26 -43.10
CA VAL A 511 11.39 -43.04 -43.89
C VAL A 511 10.59 -41.98 -43.16
N ALA A 512 9.76 -42.40 -42.19
CA ALA A 512 8.90 -41.47 -41.45
C ALA A 512 9.71 -40.45 -40.66
N PHE A 513 10.92 -40.81 -40.27
CA PHE A 513 11.78 -39.87 -39.54
C PHE A 513 12.49 -38.88 -40.45
N GLY A 514 12.52 -39.12 -41.75
CA GLY A 514 13.17 -38.21 -42.68
C GLY A 514 13.58 -38.93 -43.94
N GLY A 515 13.96 -38.14 -44.94
CA GLY A 515 14.41 -38.67 -46.21
C GLY A 515 13.67 -38.13 -47.41
N ASP A 516 13.09 -39.02 -48.20
CA ASP A 516 12.43 -38.65 -49.45
C ASP A 516 11.28 -39.63 -49.68
N VAL A 517 10.34 -39.23 -50.52
CA VAL A 517 9.12 -40.00 -50.73
C VAL A 517 9.43 -41.31 -51.44
N VAL A 518 9.42 -42.41 -50.68
CA VAL A 518 9.49 -43.74 -51.26
C VAL A 518 8.13 -44.01 -51.89
N ALA A 519 8.10 -44.10 -53.21
CA ALA A 519 6.85 -44.19 -53.96
C ALA A 519 6.85 -45.46 -54.80
N VAL A 520 6.00 -46.41 -54.44
CA VAL A 520 5.88 -47.65 -55.20
C VAL A 520 4.58 -47.63 -55.99
N GLY A 521 4.70 -47.82 -57.31
CA GLY A 521 3.56 -47.57 -58.16
C GLY A 521 3.30 -46.07 -58.24
N GLY A 522 2.05 -45.72 -58.50
CA GLY A 522 1.68 -44.32 -58.49
C GLY A 522 1.42 -43.75 -57.11
N LYS A 523 1.45 -44.57 -56.08
CA LYS A 523 1.10 -44.16 -54.73
C LYS A 523 2.33 -43.96 -53.87
N VAL A 524 2.12 -43.39 -52.69
CA VAL A 524 3.19 -43.20 -51.73
C VAL A 524 3.25 -44.39 -50.79
N ALA A 525 4.45 -44.96 -50.65
CA ALA A 525 4.70 -45.94 -49.59
C ALA A 525 4.98 -45.29 -48.25
N MET A 526 6.01 -44.46 -48.15
CA MET A 526 6.32 -43.73 -46.92
C MET A 526 7.17 -42.50 -47.17
N MET A 527 6.81 -41.39 -46.54
CA MET A 527 7.51 -40.12 -46.64
C MET A 527 7.77 -39.60 -45.24
N PRO A 528 8.69 -38.62 -45.09
CA PRO A 528 8.87 -37.95 -43.78
C PRO A 528 7.58 -37.38 -43.20
N ILE A 529 7.29 -37.75 -41.95
CA ILE A 529 6.09 -37.32 -41.25
C ILE A 529 6.51 -36.20 -40.31
N ALA A 530 6.37 -34.96 -40.77
CA ALA A 530 6.69 -33.80 -39.94
C ALA A 530 5.66 -33.67 -38.82
N LEU A 531 6.11 -33.10 -37.70
CA LEU A 531 5.28 -32.94 -36.51
C LEU A 531 5.10 -31.44 -36.24
N GLY A 532 3.85 -31.00 -36.21
CA GLY A 532 3.56 -29.60 -35.97
C GLY A 532 2.74 -29.39 -34.72
N THR A 533 2.06 -28.24 -34.65
CA THR A 533 1.26 -27.90 -33.47
C THR A 533 0.10 -28.88 -33.29
N ALA A 534 -0.52 -29.30 -34.39
CA ALA A 534 -1.60 -30.28 -34.34
C ALA A 534 -1.13 -31.61 -33.75
N ASP A 535 0.10 -32.00 -34.06
CA ASP A 535 0.67 -33.23 -33.54
C ASP A 535 1.00 -33.14 -32.06
N PHE A 536 1.54 -31.99 -31.62
CA PHE A 536 1.66 -31.67 -30.20
C PHE A 536 0.33 -31.84 -29.48
N LEU A 537 -0.74 -31.31 -30.08
CA LEU A 537 -2.06 -31.32 -29.45
C LEU A 537 -2.61 -32.74 -29.33
N VAL A 538 -2.56 -33.52 -30.42
CA VAL A 538 -3.10 -34.88 -30.35
C VAL A 538 -2.23 -35.77 -29.45
N HIS A 539 -0.92 -35.52 -29.39
CA HIS A 539 -0.09 -36.34 -28.52
C HIS A 539 -0.36 -36.05 -27.05
N HIS A 540 -0.60 -34.78 -26.70
CA HIS A 540 -0.98 -34.50 -25.33
C HIS A 540 -2.38 -35.01 -25.01
N ILE A 541 -3.28 -35.05 -25.98
CA ILE A 541 -4.56 -35.73 -25.79
C ILE A 541 -4.37 -37.23 -25.54
N HIS A 542 -3.49 -37.88 -26.30
CA HIS A 542 -3.22 -39.31 -26.10
C HIS A 542 -2.61 -39.57 -24.74
N ALA A 543 -1.68 -38.70 -24.31
CA ALA A 543 -1.10 -38.80 -22.97
C ALA A 543 -2.17 -38.65 -21.90
N PHE A 544 -3.08 -37.70 -22.08
CA PHE A 544 -4.18 -37.49 -21.15
C PHE A 544 -5.08 -38.73 -21.06
N THR A 545 -5.43 -39.30 -22.21
CA THR A 545 -6.36 -40.43 -22.20
C THR A 545 -5.71 -41.68 -21.62
N ILE A 546 -4.42 -41.91 -21.94
CA ILE A 546 -3.67 -42.99 -21.32
C ILE A 546 -3.59 -42.80 -19.83
N HIS A 547 -3.32 -41.57 -19.37
CA HIS A 547 -3.19 -41.32 -17.94
C HIS A 547 -4.51 -41.52 -17.20
N VAL A 548 -5.64 -41.16 -17.80
CA VAL A 548 -6.91 -41.40 -17.13
C VAL A 548 -7.24 -42.88 -17.09
N THR A 549 -6.96 -43.61 -18.18
CA THR A 549 -7.16 -45.06 -18.14
C THR A 549 -6.28 -45.71 -17.08
N VAL A 550 -5.03 -45.25 -16.97
CA VAL A 550 -4.14 -45.73 -15.92
C VAL A 550 -4.68 -45.38 -14.54
N LEU A 551 -5.21 -44.17 -14.39
CA LEU A 551 -5.77 -43.73 -13.11
C LEU A 551 -6.91 -44.63 -12.66
N ILE A 552 -7.85 -44.91 -13.57
CA ILE A 552 -8.99 -45.77 -13.24
C ILE A 552 -8.52 -47.20 -12.93
N LEU A 553 -7.65 -47.75 -13.77
CA LEU A 553 -7.24 -49.14 -13.60
C LEU A 553 -6.35 -49.31 -12.37
N LEU A 554 -5.45 -48.35 -12.10
CA LEU A 554 -4.59 -48.42 -10.94
C LEU A 554 -5.39 -48.17 -9.66
N LYS A 555 -6.43 -47.34 -9.73
CA LYS A 555 -7.30 -47.17 -8.56
C LYS A 555 -8.07 -48.45 -8.28
N GLY A 556 -8.48 -49.15 -9.33
CA GLY A 556 -9.12 -50.44 -9.13
C GLY A 556 -8.17 -51.49 -8.58
N VAL A 557 -6.91 -51.45 -8.98
CA VAL A 557 -5.95 -52.44 -8.49
C VAL A 557 -5.55 -52.13 -7.05
N LEU A 558 -5.10 -50.90 -6.80
CA LEU A 558 -4.55 -50.51 -5.50
C LEU A 558 -5.60 -50.39 -4.41
N PHE A 559 -6.88 -50.23 -4.76
CA PHE A 559 -7.94 -50.11 -3.76
C PHE A 559 -8.92 -51.26 -3.85
N ALA A 560 -8.52 -52.40 -4.42
CA ALA A 560 -9.44 -53.53 -4.55
C ALA A 560 -9.70 -54.19 -3.21
N ARG A 561 -8.74 -54.13 -2.30
CA ARG A 561 -8.85 -54.83 -1.02
C ARG A 561 -9.58 -54.01 0.04
N SER A 562 -9.28 -52.72 0.12
CA SER A 562 -9.83 -51.87 1.16
C SER A 562 -9.72 -50.43 0.71
N SER A 563 -10.44 -49.56 1.42
CA SER A 563 -10.35 -48.13 1.22
C SER A 563 -10.73 -47.46 2.54
N ARG A 564 -10.75 -46.13 2.54
CA ARG A 564 -11.28 -45.41 3.69
C ARG A 564 -12.78 -45.58 3.82
N LEU A 565 -13.47 -45.87 2.71
CA LEU A 565 -14.92 -46.00 2.69
C LEU A 565 -15.35 -47.40 3.09
N ILE A 566 -14.91 -48.42 2.36
CA ILE A 566 -15.20 -49.81 2.70
C ILE A 566 -13.87 -50.49 3.01
N PRO A 567 -13.56 -50.76 4.28
CA PRO A 567 -12.29 -51.41 4.61
C PRO A 567 -12.28 -52.92 4.41
N ASP A 568 -13.37 -53.52 3.92
CA ASP A 568 -13.41 -54.97 3.72
C ASP A 568 -13.90 -55.32 2.33
N LYS A 569 -13.41 -54.59 1.31
CA LYS A 569 -13.79 -54.89 -0.07
C LYS A 569 -13.26 -56.24 -0.53
N ALA A 570 -12.11 -56.67 0.00
CA ALA A 570 -11.57 -57.97 -0.36
C ALA A 570 -12.47 -59.10 0.15
N ASN A 571 -13.13 -58.88 1.29
CA ASN A 571 -14.14 -59.84 1.74
C ASN A 571 -15.34 -59.86 0.79
N LEU A 572 -15.74 -58.70 0.29
CA LEU A 572 -16.81 -58.64 -0.70
C LEU A 572 -16.39 -59.21 -2.05
N GLY A 573 -15.12 -59.11 -2.39
CA GLY A 573 -14.58 -59.79 -3.55
C GLY A 573 -14.15 -58.81 -4.63
N PHE A 574 -13.94 -59.38 -5.82
CA PHE A 574 -13.56 -58.61 -7.00
C PHE A 574 -14.78 -58.11 -7.76
N ARG A 575 -15.80 -58.95 -7.91
CA ARG A 575 -16.96 -58.67 -8.75
C ARG A 575 -18.21 -58.60 -7.89
N PHE A 576 -18.48 -57.42 -7.34
CA PHE A 576 -19.70 -57.14 -6.62
C PHE A 576 -20.21 -55.76 -7.03
N PRO A 577 -21.52 -55.54 -7.04
CA PRO A 577 -22.04 -54.25 -7.51
C PRO A 577 -21.72 -53.07 -6.62
N CYS A 578 -21.87 -53.25 -5.31
CA CYS A 578 -21.81 -52.14 -4.37
C CYS A 578 -21.75 -52.73 -2.97
N ASP A 579 -21.76 -51.86 -1.97
CA ASP A 579 -22.06 -52.20 -0.60
C ASP A 579 -23.22 -51.36 -0.10
N GLY A 580 -24.26 -51.21 -0.93
CA GLY A 580 -25.48 -50.59 -0.51
C GLY A 580 -25.55 -49.09 -0.72
N PRO A 581 -26.73 -48.52 -0.53
CA PRO A 581 -26.93 -47.08 -0.76
C PRO A 581 -26.38 -46.20 0.33
N GLY A 582 -25.92 -46.77 1.44
CA GLY A 582 -25.41 -46.00 2.55
C GLY A 582 -24.02 -45.47 2.29
N ARG A 583 -23.49 -44.77 3.30
CA ARG A 583 -22.24 -44.03 3.23
C ARG A 583 -22.26 -43.02 2.08
N GLY A 584 -23.44 -42.46 1.81
CA GLY A 584 -23.69 -41.66 0.64
C GLY A 584 -24.11 -42.46 -0.59
N GLY A 585 -23.64 -43.71 -0.69
CA GLY A 585 -23.86 -44.54 -1.86
C GLY A 585 -22.54 -45.12 -2.32
N THR A 586 -22.49 -46.44 -2.47
CA THR A 586 -21.22 -47.11 -2.72
C THR A 586 -21.25 -47.91 -4.01
N CYS A 587 -21.90 -47.38 -5.05
CA CYS A 587 -22.01 -48.09 -6.31
C CYS A 587 -20.67 -48.09 -7.01
N GLN A 588 -20.31 -49.22 -7.62
CA GLN A 588 -19.12 -49.34 -8.47
C GLN A 588 -17.81 -49.09 -7.70
N VAL A 589 -17.74 -49.57 -6.46
CA VAL A 589 -16.49 -49.53 -5.71
C VAL A 589 -15.55 -50.69 -6.09
N SER A 590 -16.09 -51.77 -6.63
CA SER A 590 -15.32 -52.98 -6.88
C SER A 590 -14.28 -52.77 -7.96
N GLY A 591 -13.23 -53.59 -7.89
CA GLY A 591 -12.20 -53.59 -8.92
C GLY A 591 -12.71 -53.94 -10.30
N TRP A 592 -13.69 -54.85 -10.37
CA TRP A 592 -14.42 -55.12 -11.60
C TRP A 592 -15.01 -53.86 -12.19
N ASP A 593 -15.59 -53.01 -11.35
CA ASP A 593 -16.26 -51.82 -11.87
C ASP A 593 -15.26 -50.77 -12.32
N HIS A 594 -14.08 -50.74 -11.70
CA HIS A 594 -13.01 -49.91 -12.23
C HIS A 594 -12.53 -50.40 -13.58
N VAL A 595 -12.48 -51.73 -13.78
CA VAL A 595 -12.16 -52.25 -15.10
C VAL A 595 -13.27 -51.90 -16.10
N PHE A 596 -14.51 -51.91 -15.62
CA PHE A 596 -15.66 -51.54 -16.44
C PHE A 596 -15.56 -50.09 -16.93
N LEU A 597 -15.14 -49.18 -16.04
CA LEU A 597 -14.94 -47.78 -16.42
C LEU A 597 -13.68 -47.60 -17.28
N GLY A 598 -12.61 -48.33 -16.96
CA GLY A 598 -11.41 -48.28 -17.76
C GLY A 598 -11.58 -48.82 -19.16
N LEU A 599 -12.57 -49.70 -19.38
CA LEU A 599 -12.88 -50.13 -20.74
C LEU A 599 -13.38 -48.98 -21.60
N PHE A 600 -14.30 -48.15 -21.10
CA PHE A 600 -14.72 -46.97 -21.84
C PHE A 600 -13.57 -46.00 -22.05
N TRP A 601 -12.73 -45.86 -21.04
CA TRP A 601 -11.62 -44.92 -21.22
C TRP A 601 -10.53 -45.44 -22.16
N MET A 602 -10.30 -46.75 -22.19
CA MET A 602 -9.48 -47.36 -23.23
C MET A 602 -10.10 -47.14 -24.60
N TYR A 603 -11.43 -47.26 -24.69
CA TYR A 603 -12.14 -47.00 -25.93
C TYR A 603 -11.86 -45.59 -26.42
N ASN A 604 -11.99 -44.61 -25.52
CA ASN A 604 -11.74 -43.21 -25.85
C ASN A 604 -10.31 -43.00 -26.31
N CYS A 605 -9.35 -43.57 -25.58
CA CYS A 605 -7.93 -43.44 -25.91
C CYS A 605 -7.61 -44.01 -27.28
N ILE A 606 -8.01 -45.26 -27.52
CA ILE A 606 -7.64 -45.93 -28.76
C ILE A 606 -8.39 -45.33 -29.95
N SER A 607 -9.63 -44.87 -29.73
CA SER A 607 -10.38 -44.20 -30.79
C SER A 607 -9.69 -42.92 -31.22
N VAL A 608 -9.23 -42.12 -30.26
CA VAL A 608 -8.52 -40.90 -30.62
C VAL A 608 -7.19 -41.21 -31.30
N VAL A 609 -6.49 -42.26 -30.88
CA VAL A 609 -5.21 -42.62 -31.50
C VAL A 609 -5.41 -43.04 -32.95
N ILE A 610 -6.40 -43.89 -33.22
CA ILE A 610 -6.63 -44.32 -34.59
C ILE A 610 -7.21 -43.20 -35.45
N PHE A 611 -7.95 -42.26 -34.87
CA PHE A 611 -8.39 -41.07 -35.59
C PHE A 611 -7.21 -40.20 -36.01
N HIS A 612 -6.29 -39.98 -35.07
CA HIS A 612 -5.07 -39.24 -35.37
C HIS A 612 -4.26 -39.92 -36.47
N PHE A 613 -4.13 -41.24 -36.37
CA PHE A 613 -3.40 -42.01 -37.39
C PHE A 613 -4.04 -41.86 -38.76
N SER A 614 -5.35 -42.07 -38.83
CA SER A 614 -6.07 -42.01 -40.09
C SER A 614 -5.96 -40.63 -40.73
N TRP A 615 -6.21 -39.58 -39.95
CA TRP A 615 -6.14 -38.23 -40.51
C TRP A 615 -4.73 -37.81 -40.86
N LYS A 616 -3.73 -38.18 -40.05
CA LYS A 616 -2.35 -37.80 -40.36
C LYS A 616 -1.83 -38.51 -41.61
N MET A 617 -2.16 -39.79 -41.78
CA MET A 617 -1.77 -40.46 -43.02
C MET A 617 -2.51 -39.90 -44.23
N GLN A 618 -3.82 -39.69 -44.11
CA GLN A 618 -4.61 -39.20 -45.23
C GLN A 618 -4.26 -37.77 -45.60
N SER A 619 -3.69 -37.00 -44.68
CA SER A 619 -3.39 -35.62 -44.97
C SER A 619 -1.93 -35.35 -45.31
N ASP A 620 -0.98 -36.04 -44.70
CA ASP A 620 0.42 -35.66 -44.82
C ASP A 620 1.30 -36.75 -45.40
N VAL A 621 0.81 -37.98 -45.52
CA VAL A 621 1.64 -39.09 -45.98
C VAL A 621 1.05 -39.81 -47.18
N TRP A 622 -0.15 -40.37 -47.03
CA TRP A 622 -0.74 -41.16 -48.09
C TRP A 622 -1.17 -40.28 -49.25
N GLY A 623 -1.25 -40.84 -50.44
CA GLY A 623 -1.63 -40.06 -51.61
C GLY A 623 -1.06 -40.68 -52.88
N THR A 624 -0.97 -39.85 -53.91
CA THR A 624 -0.47 -40.28 -55.21
C THR A 624 0.72 -39.42 -55.59
N VAL A 625 1.68 -40.03 -56.29
CA VAL A 625 2.82 -39.31 -56.83
C VAL A 625 2.55 -39.09 -58.30
N ALA A 626 2.90 -37.90 -58.78
CA ALA A 626 2.81 -37.60 -60.19
C ALA A 626 4.06 -38.13 -60.90
N PRO A 627 4.01 -38.23 -62.24
CA PRO A 627 5.25 -38.52 -63.00
C PRO A 627 6.38 -37.56 -62.71
N ASP A 628 6.09 -36.27 -62.51
CA ASP A 628 7.14 -35.31 -62.18
C ASP A 628 7.64 -35.51 -60.76
N GLY A 629 6.84 -36.12 -59.89
CA GLY A 629 7.25 -36.36 -58.52
C GLY A 629 6.66 -35.38 -57.52
N THR A 630 5.37 -35.11 -57.63
CA THR A 630 4.66 -34.24 -56.69
C THR A 630 3.60 -35.06 -55.96
N VAL A 631 3.60 -34.98 -54.63
CA VAL A 631 2.65 -35.73 -53.83
C VAL A 631 1.34 -34.96 -53.74
N SER A 632 0.27 -35.58 -54.21
CA SER A 632 -1.08 -35.03 -54.05
C SER A 632 -1.72 -35.86 -52.94
N HIS A 633 -1.75 -35.30 -51.74
CA HIS A 633 -2.23 -36.02 -50.57
C HIS A 633 -3.73 -36.25 -50.66
N ILE A 634 -4.20 -37.26 -49.93
CA ILE A 634 -5.56 -37.75 -50.00
C ILE A 634 -6.57 -36.69 -49.57
N THR A 635 -6.31 -36.04 -48.43
CA THR A 635 -7.14 -34.94 -47.97
C THR A 635 -6.43 -33.59 -48.08
N GLY A 636 -5.29 -33.54 -48.75
CA GLY A 636 -4.65 -32.30 -49.12
C GLY A 636 -4.11 -31.44 -48.00
N GLY A 637 -3.50 -32.05 -47.00
CA GLY A 637 -2.83 -31.33 -45.93
C GLY A 637 -3.71 -30.45 -45.08
N ASN A 638 -4.91 -30.93 -44.74
CA ASN A 638 -5.81 -30.13 -43.90
C ASN A 638 -5.50 -30.29 -42.43
N PHE A 639 -4.67 -31.29 -42.07
CA PHE A 639 -4.42 -31.66 -40.68
C PHE A 639 -3.76 -30.54 -39.88
N ALA A 640 -2.83 -29.83 -40.50
CA ALA A 640 -2.10 -28.79 -39.77
C ALA A 640 -2.99 -27.61 -39.40
N GLN A 641 -4.10 -27.41 -40.11
CA GLN A 641 -4.98 -26.27 -39.86
C GLN A 641 -6.38 -26.65 -39.39
N SER A 642 -6.81 -27.90 -39.56
CA SER A 642 -8.13 -28.30 -39.13
C SER A 642 -8.13 -29.13 -37.85
N ALA A 643 -7.06 -29.87 -37.57
CA ALA A 643 -7.05 -30.79 -36.43
C ALA A 643 -6.75 -30.11 -35.11
N ILE A 644 -6.67 -28.79 -35.10
CA ILE A 644 -6.46 -28.03 -33.86
C ILE A 644 -7.78 -27.63 -33.20
N THR A 645 -8.90 -27.71 -33.91
CA THR A 645 -10.22 -27.42 -33.36
C THR A 645 -11.07 -28.67 -33.40
N ILE A 646 -12.00 -28.78 -32.45
CA ILE A 646 -12.95 -29.89 -32.48
C ILE A 646 -13.88 -29.76 -33.67
N ASN A 647 -14.19 -28.52 -34.08
CA ASN A 647 -14.99 -28.31 -35.29
C ASN A 647 -14.29 -28.84 -36.53
N GLY A 648 -12.97 -28.65 -36.62
CA GLY A 648 -12.24 -29.20 -37.74
C GLY A 648 -12.21 -30.72 -37.76
N TRP A 649 -12.09 -31.33 -36.58
CA TRP A 649 -12.16 -32.79 -36.48
C TRP A 649 -13.53 -33.31 -36.88
N LEU A 650 -14.58 -32.60 -36.47
CA LEU A 650 -15.95 -32.99 -36.83
C LEU A 650 -16.19 -32.79 -38.32
N ARG A 651 -15.66 -31.71 -38.90
CA ARG A 651 -15.95 -31.34 -40.28
C ARG A 651 -15.10 -32.14 -41.26
N ASP A 652 -13.78 -31.95 -41.20
CA ASP A 652 -12.88 -32.45 -42.22
C ASP A 652 -12.39 -33.87 -41.95
N PHE A 653 -12.74 -34.46 -40.81
CA PHE A 653 -12.45 -35.85 -40.57
C PHE A 653 -13.72 -36.68 -40.41
N LEU A 654 -14.65 -36.27 -39.56
CA LEU A 654 -15.79 -37.13 -39.28
C LEU A 654 -16.94 -36.89 -40.26
N TRP A 655 -17.23 -35.63 -40.57
CA TRP A 655 -18.26 -35.36 -41.58
C TRP A 655 -17.75 -35.68 -42.98
N ALA A 656 -16.53 -35.24 -43.30
CA ALA A 656 -16.03 -35.32 -44.67
C ALA A 656 -15.70 -36.75 -45.09
N GLN A 657 -15.01 -37.50 -44.25
CA GLN A 657 -14.56 -38.83 -44.62
C GLN A 657 -15.64 -39.89 -44.47
N ALA A 658 -16.75 -39.57 -43.83
CA ALA A 658 -17.86 -40.50 -43.75
C ALA A 658 -18.76 -40.46 -44.97
N SER A 659 -18.46 -39.61 -45.94
CA SER A 659 -19.22 -39.57 -47.18
C SER A 659 -19.15 -40.90 -47.93
N GLN A 660 -18.01 -41.56 -47.84
CA GLN A 660 -17.80 -42.83 -48.55
C GLN A 660 -18.66 -43.93 -47.96
N VAL A 661 -18.74 -44.00 -46.63
CA VAL A 661 -19.48 -45.07 -45.97
C VAL A 661 -20.98 -44.84 -46.05
N ILE A 662 -21.41 -43.60 -46.30
CA ILE A 662 -22.84 -43.33 -46.39
C ILE A 662 -23.33 -43.27 -47.83
N GLY A 663 -22.44 -43.08 -48.81
CA GLY A 663 -22.81 -43.19 -50.19
C GLY A 663 -22.51 -44.57 -50.72
N SER A 664 -22.26 -45.49 -49.80
CA SER A 664 -21.76 -46.82 -50.14
C SER A 664 -22.83 -47.77 -50.64
N TYR A 665 -24.11 -47.41 -50.56
CA TYR A 665 -25.15 -48.35 -50.91
C TYR A 665 -25.23 -48.54 -52.42
N GLY A 666 -25.50 -49.77 -52.83
CA GLY A 666 -25.61 -50.11 -54.24
C GLY A 666 -24.29 -50.43 -54.93
N SER A 667 -23.26 -50.81 -54.19
CA SER A 667 -21.95 -51.06 -54.77
C SER A 667 -21.32 -52.26 -54.06
N ALA A 668 -20.02 -52.46 -54.26
CA ALA A 668 -19.29 -53.50 -53.56
C ALA A 668 -19.11 -53.19 -52.07
N LEU A 669 -19.39 -51.96 -51.66
CA LEU A 669 -19.10 -51.52 -50.31
C LEU A 669 -20.34 -51.28 -49.46
N SER A 670 -21.49 -51.82 -49.85
CA SER A 670 -22.76 -51.59 -49.15
C SER A 670 -22.79 -52.19 -47.76
N ALA A 671 -22.07 -53.30 -47.57
CA ALA A 671 -22.08 -54.00 -46.29
C ALA A 671 -21.39 -53.15 -45.22
N TYR A 672 -20.38 -52.37 -45.60
CA TYR A 672 -19.78 -51.45 -44.64
C TYR A 672 -20.76 -50.36 -44.21
N GLY A 673 -21.59 -49.85 -45.11
CA GLY A 673 -22.63 -48.91 -44.70
C GLY A 673 -23.68 -49.55 -43.81
N LEU A 674 -24.06 -50.79 -44.13
CA LEU A 674 -24.99 -51.53 -43.29
C LEU A 674 -24.43 -51.74 -41.89
N LEU A 675 -23.14 -52.09 -41.78
CA LEU A 675 -22.57 -52.30 -40.45
C LEU A 675 -22.28 -51.00 -39.73
N PHE A 676 -22.04 -49.92 -40.47
CA PHE A 676 -22.00 -48.57 -39.89
C PHE A 676 -23.30 -48.27 -39.15
N LEU A 677 -24.44 -48.46 -39.82
CA LEU A 677 -25.74 -48.28 -39.18
C LEU A 677 -26.00 -49.29 -38.05
N GLY A 678 -25.68 -50.56 -38.28
CA GLY A 678 -25.92 -51.58 -37.25
C GLY A 678 -25.09 -51.38 -36.01
N ALA A 679 -23.88 -50.88 -36.18
CA ALA A 679 -23.03 -50.59 -35.04
C ALA A 679 -23.48 -49.35 -34.30
N HIS A 680 -23.97 -48.33 -35.02
CA HIS A 680 -24.66 -47.22 -34.35
C HIS A 680 -25.81 -47.72 -33.49
N PHE A 681 -26.58 -48.68 -34.04
CA PHE A 681 -27.69 -49.26 -33.30
C PHE A 681 -27.23 -49.99 -32.05
N VAL A 682 -26.19 -50.81 -32.16
CA VAL A 682 -25.71 -51.59 -31.00
C VAL A 682 -25.13 -50.67 -29.94
N TRP A 683 -24.42 -49.62 -30.36
CA TRP A 683 -23.90 -48.64 -29.41
C TRP A 683 -25.03 -47.93 -28.68
N ALA A 684 -26.09 -47.54 -29.37
CA ALA A 684 -27.19 -46.89 -28.67
C ALA A 684 -28.02 -47.87 -27.86
N PHE A 685 -28.00 -49.14 -28.25
CA PHE A 685 -28.64 -50.19 -27.46
C PHE A 685 -27.93 -50.37 -26.12
N SER A 686 -26.62 -50.17 -26.12
CA SER A 686 -25.83 -50.27 -24.88
C SER A 686 -26.31 -49.33 -23.80
N LEU A 687 -26.80 -48.15 -24.17
CA LEU A 687 -27.10 -47.13 -23.18
C LEU A 687 -28.34 -47.46 -22.37
N MET A 688 -29.22 -48.33 -22.88
CA MET A 688 -30.29 -48.89 -22.04
C MET A 688 -29.73 -49.63 -20.84
N PHE A 689 -28.76 -50.50 -21.06
CA PHE A 689 -28.12 -51.24 -19.98
C PHE A 689 -27.23 -50.35 -19.13
N LEU A 690 -26.60 -49.36 -19.74
CA LEU A 690 -25.66 -48.49 -19.03
C LEU A 690 -26.33 -47.45 -18.14
N PHE A 691 -27.44 -46.88 -18.56
CA PHE A 691 -28.05 -45.78 -17.79
C PHE A 691 -29.06 -46.26 -16.77
N SER A 692 -29.56 -47.49 -16.90
CA SER A 692 -30.68 -47.96 -16.10
C SER A 692 -30.21 -48.94 -15.03
N GLY A 693 -31.16 -49.35 -14.20
CA GLY A 693 -30.89 -50.31 -13.15
C GLY A 693 -31.92 -51.41 -13.13
N ARG A 694 -31.56 -52.51 -12.49
CA ARG A 694 -32.34 -53.75 -12.63
C ARG A 694 -33.60 -53.77 -11.79
N GLY A 695 -33.81 -52.80 -10.90
CA GLY A 695 -35.06 -52.74 -10.16
C GLY A 695 -36.24 -52.50 -11.07
N TYR A 696 -36.08 -51.55 -11.99
CA TYR A 696 -37.09 -51.30 -13.02
C TYR A 696 -37.36 -52.56 -13.83
N TRP A 697 -36.30 -53.23 -14.28
CA TRP A 697 -36.48 -54.36 -15.19
C TRP A 697 -37.10 -55.55 -14.49
N GLN A 698 -36.74 -55.76 -13.21
CA GLN A 698 -37.37 -56.81 -12.42
C GLN A 698 -38.85 -56.51 -12.21
N GLU A 699 -39.17 -55.25 -11.90
CA GLU A 699 -40.56 -54.82 -11.75
C GLU A 699 -41.38 -54.98 -13.02
N LEU A 700 -40.81 -54.72 -14.19
CA LEU A 700 -41.50 -54.89 -15.46
C LEU A 700 -41.65 -56.35 -15.87
N ILE A 701 -40.61 -57.15 -15.64
CA ILE A 701 -40.67 -58.60 -15.82
C ILE A 701 -41.74 -59.21 -14.93
N GLU A 702 -41.99 -58.59 -13.77
CA GLU A 702 -43.05 -59.05 -12.86
C GLU A 702 -44.43 -58.97 -13.49
N SER A 703 -44.74 -57.86 -14.17
CA SER A 703 -46.04 -57.75 -14.83
C SER A 703 -46.12 -58.65 -16.06
N ILE A 704 -45.01 -58.81 -16.76
CA ILE A 704 -44.99 -59.78 -17.86
C ILE A 704 -45.17 -61.22 -17.35
N VAL A 705 -44.63 -61.52 -16.16
CA VAL A 705 -44.86 -62.79 -15.49
C VAL A 705 -46.33 -62.95 -15.11
N TRP A 706 -46.98 -61.86 -14.68
CA TRP A 706 -48.42 -61.90 -14.41
C TRP A 706 -49.19 -62.30 -15.66
N ALA A 707 -48.84 -61.70 -16.80
CA ALA A 707 -49.49 -62.03 -18.06
C ALA A 707 -49.29 -63.50 -18.42
N HIS A 708 -48.07 -63.99 -18.22
CA HIS A 708 -47.79 -65.39 -18.50
C HIS A 708 -48.50 -66.32 -17.53
N ASN A 709 -48.64 -65.89 -16.28
CA ASN A 709 -49.34 -66.67 -15.26
C ASN A 709 -50.82 -66.78 -15.58
N LYS A 710 -51.38 -65.73 -16.18
CA LYS A 710 -52.79 -65.74 -16.52
C LYS A 710 -53.13 -66.81 -17.55
N LEU A 711 -52.29 -66.99 -18.56
CA LEU A 711 -52.53 -67.99 -19.59
C LEU A 711 -51.83 -69.31 -19.32
N LYS A 712 -51.46 -69.57 -18.05
CA LYS A 712 -50.86 -70.82 -17.60
C LYS A 712 -49.57 -71.15 -18.36
N VAL A 713 -48.77 -70.11 -18.60
CA VAL A 713 -47.60 -70.24 -19.45
C VAL A 713 -46.33 -69.67 -18.82
N ALA A 714 -46.39 -69.22 -17.57
CA ALA A 714 -45.18 -68.75 -16.88
C ALA A 714 -44.23 -69.91 -16.64
N PRO A 715 -42.95 -69.78 -16.99
CA PRO A 715 -42.04 -70.93 -17.03
C PRO A 715 -41.62 -71.38 -15.64
N ALA A 716 -41.08 -72.59 -15.59
CA ALA A 716 -40.55 -73.14 -14.34
C ALA A 716 -39.34 -72.35 -13.85
N ILE A 717 -38.45 -72.00 -14.76
CA ILE A 717 -37.31 -71.16 -14.42
C ILE A 717 -37.80 -69.72 -14.37
N GLN A 718 -37.74 -69.12 -13.19
CA GLN A 718 -38.32 -67.80 -12.94
C GLN A 718 -37.58 -66.72 -13.70
N PRO A 719 -38.31 -65.87 -14.42
CA PRO A 719 -37.67 -64.77 -15.14
C PRO A 719 -37.18 -63.71 -14.17
N ARG A 720 -35.91 -63.35 -14.32
CA ARG A 720 -35.31 -62.33 -13.48
C ARG A 720 -34.65 -61.29 -14.37
N ALA A 721 -34.61 -60.06 -13.88
CA ALA A 721 -33.76 -59.07 -14.51
C ALA A 721 -32.32 -59.48 -14.34
N LEU A 722 -31.50 -59.05 -15.28
CA LEU A 722 -30.07 -59.24 -15.16
C LEU A 722 -29.52 -58.55 -13.92
N SER A 723 -28.46 -59.13 -13.35
CA SER A 723 -27.88 -58.55 -12.15
C SER A 723 -27.21 -57.22 -12.49
N ILE A 724 -26.87 -56.48 -11.43
CA ILE A 724 -26.29 -55.16 -11.58
C ILE A 724 -24.97 -55.23 -12.35
N ILE A 725 -24.12 -56.18 -11.96
CA ILE A 725 -22.86 -56.40 -12.66
C ILE A 725 -23.12 -56.90 -14.07
N GLN A 726 -24.08 -57.81 -14.25
CA GLN A 726 -24.36 -58.33 -15.59
C GLN A 726 -24.91 -57.22 -16.48
N GLY A 727 -25.79 -56.35 -15.95
CA GLY A 727 -26.27 -55.22 -16.72
C GLY A 727 -25.17 -54.27 -17.13
N ARG A 728 -24.24 -53.99 -16.21
CA ARG A 728 -23.07 -53.18 -16.55
C ARG A 728 -22.20 -53.84 -17.62
N ALA A 729 -22.01 -55.15 -17.52
CA ALA A 729 -21.16 -55.85 -18.47
C ALA A 729 -21.81 -55.92 -19.86
N VAL A 730 -23.13 -56.12 -19.91
CA VAL A 730 -23.83 -56.10 -21.19
C VAL A 730 -23.75 -54.71 -21.81
N GLY A 731 -23.91 -53.66 -20.99
CA GLY A 731 -23.78 -52.31 -21.50
C GLY A 731 -22.41 -52.02 -22.06
N VAL A 732 -21.35 -52.42 -21.34
CA VAL A 732 -20.01 -52.14 -21.82
C VAL A 732 -19.66 -53.00 -23.04
N ALA A 733 -20.16 -54.24 -23.11
CA ALA A 733 -19.91 -55.07 -24.29
C ALA A 733 -20.57 -54.49 -25.53
N HIS A 734 -21.84 -54.06 -25.40
CA HIS A 734 -22.53 -53.47 -26.54
C HIS A 734 -21.91 -52.13 -26.93
N TYR A 735 -21.49 -51.33 -25.93
CA TYR A 735 -20.87 -50.04 -26.21
C TYR A 735 -19.58 -50.21 -26.99
N LEU A 736 -18.72 -51.12 -26.52
CA LEU A 736 -17.46 -51.37 -27.20
C LEU A 736 -17.68 -51.92 -28.59
N LEU A 737 -18.58 -52.89 -28.74
CA LEU A 737 -18.83 -53.49 -30.05
C LEU A 737 -19.38 -52.46 -31.02
N GLY A 738 -20.39 -51.68 -30.61
CA GLY A 738 -20.96 -50.67 -31.45
C GLY A 738 -19.98 -49.59 -31.87
N GLY A 739 -19.23 -49.01 -30.92
CA GLY A 739 -18.30 -47.96 -31.28
C GLY A 739 -17.16 -48.44 -32.15
N ILE A 740 -16.57 -49.59 -31.79
CA ILE A 740 -15.47 -50.14 -32.55
C ILE A 740 -15.91 -50.54 -33.95
N ALA A 741 -17.11 -51.14 -34.07
CA ALA A 741 -17.59 -51.56 -35.37
C ALA A 741 -18.00 -50.38 -36.24
N THR A 742 -18.51 -49.30 -35.63
CA THR A 742 -18.79 -48.08 -36.39
C THR A 742 -17.52 -47.52 -36.99
N THR A 743 -16.48 -47.39 -36.16
CA THR A 743 -15.19 -46.90 -36.62
C THR A 743 -14.59 -47.83 -37.67
N TRP A 744 -14.76 -49.14 -37.49
CA TRP A 744 -14.23 -50.13 -38.42
C TRP A 744 -14.88 -50.01 -39.79
N ALA A 745 -16.21 -49.92 -39.82
CA ALA A 745 -16.93 -49.80 -41.08
C ALA A 745 -16.61 -48.49 -41.79
N PHE A 746 -16.54 -47.40 -41.02
CA PHE A 746 -16.12 -46.10 -41.53
C PHE A 746 -14.74 -46.16 -42.16
N PHE A 747 -13.77 -46.70 -41.41
CA PHE A 747 -12.38 -46.77 -41.87
C PHE A 747 -12.28 -47.59 -43.14
N LEU A 748 -12.92 -48.77 -43.14
CA LEU A 748 -12.81 -49.68 -44.28
C LEU A 748 -13.42 -49.08 -45.53
N ALA A 749 -14.65 -48.56 -45.43
CA ALA A 749 -15.30 -48.00 -46.62
C ALA A 749 -14.56 -46.78 -47.14
N ARG A 750 -14.15 -45.88 -46.23
CA ARG A 750 -13.47 -44.65 -46.63
C ARG A 750 -12.15 -44.94 -47.33
N ILE A 751 -11.29 -45.76 -46.69
CA ILE A 751 -9.97 -45.98 -47.23
C ILE A 751 -9.95 -47.05 -48.31
N ILE A 752 -11.06 -47.74 -48.55
CA ILE A 752 -11.12 -48.59 -49.74
C ILE A 752 -11.61 -47.78 -50.93
N SER A 753 -12.62 -46.92 -50.76
CA SER A 753 -13.09 -46.08 -51.87
C SER A 753 -12.08 -45.04 -52.28
N VAL A 754 -11.32 -44.47 -51.34
CA VAL A 754 -10.41 -43.38 -51.66
C VAL A 754 -8.97 -43.84 -51.77
N GLY A 755 -8.49 -44.69 -50.86
CA GLY A 755 -7.15 -45.22 -50.95
C GLY A 755 -7.04 -46.39 -51.91
N ALA B 2 -24.49 -26.82 13.11
CA ALA B 2 -25.46 -26.65 12.04
C ALA B 2 -25.30 -25.36 11.29
N THR B 3 -25.87 -25.28 10.10
CA THR B 3 -25.93 -24.04 9.37
C THR B 3 -27.36 -23.55 9.26
N LYS B 4 -27.51 -22.25 8.98
CA LYS B 4 -28.83 -21.67 8.75
C LYS B 4 -29.46 -22.27 7.50
N PHE B 5 -28.73 -22.25 6.40
CA PHE B 5 -29.23 -22.80 5.16
C PHE B 5 -29.14 -24.33 5.18
N PRO B 6 -30.20 -25.04 4.80
CA PRO B 6 -31.53 -24.53 4.42
C PRO B 6 -32.41 -24.31 5.65
N LYS B 7 -33.23 -23.26 5.64
CA LYS B 7 -34.13 -23.02 6.75
C LYS B 7 -35.24 -24.07 6.81
N PHE B 8 -35.69 -24.53 5.65
CA PHE B 8 -36.88 -25.36 5.55
C PHE B 8 -36.66 -26.82 5.93
N SER B 9 -35.41 -27.27 6.07
CA SER B 9 -35.16 -28.66 6.42
C SER B 9 -33.98 -28.72 7.37
N GLN B 10 -34.25 -29.14 8.61
CA GLN B 10 -33.19 -29.27 9.60
C GLN B 10 -32.31 -30.49 9.37
N ASP B 11 -32.85 -31.52 8.71
CA ASP B 11 -32.08 -32.70 8.36
C ASP B 11 -30.92 -32.34 7.44
N LEU B 12 -31.17 -31.43 6.49
CA LEU B 12 -30.08 -30.93 5.68
C LEU B 12 -29.26 -29.88 6.43
N ALA B 13 -29.85 -29.20 7.40
CA ALA B 13 -29.12 -28.16 8.12
C ALA B 13 -28.04 -28.73 9.02
N GLN B 14 -28.24 -29.90 9.61
CA GLN B 14 -27.19 -30.51 10.39
C GLN B 14 -26.23 -31.36 9.54
N ASP B 15 -26.47 -31.45 8.23
CA ASP B 15 -25.55 -32.16 7.34
C ASP B 15 -24.24 -31.40 7.24
N PRO B 16 -23.09 -32.04 7.50
CA PRO B 16 -21.80 -31.34 7.44
C PRO B 16 -21.08 -31.43 6.10
N THR B 17 -21.72 -31.94 5.05
CA THR B 17 -21.07 -32.17 3.77
C THR B 17 -21.58 -31.19 2.71
N THR B 18 -21.00 -31.26 1.52
CA THR B 18 -21.46 -30.44 0.40
C THR B 18 -22.85 -30.82 -0.07
N ARG B 19 -23.28 -32.06 0.20
CA ARG B 19 -24.61 -32.55 -0.12
C ARG B 19 -25.70 -31.63 0.43
N ARG B 20 -25.47 -31.06 1.61
CA ARG B 20 -26.38 -30.12 2.24
C ARG B 20 -26.76 -28.98 1.31
N ILE B 21 -25.79 -28.46 0.55
CA ILE B 21 -26.11 -27.43 -0.43
C ILE B 21 -26.99 -28.00 -1.53
N TRP B 22 -26.55 -29.13 -2.12
CA TRP B 22 -27.16 -29.63 -3.34
C TRP B 22 -28.62 -30.03 -3.13
N TYR B 23 -28.86 -30.88 -2.12
CA TYR B 23 -30.21 -31.31 -1.81
C TYR B 23 -31.12 -30.15 -1.44
N ALA B 24 -30.56 -29.11 -0.81
CA ALA B 24 -31.39 -27.96 -0.46
C ALA B 24 -31.90 -27.28 -1.72
N ILE B 25 -31.03 -27.14 -2.72
CA ILE B 25 -31.43 -26.56 -4.00
C ILE B 25 -32.48 -27.41 -4.67
N ALA B 26 -32.47 -28.72 -4.42
CA ALA B 26 -33.44 -29.60 -5.02
C ALA B 26 -34.66 -29.83 -4.15
N THR B 27 -34.69 -29.31 -2.92
CA THR B 27 -35.86 -29.50 -2.07
C THR B 27 -36.47 -28.17 -1.63
N ALA B 28 -36.08 -27.07 -2.26
CA ALA B 28 -36.61 -25.76 -1.91
C ALA B 28 -38.05 -25.57 -2.37
N HIS B 29 -38.48 -26.30 -3.41
CA HIS B 29 -39.81 -26.13 -3.95
C HIS B 29 -40.72 -27.31 -3.62
N ASP B 30 -40.23 -28.28 -2.86
CA ASP B 30 -41.06 -29.35 -2.32
C ASP B 30 -41.60 -28.91 -0.96
N PHE B 31 -42.56 -27.98 -1.00
CA PHE B 31 -43.02 -27.29 0.20
C PHE B 31 -43.62 -28.24 1.23
N GLU B 32 -44.28 -29.31 0.76
CA GLU B 32 -44.94 -30.27 1.64
C GLU B 32 -43.94 -30.97 2.56
N SER B 33 -42.75 -31.23 2.05
CA SER B 33 -41.76 -31.93 2.87
C SER B 33 -40.96 -30.98 3.76
N HIS B 34 -41.23 -29.68 3.75
CA HIS B 34 -40.51 -28.76 4.61
C HIS B 34 -40.96 -28.90 6.06
N ASP B 35 -40.11 -28.40 6.96
CA ASP B 35 -40.40 -28.47 8.39
C ASP B 35 -41.37 -27.34 8.78
N GLY B 36 -42.39 -27.68 9.54
CA GLY B 36 -43.38 -26.71 9.95
C GLY B 36 -44.43 -26.39 8.91
N MET B 37 -44.69 -27.30 7.98
CA MET B 37 -45.64 -27.05 6.91
C MET B 37 -47.04 -27.50 7.33
N THR B 38 -47.99 -26.57 7.25
CA THR B 38 -49.41 -26.86 7.42
C THR B 38 -50.10 -26.59 6.09
N GLU B 39 -51.24 -27.26 5.87
CA GLU B 39 -52.00 -27.20 4.63
C GLU B 39 -52.36 -25.78 4.22
N GLU B 40 -52.70 -24.97 5.23
CA GLU B 40 -52.99 -23.55 5.02
C GLU B 40 -51.79 -22.83 4.42
N ASN B 41 -50.66 -22.89 5.13
CA ASN B 41 -49.46 -22.17 4.69
C ASN B 41 -48.92 -22.78 3.40
N LEU B 42 -49.06 -24.10 3.25
CA LEU B 42 -48.75 -24.80 2.00
C LEU B 42 -49.46 -24.14 0.82
N TYR B 43 -50.80 -24.11 0.86
CA TYR B 43 -51.60 -23.58 -0.24
C TYR B 43 -51.33 -22.10 -0.49
N GLN B 44 -51.12 -21.33 0.58
CA GLN B 44 -50.83 -19.91 0.42
C GLN B 44 -49.48 -19.68 -0.26
N LYS B 45 -48.48 -20.50 0.08
CA LYS B 45 -47.20 -20.44 -0.62
C LYS B 45 -47.35 -20.81 -2.08
N ILE B 46 -48.22 -21.78 -2.39
CA ILE B 46 -48.48 -22.16 -3.78
C ILE B 46 -49.03 -20.97 -4.55
N PHE B 47 -49.98 -20.26 -3.93
CA PHE B 47 -50.62 -19.10 -4.55
C PHE B 47 -49.61 -17.98 -4.84
N ALA B 48 -48.76 -17.68 -3.87
CA ALA B 48 -47.78 -16.61 -4.10
C ALA B 48 -46.73 -17.00 -5.11
N SER B 49 -46.32 -18.27 -5.10
CA SER B 49 -45.36 -18.72 -6.12
C SER B 49 -45.97 -18.64 -7.51
N HIS B 50 -47.27 -18.93 -7.63
CA HIS B 50 -47.96 -18.73 -8.91
C HIS B 50 -47.92 -17.28 -9.36
N PHE B 51 -48.17 -16.35 -8.44
CA PHE B 51 -48.10 -14.93 -8.81
C PHE B 51 -46.69 -14.52 -9.21
N GLY B 52 -45.68 -15.02 -8.48
CA GLY B 52 -44.31 -14.72 -8.85
C GLY B 52 -43.96 -15.23 -10.22
N HIS B 53 -44.42 -16.44 -10.55
CA HIS B 53 -44.19 -17.00 -11.88
C HIS B 53 -44.91 -16.20 -12.96
N LEU B 54 -46.13 -15.75 -12.67
CA LEU B 54 -46.87 -14.88 -13.60
C LEU B 54 -46.09 -13.60 -13.89
N ALA B 55 -45.50 -13.03 -12.84
CA ALA B 55 -44.69 -11.83 -13.00
C ALA B 55 -43.44 -12.09 -13.84
N ILE B 56 -42.80 -13.25 -13.63
CA ILE B 56 -41.65 -13.64 -14.46
C ILE B 56 -42.05 -13.73 -15.93
N ILE B 57 -43.21 -14.34 -16.22
CA ILE B 57 -43.70 -14.44 -17.60
C ILE B 57 -43.90 -13.05 -18.20
N PHE B 58 -44.52 -12.15 -17.43
CA PHE B 58 -44.78 -10.80 -17.93
C PHE B 58 -43.48 -10.04 -18.19
N LEU B 59 -42.49 -10.20 -17.30
CA LEU B 59 -41.18 -9.59 -17.49
C LEU B 59 -40.49 -10.13 -18.74
N TRP B 60 -40.65 -11.43 -19.00
CA TRP B 60 -40.06 -12.05 -20.18
C TRP B 60 -40.62 -11.50 -21.48
N VAL B 61 -41.95 -11.37 -21.56
CA VAL B 61 -42.55 -10.78 -22.76
C VAL B 61 -42.19 -9.31 -22.87
N SER B 62 -42.09 -8.62 -21.73
CA SER B 62 -41.68 -7.22 -21.71
C SER B 62 -40.27 -7.06 -22.26
N GLY B 63 -39.37 -7.97 -21.89
CA GLY B 63 -38.02 -7.98 -22.40
C GLY B 63 -37.94 -8.20 -23.88
N SER B 64 -38.72 -9.17 -24.39
CA SER B 64 -38.74 -9.41 -25.82
C SER B 64 -39.25 -8.19 -26.60
N LEU B 65 -40.34 -7.58 -26.12
CA LEU B 65 -40.89 -6.39 -26.76
C LEU B 65 -39.91 -5.23 -26.70
N PHE B 66 -39.26 -5.03 -25.55
CA PHE B 66 -38.36 -3.90 -25.39
C PHE B 66 -37.12 -4.04 -26.26
N HIS B 67 -36.59 -5.26 -26.37
CA HIS B 67 -35.40 -5.43 -27.20
C HIS B 67 -35.73 -5.34 -28.68
N VAL B 68 -36.93 -5.75 -29.09
CA VAL B 68 -37.31 -5.54 -30.48
C VAL B 68 -37.53 -4.05 -30.76
N ALA B 69 -38.11 -3.32 -29.80
CA ALA B 69 -38.34 -1.90 -30.00
C ALA B 69 -37.04 -1.09 -29.95
N TRP B 70 -36.05 -1.58 -29.19
CA TRP B 70 -34.85 -0.80 -28.95
C TRP B 70 -33.73 -1.15 -29.93
N GLN B 71 -33.42 -2.43 -30.09
CA GLN B 71 -32.27 -2.85 -30.88
C GLN B 71 -32.69 -3.66 -32.09
N GLY B 72 -34.00 -3.81 -32.32
CA GLY B 72 -34.51 -4.55 -33.44
C GLY B 72 -34.76 -3.68 -34.65
N ASN B 73 -35.32 -4.30 -35.69
CA ASN B 73 -35.62 -3.62 -36.93
C ASN B 73 -37.10 -3.77 -37.27
N PHE B 74 -37.97 -3.48 -36.29
CA PHE B 74 -39.39 -3.82 -36.41
C PHE B 74 -40.04 -3.11 -37.58
N GLU B 75 -39.84 -1.78 -37.69
CA GLU B 75 -40.50 -1.02 -38.74
C GLU B 75 -39.93 -1.34 -40.11
N GLN B 76 -38.61 -1.56 -40.18
CA GLN B 76 -37.98 -2.02 -41.41
C GLN B 76 -38.51 -3.38 -41.82
N TRP B 77 -38.80 -4.25 -40.84
CA TRP B 77 -39.40 -5.53 -41.17
C TRP B 77 -40.87 -5.38 -41.52
N ILE B 78 -41.54 -4.34 -41.01
CA ILE B 78 -42.93 -4.07 -41.39
C ILE B 78 -43.02 -3.72 -42.87
N GLN B 79 -42.12 -2.84 -43.33
CA GLN B 79 -42.19 -2.40 -44.72
C GLN B 79 -41.85 -3.49 -45.73
N ASP B 80 -41.21 -4.57 -45.32
CA ASP B 80 -40.83 -5.64 -46.24
C ASP B 80 -40.72 -6.96 -45.48
N PRO B 81 -41.84 -7.60 -45.18
CA PRO B 81 -41.81 -8.76 -44.27
C PRO B 81 -41.32 -10.06 -44.89
N LEU B 82 -41.14 -10.11 -46.21
CA LEU B 82 -40.67 -11.33 -46.86
C LEU B 82 -39.18 -11.32 -47.12
N ASN B 83 -38.54 -10.14 -47.11
CA ASN B 83 -37.15 -10.01 -47.51
C ASN B 83 -36.32 -9.33 -46.43
N THR B 84 -36.82 -9.26 -45.21
CA THR B 84 -36.11 -8.64 -44.11
C THR B 84 -36.04 -9.63 -42.96
N ARG B 85 -34.88 -9.73 -42.34
CA ARG B 85 -34.73 -10.62 -41.21
C ARG B 85 -35.05 -9.89 -39.91
N PRO B 86 -35.91 -10.45 -39.07
CA PRO B 86 -36.20 -9.81 -37.78
C PRO B 86 -35.01 -9.89 -36.84
N ILE B 87 -34.77 -8.80 -36.12
CA ILE B 87 -33.66 -8.72 -35.18
C ILE B 87 -34.17 -8.99 -33.77
N ALA B 88 -33.57 -9.98 -33.11
CA ALA B 88 -33.92 -10.28 -31.72
C ALA B 88 -33.43 -9.20 -30.78
N HIS B 89 -32.11 -9.01 -30.71
CA HIS B 89 -31.50 -8.02 -29.83
C HIS B 89 -30.09 -7.78 -30.33
N ALA B 90 -29.40 -6.85 -29.69
CA ALA B 90 -28.02 -6.53 -30.05
C ALA B 90 -27.04 -7.44 -29.34
N ILE B 91 -25.89 -7.62 -29.96
CA ILE B 91 -24.79 -8.40 -29.41
C ILE B 91 -23.80 -7.45 -28.76
N TRP B 92 -23.41 -7.76 -27.52
CA TRP B 92 -22.29 -7.08 -26.86
C TRP B 92 -21.38 -8.17 -26.27
N ASP B 93 -20.41 -8.59 -27.05
CA ASP B 93 -19.39 -9.54 -26.61
C ASP B 93 -18.03 -8.90 -26.84
N PRO B 94 -17.31 -8.52 -25.77
CA PRO B 94 -15.99 -7.92 -25.94
C PRO B 94 -14.96 -8.86 -26.55
N GLN B 95 -15.20 -10.16 -26.51
CA GLN B 95 -14.24 -11.14 -27.01
C GLN B 95 -14.37 -11.38 -28.50
N PHE B 96 -15.28 -10.68 -29.18
CA PHE B 96 -15.41 -10.79 -30.61
C PHE B 96 -14.21 -10.18 -31.33
N GLY B 97 -13.73 -10.89 -32.35
CA GLY B 97 -12.82 -10.33 -33.31
C GLY B 97 -13.56 -9.51 -34.35
N LYS B 98 -12.78 -8.91 -35.26
CA LYS B 98 -13.38 -8.07 -36.30
C LYS B 98 -14.21 -8.90 -37.27
N ALA B 99 -13.78 -10.13 -37.54
CA ALA B 99 -14.51 -11.01 -38.46
C ALA B 99 -15.87 -11.39 -37.92
N ALA B 100 -15.98 -11.62 -36.61
CA ALA B 100 -17.28 -11.94 -36.01
C ALA B 100 -18.16 -10.71 -35.88
N VAL B 101 -17.56 -9.53 -35.74
CA VAL B 101 -18.36 -8.30 -35.76
C VAL B 101 -18.93 -8.09 -37.16
N ASP B 102 -18.12 -8.31 -38.21
CA ASP B 102 -18.62 -8.19 -39.57
C ASP B 102 -19.64 -9.28 -39.90
N ALA B 103 -19.44 -10.49 -39.37
CA ALA B 103 -20.31 -11.61 -39.71
C ALA B 103 -21.68 -11.48 -39.07
N PHE B 104 -21.76 -10.83 -37.91
CA PHE B 104 -23.02 -10.68 -37.20
C PHE B 104 -23.67 -9.33 -37.44
N THR B 105 -23.07 -8.49 -38.27
CA THR B 105 -23.69 -7.25 -38.71
C THR B 105 -24.60 -7.61 -39.87
N GLN B 106 -25.86 -7.91 -39.54
CA GLN B 106 -26.80 -8.45 -40.51
C GLN B 106 -28.17 -7.82 -40.33
N ALA B 107 -29.09 -8.11 -41.25
CA ALA B 107 -30.48 -7.64 -41.25
C ALA B 107 -30.57 -6.11 -41.20
N GLY B 108 -29.76 -5.47 -42.05
CA GLY B 108 -29.81 -4.03 -42.18
C GLY B 108 -29.33 -3.27 -40.97
N ALA B 109 -28.51 -3.89 -40.13
CA ALA B 109 -27.98 -3.26 -38.94
C ALA B 109 -26.56 -2.76 -39.19
N SER B 110 -26.09 -1.90 -38.29
CA SER B 110 -24.71 -1.42 -38.31
C SER B 110 -23.85 -2.17 -37.31
N SER B 111 -24.46 -2.71 -36.26
CA SER B 111 -23.77 -3.40 -35.19
C SER B 111 -24.03 -4.90 -35.29
N PRO B 112 -23.32 -5.73 -34.53
CA PRO B 112 -23.71 -7.15 -34.44
C PRO B 112 -25.06 -7.31 -33.75
N VAL B 113 -25.91 -8.13 -34.38
CA VAL B 113 -27.25 -8.42 -33.87
C VAL B 113 -27.55 -9.90 -34.05
N ASP B 114 -28.55 -10.38 -33.34
CA ASP B 114 -29.09 -11.71 -33.53
C ASP B 114 -30.34 -11.64 -34.38
N ILE B 115 -30.56 -12.65 -35.21
CA ILE B 115 -31.78 -12.72 -36.01
C ILE B 115 -32.85 -13.36 -35.14
N ALA B 116 -34.01 -12.72 -35.01
CA ALA B 116 -35.08 -13.31 -34.20
C ALA B 116 -35.70 -14.50 -34.91
N TYR B 117 -35.79 -15.66 -34.22
CA TYR B 117 -36.46 -16.83 -34.79
C TYR B 117 -37.65 -17.28 -33.95
N SER B 118 -38.20 -16.41 -33.11
CA SER B 118 -39.38 -16.78 -32.34
C SER B 118 -40.66 -16.62 -33.15
N GLY B 119 -40.59 -15.89 -34.27
CA GLY B 119 -41.79 -15.50 -34.97
C GLY B 119 -42.59 -14.42 -34.28
N VAL B 120 -41.98 -13.70 -33.32
CA VAL B 120 -42.71 -12.68 -32.55
C VAL B 120 -43.08 -11.50 -33.44
N TYR B 121 -42.25 -11.22 -34.45
CA TYR B 121 -42.53 -10.13 -35.37
C TYR B 121 -43.82 -10.39 -36.14
N HIS B 122 -44.00 -11.62 -36.60
CA HIS B 122 -45.19 -11.97 -37.36
C HIS B 122 -46.45 -11.93 -36.50
N TRP B 123 -46.34 -12.38 -35.25
CA TRP B 123 -47.49 -12.33 -34.34
C TRP B 123 -47.82 -10.90 -33.92
N TRP B 124 -46.81 -10.05 -33.70
CA TRP B 124 -47.08 -8.65 -33.39
C TRP B 124 -47.60 -7.86 -34.59
N TYR B 125 -47.15 -8.17 -35.80
CA TYR B 125 -47.69 -7.57 -37.01
C TYR B 125 -49.13 -8.02 -37.27
N THR B 126 -49.45 -9.28 -36.93
CA THR B 126 -50.81 -9.77 -37.12
C THR B 126 -51.80 -9.17 -36.12
N ILE B 127 -51.36 -8.72 -34.95
CA ILE B 127 -52.28 -8.22 -33.93
C ILE B 127 -52.33 -6.71 -33.89
N GLY B 128 -51.81 -6.03 -34.91
CA GLY B 128 -52.00 -4.61 -35.06
C GLY B 128 -50.87 -3.72 -34.62
N MET B 129 -49.74 -4.28 -34.20
CA MET B 129 -48.61 -3.46 -33.78
C MET B 129 -47.78 -3.08 -35.00
N ARG B 130 -47.62 -1.77 -35.22
CA ARG B 130 -47.06 -1.29 -36.48
C ARG B 130 -45.82 -0.43 -36.34
N THR B 131 -45.59 0.24 -35.22
CA THR B 131 -44.42 1.08 -35.01
C THR B 131 -43.57 0.48 -33.89
N ASN B 132 -42.48 1.17 -33.56
CA ASN B 132 -41.74 0.82 -32.36
C ASN B 132 -42.45 1.28 -31.09
N GLY B 133 -43.27 2.33 -31.21
CA GLY B 133 -43.95 2.87 -30.04
C GLY B 133 -44.98 1.91 -29.48
N ASP B 134 -45.68 1.18 -30.35
CA ASP B 134 -46.67 0.20 -29.89
C ASP B 134 -45.99 -0.93 -29.11
N LEU B 135 -44.85 -1.42 -29.59
CA LEU B 135 -44.11 -2.43 -28.87
C LEU B 135 -43.55 -1.91 -27.55
N TYR B 136 -43.06 -0.67 -27.56
CA TYR B 136 -42.54 -0.06 -26.33
C TYR B 136 -43.64 0.10 -25.29
N GLN B 137 -44.82 0.53 -25.75
CA GLN B 137 -45.97 0.64 -24.86
C GLN B 137 -46.36 -0.72 -24.28
N GLY B 138 -46.32 -1.75 -25.13
CA GLY B 138 -46.60 -3.10 -24.64
C GLY B 138 -45.58 -3.58 -23.63
N ALA B 139 -44.30 -3.22 -23.85
CA ALA B 139 -43.25 -3.59 -22.91
C ALA B 139 -43.45 -2.94 -21.55
N ILE B 140 -43.76 -1.65 -21.54
CA ILE B 140 -44.02 -0.96 -20.27
C ILE B 140 -45.32 -1.48 -19.63
N PHE B 141 -46.31 -1.85 -20.43
CA PHE B 141 -47.55 -2.38 -19.85
C PHE B 141 -47.32 -3.75 -19.22
N LEU B 142 -46.48 -4.58 -19.83
CA LEU B 142 -46.14 -5.84 -19.20
C LEU B 142 -45.23 -5.66 -17.99
N LEU B 143 -44.40 -4.62 -17.99
CA LEU B 143 -43.68 -4.21 -16.79
C LEU B 143 -44.62 -3.79 -15.65
N VAL B 144 -45.74 -3.18 -15.99
CA VAL B 144 -46.81 -2.86 -15.05
C VAL B 144 -47.53 -4.12 -14.56
N LEU B 145 -47.85 -5.02 -15.48
CA LEU B 145 -48.59 -6.25 -15.14
C LEU B 145 -47.77 -7.18 -14.26
N ALA B 146 -46.46 -7.30 -14.52
CA ALA B 146 -45.58 -8.07 -13.67
C ALA B 146 -45.52 -7.48 -12.26
N SER B 147 -45.49 -6.15 -12.16
CA SER B 147 -45.51 -5.49 -10.87
C SER B 147 -46.81 -5.76 -10.12
N LEU B 148 -47.93 -5.75 -10.83
CA LEU B 148 -49.22 -6.06 -10.22
C LEU B 148 -49.25 -7.51 -9.72
N ALA B 149 -48.70 -8.44 -10.51
CA ALA B 149 -48.63 -9.84 -10.09
C ALA B 149 -47.72 -10.03 -8.88
N LEU B 150 -46.59 -9.32 -8.85
CA LEU B 150 -45.70 -9.37 -7.69
C LEU B 150 -46.38 -8.84 -6.44
N PHE B 151 -47.09 -7.71 -6.58
CA PHE B 151 -47.79 -7.13 -5.44
C PHE B 151 -48.90 -8.04 -4.95
N ALA B 152 -49.62 -8.69 -5.87
CA ALA B 152 -50.67 -9.62 -5.47
C ALA B 152 -50.10 -10.84 -4.75
N GLY B 153 -48.97 -11.37 -5.22
CA GLY B 153 -48.33 -12.46 -4.51
C GLY B 153 -47.87 -12.06 -3.12
N TRP B 154 -47.33 -10.85 -2.99
CA TRP B 154 -46.95 -10.35 -1.67
C TRP B 154 -48.17 -10.12 -0.77
N LEU B 155 -49.26 -9.60 -1.35
CA LEU B 155 -50.47 -9.29 -0.60
C LEU B 155 -51.14 -10.54 -0.07
N HIS B 156 -51.19 -11.60 -0.88
CA HIS B 156 -51.88 -12.82 -0.46
C HIS B 156 -51.07 -13.66 0.52
N LEU B 157 -49.94 -13.14 0.97
CA LEU B 157 -49.25 -13.60 2.18
C LEU B 157 -49.28 -12.60 3.31
N GLN B 158 -49.91 -11.46 3.14
CA GLN B 158 -50.12 -10.62 4.29
C GLN B 158 -51.16 -11.27 5.21
N PRO B 159 -51.04 -11.07 6.54
CA PRO B 159 -51.90 -11.79 7.49
C PRO B 159 -53.39 -11.61 7.28
N LYS B 160 -53.79 -10.39 6.93
CA LYS B 160 -55.20 -10.12 6.69
C LYS B 160 -55.69 -10.66 5.35
N PHE B 161 -54.82 -10.83 4.37
CA PHE B 161 -55.24 -11.18 3.02
C PHE B 161 -54.87 -12.61 2.62
N ARG B 162 -54.41 -13.44 3.56
CA ARG B 162 -54.10 -14.83 3.23
C ARG B 162 -55.38 -15.61 3.03
N PRO B 163 -55.60 -16.18 1.85
CA PRO B 163 -56.86 -16.90 1.60
C PRO B 163 -56.96 -18.17 2.43
N SER B 164 -58.19 -18.46 2.85
CA SER B 164 -58.48 -19.62 3.67
C SER B 164 -58.38 -20.90 2.84
N LEU B 165 -58.23 -22.02 3.55
CA LEU B 165 -58.16 -23.32 2.87
C LEU B 165 -59.47 -23.66 2.17
N SER B 166 -60.60 -23.24 2.76
CA SER B 166 -61.91 -23.47 2.14
C SER B 166 -62.04 -22.70 0.84
N TRP B 167 -61.36 -21.55 0.73
CA TRP B 167 -61.33 -20.82 -0.53
C TRP B 167 -60.56 -21.58 -1.59
N PHE B 168 -59.39 -22.12 -1.22
CA PHE B 168 -58.58 -22.89 -2.14
C PHE B 168 -59.27 -24.16 -2.61
N LYS B 169 -60.05 -24.80 -1.74
CA LYS B 169 -60.73 -26.04 -2.05
C LYS B 169 -62.11 -25.83 -2.69
N ASN B 170 -62.36 -24.66 -3.27
CA ASN B 170 -63.65 -24.38 -3.90
C ASN B 170 -63.57 -24.59 -5.41
N ALA B 171 -63.67 -25.87 -5.81
CA ALA B 171 -63.52 -26.26 -7.20
C ALA B 171 -64.64 -25.74 -8.09
N GLU B 172 -65.87 -25.68 -7.55
CA GLU B 172 -67.02 -25.19 -8.30
C GLU B 172 -66.82 -23.75 -8.75
N SER B 173 -66.45 -22.89 -7.79
CA SER B 173 -66.27 -21.47 -8.05
C SER B 173 -65.11 -21.22 -9.00
N ARG B 174 -64.01 -21.96 -8.82
CA ARG B 174 -62.85 -21.85 -9.68
C ARG B 174 -63.17 -22.27 -11.10
N LEU B 175 -63.91 -23.37 -11.26
CA LEU B 175 -64.27 -23.85 -12.58
C LEU B 175 -65.15 -22.85 -13.32
N ASN B 176 -66.16 -22.32 -12.61
CA ASN B 176 -67.01 -21.28 -13.17
C ASN B 176 -66.24 -20.02 -13.56
N HIS B 177 -65.37 -19.54 -12.68
CA HIS B 177 -64.68 -18.29 -12.93
C HIS B 177 -63.55 -18.45 -13.94
N HIS B 178 -63.06 -19.66 -14.14
CA HIS B 178 -62.03 -19.87 -15.14
C HIS B 178 -62.62 -20.13 -16.51
N LEU B 179 -63.74 -20.84 -16.59
CA LEU B 179 -64.34 -21.11 -17.89
C LEU B 179 -65.02 -19.88 -18.46
N ALA B 180 -65.72 -19.10 -17.63
CA ALA B 180 -66.40 -17.91 -18.10
C ALA B 180 -65.58 -16.64 -17.94
N GLY B 181 -64.83 -16.49 -16.85
CA GLY B 181 -64.02 -15.31 -16.66
C GLY B 181 -62.71 -15.34 -17.42
N LEU B 182 -61.84 -16.29 -17.10
CA LEU B 182 -60.59 -16.42 -17.86
C LEU B 182 -60.89 -16.81 -19.30
N PHE B 183 -61.38 -18.03 -19.48
CA PHE B 183 -61.45 -18.65 -20.81
C PHE B 183 -62.48 -17.96 -21.70
N GLY B 184 -63.56 -17.47 -21.10
CA GLY B 184 -64.63 -16.84 -21.85
C GLY B 184 -64.43 -15.36 -22.09
N VAL B 185 -64.27 -14.59 -21.01
CA VAL B 185 -64.16 -13.14 -21.15
C VAL B 185 -62.83 -12.75 -21.80
N SER B 186 -61.77 -13.51 -21.54
CA SER B 186 -60.50 -13.20 -22.18
C SER B 186 -60.56 -13.46 -23.69
N SER B 187 -61.26 -14.52 -24.10
CA SER B 187 -61.48 -14.77 -25.52
C SER B 187 -62.42 -13.75 -26.15
N LEU B 188 -63.45 -13.30 -25.44
CA LEU B 188 -64.30 -12.20 -25.85
C LEU B 188 -63.52 -10.91 -26.07
N ALA B 189 -62.65 -10.58 -25.11
CA ALA B 189 -61.79 -9.41 -25.23
C ALA B 189 -60.82 -9.55 -26.38
N TRP B 190 -60.32 -10.76 -26.65
CA TRP B 190 -59.41 -10.90 -27.77
C TRP B 190 -60.14 -10.81 -29.11
N ALA B 191 -61.37 -11.31 -29.18
CA ALA B 191 -62.21 -11.06 -30.36
C ALA B 191 -62.46 -9.57 -30.53
N GLY B 192 -62.69 -8.85 -29.44
CA GLY B 192 -62.81 -7.41 -29.45
C GLY B 192 -61.58 -6.69 -29.94
N HIS B 193 -60.40 -7.15 -29.52
CA HIS B 193 -59.15 -6.59 -30.02
C HIS B 193 -59.00 -6.83 -31.50
N LEU B 194 -59.27 -8.07 -31.95
CA LEU B 194 -59.11 -8.44 -33.34
C LEU B 194 -60.03 -7.60 -34.23
N ILE B 195 -61.28 -7.42 -33.80
CA ILE B 195 -62.23 -6.62 -34.55
C ILE B 195 -61.88 -5.14 -34.49
N HIS B 196 -61.46 -4.64 -33.33
CA HIS B 196 -61.26 -3.21 -33.14
C HIS B 196 -59.89 -2.73 -33.59
N VAL B 197 -58.85 -3.56 -33.47
CA VAL B 197 -57.50 -3.10 -33.77
C VAL B 197 -56.89 -3.90 -34.90
N ALA B 198 -56.79 -5.22 -34.72
CA ALA B 198 -55.98 -6.04 -35.62
C ALA B 198 -56.53 -6.03 -37.05
N ILE B 199 -57.85 -6.07 -37.19
CA ILE B 199 -58.48 -6.01 -38.51
C ILE B 199 -58.36 -4.60 -39.11
N PRO B 200 -58.61 -3.48 -38.39
CA PRO B 200 -58.31 -2.17 -38.99
C PRO B 200 -56.85 -1.95 -39.39
N GLU B 201 -55.88 -2.39 -38.60
CA GLU B 201 -54.49 -2.26 -39.04
C GLU B 201 -54.18 -3.23 -40.17
N SER B 202 -54.90 -4.35 -40.26
CA SER B 202 -54.79 -5.21 -41.43
C SER B 202 -55.29 -4.49 -42.68
N ARG B 203 -56.33 -3.67 -42.55
CA ARG B 203 -56.86 -2.92 -43.67
C ARG B 203 -56.27 -1.52 -43.81
N GLY B 204 -55.18 -1.23 -43.13
CA GLY B 204 -54.45 0.02 -43.28
C GLY B 204 -54.84 1.12 -42.31
N GLN B 205 -55.86 0.89 -41.49
CA GLN B 205 -56.37 1.92 -40.61
C GLN B 205 -55.69 1.86 -39.25
N HIS B 206 -55.32 3.02 -38.72
CA HIS B 206 -54.71 3.12 -37.39
C HIS B 206 -55.81 3.36 -36.37
N VAL B 207 -56.10 2.35 -35.58
CA VAL B 207 -56.96 2.49 -34.40
C VAL B 207 -56.04 2.33 -33.21
N GLY B 208 -55.49 3.45 -32.74
CA GLY B 208 -54.71 3.47 -31.52
C GLY B 208 -55.57 3.71 -30.31
N TRP B 209 -54.91 3.89 -29.17
CA TRP B 209 -55.63 4.25 -27.96
C TRP B 209 -56.19 5.66 -28.03
N ASP B 210 -55.69 6.49 -28.95
CA ASP B 210 -56.12 7.87 -29.06
C ASP B 210 -57.45 8.04 -29.79
N ASN B 211 -57.92 7.03 -30.53
CA ASN B 211 -59.14 7.19 -31.31
C ASN B 211 -60.07 5.98 -31.29
N PHE B 212 -59.90 5.04 -30.37
CA PHE B 212 -60.69 3.81 -30.42
C PHE B 212 -62.12 4.03 -29.95
N LEU B 213 -62.34 5.04 -29.10
CA LEU B 213 -63.69 5.39 -28.67
C LEU B 213 -64.45 6.11 -29.77
N SER B 214 -63.74 6.65 -30.75
CA SER B 214 -64.33 7.50 -31.78
C SER B 214 -64.21 6.88 -33.17
N THR B 215 -64.03 5.56 -33.23
CA THR B 215 -63.89 4.87 -34.51
C THR B 215 -64.73 3.60 -34.46
N MET B 216 -65.76 3.56 -35.29
CA MET B 216 -66.70 2.45 -35.27
C MET B 216 -66.10 1.25 -36.01
N PRO B 217 -66.16 0.04 -35.44
CA PRO B 217 -65.65 -1.15 -36.15
C PRO B 217 -66.32 -1.46 -37.49
N HIS B 218 -67.63 -1.26 -37.59
CA HIS B 218 -68.38 -1.59 -38.80
C HIS B 218 -69.15 -0.38 -39.28
N PRO B 219 -69.20 -0.10 -40.60
CA PRO B 219 -69.69 1.21 -41.11
C PRO B 219 -71.07 1.63 -40.65
N ALA B 220 -71.97 0.67 -40.45
CA ALA B 220 -73.19 0.87 -39.69
C ALA B 220 -73.19 -0.19 -38.59
N GLY B 221 -72.49 0.11 -37.49
CA GLY B 221 -72.21 -0.87 -36.47
C GLY B 221 -72.91 -0.57 -35.17
N LEU B 222 -73.14 -1.65 -34.41
CA LEU B 222 -73.86 -1.79 -33.13
C LEU B 222 -75.36 -1.65 -33.33
N ALA B 223 -75.80 -1.33 -34.53
CA ALA B 223 -77.21 -1.48 -34.86
C ALA B 223 -77.61 -2.92 -35.24
N PRO B 224 -76.84 -3.67 -36.13
CA PRO B 224 -77.36 -4.98 -36.57
C PRO B 224 -77.50 -6.07 -35.51
N PHE B 225 -76.81 -5.99 -34.38
CA PHE B 225 -76.80 -7.12 -33.45
C PHE B 225 -77.62 -6.88 -32.18
N PHE B 226 -78.22 -5.70 -32.01
CA PHE B 226 -79.40 -5.59 -31.16
C PHE B 226 -80.70 -5.78 -31.93
N THR B 227 -80.63 -6.37 -33.13
CA THR B 227 -81.81 -6.59 -33.96
C THR B 227 -81.87 -7.94 -34.63
N GLY B 228 -80.88 -8.82 -34.44
CA GLY B 228 -80.87 -10.10 -35.11
C GLY B 228 -80.36 -10.07 -36.54
N ASN B 229 -79.92 -8.91 -37.02
CA ASN B 229 -79.42 -8.71 -38.38
C ASN B 229 -77.95 -9.04 -38.52
N TRP B 230 -77.41 -9.93 -37.69
CA TRP B 230 -75.98 -10.21 -37.52
C TRP B 230 -75.17 -10.22 -38.80
N GLY B 231 -75.71 -10.84 -39.86
CA GLY B 231 -75.04 -10.98 -41.15
C GLY B 231 -74.48 -9.74 -41.81
N VAL B 232 -74.91 -8.56 -41.37
CA VAL B 232 -74.41 -7.28 -41.84
C VAL B 232 -72.92 -7.16 -41.53
N TYR B 233 -72.48 -7.72 -40.39
CA TYR B 233 -71.05 -7.71 -40.12
C TYR B 233 -70.26 -8.67 -41.01
N ALA B 234 -70.90 -9.48 -41.86
CA ALA B 234 -70.21 -10.44 -42.70
C ALA B 234 -70.47 -10.26 -44.20
N GLN B 235 -71.06 -9.15 -44.62
CA GLN B 235 -71.56 -9.00 -45.99
C GLN B 235 -70.45 -8.91 -47.02
N ASN B 236 -69.55 -7.94 -46.91
CA ASN B 236 -68.45 -7.90 -47.86
C ASN B 236 -67.15 -8.31 -47.16
N PRO B 237 -66.69 -9.55 -47.37
CA PRO B 237 -65.44 -10.00 -46.75
C PRO B 237 -64.26 -9.31 -47.42
N ASP B 238 -63.12 -9.32 -46.73
CA ASP B 238 -61.89 -8.76 -47.29
C ASP B 238 -61.52 -9.51 -48.56
N THR B 239 -61.23 -8.77 -49.62
CA THR B 239 -61.14 -9.35 -50.96
C THR B 239 -59.88 -10.19 -51.08
N ALA B 240 -59.84 -11.06 -52.09
CA ALA B 240 -58.69 -11.91 -52.32
C ALA B 240 -57.53 -11.11 -52.91
N SER B 241 -57.78 -9.87 -53.30
CA SER B 241 -56.73 -8.97 -53.75
C SER B 241 -56.26 -8.03 -52.64
N HIS B 242 -56.65 -8.30 -51.39
CA HIS B 242 -56.26 -7.43 -50.29
C HIS B 242 -54.76 -7.53 -50.05
N VAL B 243 -54.12 -6.37 -49.94
CA VAL B 243 -52.72 -6.27 -49.54
C VAL B 243 -52.70 -5.90 -48.08
N PHE B 244 -52.13 -6.77 -47.24
CA PHE B 244 -52.14 -6.64 -45.79
C PHE B 244 -51.46 -5.37 -45.32
N GLY B 245 -52.04 -4.71 -44.32
CA GLY B 245 -51.55 -3.44 -43.83
C GLY B 245 -51.97 -2.25 -44.66
N THR B 246 -52.76 -2.45 -45.71
CA THR B 246 -53.13 -1.39 -46.63
C THR B 246 -54.59 -1.54 -47.03
N SER B 247 -55.14 -0.46 -47.60
CA SER B 247 -56.56 -0.43 -47.92
C SER B 247 -56.84 -0.87 -49.35
N GLN B 248 -55.81 -1.26 -50.10
CA GLN B 248 -56.01 -1.72 -51.47
C GLN B 248 -56.72 -3.06 -51.48
N GLY B 249 -57.93 -3.10 -52.03
CA GLY B 249 -58.76 -4.28 -51.99
C GLY B 249 -59.36 -4.59 -50.63
N ALA B 250 -59.38 -3.63 -49.72
CA ALA B 250 -59.84 -3.90 -48.37
C ALA B 250 -61.36 -4.07 -48.33
N GLY B 251 -61.82 -5.13 -47.69
CA GLY B 251 -63.22 -5.31 -47.42
C GLY B 251 -63.63 -4.53 -46.18
N SER B 252 -64.78 -4.90 -45.63
CA SER B 252 -65.24 -4.25 -44.43
C SER B 252 -65.86 -5.20 -43.40
N ALA B 253 -65.97 -6.49 -43.70
CA ALA B 253 -66.53 -7.44 -42.77
C ALA B 253 -65.61 -7.60 -41.57
N ILE B 254 -66.16 -7.97 -40.42
CA ILE B 254 -65.37 -8.07 -39.20
C ILE B 254 -65.60 -9.43 -38.55
N LEU B 255 -66.54 -10.20 -39.09
CA LEU B 255 -66.76 -11.58 -38.65
C LEU B 255 -67.16 -12.48 -39.81
N THR B 256 -66.21 -13.16 -40.44
CA THR B 256 -66.57 -14.04 -41.54
C THR B 256 -66.28 -15.50 -41.19
N PHE B 257 -66.68 -16.40 -42.10
CA PHE B 257 -66.34 -17.81 -41.98
C PHE B 257 -65.90 -18.23 -43.39
N LEU B 258 -64.95 -17.51 -43.98
CA LEU B 258 -64.55 -17.81 -45.34
C LEU B 258 -63.86 -19.17 -45.46
N GLY B 259 -63.01 -19.52 -44.49
CA GLY B 259 -62.26 -20.76 -44.57
C GLY B 259 -61.01 -20.63 -45.40
N GLY B 260 -60.05 -21.52 -45.18
CA GLY B 260 -58.80 -21.47 -45.92
C GLY B 260 -57.91 -20.34 -45.47
N PHE B 261 -57.12 -19.81 -46.39
CA PHE B 261 -56.07 -18.86 -46.07
C PHE B 261 -56.35 -17.51 -46.73
N HIS B 262 -55.87 -16.45 -46.09
CA HIS B 262 -55.63 -15.22 -46.81
C HIS B 262 -54.57 -15.48 -47.87
N PRO B 263 -54.76 -15.03 -49.12
CA PRO B 263 -53.83 -15.43 -50.18
C PRO B 263 -52.48 -14.73 -50.12
N GLN B 264 -52.45 -13.43 -49.82
CA GLN B 264 -51.19 -12.70 -49.79
C GLN B 264 -50.43 -12.91 -48.49
N THR B 265 -51.13 -12.76 -47.36
CA THR B 265 -50.55 -12.92 -46.04
C THR B 265 -50.23 -14.39 -45.71
N GLU B 266 -50.86 -15.33 -46.43
CA GLU B 266 -50.63 -16.77 -46.37
C GLU B 266 -51.04 -17.36 -45.02
N SER B 267 -51.77 -16.59 -44.22
CA SER B 267 -52.30 -17.06 -42.95
C SER B 267 -53.80 -17.17 -43.04
N LEU B 268 -54.42 -17.60 -41.95
CA LEU B 268 -55.87 -17.63 -41.88
C LEU B 268 -56.38 -16.19 -41.78
N TRP B 269 -57.65 -16.01 -42.12
CA TRP B 269 -58.25 -14.68 -42.08
C TRP B 269 -58.38 -14.17 -40.66
N LEU B 270 -58.17 -12.87 -40.47
CA LEU B 270 -58.29 -12.26 -39.16
C LEU B 270 -59.74 -12.16 -38.72
N THR B 271 -60.64 -11.90 -39.67
CA THR B 271 -62.06 -11.86 -39.37
C THR B 271 -62.57 -13.24 -38.96
N ASP B 272 -62.07 -14.28 -39.64
CA ASP B 272 -62.38 -15.65 -39.24
C ASP B 272 -61.87 -15.97 -37.85
N MET B 273 -60.67 -15.50 -37.50
CA MET B 273 -60.19 -15.64 -36.13
C MET B 273 -61.04 -14.92 -35.10
N ALA B 274 -61.45 -13.68 -35.38
CA ALA B 274 -62.32 -12.94 -34.48
C ALA B 274 -63.66 -13.62 -34.28
N HIS B 275 -64.23 -14.17 -35.35
CA HIS B 275 -65.45 -14.96 -35.26
C HIS B 275 -65.26 -16.27 -34.50
N HIS B 276 -64.13 -16.94 -34.71
CA HIS B 276 -63.80 -18.10 -33.90
C HIS B 276 -63.76 -17.71 -32.43
N HIS B 277 -63.07 -16.62 -32.11
CA HIS B 277 -62.94 -16.22 -30.72
C HIS B 277 -64.28 -15.84 -30.11
N LEU B 278 -65.17 -15.24 -30.90
CA LEU B 278 -66.53 -14.96 -30.43
C LEU B 278 -67.29 -16.23 -30.09
N ALA B 279 -67.23 -17.23 -30.97
CA ALA B 279 -67.93 -18.49 -30.75
C ALA B 279 -67.41 -19.19 -29.50
N ILE B 280 -66.10 -19.22 -29.37
CA ILE B 280 -65.40 -19.80 -28.24
C ILE B 280 -65.66 -19.09 -26.92
N ALA B 281 -65.78 -17.77 -26.97
CA ALA B 281 -66.11 -17.00 -25.79
C ALA B 281 -67.53 -17.28 -25.33
N VAL B 282 -68.49 -17.31 -26.27
CA VAL B 282 -69.88 -17.57 -25.89
C VAL B 282 -70.02 -18.98 -25.32
N LEU B 283 -69.37 -19.96 -25.98
CA LEU B 283 -69.42 -21.33 -25.50
C LEU B 283 -68.77 -21.47 -24.13
N PHE B 284 -67.68 -20.76 -23.89
CA PHE B 284 -66.99 -20.88 -22.61
C PHE B 284 -67.72 -20.17 -21.48
N ILE B 285 -68.42 -19.05 -21.77
CA ILE B 285 -69.25 -18.44 -20.73
C ILE B 285 -70.42 -19.37 -20.38
N VAL B 286 -71.00 -20.02 -21.39
CA VAL B 286 -72.05 -21.01 -21.12
C VAL B 286 -71.49 -22.16 -20.28
N ALA B 287 -70.31 -22.66 -20.63
CA ALA B 287 -69.67 -23.73 -19.88
C ALA B 287 -69.32 -23.33 -18.45
N GLY B 288 -68.93 -22.07 -18.23
CA GLY B 288 -68.69 -21.55 -16.91
C GLY B 288 -69.92 -21.15 -16.15
N HIS B 289 -71.09 -21.31 -16.76
CA HIS B 289 -72.37 -21.14 -16.09
C HIS B 289 -72.95 -22.46 -15.61
N MET B 290 -72.11 -23.38 -15.15
CA MET B 290 -72.54 -24.77 -14.95
C MET B 290 -72.58 -25.18 -13.47
N TYR B 291 -71.61 -24.79 -12.65
CA TYR B 291 -71.44 -25.39 -11.33
C TYR B 291 -72.05 -24.52 -10.24
N ARG B 292 -72.53 -25.17 -9.17
CA ARG B 292 -73.19 -24.51 -8.04
C ARG B 292 -72.20 -23.88 -7.07
N THR B 293 -72.10 -22.55 -7.04
CA THR B 293 -71.15 -21.99 -6.09
C THR B 293 -71.85 -21.54 -4.81
N GLN B 294 -72.71 -20.53 -4.86
CA GLN B 294 -73.39 -20.07 -3.65
C GLN B 294 -74.78 -19.50 -3.95
N PHE B 295 -75.27 -19.66 -5.17
CA PHE B 295 -76.59 -19.10 -5.48
C PHE B 295 -77.65 -20.19 -5.66
N GLY B 296 -77.46 -21.37 -5.10
CA GLY B 296 -78.47 -22.42 -5.21
C GLY B 296 -78.55 -23.10 -6.55
N ILE B 297 -78.70 -22.34 -7.63
CA ILE B 297 -78.67 -22.92 -8.96
C ILE B 297 -77.27 -23.44 -9.26
N GLY B 298 -77.21 -24.51 -10.04
CA GLY B 298 -75.92 -25.00 -10.43
C GLY B 298 -75.74 -26.48 -10.24
N HIS B 299 -74.64 -26.97 -10.78
CA HIS B 299 -74.24 -28.34 -10.61
C HIS B 299 -73.19 -28.42 -9.52
N SER B 300 -73.08 -29.60 -8.95
CA SER B 300 -71.97 -29.81 -8.06
C SER B 300 -71.29 -31.11 -8.45
N ILE B 301 -69.95 -31.04 -8.57
CA ILE B 301 -69.18 -32.19 -9.05
C ILE B 301 -69.27 -33.36 -8.08
N LYS B 302 -69.22 -33.07 -6.77
CA LYS B 302 -69.18 -34.12 -5.75
C LYS B 302 -70.44 -35.00 -5.82
N GLU B 303 -71.59 -34.36 -6.04
CA GLU B 303 -72.86 -35.07 -6.17
C GLU B 303 -72.89 -35.93 -7.42
N MET B 304 -72.31 -35.44 -8.52
CA MET B 304 -72.22 -36.27 -9.72
C MET B 304 -71.29 -37.46 -9.51
N MET B 305 -70.15 -37.25 -8.85
CA MET B 305 -69.18 -38.30 -8.60
C MET B 305 -69.78 -39.35 -7.67
N ASP B 306 -70.63 -38.91 -6.73
CA ASP B 306 -71.28 -39.81 -5.79
C ASP B 306 -72.64 -40.29 -6.27
N ALA B 307 -73.08 -39.88 -7.46
CA ALA B 307 -74.42 -40.23 -7.93
C ALA B 307 -74.50 -41.69 -8.33
N LYS B 308 -75.52 -42.38 -7.82
CA LYS B 308 -75.78 -43.77 -8.21
C LYS B 308 -77.28 -43.95 -8.51
N ASP B 309 -77.83 -43.06 -9.33
CA ASP B 309 -79.25 -43.14 -9.66
C ASP B 309 -79.49 -42.54 -11.04
N PHE B 310 -79.90 -43.37 -12.00
CA PHE B 310 -80.24 -42.94 -13.35
C PHE B 310 -81.74 -43.09 -13.53
N PHE B 311 -82.50 -42.11 -13.02
CA PHE B 311 -83.97 -42.05 -13.09
C PHE B 311 -84.63 -43.33 -12.59
N GLY B 312 -84.05 -43.95 -11.56
CA GLY B 312 -84.57 -45.20 -11.03
C GLY B 312 -83.69 -46.40 -11.30
N THR B 313 -82.75 -46.28 -12.24
CA THR B 313 -81.84 -47.39 -12.54
C THR B 313 -80.79 -47.51 -11.44
N LYS B 314 -80.09 -48.65 -11.41
CA LYS B 314 -79.09 -48.92 -10.39
C LYS B 314 -77.87 -48.01 -10.51
N VAL B 315 -77.16 -48.12 -11.63
CA VAL B 315 -75.89 -47.48 -12.03
C VAL B 315 -74.83 -47.34 -10.93
N GLU B 316 -73.67 -47.97 -11.15
CA GLU B 316 -72.54 -47.84 -10.23
C GLU B 316 -72.06 -46.40 -10.15
N GLY B 317 -72.33 -45.60 -11.17
CA GLY B 317 -72.00 -44.19 -11.17
C GLY B 317 -72.20 -43.64 -12.56
N PRO B 318 -71.55 -42.52 -12.86
CA PRO B 318 -71.47 -42.04 -14.25
C PRO B 318 -70.87 -43.08 -15.18
N PHE B 319 -71.55 -43.33 -16.31
CA PHE B 319 -71.27 -44.44 -17.25
C PHE B 319 -71.26 -45.81 -16.57
N ASN B 320 -72.03 -45.99 -15.48
CA ASN B 320 -72.10 -47.24 -14.71
C ASN B 320 -70.69 -47.63 -14.21
N MET B 321 -69.89 -46.62 -13.91
CA MET B 321 -68.53 -46.83 -13.42
C MET B 321 -68.43 -46.17 -12.06
N PRO B 322 -67.86 -46.86 -11.07
CA PRO B 322 -67.83 -46.32 -9.71
C PRO B 322 -66.92 -45.11 -9.58
N HIS B 323 -67.46 -44.04 -9.02
CA HIS B 323 -66.77 -42.77 -9.02
C HIS B 323 -66.79 -42.07 -7.65
N GLN B 324 -66.93 -42.80 -6.55
CA GLN B 324 -66.95 -42.18 -5.23
C GLN B 324 -65.55 -41.73 -4.82
N GLY B 325 -65.47 -40.55 -4.23
CA GLY B 325 -64.25 -40.04 -3.67
C GLY B 325 -63.24 -39.53 -4.68
N ILE B 326 -63.54 -39.66 -5.97
CA ILE B 326 -62.64 -39.14 -7.00
C ILE B 326 -62.66 -37.61 -6.96
N TYR B 327 -63.80 -37.01 -6.60
CA TYR B 327 -63.83 -35.58 -6.32
C TYR B 327 -62.87 -35.22 -5.19
N GLU B 328 -62.91 -35.97 -4.09
CA GLU B 328 -62.02 -35.75 -2.95
C GLU B 328 -60.57 -36.01 -3.32
N THR B 329 -60.32 -37.07 -4.10
CA THR B 329 -58.99 -37.41 -4.54
C THR B 329 -58.40 -36.29 -5.41
N TYR B 330 -59.22 -35.73 -6.29
CA TYR B 330 -58.81 -34.61 -7.13
C TYR B 330 -58.54 -33.37 -6.30
N ASN B 331 -59.50 -33.00 -5.44
CA ASN B 331 -59.45 -31.69 -4.80
C ASN B 331 -58.52 -31.63 -3.59
N ASN B 332 -58.21 -32.76 -2.96
CA ASN B 332 -57.37 -32.75 -1.78
C ASN B 332 -55.90 -32.95 -2.10
N SER B 333 -55.59 -33.59 -3.21
CA SER B 333 -54.22 -33.85 -3.61
C SER B 333 -53.79 -32.80 -4.62
N LEU B 334 -52.76 -32.03 -4.28
CA LEU B 334 -52.23 -31.07 -5.24
C LEU B 334 -51.42 -31.76 -6.33
N HIS B 335 -50.85 -32.93 -6.03
CA HIS B 335 -50.10 -33.65 -7.05
C HIS B 335 -51.00 -34.32 -8.07
N PHE B 336 -52.19 -34.79 -7.66
CA PHE B 336 -53.17 -35.27 -8.63
C PHE B 336 -53.58 -34.15 -9.58
N GLN B 337 -53.85 -32.97 -9.02
CA GLN B 337 -54.22 -31.80 -9.79
C GLN B 337 -53.11 -31.42 -10.74
N LEU B 338 -51.87 -31.42 -10.26
CA LEU B 338 -50.72 -31.08 -11.10
C LEU B 338 -50.52 -32.07 -12.23
N GLY B 339 -50.62 -33.38 -11.94
CA GLY B 339 -50.49 -34.37 -12.99
C GLY B 339 -51.56 -34.25 -14.05
N TRP B 340 -52.81 -34.03 -13.62
CA TRP B 340 -53.90 -33.86 -14.56
C TRP B 340 -53.73 -32.60 -15.41
N HIS B 341 -53.35 -31.49 -14.77
CA HIS B 341 -53.25 -30.22 -15.47
C HIS B 341 -52.06 -30.20 -16.42
N LEU B 342 -50.96 -30.82 -16.02
CA LEU B 342 -49.82 -30.97 -16.93
C LEU B 342 -50.14 -31.87 -18.10
N ALA B 343 -50.94 -32.93 -17.91
CA ALA B 343 -51.33 -33.75 -19.05
C ALA B 343 -52.20 -32.97 -20.03
N CYS B 344 -53.16 -32.21 -19.53
CA CYS B 344 -54.00 -31.36 -20.38
C CYS B 344 -53.16 -30.32 -21.10
N LEU B 345 -52.21 -29.70 -20.37
CA LEU B 345 -51.34 -28.68 -20.94
C LEU B 345 -50.43 -29.24 -22.02
N GLY B 346 -49.86 -30.43 -21.79
CA GLY B 346 -49.03 -31.08 -22.77
C GLY B 346 -49.79 -31.43 -24.03
N VAL B 347 -51.03 -31.92 -23.86
CA VAL B 347 -51.88 -32.23 -25.00
C VAL B 347 -52.13 -30.98 -25.83
N ILE B 348 -52.47 -29.86 -25.20
CA ILE B 348 -52.83 -28.69 -26.00
C ILE B 348 -51.60 -27.99 -26.55
N THR B 349 -50.45 -28.11 -25.86
CA THR B 349 -49.20 -27.58 -26.42
C THR B 349 -48.81 -28.33 -27.67
N SER B 350 -48.94 -29.66 -27.64
CA SER B 350 -48.67 -30.43 -28.83
C SER B 350 -49.70 -30.14 -29.93
N LEU B 351 -50.96 -29.91 -29.55
CA LEU B 351 -51.96 -29.51 -30.54
C LEU B 351 -51.66 -28.16 -31.15
N VAL B 352 -51.12 -27.23 -30.35
CA VAL B 352 -50.65 -25.95 -30.85
C VAL B 352 -49.55 -26.15 -31.89
N ALA B 353 -48.59 -27.01 -31.57
CA ALA B 353 -47.53 -27.33 -32.51
C ALA B 353 -48.08 -27.93 -33.80
N GLN B 354 -49.02 -28.86 -33.69
CA GLN B 354 -49.59 -29.53 -34.86
C GLN B 354 -50.52 -28.63 -35.66
N HIS B 355 -51.06 -27.59 -35.06
CA HIS B 355 -52.01 -26.72 -35.75
C HIS B 355 -51.36 -25.48 -36.34
N MET B 356 -50.25 -25.00 -35.77
CA MET B 356 -49.65 -23.78 -36.29
C MET B 356 -48.87 -23.99 -37.57
N TYR B 357 -48.20 -25.14 -37.73
CA TYR B 357 -47.49 -25.39 -38.97
C TYR B 357 -48.43 -25.53 -40.16
N SER B 358 -49.59 -26.14 -39.97
CA SER B 358 -50.52 -26.44 -41.05
C SER B 358 -51.60 -25.38 -41.20
N LEU B 359 -51.94 -24.69 -40.12
CA LEU B 359 -52.81 -23.52 -40.17
C LEU B 359 -52.03 -22.33 -39.62
N PRO B 360 -51.15 -21.73 -40.41
CA PRO B 360 -50.37 -20.58 -39.93
C PRO B 360 -51.31 -19.42 -39.64
N PRO B 361 -51.23 -18.86 -38.45
CA PRO B 361 -52.18 -17.82 -38.06
C PRO B 361 -51.66 -16.40 -38.20
N TYR B 362 -50.39 -16.25 -38.58
CA TYR B 362 -49.72 -14.97 -38.46
C TYR B 362 -49.24 -14.52 -39.83
N ALA B 363 -49.14 -13.20 -39.99
CA ALA B 363 -48.86 -12.58 -41.28
C ALA B 363 -47.47 -13.00 -41.75
N PHE B 364 -47.44 -13.72 -42.88
CA PHE B 364 -46.24 -14.10 -43.62
C PHE B 364 -45.33 -15.03 -42.82
N ILE B 365 -45.86 -15.65 -41.76
CA ILE B 365 -45.05 -16.53 -40.93
C ILE B 365 -44.77 -17.85 -41.63
N ALA B 366 -45.62 -18.26 -42.57
CA ALA B 366 -45.34 -19.47 -43.34
C ALA B 366 -44.21 -19.26 -44.34
N GLN B 367 -43.86 -18.00 -44.62
CA GLN B 367 -42.71 -17.69 -45.44
C GLN B 367 -41.40 -17.66 -44.65
N ASP B 368 -41.48 -17.46 -43.34
CA ASP B 368 -40.30 -17.56 -42.47
C ASP B 368 -40.17 -19.00 -42.02
N HIS B 369 -39.45 -19.78 -42.82
CA HIS B 369 -39.37 -21.23 -42.62
C HIS B 369 -38.66 -21.58 -41.33
N THR B 370 -37.61 -20.83 -40.98
CA THR B 370 -36.83 -21.17 -39.80
C THR B 370 -37.61 -20.92 -38.52
N THR B 371 -38.41 -19.85 -38.49
CA THR B 371 -39.24 -19.60 -37.31
C THR B 371 -40.32 -20.67 -37.15
N MET B 372 -40.92 -21.12 -38.25
CA MET B 372 -41.89 -22.21 -38.19
C MET B 372 -41.26 -23.49 -37.65
N ALA B 373 -40.05 -23.80 -38.13
CA ALA B 373 -39.32 -24.98 -37.65
C ALA B 373 -39.05 -24.88 -36.17
N ALA B 374 -38.56 -23.72 -35.75
CA ALA B 374 -38.23 -23.51 -34.35
C ALA B 374 -39.47 -23.59 -33.48
N LEU B 375 -40.60 -23.03 -33.94
CA LEU B 375 -41.81 -23.03 -33.13
C LEU B 375 -42.40 -24.42 -32.98
N TYR B 376 -42.45 -25.19 -34.08
CA TYR B 376 -42.92 -26.57 -34.00
C TYR B 376 -42.05 -27.38 -33.05
N THR B 377 -40.72 -27.28 -33.22
CA THR B 377 -39.81 -28.07 -32.40
C THR B 377 -39.88 -27.67 -30.94
N HIS B 378 -39.92 -26.36 -30.68
CA HIS B 378 -40.05 -25.83 -29.32
C HIS B 378 -41.29 -26.35 -28.63
N HIS B 379 -42.44 -26.25 -29.30
CA HIS B 379 -43.68 -26.63 -28.64
C HIS B 379 -43.81 -28.14 -28.49
N GLN B 380 -43.26 -28.93 -29.42
CA GLN B 380 -43.28 -30.36 -29.22
C GLN B 380 -42.36 -30.79 -28.08
N TYR B 381 -41.20 -30.16 -27.92
CA TYR B 381 -40.35 -30.50 -26.79
C TYR B 381 -40.98 -30.09 -25.47
N ILE B 382 -41.64 -28.92 -25.44
CA ILE B 382 -42.36 -28.50 -24.24
C ILE B 382 -43.49 -29.47 -23.92
N ALA B 383 -44.20 -29.95 -24.94
CA ALA B 383 -45.28 -30.92 -24.73
C ALA B 383 -44.75 -32.24 -24.18
N GLY B 384 -43.62 -32.72 -24.71
CA GLY B 384 -43.03 -33.94 -24.19
C GLY B 384 -42.60 -33.81 -22.73
N PHE B 385 -41.96 -32.68 -22.40
CA PHE B 385 -41.59 -32.41 -21.01
C PHE B 385 -42.82 -32.36 -20.12
N LEU B 386 -43.89 -31.70 -20.57
CA LEU B 386 -45.11 -31.57 -19.78
C LEU B 386 -45.77 -32.92 -19.55
N MET B 387 -45.78 -33.78 -20.57
CA MET B 387 -46.38 -35.11 -20.41
C MET B 387 -45.60 -35.97 -19.41
N VAL B 388 -44.27 -35.90 -19.49
CA VAL B 388 -43.44 -36.60 -18.51
C VAL B 388 -43.68 -36.07 -17.11
N GLY B 389 -43.82 -34.75 -16.96
CA GLY B 389 -44.13 -34.18 -15.66
C GLY B 389 -45.50 -34.52 -15.12
N ALA B 390 -46.49 -34.60 -16.00
CA ALA B 390 -47.83 -35.09 -15.65
C ALA B 390 -47.77 -36.47 -15.05
N PHE B 391 -47.11 -37.39 -15.73
CA PHE B 391 -47.02 -38.75 -15.21
C PHE B 391 -46.14 -38.85 -13.96
N ALA B 392 -45.09 -38.03 -13.86
CA ALA B 392 -44.26 -37.99 -12.67
C ALA B 392 -45.06 -37.53 -11.45
N HIS B 393 -45.87 -36.48 -11.61
CA HIS B 393 -46.71 -36.05 -10.50
C HIS B 393 -47.85 -37.00 -10.23
N GLY B 394 -48.32 -37.76 -11.21
CA GLY B 394 -49.25 -38.83 -10.93
C GLY B 394 -48.64 -39.88 -10.02
N ALA B 395 -47.38 -40.22 -10.31
CA ALA B 395 -46.62 -41.13 -9.44
C ALA B 395 -46.42 -40.55 -8.04
N ILE B 396 -46.10 -39.26 -7.97
CA ILE B 396 -45.93 -38.57 -6.69
C ILE B 396 -47.22 -38.55 -5.88
N PHE B 397 -48.35 -38.30 -6.54
CA PHE B 397 -49.66 -38.41 -5.90
C PHE B 397 -49.89 -39.81 -5.35
N LEU B 398 -49.57 -40.83 -6.15
CA LEU B 398 -49.77 -42.20 -5.72
C LEU B 398 -48.87 -42.61 -4.56
N VAL B 399 -47.67 -42.05 -4.44
CA VAL B 399 -46.85 -42.32 -3.26
C VAL B 399 -47.22 -41.46 -2.05
N ARG B 400 -47.76 -40.25 -2.23
CA ARG B 400 -47.86 -39.32 -1.11
C ARG B 400 -49.27 -38.87 -0.76
N ASP B 401 -50.23 -39.06 -1.65
CA ASP B 401 -51.56 -38.50 -1.42
C ASP B 401 -52.70 -39.48 -1.63
N TYR B 402 -52.47 -40.65 -2.23
CA TYR B 402 -53.53 -41.59 -2.53
C TYR B 402 -54.01 -42.33 -1.30
N ASP B 403 -55.27 -42.11 -0.92
CA ASP B 403 -55.87 -42.83 0.20
C ASP B 403 -56.72 -43.97 -0.36
N PRO B 404 -56.33 -45.23 -0.16
CA PRO B 404 -57.17 -46.33 -0.65
C PRO B 404 -58.53 -46.43 0.04
N VAL B 405 -58.67 -45.90 1.26
CA VAL B 405 -59.96 -45.92 1.94
C VAL B 405 -60.95 -44.97 1.27
N GLN B 406 -60.51 -43.73 1.02
CA GLN B 406 -61.36 -42.76 0.34
C GLN B 406 -61.55 -43.07 -1.13
N ASN B 407 -60.72 -43.95 -1.69
CA ASN B 407 -60.88 -44.41 -3.07
C ASN B 407 -61.32 -45.87 -3.13
N LYS B 408 -61.85 -46.41 -2.03
CA LYS B 408 -62.25 -47.80 -2.01
C LYS B 408 -63.50 -48.02 -2.86
N GLY B 409 -63.30 -48.62 -4.03
CA GLY B 409 -64.42 -48.94 -4.88
C GLY B 409 -64.37 -48.30 -6.25
N ASN B 410 -63.79 -47.10 -6.34
CA ASN B 410 -63.93 -46.30 -7.55
C ASN B 410 -63.01 -46.72 -8.68
N VAL B 411 -62.95 -45.88 -9.72
CA VAL B 411 -62.27 -46.22 -10.96
C VAL B 411 -60.77 -46.36 -10.73
N LEU B 412 -60.19 -45.49 -9.89
CA LEU B 412 -58.77 -45.54 -9.57
C LEU B 412 -58.40 -46.86 -8.89
N ASP B 413 -59.28 -47.35 -8.01
CA ASP B 413 -59.05 -48.63 -7.36
C ASP B 413 -59.06 -49.79 -8.36
N ARG B 414 -59.92 -49.75 -9.36
CA ARG B 414 -59.95 -50.84 -10.34
C ARG B 414 -58.75 -50.78 -11.28
N VAL B 415 -58.27 -49.57 -11.58
CA VAL B 415 -57.00 -49.42 -12.27
C VAL B 415 -55.87 -50.03 -11.46
N LEU B 416 -55.86 -49.78 -10.16
CA LEU B 416 -54.81 -50.34 -9.31
C LEU B 416 -54.99 -51.85 -9.14
N GLN B 417 -56.23 -52.34 -9.29
CA GLN B 417 -56.49 -53.78 -9.33
C GLN B 417 -55.79 -54.43 -10.50
N HIS B 418 -55.99 -53.91 -11.70
CA HIS B 418 -55.49 -54.59 -12.89
C HIS B 418 -54.30 -53.87 -13.55
N LYS B 419 -53.54 -53.11 -12.75
CA LYS B 419 -52.27 -52.53 -13.18
C LYS B 419 -51.31 -53.50 -13.88
N GLU B 420 -51.32 -54.79 -13.52
CA GLU B 420 -50.44 -55.73 -14.20
C GLU B 420 -50.88 -55.99 -15.63
N ALA B 421 -52.19 -56.17 -15.87
CA ALA B 421 -52.69 -56.28 -17.23
C ALA B 421 -52.41 -55.01 -18.03
N ILE B 422 -52.55 -53.85 -17.37
CA ILE B 422 -52.27 -52.57 -18.02
C ILE B 422 -50.83 -52.50 -18.50
N ILE B 423 -49.89 -52.75 -17.58
CA ILE B 423 -48.47 -52.64 -17.89
C ILE B 423 -48.05 -53.70 -18.88
N SER B 424 -48.62 -54.91 -18.77
CA SER B 424 -48.25 -55.98 -19.68
C SER B 424 -48.73 -55.73 -21.09
N HIS B 425 -49.93 -55.18 -21.28
CA HIS B 425 -50.35 -54.92 -22.65
C HIS B 425 -49.68 -53.68 -23.22
N LEU B 426 -49.29 -52.72 -22.36
CA LEU B 426 -48.40 -51.65 -22.80
C LEU B 426 -47.07 -52.21 -23.29
N SER B 427 -46.52 -53.17 -22.55
CA SER B 427 -45.32 -53.87 -22.98
C SER B 427 -45.52 -54.59 -24.31
N TRP B 428 -46.68 -55.24 -24.47
CA TRP B 428 -46.96 -55.97 -25.70
C TRP B 428 -47.00 -55.05 -26.90
N VAL B 429 -47.74 -53.93 -26.80
CA VAL B 429 -47.88 -53.02 -27.93
C VAL B 429 -46.55 -52.32 -28.22
N SER B 430 -45.76 -52.06 -27.17
CA SER B 430 -44.44 -51.47 -27.36
C SER B 430 -43.52 -52.41 -28.14
N LEU B 431 -43.42 -53.68 -27.70
CA LEU B 431 -42.60 -54.65 -28.41
C LEU B 431 -43.09 -54.89 -29.82
N PHE B 432 -44.40 -54.99 -30.01
CA PHE B 432 -45.09 -55.12 -31.29
C PHE B 432 -44.61 -54.07 -32.29
N LEU B 433 -44.84 -52.80 -31.93
CA LEU B 433 -44.47 -51.66 -32.75
C LEU B 433 -42.98 -51.62 -33.01
N GLY B 434 -42.18 -51.82 -31.97
CA GLY B 434 -40.74 -51.72 -32.11
C GLY B 434 -40.13 -52.77 -33.00
N PHE B 435 -40.48 -54.04 -32.77
CA PHE B 435 -40.01 -55.16 -33.56
C PHE B 435 -40.35 -54.92 -35.02
N HIS B 436 -41.61 -54.56 -35.30
CA HIS B 436 -42.01 -54.49 -36.71
C HIS B 436 -41.47 -53.24 -37.40
N THR B 437 -41.42 -52.09 -36.70
CA THR B 437 -40.94 -50.88 -37.35
C THR B 437 -39.45 -50.95 -37.62
N LEU B 438 -38.67 -51.41 -36.62
CA LEU B 438 -37.24 -51.63 -36.79
C LEU B 438 -37.01 -52.67 -37.88
N GLY B 439 -37.82 -53.74 -37.92
CA GLY B 439 -37.68 -54.73 -38.95
C GLY B 439 -37.96 -54.28 -40.37
N LEU B 440 -39.05 -53.55 -40.58
CA LEU B 440 -39.35 -53.04 -41.93
C LEU B 440 -38.31 -52.03 -42.35
N TYR B 441 -37.84 -51.18 -41.43
CA TYR B 441 -36.79 -50.23 -41.73
C TYR B 441 -35.49 -50.92 -42.11
N VAL B 442 -35.08 -51.94 -41.35
CA VAL B 442 -33.84 -52.64 -41.66
C VAL B 442 -33.98 -53.47 -42.94
N HIS B 443 -35.18 -53.99 -43.23
CA HIS B 443 -35.41 -54.67 -44.50
C HIS B 443 -35.25 -53.71 -45.67
N ASN B 444 -35.85 -52.51 -45.57
CA ASN B 444 -35.72 -51.49 -46.59
C ASN B 444 -34.26 -51.09 -46.77
N ASP B 445 -33.56 -50.92 -45.65
CA ASP B 445 -32.15 -50.55 -45.64
C ASP B 445 -31.30 -51.61 -46.33
N VAL B 446 -31.57 -52.88 -46.04
CA VAL B 446 -30.77 -53.97 -46.55
C VAL B 446 -31.01 -54.15 -48.05
N VAL B 447 -32.27 -54.07 -48.49
CA VAL B 447 -32.54 -54.30 -49.91
C VAL B 447 -32.10 -53.09 -50.73
N VAL B 448 -32.12 -51.88 -50.15
CA VAL B 448 -31.61 -50.71 -50.85
C VAL B 448 -30.08 -50.78 -50.93
N ALA B 449 -29.45 -51.29 -49.87
CA ALA B 449 -28.01 -51.48 -49.84
C ALA B 449 -27.53 -52.37 -50.98
N PHE B 450 -28.23 -53.47 -51.23
CA PHE B 450 -27.82 -54.43 -52.22
C PHE B 450 -28.33 -54.08 -53.62
N GLY B 451 -28.62 -52.80 -53.86
CA GLY B 451 -29.05 -52.30 -55.16
C GLY B 451 -30.42 -52.78 -55.60
N THR B 452 -31.35 -52.93 -54.67
CA THR B 452 -32.68 -53.39 -55.02
C THR B 452 -33.74 -52.61 -54.25
N PRO B 453 -34.06 -51.37 -54.64
CA PRO B 453 -35.08 -50.60 -53.91
C PRO B 453 -36.49 -51.06 -54.19
N GLU B 454 -36.69 -51.88 -55.23
CA GLU B 454 -38.02 -52.40 -55.52
C GLU B 454 -38.46 -53.44 -54.51
N LYS B 455 -37.52 -54.04 -53.79
CA LYS B 455 -37.80 -55.02 -52.76
C LYS B 455 -38.17 -54.39 -51.42
N GLN B 456 -38.22 -53.06 -51.36
CA GLN B 456 -38.63 -52.35 -50.16
C GLN B 456 -40.11 -52.59 -49.87
N ILE B 457 -40.40 -53.02 -48.64
CA ILE B 457 -41.77 -53.08 -48.15
C ILE B 457 -42.21 -51.65 -47.96
N LEU B 458 -43.08 -51.16 -48.84
CA LEU B 458 -43.58 -49.79 -48.77
C LEU B 458 -45.09 -49.86 -48.60
N ILE B 459 -45.59 -49.28 -47.52
CA ILE B 459 -47.00 -49.36 -47.15
C ILE B 459 -47.60 -47.97 -47.20
N GLU B 460 -48.58 -47.78 -48.07
CA GLU B 460 -49.24 -46.49 -48.19
C GLU B 460 -50.09 -46.21 -46.95
N PRO B 461 -50.05 -44.98 -46.41
CA PRO B 461 -50.91 -44.65 -45.28
C PRO B 461 -52.34 -44.36 -45.72
N VAL B 462 -53.00 -45.37 -46.30
CA VAL B 462 -54.26 -45.20 -47.01
C VAL B 462 -55.39 -44.80 -46.08
N PHE B 463 -55.28 -45.13 -44.80
CA PHE B 463 -56.27 -44.67 -43.83
C PHE B 463 -56.16 -43.17 -43.60
N ALA B 464 -54.96 -42.67 -43.36
CA ALA B 464 -54.78 -41.23 -43.23
C ALA B 464 -54.93 -40.49 -44.56
N GLN B 465 -54.60 -41.14 -45.68
CA GLN B 465 -54.89 -40.55 -46.98
C GLN B 465 -56.39 -40.45 -47.22
N PHE B 466 -57.15 -41.45 -46.76
CA PHE B 466 -58.60 -41.39 -46.83
C PHE B 466 -59.15 -40.29 -45.94
N ILE B 467 -58.55 -40.08 -44.78
CA ILE B 467 -58.96 -38.97 -43.93
C ILE B 467 -58.66 -37.62 -44.60
N GLN B 468 -57.50 -37.52 -45.27
CA GLN B 468 -57.15 -36.32 -46.02
C GLN B 468 -58.16 -36.06 -47.14
N ALA B 469 -58.57 -37.13 -47.82
CA ALA B 469 -59.62 -37.05 -48.82
C ALA B 469 -60.95 -36.62 -48.19
N ALA B 470 -61.25 -37.14 -47.00
CA ALA B 470 -62.46 -36.81 -46.26
C ALA B 470 -62.46 -35.35 -45.82
N HIS B 471 -61.29 -34.73 -45.80
CA HIS B 471 -61.19 -33.29 -45.60
C HIS B 471 -61.29 -32.51 -46.91
N GLY B 472 -61.17 -33.17 -48.05
CA GLY B 472 -61.36 -32.50 -49.31
C GLY B 472 -60.29 -32.69 -50.36
N LYS B 473 -59.15 -33.31 -49.98
CA LYS B 473 -58.08 -33.52 -50.96
C LYS B 473 -58.49 -34.52 -52.03
N LEU B 474 -58.68 -34.03 -53.25
CA LEU B 474 -59.03 -34.90 -54.37
C LEU B 474 -57.81 -35.55 -55.02
N LEU B 475 -56.63 -35.40 -54.43
CA LEU B 475 -55.41 -35.94 -55.02
C LEU B 475 -55.41 -37.47 -55.00
N TYR B 476 -55.89 -38.07 -53.91
CA TYR B 476 -55.82 -39.52 -53.77
C TYR B 476 -56.86 -40.23 -54.62
N GLY B 477 -57.92 -39.55 -55.03
CA GLY B 477 -58.94 -40.20 -55.84
C GLY B 477 -59.78 -41.21 -55.09
N PHE B 478 -60.26 -40.81 -53.91
CA PHE B 478 -61.17 -41.62 -53.11
C PHE B 478 -62.64 -41.36 -53.42
N ASP B 479 -62.99 -40.15 -53.85
CA ASP B 479 -64.36 -39.71 -54.13
C ASP B 479 -65.27 -39.96 -52.94
N THR B 480 -64.92 -39.37 -51.80
CA THR B 480 -65.63 -39.59 -50.55
C THR B 480 -66.05 -38.19 -50.08
N LEU B 481 -66.46 -38.10 -48.80
CA LEU B 481 -66.95 -36.89 -48.16
C LEU B 481 -66.01 -35.71 -48.37
N LEU B 482 -66.57 -34.58 -48.83
CA LEU B 482 -65.90 -33.29 -49.00
C LEU B 482 -64.89 -33.28 -50.15
N SER B 483 -64.58 -34.44 -50.71
CA SER B 483 -63.85 -34.56 -51.96
C SER B 483 -64.76 -35.03 -53.09
N ASN B 484 -66.03 -35.30 -52.78
CA ASN B 484 -67.07 -35.43 -53.78
C ASN B 484 -67.96 -34.21 -53.57
N PRO B 485 -68.27 -33.45 -54.63
CA PRO B 485 -69.16 -32.30 -54.46
C PRO B 485 -70.61 -32.66 -54.17
N ASP B 486 -70.97 -33.94 -54.23
CA ASP B 486 -72.35 -34.37 -54.09
C ASP B 486 -72.64 -35.14 -52.82
N SER B 487 -71.62 -35.45 -52.00
CA SER B 487 -71.85 -36.05 -50.70
C SER B 487 -72.62 -35.09 -49.80
N ILE B 488 -73.45 -35.65 -48.93
CA ILE B 488 -74.28 -34.83 -48.06
C ILE B 488 -73.45 -34.08 -47.03
N ALA B 489 -72.21 -34.55 -46.78
CA ALA B 489 -71.30 -33.78 -45.95
C ALA B 489 -70.81 -32.52 -46.66
N ALA B 490 -70.63 -32.61 -47.98
CA ALA B 490 -70.16 -31.44 -48.73
C ALA B 490 -71.26 -30.40 -48.90
N THR B 491 -72.48 -30.82 -49.21
CA THR B 491 -73.55 -29.88 -49.50
C THR B 491 -74.30 -29.46 -48.24
N ALA B 492 -74.24 -30.25 -47.16
CA ALA B 492 -75.01 -30.06 -45.93
C ALA B 492 -76.49 -29.89 -46.23
N TRP B 493 -77.09 -30.93 -46.83
CA TRP B 493 -78.40 -31.02 -47.46
C TRP B 493 -79.54 -30.25 -46.76
N PRO B 494 -79.76 -30.36 -45.42
CA PRO B 494 -80.89 -29.60 -44.85
C PRO B 494 -80.66 -28.10 -44.75
N ASN B 495 -79.50 -27.66 -44.27
CA ASN B 495 -79.30 -26.24 -44.01
C ASN B 495 -78.57 -25.53 -45.14
N TYR B 496 -77.77 -26.28 -45.92
CA TYR B 496 -76.94 -25.76 -47.01
C TYR B 496 -76.00 -24.65 -46.53
N GLY B 497 -75.48 -24.85 -45.32
CA GLY B 497 -74.77 -23.79 -44.64
C GLY B 497 -73.31 -24.09 -44.35
N ASN B 498 -72.62 -24.76 -45.27
CA ASN B 498 -71.19 -25.02 -45.12
C ASN B 498 -70.39 -23.73 -45.13
N VAL B 499 -70.43 -22.98 -46.23
CA VAL B 499 -69.83 -21.65 -46.43
C VAL B 499 -68.31 -21.57 -46.18
N TRP B 500 -67.78 -22.31 -45.20
CA TRP B 500 -66.34 -22.49 -45.09
C TRP B 500 -65.75 -23.20 -46.29
N LEU B 501 -66.54 -24.07 -46.93
CA LEU B 501 -66.02 -25.10 -47.82
C LEU B 501 -65.27 -24.61 -49.04
N PRO B 502 -65.67 -23.53 -49.77
CA PRO B 502 -64.81 -23.07 -50.90
C PRO B 502 -63.40 -22.71 -50.51
N GLY B 503 -63.23 -21.90 -49.46
CA GLY B 503 -61.93 -21.51 -48.97
C GLY B 503 -61.10 -22.69 -48.48
N TRP B 504 -61.72 -23.56 -47.69
CA TRP B 504 -61.03 -24.75 -47.19
C TRP B 504 -60.67 -25.70 -48.33
N LEU B 505 -61.54 -25.82 -49.33
CA LEU B 505 -61.28 -26.73 -50.43
C LEU B 505 -60.13 -26.24 -51.29
N ASP B 506 -60.05 -24.93 -51.51
CA ASP B 506 -58.88 -24.36 -52.17
C ASP B 506 -57.62 -24.56 -51.34
N ALA B 507 -57.74 -24.43 -50.02
CA ALA B 507 -56.60 -24.62 -49.13
C ALA B 507 -56.09 -26.06 -49.16
N ILE B 508 -57.00 -27.04 -49.20
CA ILE B 508 -56.57 -28.42 -49.14
C ILE B 508 -56.11 -28.89 -50.50
N ASN B 509 -56.68 -28.36 -51.59
CA ASN B 509 -56.35 -28.81 -52.93
C ASN B 509 -55.62 -27.73 -53.73
N SER B 510 -54.70 -27.03 -53.08
CA SER B 510 -53.68 -26.24 -53.75
C SER B 510 -52.41 -26.42 -52.94
N GLY B 511 -51.53 -27.31 -53.40
CA GLY B 511 -50.30 -27.47 -52.67
C GLY B 511 -49.40 -26.26 -52.87
N ASN B 512 -49.45 -25.36 -51.89
CA ASN B 512 -48.51 -24.26 -51.75
C ASN B 512 -48.33 -24.02 -50.26
N ASN B 513 -48.98 -24.86 -49.47
CA ASN B 513 -49.06 -24.70 -48.02
C ASN B 513 -48.62 -25.98 -47.34
N SER B 514 -48.84 -26.08 -46.03
CA SER B 514 -48.61 -27.32 -45.32
C SER B 514 -49.88 -27.90 -44.71
N LEU B 515 -51.05 -27.50 -45.20
CA LEU B 515 -52.33 -28.02 -44.74
C LEU B 515 -52.56 -29.43 -45.25
N PHE B 516 -52.38 -30.43 -44.37
CA PHE B 516 -52.54 -31.86 -44.69
C PHE B 516 -51.66 -32.26 -45.87
N LEU B 517 -50.35 -32.24 -45.60
CA LEU B 517 -49.35 -32.53 -46.61
C LEU B 517 -49.50 -33.95 -47.17
N THR B 518 -48.92 -34.17 -48.34
CA THR B 518 -49.02 -35.48 -48.98
C THR B 518 -48.11 -36.48 -48.28
N ILE B 519 -48.68 -37.65 -47.96
CA ILE B 519 -47.98 -38.66 -47.18
C ILE B 519 -47.83 -39.93 -47.99
N GLY B 520 -46.74 -40.65 -47.72
CA GLY B 520 -46.44 -41.89 -48.40
C GLY B 520 -45.84 -42.90 -47.44
N PRO B 521 -45.24 -43.98 -48.00
CA PRO B 521 -44.75 -45.07 -47.15
C PRO B 521 -43.70 -44.68 -46.12
N GLY B 522 -42.89 -43.67 -46.43
CA GLY B 522 -42.01 -43.09 -45.43
C GLY B 522 -42.77 -42.52 -44.26
N ASP B 523 -43.87 -41.80 -44.51
CA ASP B 523 -44.69 -41.26 -43.45
C ASP B 523 -45.36 -42.34 -42.62
N PHE B 524 -45.79 -43.42 -43.26
CA PHE B 524 -46.30 -44.61 -42.56
C PHE B 524 -45.28 -45.14 -41.55
N LEU B 525 -44.05 -45.38 -42.03
CA LEU B 525 -43.02 -45.95 -41.16
C LEU B 525 -42.66 -45.00 -40.03
N VAL B 526 -42.56 -43.70 -40.33
CA VAL B 526 -42.25 -42.74 -39.28
C VAL B 526 -43.37 -42.64 -38.27
N HIS B 527 -44.63 -42.59 -38.70
CA HIS B 527 -45.74 -42.51 -37.77
C HIS B 527 -45.82 -43.73 -36.86
N HIS B 528 -45.46 -44.90 -37.38
CA HIS B 528 -45.34 -46.04 -36.47
C HIS B 528 -44.17 -45.91 -35.52
N ALA B 529 -43.09 -45.24 -35.92
CA ALA B 529 -42.02 -44.93 -34.96
C ALA B 529 -42.49 -43.98 -33.86
N ILE B 530 -43.28 -42.96 -34.21
CA ILE B 530 -43.94 -42.13 -33.19
C ILE B 530 -44.87 -42.95 -32.29
N ALA B 531 -45.65 -43.86 -32.88
CA ALA B 531 -46.57 -44.68 -32.10
C ALA B 531 -45.81 -45.53 -31.08
N LEU B 532 -44.70 -46.13 -31.53
CA LEU B 532 -43.77 -46.86 -30.68
C LEU B 532 -43.21 -45.98 -29.56
N GLY B 533 -42.77 -44.77 -29.92
CA GLY B 533 -42.17 -43.90 -28.93
C GLY B 533 -43.16 -43.46 -27.86
N LEU B 534 -44.37 -43.08 -28.28
CA LEU B 534 -45.41 -42.69 -27.34
C LEU B 534 -45.81 -43.85 -26.45
N HIS B 535 -45.98 -45.05 -27.02
CA HIS B 535 -46.36 -46.22 -26.25
C HIS B 535 -45.29 -46.59 -25.23
N THR B 536 -44.01 -46.50 -25.62
CA THR B 536 -42.97 -46.92 -24.70
C THR B 536 -42.73 -45.88 -23.60
N THR B 537 -42.78 -44.57 -23.94
CA THR B 537 -42.69 -43.55 -22.90
C THR B 537 -43.86 -43.65 -21.93
N THR B 538 -45.07 -43.88 -22.45
CA THR B 538 -46.25 -44.15 -21.63
C THR B 538 -46.06 -45.39 -20.77
N LEU B 539 -45.46 -46.44 -21.34
CA LEU B 539 -45.24 -47.68 -20.60
C LEU B 539 -44.33 -47.47 -19.41
N ILE B 540 -43.22 -46.75 -19.63
CA ILE B 540 -42.28 -46.48 -18.53
C ILE B 540 -42.96 -45.64 -17.46
N LEU B 541 -43.67 -44.58 -17.88
CA LEU B 541 -44.31 -43.70 -16.91
C LEU B 541 -45.46 -44.37 -16.17
N VAL B 542 -46.22 -45.23 -16.84
CA VAL B 542 -47.34 -45.91 -16.20
C VAL B 542 -46.87 -47.01 -15.28
N LYS B 543 -45.84 -47.76 -15.69
CA LYS B 543 -45.23 -48.75 -14.79
C LYS B 543 -44.62 -48.07 -13.58
N GLY B 544 -44.03 -46.89 -13.75
CA GLY B 544 -43.53 -46.14 -12.63
C GLY B 544 -44.60 -45.64 -11.69
N ALA B 545 -45.69 -45.11 -12.23
CA ALA B 545 -46.74 -44.53 -11.38
C ALA B 545 -47.55 -45.60 -10.68
N LEU B 546 -48.06 -46.58 -11.44
CA LEU B 546 -48.96 -47.59 -10.90
C LEU B 546 -48.26 -48.50 -9.90
N ASP B 547 -47.00 -48.83 -10.13
CA ASP B 547 -46.21 -49.68 -9.24
C ASP B 547 -45.25 -48.85 -8.41
N ALA B 548 -45.71 -47.68 -7.97
CA ALA B 548 -44.95 -46.81 -7.09
C ALA B 548 -45.28 -46.98 -5.61
N ARG B 549 -46.51 -47.37 -5.29
CA ARG B 549 -46.88 -47.63 -3.92
C ARG B 549 -46.22 -48.88 -3.39
N GLY B 550 -45.93 -49.83 -4.27
CA GLY B 550 -45.24 -51.06 -3.91
C GLY B 550 -45.10 -51.99 -5.09
N SER B 551 -44.15 -52.90 -5.01
CA SER B 551 -43.92 -53.88 -6.06
C SER B 551 -43.84 -55.25 -5.42
N LYS B 552 -43.69 -56.28 -6.25
CA LYS B 552 -43.42 -57.59 -5.68
C LYS B 552 -41.99 -57.67 -5.18
N LEU B 553 -41.07 -56.93 -5.80
CA LEU B 553 -39.70 -56.83 -5.33
C LEU B 553 -39.59 -55.95 -4.08
N MET B 554 -40.43 -54.93 -3.97
CA MET B 554 -40.41 -54.00 -2.84
C MET B 554 -41.85 -53.69 -2.43
N PRO B 555 -42.48 -54.56 -1.61
CA PRO B 555 -43.86 -54.28 -1.21
C PRO B 555 -43.97 -53.36 0.01
N ASP B 556 -43.11 -52.37 0.09
CA ASP B 556 -43.28 -51.26 1.02
C ASP B 556 -42.71 -49.99 0.42
N LYS B 557 -42.77 -49.89 -0.92
CA LYS B 557 -42.16 -48.77 -1.63
C LYS B 557 -42.85 -47.44 -1.35
N LYS B 558 -44.08 -47.46 -0.82
CA LYS B 558 -44.76 -46.23 -0.44
C LYS B 558 -44.09 -45.52 0.73
N ASP B 559 -43.45 -46.26 1.64
CA ASP B 559 -42.90 -45.67 2.85
C ASP B 559 -41.55 -45.01 2.63
N PHE B 560 -40.90 -45.27 1.50
CA PHE B 560 -39.60 -44.69 1.21
C PHE B 560 -39.68 -43.42 0.37
N GLY B 561 -40.87 -43.00 0.01
CA GLY B 561 -41.07 -41.76 -0.71
C GLY B 561 -41.02 -41.97 -2.23
N TYR B 562 -41.04 -40.83 -2.94
CA TYR B 562 -40.96 -40.86 -4.39
C TYR B 562 -39.54 -41.09 -4.87
N ALA B 563 -38.58 -40.37 -4.29
CA ALA B 563 -37.20 -40.43 -4.72
C ALA B 563 -36.36 -41.09 -3.63
N PHE B 564 -35.71 -42.20 -3.99
CA PHE B 564 -34.72 -42.87 -3.16
C PHE B 564 -33.83 -43.65 -4.11
N PRO B 565 -32.54 -43.86 -3.76
CA PRO B 565 -31.62 -44.45 -4.73
C PRO B 565 -31.95 -45.88 -5.11
N CYS B 566 -32.18 -46.70 -4.09
CA CYS B 566 -32.45 -48.12 -4.24
C CYS B 566 -32.86 -48.70 -2.90
N ASP B 567 -33.05 -50.01 -2.85
CA ASP B 567 -33.16 -50.75 -1.61
C ASP B 567 -31.90 -51.57 -1.36
N GLY B 568 -30.84 -51.28 -2.10
CA GLY B 568 -29.58 -51.97 -1.93
C GLY B 568 -29.43 -53.18 -2.82
N PRO B 569 -28.25 -53.81 -2.78
CA PRO B 569 -27.99 -54.97 -3.64
C PRO B 569 -28.67 -56.25 -3.18
N GLY B 570 -29.33 -56.23 -2.03
CA GLY B 570 -30.09 -57.37 -1.58
C GLY B 570 -31.32 -57.58 -2.42
N ARG B 571 -31.91 -58.76 -2.25
CA ARG B 571 -33.07 -59.25 -3.00
C ARG B 571 -32.83 -59.19 -4.50
N GLY B 572 -31.63 -59.56 -4.93
CA GLY B 572 -31.27 -59.67 -6.32
C GLY B 572 -30.69 -58.41 -6.93
N GLY B 573 -30.83 -57.28 -6.25
CA GLY B 573 -30.38 -56.01 -6.78
C GLY B 573 -31.53 -55.10 -7.13
N THR B 574 -31.52 -53.87 -6.62
CA THR B 574 -32.66 -52.97 -6.71
C THR B 574 -32.29 -51.60 -7.26
N CYS B 575 -31.32 -51.52 -8.17
CA CYS B 575 -30.98 -50.25 -8.81
C CYS B 575 -32.16 -49.75 -9.61
N ASP B 576 -32.44 -48.44 -9.49
CA ASP B 576 -33.47 -47.75 -10.26
C ASP B 576 -34.86 -48.34 -10.03
N ILE B 577 -35.12 -48.77 -8.79
CA ILE B 577 -36.41 -49.35 -8.44
C ILE B 577 -37.47 -48.27 -8.17
N SER B 578 -37.05 -47.04 -7.85
CA SER B 578 -37.97 -46.04 -7.36
C SER B 578 -38.80 -45.44 -8.50
N ALA B 579 -39.84 -44.72 -8.12
CA ALA B 579 -40.72 -44.08 -9.09
C ALA B 579 -40.09 -42.83 -9.70
N TRP B 580 -39.19 -42.18 -8.96
CA TRP B 580 -38.37 -41.12 -9.55
C TRP B 580 -37.51 -41.67 -10.68
N ASP B 581 -36.95 -42.85 -10.47
CA ASP B 581 -36.06 -43.46 -11.44
C ASP B 581 -36.80 -43.89 -12.71
N ALA B 582 -38.09 -44.22 -12.61
CA ALA B 582 -38.88 -44.48 -13.82
C ALA B 582 -39.10 -43.19 -14.62
N PHE B 583 -39.31 -42.07 -13.93
CA PHE B 583 -39.33 -40.77 -14.60
C PHE B 583 -38.02 -40.51 -15.32
N TYR B 584 -36.92 -40.84 -14.64
CA TYR B 584 -35.58 -40.60 -15.17
C TYR B 584 -35.36 -41.45 -16.43
N LEU B 585 -35.85 -42.68 -16.41
CA LEU B 585 -35.78 -43.53 -17.59
C LEU B 585 -36.67 -43.03 -18.72
N ALA B 586 -37.86 -42.54 -18.39
CA ALA B 586 -38.81 -42.13 -19.43
C ALA B 586 -38.44 -40.80 -20.05
N MET B 587 -37.61 -40.00 -19.36
CA MET B 587 -37.16 -38.75 -19.96
C MET B 587 -36.31 -38.98 -21.21
N PHE B 588 -35.42 -39.98 -21.18
CA PHE B 588 -34.67 -40.33 -22.39
C PHE B 588 -35.59 -40.77 -23.51
N TRP B 589 -36.60 -41.57 -23.17
CA TRP B 589 -37.54 -42.05 -24.19
C TRP B 589 -38.36 -40.93 -24.78
N MET B 590 -38.79 -39.97 -23.95
CA MET B 590 -39.50 -38.81 -24.46
C MET B 590 -38.60 -37.96 -25.34
N LEU B 591 -37.33 -37.80 -24.95
CA LEU B 591 -36.40 -37.05 -25.78
C LEU B 591 -36.22 -37.71 -27.14
N ASN B 592 -36.08 -39.03 -27.14
CA ASN B 592 -35.95 -39.79 -28.39
C ASN B 592 -37.20 -39.66 -29.25
N THR B 593 -38.38 -39.75 -28.63
CA THR B 593 -39.63 -39.65 -29.37
C THR B 593 -39.80 -38.26 -29.98
N ILE B 594 -39.53 -37.21 -29.20
CA ILE B 594 -39.67 -35.86 -29.74
C ILE B 594 -38.61 -35.58 -30.80
N GLY B 595 -37.41 -36.15 -30.63
CA GLY B 595 -36.42 -36.06 -31.68
C GLY B 595 -36.87 -36.72 -32.97
N TRP B 596 -37.57 -37.86 -32.84
CA TRP B 596 -38.15 -38.50 -34.02
C TRP B 596 -39.20 -37.61 -34.69
N VAL B 597 -40.11 -37.02 -33.90
CA VAL B 597 -41.17 -36.21 -34.50
C VAL B 597 -40.58 -34.97 -35.14
N THR B 598 -39.52 -34.41 -34.56
CA THR B 598 -38.98 -33.17 -35.09
C THR B 598 -38.07 -33.43 -36.27
N PHE B 599 -37.34 -34.56 -36.30
CA PHE B 599 -36.63 -35.00 -37.50
C PHE B 599 -37.58 -35.19 -38.65
N TYR B 600 -38.71 -35.86 -38.40
CA TYR B 600 -39.73 -36.10 -39.42
C TYR B 600 -40.26 -34.79 -39.97
N TRP B 601 -40.67 -33.88 -39.07
CA TRP B 601 -41.24 -32.59 -39.47
C TRP B 601 -40.22 -31.82 -40.30
N HIS B 602 -38.98 -31.77 -39.83
CA HIS B 602 -37.98 -30.93 -40.45
C HIS B 602 -37.58 -31.46 -41.82
N TRP B 603 -37.38 -32.77 -41.95
CA TRP B 603 -36.99 -33.32 -43.24
C TRP B 603 -38.12 -33.19 -44.26
N LYS B 604 -39.36 -33.46 -43.83
CA LYS B 604 -40.49 -33.31 -44.74
C LYS B 604 -40.68 -31.86 -45.16
N HIS B 605 -40.50 -30.92 -44.23
CA HIS B 605 -40.72 -29.53 -44.58
C HIS B 605 -39.58 -28.97 -45.40
N LEU B 606 -38.35 -29.46 -45.22
CA LEU B 606 -37.27 -29.07 -46.11
C LEU B 606 -37.52 -29.56 -47.53
N GLY B 607 -37.96 -30.83 -47.67
CA GLY B 607 -38.36 -31.31 -48.97
C GLY B 607 -39.54 -30.60 -49.60
N VAL B 608 -40.44 -30.07 -48.79
CA VAL B 608 -41.61 -29.33 -49.28
C VAL B 608 -41.25 -27.89 -49.64
N TRP B 609 -40.43 -27.23 -48.82
CA TRP B 609 -40.03 -25.85 -49.07
C TRP B 609 -39.10 -25.73 -50.26
N GLU B 610 -38.14 -26.64 -50.40
CA GLU B 610 -37.29 -26.61 -51.59
C GLU B 610 -38.01 -27.11 -52.83
N GLY B 611 -39.13 -27.82 -52.66
CA GLY B 611 -39.87 -28.40 -53.76
C GLY B 611 -39.40 -29.80 -54.14
N ASN B 612 -38.30 -30.27 -53.56
CA ASN B 612 -37.80 -31.59 -53.85
C ASN B 612 -38.42 -32.56 -52.84
N VAL B 613 -39.74 -32.72 -52.93
CA VAL B 613 -40.46 -33.62 -52.03
C VAL B 613 -40.14 -35.07 -52.31
N ALA B 614 -39.61 -35.37 -53.51
CA ALA B 614 -39.16 -36.71 -53.85
C ALA B 614 -38.01 -37.17 -52.97
N GLN B 615 -37.20 -36.23 -52.45
CA GLN B 615 -36.13 -36.57 -51.51
C GLN B 615 -36.65 -37.32 -50.29
N PHE B 616 -37.65 -36.74 -49.62
CA PHE B 616 -38.27 -37.44 -48.49
C PHE B 616 -39.07 -38.65 -48.97
N ASN B 617 -39.82 -38.50 -50.05
CA ASN B 617 -40.74 -39.57 -50.44
C ASN B 617 -40.03 -40.78 -51.03
N GLU B 618 -38.73 -40.65 -51.30
CA GLU B 618 -37.94 -41.78 -51.79
C GLU B 618 -36.81 -42.21 -50.86
N ASN B 619 -36.36 -41.37 -49.93
CA ASN B 619 -35.23 -41.72 -49.08
C ASN B 619 -35.59 -41.91 -47.62
N SER B 620 -36.80 -41.56 -47.19
CA SER B 620 -37.20 -41.70 -45.80
C SER B 620 -37.73 -43.09 -45.48
N THR B 621 -37.59 -44.05 -46.39
CA THR B 621 -38.09 -45.40 -46.16
C THR B 621 -37.01 -46.33 -45.59
N TYR B 622 -35.75 -46.07 -45.87
CA TYR B 622 -34.65 -46.70 -45.18
C TYR B 622 -34.09 -45.68 -44.19
N LEU B 623 -33.04 -46.05 -43.46
CA LEU B 623 -32.51 -45.20 -42.41
C LEU B 623 -31.15 -44.58 -42.74
N MET B 624 -30.49 -45.04 -43.78
CA MET B 624 -29.36 -44.27 -44.30
C MET B 624 -29.83 -43.02 -45.00
N GLY B 625 -31.08 -42.98 -45.47
CA GLY B 625 -31.64 -41.75 -46.00
C GLY B 625 -31.73 -40.68 -44.94
N TRP B 626 -32.08 -41.08 -43.71
CA TRP B 626 -32.14 -40.13 -42.61
C TRP B 626 -30.76 -39.66 -42.17
N LEU B 627 -29.74 -40.48 -42.35
CA LEU B 627 -28.38 -40.11 -41.98
C LEU B 627 -27.69 -39.28 -43.06
N ARG B 628 -27.84 -39.68 -44.31
CA ARG B 628 -27.15 -39.03 -45.42
C ARG B 628 -27.91 -37.79 -45.90
N ASP B 629 -29.13 -37.99 -46.36
CA ASP B 629 -29.90 -36.92 -47.00
C ASP B 629 -30.56 -35.97 -46.02
N TYR B 630 -30.52 -36.26 -44.72
CA TYR B 630 -31.04 -35.33 -43.73
C TYR B 630 -30.01 -34.87 -42.71
N LEU B 631 -29.23 -35.79 -42.13
CA LEU B 631 -28.33 -35.39 -41.05
C LEU B 631 -26.96 -34.97 -41.59
N TRP B 632 -26.36 -35.78 -42.46
CA TRP B 632 -25.06 -35.44 -43.03
C TRP B 632 -25.16 -34.23 -43.94
N LEU B 633 -26.22 -34.16 -44.75
CA LEU B 633 -26.32 -33.12 -45.77
C LEU B 633 -26.60 -31.76 -45.15
N ASN B 634 -27.67 -31.65 -44.39
CA ASN B 634 -28.12 -30.35 -43.88
C ASN B 634 -27.24 -29.81 -42.80
N SER B 635 -26.35 -30.58 -42.20
CA SER B 635 -25.36 -30.04 -41.29
C SER B 635 -24.22 -29.35 -42.01
N SER B 636 -24.15 -29.46 -43.34
CA SER B 636 -22.99 -29.01 -44.11
C SER B 636 -22.71 -27.53 -43.95
N GLN B 637 -23.76 -26.70 -44.00
CA GLN B 637 -23.57 -25.28 -43.76
C GLN B 637 -23.40 -24.97 -42.28
N LEU B 638 -24.03 -25.78 -41.41
CA LEU B 638 -23.89 -25.59 -39.97
C LEU B 638 -22.45 -25.76 -39.53
N ILE B 639 -21.78 -26.79 -40.04
CA ILE B 639 -20.46 -27.16 -39.57
C ILE B 639 -19.40 -26.23 -40.15
N ASN B 640 -19.69 -25.59 -41.28
CA ASN B 640 -18.84 -24.56 -41.85
C ASN B 640 -19.21 -23.18 -41.32
N GLY B 641 -19.84 -23.13 -40.13
CA GLY B 641 -20.10 -21.87 -39.47
C GLY B 641 -18.87 -21.11 -39.07
N TYR B 642 -17.80 -21.83 -38.73
CA TYR B 642 -16.46 -21.25 -38.65
C TYR B 642 -15.50 -22.32 -39.12
N ASN B 643 -14.52 -21.92 -39.91
CA ASN B 643 -13.61 -22.83 -40.60
C ASN B 643 -12.25 -22.13 -40.60
N PRO B 644 -11.17 -22.77 -41.08
CA PRO B 644 -9.90 -22.02 -41.19
C PRO B 644 -9.95 -20.82 -42.13
N PHE B 645 -10.90 -20.78 -43.07
CA PHE B 645 -10.97 -19.68 -44.03
C PHE B 645 -11.73 -18.47 -43.51
N GLY B 646 -12.56 -18.62 -42.48
CA GLY B 646 -13.26 -17.48 -41.91
C GLY B 646 -14.46 -17.90 -41.09
N THR B 647 -15.23 -16.89 -40.69
CA THR B 647 -16.44 -17.07 -39.87
C THR B 647 -17.64 -16.56 -40.64
N ASN B 648 -18.70 -17.36 -40.68
CA ASN B 648 -19.98 -16.92 -41.21
C ASN B 648 -20.82 -16.37 -40.06
N ASN B 649 -22.10 -16.11 -40.30
CA ASN B 649 -23.02 -15.79 -39.21
C ASN B 649 -23.55 -17.03 -38.52
N LEU B 650 -23.20 -18.22 -39.02
CA LEU B 650 -23.55 -19.50 -38.42
C LEU B 650 -22.51 -19.97 -37.41
N SER B 651 -21.57 -19.10 -37.01
CA SER B 651 -20.57 -19.48 -36.03
C SER B 651 -21.20 -19.77 -34.67
N VAL B 652 -22.27 -19.02 -34.34
CA VAL B 652 -23.05 -19.31 -33.12
C VAL B 652 -23.57 -20.72 -33.13
N TRP B 653 -24.20 -21.13 -34.23
CA TRP B 653 -24.85 -22.42 -34.24
C TRP B 653 -23.86 -23.56 -34.37
N ALA B 654 -22.73 -23.36 -35.06
CA ALA B 654 -21.66 -24.36 -35.00
C ALA B 654 -21.08 -24.51 -33.60
N TRP B 655 -20.84 -23.39 -32.92
CA TRP B 655 -20.30 -23.44 -31.56
C TRP B 655 -21.28 -24.07 -30.59
N MET B 656 -22.57 -23.74 -30.71
CA MET B 656 -23.58 -24.31 -29.83
C MET B 656 -23.86 -25.77 -30.18
N PHE B 657 -23.69 -26.15 -31.45
CA PHE B 657 -23.77 -27.55 -31.87
C PHE B 657 -22.72 -28.38 -31.16
N LEU B 658 -21.47 -27.93 -31.22
CA LEU B 658 -20.39 -28.59 -30.50
C LEU B 658 -20.56 -28.53 -28.99
N PHE B 659 -21.06 -27.40 -28.47
CA PHE B 659 -21.33 -27.26 -27.05
C PHE B 659 -22.38 -28.25 -26.57
N GLY B 660 -23.43 -28.46 -27.36
CA GLY B 660 -24.46 -29.41 -27.03
C GLY B 660 -23.93 -30.83 -27.08
N HIS B 661 -23.09 -31.14 -28.07
CA HIS B 661 -22.41 -32.43 -28.08
C HIS B 661 -21.59 -32.65 -26.80
N LEU B 662 -20.90 -31.59 -26.35
CA LEU B 662 -20.10 -31.66 -25.13
C LEU B 662 -20.96 -31.90 -23.89
N VAL B 663 -22.05 -31.14 -23.73
CA VAL B 663 -22.91 -31.29 -22.56
C VAL B 663 -23.57 -32.67 -22.55
N TRP B 664 -24.02 -33.13 -23.71
CA TRP B 664 -24.67 -34.43 -23.84
C TRP B 664 -23.71 -35.56 -23.48
N ALA B 665 -22.46 -35.47 -23.93
CA ALA B 665 -21.50 -36.50 -23.58
C ALA B 665 -21.05 -36.39 -22.13
N THR B 666 -21.03 -35.18 -21.57
CA THR B 666 -20.70 -35.02 -20.16
C THR B 666 -21.73 -35.67 -19.26
N GLY B 667 -22.99 -35.66 -19.70
CA GLY B 667 -24.02 -36.37 -18.97
C GLY B 667 -23.82 -37.86 -18.90
N PHE B 668 -23.21 -38.44 -19.94
CA PHE B 668 -22.94 -39.87 -19.97
C PHE B 668 -22.01 -40.29 -18.85
N MET B 669 -21.10 -39.40 -18.43
CA MET B 669 -20.27 -39.64 -17.25
C MET B 669 -21.10 -39.88 -15.99
N PHE B 670 -22.03 -38.98 -15.71
CA PHE B 670 -22.86 -39.11 -14.52
C PHE B 670 -23.80 -40.30 -14.62
N LEU B 671 -24.26 -40.62 -15.84
CA LEU B 671 -25.20 -41.72 -16.00
C LEU B 671 -24.55 -43.10 -16.01
N ILE B 672 -23.29 -43.22 -16.42
CA ILE B 672 -22.63 -44.51 -16.52
C ILE B 672 -21.75 -44.81 -15.32
N SER B 673 -20.79 -43.93 -15.00
CA SER B 673 -20.01 -44.07 -13.78
C SER B 673 -20.88 -43.71 -12.60
N TRP B 674 -20.80 -44.50 -11.54
CA TRP B 674 -21.66 -44.33 -10.37
C TRP B 674 -20.80 -44.02 -9.14
N ARG B 675 -21.45 -43.99 -7.97
CA ARG B 675 -21.00 -43.09 -6.90
C ARG B 675 -19.70 -43.51 -6.24
N GLY B 676 -19.56 -44.79 -5.87
CA GLY B 676 -18.52 -45.17 -4.93
C GLY B 676 -17.12 -44.97 -5.46
N TYR B 677 -16.97 -45.10 -6.79
CA TYR B 677 -15.73 -44.70 -7.47
C TYR B 677 -15.36 -43.26 -7.13
N TRP B 678 -16.30 -42.34 -7.32
CA TRP B 678 -16.04 -40.93 -7.12
C TRP B 678 -15.85 -40.59 -5.65
N GLN B 679 -16.55 -41.29 -4.77
CA GLN B 679 -16.34 -41.08 -3.34
C GLN B 679 -14.94 -41.51 -2.92
N GLU B 680 -14.47 -42.65 -3.43
CA GLU B 680 -13.12 -43.10 -3.12
C GLU B 680 -12.07 -42.15 -3.71
N LEU B 681 -12.35 -41.56 -4.87
CA LEU B 681 -11.43 -40.60 -5.48
C LEU B 681 -11.37 -39.29 -4.68
N ILE B 682 -12.52 -38.78 -4.25
CA ILE B 682 -12.56 -37.58 -3.43
C ILE B 682 -11.90 -37.82 -2.08
N GLU B 683 -11.90 -39.06 -1.60
CA GLU B 683 -11.16 -39.36 -0.37
C GLU B 683 -9.66 -39.15 -0.53
N THR B 684 -9.09 -39.60 -1.67
CA THR B 684 -7.67 -39.34 -1.93
C THR B 684 -7.41 -37.85 -2.14
N LEU B 685 -8.35 -37.13 -2.75
CA LEU B 685 -8.21 -35.68 -2.88
C LEU B 685 -8.23 -34.97 -1.54
N VAL B 686 -9.07 -35.41 -0.60
CA VAL B 686 -9.08 -34.89 0.75
C VAL B 686 -7.74 -35.14 1.44
N TRP B 687 -7.20 -36.35 1.27
CA TRP B 687 -5.88 -36.66 1.82
C TRP B 687 -4.82 -35.75 1.23
N ALA B 688 -4.85 -35.54 -0.08
CA ALA B 688 -3.84 -34.72 -0.74
C ALA B 688 -3.92 -33.28 -0.31
N HIS B 689 -5.13 -32.75 -0.14
CA HIS B 689 -5.26 -31.37 0.30
C HIS B 689 -4.82 -31.20 1.74
N GLU B 690 -5.09 -32.18 2.61
CA GLU B 690 -4.74 -32.03 4.01
C GLU B 690 -3.25 -32.21 4.27
N ARG B 691 -2.52 -32.87 3.37
CA ARG B 691 -1.09 -33.11 3.56
C ARG B 691 -0.24 -32.24 2.63
N THR B 692 -0.84 -31.27 1.95
CA THR B 692 -0.10 -30.34 1.12
C THR B 692 0.24 -29.10 1.93
N PRO B 693 1.52 -28.74 2.07
CA PRO B 693 1.86 -27.48 2.75
C PRO B 693 1.41 -26.28 1.94
N LEU B 694 1.09 -25.20 2.67
CA LEU B 694 0.55 -23.92 2.21
C LEU B 694 -0.90 -24.04 1.78
N ALA B 695 -1.42 -25.26 1.72
CA ALA B 695 -2.80 -25.48 1.32
C ALA B 695 -3.64 -25.91 2.51
N ASN B 696 -3.01 -26.55 3.49
CA ASN B 696 -3.72 -26.97 4.70
C ASN B 696 -4.08 -25.77 5.58
N LEU B 697 -3.49 -24.60 5.28
CA LEU B 697 -3.89 -23.36 5.93
C LEU B 697 -5.34 -22.98 5.60
N VAL B 698 -5.85 -23.42 4.45
CA VAL B 698 -7.23 -23.19 4.07
C VAL B 698 -7.96 -24.52 4.06
N ARG B 699 -9.10 -24.55 4.75
CA ARG B 699 -9.84 -25.79 4.91
C ARG B 699 -11.27 -25.59 4.44
N TRP B 700 -11.89 -26.67 3.97
CA TRP B 700 -13.28 -26.60 3.56
C TRP B 700 -14.18 -26.43 4.78
N LYS B 701 -15.30 -25.74 4.57
CA LYS B 701 -16.32 -25.64 5.60
C LYS B 701 -17.31 -26.79 5.56
N ASP B 702 -17.63 -27.31 4.38
CA ASP B 702 -18.39 -28.54 4.23
C ASP B 702 -17.46 -29.61 3.69
N LYS B 703 -17.57 -30.82 4.22
CA LYS B 703 -16.68 -31.89 3.80
C LYS B 703 -17.01 -32.34 2.39
N PRO B 704 -16.03 -32.41 1.49
CA PRO B 704 -16.30 -32.81 0.10
C PRO B 704 -16.70 -34.27 0.01
N VAL B 705 -17.87 -34.52 -0.58
CA VAL B 705 -18.35 -35.87 -0.84
C VAL B 705 -18.76 -35.96 -2.30
N ALA B 706 -18.88 -37.18 -2.78
CA ALA B 706 -19.40 -37.41 -4.12
C ALA B 706 -20.87 -37.03 -4.18
N LEU B 707 -21.35 -36.78 -5.40
CA LEU B 707 -22.76 -36.54 -5.61
C LEU B 707 -23.55 -37.79 -5.24
N SER B 708 -24.77 -37.59 -4.75
CA SER B 708 -25.57 -38.75 -4.36
C SER B 708 -26.06 -39.48 -5.61
N ILE B 709 -26.63 -40.67 -5.39
CA ILE B 709 -27.04 -41.53 -6.50
C ILE B 709 -28.15 -40.89 -7.31
N VAL B 710 -29.22 -40.46 -6.62
CA VAL B 710 -30.33 -39.77 -7.28
C VAL B 710 -29.87 -38.44 -7.84
N GLN B 711 -28.96 -37.76 -7.13
CA GLN B 711 -28.44 -36.47 -7.58
C GLN B 711 -27.73 -36.59 -8.92
N ALA B 712 -26.85 -37.57 -9.04
CA ALA B 712 -26.11 -37.67 -10.29
C ALA B 712 -26.94 -38.29 -11.40
N ARG B 713 -27.96 -39.09 -11.05
CA ARG B 713 -28.96 -39.45 -12.06
C ARG B 713 -29.62 -38.19 -12.63
N LEU B 714 -30.02 -37.27 -11.75
CA LEU B 714 -30.61 -36.00 -12.17
C LEU B 714 -29.61 -35.16 -12.97
N VAL B 715 -28.36 -35.13 -12.54
CA VAL B 715 -27.34 -34.31 -13.19
C VAL B 715 -27.02 -34.83 -14.58
N GLY B 716 -26.85 -36.14 -14.73
CA GLY B 716 -26.65 -36.73 -16.03
C GLY B 716 -27.84 -36.57 -16.94
N LEU B 717 -29.06 -36.69 -16.41
CA LEU B 717 -30.24 -36.44 -17.21
C LEU B 717 -30.35 -34.98 -17.65
N ALA B 718 -30.02 -34.03 -16.76
CA ALA B 718 -30.06 -32.62 -17.11
C ALA B 718 -29.02 -32.27 -18.17
N HIS B 719 -27.81 -32.82 -18.04
CA HIS B 719 -26.78 -32.63 -19.05
C HIS B 719 -27.19 -33.23 -20.39
N PHE B 720 -27.71 -34.46 -20.37
CA PHE B 720 -28.20 -35.12 -21.57
C PHE B 720 -29.28 -34.28 -22.24
N SER B 721 -30.23 -33.76 -21.46
CA SER B 721 -31.34 -33.01 -22.02
C SER B 721 -30.88 -31.68 -22.59
N VAL B 722 -30.01 -30.97 -21.85
CA VAL B 722 -29.49 -29.69 -22.32
C VAL B 722 -28.68 -29.88 -23.59
N GLY B 723 -27.84 -30.91 -23.63
CA GLY B 723 -27.06 -31.17 -24.83
C GLY B 723 -27.91 -31.56 -26.02
N TYR B 724 -28.90 -32.44 -25.79
CA TYR B 724 -29.89 -32.82 -26.79
C TYR B 724 -30.56 -31.60 -27.40
N VAL B 725 -31.09 -30.73 -26.54
CA VAL B 725 -31.89 -29.60 -26.99
C VAL B 725 -31.02 -28.58 -27.71
N LEU B 726 -29.84 -28.27 -27.15
CA LEU B 726 -28.97 -27.28 -27.76
C LEU B 726 -28.43 -27.76 -29.11
N THR B 727 -28.05 -29.04 -29.19
CA THR B 727 -27.56 -29.59 -30.45
C THR B 727 -28.64 -29.55 -31.53
N TYR B 728 -29.88 -29.94 -31.17
CA TYR B 728 -30.91 -29.93 -32.20
C TYR B 728 -31.34 -28.52 -32.57
N ALA B 729 -31.36 -27.59 -31.62
CA ALA B 729 -31.71 -26.22 -31.93
C ALA B 729 -30.67 -25.58 -32.86
N ALA B 730 -29.39 -25.86 -32.59
CA ALA B 730 -28.32 -25.39 -33.46
C ALA B 730 -28.47 -25.92 -34.87
N PHE B 731 -28.67 -27.24 -34.99
CA PHE B 731 -28.83 -27.85 -36.31
C PHE B 731 -30.06 -27.31 -37.03
N LEU B 732 -31.18 -27.18 -36.31
CA LEU B 732 -32.42 -26.72 -36.92
C LEU B 732 -32.27 -25.32 -37.47
N ILE B 733 -31.80 -24.39 -36.62
CA ILE B 733 -31.70 -22.99 -37.02
C ILE B 733 -30.68 -22.82 -38.15
N ALA B 734 -29.54 -23.51 -38.07
CA ALA B 734 -28.53 -23.29 -39.09
C ALA B 734 -28.86 -23.99 -40.42
N SER B 735 -29.45 -25.18 -40.38
CA SER B 735 -29.82 -25.85 -41.62
C SER B 735 -31.05 -25.23 -42.26
N THR B 736 -31.86 -24.49 -41.50
CA THR B 736 -33.04 -23.86 -42.05
C THR B 736 -32.81 -22.37 -42.34
N ALA B 737 -31.69 -21.82 -41.86
CA ALA B 737 -31.44 -20.39 -42.05
C ALA B 737 -30.35 -20.15 -43.10
N SER B 738 -29.57 -21.17 -43.44
CA SER B 738 -28.59 -21.03 -44.51
C SER B 738 -29.24 -21.08 -45.88
N LYS B 739 -30.49 -21.55 -45.94
CA LYS B 739 -31.32 -21.54 -47.13
C LYS B 739 -32.72 -21.29 -46.65
N TYR B 740 -33.73 -21.59 -47.47
CA TYR B 740 -35.10 -21.56 -47.00
C TYR B 740 -35.91 -22.67 -47.66
N ALA C 2 -29.36 -39.34 11.42
CA ALA C 2 -29.04 -40.77 11.48
C ALA C 2 -30.08 -41.58 10.70
N HIS C 3 -29.65 -42.72 10.17
CA HIS C 3 -30.57 -43.63 9.53
C HIS C 3 -31.42 -44.35 10.57
N THR C 4 -32.60 -44.80 10.14
CA THR C 4 -33.55 -45.45 11.03
C THR C 4 -33.62 -46.94 10.72
N VAL C 5 -33.30 -47.76 11.70
CA VAL C 5 -33.38 -49.22 11.55
C VAL C 5 -34.50 -49.72 12.44
N LYS C 6 -35.54 -50.27 11.83
CA LYS C 6 -36.70 -50.78 12.54
C LYS C 6 -36.78 -52.29 12.39
N ILE C 7 -37.05 -52.98 13.49
CA ILE C 7 -37.13 -54.44 13.50
C ILE C 7 -38.59 -54.83 13.70
N TYR C 8 -39.12 -55.64 12.80
CA TYR C 8 -40.53 -55.99 12.77
C TYR C 8 -40.72 -57.41 13.31
N ASP C 9 -41.89 -57.66 13.89
CA ASP C 9 -42.07 -58.85 14.72
C ASP C 9 -42.16 -60.16 13.95
N THR C 10 -41.97 -60.11 12.64
CA THR C 10 -41.78 -61.32 11.84
C THR C 10 -40.38 -61.90 11.98
N CYS C 11 -39.55 -61.28 12.82
CA CYS C 11 -38.20 -61.74 13.11
C CYS C 11 -38.21 -63.15 13.70
N ILE C 12 -37.38 -64.01 13.12
CA ILE C 12 -37.22 -65.37 13.59
C ILE C 12 -35.97 -65.53 14.43
N GLY C 13 -35.23 -64.42 14.63
CA GLY C 13 -34.06 -64.40 15.48
C GLY C 13 -32.93 -65.28 14.97
N CYS C 14 -32.64 -65.21 13.68
CA CYS C 14 -31.57 -66.00 13.09
C CYS C 14 -30.20 -65.36 13.27
N THR C 15 -30.15 -64.15 13.84
CA THR C 15 -28.96 -63.36 14.15
C THR C 15 -28.15 -62.97 12.91
N GLN C 16 -28.66 -63.24 11.70
CA GLN C 16 -27.88 -63.01 10.49
C GLN C 16 -27.67 -61.53 10.22
N CYS C 17 -28.60 -60.69 10.66
CA CYS C 17 -28.45 -59.25 10.45
C CYS C 17 -27.39 -58.67 11.37
N VAL C 18 -27.30 -59.16 12.60
CA VAL C 18 -26.29 -58.66 13.53
C VAL C 18 -24.90 -59.10 13.11
N ARG C 19 -24.76 -60.35 12.65
CA ARG C 19 -23.49 -60.87 12.15
C ARG C 19 -23.01 -60.15 10.89
N ALA C 20 -23.91 -59.51 10.14
CA ALA C 20 -23.54 -58.83 8.91
C ALA C 20 -23.38 -57.32 9.05
N CYS C 21 -23.67 -56.76 10.21
CA CYS C 21 -23.56 -55.31 10.39
C CYS C 21 -22.09 -54.91 10.47
N PRO C 22 -21.62 -54.03 9.59
CA PRO C 22 -20.21 -53.62 9.63
C PRO C 22 -19.89 -52.57 10.68
N THR C 23 -20.91 -51.98 11.32
CA THR C 23 -20.69 -50.86 12.22
C THR C 23 -21.26 -51.08 13.62
N ASP C 24 -21.63 -52.34 13.95
CA ASP C 24 -22.14 -52.74 15.26
C ASP C 24 -23.34 -51.87 15.66
N VAL C 25 -24.42 -51.96 14.90
CA VAL C 25 -25.64 -51.25 15.20
C VAL C 25 -26.65 -52.13 15.91
N LEU C 26 -26.71 -53.41 15.55
CA LEU C 26 -27.76 -54.32 15.96
C LEU C 26 -27.23 -55.29 17.00
N GLU C 27 -28.15 -55.84 17.80
CA GLU C 27 -27.80 -56.82 18.82
C GLU C 27 -29.00 -57.72 19.08
N MET C 28 -28.72 -58.90 19.61
CA MET C 28 -29.77 -59.84 19.99
C MET C 28 -30.24 -59.55 21.41
N VAL C 29 -31.55 -59.42 21.60
CA VAL C 29 -32.12 -59.22 22.93
C VAL C 29 -33.18 -60.29 23.15
N PRO C 30 -33.46 -60.63 24.41
CA PRO C 30 -34.48 -61.66 24.69
C PRO C 30 -35.88 -61.23 24.27
N TRP C 31 -36.66 -62.21 23.81
CA TRP C 31 -37.98 -61.96 23.24
C TRP C 31 -38.69 -63.30 23.11
N ASP C 32 -39.92 -63.39 23.61
CA ASP C 32 -40.66 -64.65 23.56
C ASP C 32 -41.54 -64.76 22.32
N GLY C 33 -41.35 -63.88 21.34
CA GLY C 33 -42.18 -63.88 20.15
C GLY C 33 -41.78 -64.84 19.05
N CYS C 34 -40.69 -65.59 19.20
CA CYS C 34 -40.30 -66.58 18.21
C CYS C 34 -39.71 -67.79 18.91
N LYS C 35 -39.47 -68.84 18.12
CA LYS C 35 -38.91 -70.08 18.64
C LYS C 35 -37.46 -69.91 19.10
N ALA C 36 -36.68 -69.07 18.42
CA ALA C 36 -35.29 -68.82 18.80
C ALA C 36 -35.17 -68.12 20.15
N GLY C 37 -36.17 -67.35 20.55
CA GLY C 37 -36.12 -66.64 21.80
C GLY C 37 -35.41 -65.31 21.76
N GLN C 38 -35.03 -64.84 20.58
CA GLN C 38 -34.25 -63.62 20.44
C GLN C 38 -34.83 -62.76 19.33
N ILE C 39 -34.79 -61.45 19.51
CA ILE C 39 -35.13 -60.50 18.47
C ILE C 39 -33.94 -59.58 18.25
N ALA C 40 -33.76 -59.16 17.01
CA ALA C 40 -32.78 -58.14 16.69
C ALA C 40 -33.24 -56.79 17.22
N SER C 41 -32.26 -55.93 17.52
CA SER C 41 -32.52 -54.61 18.04
C SER C 41 -31.42 -53.68 17.54
N SER C 42 -31.69 -52.37 17.59
CA SER C 42 -30.77 -51.37 17.09
C SER C 42 -30.57 -50.27 18.13
N PRO C 43 -29.75 -50.53 19.16
CA PRO C 43 -29.46 -49.44 20.12
C PRO C 43 -28.52 -48.40 19.55
N ARG C 44 -27.77 -48.73 18.50
CA ARG C 44 -26.70 -47.87 18.03
C ARG C 44 -26.90 -47.40 16.60
N THR C 45 -28.09 -46.91 16.27
CA THR C 45 -28.38 -46.40 14.93
C THR C 45 -27.64 -45.12 14.59
N GLU C 46 -27.03 -44.44 15.57
CA GLU C 46 -26.13 -43.34 15.27
C GLU C 46 -24.87 -43.81 14.53
N ASP C 47 -24.52 -45.08 14.65
CA ASP C 47 -23.39 -45.65 13.93
C ASP C 47 -23.81 -46.27 12.60
N CYS C 48 -25.10 -46.27 12.29
CA CYS C 48 -25.58 -46.87 11.05
C CYS C 48 -25.08 -46.09 9.84
N VAL C 49 -24.42 -46.80 8.92
CA VAL C 49 -24.00 -46.19 7.68
C VAL C 49 -25.05 -46.32 6.58
N GLY C 50 -25.95 -47.30 6.68
CA GLY C 50 -27.00 -47.47 5.71
C GLY C 50 -26.72 -48.45 4.60
N CYS C 51 -25.78 -49.39 4.81
CA CYS C 51 -25.36 -50.28 3.74
C CYS C 51 -26.43 -51.31 3.39
N LYS C 52 -27.39 -51.51 4.28
CA LYS C 52 -28.48 -52.50 4.14
C LYS C 52 -27.95 -53.92 3.96
N ARG C 53 -26.80 -54.22 4.58
CA ARG C 53 -26.34 -55.60 4.62
C ARG C 53 -27.26 -56.48 5.45
N CYS C 54 -27.90 -55.89 6.47
CA CYS C 54 -28.82 -56.62 7.33
C CYS C 54 -30.03 -57.10 6.57
N GLU C 55 -30.59 -56.24 5.70
CA GLU C 55 -31.73 -56.64 4.89
C GLU C 55 -31.34 -57.69 3.85
N THR C 56 -30.11 -57.62 3.34
CA THR C 56 -29.60 -58.69 2.48
C THR C 56 -29.52 -60.00 3.23
N ALA C 57 -29.10 -59.97 4.50
CA ALA C 57 -28.96 -61.17 5.29
C ALA C 57 -30.30 -61.68 5.85
N CYS C 58 -31.36 -60.89 5.79
CA CYS C 58 -32.60 -61.29 6.43
C CYS C 58 -33.32 -62.34 5.59
N PRO C 59 -33.72 -63.47 6.18
CA PRO C 59 -34.40 -64.52 5.44
C PRO C 59 -35.92 -64.46 5.45
N THR C 60 -36.53 -63.53 6.18
CA THR C 60 -37.98 -63.48 6.23
C THR C 60 -38.51 -62.71 5.03
N ASP C 61 -39.75 -63.04 4.66
CA ASP C 61 -40.39 -62.48 3.46
C ASP C 61 -41.75 -61.92 3.89
N PHE C 62 -41.87 -60.61 3.94
CA PHE C 62 -40.85 -59.59 3.66
C PHE C 62 -39.94 -59.40 4.87
N LEU C 63 -39.01 -58.46 4.78
CA LEU C 63 -37.92 -58.37 5.74
C LEU C 63 -38.39 -57.91 7.11
N SER C 64 -37.87 -58.57 8.13
CA SER C 64 -38.09 -58.16 9.51
C SER C 64 -37.26 -56.95 9.91
N ILE C 65 -36.15 -56.71 9.24
CA ILE C 65 -35.31 -55.54 9.48
C ILE C 65 -35.49 -54.58 8.30
N ARG C 66 -35.62 -53.30 8.61
CA ARG C 66 -35.85 -52.30 7.58
C ARG C 66 -34.99 -51.08 7.86
N VAL C 67 -34.21 -50.68 6.87
CA VAL C 67 -33.35 -49.50 6.96
C VAL C 67 -33.98 -48.38 6.15
N TYR C 68 -34.20 -47.25 6.79
CA TYR C 68 -34.78 -46.06 6.18
C TYR C 68 -33.70 -44.99 6.25
N LEU C 69 -33.13 -44.65 5.10
CA LEU C 69 -32.07 -43.65 5.06
C LEU C 69 -32.64 -42.27 5.33
N GLY C 70 -32.04 -41.57 6.31
CA GLY C 70 -32.52 -40.27 6.70
C GLY C 70 -31.47 -39.19 6.60
N ALA C 71 -31.39 -38.34 7.62
CA ALA C 71 -30.42 -37.25 7.64
C ALA C 71 -29.00 -37.79 7.70
N GLU C 72 -28.10 -37.15 6.97
CA GLU C 72 -26.73 -37.61 6.87
C GLU C 72 -25.84 -36.84 7.84
N THR C 73 -25.07 -37.60 8.62
CA THR C 73 -24.04 -37.07 9.50
C THR C 73 -22.69 -37.58 8.99
N THR C 74 -21.62 -37.25 9.73
CA THR C 74 -20.30 -37.75 9.37
C THR C 74 -20.23 -39.27 9.51
N ARG C 75 -20.85 -39.81 10.56
CA ARG C 75 -20.84 -41.26 10.78
C ARG C 75 -21.66 -42.00 9.73
N SER C 76 -22.84 -41.49 9.40
CA SER C 76 -23.70 -42.17 8.44
C SER C 76 -23.21 -42.04 7.01
N MET C 77 -22.41 -41.01 6.71
CA MET C 77 -21.76 -40.88 5.41
C MET C 77 -20.50 -41.72 5.29
N GLY C 78 -20.00 -42.29 6.40
CA GLY C 78 -18.81 -43.10 6.37
C GLY C 78 -17.54 -42.36 6.07
N LEU C 79 -17.46 -41.07 6.41
CA LEU C 79 -16.29 -40.27 6.13
C LEU C 79 -15.22 -40.57 7.17
N ALA C 80 -14.03 -40.96 6.71
CA ALA C 80 -12.86 -41.06 7.57
C ALA C 80 -12.20 -39.71 7.77
N TYR C 81 -12.75 -38.66 7.16
CA TYR C 81 -12.21 -37.31 7.27
C TYR C 81 -13.29 -36.37 7.79
N THR D 2 -10.41 -46.26 29.44
CA THR D 2 -9.52 -45.14 29.18
C THR D 2 -8.08 -45.49 29.54
N THR D 3 -7.15 -44.54 29.27
CA THR D 3 -5.70 -44.76 29.35
C THR D 3 -5.28 -46.04 28.65
N LEU D 4 -5.51 -46.09 27.33
CA LEU D 4 -5.48 -47.32 26.57
C LEU D 4 -4.09 -47.95 26.54
N THR D 5 -3.98 -49.16 27.08
CA THR D 5 -2.72 -49.87 27.17
C THR D 5 -2.61 -50.85 26.02
N GLY D 6 -1.40 -50.98 25.50
CA GLY D 6 -1.14 -51.88 24.40
C GLY D 6 -0.03 -51.35 23.53
N GLN D 7 0.83 -52.28 23.12
CA GLN D 7 1.91 -51.87 22.24
C GLN D 7 1.39 -51.61 20.83
N PRO D 8 1.92 -50.62 20.12
CA PRO D 8 1.58 -50.47 18.71
C PRO D 8 2.14 -51.62 17.90
N PRO D 9 1.36 -52.16 16.97
CA PRO D 9 1.89 -53.18 16.06
C PRO D 9 2.96 -52.60 15.16
N LEU D 10 3.87 -53.47 14.73
CA LEU D 10 4.98 -53.06 13.88
C LEU D 10 4.41 -52.73 12.50
N TYR D 11 4.18 -51.45 12.27
CA TYR D 11 3.58 -50.94 11.05
C TYR D 11 4.41 -49.77 10.58
N GLY D 12 4.76 -49.79 9.29
CA GLY D 12 5.57 -48.71 8.75
C GLY D 12 4.83 -47.43 8.50
N GLY D 13 3.53 -47.40 8.79
CA GLY D 13 2.69 -46.25 8.52
C GLY D 13 2.18 -46.27 7.09
N SER D 14 1.12 -45.49 6.88
CA SER D 14 0.52 -45.46 5.56
C SER D 14 -0.19 -44.13 5.38
N THR D 15 -0.46 -43.79 4.12
CA THR D 15 -1.23 -42.61 3.80
C THR D 15 -2.73 -42.81 4.00
N GLY D 16 -3.17 -44.04 4.31
CA GLY D 16 -4.56 -44.34 4.53
C GLY D 16 -5.03 -44.28 5.97
N GLY D 17 -4.20 -43.83 6.89
CA GLY D 17 -4.58 -43.77 8.30
C GLY D 17 -5.40 -42.56 8.68
N LEU D 18 -5.06 -41.93 9.80
CA LEU D 18 -5.88 -40.87 10.37
C LEU D 18 -5.67 -39.54 9.66
N LEU D 19 -6.70 -38.69 9.73
CA LEU D 19 -6.65 -37.33 9.21
C LEU D 19 -7.03 -36.37 10.32
N SER D 20 -7.33 -35.11 9.97
CA SER D 20 -7.68 -34.08 10.94
C SER D 20 -8.87 -34.47 11.81
N LYS D 21 -9.83 -35.19 11.21
CA LYS D 21 -11.04 -35.63 11.91
C LYS D 21 -10.72 -36.45 13.16
N ALA D 22 -9.61 -37.20 13.13
CA ALA D 22 -9.18 -37.94 14.31
C ALA D 22 -8.80 -37.01 15.45
N ASP D 23 -8.23 -35.85 15.13
CA ASP D 23 -7.72 -34.94 16.15
C ASP D 23 -8.72 -33.89 16.61
N ILE D 24 -9.72 -33.52 15.80
CA ILE D 24 -10.68 -32.50 16.23
C ILE D 24 -12.10 -33.03 16.38
N GLU D 25 -12.47 -34.15 15.75
CA GLU D 25 -13.86 -34.61 15.88
C GLU D 25 -13.98 -35.88 16.70
N GLU D 26 -13.37 -36.98 16.27
CA GLU D 26 -13.36 -38.26 16.98
C GLU D 26 -12.44 -39.24 16.28
N LYS D 27 -11.93 -40.23 17.00
CA LYS D 27 -11.19 -41.34 16.42
C LYS D 27 -11.59 -42.60 17.16
N TYR D 28 -11.02 -43.74 16.75
CA TYR D 28 -11.40 -45.01 17.35
C TYR D 28 -10.13 -45.80 17.63
N ALA D 29 -10.21 -46.67 18.62
CA ALA D 29 -9.08 -47.53 18.95
C ALA D 29 -9.57 -48.94 19.20
N ILE D 30 -8.87 -49.90 18.61
CA ILE D 30 -9.11 -51.31 18.87
C ILE D 30 -7.94 -51.85 19.67
N THR D 31 -8.24 -52.42 20.83
CA THR D 31 -7.25 -53.06 21.68
C THR D 31 -7.57 -54.54 21.75
N TRP D 32 -6.57 -55.37 21.47
CA TRP D 32 -6.76 -56.80 21.64
C TRP D 32 -5.50 -57.39 22.24
N THR D 33 -5.55 -58.69 22.54
CA THR D 33 -4.37 -59.40 23.02
C THR D 33 -4.13 -60.61 22.13
N SER D 34 -2.93 -60.68 21.58
CA SER D 34 -2.52 -61.78 20.73
C SER D 34 -1.62 -62.74 21.51
N PRO D 35 -1.85 -64.05 21.37
CA PRO D 35 -0.97 -65.02 22.00
C PRO D 35 0.42 -65.09 21.39
N LYS D 36 0.61 -64.59 20.16
CA LYS D 36 1.90 -64.70 19.50
C LYS D 36 2.08 -63.55 18.53
N GLU D 37 3.33 -63.35 18.13
CA GLU D 37 3.70 -62.37 17.11
C GLU D 37 3.30 -62.91 15.75
N GLN D 38 2.34 -62.27 15.09
CA GLN D 38 1.82 -62.78 13.83
C GLN D 38 1.66 -61.65 12.83
N VAL D 39 1.03 -61.93 11.71
CA VAL D 39 0.89 -60.97 10.62
C VAL D 39 -0.59 -60.73 10.35
N PHE D 40 -0.97 -59.46 10.21
CA PHE D 40 -2.33 -59.13 9.83
C PHE D 40 -2.34 -57.96 8.88
N GLU D 41 -3.36 -57.92 8.02
CA GLU D 41 -3.54 -56.83 7.07
C GLU D 41 -4.32 -55.70 7.74
N MET D 42 -3.74 -54.51 7.71
CA MET D 42 -4.42 -53.36 8.28
C MET D 42 -5.54 -52.90 7.35
N PRO D 43 -6.60 -52.30 7.90
CA PRO D 43 -7.65 -51.75 7.03
C PRO D 43 -7.18 -50.53 6.25
N THR D 44 -6.10 -49.90 6.68
CA THR D 44 -5.49 -48.79 5.94
C THR D 44 -4.39 -49.32 5.04
N ALA D 45 -4.53 -50.58 4.60
CA ALA D 45 -3.69 -51.31 3.65
C ALA D 45 -2.29 -51.60 4.17
N GLY D 46 -1.69 -52.67 3.65
CA GLY D 46 -0.37 -53.06 4.06
C GLY D 46 -0.41 -54.15 5.14
N ALA D 47 0.75 -54.76 5.35
CA ALA D 47 0.90 -55.75 6.40
C ALA D 47 1.37 -55.07 7.69
N ALA D 48 1.03 -55.67 8.81
CA ALA D 48 1.50 -55.23 10.11
C ALA D 48 1.75 -56.46 10.95
N VAL D 49 2.59 -56.30 11.96
CA VAL D 49 3.00 -57.39 12.81
C VAL D 49 2.30 -57.23 14.15
N MET D 50 1.45 -58.20 14.47
CA MET D 50 0.85 -58.31 15.80
C MET D 50 1.91 -58.68 16.81
N ARG D 51 2.15 -57.80 17.76
CA ARG D 51 3.02 -58.10 18.89
C ARG D 51 2.34 -59.10 19.81
N GLU D 52 3.16 -59.85 20.54
CA GLU D 52 2.66 -60.76 21.56
C GLU D 52 2.20 -59.91 22.74
N GLY D 53 0.98 -60.15 23.23
CA GLY D 53 0.45 -59.34 24.31
C GLY D 53 -0.61 -58.37 23.83
N GLU D 54 -0.69 -57.20 24.46
CA GLU D 54 -1.70 -56.22 24.10
C GLU D 54 -1.25 -55.38 22.91
N ASN D 55 -2.11 -55.31 21.89
CA ASN D 55 -1.91 -54.47 20.73
C ASN D 55 -3.01 -53.42 20.66
N LEU D 56 -2.62 -52.20 20.31
CA LEU D 56 -3.51 -51.06 20.23
C LEU D 56 -3.37 -50.39 18.86
N VAL D 57 -4.50 -50.19 18.19
CA VAL D 57 -4.50 -49.57 16.85
C VAL D 57 -5.54 -48.46 16.84
N TYR D 58 -5.12 -47.26 16.42
CA TYR D 58 -6.04 -46.14 16.24
C TYR D 58 -6.46 -46.07 14.78
N LEU D 59 -7.77 -46.13 14.55
CA LEU D 59 -8.36 -45.98 13.23
C LEU D 59 -9.31 -44.78 13.21
N ALA D 60 -9.71 -44.42 12.00
CA ALA D 60 -10.48 -43.21 11.78
C ALA D 60 -11.99 -43.44 11.86
N ARG D 61 -12.45 -44.67 11.65
CA ARG D 61 -13.87 -45.00 11.68
C ARG D 61 -14.09 -46.23 12.52
N LYS D 62 -15.30 -46.35 13.07
CA LYS D 62 -15.70 -47.56 13.80
C LYS D 62 -15.70 -48.76 12.88
N GLU D 63 -16.13 -48.56 11.63
CA GLU D 63 -16.25 -49.64 10.68
C GLU D 63 -14.88 -50.22 10.31
N GLN D 64 -13.85 -49.38 10.27
CA GLN D 64 -12.49 -49.87 10.06
C GLN D 64 -12.04 -50.77 11.20
N CYS D 65 -12.33 -50.38 12.45
CA CYS D 65 -12.00 -51.20 13.60
C CYS D 65 -12.75 -52.53 13.56
N LEU D 66 -14.03 -52.49 13.19
CA LEU D 66 -14.81 -53.72 13.15
C LEU D 66 -14.38 -54.61 12.00
N ALA D 67 -13.95 -54.03 10.87
CA ALA D 67 -13.40 -54.83 9.78
C ALA D 67 -12.08 -55.46 10.18
N LEU D 68 -11.25 -54.74 10.94
CA LEU D 68 -10.03 -55.30 11.49
C LEU D 68 -10.35 -56.48 12.42
N ALA D 69 -11.37 -56.31 13.26
CA ALA D 69 -11.75 -57.37 14.19
C ALA D 69 -12.33 -58.58 13.46
N ALA D 70 -13.09 -58.34 12.38
CA ALA D 70 -13.81 -59.43 11.73
C ALA D 70 -12.96 -60.20 10.73
N GLN D 71 -12.10 -59.53 9.97
CA GLN D 71 -11.35 -60.21 8.94
C GLN D 71 -9.93 -60.58 9.36
N GLN D 72 -9.45 -60.07 10.48
CA GLN D 72 -8.09 -60.34 10.94
C GLN D 72 -8.06 -61.03 12.30
N LEU D 73 -8.84 -60.53 13.27
CA LEU D 73 -8.71 -61.04 14.63
C LEU D 73 -9.51 -62.32 14.83
N ARG D 74 -10.79 -62.30 14.43
CA ARG D 74 -11.62 -63.49 14.57
C ARG D 74 -11.13 -64.73 13.79
N PRO D 75 -10.68 -64.65 12.55
CA PRO D 75 -10.08 -65.84 11.93
C PRO D 75 -8.71 -66.22 12.47
N ARG D 76 -8.07 -65.35 13.27
CA ARG D 76 -6.88 -65.71 14.01
C ARG D 76 -7.19 -66.02 15.48
N LYS D 77 -8.42 -66.40 15.78
CA LYS D 77 -8.90 -66.88 17.08
C LYS D 77 -8.78 -65.83 18.17
N ILE D 78 -8.77 -64.55 17.83
CA ILE D 78 -8.67 -63.47 18.81
C ILE D 78 -10.06 -62.86 18.95
N ASN D 79 -10.68 -63.06 20.10
CA ASN D 79 -12.04 -62.61 20.36
C ASN D 79 -12.13 -61.93 21.71
N ASP D 80 -11.10 -61.16 22.06
CA ASP D 80 -11.11 -60.34 23.27
C ASP D 80 -10.88 -58.88 22.95
N TYR D 81 -11.10 -58.48 21.70
CA TYR D 81 -10.85 -57.11 21.29
C TYR D 81 -11.91 -56.18 21.86
N LYS D 82 -11.54 -54.91 21.96
CA LYS D 82 -12.42 -53.88 22.48
C LYS D 82 -12.23 -52.64 21.63
N ILE D 83 -13.33 -52.09 21.14
CA ILE D 83 -13.31 -50.92 20.27
C ILE D 83 -13.85 -49.74 21.05
N TYR D 84 -13.11 -48.64 21.04
CA TYR D 84 -13.41 -47.43 21.78
C TYR D 84 -13.49 -46.25 20.84
N ARG D 85 -14.31 -45.28 21.20
CA ARG D 85 -14.33 -43.97 20.57
C ARG D 85 -13.61 -42.97 21.47
N ILE D 86 -12.67 -42.23 20.90
CA ILE D 86 -11.85 -41.27 21.64
C ILE D 86 -12.10 -39.88 21.06
N PHE D 87 -12.48 -38.98 21.91
CA PHE D 87 -12.75 -37.58 21.61
C PHE D 87 -11.48 -36.76 21.74
N PRO D 88 -11.41 -35.57 21.09
CA PRO D 88 -10.18 -34.76 21.14
C PRO D 88 -9.74 -34.34 22.54
N ASP D 89 -10.68 -34.17 23.46
CA ASP D 89 -10.33 -33.83 24.84
C ASP D 89 -9.68 -35.01 25.56
N GLY D 90 -9.79 -36.22 25.01
CA GLY D 90 -9.18 -37.41 25.59
C GLY D 90 -10.16 -38.40 26.16
N GLU D 91 -11.46 -38.13 26.05
CA GLU D 91 -12.46 -39.01 26.66
C GLU D 91 -12.61 -40.29 25.84
N THR D 92 -12.55 -41.43 26.53
CA THR D 92 -12.61 -42.74 25.91
C THR D 92 -13.90 -43.47 26.28
N VAL D 93 -14.63 -43.93 25.26
CA VAL D 93 -15.89 -44.60 25.47
C VAL D 93 -15.84 -45.99 24.84
N LEU D 94 -16.07 -47.03 25.65
CA LEU D 94 -16.10 -48.38 25.13
C LEU D 94 -17.34 -48.57 24.25
N LEU D 95 -17.13 -49.17 23.08
CA LEU D 95 -18.19 -49.22 22.08
C LEU D 95 -18.61 -50.62 21.65
N HIS D 96 -17.71 -51.48 21.20
CA HIS D 96 -18.22 -52.68 20.55
C HIS D 96 -18.67 -53.77 21.53
N PRO D 97 -17.80 -54.35 22.41
CA PRO D 97 -18.34 -55.38 23.32
C PRO D 97 -18.75 -54.75 24.65
N LYS D 98 -19.78 -53.92 24.62
CA LYS D 98 -20.23 -53.11 25.75
C LYS D 98 -20.55 -53.92 27.00
N ASP D 99 -21.53 -54.81 26.91
CA ASP D 99 -21.97 -55.55 28.08
C ASP D 99 -21.15 -56.81 28.27
N GLY D 100 -20.00 -56.90 27.60
CA GLY D 100 -19.09 -58.01 27.72
C GLY D 100 -19.38 -59.16 26.78
N VAL D 101 -20.62 -59.29 26.34
CA VAL D 101 -21.02 -60.30 25.37
C VAL D 101 -21.10 -59.62 24.01
N PHE D 102 -20.67 -60.34 22.98
CA PHE D 102 -20.74 -59.83 21.63
C PHE D 102 -22.21 -59.69 21.22
N PRO D 103 -22.53 -58.73 20.33
CA PRO D 103 -23.93 -58.43 20.04
C PRO D 103 -24.72 -59.56 19.38
N GLU D 104 -24.07 -60.51 18.73
CA GLU D 104 -24.79 -61.57 18.04
C GLU D 104 -25.11 -62.75 18.94
N LYS D 105 -24.80 -62.66 20.23
CA LYS D 105 -25.27 -63.61 21.22
C LYS D 105 -26.31 -62.89 22.08
N VAL D 106 -27.46 -63.55 22.27
CA VAL D 106 -28.52 -62.94 23.07
C VAL D 106 -28.09 -62.89 24.52
N ASN D 107 -28.23 -61.71 25.12
CA ASN D 107 -27.75 -61.46 26.48
C ASN D 107 -28.93 -60.96 27.30
N GLN D 108 -29.21 -61.62 28.41
CA GLN D 108 -30.22 -61.13 29.35
C GLN D 108 -29.79 -59.78 29.91
N GLY D 109 -30.75 -58.87 30.03
CA GLY D 109 -30.51 -57.52 30.47
C GLY D 109 -30.46 -56.51 29.33
N ARG D 110 -30.17 -56.97 28.11
CA ARG D 110 -30.27 -56.12 26.94
C ARG D 110 -31.74 -55.86 26.63
N GLU D 111 -32.07 -54.60 26.40
CA GLU D 111 -33.44 -54.24 26.04
C GLU D 111 -33.53 -54.01 24.54
N ALA D 112 -34.75 -54.07 24.01
CA ALA D 112 -35.02 -53.89 22.59
C ALA D 112 -35.22 -52.41 22.28
N VAL D 113 -34.51 -51.94 21.26
CA VAL D 113 -34.64 -50.59 20.74
C VAL D 113 -35.14 -50.69 19.30
N ASN D 114 -36.14 -49.86 18.96
CA ASN D 114 -36.67 -49.73 17.61
C ASN D 114 -37.25 -51.04 17.09
N THR D 115 -37.97 -51.75 17.94
CA THR D 115 -38.70 -52.94 17.53
C THR D 115 -40.16 -52.56 17.31
N VAL D 116 -40.66 -52.83 16.11
CA VAL D 116 -42.01 -52.45 15.70
C VAL D 116 -42.91 -53.66 15.86
N PRO D 117 -43.97 -53.58 16.66
CA PRO D 117 -44.86 -54.73 16.90
C PRO D 117 -45.93 -54.90 15.82
N ARG D 118 -45.48 -55.09 14.58
CA ARG D 118 -46.31 -55.41 13.43
C ARG D 118 -45.39 -55.86 12.30
N SER D 119 -45.98 -56.10 11.14
CA SER D 119 -45.22 -56.49 9.96
C SER D 119 -44.97 -55.28 9.05
N ILE D 120 -44.34 -55.54 7.91
CA ILE D 120 -44.14 -54.48 6.91
C ILE D 120 -45.45 -54.15 6.24
N GLY D 121 -46.35 -55.11 6.13
CA GLY D 121 -47.61 -54.93 5.44
C GLY D 121 -48.60 -54.14 6.26
N GLN D 122 -48.48 -54.23 7.58
CA GLN D 122 -49.38 -53.55 8.50
C GLN D 122 -48.95 -52.13 8.79
N ASN D 123 -47.89 -51.67 8.15
CA ASN D 123 -47.52 -50.27 8.22
C ASN D 123 -48.62 -49.40 7.63
N PRO D 124 -48.83 -48.20 8.16
CA PRO D 124 -49.90 -47.33 7.64
C PRO D 124 -49.61 -46.80 6.25
N ASN D 125 -50.51 -45.97 5.73
CA ASN D 125 -50.35 -45.37 4.44
C ASN D 125 -49.85 -43.95 4.61
N PRO D 126 -48.98 -43.43 3.72
CA PRO D 126 -48.53 -42.05 3.83
C PRO D 126 -49.64 -41.02 3.73
N ALA D 127 -50.71 -41.36 3.02
CA ALA D 127 -51.84 -40.46 2.85
C ALA D 127 -52.60 -40.25 4.16
N GLN D 128 -52.74 -41.30 4.96
CA GLN D 128 -53.32 -41.14 6.29
C GLN D 128 -52.28 -40.56 7.23
N LEU D 129 -51.00 -40.69 6.85
CA LEU D 129 -49.95 -40.33 7.78
C LEU D 129 -49.32 -39.03 7.32
N LYS D 130 -50.17 -38.11 6.88
CA LYS D 130 -49.78 -36.79 6.42
C LYS D 130 -49.53 -35.90 7.64
N PHE D 131 -49.59 -34.59 7.43
CA PHE D 131 -48.84 -33.55 8.15
C PHE D 131 -48.87 -33.74 9.67
N SER D 132 -47.73 -34.19 10.19
CA SER D 132 -47.52 -34.66 11.55
C SER D 132 -46.08 -35.12 11.67
N GLY D 133 -45.63 -35.43 12.88
CA GLY D 133 -44.31 -36.04 13.02
C GLY D 133 -44.34 -37.52 12.74
N LYS D 134 -45.53 -38.08 12.56
CA LYS D 134 -45.70 -39.52 12.40
C LYS D 134 -45.15 -40.00 11.06
N LYS D 135 -44.39 -41.08 11.11
CA LYS D 135 -43.79 -41.76 9.97
C LYS D 135 -44.37 -43.17 9.89
N PRO D 136 -44.28 -43.84 8.73
CA PRO D 136 -44.91 -45.16 8.61
C PRO D 136 -44.30 -46.26 9.47
N TYR D 137 -43.16 -46.03 10.11
CA TYR D 137 -42.48 -47.07 10.89
C TYR D 137 -42.52 -46.81 12.40
N ASP D 138 -43.26 -45.81 12.85
CA ASP D 138 -43.37 -45.57 14.28
C ASP D 138 -44.12 -46.71 14.97
N PRO D 139 -43.70 -47.13 16.18
CA PRO D 139 -44.27 -48.25 16.92
C PRO D 139 -45.74 -48.05 17.29
N VAL E 2 -54.01 -75.23 10.75
CA VAL E 2 -53.65 -76.13 9.66
C VAL E 2 -52.86 -77.32 10.21
N GLN E 3 -52.30 -78.11 9.30
CA GLN E 3 -51.56 -79.32 9.64
C GLN E 3 -50.48 -79.51 8.60
N ARG E 4 -49.47 -80.32 8.95
CA ARG E 4 -48.34 -80.53 8.06
C ARG E 4 -48.78 -81.24 6.78
N GLY E 5 -48.28 -80.74 5.65
CA GLY E 5 -48.60 -81.29 4.35
C GLY E 5 -49.85 -80.72 3.72
N SER E 6 -50.56 -79.82 4.42
CA SER E 6 -51.77 -79.22 3.88
C SER E 6 -51.36 -78.10 2.93
N LYS E 7 -51.83 -78.20 1.69
CA LYS E 7 -51.67 -77.10 0.74
C LYS E 7 -52.50 -75.91 1.20
N VAL E 8 -51.87 -74.74 1.24
CA VAL E 8 -52.50 -73.53 1.76
C VAL E 8 -52.20 -72.36 0.84
N ARG E 9 -53.13 -71.42 0.81
CA ARG E 9 -52.96 -70.17 0.08
C ARG E 9 -52.56 -69.05 1.04
N ILE E 10 -51.71 -68.16 0.55
CA ILE E 10 -51.16 -67.08 1.37
C ILE E 10 -52.01 -65.83 1.20
N LEU E 11 -52.40 -65.24 2.33
CA LEU E 11 -53.10 -63.96 2.30
C LEU E 11 -52.25 -62.84 2.87
N ARG E 12 -50.93 -62.96 2.79
CA ARG E 12 -50.01 -61.91 3.22
C ARG E 12 -49.58 -61.05 2.04
N PRO E 13 -50.00 -59.79 1.96
CA PRO E 13 -49.71 -58.98 0.76
C PRO E 13 -48.23 -58.72 0.51
N GLU E 14 -47.44 -58.55 1.57
CA GLU E 14 -46.00 -58.27 1.45
C GLU E 14 -45.22 -59.49 1.01
N SER E 15 -45.85 -60.65 1.06
CA SER E 15 -45.20 -61.90 0.71
C SER E 15 -45.07 -62.04 -0.80
N TYR E 16 -43.96 -62.68 -1.21
CA TYR E 16 -43.74 -63.02 -2.61
C TYR E 16 -44.76 -64.03 -3.12
N TRP E 17 -45.30 -64.87 -2.24
CA TRP E 17 -46.20 -65.94 -2.64
C TRP E 17 -47.66 -65.63 -2.34
N TYR E 18 -48.04 -64.36 -2.34
CA TYR E 18 -49.43 -63.94 -2.18
C TYR E 18 -50.30 -64.59 -3.25
N ASN E 19 -51.47 -65.09 -2.84
CA ASN E 19 -52.46 -65.77 -3.68
C ASN E 19 -51.91 -67.02 -4.36
N GLU E 20 -50.86 -67.61 -3.77
CA GLU E 20 -50.24 -68.82 -4.29
C GLU E 20 -50.25 -69.91 -3.21
N ILE E 21 -50.10 -71.16 -3.64
CA ILE E 21 -50.21 -72.31 -2.75
C ILE E 21 -48.82 -72.76 -2.31
N GLY E 22 -48.77 -73.30 -1.10
CA GLY E 22 -47.57 -73.91 -0.58
C GLY E 22 -47.94 -74.98 0.43
N THR E 23 -47.06 -75.97 0.57
CA THR E 23 -47.33 -77.03 1.52
C THR E 23 -46.91 -76.61 2.92
N VAL E 24 -47.74 -76.92 3.92
CA VAL E 24 -47.37 -76.64 5.29
C VAL E 24 -46.39 -77.72 5.77
N ALA E 25 -45.23 -77.27 6.23
CA ALA E 25 -44.20 -78.17 6.74
C ALA E 25 -44.22 -78.32 8.26
N SER E 26 -44.75 -77.34 8.99
CA SER E 26 -44.88 -77.41 10.44
C SER E 26 -45.86 -76.35 10.94
N VAL E 27 -46.59 -76.64 12.01
CA VAL E 27 -47.33 -75.64 12.76
C VAL E 27 -46.78 -75.62 14.18
N ASP E 28 -46.26 -74.48 14.61
CA ASP E 28 -45.62 -74.36 15.91
C ASP E 28 -46.68 -74.40 17.01
N GLN E 29 -46.55 -75.36 17.92
CA GLN E 29 -47.56 -75.56 18.95
C GLN E 29 -47.54 -74.43 19.97
N SER E 30 -46.39 -73.80 20.16
CA SER E 30 -46.25 -72.71 21.13
C SER E 30 -46.99 -71.46 20.65
N GLY E 31 -47.26 -70.54 21.56
CA GLY E 31 -48.02 -69.34 21.24
C GLY E 31 -47.18 -68.21 20.67
N ILE E 32 -46.76 -68.34 19.42
CA ILE E 32 -45.98 -67.30 18.74
C ILE E 32 -46.86 -66.66 17.68
N LYS E 33 -46.44 -65.48 17.20
CA LYS E 33 -47.28 -64.72 16.29
C LYS E 33 -47.40 -65.38 14.93
N TYR E 34 -46.34 -66.07 14.48
CA TYR E 34 -46.32 -66.71 13.17
C TYR E 34 -45.85 -68.15 13.32
N PRO E 35 -46.77 -69.09 13.53
CA PRO E 35 -46.36 -70.47 13.82
C PRO E 35 -46.20 -71.36 12.60
N VAL E 36 -46.79 -71.00 11.47
CA VAL E 36 -46.89 -71.92 10.34
C VAL E 36 -45.69 -71.77 9.44
N ILE E 37 -45.03 -72.89 9.14
CA ILE E 37 -43.93 -72.94 8.18
C ILE E 37 -44.57 -73.39 6.88
N VAL E 38 -44.44 -72.59 5.82
CA VAL E 38 -44.93 -72.98 4.50
C VAL E 38 -43.75 -73.05 3.54
N ARG E 39 -43.63 -74.18 2.83
CA ARG E 39 -42.53 -74.45 1.91
C ARG E 39 -43.09 -74.42 0.49
N PHE E 40 -42.65 -73.45 -0.30
CA PHE E 40 -43.12 -73.27 -1.66
C PHE E 40 -42.12 -73.90 -2.63
N ASP E 41 -42.46 -73.86 -3.93
CA ASP E 41 -41.51 -74.26 -4.95
C ASP E 41 -40.96 -73.08 -5.74
N LYS E 42 -41.68 -71.97 -5.81
CA LYS E 42 -41.13 -70.75 -6.37
C LYS E 42 -40.27 -70.07 -5.31
N VAL E 43 -38.96 -70.00 -5.56
CA VAL E 43 -38.04 -69.39 -4.63
C VAL E 43 -38.25 -67.87 -4.58
N ASN E 44 -37.63 -67.25 -3.60
CA ASN E 44 -37.76 -65.82 -3.33
C ASN E 44 -36.86 -64.95 -4.20
N TYR E 45 -36.92 -63.64 -3.94
CA TYR E 45 -35.93 -62.70 -4.44
C TYR E 45 -34.69 -62.62 -3.58
N THR E 46 -34.82 -63.02 -2.31
CA THR E 46 -33.80 -62.90 -1.25
C THR E 46 -32.44 -63.46 -1.68
N GLY E 47 -31.40 -62.68 -1.48
CA GLY E 47 -30.05 -63.07 -1.81
C GLY E 47 -29.34 -61.83 -2.32
N PHE E 48 -28.02 -61.93 -2.45
CA PHE E 48 -27.25 -60.85 -3.03
C PHE E 48 -27.52 -60.76 -4.52
N SER E 49 -27.17 -59.62 -5.11
CA SER E 49 -27.29 -59.45 -6.54
C SER E 49 -26.36 -60.40 -7.27
N GLY E 50 -26.90 -61.11 -8.25
CA GLY E 50 -26.16 -62.11 -8.99
C GLY E 50 -26.24 -63.51 -8.43
N SER E 51 -26.81 -63.69 -7.25
CA SER E 51 -26.90 -65.01 -6.64
C SER E 51 -28.10 -65.76 -7.21
N ALA E 52 -27.84 -66.97 -7.70
CA ALA E 52 -28.87 -67.77 -8.38
C ALA E 52 -29.64 -68.57 -7.34
N GLY E 53 -30.57 -67.90 -6.66
CA GLY E 53 -31.42 -68.61 -5.74
C GLY E 53 -32.16 -67.67 -4.81
N GLY E 54 -33.05 -68.27 -4.05
CA GLY E 54 -33.81 -67.59 -3.03
C GLY E 54 -34.30 -68.59 -2.01
N VAL E 55 -35.15 -68.12 -1.11
CA VAL E 55 -35.73 -69.01 -0.10
C VAL E 55 -37.08 -69.49 -0.62
N ASN E 56 -37.43 -70.72 -0.26
CA ASN E 56 -38.72 -71.31 -0.60
C ASN E 56 -39.54 -71.60 0.64
N THR E 57 -39.06 -71.17 1.80
CA THR E 57 -39.65 -71.48 3.09
C THR E 57 -39.91 -70.16 3.81
N ASN E 58 -41.11 -69.99 4.33
CA ASN E 58 -41.45 -68.77 5.04
C ASN E 58 -42.42 -69.07 6.17
N ASN E 59 -42.66 -68.06 7.00
CA ASN E 59 -43.47 -68.19 8.21
C ASN E 59 -44.69 -67.29 8.14
N PHE E 60 -45.84 -67.84 8.50
CA PHE E 60 -47.11 -67.13 8.45
C PHE E 60 -47.98 -67.50 9.64
N ALA E 61 -48.87 -66.58 9.99
CA ALA E 61 -49.88 -66.84 11.01
C ALA E 61 -51.02 -67.69 10.44
N LEU E 62 -51.89 -68.15 11.33
CA LEU E 62 -53.04 -68.94 10.90
C LEU E 62 -54.11 -68.07 10.27
N SER E 63 -54.14 -66.77 10.60
CA SER E 63 -55.04 -65.82 9.97
C SER E 63 -54.49 -65.29 8.65
N GLU E 64 -53.27 -65.66 8.30
CA GLU E 64 -52.64 -65.28 7.05
C GLU E 64 -52.39 -66.48 6.15
N VAL E 65 -53.13 -67.57 6.38
CA VAL E 65 -53.00 -68.84 5.69
C VAL E 65 -54.40 -69.45 5.59
N GLU E 66 -54.78 -69.89 4.40
CA GLU E 66 -56.12 -70.49 4.18
C GLU E 66 -55.93 -71.89 3.60
N GLU E 67 -56.40 -72.90 4.34
CA GLU E 67 -56.29 -74.30 3.94
C GLU E 67 -57.24 -74.63 2.81
N VAL E 68 -56.70 -74.88 1.61
CA VAL E 68 -57.54 -75.27 0.48
C VAL E 68 -57.79 -76.77 0.49
N SER E 69 -56.75 -77.56 0.77
CA SER E 69 -56.86 -79.01 0.81
C SER E 69 -56.82 -79.46 2.26
N ALA E 70 -56.78 -80.77 2.47
CA ALA E 70 -56.68 -81.31 3.82
C ALA E 70 -55.26 -81.78 4.11
N ASP F 24 -55.46 -49.17 -57.51
CA ASP F 24 -56.13 -47.94 -57.94
C ASP F 24 -56.35 -47.01 -56.76
N VAL F 25 -56.39 -47.59 -55.56
CA VAL F 25 -56.75 -46.85 -54.35
C VAL F 25 -55.67 -45.84 -53.98
N ALA F 26 -56.09 -44.66 -53.51
CA ALA F 26 -55.22 -43.61 -52.97
C ALA F 26 -54.21 -43.11 -54.00
N GLY F 27 -54.71 -42.92 -55.23
CA GLY F 27 -53.87 -42.39 -56.30
C GLY F 27 -52.79 -43.33 -56.79
N LEU F 28 -52.89 -44.61 -56.46
CA LEU F 28 -51.87 -45.58 -56.83
C LEU F 28 -52.22 -46.19 -58.19
N VAL F 29 -51.18 -46.51 -58.96
CA VAL F 29 -51.38 -47.13 -60.27
C VAL F 29 -50.67 -48.47 -60.28
N PRO F 30 -51.14 -49.40 -61.12
CA PRO F 30 -50.39 -50.63 -61.35
C PRO F 30 -49.01 -50.33 -61.94
N CYS F 31 -48.07 -51.22 -61.68
CA CYS F 31 -46.69 -50.99 -62.12
C CYS F 31 -46.55 -51.05 -63.64
N LYS F 32 -47.53 -51.63 -64.35
CA LYS F 32 -47.51 -51.73 -65.80
C LYS F 32 -47.53 -50.37 -66.48
N ASP F 33 -48.49 -49.52 -66.12
CA ASP F 33 -48.55 -48.15 -66.66
C ASP F 33 -47.85 -47.21 -65.69
N SER F 34 -46.63 -47.58 -65.31
CA SER F 34 -45.77 -46.72 -64.50
C SER F 34 -44.42 -46.59 -65.16
N PRO F 35 -44.11 -45.40 -65.70
CA PRO F 35 -42.83 -45.19 -66.41
C PRO F 35 -41.58 -45.37 -65.58
N ALA F 36 -41.62 -44.94 -64.31
CA ALA F 36 -40.49 -45.10 -63.40
C ALA F 36 -40.20 -46.57 -63.14
N PHE F 37 -41.26 -47.37 -63.03
CA PHE F 37 -41.12 -48.81 -62.81
C PHE F 37 -40.39 -49.48 -63.97
N GLN F 38 -40.80 -49.21 -65.21
CA GLN F 38 -40.15 -49.80 -66.37
C GLN F 38 -38.73 -49.27 -66.54
N LYS F 39 -38.49 -48.02 -66.19
CA LYS F 39 -37.15 -47.46 -66.26
C LYS F 39 -36.19 -48.18 -65.31
N ARG F 40 -36.62 -48.48 -64.09
CA ARG F 40 -35.73 -49.19 -63.17
C ARG F 40 -35.77 -50.69 -63.42
N ALA F 41 -36.78 -51.18 -64.14
CA ALA F 41 -36.80 -52.58 -64.57
C ALA F 41 -35.84 -52.82 -65.71
N ALA F 42 -35.58 -51.78 -66.51
CA ALA F 42 -34.55 -51.82 -67.54
C ALA F 42 -33.15 -51.93 -66.97
N ALA F 43 -32.96 -51.70 -65.67
CA ALA F 43 -31.66 -51.83 -65.03
C ALA F 43 -31.74 -52.79 -63.85
N ALA F 44 -32.32 -53.98 -64.09
CA ALA F 44 -32.53 -54.95 -63.02
C ALA F 44 -31.21 -55.55 -62.56
N VAL F 45 -30.98 -55.51 -61.24
CA VAL F 45 -29.84 -56.15 -60.59
C VAL F 45 -30.19 -57.63 -60.43
N ASN F 46 -29.22 -58.46 -60.09
CA ASN F 46 -29.42 -59.90 -59.94
C ASN F 46 -29.21 -60.27 -58.47
N THR F 47 -30.31 -60.57 -57.77
CA THR F 47 -30.25 -60.94 -56.36
C THR F 47 -29.68 -62.34 -56.15
N THR F 48 -30.12 -63.30 -56.95
CA THR F 48 -29.69 -64.68 -56.79
C THR F 48 -28.79 -65.09 -57.95
N ALA F 49 -28.40 -66.37 -57.97
CA ALA F 49 -27.50 -66.92 -58.97
C ALA F 49 -28.21 -67.24 -60.29
N ASP F 50 -29.46 -66.81 -60.45
CA ASP F 50 -30.15 -66.97 -61.72
C ASP F 50 -29.49 -66.09 -62.78
N PRO F 51 -29.33 -66.58 -64.01
CA PRO F 51 -28.95 -65.68 -65.11
C PRO F 51 -29.95 -64.57 -65.35
N ALA F 52 -31.25 -64.85 -65.20
CA ALA F 52 -32.27 -63.83 -65.37
C ALA F 52 -32.44 -63.01 -64.09
N SER F 53 -32.84 -63.66 -62.99
CA SER F 53 -33.06 -63.07 -61.67
C SER F 53 -33.96 -61.85 -61.71
N GLY F 54 -33.39 -60.67 -61.94
CA GLY F 54 -34.10 -59.41 -61.88
C GLY F 54 -35.26 -59.25 -62.84
N GLN F 55 -35.16 -59.90 -64.00
CA GLN F 55 -36.24 -59.89 -64.99
C GLN F 55 -37.49 -60.55 -64.42
N LYS F 56 -37.32 -61.72 -63.78
CA LYS F 56 -38.47 -62.41 -63.22
C LYS F 56 -39.02 -61.68 -62.00
N ARG F 57 -38.14 -61.09 -61.19
CA ARG F 57 -38.53 -60.22 -60.08
C ARG F 57 -39.42 -59.10 -60.56
N PHE F 58 -39.02 -58.47 -61.67
CA PHE F 58 -39.73 -57.29 -62.14
C PHE F 58 -41.03 -57.66 -62.85
N GLU F 59 -41.06 -58.77 -63.58
CA GLU F 59 -42.29 -59.22 -64.20
C GLU F 59 -43.29 -59.70 -63.15
N ARG F 60 -42.80 -60.16 -61.99
CA ARG F 60 -43.70 -60.47 -60.89
C ARG F 60 -44.18 -59.20 -60.20
N TYR F 61 -43.28 -58.21 -60.04
CA TYR F 61 -43.63 -56.98 -59.35
C TYR F 61 -44.54 -56.09 -60.20
N SER F 62 -44.62 -56.36 -61.50
CA SER F 62 -45.46 -55.59 -62.40
C SER F 62 -46.95 -55.61 -62.02
N GLN F 63 -47.42 -56.71 -61.44
CA GLN F 63 -48.84 -56.82 -61.09
C GLN F 63 -49.19 -55.97 -59.86
N ALA F 64 -48.19 -55.49 -59.14
CA ALA F 64 -48.41 -54.71 -57.94
C ALA F 64 -48.86 -53.29 -58.29
N LEU F 65 -49.25 -52.56 -57.26
CA LEU F 65 -49.61 -51.15 -57.42
C LEU F 65 -48.37 -50.30 -57.12
N CYS F 66 -47.76 -49.75 -58.16
CA CYS F 66 -46.58 -48.92 -57.99
C CYS F 66 -46.98 -47.47 -57.77
N GLY F 67 -46.00 -46.56 -57.79
CA GLY F 67 -46.30 -45.16 -57.55
C GLY F 67 -45.39 -44.21 -58.30
N GLU F 68 -45.19 -43.02 -57.72
CA GLU F 68 -44.36 -41.97 -58.28
C GLU F 68 -42.90 -42.43 -58.39
N ASP F 69 -42.42 -43.14 -57.37
CA ASP F 69 -41.06 -43.64 -57.37
C ASP F 69 -40.90 -44.89 -58.23
N GLY F 70 -42.01 -45.43 -58.71
CA GLY F 70 -41.98 -46.68 -59.45
C GLY F 70 -41.60 -47.87 -58.60
N LEU F 71 -42.11 -47.93 -57.38
CA LEU F 71 -41.79 -48.99 -56.44
C LEU F 71 -43.08 -49.67 -55.99
N PRO F 72 -43.08 -50.99 -55.78
CA PRO F 72 -44.34 -51.70 -55.51
C PRO F 72 -44.89 -51.43 -54.12
N HIS F 73 -45.66 -50.35 -53.99
CA HIS F 73 -46.31 -50.02 -52.74
C HIS F 73 -47.34 -51.07 -52.37
N LEU F 74 -47.53 -51.25 -51.07
CA LEU F 74 -48.47 -52.22 -50.52
C LEU F 74 -49.61 -51.53 -49.82
N VAL F 75 -50.80 -52.10 -49.99
CA VAL F 75 -52.00 -51.63 -49.34
C VAL F 75 -52.48 -52.72 -48.38
N VAL F 76 -52.76 -52.33 -47.14
CA VAL F 76 -53.19 -53.31 -46.15
C VAL F 76 -54.61 -52.97 -45.73
N ASP F 77 -55.58 -53.50 -46.49
CA ASP F 77 -56.93 -52.96 -46.46
C ASP F 77 -58.00 -54.03 -46.55
N GLY F 78 -57.63 -55.31 -46.54
CA GLY F 78 -58.58 -56.36 -46.83
C GLY F 78 -58.67 -56.61 -48.33
N ARG F 79 -59.42 -55.75 -49.06
CA ARG F 79 -59.32 -55.50 -50.50
C ARG F 79 -59.01 -56.72 -51.36
N LEU F 80 -59.90 -57.71 -51.34
CA LEU F 80 -59.60 -59.10 -51.68
C LEU F 80 -58.92 -59.33 -53.03
N SER F 81 -59.03 -58.37 -53.94
CA SER F 81 -58.21 -58.39 -55.15
C SER F 81 -56.73 -58.24 -54.79
N ARG F 82 -56.39 -57.19 -54.05
CA ARG F 82 -55.01 -57.01 -53.57
C ARG F 82 -54.88 -57.55 -52.14
N ALA F 83 -55.32 -58.79 -51.97
CA ALA F 83 -55.22 -59.48 -50.69
C ALA F 83 -53.89 -60.18 -50.49
N GLY F 84 -53.16 -60.44 -51.58
CA GLY F 84 -51.91 -61.17 -51.48
C GLY F 84 -50.77 -60.32 -50.94
N ASP F 85 -51.01 -59.04 -50.77
CA ASP F 85 -50.02 -58.12 -50.24
C ASP F 85 -49.97 -58.12 -48.72
N PHE F 86 -51.09 -58.36 -48.04
CA PHE F 86 -51.06 -58.57 -46.60
C PHE F 86 -51.65 -59.92 -46.21
N LEU F 87 -52.84 -60.22 -46.73
CA LEU F 87 -53.80 -61.05 -46.00
C LEU F 87 -53.42 -62.53 -46.00
N ILE F 88 -53.04 -63.05 -47.16
CA ILE F 88 -52.52 -64.40 -47.27
C ILE F 88 -51.22 -64.54 -46.45
N PRO F 89 -50.22 -63.62 -46.56
CA PRO F 89 -49.12 -63.68 -45.59
C PRO F 89 -49.52 -63.50 -44.14
N SER F 90 -50.55 -62.69 -43.86
CA SER F 90 -51.03 -62.52 -42.49
C SER F 90 -51.53 -63.84 -41.92
N ALA F 91 -52.34 -64.56 -42.70
CA ALA F 91 -52.85 -65.86 -42.29
C ALA F 91 -51.71 -66.86 -42.10
N LEU F 92 -50.76 -66.85 -43.03
CA LEU F 92 -49.59 -67.73 -42.96
C LEU F 92 -48.80 -67.50 -41.68
N PHE F 93 -48.48 -66.23 -41.40
CA PHE F 93 -47.73 -65.90 -40.19
C PHE F 93 -48.49 -66.27 -38.94
N LEU F 94 -49.79 -65.94 -38.88
CA LEU F 94 -50.55 -66.18 -37.67
C LEU F 94 -50.65 -67.67 -37.40
N PHE F 95 -50.86 -68.48 -38.45
CA PHE F 95 -50.93 -69.92 -38.27
C PHE F 95 -49.60 -70.48 -37.77
N ILE F 96 -48.48 -70.07 -38.38
CA ILE F 96 -47.18 -70.59 -37.98
C ILE F 96 -46.84 -70.17 -36.55
N THR F 97 -47.05 -68.88 -36.23
CA THR F 97 -46.65 -68.37 -34.93
C THR F 97 -47.56 -68.88 -33.82
N GLY F 98 -48.85 -69.09 -34.12
CA GLY F 98 -49.73 -69.71 -33.16
C GLY F 98 -49.42 -71.17 -32.95
N TRP F 99 -48.99 -71.88 -34.01
CA TRP F 99 -48.44 -73.23 -33.88
C TRP F 99 -47.30 -73.22 -32.88
N ILE F 100 -46.34 -72.32 -33.07
CA ILE F 100 -45.17 -72.18 -32.20
C ILE F 100 -45.59 -71.95 -30.75
N GLY F 101 -46.51 -71.00 -30.56
CA GLY F 101 -46.95 -70.65 -29.22
C GLY F 101 -47.71 -71.78 -28.53
N TRP F 102 -48.57 -72.47 -29.27
CA TRP F 102 -49.34 -73.57 -28.70
C TRP F 102 -48.45 -74.74 -28.35
N VAL F 103 -47.45 -75.02 -29.20
CA VAL F 103 -46.47 -76.08 -28.94
C VAL F 103 -45.70 -75.77 -27.65
N GLY F 104 -45.25 -74.53 -27.52
CA GLY F 104 -44.57 -74.11 -26.31
C GLY F 104 -45.41 -74.16 -25.05
N ARG F 105 -46.66 -73.70 -25.15
CA ARG F 105 -47.61 -73.76 -24.04
C ARG F 105 -47.90 -75.19 -23.61
N ALA F 106 -48.11 -76.07 -24.58
CA ALA F 106 -48.39 -77.48 -24.31
C ALA F 106 -47.20 -78.12 -23.62
N TYR F 107 -45.99 -77.82 -24.07
CA TYR F 107 -44.79 -78.34 -23.43
C TYR F 107 -44.64 -77.84 -22.00
N LEU F 108 -44.87 -76.54 -21.78
CA LEU F 108 -44.73 -75.97 -20.45
C LEU F 108 -45.76 -76.54 -19.48
N ILE F 109 -46.98 -76.76 -19.98
CA ILE F 109 -48.05 -77.34 -19.18
C ILE F 109 -47.70 -78.80 -18.87
N ALA F 110 -47.12 -79.51 -19.84
CA ALA F 110 -46.84 -80.93 -19.69
C ALA F 110 -45.56 -81.24 -18.91
N VAL F 111 -44.65 -80.27 -18.72
CA VAL F 111 -43.49 -80.50 -17.87
C VAL F 111 -43.67 -79.99 -16.46
N ARG F 112 -44.68 -79.14 -16.21
CA ARG F 112 -45.02 -78.74 -14.86
C ARG F 112 -45.55 -79.91 -14.03
N ASN F 113 -46.10 -80.94 -14.67
CA ASN F 113 -46.54 -82.16 -14.01
C ASN F 113 -45.40 -82.89 -13.33
N SER F 114 -44.31 -83.11 -14.06
CA SER F 114 -43.11 -83.71 -13.47
C SER F 114 -42.43 -82.72 -12.54
N GLY F 115 -41.83 -83.24 -11.48
CA GLY F 115 -41.14 -82.40 -10.52
C GLY F 115 -39.77 -81.96 -11.00
N GLU F 116 -39.32 -82.51 -12.12
CA GLU F 116 -38.06 -82.17 -12.75
C GLU F 116 -38.22 -81.09 -13.82
N ALA F 117 -39.20 -80.20 -13.67
CA ALA F 117 -39.55 -79.19 -14.66
C ALA F 117 -38.40 -78.24 -14.96
N ASN F 118 -37.71 -77.77 -13.92
CA ASN F 118 -36.57 -76.87 -14.06
C ASN F 118 -35.43 -77.52 -14.82
N GLU F 119 -35.25 -78.84 -14.61
CA GLU F 119 -34.29 -79.58 -15.43
C GLU F 119 -34.77 -79.67 -16.88
N LYS F 120 -36.09 -79.77 -17.06
CA LYS F 120 -36.65 -79.92 -18.40
C LYS F 120 -36.57 -78.63 -19.21
N GLU F 121 -36.56 -77.47 -18.55
CA GLU F 121 -36.53 -76.23 -19.32
C GLU F 121 -35.14 -75.93 -19.90
N ILE F 122 -34.08 -76.54 -19.34
CA ILE F 122 -32.74 -76.37 -19.90
C ILE F 122 -32.34 -77.62 -20.68
N ILE F 123 -32.89 -78.77 -20.30
CA ILE F 123 -32.65 -80.03 -20.98
C ILE F 123 -34.01 -80.49 -21.49
N ILE F 124 -34.30 -80.17 -22.75
CA ILE F 124 -35.62 -80.43 -23.32
C ILE F 124 -35.85 -81.94 -23.44
N ASP F 125 -37.01 -82.38 -22.96
CA ASP F 125 -37.42 -83.78 -23.15
C ASP F 125 -37.91 -83.94 -24.59
N VAL F 126 -36.97 -84.35 -25.44
CA VAL F 126 -37.12 -84.35 -26.89
C VAL F 126 -38.29 -85.21 -27.40
N PRO F 127 -38.54 -86.47 -26.92
CA PRO F 127 -39.76 -87.17 -27.38
C PRO F 127 -41.04 -86.43 -27.05
N LEU F 128 -41.12 -85.87 -25.83
CA LEU F 128 -42.26 -85.03 -25.48
C LEU F 128 -42.28 -83.76 -26.30
N ALA F 129 -41.11 -83.23 -26.65
CA ALA F 129 -40.99 -82.04 -27.49
C ALA F 129 -41.60 -82.28 -28.86
N ILE F 130 -41.24 -83.39 -29.51
CA ILE F 130 -41.84 -83.77 -30.80
C ILE F 130 -43.32 -84.10 -30.65
N LYS F 131 -43.72 -84.75 -29.56
CA LYS F 131 -45.13 -85.04 -29.35
C LYS F 131 -45.99 -83.78 -29.28
N CYS F 132 -45.54 -82.80 -28.51
CA CYS F 132 -46.24 -81.52 -28.46
C CYS F 132 -46.00 -80.66 -29.69
N MET F 133 -44.93 -80.94 -30.45
CA MET F 133 -44.67 -80.26 -31.72
C MET F 133 -45.68 -80.65 -32.79
N LEU F 134 -45.96 -81.96 -32.90
CA LEU F 134 -46.73 -82.48 -34.01
C LEU F 134 -48.22 -82.22 -33.88
N THR F 135 -48.69 -81.81 -32.71
CA THR F 135 -50.10 -81.52 -32.52
C THR F 135 -50.42 -80.05 -32.73
N GLY F 136 -49.44 -79.22 -33.06
CA GLY F 136 -49.69 -77.81 -33.32
C GLY F 136 -50.40 -77.55 -34.63
N PHE F 137 -50.49 -78.55 -35.51
CA PHE F 137 -51.26 -78.47 -36.74
C PHE F 137 -52.74 -78.19 -36.51
N ALA F 138 -53.28 -78.57 -35.35
CA ALA F 138 -54.61 -78.17 -34.93
C ALA F 138 -54.57 -77.15 -33.81
N TRP F 139 -53.60 -76.22 -33.85
CA TRP F 139 -53.43 -75.21 -32.80
C TRP F 139 -54.64 -74.29 -32.56
N PRO F 140 -55.33 -73.72 -33.56
CA PRO F 140 -56.38 -72.75 -33.20
C PRO F 140 -57.62 -73.40 -32.61
N LEU F 141 -58.09 -74.50 -33.23
CA LEU F 141 -59.34 -75.15 -32.85
C LEU F 141 -59.31 -75.57 -31.38
N ALA F 142 -58.22 -76.20 -30.97
CA ALA F 142 -58.05 -76.63 -29.58
C ALA F 142 -58.14 -75.45 -28.63
N ALA F 143 -57.52 -74.32 -28.99
CA ALA F 143 -57.56 -73.14 -28.14
C ALA F 143 -59.00 -72.65 -27.97
N LEU F 144 -59.80 -72.78 -29.03
CA LEU F 144 -61.23 -72.46 -28.97
C LEU F 144 -61.92 -73.29 -27.89
N LYS F 145 -61.62 -74.59 -27.85
CA LYS F 145 -62.16 -75.46 -26.81
C LYS F 145 -61.67 -75.01 -25.44
N GLU F 146 -60.40 -74.63 -25.35
CA GLU F 146 -59.87 -74.06 -24.11
C GLU F 146 -60.61 -72.77 -23.75
N LEU F 147 -60.88 -71.93 -24.77
CA LEU F 147 -61.66 -70.73 -24.56
C LEU F 147 -63.08 -71.10 -24.17
N ALA F 148 -63.55 -72.23 -24.69
CA ALA F 148 -64.84 -72.77 -24.25
C ALA F 148 -64.73 -73.32 -22.84
N SER F 149 -63.64 -74.02 -22.54
CA SER F 149 -63.56 -74.78 -21.30
C SER F 149 -63.32 -73.89 -20.09
N GLY F 150 -62.20 -73.19 -20.09
CA GLY F 150 -61.76 -72.48 -18.90
C GLY F 150 -60.40 -72.99 -18.48
N GLU F 151 -59.89 -73.98 -19.20
CA GLU F 151 -58.53 -74.48 -19.03
C GLU F 151 -57.52 -73.69 -19.84
N LEU F 152 -57.87 -72.46 -20.22
CA LEU F 152 -57.02 -71.55 -20.97
C LEU F 152 -56.47 -70.42 -20.12
N THR F 153 -57.34 -69.73 -19.39
CA THR F 153 -56.94 -68.62 -18.54
C THR F 153 -57.06 -69.00 -17.07
N ALA F 154 -56.01 -68.67 -16.32
CA ALA F 154 -55.99 -68.92 -14.89
C ALA F 154 -56.91 -67.94 -14.18
N LYS F 155 -57.47 -68.38 -13.06
CA LYS F 155 -58.29 -67.50 -12.22
C LYS F 155 -57.40 -66.42 -11.61
N ASP F 156 -57.97 -65.27 -11.28
CA ASP F 156 -57.21 -64.15 -10.74
C ASP F 156 -56.84 -64.33 -9.27
N ASN F 157 -57.41 -65.34 -8.60
CA ASN F 157 -57.09 -65.62 -7.20
C ASN F 157 -56.10 -66.77 -7.07
N GLU F 158 -55.51 -67.22 -8.18
CA GLU F 158 -54.50 -68.28 -8.14
C GLU F 158 -53.16 -67.81 -8.66
N ILE F 159 -52.95 -66.50 -8.77
CA ILE F 159 -51.75 -65.93 -9.39
C ILE F 159 -51.27 -64.75 -8.53
N THR F 160 -49.96 -64.62 -8.40
CA THR F 160 -49.40 -63.66 -7.45
C THR F 160 -49.58 -62.22 -7.94
N VAL F 161 -49.58 -61.30 -6.98
CA VAL F 161 -49.85 -59.89 -7.24
C VAL F 161 -49.23 -59.05 -6.13
N SER F 162 -48.70 -57.90 -6.51
CA SER F 162 -48.05 -56.98 -5.58
C SER F 162 -49.11 -56.13 -4.87
N PRO F 163 -48.76 -55.53 -3.70
CA PRO F 163 -49.71 -54.63 -3.03
C PRO F 163 -49.94 -53.31 -3.78
N ARG F 164 -50.75 -52.45 -3.17
CA ARG F 164 -51.28 -51.27 -3.85
C ARG F 164 -51.72 -50.18 -2.85
N VAL G 16 -79.19 31.30 20.49
CA VAL G 16 -78.95 32.73 20.38
C VAL G 16 -79.60 33.44 21.56
N ASP G 17 -78.79 33.82 22.55
CA ASP G 17 -79.28 34.40 23.79
C ASP G 17 -79.80 35.82 23.57
N ASN G 18 -80.37 36.41 24.61
CA ASN G 18 -80.91 37.75 24.57
C ASN G 18 -80.21 38.65 25.56
N ASP G 19 -79.75 39.81 25.06
CA ASP G 19 -79.03 40.85 25.80
C ASP G 19 -77.88 40.31 26.65
N PRO G 20 -76.82 39.76 26.06
CA PRO G 20 -75.72 39.23 26.89
C PRO G 20 -74.89 40.32 27.55
N VAL G 21 -74.53 41.35 26.79
CA VAL G 21 -73.75 42.48 27.30
C VAL G 21 -74.57 43.75 27.08
N PRO G 22 -74.84 44.53 28.14
CA PRO G 22 -75.64 45.75 27.95
C PRO G 22 -74.86 46.86 27.27
N THR G 23 -75.49 47.53 26.31
CA THR G 23 -74.82 48.62 25.59
C THR G 23 -74.73 49.88 26.44
N SER G 24 -73.53 50.18 26.91
CA SER G 24 -73.31 51.37 27.71
C SER G 24 -71.88 51.85 27.49
N PHE G 25 -71.62 53.06 27.95
CA PHE G 25 -70.31 53.63 27.68
C PHE G 25 -69.41 53.58 28.90
N GLU G 26 -69.82 52.80 29.89
CA GLU G 26 -69.09 52.68 31.15
C GLU G 26 -67.74 52.00 30.98
N LYS G 27 -67.71 50.87 30.26
CA LYS G 27 -66.46 50.14 30.11
C LYS G 27 -65.57 50.74 29.02
N TRP G 28 -66.11 51.65 28.21
CA TRP G 28 -65.26 52.51 27.41
C TRP G 28 -64.39 53.37 28.32
N ALA G 29 -64.99 53.92 29.37
CA ALA G 29 -64.34 54.81 30.33
C ALA G 29 -63.35 54.10 31.23
N LYS G 30 -63.27 52.77 31.16
CA LYS G 30 -62.38 52.00 32.02
C LYS G 30 -61.34 51.29 31.17
N PRO G 31 -60.17 51.89 30.96
CA PRO G 31 -59.12 51.23 30.18
C PRO G 31 -58.50 50.09 30.94
N GLY G 32 -58.43 48.93 30.29
CA GLY G 32 -57.97 47.72 30.92
C GLY G 32 -59.07 46.91 31.60
N HIS G 33 -60.33 47.19 31.25
CA HIS G 33 -61.49 46.50 31.79
C HIS G 33 -61.46 45.00 31.48
N PHE G 34 -60.90 44.65 30.32
CA PHE G 34 -61.03 43.30 29.78
C PHE G 34 -60.06 42.33 30.44
N ASP G 35 -59.04 42.84 31.12
CA ASP G 35 -58.07 42.01 31.80
C ASP G 35 -58.05 42.40 33.28
N ARG G 36 -57.59 41.46 34.11
CA ARG G 36 -57.56 41.63 35.56
C ARG G 36 -56.27 42.24 36.05
N THR G 37 -55.14 41.95 35.40
CA THR G 37 -53.90 42.66 35.74
C THR G 37 -53.93 44.08 35.21
N LEU G 38 -54.69 44.32 34.15
CA LEU G 38 -54.76 45.64 33.54
C LEU G 38 -55.74 46.57 34.24
N ALA G 39 -56.46 46.11 35.26
CA ALA G 39 -57.37 46.99 36.01
C ALA G 39 -56.91 47.02 37.47
N ARG G 40 -55.89 47.84 37.72
CA ARG G 40 -55.53 48.32 39.05
C ARG G 40 -55.03 49.75 38.90
N GLY G 41 -55.14 50.28 37.68
CA GLY G 41 -54.49 51.51 37.32
C GLY G 41 -53.08 51.24 36.81
N PRO G 42 -52.52 52.19 36.05
CA PRO G 42 -51.13 52.03 35.60
C PRO G 42 -50.12 52.53 36.60
N GLN G 43 -49.25 51.63 37.08
CA GLN G 43 -48.19 52.07 37.97
C GLN G 43 -46.90 52.32 37.21
N THR G 44 -46.59 51.49 36.22
CA THR G 44 -45.49 51.71 35.32
C THR G 44 -46.03 51.94 33.91
N THR G 45 -45.14 52.38 33.01
CA THR G 45 -45.57 52.64 31.63
C THR G 45 -45.88 51.35 30.87
N THR G 46 -45.32 50.22 31.33
CA THR G 46 -45.51 48.92 30.70
C THR G 46 -46.99 48.57 30.56
N TRP G 47 -47.79 48.98 31.56
CA TRP G 47 -49.24 48.82 31.56
C TRP G 47 -49.86 49.30 30.26
N ILE G 48 -49.46 50.50 29.80
CA ILE G 48 -50.00 51.09 28.59
C ILE G 48 -49.75 50.16 27.41
N TRP G 49 -48.50 49.69 27.28
CA TRP G 49 -48.16 48.79 26.20
C TRP G 49 -48.94 47.49 26.31
N ASN G 50 -49.09 46.98 27.54
CA ASN G 50 -49.79 45.72 27.75
C ASN G 50 -51.23 45.82 27.31
N LEU G 51 -51.81 47.03 27.45
CA LEU G 51 -53.16 47.29 26.96
C LEU G 51 -53.28 46.91 25.49
N HIS G 52 -52.45 47.53 24.65
CA HIS G 52 -52.52 47.23 23.23
C HIS G 52 -51.93 45.87 22.94
N ALA G 53 -51.11 45.34 23.86
CA ALA G 53 -50.58 44.01 23.64
C ALA G 53 -51.59 42.94 23.98
N LEU G 54 -52.67 43.28 24.70
CA LEU G 54 -53.59 42.25 25.15
C LEU G 54 -55.02 42.44 24.67
N ALA G 55 -55.29 43.48 23.90
CA ALA G 55 -56.66 43.89 23.58
C ALA G 55 -57.44 42.84 22.80
N HIS G 56 -56.81 42.24 21.78
CA HIS G 56 -57.45 41.25 20.94
C HIS G 56 -57.11 39.84 21.35
N ASP G 57 -56.58 39.66 22.56
CA ASP G 57 -56.30 38.33 23.09
C ASP G 57 -57.54 37.90 23.89
N PHE G 58 -58.57 37.47 23.16
CA PHE G 58 -59.83 37.12 23.80
C PHE G 58 -59.70 35.82 24.60
N ASP G 59 -58.74 34.97 24.25
CA ASP G 59 -58.51 33.73 24.97
C ASP G 59 -57.88 33.95 26.34
N THR G 60 -57.43 35.17 26.65
CA THR G 60 -57.02 35.52 28.00
C THR G 60 -57.95 36.51 28.68
N HIS G 61 -58.92 37.08 27.95
CA HIS G 61 -59.97 37.86 28.58
C HIS G 61 -60.82 36.99 29.49
N THR G 62 -61.52 36.03 28.90
CA THR G 62 -62.42 35.16 29.64
C THR G 62 -62.01 33.70 29.44
N SER G 63 -62.61 32.81 30.20
CA SER G 63 -62.24 31.40 30.19
C SER G 63 -63.45 30.59 29.75
N ASP G 64 -64.11 31.04 28.69
CA ASP G 64 -65.27 30.35 28.14
C ASP G 64 -65.19 30.40 26.63
N LEU G 65 -65.27 29.24 25.98
CA LEU G 65 -65.24 29.16 24.52
C LEU G 65 -66.43 29.88 23.91
N GLU G 66 -67.58 29.86 24.60
CA GLU G 66 -68.78 30.56 24.17
C GLU G 66 -68.51 32.06 24.05
N ASP G 67 -68.02 32.67 25.13
CA ASP G 67 -67.81 34.12 25.17
C ASP G 67 -66.72 34.54 24.19
N ILE G 68 -65.65 33.73 24.10
CA ILE G 68 -64.57 33.99 23.15
C ILE G 68 -65.11 33.95 21.72
N SER G 69 -65.99 32.98 21.43
CA SER G 69 -66.55 32.86 20.10
C SER G 69 -67.46 34.03 19.75
N ARG G 70 -68.26 34.50 20.72
CA ARG G 70 -69.10 35.68 20.48
C ARG G 70 -68.24 36.91 20.20
N LYS G 71 -67.16 37.07 20.97
CA LYS G 71 -66.24 38.18 20.76
C LYS G 71 -65.60 38.11 19.38
N ILE G 72 -65.21 36.90 18.95
CA ILE G 72 -64.57 36.70 17.65
C ILE G 72 -65.54 37.02 16.52
N PHE G 73 -66.78 36.56 16.65
CA PHE G 73 -67.82 36.77 15.63
C PHE G 73 -68.10 38.25 15.44
N SER G 74 -68.34 38.97 16.53
CA SER G 74 -68.62 40.38 16.37
C SER G 74 -67.38 41.22 16.10
N ALA G 75 -66.18 40.71 16.35
CA ALA G 75 -64.97 41.38 15.89
C ALA G 75 -64.76 41.20 14.39
N HIS G 76 -65.10 40.03 13.87
CA HIS G 76 -65.11 39.79 12.43
C HIS G 76 -66.06 40.72 11.71
N PHE G 77 -67.23 40.98 12.31
CA PHE G 77 -68.15 41.96 11.73
C PHE G 77 -67.53 43.34 11.65
N GLY G 78 -66.82 43.76 12.70
CA GLY G 78 -66.13 45.04 12.68
C GLY G 78 -65.04 45.11 11.63
N HIS G 79 -64.30 44.01 11.47
CA HIS G 79 -63.26 43.99 10.44
C HIS G 79 -63.87 44.08 9.04
N LEU G 80 -64.97 43.35 8.81
CA LEU G 80 -65.64 43.43 7.51
C LEU G 80 -66.19 44.82 7.26
N ALA G 81 -66.62 45.50 8.32
CA ALA G 81 -67.02 46.91 8.21
C ALA G 81 -65.85 47.77 7.76
N VAL G 82 -64.65 47.52 8.31
CA VAL G 82 -63.44 48.26 7.94
C VAL G 82 -63.10 48.02 6.47
N VAL G 83 -63.17 46.77 6.02
CA VAL G 83 -62.89 46.45 4.63
C VAL G 83 -63.92 47.12 3.71
N PHE G 84 -65.16 47.24 4.16
CA PHE G 84 -66.15 47.91 3.33
C PHE G 84 -65.96 49.42 3.30
N ILE G 85 -65.47 50.03 4.38
CA ILE G 85 -65.01 51.42 4.31
C ILE G 85 -63.89 51.56 3.28
N TRP G 86 -62.97 50.61 3.28
CA TRP G 86 -61.85 50.62 2.33
C TRP G 86 -62.34 50.54 0.89
N LEU G 87 -63.21 49.57 0.59
CA LEU G 87 -63.82 49.40 -0.72
C LEU G 87 -64.56 50.66 -1.17
N SER G 88 -65.39 51.22 -0.28
CA SER G 88 -66.15 52.41 -0.59
C SER G 88 -65.24 53.61 -0.82
N GLY G 89 -64.14 53.67 -0.09
CA GLY G 89 -63.15 54.71 -0.29
C GLY G 89 -62.47 54.63 -1.65
N MET G 90 -62.09 53.42 -2.06
CA MET G 90 -61.51 53.26 -3.39
C MET G 90 -62.49 53.60 -4.50
N TYR G 91 -63.74 53.17 -4.34
CA TYR G 91 -64.74 53.44 -5.36
C TYR G 91 -65.10 54.92 -5.42
N PHE G 92 -65.12 55.59 -4.26
CA PHE G 92 -65.39 57.02 -4.23
C PHE G 92 -64.23 57.81 -4.83
N HIS G 93 -63.00 57.37 -4.58
CA HIS G 93 -61.86 58.10 -5.14
C HIS G 93 -61.70 57.84 -6.63
N GLY G 94 -62.17 56.68 -7.09
CA GLY G 94 -62.27 56.48 -8.51
C GLY G 94 -63.45 57.14 -9.16
N ALA G 95 -64.47 57.50 -8.38
CA ALA G 95 -65.60 58.27 -8.87
C ALA G 95 -65.35 59.76 -8.92
N LYS G 96 -64.72 60.35 -7.92
CA LYS G 96 -64.63 61.80 -7.84
C LYS G 96 -63.19 62.32 -7.79
N PHE G 97 -62.19 61.44 -7.82
CA PHE G 97 -60.82 61.94 -7.79
C PHE G 97 -59.92 61.24 -8.81
N SER G 98 -60.46 60.62 -9.85
CA SER G 98 -59.67 59.85 -10.79
C SER G 98 -59.93 60.33 -12.22
N ASN G 99 -59.33 59.61 -13.17
CA ASN G 99 -59.48 59.87 -14.59
C ASN G 99 -59.96 58.62 -15.31
N TYR G 100 -61.00 57.98 -14.77
CA TYR G 100 -61.35 56.62 -15.17
C TYR G 100 -61.91 56.58 -16.59
N GLU G 101 -62.81 57.50 -16.94
CA GLU G 101 -63.42 57.49 -18.27
C GLU G 101 -62.40 57.93 -19.32
N ALA G 102 -61.48 58.83 -18.95
CA ALA G 102 -60.42 59.24 -19.85
C ALA G 102 -59.47 58.08 -20.10
N TRP G 103 -59.26 57.27 -19.06
CA TRP G 103 -58.47 56.06 -19.22
C TRP G 103 -59.19 55.04 -20.09
N LEU G 104 -60.51 54.96 -19.99
CA LEU G 104 -61.25 54.07 -20.88
C LEU G 104 -61.18 54.54 -22.32
N ALA G 105 -61.02 55.84 -22.53
CA ALA G 105 -60.94 56.39 -23.88
C ALA G 105 -59.69 55.93 -24.59
N ASP G 106 -58.53 56.03 -23.92
CA ASP G 106 -57.24 55.67 -24.49
C ASP G 106 -56.43 54.90 -23.45
N PRO G 107 -56.64 53.58 -23.33
CA PRO G 107 -56.05 52.81 -22.22
C PRO G 107 -54.53 52.79 -22.16
N THR G 108 -53.87 52.90 -23.30
CA THR G 108 -52.41 52.88 -23.31
C THR G 108 -51.83 54.22 -22.87
N GLY G 109 -52.17 55.29 -23.59
CA GLY G 109 -51.54 56.57 -23.36
C GLY G 109 -52.05 57.33 -22.14
N ILE G 110 -53.06 56.79 -21.48
CA ILE G 110 -53.48 57.30 -20.18
C ILE G 110 -52.88 56.41 -19.12
N LYS G 111 -52.17 57.01 -18.18
CA LYS G 111 -51.70 56.31 -16.99
C LYS G 111 -52.80 56.34 -15.94
N PRO G 112 -53.14 55.22 -15.32
CA PRO G 112 -54.19 55.22 -14.30
C PRO G 112 -53.79 56.03 -13.09
N SER G 113 -54.72 56.85 -12.61
CA SER G 113 -54.40 57.78 -11.55
C SER G 113 -55.65 58.06 -10.71
N ALA G 114 -55.42 58.50 -9.49
CA ALA G 114 -56.43 58.97 -8.54
C ALA G 114 -55.66 59.64 -7.42
N GLN G 115 -56.33 59.98 -6.33
CA GLN G 115 -55.73 60.61 -5.16
C GLN G 115 -55.01 61.89 -5.53
N VAL G 116 -55.74 62.89 -5.99
CA VAL G 116 -55.18 64.20 -6.27
C VAL G 116 -54.76 64.81 -4.95
N VAL G 117 -53.46 64.99 -4.76
CA VAL G 117 -52.98 65.55 -3.51
C VAL G 117 -53.28 67.04 -3.46
N TRP G 118 -53.38 67.57 -2.25
CA TRP G 118 -53.65 68.97 -2.07
C TRP G 118 -52.40 69.80 -2.31
N PRO G 119 -52.52 70.93 -3.01
CA PRO G 119 -51.36 71.83 -3.21
C PRO G 119 -51.14 72.78 -2.04
N ILE G 120 -50.51 72.26 -0.98
CA ILE G 120 -50.31 73.08 0.21
C ILE G 120 -48.89 73.60 0.28
N VAL G 121 -47.90 72.72 0.42
CA VAL G 121 -46.48 73.12 0.48
C VAL G 121 -45.70 72.17 -0.42
N GLY G 122 -45.53 72.55 -1.68
CA GLY G 122 -44.74 71.75 -2.60
C GLY G 122 -45.45 70.57 -3.23
N GLN G 123 -46.43 69.99 -2.52
CA GLN G 123 -47.05 68.71 -2.82
C GLN G 123 -47.64 68.57 -4.22
N GLY G 124 -48.07 69.68 -4.82
CA GLY G 124 -48.66 69.68 -6.14
C GLY G 124 -47.74 69.18 -7.25
N ILE G 125 -46.44 69.15 -6.98
CA ILE G 125 -45.43 68.55 -7.85
C ILE G 125 -45.77 67.08 -8.08
N LEU G 126 -46.22 66.40 -7.03
CA LEU G 126 -46.62 64.99 -7.14
C LEU G 126 -47.90 64.78 -7.92
N ASN G 127 -48.66 65.82 -8.24
CA ASN G 127 -49.80 65.71 -9.14
C ASN G 127 -49.38 65.93 -10.59
N GLY G 128 -48.55 65.02 -11.10
CA GLY G 128 -48.04 65.15 -12.45
C GLY G 128 -49.05 64.74 -13.51
N ASP G 129 -48.74 65.03 -14.77
CA ASP G 129 -49.58 64.59 -15.87
C ASP G 129 -49.50 63.07 -16.01
N VAL G 130 -50.66 62.45 -16.21
CA VAL G 130 -50.76 61.01 -16.33
C VAL G 130 -51.44 60.70 -17.65
N GLY G 131 -51.90 61.74 -18.32
CA GLY G 131 -52.64 61.59 -19.56
C GLY G 131 -54.06 62.10 -19.45
N GLY G 132 -54.51 62.84 -20.45
CA GLY G 132 -55.88 63.30 -20.50
C GLY G 132 -56.13 64.60 -19.77
N GLY G 133 -55.05 65.30 -19.39
CA GLY G 133 -55.18 66.58 -18.74
C GLY G 133 -55.41 66.47 -17.25
N PHE G 134 -55.62 65.24 -16.78
CA PHE G 134 -55.80 64.98 -15.37
C PHE G 134 -54.46 65.02 -14.65
N HIS G 135 -54.44 65.69 -13.51
CA HIS G 135 -53.25 65.81 -12.68
C HIS G 135 -53.48 65.03 -11.40
N GLY G 136 -52.65 64.02 -11.15
CA GLY G 136 -52.81 63.22 -9.95
C GLY G 136 -51.69 62.21 -9.82
N ILE G 137 -51.67 61.56 -8.66
CA ILE G 137 -50.72 60.48 -8.41
C ILE G 137 -51.12 59.28 -9.27
N GLN G 138 -50.16 58.75 -10.03
CA GLN G 138 -50.41 57.53 -10.77
C GLN G 138 -50.61 56.37 -9.80
N ILE G 139 -51.79 55.76 -9.86
CA ILE G 139 -52.08 54.64 -8.99
C ILE G 139 -51.51 53.36 -9.60
N THR G 140 -51.20 52.41 -8.73
CA THR G 140 -50.78 51.08 -9.18
C THR G 140 -51.67 50.00 -8.59
N SER G 141 -52.81 50.38 -8.00
CA SER G 141 -53.68 49.40 -7.34
C SER G 141 -54.37 48.50 -8.35
N GLY G 142 -54.50 48.95 -9.59
CA GLY G 142 -55.17 48.18 -10.62
C GLY G 142 -56.66 48.33 -10.68
N LEU G 143 -57.22 49.36 -10.05
CA LEU G 143 -58.65 49.55 -9.93
C LEU G 143 -59.32 49.75 -11.28
N PHE G 144 -58.65 50.52 -12.15
CA PHE G 144 -59.19 50.91 -13.46
C PHE G 144 -59.44 49.69 -14.33
N GLN G 145 -58.46 48.78 -14.34
CA GLN G 145 -58.52 47.61 -15.19
C GLN G 145 -59.62 46.64 -14.73
N LEU G 146 -59.79 46.49 -13.41
CA LEU G 146 -60.84 45.62 -12.91
C LEU G 146 -62.22 46.25 -13.05
N TRP G 147 -62.33 47.58 -12.92
CA TRP G 147 -63.59 48.26 -13.18
C TRP G 147 -64.02 48.10 -14.63
N ARG G 148 -63.08 48.21 -15.57
CA ARG G 148 -63.41 47.95 -16.96
C ARG G 148 -63.76 46.48 -17.17
N ALA G 149 -63.03 45.56 -16.53
CA ALA G 149 -63.36 44.14 -16.62
C ALA G 149 -64.73 43.85 -16.03
N SER G 150 -65.08 44.52 -14.94
CA SER G 150 -66.43 44.42 -14.39
C SER G 150 -67.47 45.03 -15.32
N GLY G 151 -67.11 46.08 -16.06
CA GLY G 151 -67.98 46.67 -17.05
C GLY G 151 -68.47 48.06 -16.69
N ILE G 152 -67.99 48.65 -15.59
CA ILE G 152 -68.34 50.02 -15.25
C ILE G 152 -67.76 50.95 -16.30
N THR G 153 -68.59 51.84 -16.84
CA THR G 153 -68.21 52.70 -17.95
C THR G 153 -68.10 54.17 -17.53
N ASN G 154 -69.06 54.67 -16.75
CA ASN G 154 -68.93 56.02 -16.22
C ASN G 154 -68.50 55.97 -14.77
N GLU G 155 -68.43 57.13 -14.12
CA GLU G 155 -68.03 57.21 -12.72
C GLU G 155 -69.18 57.36 -11.74
N PHE G 156 -70.41 57.56 -12.22
CA PHE G 156 -71.56 57.57 -11.34
C PHE G 156 -71.82 56.19 -10.76
N GLN G 157 -71.52 55.14 -11.52
CA GLN G 157 -71.60 53.78 -11.04
C GLN G 157 -70.63 53.55 -9.89
N LEU G 158 -69.42 54.11 -9.99
CA LEU G 158 -68.46 54.01 -8.90
C LEU G 158 -68.93 54.77 -7.66
N TYR G 159 -69.61 55.91 -7.87
CA TYR G 159 -70.12 56.68 -6.74
C TYR G 159 -71.20 55.90 -5.99
N CYS G 160 -72.14 55.31 -6.72
CA CYS G 160 -73.20 54.58 -6.01
C CYS G 160 -72.68 53.25 -5.48
N THR G 161 -71.61 52.71 -6.08
CA THR G 161 -70.93 51.58 -5.48
C THR G 161 -70.27 51.95 -4.16
N ALA G 162 -69.73 53.17 -4.08
CA ALA G 162 -69.17 53.67 -2.83
C ALA G 162 -70.27 53.86 -1.78
N ILE G 163 -71.44 54.34 -2.22
CA ILE G 163 -72.58 54.50 -1.31
C ILE G 163 -73.03 53.14 -0.78
N GLY G 164 -73.12 52.15 -1.68
CA GLY G 164 -73.42 50.78 -1.29
C GLY G 164 -72.40 50.17 -0.36
N GLY G 165 -71.13 50.49 -0.58
CA GLY G 165 -70.08 50.02 0.32
C GLY G 165 -70.16 50.62 1.71
N LEU G 166 -70.47 51.92 1.78
CA LEU G 166 -70.64 52.58 3.08
C LEU G 166 -71.85 52.01 3.82
N VAL G 167 -72.96 51.79 3.11
CA VAL G 167 -74.13 51.25 3.77
C VAL G 167 -73.93 49.78 4.15
N MET G 168 -73.10 49.05 3.38
CA MET G 168 -72.79 47.68 3.77
C MET G 168 -71.82 47.64 4.95
N ALA G 169 -70.97 48.65 5.08
CA ALA G 169 -70.13 48.78 6.27
C ALA G 169 -70.98 49.03 7.51
N GLY G 170 -71.97 49.91 7.38
CA GLY G 170 -72.94 50.14 8.44
C GLY G 170 -73.70 48.87 8.80
N LEU G 171 -74.02 48.07 7.78
CA LEU G 171 -74.65 46.77 7.95
C LEU G 171 -73.81 45.84 8.82
N MET G 172 -72.52 45.68 8.51
CA MET G 172 -71.68 44.79 9.30
C MET G 172 -71.41 45.32 10.70
N LEU G 173 -71.26 46.64 10.84
CA LEU G 173 -71.06 47.23 12.16
C LEU G 173 -72.27 47.02 13.06
N PHE G 174 -73.47 47.30 12.55
CA PHE G 174 -74.67 47.08 13.35
C PHE G 174 -74.92 45.58 13.55
N ALA G 175 -74.47 44.75 12.61
CA ALA G 175 -74.55 43.31 12.79
C ALA G 175 -73.68 42.85 13.95
N GLY G 176 -72.49 43.39 14.08
CA GLY G 176 -71.62 43.07 15.20
C GLY G 176 -72.18 43.54 16.53
N TRP G 177 -72.76 44.75 16.52
CA TRP G 177 -73.41 45.28 17.71
C TRP G 177 -74.58 44.39 18.13
N PHE G 178 -75.36 43.93 17.15
CA PHE G 178 -76.51 43.09 17.41
C PHE G 178 -76.09 41.71 17.91
N HIS G 179 -75.13 41.08 17.23
CA HIS G 179 -74.75 39.72 17.56
C HIS G 179 -73.74 39.64 18.68
N TYR G 180 -73.38 40.77 19.30
CA TYR G 180 -72.70 40.66 20.57
C TYR G 180 -73.55 41.20 21.72
N HIS G 181 -74.08 42.41 21.57
CA HIS G 181 -74.77 43.05 22.69
C HIS G 181 -76.22 42.62 22.81
N LYS G 182 -76.85 42.18 21.73
CA LYS G 182 -78.28 41.94 21.73
C LYS G 182 -78.65 40.48 21.57
N ARG G 183 -78.23 39.84 20.49
CA ARG G 183 -78.63 38.45 20.22
C ARG G 183 -77.37 37.67 19.83
N ALA G 184 -76.70 37.16 20.84
CA ALA G 184 -75.42 36.49 20.59
C ALA G 184 -75.60 34.98 20.60
N PRO G 185 -74.93 34.27 19.71
CA PRO G 185 -75.17 32.83 19.58
C PRO G 185 -74.58 32.02 20.71
N LYS G 186 -75.00 30.76 20.77
CA LYS G 186 -74.44 29.81 21.72
C LYS G 186 -73.24 29.09 21.09
N LEU G 187 -72.49 28.37 21.94
CA LEU G 187 -71.29 27.68 21.48
C LEU G 187 -71.62 26.57 20.50
N GLU G 188 -72.78 25.94 20.68
CA GLU G 188 -73.27 24.91 19.77
C GLU G 188 -73.43 25.44 18.35
N TRP G 189 -73.90 26.69 18.24
CA TRP G 189 -74.04 27.35 16.95
C TRP G 189 -72.72 27.50 16.22
N PHE G 190 -71.68 27.94 16.93
CA PHE G 190 -70.35 28.13 16.34
C PHE G 190 -69.72 26.80 15.96
N GLN G 191 -69.89 25.79 16.80
CA GLN G 191 -69.28 24.48 16.55
C GLN G 191 -70.03 23.67 15.49
N ASN G 192 -71.07 24.21 14.86
CA ASN G 192 -71.71 23.55 13.74
C ASN G 192 -70.82 23.67 12.50
N VAL G 193 -69.75 22.88 12.47
CA VAL G 193 -68.71 22.98 11.46
C VAL G 193 -69.23 22.49 10.12
N GLU G 194 -70.03 21.42 10.14
CA GLU G 194 -70.59 20.84 8.92
C GLU G 194 -71.54 21.82 8.21
N SER G 195 -72.44 22.42 8.98
CA SER G 195 -73.37 23.42 8.47
C SER G 195 -72.63 24.64 7.92
N MET G 196 -71.61 25.10 8.63
CA MET G 196 -70.89 26.30 8.20
C MET G 196 -70.05 26.02 6.96
N LEU G 197 -69.48 24.82 6.84
CA LEU G 197 -68.78 24.44 5.63
C LEU G 197 -69.74 24.35 4.45
N ASN G 198 -70.91 23.74 4.65
CA ASN G 198 -71.89 23.61 3.58
C ASN G 198 -72.45 24.96 3.16
N HIS G 199 -72.53 25.90 4.10
CA HIS G 199 -73.03 27.24 3.81
C HIS G 199 -71.94 28.19 3.31
N HIS G 200 -70.67 27.83 3.47
CA HIS G 200 -69.59 28.67 3.00
C HIS G 200 -69.03 28.24 1.65
N LEU G 201 -68.93 26.93 1.43
CA LEU G 201 -68.59 26.38 0.13
C LEU G 201 -69.64 26.72 -0.92
N ALA G 202 -70.89 26.35 -0.63
CA ALA G 202 -71.96 26.58 -1.59
C ALA G 202 -72.45 28.03 -1.50
N GLY G 203 -72.73 28.49 -0.29
CA GLY G 203 -73.40 29.76 -0.09
C GLY G 203 -72.53 30.99 -0.27
N LEU G 204 -71.38 31.03 0.39
CA LEU G 204 -70.50 32.20 0.22
C LEU G 204 -69.79 32.16 -1.12
N LEU G 205 -69.26 31.01 -1.50
CA LEU G 205 -68.34 30.92 -2.62
C LEU G 205 -69.05 30.62 -3.93
N GLY G 206 -69.85 29.55 -3.95
CA GLY G 206 -70.55 29.14 -5.16
C GLY G 206 -71.60 30.13 -5.62
N LEU G 207 -72.41 30.62 -4.68
CA LEU G 207 -73.44 31.59 -5.01
C LEU G 207 -72.80 32.92 -5.36
N GLY G 208 -71.70 33.27 -4.71
CA GLY G 208 -70.95 34.46 -5.07
C GLY G 208 -70.36 34.40 -6.46
N SER G 209 -69.77 33.24 -6.80
CA SER G 209 -69.22 32.99 -8.12
C SER G 209 -70.31 33.03 -9.19
N LEU G 210 -71.45 32.42 -8.90
CA LEU G 210 -72.59 32.43 -9.82
C LEU G 210 -73.10 33.85 -10.03
N GLY G 211 -73.20 34.62 -8.94
CA GLY G 211 -73.62 36.00 -9.04
C GLY G 211 -72.68 36.84 -9.84
N TRP G 212 -71.38 36.55 -9.76
CA TRP G 212 -70.46 37.31 -10.58
C TRP G 212 -70.56 36.93 -12.05
N ALA G 213 -70.82 35.65 -12.34
CA ALA G 213 -71.15 35.25 -13.69
C ALA G 213 -72.40 35.94 -14.20
N GLY G 214 -73.40 36.18 -13.35
CA GLY G 214 -74.57 36.96 -13.71
C GLY G 214 -74.22 38.38 -14.10
N HIS G 215 -73.20 38.94 -13.45
CA HIS G 215 -72.62 40.20 -13.88
C HIS G 215 -71.68 40.02 -15.06
N GLN G 216 -71.29 38.79 -15.40
CA GLN G 216 -70.36 38.64 -16.52
C GLN G 216 -71.05 38.19 -17.82
N ILE G 217 -72.01 37.27 -17.76
CA ILE G 217 -72.77 36.96 -18.97
C ILE G 217 -73.60 38.15 -19.41
N HIS G 218 -74.22 38.83 -18.44
CA HIS G 218 -75.21 39.85 -18.78
C HIS G 218 -74.64 41.27 -18.76
N VAL G 219 -73.49 41.50 -18.15
CA VAL G 219 -73.00 42.88 -18.10
C VAL G 219 -71.57 42.97 -18.62
N SER G 220 -70.66 42.15 -18.10
CA SER G 220 -69.24 42.34 -18.39
C SER G 220 -68.92 42.00 -19.84
N LEU G 221 -69.40 40.86 -20.31
CA LEU G 221 -69.16 40.43 -21.70
C LEU G 221 -69.73 41.37 -22.76
N PRO G 222 -71.02 41.83 -22.74
CA PRO G 222 -71.46 42.73 -23.81
C PRO G 222 -70.76 44.08 -23.83
N ILE G 223 -70.63 44.68 -22.65
CA ILE G 223 -70.01 45.99 -22.47
C ILE G 223 -68.56 45.93 -22.94
N ASN G 224 -67.84 44.90 -22.50
CA ASN G 224 -66.43 44.82 -22.87
C ASN G 224 -66.25 44.35 -24.32
N GLN G 225 -67.18 43.57 -24.85
CA GLN G 225 -67.15 43.14 -26.24
C GLN G 225 -67.29 44.35 -27.15
N LEU G 226 -68.16 45.29 -26.77
CA LEU G 226 -68.25 46.56 -27.46
C LEU G 226 -66.97 47.38 -27.27
N LEU G 227 -66.43 47.38 -26.05
CA LEU G 227 -65.22 48.14 -25.73
C LEU G 227 -64.00 47.69 -26.52
N ASP G 228 -63.93 46.41 -26.88
CA ASP G 228 -62.76 45.91 -27.59
C ASP G 228 -62.82 46.17 -29.10
N ALA G 229 -63.74 47.02 -29.54
CA ALA G 229 -63.88 47.32 -30.96
C ALA G 229 -63.53 48.75 -31.33
N GLY G 230 -63.51 49.68 -30.37
CA GLY G 230 -63.34 51.08 -30.68
C GLY G 230 -64.61 51.90 -30.58
N VAL G 231 -65.56 51.47 -29.74
CA VAL G 231 -66.90 52.04 -29.67
C VAL G 231 -66.90 53.33 -28.89
N ALA G 232 -65.78 53.63 -28.22
CA ALA G 232 -65.59 54.79 -27.36
C ALA G 232 -66.62 54.84 -26.23
N ALA G 233 -66.60 53.78 -25.42
CA ALA G 233 -67.28 53.62 -24.13
C ALA G 233 -68.70 54.19 -24.02
N LYS G 234 -68.81 55.52 -24.07
CA LYS G 234 -70.07 56.24 -23.83
C LYS G 234 -71.18 55.88 -24.81
N ASP G 235 -70.82 55.42 -26.00
CA ASP G 235 -71.82 55.17 -27.03
C ASP G 235 -72.51 53.82 -26.86
N ILE G 236 -72.07 53.02 -25.89
CA ILE G 236 -72.83 51.83 -25.54
C ILE G 236 -73.95 52.25 -24.59
N PRO G 237 -75.04 51.49 -24.53
CA PRO G 237 -76.07 51.79 -23.53
C PRO G 237 -75.65 51.29 -22.15
N LEU G 238 -76.40 51.76 -21.14
CA LEU G 238 -76.17 51.39 -19.76
C LEU G 238 -76.48 49.91 -19.56
N PRO G 239 -75.91 49.27 -18.52
CA PRO G 239 -76.11 47.83 -18.33
C PRO G 239 -77.54 47.38 -18.04
N HIS G 240 -78.50 48.30 -17.91
CA HIS G 240 -79.89 47.88 -17.75
C HIS G 240 -80.45 47.34 -19.07
N GLU G 241 -80.01 47.92 -20.19
CA GLU G 241 -80.65 47.64 -21.48
C GLU G 241 -80.07 46.40 -22.14
N PHE G 242 -79.02 45.82 -21.56
CA PHE G 242 -78.56 44.51 -22.02
C PHE G 242 -79.39 43.42 -21.37
N ILE G 243 -80.28 43.79 -20.45
CA ILE G 243 -81.17 42.82 -19.83
C ILE G 243 -82.59 43.06 -20.33
N LEU G 244 -83.00 44.33 -20.39
CA LEU G 244 -84.33 44.69 -20.86
C LEU G 244 -84.53 44.36 -22.34
N ASN G 245 -83.52 44.67 -23.17
CA ASN G 245 -83.64 44.49 -24.61
C ASN G 245 -82.59 43.50 -25.10
N PRO G 246 -82.96 42.23 -25.34
CA PRO G 246 -82.01 41.30 -25.95
C PRO G 246 -81.77 41.49 -27.44
N SER G 247 -82.26 42.60 -28.00
CA SER G 247 -81.78 43.03 -29.31
C SER G 247 -80.31 43.42 -29.23
N LEU G 248 -79.90 44.00 -28.09
CA LEU G 248 -78.50 44.30 -27.87
C LEU G 248 -77.68 43.02 -27.67
N MET G 249 -78.29 42.02 -27.02
CA MET G 249 -77.69 40.69 -26.90
C MET G 249 -77.73 39.90 -28.19
N ALA G 250 -78.33 40.41 -29.25
CA ALA G 250 -78.41 39.66 -30.49
C ALA G 250 -77.07 39.67 -31.23
N GLU G 251 -76.52 40.85 -31.51
CA GLU G 251 -75.35 40.96 -32.37
C GLU G 251 -74.08 40.37 -31.75
N LEU G 252 -74.00 40.36 -30.42
CA LEU G 252 -72.95 39.60 -29.74
C LEU G 252 -73.52 38.23 -29.41
N TYR G 253 -72.85 37.18 -29.92
CA TYR G 253 -73.24 35.77 -29.76
C TYR G 253 -74.68 35.52 -30.22
N PRO G 254 -74.93 35.49 -31.52
CA PRO G 254 -76.29 35.41 -32.04
C PRO G 254 -76.88 34.01 -32.13
N ASN G 255 -76.31 33.02 -31.46
CA ASN G 255 -76.79 31.65 -31.58
C ASN G 255 -77.63 31.24 -30.38
N ILE G 256 -78.27 32.22 -29.75
CA ILE G 256 -79.17 32.01 -28.61
C ILE G 256 -80.46 32.76 -28.94
N ASN G 257 -81.60 32.15 -28.58
CA ASN G 257 -82.90 32.82 -28.72
C ASN G 257 -82.95 34.12 -27.91
N TRP G 258 -82.30 34.13 -26.73
CA TRP G 258 -82.17 35.27 -25.86
C TRP G 258 -83.53 35.83 -25.43
N GLY G 259 -84.28 35.04 -24.68
CA GLY G 259 -85.55 35.51 -24.15
C GLY G 259 -85.64 35.13 -22.69
N VAL G 260 -86.66 35.69 -22.03
CA VAL G 260 -86.85 35.53 -20.59
C VAL G 260 -87.22 34.10 -20.24
N PHE G 261 -87.66 33.33 -21.23
CA PHE G 261 -87.95 31.91 -21.01
C PHE G 261 -87.20 31.05 -22.01
N SER G 262 -87.02 31.57 -23.23
CA SER G 262 -86.48 30.78 -24.33
C SER G 262 -84.99 30.50 -24.17
N GLY G 263 -84.25 31.47 -23.67
CA GLY G 263 -82.80 31.35 -23.55
C GLY G 263 -82.34 30.30 -22.57
N VAL G 264 -83.08 30.12 -21.47
CA VAL G 264 -82.64 29.22 -20.42
C VAL G 264 -83.05 27.78 -20.66
N ILE G 265 -83.95 27.53 -21.61
CA ILE G 265 -84.36 26.19 -22.03
C ILE G 265 -83.16 25.39 -22.55
N PRO G 266 -82.19 25.99 -23.34
CA PRO G 266 -80.93 25.27 -23.59
C PRO G 266 -80.17 24.82 -22.35
N PHE G 267 -80.18 25.60 -21.27
CA PHE G 267 -79.59 25.11 -20.03
C PHE G 267 -80.43 24.01 -19.42
N PHE G 268 -81.75 24.15 -19.48
CA PHE G 268 -82.63 23.23 -18.77
C PHE G 268 -82.80 21.91 -19.51
N THR G 269 -82.30 21.83 -20.75
CA THR G 269 -82.41 20.58 -21.49
C THR G 269 -81.06 20.03 -21.94
N PHE G 270 -79.96 20.36 -21.23
CA PHE G 270 -78.60 19.89 -21.53
C PHE G 270 -78.14 20.29 -22.93
N ASN G 271 -78.67 21.41 -23.43
CA ASN G 271 -78.33 21.95 -24.75
C ASN G 271 -77.33 23.07 -24.50
N TRP G 272 -76.07 22.70 -24.29
CA TRP G 272 -75.06 23.65 -23.85
C TRP G 272 -74.14 24.12 -24.95
N ALA G 273 -74.04 23.39 -26.07
CA ALA G 273 -73.22 23.87 -27.19
C ALA G 273 -73.82 25.12 -27.83
N ALA G 274 -75.09 25.41 -27.56
CA ALA G 274 -75.64 26.72 -27.87
C ALA G 274 -74.91 27.82 -27.10
N TYR G 275 -74.54 27.53 -25.85
CA TYR G 275 -73.87 28.51 -25.01
C TYR G 275 -72.39 28.64 -25.31
N SER G 276 -71.87 27.91 -26.30
CA SER G 276 -70.46 27.89 -26.62
C SER G 276 -69.96 29.22 -27.20
N ASP G 277 -70.88 30.12 -27.53
CA ASP G 277 -70.47 31.42 -28.02
C ASP G 277 -69.96 32.33 -26.90
N PHE G 278 -70.62 32.32 -25.74
CA PHE G 278 -70.10 33.14 -24.65
C PHE G 278 -69.40 32.31 -23.58
N LEU G 279 -69.84 31.07 -23.37
CA LEU G 279 -69.09 30.18 -22.49
C LEU G 279 -67.98 29.50 -23.26
N THR G 280 -66.94 30.26 -23.60
CA THR G 280 -65.83 29.77 -24.41
C THR G 280 -64.75 29.16 -23.51
N PHE G 281 -63.87 28.39 -24.13
CA PHE G 281 -62.69 27.87 -23.45
C PHE G 281 -61.44 28.25 -24.22
N LYS G 282 -61.38 29.49 -24.72
CA LYS G 282 -60.32 29.90 -25.64
C LYS G 282 -58.95 29.90 -24.97
N GLY G 283 -58.84 30.56 -23.82
CA GLY G 283 -57.57 30.71 -23.14
C GLY G 283 -56.69 31.75 -23.81
N GLY G 284 -55.53 31.95 -23.22
CA GLY G 284 -54.61 32.93 -23.75
C GLY G 284 -55.06 34.36 -23.46
N LEU G 285 -54.55 35.26 -24.29
CA LEU G 285 -54.76 36.68 -24.11
C LEU G 285 -55.54 37.24 -25.28
N ASN G 286 -56.32 38.28 -25.01
CA ASN G 286 -56.93 39.07 -26.08
C ASN G 286 -55.83 39.88 -26.75
N PRO G 287 -55.68 39.78 -28.09
CA PRO G 287 -54.68 40.59 -28.79
C PRO G 287 -54.89 42.10 -28.72
N VAL G 288 -56.08 42.54 -28.33
CA VAL G 288 -56.38 43.98 -28.27
C VAL G 288 -56.21 44.56 -26.88
N THR G 289 -56.25 43.76 -25.81
CA THR G 289 -55.99 44.26 -24.47
C THR G 289 -54.77 43.65 -23.79
N GLY G 290 -54.44 42.40 -24.07
CA GLY G 290 -53.43 41.70 -23.31
C GLY G 290 -54.01 41.20 -22.01
N GLY G 291 -55.31 41.39 -21.85
CA GLY G 291 -56.05 40.85 -20.73
C GLY G 291 -56.55 39.47 -21.06
N LEU G 292 -57.31 38.91 -20.15
CA LEU G 292 -57.88 37.60 -20.30
C LEU G 292 -59.21 37.73 -21.04
N TRP G 293 -59.59 36.66 -21.73
CA TRP G 293 -60.89 36.62 -22.40
C TRP G 293 -61.96 36.63 -21.34
N LEU G 294 -62.77 37.70 -21.32
CA LEU G 294 -63.84 37.80 -20.33
C LEU G 294 -64.91 36.75 -20.52
N SER G 295 -65.07 36.23 -21.74
CA SER G 295 -65.91 35.07 -21.96
C SER G 295 -65.36 33.84 -21.24
N ASP G 296 -64.05 33.66 -21.29
CA ASP G 296 -63.39 32.60 -20.56
C ASP G 296 -63.53 32.76 -19.05
N THR G 297 -63.40 33.98 -18.52
CA THR G 297 -63.66 34.21 -17.11
C THR G 297 -65.12 33.99 -16.75
N ALA G 298 -66.02 34.27 -17.70
CA ALA G 298 -67.44 34.01 -17.48
C ALA G 298 -67.71 32.53 -17.30
N HIS G 299 -67.25 31.72 -18.27
CA HIS G 299 -67.39 30.27 -18.17
C HIS G 299 -66.65 29.72 -16.96
N HIS G 300 -65.53 30.35 -16.60
CA HIS G 300 -64.80 30.03 -15.39
C HIS G 300 -65.65 30.15 -14.15
N HIS G 301 -66.28 31.30 -13.97
CA HIS G 301 -67.10 31.56 -12.79
C HIS G 301 -68.34 30.69 -12.77
N VAL G 302 -68.88 30.35 -13.96
CA VAL G 302 -70.00 29.41 -14.02
C VAL G 302 -69.59 28.04 -13.51
N ALA G 303 -68.47 27.51 -14.01
CA ALA G 303 -68.03 26.18 -13.59
C ALA G 303 -67.59 26.16 -12.13
N ILE G 304 -66.96 27.24 -11.66
CA ILE G 304 -66.54 27.39 -10.28
C ILE G 304 -67.76 27.37 -9.38
N ALA G 305 -68.80 28.11 -9.77
CA ALA G 305 -70.06 28.17 -9.05
C ALA G 305 -70.70 26.80 -8.94
N VAL G 306 -70.72 26.06 -10.05
CA VAL G 306 -71.35 24.74 -10.04
C VAL G 306 -70.58 23.78 -9.13
N LEU G 307 -69.25 23.75 -9.27
CA LEU G 307 -68.46 22.86 -8.43
C LEU G 307 -68.47 23.25 -6.96
N PHE G 308 -68.67 24.53 -6.63
CA PHE G 308 -68.66 24.97 -5.24
C PHE G 308 -70.02 24.76 -4.59
N ILE G 309 -71.11 24.94 -5.34
CA ILE G 309 -72.42 24.57 -4.84
C ILE G 309 -72.50 23.05 -4.69
N ILE G 310 -71.85 22.30 -5.58
CA ILE G 310 -71.72 20.85 -5.40
C ILE G 310 -70.98 20.54 -4.10
N ALA G 311 -69.82 21.20 -3.90
CA ALA G 311 -68.97 20.89 -2.75
C ALA G 311 -69.60 21.28 -1.41
N GLY G 312 -70.63 22.13 -1.42
CA GLY G 312 -71.33 22.47 -0.21
C GLY G 312 -72.47 21.54 0.11
N HIS G 313 -72.31 20.26 -0.24
CA HIS G 313 -73.37 19.28 -0.02
C HIS G 313 -72.81 17.96 0.50
N MET G 314 -71.56 17.92 0.94
CA MET G 314 -70.87 16.68 1.31
C MET G 314 -70.98 16.41 2.81
N TYR G 315 -71.37 17.40 3.60
CA TYR G 315 -71.29 17.35 5.05
C TYR G 315 -72.69 17.22 5.64
N ARG G 316 -72.84 16.32 6.62
CA ARG G 316 -74.14 16.00 7.20
C ARG G 316 -74.55 17.07 8.20
N THR G 317 -75.72 17.68 7.99
CA THR G 317 -76.15 18.78 8.85
C THR G 317 -77.44 18.46 9.53
N ASN G 318 -78.56 18.22 8.83
CA ASN G 318 -79.85 18.09 9.49
C ASN G 318 -80.77 17.04 8.88
N TRP G 319 -80.41 16.42 7.76
CA TRP G 319 -81.34 15.53 7.09
C TRP G 319 -80.66 14.23 6.73
N GLY G 320 -79.67 13.83 7.53
CA GLY G 320 -79.11 12.49 7.47
C GLY G 320 -78.30 12.18 6.22
N ILE G 321 -78.13 13.17 5.35
CA ILE G 321 -77.34 13.04 4.13
C ILE G 321 -76.09 13.87 4.29
N GLY G 322 -74.96 13.31 3.90
CA GLY G 322 -73.66 13.95 4.08
C GLY G 322 -72.78 13.16 5.01
N HIS G 323 -71.64 13.75 5.32
CA HIS G 323 -70.70 13.14 6.25
C HIS G 323 -70.55 13.99 7.49
N SER G 324 -70.35 13.31 8.62
CA SER G 324 -69.69 13.91 9.76
C SER G 324 -68.20 13.92 9.46
N LEU G 325 -67.57 15.10 9.58
CA LEU G 325 -66.13 15.20 9.30
C LEU G 325 -65.31 14.42 10.30
N LYS G 326 -65.84 14.22 11.50
CA LYS G 326 -65.17 13.34 12.46
C LYS G 326 -65.06 11.94 11.90
N GLU G 327 -66.13 11.44 11.29
CA GLU G 327 -66.13 10.10 10.74
C GLU G 327 -65.10 9.96 9.64
N ILE G 328 -64.95 11.03 8.84
CA ILE G 328 -63.95 11.07 7.78
C ILE G 328 -62.55 11.01 8.37
N LEU G 329 -62.29 11.85 9.38
CA LEU G 329 -60.95 11.95 9.97
C LEU G 329 -60.57 10.67 10.71
N GLU G 330 -61.43 10.22 11.62
CA GLU G 330 -61.20 9.00 12.38
C GLU G 330 -61.13 7.78 11.49
N ALA G 331 -61.81 7.79 10.33
CA ALA G 331 -61.61 6.76 9.34
C ALA G 331 -60.18 6.72 8.83
N HIS G 332 -59.58 7.88 8.58
CA HIS G 332 -58.30 7.96 7.90
C HIS G 332 -57.15 7.80 8.88
N LYS G 333 -56.44 6.68 8.78
CA LYS G 333 -55.35 6.29 9.66
C LYS G 333 -54.55 5.20 8.97
N GLY G 334 -53.30 5.03 9.37
CA GLY G 334 -52.45 4.08 8.70
C GLY G 334 -51.53 3.32 9.62
N PRO G 335 -50.81 2.35 9.06
CA PRO G 335 -49.88 1.56 9.87
C PRO G 335 -48.67 2.34 10.36
N PHE G 336 -48.36 3.49 9.77
CA PHE G 336 -47.30 4.34 10.25
C PHE G 336 -47.77 5.37 11.26
N THR G 337 -49.02 5.83 11.16
CA THR G 337 -49.46 7.02 11.86
C THR G 337 -50.45 6.70 12.98
N GLY G 338 -50.33 5.50 13.56
CA GLY G 338 -51.07 5.14 14.76
C GLY G 338 -52.58 5.10 14.58
N THR G 339 -53.28 5.96 15.32
CA THR G 339 -54.72 6.15 15.13
C THR G 339 -55.03 7.22 14.10
N GLY G 340 -54.01 7.77 13.45
CA GLY G 340 -54.18 8.69 12.35
C GLY G 340 -54.75 10.03 12.73
N HIS G 341 -55.98 10.31 12.32
CA HIS G 341 -56.58 11.62 12.47
C HIS G 341 -57.67 11.63 13.53
N LYS G 342 -57.69 10.63 14.41
CA LYS G 342 -58.60 10.65 15.53
C LYS G 342 -58.18 11.73 16.50
N GLY G 343 -59.13 12.59 16.88
CA GLY G 343 -58.88 13.68 17.79
C GLY G 343 -58.71 15.02 17.10
N LEU G 344 -58.46 15.01 15.80
CA LEU G 344 -58.29 16.28 15.09
C LEU G 344 -59.61 17.02 14.94
N TYR G 345 -60.73 16.30 14.95
CA TYR G 345 -62.03 16.95 14.93
C TYR G 345 -62.27 17.73 16.23
N GLU G 346 -61.95 17.13 17.38
CA GLU G 346 -62.09 17.82 18.65
C GLU G 346 -61.09 18.97 18.76
N VAL G 347 -59.88 18.76 18.24
CA VAL G 347 -58.82 19.76 18.23
C VAL G 347 -59.27 20.98 17.43
N LEU G 348 -59.88 20.72 16.27
CA LEU G 348 -60.26 21.78 15.37
C LEU G 348 -61.66 22.34 15.62
N THR G 349 -62.42 21.73 16.53
CA THR G 349 -63.70 22.28 16.94
C THR G 349 -63.66 22.90 18.34
N THR G 350 -62.56 22.72 19.07
CA THR G 350 -62.40 23.41 20.34
C THR G 350 -61.32 24.48 20.36
N SER G 351 -60.35 24.46 19.45
CA SER G 351 -59.27 25.43 19.46
C SER G 351 -59.44 26.38 18.27
N TRP G 352 -59.69 27.65 18.58
CA TRP G 352 -59.72 28.69 17.57
C TRP G 352 -58.34 28.93 16.96
N HIS G 353 -57.28 28.65 17.73
CA HIS G 353 -55.92 28.85 17.23
C HIS G 353 -55.52 27.78 16.23
N ALA G 354 -55.96 26.53 16.45
CA ALA G 354 -55.73 25.45 15.51
C ALA G 354 -56.41 25.70 14.17
N GLN G 355 -57.49 26.46 14.15
CA GLN G 355 -58.15 26.86 12.90
C GLN G 355 -57.49 28.09 12.30
N LEU G 356 -57.08 29.05 13.14
CA LEU G 356 -56.41 30.25 12.63
C LEU G 356 -55.09 29.91 11.98
N ALA G 357 -54.38 28.91 12.50
CA ALA G 357 -53.11 28.46 11.90
C ALA G 357 -53.32 27.99 10.47
N ILE G 358 -54.26 27.07 10.26
CA ILE G 358 -54.53 26.54 8.93
C ILE G 358 -55.05 27.63 8.00
N ASN G 359 -55.96 28.46 8.51
CA ASN G 359 -56.63 29.40 7.62
C ASN G 359 -55.69 30.52 7.21
N LEU G 360 -54.83 30.97 8.12
CA LEU G 360 -53.79 31.93 7.79
C LEU G 360 -52.76 31.35 6.84
N ALA G 361 -52.35 30.09 7.05
CA ALA G 361 -51.38 29.48 6.15
C ALA G 361 -51.95 29.32 4.75
N MET G 362 -53.21 28.90 4.63
CA MET G 362 -53.82 28.74 3.30
C MET G 362 -54.12 30.08 2.66
N MET G 363 -54.51 31.09 3.43
CA MET G 363 -54.72 32.41 2.85
C MET G 363 -53.41 33.02 2.38
N GLY G 364 -52.31 32.81 3.11
CA GLY G 364 -51.02 33.28 2.66
C GLY G 364 -50.54 32.56 1.40
N SER G 365 -50.67 31.23 1.39
CA SER G 365 -50.32 30.47 0.21
C SER G 365 -51.17 30.84 -0.99
N LEU G 366 -52.44 31.15 -0.76
CA LEU G 366 -53.33 31.49 -1.87
C LEU G 366 -53.04 32.90 -2.37
N SER G 367 -52.67 33.82 -1.47
CA SER G 367 -52.22 35.15 -1.90
C SER G 367 -50.96 35.06 -2.73
N ILE G 368 -50.04 34.18 -2.35
CA ILE G 368 -48.84 33.93 -3.14
C ILE G 368 -49.20 33.35 -4.51
N ILE G 369 -50.18 32.43 -4.54
CA ILE G 369 -50.68 31.86 -5.78
C ILE G 369 -51.29 32.95 -6.66
N VAL G 370 -52.03 33.87 -6.04
CA VAL G 370 -52.65 34.99 -6.74
C VAL G 370 -51.59 35.88 -7.37
N ALA G 371 -50.53 36.15 -6.63
CA ALA G 371 -49.43 36.94 -7.17
C ALA G 371 -48.77 36.25 -8.37
N GLN G 372 -48.54 34.94 -8.27
CA GLN G 372 -47.91 34.22 -9.37
C GLN G 372 -48.89 33.82 -10.47
N HIS G 373 -50.17 34.15 -10.33
CA HIS G 373 -51.13 33.85 -11.38
C HIS G 373 -51.57 35.07 -12.16
N MET G 374 -51.67 36.22 -11.51
CA MET G 374 -52.17 37.42 -12.16
C MET G 374 -51.13 38.15 -12.98
N TYR G 375 -49.88 37.67 -13.02
CA TYR G 375 -48.89 38.31 -13.85
C TYR G 375 -48.76 37.68 -15.23
N ALA G 376 -48.77 36.34 -15.32
CA ALA G 376 -48.57 35.65 -16.59
C ALA G 376 -49.87 35.46 -17.35
N MET G 377 -51.01 35.50 -16.67
CA MET G 377 -52.32 35.61 -17.30
C MET G 377 -53.05 36.78 -16.67
N PRO G 378 -52.78 38.00 -17.13
CA PRO G 378 -53.37 39.19 -16.49
C PRO G 378 -54.86 39.27 -16.78
N PRO G 379 -55.69 39.13 -15.76
CA PRO G 379 -57.10 38.82 -15.99
C PRO G 379 -57.94 40.03 -16.36
N TYR G 380 -57.30 41.19 -16.33
CA TYR G 380 -57.97 42.46 -16.55
C TYR G 380 -57.48 43.09 -17.83
N PRO G 381 -58.32 43.85 -18.54
CA PRO G 381 -57.87 44.50 -19.78
C PRO G 381 -56.82 45.56 -19.49
N TYR G 382 -55.75 45.55 -20.29
CA TYR G 382 -54.63 46.50 -20.20
C TYR G 382 -54.02 46.53 -18.80
N LEU G 383 -53.90 45.35 -18.18
CA LEU G 383 -53.03 45.13 -17.04
C LEU G 383 -51.64 44.68 -17.46
N ALA G 384 -51.57 43.80 -18.48
CA ALA G 384 -50.31 43.27 -18.98
C ALA G 384 -49.38 44.36 -19.49
N THR G 385 -49.93 45.45 -20.04
CA THR G 385 -49.14 46.58 -20.49
C THR G 385 -49.08 47.68 -19.44
N ASP G 386 -49.64 47.43 -18.25
CA ASP G 386 -49.45 48.31 -17.11
C ASP G 386 -48.41 47.63 -16.22
N TYR G 387 -47.14 47.82 -16.59
CA TYR G 387 -46.02 47.27 -15.83
C TYR G 387 -45.95 47.76 -14.38
N PRO G 388 -46.22 49.08 -14.05
CA PRO G 388 -46.33 49.46 -12.63
C PRO G 388 -47.34 48.64 -11.85
N THR G 389 -48.50 48.43 -12.47
CA THR G 389 -49.56 47.66 -11.83
C THR G 389 -49.17 46.19 -11.69
N GLN G 390 -48.52 45.63 -12.72
CA GLN G 390 -48.12 44.23 -12.67
C GLN G 390 -47.11 43.98 -11.54
N LEU G 391 -46.05 44.79 -11.50
CA LEU G 391 -45.03 44.68 -10.47
C LEU G 391 -45.63 44.90 -9.09
N SER G 392 -46.45 45.92 -8.94
CA SER G 392 -46.99 46.27 -7.64
C SER G 392 -47.99 45.23 -7.14
N LEU G 393 -48.81 44.67 -8.03
CA LEU G 393 -49.79 43.67 -7.61
C LEU G 393 -49.11 42.35 -7.23
N PHE G 394 -48.16 41.89 -8.04
CA PHE G 394 -47.37 40.71 -7.70
C PHE G 394 -46.70 40.88 -6.34
N THR G 395 -45.98 41.99 -6.19
CA THR G 395 -45.17 42.22 -4.99
C THR G 395 -46.05 42.34 -3.75
N HIS G 396 -47.18 43.04 -3.88
CA HIS G 396 -48.12 43.21 -2.78
C HIS G 396 -48.70 41.89 -2.32
N HIS G 397 -49.13 41.06 -3.27
CA HIS G 397 -49.75 39.80 -2.85
C HIS G 397 -48.73 38.80 -2.33
N MET G 398 -47.48 38.84 -2.83
CA MET G 398 -46.41 38.07 -2.18
C MET G 398 -46.14 38.50 -0.75
N TRP G 399 -46.12 39.81 -0.49
CA TRP G 399 -45.83 40.26 0.88
C TRP G 399 -46.96 39.89 1.83
N ILE G 400 -48.21 40.06 1.38
CA ILE G 400 -49.36 39.66 2.20
C ILE G 400 -49.33 38.16 2.45
N GLY G 401 -48.97 37.39 1.42
CA GLY G 401 -48.90 35.94 1.58
C GLY G 401 -47.84 35.50 2.58
N GLY G 402 -46.66 36.11 2.50
CA GLY G 402 -45.60 35.78 3.45
C GLY G 402 -45.97 36.12 4.89
N PHE G 403 -46.61 37.28 5.08
CA PHE G 403 -47.05 37.68 6.42
C PHE G 403 -48.07 36.69 6.97
N LEU G 404 -49.07 36.33 6.16
CA LEU G 404 -50.11 35.43 6.65
C LEU G 404 -49.59 34.02 6.89
N ILE G 405 -48.59 33.59 6.13
CA ILE G 405 -47.98 32.27 6.37
C ILE G 405 -47.25 32.27 7.71
N VAL G 406 -46.49 33.34 7.99
CA VAL G 406 -45.82 33.47 9.28
C VAL G 406 -46.85 33.48 10.42
N GLY G 407 -47.99 34.15 10.20
CA GLY G 407 -49.03 34.17 11.21
C GLY G 407 -49.69 32.82 11.44
N GLY G 408 -49.85 32.03 10.39
CA GLY G 408 -50.34 30.67 10.55
C GLY G 408 -49.40 29.84 11.41
N ALA G 409 -48.09 29.98 11.18
CA ALA G 409 -47.12 29.32 12.05
C ALA G 409 -47.21 29.83 13.49
N ALA G 410 -47.42 31.14 13.64
CA ALA G 410 -47.54 31.75 14.97
C ALA G 410 -48.69 31.14 15.75
N HIS G 411 -49.87 31.08 15.14
CA HIS G 411 -51.02 30.55 15.85
C HIS G 411 -50.99 29.03 15.96
N GLY G 412 -50.22 28.35 15.12
CA GLY G 412 -49.94 26.95 15.39
C GLY G 412 -49.17 26.76 16.69
N ALA G 413 -48.13 27.57 16.89
CA ALA G 413 -47.38 27.52 18.15
C ALA G 413 -48.26 27.92 19.35
N ILE G 414 -49.14 28.91 19.15
CA ILE G 414 -50.06 29.34 20.19
C ILE G 414 -51.01 28.21 20.57
N PHE G 415 -51.51 27.48 19.57
CA PHE G 415 -52.34 26.31 19.81
C PHE G 415 -51.59 25.28 20.62
N PHE G 416 -50.34 25.01 20.23
CA PHE G 416 -49.57 23.96 20.89
C PHE G 416 -49.29 24.29 22.34
N VAL G 417 -49.03 25.55 22.64
CA VAL G 417 -48.77 25.90 24.03
C VAL G 417 -50.05 26.03 24.85
N ARG G 418 -51.17 26.41 24.24
CA ARG G 418 -52.37 26.74 25.01
C ARG G 418 -53.50 25.73 24.89
N ASP G 419 -53.70 25.09 23.73
CA ASP G 419 -54.91 24.32 23.50
C ASP G 419 -54.62 22.85 23.19
N TYR G 420 -53.35 22.43 23.26
CA TYR G 420 -53.01 21.04 23.04
C TYR G 420 -53.40 20.25 24.29
N ASP G 421 -54.28 19.27 24.10
CA ASP G 421 -54.60 18.32 25.15
C ASP G 421 -54.06 16.96 24.76
N PRO G 422 -53.11 16.39 25.52
CA PRO G 422 -52.54 15.09 25.12
C PRO G 422 -53.52 13.93 25.22
N ALA G 423 -54.58 14.07 26.02
CA ALA G 423 -55.58 13.02 26.18
C ALA G 423 -56.35 12.79 24.89
N VAL G 424 -56.63 13.86 24.15
CA VAL G 424 -57.25 13.78 22.85
C VAL G 424 -56.24 13.21 21.86
N ASN G 425 -55.00 13.70 21.92
CA ASN G 425 -53.99 13.37 20.93
C ASN G 425 -53.12 12.23 21.43
N GLN G 426 -53.70 11.03 21.43
CA GLN G 426 -52.99 9.82 21.82
C GLN G 426 -52.74 8.97 20.58
N ASN G 427 -51.47 8.87 20.19
CA ASN G 427 -51.00 8.09 19.04
C ASN G 427 -51.65 8.51 17.73
N ASN G 428 -52.18 9.71 17.66
CA ASN G 428 -52.60 10.28 16.39
C ASN G 428 -51.40 10.97 15.76
N VAL G 429 -51.62 11.62 14.61
CA VAL G 429 -50.55 12.18 13.80
C VAL G 429 -49.83 13.29 14.57
N LEU G 430 -50.59 14.02 15.39
CA LEU G 430 -50.04 15.11 16.19
C LEU G 430 -49.09 14.59 17.27
N ASP G 431 -49.51 13.53 17.97
CA ASP G 431 -48.68 12.89 18.99
C ASP G 431 -47.38 12.38 18.39
N ARG G 432 -47.46 11.73 17.23
CA ARG G 432 -46.27 11.13 16.66
C ARG G 432 -45.34 12.15 16.01
N VAL G 433 -45.86 13.29 15.52
CA VAL G 433 -44.90 14.31 15.07
C VAL G 433 -44.22 14.97 16.26
N LEU G 434 -44.94 15.10 17.39
CA LEU G 434 -44.26 15.53 18.61
C LEU G 434 -43.19 14.54 19.03
N ARG G 435 -43.42 13.25 18.79
CA ARG G 435 -42.48 12.23 19.24
C ARG G 435 -41.30 12.00 18.29
N HIS G 436 -41.22 12.72 17.17
CA HIS G 436 -39.99 12.68 16.37
C HIS G 436 -39.67 14.06 15.78
N ARG G 437 -40.09 15.11 16.50
CA ARG G 437 -39.68 16.47 16.19
C ARG G 437 -38.17 16.64 16.04
N ASP G 438 -37.36 15.89 16.81
CA ASP G 438 -35.91 16.01 16.70
C ASP G 438 -35.42 15.52 15.34
N ALA G 439 -35.94 14.38 14.86
CA ALA G 439 -35.59 13.90 13.54
C ALA G 439 -36.06 14.86 12.45
N ILE G 440 -37.28 15.39 12.59
CA ILE G 440 -37.82 16.33 11.61
C ILE G 440 -36.95 17.58 11.52
N ILE G 441 -36.63 18.18 12.67
CA ILE G 441 -35.91 19.44 12.70
C ILE G 441 -34.46 19.25 12.27
N SER G 442 -33.84 18.13 12.65
CA SER G 442 -32.48 17.87 12.20
C SER G 442 -32.40 17.66 10.70
N HIS G 443 -33.39 16.96 10.12
CA HIS G 443 -33.35 16.76 8.67
C HIS G 443 -33.65 18.05 7.91
N LEU G 444 -34.55 18.89 8.44
CA LEU G 444 -34.79 20.19 7.85
C LEU G 444 -33.55 21.08 7.96
N ASN G 445 -32.84 20.99 9.08
CA ASN G 445 -31.56 21.67 9.27
C ASN G 445 -30.55 21.27 8.19
N TRP G 446 -30.43 19.95 7.96
CA TRP G 446 -29.51 19.46 6.93
C TRP G 446 -29.90 19.95 5.54
N VAL G 447 -31.18 19.90 5.21
CA VAL G 447 -31.60 20.30 3.86
C VAL G 447 -31.44 21.81 3.69
N CYS G 448 -31.58 22.57 4.77
CA CYS G 448 -31.33 24.01 4.70
C CYS G 448 -29.87 24.32 4.45
N ILE G 449 -28.96 23.60 5.13
CA ILE G 449 -27.53 23.82 4.89
C ILE G 449 -27.15 23.40 3.47
N PHE G 450 -27.68 22.27 3.01
CA PHE G 450 -27.42 21.80 1.65
C PHE G 450 -27.87 22.82 0.62
N LEU G 451 -29.08 23.34 0.78
CA LEU G 451 -29.61 24.33 -0.17
C LEU G 451 -28.83 25.62 -0.13
N GLY G 452 -28.44 26.06 1.07
CA GLY G 452 -27.67 27.29 1.20
C GLY G 452 -26.32 27.21 0.53
N PHE G 453 -25.60 26.12 0.78
CA PHE G 453 -24.31 25.93 0.12
C PHE G 453 -24.49 25.83 -1.38
N HIS G 454 -25.34 24.91 -1.83
CA HIS G 454 -25.43 24.65 -3.26
C HIS G 454 -26.32 25.64 -4.03
N SER G 455 -26.71 26.75 -3.40
CA SER G 455 -27.20 27.87 -4.20
C SER G 455 -26.33 29.11 -4.02
N PHE G 456 -26.19 29.58 -2.78
CA PHE G 456 -25.45 30.81 -2.58
C PHE G 456 -23.95 30.61 -2.77
N GLY G 457 -23.42 29.44 -2.39
CA GLY G 457 -22.05 29.13 -2.71
C GLY G 457 -21.79 29.08 -4.19
N LEU G 458 -22.77 28.66 -4.98
CA LEU G 458 -22.66 28.78 -6.43
C LEU G 458 -22.57 30.23 -6.86
N TYR G 459 -23.37 31.10 -6.24
CA TYR G 459 -23.31 32.52 -6.56
C TYR G 459 -21.93 33.12 -6.24
N VAL G 460 -21.36 32.81 -5.08
CA VAL G 460 -20.09 33.44 -4.74
C VAL G 460 -18.93 32.74 -5.42
N HIS G 461 -19.08 31.46 -5.77
CA HIS G 461 -18.17 30.81 -6.70
C HIS G 461 -18.13 31.56 -8.02
N ASN G 462 -19.30 31.98 -8.51
CA ASN G 462 -19.37 32.71 -9.77
C ASN G 462 -18.74 34.09 -9.66
N ASP G 463 -18.99 34.77 -8.53
CA ASP G 463 -18.35 36.06 -8.27
C ASP G 463 -16.84 35.94 -8.28
N THR G 464 -16.32 34.91 -7.62
CA THR G 464 -14.88 34.72 -7.52
C THR G 464 -14.28 34.31 -8.86
N MET G 465 -14.96 33.43 -9.60
CA MET G 465 -14.48 33.03 -10.92
C MET G 465 -14.49 34.18 -11.89
N ARG G 466 -15.52 35.03 -11.84
CA ARG G 466 -15.59 36.18 -12.72
C ARG G 466 -14.51 37.19 -12.37
N ALA G 467 -14.28 37.42 -11.07
CA ALA G 467 -13.23 38.35 -10.66
C ALA G 467 -11.86 37.80 -10.99
N PHE G 468 -11.70 36.49 -11.01
CA PHE G 468 -10.46 35.86 -11.41
C PHE G 468 -10.19 35.98 -12.91
N GLY G 469 -11.17 36.40 -13.70
CA GLY G 469 -11.05 36.26 -15.13
C GLY G 469 -11.14 34.83 -15.60
N ARG G 470 -12.02 34.04 -14.98
CA ARG G 470 -12.27 32.65 -15.38
C ARG G 470 -13.75 32.48 -15.65
N PRO G 471 -14.27 33.04 -16.75
CA PRO G 471 -15.70 32.91 -17.04
C PRO G 471 -16.11 31.51 -17.46
N GLN G 472 -15.17 30.71 -17.98
CA GLN G 472 -15.43 29.33 -18.32
C GLN G 472 -15.59 28.44 -17.09
N ASP G 473 -15.14 28.91 -15.92
CA ASP G 473 -15.25 28.17 -14.68
C ASP G 473 -16.49 28.55 -13.89
N MET G 474 -17.39 29.33 -14.48
CA MET G 474 -18.58 29.80 -13.80
C MET G 474 -19.74 28.84 -14.04
N PHE G 475 -20.71 28.88 -13.14
CA PHE G 475 -22.00 28.25 -13.33
C PHE G 475 -22.87 29.23 -14.10
N SER G 476 -22.71 29.20 -15.42
CA SER G 476 -23.47 30.06 -16.32
C SER G 476 -23.86 29.26 -17.56
N ASP G 477 -24.65 29.86 -18.44
CA ASP G 477 -24.98 29.24 -19.71
C ASP G 477 -23.78 29.12 -20.64
N THR G 478 -22.72 29.91 -20.43
CA THR G 478 -21.48 29.82 -21.18
C THR G 478 -20.37 29.14 -20.41
N GLY G 479 -20.63 28.69 -19.18
CA GLY G 479 -19.61 28.03 -18.40
C GLY G 479 -19.96 26.59 -18.07
N ILE G 480 -20.22 26.31 -16.80
CA ILE G 480 -20.73 25.03 -16.36
C ILE G 480 -22.24 25.16 -16.25
N GLN G 481 -22.95 24.66 -17.27
CA GLN G 481 -24.37 24.89 -17.37
C GLN G 481 -25.14 24.09 -16.34
N LEU G 482 -26.14 24.74 -15.74
CA LEU G 482 -27.09 24.10 -14.84
C LEU G 482 -28.45 24.34 -15.49
N GLN G 483 -28.82 23.46 -16.40
CA GLN G 483 -30.06 23.82 -17.05
C GLN G 483 -31.25 23.26 -16.29
N PRO G 484 -32.25 24.10 -16.06
CA PRO G 484 -33.46 23.64 -15.36
C PRO G 484 -34.34 22.81 -16.27
N VAL G 485 -33.99 21.54 -16.47
CA VAL G 485 -34.60 20.74 -17.52
C VAL G 485 -36.05 20.42 -17.21
N PHE G 486 -36.38 20.21 -15.93
CA PHE G 486 -37.74 19.82 -15.56
C PHE G 486 -38.71 20.96 -15.76
N ALA G 487 -38.32 22.17 -15.34
CA ALA G 487 -39.14 23.35 -15.60
C ALA G 487 -39.27 23.63 -17.09
N GLN G 488 -38.20 23.41 -17.86
CA GLN G 488 -38.25 23.59 -19.30
C GLN G 488 -39.20 22.60 -19.97
N TRP G 489 -39.21 21.34 -19.54
CA TRP G 489 -40.09 20.35 -20.15
C TRP G 489 -41.54 20.58 -19.74
N VAL G 490 -41.77 21.04 -18.50
CA VAL G 490 -43.13 21.40 -18.10
C VAL G 490 -43.62 22.63 -18.87
N GLN G 491 -42.70 23.56 -19.16
CA GLN G 491 -42.99 24.68 -20.05
C GLN G 491 -43.36 24.21 -21.45
N HIS G 492 -42.65 23.21 -21.95
CA HIS G 492 -42.92 22.61 -23.25
C HIS G 492 -44.30 21.94 -23.28
N LEU G 493 -44.66 21.27 -22.19
CA LEU G 493 -45.91 20.52 -22.13
C LEU G 493 -47.13 21.45 -22.12
N HIS G 494 -46.96 22.68 -21.67
CA HIS G 494 -48.10 23.59 -21.66
C HIS G 494 -48.32 24.29 -22.97
N THR G 495 -47.29 24.46 -23.78
CA THR G 495 -47.49 25.00 -25.11
C THR G 495 -47.86 23.93 -26.13
N LEU G 496 -47.64 22.65 -25.80
CA LEU G 496 -48.17 21.53 -26.58
C LEU G 496 -49.35 20.92 -25.83
N ALA G 497 -50.50 21.62 -25.90
CA ALA G 497 -51.68 21.28 -25.11
C ALA G 497 -52.92 22.03 -25.59
N PRO G 498 -52.81 23.30 -26.05
CA PRO G 498 -53.96 23.96 -26.71
C PRO G 498 -54.49 23.31 -27.99
N GLY G 499 -53.87 22.23 -28.46
CA GLY G 499 -54.44 21.41 -29.51
C GLY G 499 -54.20 19.94 -29.24
N GLY G 500 -53.57 19.66 -28.10
CA GLY G 500 -53.22 18.32 -27.71
C GLY G 500 -54.02 17.83 -26.54
N THR G 501 -53.44 17.92 -25.34
CA THR G 501 -54.07 17.45 -24.11
C THR G 501 -55.13 18.41 -23.57
N ALA G 502 -55.37 19.53 -24.25
CA ALA G 502 -56.58 20.33 -24.02
C ALA G 502 -57.14 20.68 -25.41
N PRO G 503 -57.84 19.72 -26.04
CA PRO G 503 -58.27 19.92 -27.45
C PRO G 503 -59.28 21.03 -27.63
N ASN G 504 -60.30 21.08 -26.77
CA ASN G 504 -61.33 22.11 -26.89
C ASN G 504 -60.87 23.41 -26.26
N ALA G 505 -59.78 23.97 -26.78
CA ALA G 505 -59.22 25.22 -26.29
C ALA G 505 -58.47 25.93 -27.41
N ALA G 506 -58.61 27.25 -27.52
CA ALA G 506 -57.98 27.96 -28.62
C ALA G 506 -56.50 28.19 -28.35
N ALA G 507 -56.20 28.93 -27.29
CA ALA G 507 -54.82 29.25 -26.94
C ALA G 507 -54.39 28.51 -25.68
N THR G 508 -53.11 28.68 -25.35
CA THR G 508 -52.54 28.05 -24.15
C THR G 508 -53.06 28.74 -22.89
N ALA G 509 -52.60 28.23 -21.75
CA ALA G 509 -52.95 28.86 -20.48
C ALA G 509 -52.32 30.25 -20.35
N SER G 510 -51.01 30.34 -20.56
CA SER G 510 -50.33 31.62 -20.55
C SER G 510 -49.18 31.60 -21.53
N VAL G 511 -48.78 32.79 -21.99
CA VAL G 511 -47.73 32.89 -22.99
C VAL G 511 -46.36 32.57 -22.38
N ALA G 512 -46.27 32.55 -21.04
CA ALA G 512 -45.01 32.28 -20.35
C ALA G 512 -44.45 30.89 -20.70
N PHE G 513 -45.32 29.93 -20.97
CA PHE G 513 -44.88 28.60 -21.29
C PHE G 513 -44.45 28.45 -22.75
N GLY G 514 -44.78 29.40 -23.59
CA GLY G 514 -44.50 29.31 -25.01
C GLY G 514 -45.59 29.99 -25.81
N GLY G 515 -45.23 30.43 -27.00
CA GLY G 515 -46.14 31.18 -27.84
C GLY G 515 -45.44 32.28 -28.60
N ASP G 516 -46.00 33.48 -28.59
CA ASP G 516 -45.39 34.62 -29.27
C ASP G 516 -45.76 35.89 -28.52
N VAL G 517 -44.99 36.94 -28.79
CA VAL G 517 -45.07 38.20 -28.05
C VAL G 517 -46.41 38.87 -28.30
N VAL G 518 -47.29 38.84 -27.29
CA VAL G 518 -48.52 39.59 -27.34
C VAL G 518 -48.14 41.06 -27.22
N ALA G 519 -48.45 41.85 -28.24
CA ALA G 519 -47.97 43.21 -28.34
C ALA G 519 -49.17 44.16 -28.34
N VAL G 520 -49.59 44.56 -27.15
CA VAL G 520 -50.71 45.48 -27.01
C VAL G 520 -50.16 46.89 -26.84
N GLY G 521 -50.69 47.84 -27.62
CA GLY G 521 -50.07 49.12 -27.72
C GLY G 521 -48.69 48.99 -28.36
N GLY G 522 -47.73 49.72 -27.81
CA GLY G 522 -46.36 49.54 -28.25
C GLY G 522 -45.57 48.54 -27.44
N LYS G 523 -46.11 48.09 -26.31
CA LYS G 523 -45.35 47.33 -25.32
C LYS G 523 -45.73 45.86 -25.32
N VAL G 524 -44.85 45.06 -24.75
CA VAL G 524 -45.13 43.64 -24.56
C VAL G 524 -46.22 43.45 -23.52
N ALA G 525 -47.27 42.74 -23.90
CA ALA G 525 -48.21 42.24 -22.92
C ALA G 525 -47.64 41.07 -22.14
N MET G 526 -47.33 39.96 -22.82
CA MET G 526 -46.61 38.84 -22.26
C MET G 526 -45.92 38.08 -23.38
N MET G 527 -44.78 37.47 -23.10
CA MET G 527 -44.02 36.68 -24.06
C MET G 527 -43.49 35.45 -23.33
N PRO G 528 -43.00 34.42 -24.07
CA PRO G 528 -42.34 33.28 -23.41
C PRO G 528 -41.18 33.66 -22.50
N ILE G 529 -41.17 33.07 -21.31
CA ILE G 529 -40.17 33.36 -20.29
C ILE G 529 -39.19 32.18 -20.30
N ALA G 530 -38.03 32.40 -20.91
CA ALA G 530 -37.01 31.36 -20.97
C ALA G 530 -36.39 31.14 -19.59
N LEU G 531 -36.10 29.88 -19.30
CA LEU G 531 -35.51 29.51 -18.01
C LEU G 531 -34.14 28.88 -18.27
N GLY G 532 -33.11 29.48 -17.68
CA GLY G 532 -31.75 29.00 -17.87
C GLY G 532 -31.02 28.81 -16.56
N THR G 533 -29.68 28.88 -16.61
CA THR G 533 -28.85 28.65 -15.44
C THR G 533 -29.14 29.66 -14.34
N ALA G 534 -29.37 30.93 -14.71
CA ALA G 534 -29.70 31.96 -13.74
C ALA G 534 -31.02 31.69 -13.03
N ASP G 535 -32.04 31.26 -13.78
CA ASP G 535 -33.32 30.93 -13.19
C ASP G 535 -33.27 29.68 -12.32
N PHE G 536 -32.49 28.69 -12.74
CA PHE G 536 -32.14 27.55 -11.89
C PHE G 536 -31.57 28.02 -10.55
N LEU G 537 -30.60 28.94 -10.60
CA LEU G 537 -29.93 29.43 -9.40
C LEU G 537 -30.92 30.15 -8.48
N VAL G 538 -31.69 31.09 -9.03
CA VAL G 538 -32.54 31.89 -8.16
C VAL G 538 -33.74 31.07 -7.67
N HIS G 539 -34.16 30.04 -8.42
CA HIS G 539 -35.19 29.15 -7.93
C HIS G 539 -34.70 28.33 -6.74
N HIS G 540 -33.45 27.87 -6.80
CA HIS G 540 -32.92 27.16 -5.65
C HIS G 540 -32.63 28.08 -4.49
N ILE G 541 -32.35 29.35 -4.76
CA ILE G 541 -32.30 30.36 -3.69
C ILE G 541 -33.65 30.51 -3.01
N HIS G 542 -34.74 30.55 -3.80
CA HIS G 542 -36.08 30.61 -3.24
C HIS G 542 -36.39 29.39 -2.41
N ALA G 543 -36.01 28.20 -2.90
CA ALA G 543 -36.24 26.97 -2.16
C ALA G 543 -35.49 26.97 -0.84
N PHE G 544 -34.25 27.49 -0.86
CA PHE G 544 -33.45 27.59 0.36
C PHE G 544 -34.09 28.53 1.37
N THR G 545 -34.50 29.72 0.93
CA THR G 545 -35.07 30.69 1.86
C THR G 545 -36.41 30.23 2.42
N ILE G 546 -37.24 29.61 1.58
CA ILE G 546 -38.48 28.99 2.05
C ILE G 546 -38.18 27.91 3.06
N HIS G 547 -37.18 27.06 2.80
CA HIS G 547 -36.87 25.97 3.71
C HIS G 547 -36.36 26.45 5.05
N VAL G 548 -35.57 27.53 5.08
CA VAL G 548 -35.11 28.05 6.37
C VAL G 548 -36.25 28.70 7.13
N THR G 549 -37.13 29.42 6.42
CA THR G 549 -38.31 29.98 7.08
C THR G 549 -39.18 28.89 7.69
N VAL G 550 -39.35 27.79 6.95
CA VAL G 550 -40.07 26.63 7.48
C VAL G 550 -39.33 26.03 8.67
N LEU G 551 -37.99 25.99 8.60
CA LEU G 551 -37.20 25.41 9.69
C LEU G 551 -37.40 26.18 10.98
N ILE G 552 -37.33 27.51 10.90
CA ILE G 552 -37.53 28.35 12.09
C ILE G 552 -38.95 28.22 12.62
N LEU G 553 -39.94 28.31 11.73
CA LEU G 553 -41.32 28.32 12.19
C LEU G 553 -41.76 26.96 12.71
N LEU G 554 -41.30 25.88 12.07
CA LEU G 554 -41.63 24.53 12.52
C LEU G 554 -40.86 24.16 13.77
N LYS G 555 -39.64 24.68 13.94
CA LYS G 555 -38.94 24.54 15.21
C LYS G 555 -39.71 25.23 16.32
N GLY G 556 -40.27 26.40 16.02
CA GLY G 556 -41.09 27.08 17.00
C GLY G 556 -42.36 26.35 17.35
N VAL G 557 -43.04 25.80 16.35
CA VAL G 557 -44.31 25.11 16.59
C VAL G 557 -44.08 23.79 17.33
N LEU G 558 -43.13 22.99 16.86
CA LEU G 558 -42.90 21.66 17.41
C LEU G 558 -42.26 21.68 18.79
N PHE G 559 -41.44 22.69 19.08
CA PHE G 559 -40.75 22.77 20.37
C PHE G 559 -41.39 23.81 21.28
N ALA G 560 -42.61 24.23 20.99
CA ALA G 560 -43.27 25.26 21.82
C ALA G 560 -43.59 24.73 23.21
N ARG G 561 -43.84 23.43 23.33
CA ARG G 561 -44.25 22.86 24.61
C ARG G 561 -43.08 22.52 25.51
N SER G 562 -42.02 21.95 24.94
CA SER G 562 -40.89 21.49 25.72
C SER G 562 -39.68 21.35 24.81
N SER G 563 -38.54 21.08 25.42
CA SER G 563 -37.31 20.75 24.72
C SER G 563 -36.41 20.04 25.71
N ARG G 564 -35.30 19.49 25.21
CA ARG G 564 -34.28 18.94 26.09
C ARG G 564 -33.66 20.02 26.97
N LEU G 565 -33.52 21.24 26.44
CA LEU G 565 -33.02 22.37 27.22
C LEU G 565 -34.05 22.86 28.23
N ILE G 566 -35.25 23.19 27.76
CA ILE G 566 -36.33 23.63 28.64
C ILE G 566 -37.44 22.59 28.58
N PRO G 567 -37.61 21.76 29.61
CA PRO G 567 -38.67 20.73 29.57
C PRO G 567 -40.05 21.25 29.94
N ASP G 568 -40.21 22.53 30.25
CA ASP G 568 -41.50 23.04 30.73
C ASP G 568 -41.85 24.36 30.04
N LYS G 569 -41.69 24.42 28.72
CA LYS G 569 -41.95 25.67 28.00
C LYS G 569 -43.44 25.99 27.94
N ALA G 570 -44.29 24.98 28.05
CA ALA G 570 -45.73 25.24 28.06
C ALA G 570 -46.13 26.02 29.31
N ASN G 571 -45.49 25.74 30.44
CA ASN G 571 -45.77 26.49 31.65
C ASN G 571 -45.25 27.92 31.56
N LEU G 572 -44.18 28.14 30.79
CA LEU G 572 -43.71 29.50 30.55
C LEU G 572 -44.60 30.28 29.59
N GLY G 573 -45.20 29.61 28.62
CA GLY G 573 -46.18 30.22 27.75
C GLY G 573 -45.69 30.32 26.32
N PHE G 574 -46.49 31.03 25.51
CA PHE G 574 -46.12 31.33 24.13
C PHE G 574 -45.13 32.49 24.06
N ARG G 575 -45.42 33.57 24.78
CA ARG G 575 -44.70 34.82 24.68
C ARG G 575 -43.93 35.04 25.99
N PHE G 576 -42.69 34.58 26.02
CA PHE G 576 -41.79 34.86 27.13
C PHE G 576 -40.39 35.08 26.58
N PRO G 577 -39.62 36.00 27.17
CA PRO G 577 -38.32 36.36 26.58
C PRO G 577 -37.28 35.26 26.63
N CYS G 578 -37.21 34.55 27.74
CA CYS G 578 -36.16 33.58 28.00
C CYS G 578 -36.54 32.80 29.25
N ASP G 579 -35.65 31.92 29.68
CA ASP G 579 -35.68 31.39 31.03
C ASP G 579 -34.32 31.60 31.70
N GLY G 580 -33.79 32.81 31.56
CA GLY G 580 -32.60 33.20 32.28
C GLY G 580 -31.30 32.89 31.56
N PRO G 581 -30.20 33.47 32.06
CA PRO G 581 -28.89 33.25 31.44
C PRO G 581 -28.29 31.89 31.75
N GLY G 582 -29.00 31.04 32.49
CA GLY G 582 -28.53 29.71 32.79
C GLY G 582 -28.73 28.75 31.64
N ARG G 583 -28.26 27.52 31.88
CA ARG G 583 -28.16 26.48 30.85
C ARG G 583 -27.35 26.97 29.65
N GLY G 584 -26.35 27.80 29.91
CA GLY G 584 -25.57 28.46 28.89
C GLY G 584 -26.15 29.79 28.45
N GLY G 585 -27.44 29.99 28.65
CA GLY G 585 -28.17 31.13 28.11
C GLY G 585 -29.36 30.66 27.32
N THR G 586 -30.56 31.15 27.64
CA THR G 586 -31.77 30.63 27.03
C THR G 586 -32.61 31.74 26.42
N CYS G 587 -31.98 32.76 25.86
CA CYS G 587 -32.72 33.83 25.21
C CYS G 587 -33.36 33.30 23.94
N GLN G 588 -34.62 33.70 23.71
CA GLN G 588 -35.37 33.37 22.50
C GLN G 588 -35.60 31.87 22.33
N VAL G 589 -36.13 31.22 23.37
CA VAL G 589 -36.60 29.85 23.24
C VAL G 589 -38.09 29.77 22.95
N SER G 590 -38.84 30.86 23.17
CA SER G 590 -40.28 30.83 23.03
C SER G 590 -40.68 30.69 21.55
N GLY G 591 -41.92 30.24 21.36
CA GLY G 591 -42.50 30.20 20.02
C GLY G 591 -42.67 31.57 19.41
N TRP G 592 -42.98 32.58 20.23
CA TRP G 592 -43.00 33.97 19.80
C TRP G 592 -41.68 34.37 19.16
N ASP G 593 -40.56 33.97 19.77
CA ASP G 593 -39.26 34.38 19.24
C ASP G 593 -38.91 33.64 17.96
N HIS G 594 -39.42 32.43 17.77
CA HIS G 594 -39.26 31.77 16.49
C HIS G 594 -40.10 32.44 15.41
N VAL G 595 -41.29 32.96 15.78
CA VAL G 595 -42.04 33.79 14.85
C VAL G 595 -41.27 35.07 14.53
N PHE G 596 -40.60 35.63 15.55
CA PHE G 596 -39.79 36.83 15.39
C PHE G 596 -38.66 36.61 14.39
N LEU G 597 -37.98 35.46 14.48
CA LEU G 597 -36.91 35.15 13.53
C LEU G 597 -37.44 34.78 12.15
N GLY G 598 -38.56 34.04 12.11
CA GLY G 598 -39.18 33.69 10.85
C GLY G 598 -39.72 34.89 10.09
N LEU G 599 -40.02 35.98 10.78
CA LEU G 599 -40.36 37.22 10.09
C LEU G 599 -39.19 37.76 9.28
N PHE G 600 -37.99 37.79 9.85
CA PHE G 600 -36.84 38.22 9.06
C PHE G 600 -36.57 37.26 7.91
N TRP G 601 -36.73 35.97 8.14
CA TRP G 601 -36.44 35.03 7.06
C TRP G 601 -37.51 35.04 5.96
N MET G 602 -38.77 35.30 6.33
CA MET G 602 -39.81 35.58 5.35
C MET G 602 -39.48 36.83 4.55
N TYR G 603 -38.97 37.86 5.23
CA TYR G 603 -38.53 39.08 4.53
C TYR G 603 -37.47 38.76 3.50
N ASN G 604 -36.48 37.95 3.88
CA ASN G 604 -35.42 37.55 2.96
C ASN G 604 -35.97 36.79 1.76
N CYS G 605 -36.86 35.83 2.03
CA CYS G 605 -37.43 35.00 0.97
C CYS G 605 -38.24 35.85 -0.02
N ILE G 606 -39.17 36.66 0.50
CA ILE G 606 -40.05 37.43 -0.37
C ILE G 606 -39.27 38.52 -1.09
N SER G 607 -38.24 39.08 -0.44
CA SER G 607 -37.41 40.09 -1.09
C SER G 607 -36.65 39.51 -2.28
N VAL G 608 -36.09 38.31 -2.13
CA VAL G 608 -35.46 37.67 -3.28
C VAL G 608 -36.49 37.29 -4.35
N VAL G 609 -37.69 36.89 -3.94
CA VAL G 609 -38.73 36.52 -4.92
C VAL G 609 -39.12 37.73 -5.78
N ILE G 610 -39.40 38.85 -5.14
CA ILE G 610 -39.80 40.04 -5.88
C ILE G 610 -38.64 40.67 -6.65
N PHE G 611 -37.40 40.53 -6.18
CA PHE G 611 -36.25 40.96 -6.95
C PHE G 611 -36.08 40.12 -8.22
N HIS G 612 -36.27 38.81 -8.09
CA HIS G 612 -36.25 37.91 -9.25
C HIS G 612 -37.33 38.28 -10.24
N PHE G 613 -38.55 38.54 -9.76
CA PHE G 613 -39.65 38.93 -10.63
C PHE G 613 -39.34 40.23 -11.37
N SER G 614 -38.89 41.25 -10.63
CA SER G 614 -38.62 42.56 -11.23
C SER G 614 -37.54 42.47 -12.30
N TRP G 615 -36.41 41.83 -11.97
CA TRP G 615 -35.33 41.74 -12.94
C TRP G 615 -35.67 40.83 -14.12
N LYS G 616 -36.31 39.69 -13.88
CA LYS G 616 -36.65 38.79 -14.97
C LYS G 616 -37.68 39.39 -15.91
N MET G 617 -38.66 40.13 -15.37
CA MET G 617 -39.64 40.79 -16.23
C MET G 617 -39.03 41.95 -17.00
N GLN G 618 -38.17 42.74 -16.36
CA GLN G 618 -37.59 43.87 -17.06
C GLN G 618 -36.51 43.42 -18.04
N SER G 619 -36.01 42.20 -17.89
CA SER G 619 -34.93 41.73 -18.75
C SER G 619 -35.38 40.82 -19.88
N ASP G 620 -36.41 40.01 -19.67
CA ASP G 620 -36.76 38.98 -20.63
C ASP G 620 -38.23 38.99 -21.04
N VAL G 621 -39.06 39.86 -20.45
CA VAL G 621 -40.46 39.93 -20.83
C VAL G 621 -40.86 41.33 -21.25
N TRP G 622 -40.76 42.29 -20.34
CA TRP G 622 -41.32 43.61 -20.60
C TRP G 622 -40.45 44.41 -21.55
N GLY G 623 -41.01 45.43 -22.19
CA GLY G 623 -40.25 46.25 -23.11
C GLY G 623 -41.15 46.86 -24.17
N THR G 624 -40.53 47.23 -25.28
CA THR G 624 -41.23 47.88 -26.39
C THR G 624 -41.09 47.00 -27.63
N VAL G 625 -42.21 46.73 -28.28
CA VAL G 625 -42.21 46.03 -29.56
C VAL G 625 -42.17 47.09 -30.66
N ALA G 626 -41.17 47.01 -31.53
CA ALA G 626 -41.07 47.91 -32.65
C ALA G 626 -42.14 47.55 -33.69
N PRO G 627 -42.50 48.50 -34.58
CA PRO G 627 -43.46 48.19 -35.65
C PRO G 627 -43.06 47.04 -36.57
N ASP G 628 -41.76 46.84 -36.79
CA ASP G 628 -41.34 45.69 -37.58
C ASP G 628 -41.46 44.39 -36.78
N GLY G 629 -41.46 44.48 -35.45
CA GLY G 629 -41.76 43.32 -34.63
C GLY G 629 -40.59 42.72 -33.87
N THR G 630 -39.68 43.55 -33.36
CA THR G 630 -38.60 43.08 -32.50
C THR G 630 -38.81 43.66 -31.09
N VAL G 631 -38.45 42.86 -30.09
CA VAL G 631 -38.68 43.24 -28.70
C VAL G 631 -37.41 43.86 -28.13
N SER G 632 -37.50 45.12 -27.71
CA SER G 632 -36.41 45.79 -27.01
C SER G 632 -36.76 45.77 -25.53
N HIS G 633 -36.20 44.80 -24.83
CA HIS G 633 -36.50 44.62 -23.40
C HIS G 633 -35.98 45.80 -22.60
N ILE G 634 -36.56 46.00 -21.41
CA ILE G 634 -36.31 47.17 -20.58
C ILE G 634 -34.85 47.25 -20.16
N THR G 635 -34.29 46.14 -19.68
CA THR G 635 -32.88 46.08 -19.35
C THR G 635 -32.07 45.26 -20.34
N GLY G 636 -32.67 44.86 -21.46
CA GLY G 636 -31.95 44.26 -22.57
C GLY G 636 -31.29 42.92 -22.31
N GLY G 637 -31.94 42.07 -21.53
CA GLY G 637 -31.48 40.71 -21.34
C GLY G 637 -30.16 40.56 -20.59
N ASN G 638 -29.96 41.35 -19.53
CA ASN G 638 -28.74 41.22 -18.74
C ASN G 638 -28.86 40.12 -17.71
N PHE G 639 -30.06 39.58 -17.50
CA PHE G 639 -30.33 38.60 -16.45
C PHE G 639 -29.53 37.32 -16.63
N ALA G 640 -29.43 36.82 -17.86
CA ALA G 640 -28.78 35.54 -18.10
C ALA G 640 -27.28 35.57 -17.80
N GLN G 641 -26.68 36.76 -17.78
CA GLN G 641 -25.26 36.88 -17.53
C GLN G 641 -24.90 37.71 -16.31
N SER G 642 -25.86 38.45 -15.73
CA SER G 642 -25.58 39.21 -14.53
C SER G 642 -26.27 38.68 -13.28
N ALA G 643 -27.38 37.93 -13.42
CA ALA G 643 -28.06 37.38 -12.26
C ALA G 643 -27.45 36.08 -11.77
N ILE G 644 -26.21 35.80 -12.17
CA ILE G 644 -25.48 34.62 -11.70
C ILE G 644 -24.36 34.98 -10.75
N THR G 645 -24.08 36.26 -10.53
CA THR G 645 -23.17 36.72 -9.49
C THR G 645 -23.91 37.67 -8.57
N ILE G 646 -23.43 37.79 -7.33
CA ILE G 646 -23.95 38.80 -6.43
C ILE G 646 -23.59 40.19 -6.92
N ASN G 647 -22.40 40.34 -7.52
CA ASN G 647 -22.00 41.62 -8.09
C ASN G 647 -22.93 42.07 -9.21
N GLY G 648 -23.42 41.12 -10.01
CA GLY G 648 -24.38 41.48 -11.03
C GLY G 648 -25.70 41.95 -10.46
N TRP G 649 -26.16 41.32 -9.38
CA TRP G 649 -27.37 41.78 -8.69
C TRP G 649 -27.17 43.16 -8.08
N LEU G 650 -25.99 43.41 -7.51
CA LEU G 650 -25.73 44.69 -6.87
C LEU G 650 -25.55 45.79 -7.90
N ARG G 651 -24.99 45.46 -9.07
CA ARG G 651 -24.69 46.44 -10.10
C ARG G 651 -25.89 46.69 -10.99
N ASP G 652 -26.35 45.65 -11.68
CA ASP G 652 -27.29 45.77 -12.77
C ASP G 652 -28.73 45.72 -12.33
N PHE G 653 -29.00 45.38 -11.07
CA PHE G 653 -30.34 45.47 -10.53
C PHE G 653 -30.43 46.55 -9.45
N LEU G 654 -29.60 46.48 -8.42
CA LEU G 654 -29.76 47.41 -7.31
C LEU G 654 -29.20 48.79 -7.64
N TRP G 655 -27.96 48.84 -8.14
CA TRP G 655 -27.36 50.13 -8.48
C TRP G 655 -28.01 50.75 -9.72
N ALA G 656 -28.26 49.93 -10.74
CA ALA G 656 -28.70 50.47 -12.03
C ALA G 656 -30.15 50.93 -12.01
N GLN G 657 -31.03 50.19 -11.36
CA GLN G 657 -32.45 50.49 -11.39
C GLN G 657 -32.88 51.46 -10.29
N ALA G 658 -32.00 51.78 -9.35
CA ALA G 658 -32.29 52.78 -8.35
C ALA G 658 -31.93 54.19 -8.79
N SER G 659 -31.47 54.36 -10.03
CA SER G 659 -31.13 55.69 -10.52
C SER G 659 -32.35 56.59 -10.59
N GLN G 660 -33.53 56.00 -10.84
CA GLN G 660 -34.75 56.79 -10.93
C GLN G 660 -35.28 57.13 -9.54
N VAL G 661 -35.11 56.23 -8.57
CA VAL G 661 -35.61 56.52 -7.22
C VAL G 661 -34.73 57.55 -6.53
N ILE G 662 -33.48 57.71 -6.97
CA ILE G 662 -32.63 58.74 -6.37
C ILE G 662 -32.55 60.00 -7.22
N GLY G 663 -32.90 59.93 -8.51
CA GLY G 663 -32.96 61.12 -9.32
C GLY G 663 -34.35 61.71 -9.36
N SER G 664 -35.23 61.18 -8.52
CA SER G 664 -36.64 61.54 -8.55
C SER G 664 -36.92 62.92 -7.98
N TYR G 665 -35.96 63.54 -7.32
CA TYR G 665 -36.16 64.82 -6.65
C TYR G 665 -36.50 65.91 -7.65
N GLY G 666 -37.50 66.71 -7.32
CA GLY G 666 -38.00 67.74 -8.20
C GLY G 666 -39.06 67.31 -9.20
N SER G 667 -39.33 66.01 -9.30
CA SER G 667 -40.30 65.49 -10.27
C SER G 667 -41.50 64.95 -9.50
N ALA G 668 -42.46 64.40 -10.24
CA ALA G 668 -43.68 63.84 -9.66
C ALA G 668 -43.42 62.60 -8.81
N LEU G 669 -42.26 61.95 -8.97
CA LEU G 669 -41.92 60.77 -8.18
C LEU G 669 -40.99 61.08 -7.01
N SER G 670 -40.86 62.36 -6.64
CA SER G 670 -39.95 62.77 -5.58
C SER G 670 -40.37 62.23 -4.22
N ALA G 671 -41.67 62.01 -4.03
CA ALA G 671 -42.16 61.37 -2.82
C ALA G 671 -41.62 59.96 -2.69
N TYR G 672 -41.40 59.28 -3.83
CA TYR G 672 -40.80 57.95 -3.78
C TYR G 672 -39.34 58.01 -3.34
N GLY G 673 -38.59 59.04 -3.76
CA GLY G 673 -37.25 59.21 -3.22
C GLY G 673 -37.24 59.55 -1.75
N LEU G 674 -38.19 60.38 -1.30
CA LEU G 674 -38.33 60.70 0.11
C LEU G 674 -38.66 59.46 0.94
N LEU G 675 -39.55 58.60 0.44
CA LEU G 675 -39.88 57.37 1.15
C LEU G 675 -38.76 56.34 1.05
N PHE G 676 -37.98 56.37 -0.03
CA PHE G 676 -36.76 55.56 -0.11
C PHE G 676 -35.81 55.90 1.04
N LEU G 677 -35.52 57.20 1.22
CA LEU G 677 -34.65 57.62 2.31
C LEU G 677 -35.28 57.38 3.68
N GLY G 678 -36.57 57.69 3.84
CA GLY G 678 -37.23 57.49 5.13
C GLY G 678 -37.34 56.03 5.52
N ALA G 679 -37.51 55.15 4.54
CA ALA G 679 -37.57 53.73 4.81
C ALA G 679 -36.19 53.17 5.14
N HIS G 680 -35.14 53.69 4.50
CA HIS G 680 -33.78 53.42 4.97
C HIS G 680 -33.61 53.82 6.43
N PHE G 681 -34.13 55.00 6.79
CA PHE G 681 -34.05 55.50 8.15
C PHE G 681 -34.77 54.59 9.14
N VAL G 682 -35.99 54.17 8.80
CA VAL G 682 -36.77 53.33 9.72
C VAL G 682 -36.13 51.96 9.87
N TRP G 683 -35.60 51.41 8.77
CA TRP G 683 -34.91 50.13 8.85
C TRP G 683 -33.66 50.20 9.73
N ALA G 684 -32.90 51.29 9.62
CA ALA G 684 -31.75 51.43 10.49
C ALA G 684 -32.13 51.76 11.92
N PHE G 685 -33.27 52.44 12.10
CA PHE G 685 -33.83 52.69 13.42
C PHE G 685 -34.18 51.40 14.13
N SER G 686 -34.60 50.39 13.37
CA SER G 686 -34.93 49.08 13.93
C SER G 686 -33.76 48.42 14.64
N LEU G 687 -32.54 48.60 14.13
CA LEU G 687 -31.41 47.87 14.66
C LEU G 687 -31.00 48.36 16.04
N MET G 688 -31.41 49.58 16.43
CA MET G 688 -31.24 49.99 17.82
C MET G 688 -32.03 49.10 18.76
N PHE G 689 -33.28 48.80 18.40
CA PHE G 689 -34.09 47.89 19.19
C PHE G 689 -33.62 46.46 19.07
N LEU G 690 -33.15 46.07 17.89
CA LEU G 690 -32.75 44.69 17.65
C LEU G 690 -31.44 44.30 18.30
N PHE G 691 -30.43 45.16 18.30
CA PHE G 691 -29.11 44.77 18.78
C PHE G 691 -28.93 45.03 20.27
N SER G 692 -29.86 45.73 20.91
CA SER G 692 -29.70 46.13 22.30
C SER G 692 -30.64 45.32 23.18
N GLY G 693 -30.49 45.51 24.49
CA GLY G 693 -31.39 44.94 25.46
C GLY G 693 -31.86 46.03 26.42
N ARG G 694 -32.92 45.70 27.16
CA ARG G 694 -33.64 46.71 27.93
C ARG G 694 -32.93 47.10 29.21
N GLY G 695 -31.93 46.35 29.66
CA GLY G 695 -31.23 46.70 30.87
C GLY G 695 -30.54 48.04 30.75
N TYR G 696 -29.85 48.25 29.61
CA TYR G 696 -29.22 49.54 29.33
C TYR G 696 -30.24 50.68 29.35
N TRP G 697 -31.39 50.46 28.69
CA TRP G 697 -32.37 51.52 28.55
C TRP G 697 -33.02 51.85 29.88
N GLN G 698 -33.21 50.84 30.74
CA GLN G 698 -33.72 51.10 32.08
C GLN G 698 -32.72 51.89 32.92
N GLU G 699 -31.44 51.51 32.86
CA GLU G 699 -30.41 52.27 33.58
C GLU G 699 -30.28 53.70 33.10
N LEU G 700 -30.44 53.96 31.80
CA LEU G 700 -30.44 55.32 31.27
C LEU G 700 -31.69 56.10 31.66
N ILE G 701 -32.86 55.45 31.60
CA ILE G 701 -34.12 56.05 32.02
C ILE G 701 -34.07 56.41 33.50
N GLU G 702 -33.27 55.68 34.30
CA GLU G 702 -33.07 56.05 35.70
C GLU G 702 -32.44 57.44 35.84
N SER G 703 -31.43 57.74 35.02
CA SER G 703 -30.80 59.06 35.09
C SER G 703 -31.70 60.16 34.55
N ILE G 704 -32.43 59.88 33.46
CA ILE G 704 -33.40 60.87 32.99
C ILE G 704 -34.53 61.08 34.01
N VAL G 705 -34.94 60.03 34.71
CA VAL G 705 -35.88 60.11 35.83
C VAL G 705 -35.32 60.98 36.95
N TRP G 706 -34.01 60.86 37.21
CA TRP G 706 -33.37 61.73 38.21
C TRP G 706 -33.46 63.19 37.81
N ALA G 707 -33.20 63.49 36.54
CA ALA G 707 -33.27 64.88 36.06
C ALA G 707 -34.70 65.41 36.12
N HIS G 708 -35.68 64.52 35.96
CA HIS G 708 -37.07 64.90 36.13
C HIS G 708 -37.43 65.07 37.60
N ASN G 709 -36.79 64.30 38.47
CA ASN G 709 -37.07 64.34 39.89
C ASN G 709 -36.53 65.62 40.51
N LYS G 710 -35.43 66.13 39.96
CA LYS G 710 -34.87 67.38 40.48
C LYS G 710 -35.78 68.57 40.21
N LEU G 711 -36.45 68.58 39.06
CA LEU G 711 -37.32 69.68 38.69
C LEU G 711 -38.79 69.42 39.01
N LYS G 712 -39.06 68.42 39.86
CA LYS G 712 -40.40 68.09 40.36
C LYS G 712 -41.36 67.78 39.22
N VAL G 713 -40.84 67.08 38.21
CA VAL G 713 -41.60 66.72 37.02
C VAL G 713 -41.50 65.23 36.69
N ALA G 714 -41.01 64.41 37.61
CA ALA G 714 -41.06 62.97 37.39
C ALA G 714 -42.51 62.50 37.44
N PRO G 715 -42.99 61.77 36.43
CA PRO G 715 -44.41 61.40 36.39
C PRO G 715 -44.73 60.29 37.39
N ALA G 716 -46.01 60.24 37.75
CA ALA G 716 -46.49 59.21 38.69
C ALA G 716 -46.50 57.84 38.04
N ILE G 717 -46.89 57.76 36.77
CA ILE G 717 -46.70 56.53 36.00
C ILE G 717 -45.21 56.40 35.75
N GLN G 718 -44.60 55.37 36.31
CA GLN G 718 -43.16 55.22 36.28
C GLN G 718 -42.66 54.87 34.89
N PRO G 719 -41.74 55.67 34.34
CA PRO G 719 -41.15 55.32 33.05
C PRO G 719 -40.31 54.06 33.15
N ARG G 720 -40.55 53.13 32.23
CA ARG G 720 -39.80 51.90 32.19
C ARG G 720 -39.30 51.66 30.77
N ALA G 721 -38.17 50.98 30.65
CA ALA G 721 -37.78 50.47 29.35
C ALA G 721 -38.80 49.44 28.88
N LEU G 722 -38.92 49.34 27.55
CA LEU G 722 -39.80 48.33 26.96
C LEU G 722 -39.34 46.94 27.36
N SER G 723 -40.30 46.02 27.46
CA SER G 723 -39.95 44.65 27.81
C SER G 723 -39.14 44.02 26.68
N ILE G 724 -38.50 42.89 27.02
CA ILE G 724 -37.59 42.22 26.09
C ILE G 724 -38.33 41.79 24.83
N ILE G 725 -39.51 41.19 25.00
CA ILE G 725 -40.33 40.80 23.88
C ILE G 725 -40.80 42.01 23.09
N GLN G 726 -41.17 43.09 23.79
CA GLN G 726 -41.61 44.30 23.11
C GLN G 726 -40.46 44.94 22.34
N GLY G 727 -39.24 44.94 22.91
CA GLY G 727 -38.09 45.42 22.17
C GLY G 727 -37.86 44.63 20.90
N ARG G 728 -37.99 43.30 20.98
CA ARG G 728 -37.89 42.47 19.78
C ARG G 728 -38.99 42.78 18.78
N ALA G 729 -40.22 43.00 19.26
CA ALA G 729 -41.36 43.26 18.40
C ALA G 729 -41.21 44.60 17.69
N VAL G 730 -40.78 45.64 18.41
CA VAL G 730 -40.55 46.95 17.82
C VAL G 730 -39.45 46.88 16.80
N GLY G 731 -38.36 46.15 17.11
CA GLY G 731 -37.28 46.00 16.15
C GLY G 731 -37.71 45.30 14.88
N VAL G 732 -38.45 44.20 15.01
CA VAL G 732 -38.85 43.47 13.80
C VAL G 732 -39.90 44.25 13.02
N ALA G 733 -40.78 44.99 13.71
CA ALA G 733 -41.78 45.80 13.01
C ALA G 733 -41.12 46.91 12.21
N HIS G 734 -40.16 47.62 12.82
CA HIS G 734 -39.47 48.68 12.11
C HIS G 734 -38.56 48.12 11.00
N TYR G 735 -37.99 46.94 11.22
CA TYR G 735 -37.13 46.32 10.21
C TYR G 735 -37.95 45.96 8.97
N LEU G 736 -39.08 45.28 9.19
CA LEU G 736 -39.95 44.89 8.09
C LEU G 736 -40.52 46.12 7.38
N LEU G 737 -40.98 47.11 8.14
CA LEU G 737 -41.53 48.33 7.56
C LEU G 737 -40.49 49.07 6.73
N GLY G 738 -39.30 49.28 7.29
CA GLY G 738 -38.24 49.97 6.59
C GLY G 738 -37.78 49.28 5.33
N GLY G 739 -37.49 47.98 5.41
CA GLY G 739 -37.04 47.27 4.23
C GLY G 739 -38.11 47.16 3.15
N ILE G 740 -39.35 46.83 3.56
CA ILE G 740 -40.45 46.67 2.61
C ILE G 740 -40.76 48.00 1.95
N ALA G 741 -40.79 49.09 2.71
CA ALA G 741 -41.07 50.39 2.14
C ALA G 741 -39.92 50.88 1.25
N THR G 742 -38.68 50.49 1.56
CA THR G 742 -37.56 50.79 0.69
C THR G 742 -37.75 50.13 -0.67
N THR G 743 -38.06 48.82 -0.66
CA THR G 743 -38.31 48.10 -1.90
C THR G 743 -39.53 48.63 -2.63
N TRP G 744 -40.53 49.08 -1.89
CA TRP G 744 -41.75 49.62 -2.48
C TRP G 744 -41.48 50.91 -3.24
N ALA G 745 -40.77 51.84 -2.60
CA ALA G 745 -40.44 53.11 -3.23
C ALA G 745 -39.52 52.91 -4.43
N PHE G 746 -38.52 52.04 -4.27
CA PHE G 746 -37.64 51.68 -5.37
C PHE G 746 -38.38 51.09 -6.55
N PHE G 747 -39.22 50.09 -6.28
CA PHE G 747 -39.96 49.39 -7.32
C PHE G 747 -40.86 50.35 -8.08
N LEU G 748 -41.64 51.14 -7.35
CA LEU G 748 -42.62 52.01 -7.99
C LEU G 748 -41.95 53.14 -8.77
N ALA G 749 -40.87 53.71 -8.22
CA ALA G 749 -40.17 54.77 -8.94
C ALA G 749 -39.51 54.23 -10.21
N ARG G 750 -38.88 53.06 -10.12
CA ARG G 750 -38.25 52.42 -11.27
C ARG G 750 -39.27 52.14 -12.37
N ILE G 751 -40.36 51.45 -12.01
CA ILE G 751 -41.27 50.98 -13.03
C ILE G 751 -42.25 52.05 -13.48
N ILE G 752 -42.33 53.18 -12.76
CA ILE G 752 -43.13 54.28 -13.28
C ILE G 752 -42.28 55.18 -14.18
N SER G 753 -41.04 55.48 -13.78
CA SER G 753 -40.16 56.26 -14.64
C SER G 753 -39.79 55.54 -15.94
N VAL G 754 -39.58 54.23 -15.88
CA VAL G 754 -39.10 53.50 -17.04
C VAL G 754 -40.20 52.67 -17.71
N GLY G 755 -40.96 51.89 -16.95
CA GLY G 755 -42.00 51.05 -17.54
C GLY G 755 -43.25 51.82 -17.93
N ALA H 2 -10.61 16.86 33.37
CA ALA H 2 -10.27 18.19 32.87
C ALA H 2 -9.23 18.13 31.77
N THR H 3 -8.95 19.29 31.17
CA THR H 3 -7.94 19.38 30.13
C THR H 3 -6.79 20.27 30.58
N LYS H 4 -5.73 20.28 29.78
CA LYS H 4 -4.63 21.21 30.00
C LYS H 4 -5.04 22.63 29.63
N PHE H 5 -5.71 22.77 28.50
CA PHE H 5 -6.09 24.08 28.01
C PHE H 5 -7.43 24.50 28.60
N PRO H 6 -7.54 25.71 29.17
CA PRO H 6 -6.48 26.69 29.39
C PRO H 6 -5.73 26.46 30.70
N LYS H 7 -4.43 26.71 30.70
CA LYS H 7 -3.63 26.52 31.90
C LYS H 7 -3.96 27.55 32.97
N PHE H 8 -4.41 28.74 32.55
CA PHE H 8 -4.62 29.87 33.44
C PHE H 8 -6.00 29.89 34.10
N SER H 9 -6.86 28.91 33.83
CA SER H 9 -8.21 28.92 34.39
C SER H 9 -8.72 27.49 34.51
N GLN H 10 -8.73 26.95 35.72
CA GLN H 10 -9.25 25.60 35.94
C GLN H 10 -10.76 25.55 35.77
N ASP H 11 -11.45 26.67 36.00
CA ASP H 11 -12.89 26.74 35.79
C ASP H 11 -13.22 26.49 34.32
N LEU H 12 -12.44 27.08 33.41
CA LEU H 12 -12.61 26.76 32.00
C LEU H 12 -12.01 25.41 31.65
N ALA H 13 -10.94 25.00 32.35
CA ALA H 13 -10.28 23.74 32.02
C ALA H 13 -11.15 22.53 32.31
N GLN H 14 -12.06 22.61 33.28
CA GLN H 14 -12.99 21.53 33.56
C GLN H 14 -14.29 21.63 32.78
N ASP H 15 -14.46 22.66 31.94
CA ASP H 15 -15.68 22.80 31.14
C ASP H 15 -15.68 21.74 30.04
N PRO H 16 -16.65 20.83 30.02
CA PRO H 16 -16.67 19.75 29.01
C PRO H 16 -17.26 20.14 27.67
N THR H 17 -17.61 21.39 27.45
CA THR H 17 -18.25 21.84 26.22
C THR H 17 -17.23 22.51 25.30
N THR H 18 -17.72 23.05 24.19
CA THR H 18 -16.86 23.80 23.29
C THR H 18 -16.53 25.19 23.84
N ARG H 19 -17.34 25.67 24.79
CA ARG H 19 -17.13 26.96 25.44
C ARG H 19 -15.75 27.06 26.06
N ARG H 20 -15.22 25.94 26.56
CA ARG H 20 -13.88 25.85 27.13
C ARG H 20 -12.83 26.42 26.19
N ILE H 21 -12.96 26.14 24.89
CA ILE H 21 -12.04 26.73 23.93
C ILE H 21 -12.30 28.23 23.83
N TRP H 22 -13.56 28.61 23.56
CA TRP H 22 -13.89 29.97 23.13
C TRP H 22 -13.53 30.99 24.20
N TYR H 23 -14.05 30.77 25.41
CA TYR H 23 -13.78 31.66 26.53
C TYR H 23 -12.30 31.76 26.85
N ALA H 24 -11.56 30.66 26.67
CA ALA H 24 -10.12 30.69 26.94
C ALA H 24 -9.43 31.69 26.02
N ILE H 25 -9.83 31.69 24.74
CA ILE H 25 -9.25 32.61 23.77
C ILE H 25 -9.56 34.05 24.17
N ALA H 26 -10.73 34.29 24.73
CA ALA H 26 -11.07 35.65 25.11
C ALA H 26 -10.64 35.99 26.53
N THR H 27 -10.09 35.03 27.27
CA THR H 27 -9.60 35.34 28.61
C THR H 27 -8.10 35.08 28.73
N ALA H 28 -7.41 34.91 27.61
CA ALA H 28 -5.98 34.65 27.64
C ALA H 28 -5.16 35.86 28.05
N HIS H 29 -5.62 37.06 27.72
CA HIS H 29 -4.87 38.29 27.99
C HIS H 29 -5.40 39.06 29.18
N ASP H 30 -6.41 38.52 29.87
CA ASP H 30 -6.89 39.12 31.11
C ASP H 30 -6.17 38.48 32.29
N PHE H 31 -4.90 38.91 32.45
CA PHE H 31 -3.97 38.23 33.36
C PHE H 31 -4.44 38.32 34.81
N GLU H 32 -5.16 39.38 35.15
CA GLU H 32 -5.59 39.59 36.54
C GLU H 32 -6.63 38.57 36.97
N SER H 33 -7.35 37.99 36.02
CA SER H 33 -8.35 36.98 36.36
C SER H 33 -7.77 35.55 36.35
N HIS H 34 -6.49 35.39 36.03
CA HIS H 34 -5.88 34.08 35.91
C HIS H 34 -5.64 33.45 37.28
N ASP H 35 -5.41 32.13 37.27
CA ASP H 35 -5.12 31.39 38.49
C ASP H 35 -3.69 31.65 38.95
N GLY H 36 -3.53 31.90 40.24
CA GLY H 36 -2.22 32.04 40.82
C GLY H 36 -1.51 33.34 40.51
N MET H 37 -2.20 34.31 39.93
CA MET H 37 -1.59 35.56 39.52
C MET H 37 -1.44 36.49 40.73
N THR H 38 -0.21 36.88 41.01
CA THR H 38 0.08 37.94 41.96
C THR H 38 0.37 39.22 41.20
N GLU H 39 0.50 40.32 41.92
CA GLU H 39 0.72 41.64 41.31
C GLU H 39 2.08 41.71 40.62
N GLU H 40 3.10 41.10 41.23
CA GLU H 40 4.45 41.11 40.68
C GLU H 40 4.50 40.39 39.34
N ASN H 41 3.93 39.17 39.29
CA ASN H 41 3.88 38.41 38.05
C ASN H 41 3.01 39.11 37.02
N LEU H 42 1.98 39.83 37.47
CA LEU H 42 1.14 40.61 36.57
C LEU H 42 1.94 41.69 35.86
N TYR H 43 2.69 42.50 36.63
CA TYR H 43 3.45 43.59 36.02
C TYR H 43 4.57 43.07 35.15
N GLN H 44 5.22 41.98 35.57
CA GLN H 44 6.30 41.40 34.76
C GLN H 44 5.77 40.81 33.45
N LYS H 45 4.59 40.20 33.49
CA LYS H 45 4.00 39.65 32.26
C LYS H 45 3.56 40.76 31.32
N ILE H 46 3.04 41.86 31.87
CA ILE H 46 2.70 43.01 31.03
C ILE H 46 3.94 43.60 30.38
N PHE H 47 5.05 43.64 31.13
CA PHE H 47 6.33 44.09 30.59
C PHE H 47 6.78 43.24 29.40
N ALA H 48 6.78 41.92 29.59
CA ALA H 48 7.23 41.02 28.52
C ALA H 48 6.31 41.08 27.30
N SER H 49 5.00 41.20 27.55
CA SER H 49 4.06 41.36 26.44
C SER H 49 4.27 42.67 25.69
N HIS H 50 4.62 43.74 26.42
CA HIS H 50 4.95 45.02 25.79
C HIS H 50 6.14 44.89 24.86
N PHE H 51 7.19 44.19 25.29
CA PHE H 51 8.33 43.98 24.40
C PHE H 51 7.97 43.13 23.20
N GLY H 52 7.18 42.08 23.40
CA GLY H 52 6.76 41.25 22.27
C GLY H 52 5.94 42.02 21.26
N HIS H 53 5.10 42.93 21.75
CA HIS H 53 4.35 43.81 20.86
C HIS H 53 5.26 44.78 20.11
N LEU H 54 6.29 45.32 20.79
CA LEU H 54 7.26 46.18 20.13
C LEU H 54 7.95 45.44 18.99
N ALA H 55 8.30 44.17 19.24
CA ALA H 55 8.96 43.38 18.21
C ALA H 55 8.03 43.10 17.04
N ILE H 56 6.73 42.88 17.32
CA ILE H 56 5.77 42.68 16.24
C ILE H 56 5.65 43.95 15.39
N ILE H 57 5.63 45.12 16.04
CA ILE H 57 5.63 46.39 15.32
C ILE H 57 6.87 46.52 14.44
N PHE H 58 8.03 46.18 14.98
CA PHE H 58 9.29 46.29 14.23
C PHE H 58 9.32 45.34 13.05
N LEU H 59 8.84 44.10 13.24
CA LEU H 59 8.77 43.14 12.14
C LEU H 59 7.79 43.58 11.07
N TRP H 60 6.72 44.26 11.46
CA TRP H 60 5.76 44.80 10.51
C TRP H 60 6.36 45.89 9.61
N VAL H 61 7.08 46.84 10.23
CA VAL H 61 7.77 47.85 9.41
C VAL H 61 8.85 47.19 8.55
N SER H 62 9.51 46.17 9.09
CA SER H 62 10.52 45.43 8.34
C SER H 62 9.91 44.74 7.12
N GLY H 63 8.72 44.19 7.27
CA GLY H 63 8.00 43.56 6.18
C GLY H 63 7.65 44.54 5.08
N SER H 64 7.14 45.71 5.47
CA SER H 64 6.84 46.75 4.48
C SER H 64 8.10 47.18 3.73
N LEU H 65 9.19 47.40 4.46
CA LEU H 65 10.44 47.83 3.82
C LEU H 65 11.01 46.75 2.91
N PHE H 66 10.99 45.49 3.37
CA PHE H 66 11.57 44.41 2.60
C PHE H 66 10.77 44.17 1.33
N HIS H 67 9.44 44.27 1.40
CA HIS H 67 8.65 44.01 0.21
C HIS H 67 8.74 45.17 -0.78
N VAL H 68 8.88 46.40 -0.30
CA VAL H 68 9.11 47.51 -1.22
C VAL H 68 10.49 47.39 -1.88
N ALA H 69 11.50 46.93 -1.12
CA ALA H 69 12.83 46.81 -1.68
C ALA H 69 12.95 45.63 -2.64
N TRP H 70 12.16 44.58 -2.40
CA TRP H 70 12.31 43.36 -3.18
C TRP H 70 11.38 43.33 -4.39
N GLN H 71 10.08 43.63 -4.18
CA GLN H 71 9.10 43.47 -5.24
C GLN H 71 8.53 44.81 -5.68
N GLY H 72 8.88 45.89 -4.98
CA GLY H 72 8.37 47.21 -5.26
C GLY H 72 9.14 47.91 -6.37
N ASN H 73 8.80 49.18 -6.56
CA ASN H 73 9.37 49.99 -7.64
C ASN H 73 9.87 51.31 -7.09
N PHE H 74 10.62 51.26 -5.99
CA PHE H 74 10.94 52.47 -5.23
C PHE H 74 11.76 53.45 -6.04
N GLU H 75 12.81 52.97 -6.73
CA GLU H 75 13.71 53.86 -7.48
C GLU H 75 13.01 54.46 -8.69
N GLN H 76 12.24 53.65 -9.43
CA GLN H 76 11.43 54.16 -10.52
C GLN H 76 10.39 55.14 -10.00
N TRP H 77 9.95 54.97 -8.76
CA TRP H 77 9.03 55.93 -8.16
C TRP H 77 9.74 57.22 -7.75
N ILE H 78 11.04 57.15 -7.41
CA ILE H 78 11.79 58.38 -7.19
C ILE H 78 11.88 59.18 -8.47
N GLN H 79 12.17 58.49 -9.59
CA GLN H 79 12.38 59.21 -10.84
C GLN H 79 11.09 59.80 -11.43
N ASP H 80 9.92 59.44 -10.90
CA ASP H 80 8.65 60.06 -11.33
C ASP H 80 7.61 59.88 -10.25
N PRO H 81 7.68 60.66 -9.17
CA PRO H 81 6.78 60.44 -8.02
C PRO H 81 5.34 60.85 -8.27
N LEU H 82 5.05 61.61 -9.33
CA LEU H 82 3.71 62.07 -9.61
C LEU H 82 2.94 61.14 -10.52
N ASN H 83 3.62 60.30 -11.29
CA ASN H 83 2.98 59.49 -12.32
C ASN H 83 3.44 58.04 -12.29
N THR H 84 4.06 57.61 -11.20
CA THR H 84 4.40 56.22 -10.99
C THR H 84 3.60 55.74 -9.79
N ARG H 85 3.16 54.49 -9.84
CA ARG H 85 2.34 54.02 -8.75
C ARG H 85 3.18 53.17 -7.82
N PRO H 86 3.18 53.47 -6.52
CA PRO H 86 4.00 52.70 -5.57
C PRO H 86 3.50 51.27 -5.45
N ILE H 87 4.43 50.33 -5.47
CA ILE H 87 4.11 48.91 -5.46
C ILE H 87 4.35 48.36 -4.05
N ALA H 88 3.31 47.79 -3.47
CA ALA H 88 3.42 47.21 -2.13
C ALA H 88 4.22 45.92 -2.17
N HIS H 89 3.72 44.92 -2.87
CA HIS H 89 4.38 43.62 -2.97
C HIS H 89 3.81 42.92 -4.19
N ALA H 90 4.37 41.75 -4.48
CA ALA H 90 3.88 40.97 -5.62
C ALA H 90 2.65 40.16 -5.22
N ILE H 91 2.01 39.60 -6.23
CA ILE H 91 0.83 38.76 -6.07
C ILE H 91 1.19 37.34 -6.46
N TRP H 92 0.89 36.38 -5.59
CA TRP H 92 0.98 34.97 -5.94
C TRP H 92 -0.32 34.29 -5.52
N ASP H 93 -1.29 34.32 -6.41
CA ASP H 93 -2.57 33.64 -6.21
C ASP H 93 -2.75 32.62 -7.32
N PRO H 94 -2.51 31.33 -7.06
CA PRO H 94 -2.60 30.32 -8.13
C PRO H 94 -3.99 30.15 -8.73
N GLN H 95 -5.01 30.71 -8.12
CA GLN H 95 -6.38 30.64 -8.63
C GLN H 95 -6.69 31.75 -9.61
N PHE H 96 -5.72 32.62 -9.92
CA PHE H 96 -5.90 33.66 -10.91
C PHE H 96 -6.04 33.08 -12.31
N GLY H 97 -6.92 33.68 -13.10
CA GLY H 97 -6.95 33.48 -14.53
C GLY H 97 -5.96 34.42 -15.22
N LYS H 98 -5.93 34.35 -16.55
CA LYS H 98 -5.03 35.21 -17.31
C LYS H 98 -5.47 36.67 -17.24
N ALA H 99 -6.78 36.91 -17.19
CA ALA H 99 -7.29 38.28 -17.17
C ALA H 99 -6.93 38.99 -15.87
N ALA H 100 -6.94 38.27 -14.74
CA ALA H 100 -6.55 38.88 -13.49
C ALA H 100 -5.04 39.07 -13.41
N VAL H 101 -4.28 38.17 -14.01
CA VAL H 101 -2.82 38.35 -14.09
C VAL H 101 -2.48 39.60 -14.90
N ASP H 102 -3.15 39.78 -16.04
CA ASP H 102 -2.90 40.96 -16.87
C ASP H 102 -3.39 42.23 -16.19
N ALA H 103 -4.55 42.18 -15.52
CA ALA H 103 -5.11 43.36 -14.89
C ALA H 103 -4.26 43.85 -13.74
N PHE H 104 -3.74 42.95 -12.92
CA PHE H 104 -2.91 43.33 -11.78
C PHE H 104 -1.46 43.52 -12.16
N THR H 105 -1.09 43.22 -13.41
CA THR H 105 0.20 43.64 -13.95
C THR H 105 0.08 45.15 -14.17
N GLN H 106 0.54 45.92 -13.20
CA GLN H 106 0.36 47.37 -13.22
C GLN H 106 1.59 48.08 -12.68
N ALA H 107 1.58 49.41 -12.75
CA ALA H 107 2.67 50.29 -12.29
C ALA H 107 4.00 49.93 -12.95
N GLY H 108 3.94 49.64 -14.24
CA GLY H 108 5.15 49.36 -14.98
C GLY H 108 5.81 48.05 -14.66
N ALA H 109 5.14 47.19 -13.91
CA ALA H 109 5.66 45.88 -13.54
C ALA H 109 5.37 44.88 -14.65
N SER H 110 6.03 43.72 -14.54
CA SER H 110 5.80 42.62 -15.48
C SER H 110 4.81 41.60 -14.93
N SER H 111 4.75 41.48 -13.61
CA SER H 111 3.94 40.48 -12.94
C SER H 111 2.84 41.17 -12.13
N PRO H 112 1.81 40.45 -11.68
CA PRO H 112 0.79 41.07 -10.82
C PRO H 112 1.37 41.59 -9.51
N VAL H 113 1.05 42.85 -9.21
CA VAL H 113 1.48 43.50 -7.99
C VAL H 113 0.32 44.29 -7.41
N ASP H 114 0.43 44.61 -6.13
CA ASP H 114 -0.50 45.50 -5.45
C ASP H 114 0.06 46.91 -5.48
N ILE H 115 -0.81 47.89 -5.64
CA ILE H 115 -0.41 49.29 -5.61
C ILE H 115 -0.49 49.79 -4.17
N ALA H 116 0.65 50.21 -3.62
CA ALA H 116 0.71 50.62 -2.22
C ALA H 116 -0.09 51.90 -1.98
N TYR H 117 -0.92 51.90 -0.94
CA TYR H 117 -1.68 53.08 -0.55
C TYR H 117 -1.40 53.49 0.89
N SER H 118 -0.33 52.95 1.48
CA SER H 118 0.09 53.35 2.81
C SER H 118 0.71 54.73 2.83
N GLY H 119 1.25 55.17 1.70
CA GLY H 119 2.06 56.37 1.67
C GLY H 119 3.46 56.19 2.18
N VAL H 120 3.93 54.93 2.32
CA VAL H 120 5.26 54.66 2.86
C VAL H 120 6.34 55.18 1.93
N TYR H 121 6.06 55.18 0.61
CA TYR H 121 7.01 55.70 -0.37
C TYR H 121 7.30 57.16 -0.15
N HIS H 122 6.26 57.96 0.07
CA HIS H 122 6.43 59.39 0.27
C HIS H 122 7.15 59.69 1.58
N TRP H 123 6.82 58.95 2.63
CA TRP H 123 7.48 59.11 3.92
C TRP H 123 8.96 58.72 3.84
N TRP H 124 9.28 57.63 3.15
CA TRP H 124 10.69 57.26 2.97
C TRP H 124 11.43 58.18 2.04
N TYR H 125 10.74 58.80 1.07
CA TYR H 125 11.37 59.76 0.17
C TYR H 125 11.67 61.08 0.87
N THR H 126 10.81 61.50 1.80
CA THR H 126 11.05 62.74 2.51
C THR H 126 12.17 62.63 3.55
N ILE H 127 12.44 61.43 4.07
CA ILE H 127 13.40 61.27 5.14
C ILE H 127 14.75 60.78 4.64
N GLY H 128 14.99 60.85 3.34
CA GLY H 128 16.32 60.64 2.79
C GLY H 128 16.57 59.32 2.12
N MET H 129 15.67 58.34 2.23
CA MET H 129 15.87 57.07 1.57
C MET H 129 15.69 57.21 0.07
N ARG H 130 16.68 56.72 -0.68
CA ARG H 130 16.68 56.90 -2.13
C ARG H 130 16.82 55.61 -2.93
N THR H 131 17.53 54.61 -2.44
CA THR H 131 17.75 53.39 -3.19
C THR H 131 16.99 52.25 -2.52
N ASN H 132 17.03 51.07 -3.16
CA ASN H 132 16.55 49.86 -2.51
C ASN H 132 17.50 49.41 -1.40
N GLY H 133 18.76 49.84 -1.46
CA GLY H 133 19.70 49.50 -0.40
C GLY H 133 19.36 50.16 0.93
N ASP H 134 18.86 51.40 0.88
CA ASP H 134 18.42 52.07 2.11
C ASP H 134 17.22 51.37 2.73
N LEU H 135 16.28 50.92 1.88
CA LEU H 135 15.13 50.16 2.38
C LEU H 135 15.56 48.80 2.93
N TYR H 136 16.50 48.15 2.26
CA TYR H 136 17.00 46.84 2.71
C TYR H 136 17.72 46.97 4.05
N GLN H 137 18.52 48.01 4.22
CA GLN H 137 19.22 48.21 5.48
C GLN H 137 18.24 48.59 6.59
N GLY H 138 17.18 49.32 6.25
CA GLY H 138 16.13 49.58 7.22
C GLY H 138 15.42 48.29 7.64
N ALA H 139 15.19 47.40 6.68
CA ALA H 139 14.54 46.12 6.97
C ALA H 139 15.39 45.26 7.90
N ILE H 140 16.69 45.14 7.61
CA ILE H 140 17.56 44.31 8.46
C ILE H 140 17.76 44.95 9.83
N PHE H 141 17.87 46.28 9.90
CA PHE H 141 18.01 46.95 11.19
C PHE H 141 16.76 46.78 12.05
N LEU H 142 15.58 46.86 11.44
CA LEU H 142 14.38 46.57 12.22
C LEU H 142 14.26 45.10 12.55
N LEU H 143 14.80 44.22 11.72
CA LEU H 143 14.84 42.79 11.95
C LEU H 143 15.71 42.39 13.15
N VAL H 144 16.75 43.16 13.44
CA VAL H 144 17.56 42.93 14.63
C VAL H 144 17.05 43.75 15.83
N LEU H 145 16.38 44.87 15.57
CA LEU H 145 15.74 45.61 16.66
C LEU H 145 14.58 44.83 17.26
N ALA H 146 13.80 44.14 16.42
CA ALA H 146 12.77 43.24 16.92
C ALA H 146 13.37 42.09 17.71
N SER H 147 14.52 41.57 17.25
CA SER H 147 15.24 40.55 18.01
C SER H 147 15.67 41.06 19.37
N LEU H 148 16.12 42.31 19.44
CA LEU H 148 16.47 42.92 20.72
C LEU H 148 15.26 43.06 21.62
N ALA H 149 14.10 43.39 21.04
CA ALA H 149 12.87 43.50 21.82
C ALA H 149 12.43 42.15 22.38
N LEU H 150 12.48 41.09 21.56
CA LEU H 150 12.21 39.73 22.06
C LEU H 150 13.19 39.31 23.14
N PHE H 151 14.48 39.62 22.95
CA PHE H 151 15.46 39.24 23.96
C PHE H 151 15.23 39.98 25.27
N ALA H 152 14.88 41.28 25.20
CA ALA H 152 14.59 42.04 26.41
C ALA H 152 13.34 41.55 27.13
N GLY H 153 12.28 41.25 26.38
CA GLY H 153 11.07 40.74 27.00
C GLY H 153 11.27 39.38 27.63
N TRP H 154 12.06 38.52 26.99
CA TRP H 154 12.43 37.25 27.58
C TRP H 154 13.30 37.44 28.82
N LEU H 155 14.25 38.38 28.76
CA LEU H 155 15.22 38.62 29.80
C LEU H 155 14.56 39.15 31.06
N HIS H 156 13.54 39.99 30.91
CA HIS H 156 12.87 40.53 32.08
C HIS H 156 11.83 39.58 32.64
N LEU H 157 11.90 38.31 32.21
CA LEU H 157 11.19 37.21 32.85
C LEU H 157 12.15 36.22 33.50
N GLN H 158 13.45 36.35 33.25
CA GLN H 158 14.47 35.55 33.88
C GLN H 158 14.61 35.97 35.35
N PRO H 159 14.73 34.99 36.29
CA PRO H 159 14.52 35.27 37.72
C PRO H 159 15.41 36.35 38.31
N LYS H 160 16.62 36.48 37.77
CA LYS H 160 17.54 37.51 38.25
C LYS H 160 17.20 38.90 37.72
N PHE H 161 16.35 39.00 36.70
CA PHE H 161 16.14 40.26 36.00
C PHE H 161 14.69 40.73 36.01
N ARG H 162 13.80 40.09 36.78
CA ARG H 162 12.42 40.56 36.82
C ARG H 162 12.32 41.74 37.76
N PRO H 163 11.85 42.90 37.27
CA PRO H 163 11.81 44.09 38.12
C PRO H 163 10.80 43.96 39.24
N SER H 164 11.06 44.68 40.33
CA SER H 164 10.18 44.66 41.48
C SER H 164 8.97 45.55 41.25
N LEU H 165 7.97 45.39 42.11
CA LEU H 165 6.73 46.15 41.99
C LEU H 165 6.95 47.63 42.27
N SER H 166 7.93 47.95 43.12
CA SER H 166 8.29 49.34 43.38
C SER H 166 8.86 50.00 42.14
N TRP H 167 9.62 49.25 41.35
CA TRP H 167 10.09 49.75 40.06
C TRP H 167 8.94 50.01 39.10
N PHE H 168 7.96 49.10 39.08
CA PHE H 168 6.81 49.27 38.20
C PHE H 168 5.91 50.40 38.64
N LYS H 169 5.96 50.78 39.92
CA LYS H 169 5.14 51.85 40.46
C LYS H 169 5.89 53.17 40.56
N ASN H 170 7.10 53.25 40.02
CA ASN H 170 7.91 54.47 40.09
C ASN H 170 7.48 55.46 39.01
N ALA H 171 6.43 56.21 39.34
CA ALA H 171 5.81 57.14 38.40
C ALA H 171 6.73 58.30 38.05
N GLU H 172 7.47 58.80 39.04
CA GLU H 172 8.33 59.96 38.84
C GLU H 172 9.48 59.64 37.89
N SER H 173 10.13 58.50 38.09
CA SER H 173 11.27 58.11 37.29
C SER H 173 10.86 57.86 35.84
N ARG H 174 9.73 57.18 35.65
CA ARG H 174 9.19 56.93 34.32
C ARG H 174 8.79 58.21 33.62
N LEU H 175 8.14 59.13 34.34
CA LEU H 175 7.71 60.40 33.76
C LEU H 175 8.88 61.26 33.32
N ASN H 176 9.89 61.40 34.19
CA ASN H 176 11.09 62.15 33.88
C ASN H 176 11.86 61.54 32.72
N HIS H 177 11.99 60.21 32.71
CA HIS H 177 12.75 59.55 31.65
C HIS H 177 12.01 59.56 30.32
N HIS H 178 10.69 59.42 30.34
CA HIS H 178 9.90 59.37 29.12
C HIS H 178 9.72 60.73 28.49
N LEU H 179 9.61 61.78 29.31
CA LEU H 179 9.49 63.12 28.75
C LEU H 179 10.81 63.58 28.14
N ALA H 180 11.94 63.17 28.74
CA ALA H 180 13.25 63.63 28.29
C ALA H 180 13.98 62.65 27.40
N GLY H 181 13.89 61.34 27.66
CA GLY H 181 14.59 60.37 26.84
C GLY H 181 13.81 59.96 25.60
N LEU H 182 12.58 59.46 25.77
CA LEU H 182 11.78 59.16 24.59
C LEU H 182 11.42 60.45 23.86
N PHE H 183 10.58 61.27 24.51
CA PHE H 183 9.94 62.38 23.82
C PHE H 183 10.94 63.50 23.51
N GLY H 184 11.92 63.70 24.38
CA GLY H 184 12.92 64.72 24.15
C GLY H 184 14.12 64.26 23.35
N VAL H 185 14.81 63.22 23.82
CA VAL H 185 16.04 62.80 23.17
C VAL H 185 15.76 62.12 21.84
N SER H 186 14.64 61.38 21.74
CA SER H 186 14.26 60.79 20.47
C SER H 186 13.93 61.85 19.43
N SER H 187 13.27 62.93 19.83
CA SER H 187 13.00 64.02 18.91
C SER H 187 14.25 64.82 18.57
N LEU H 188 15.19 64.94 19.50
CA LEU H 188 16.51 65.49 19.22
C LEU H 188 17.26 64.67 18.19
N ALA H 189 17.20 63.34 18.31
CA ALA H 189 17.81 62.47 17.30
C ALA H 189 17.10 62.57 15.96
N TRP H 190 15.77 62.72 15.96
CA TRP H 190 15.10 62.86 14.67
C TRP H 190 15.41 64.21 14.03
N ALA H 191 15.55 65.27 14.83
CA ALA H 191 16.09 66.52 14.30
C ALA H 191 17.47 66.30 13.72
N GLY H 192 18.31 65.53 14.38
CA GLY H 192 19.62 65.16 13.86
C GLY H 192 19.58 64.44 12.51
N HIS H 193 18.65 63.49 12.36
CA HIS H 193 18.46 62.84 11.07
C HIS H 193 18.01 63.83 10.01
N LEU H 194 17.05 64.69 10.34
CA LEU H 194 16.52 65.65 9.39
C LEU H 194 17.60 66.62 8.94
N ILE H 195 18.53 66.94 9.84
CA ILE H 195 19.62 67.85 9.49
C ILE H 195 20.69 67.15 8.68
N HIS H 196 21.18 66.01 9.16
CA HIS H 196 22.37 65.43 8.55
C HIS H 196 22.05 64.67 7.28
N VAL H 197 20.83 64.15 7.14
CA VAL H 197 20.55 63.22 6.04
C VAL H 197 19.39 63.70 5.19
N ALA H 198 18.23 63.93 5.81
CA ALA H 198 17.02 64.22 5.06
C ALA H 198 17.14 65.52 4.27
N ILE H 199 17.69 66.56 4.90
CA ILE H 199 17.93 67.83 4.22
C ILE H 199 18.97 67.69 3.10
N PRO H 200 20.16 67.07 3.30
CA PRO H 200 21.06 66.90 2.14
C PRO H 200 20.51 66.04 1.01
N GLU H 201 19.78 64.98 1.33
CA GLU H 201 19.19 64.18 0.27
C GLU H 201 18.05 64.93 -0.42
N SER H 202 17.43 65.88 0.27
CA SER H 202 16.48 66.77 -0.38
C SER H 202 17.18 67.78 -1.27
N ARG H 203 18.40 68.17 -0.89
CA ARG H 203 19.18 69.10 -1.69
C ARG H 203 20.17 68.40 -2.63
N GLY H 204 20.11 67.07 -2.71
CA GLY H 204 20.81 66.31 -3.72
C GLY H 204 22.05 65.58 -3.23
N GLN H 205 22.67 66.02 -2.15
CA GLN H 205 23.93 65.42 -1.71
C GLN H 205 23.64 64.20 -0.86
N HIS H 206 24.26 63.07 -1.21
CA HIS H 206 24.03 61.80 -0.54
C HIS H 206 24.84 61.76 0.75
N VAL H 207 24.15 61.72 1.87
CA VAL H 207 24.76 61.45 3.16
C VAL H 207 24.35 60.03 3.54
N GLY H 208 25.27 59.09 3.37
CA GLY H 208 25.10 57.75 3.88
C GLY H 208 25.83 57.59 5.19
N TRP H 209 25.83 56.36 5.69
CA TRP H 209 26.64 56.05 6.85
C TRP H 209 28.13 56.05 6.53
N ASP H 210 28.48 56.01 5.24
CA ASP H 210 29.88 56.07 4.81
C ASP H 210 30.49 57.45 4.96
N ASN H 211 29.69 58.53 4.95
CA ASN H 211 30.25 59.87 4.92
C ASN H 211 29.58 60.85 5.87
N PHE H 212 28.78 60.39 6.83
CA PHE H 212 28.10 61.33 7.73
C PHE H 212 29.05 61.89 8.78
N LEU H 213 30.12 61.15 9.06
CA LEU H 213 31.10 61.60 10.04
C LEU H 213 32.07 62.60 9.42
N SER H 214 32.01 62.75 8.09
CA SER H 214 32.91 63.63 7.37
C SER H 214 32.16 64.57 6.43
N THR H 215 30.86 64.75 6.65
CA THR H 215 30.10 65.76 5.91
C THR H 215 29.63 66.77 6.94
N MET H 216 29.98 68.03 6.73
CA MET H 216 29.54 69.06 7.65
C MET H 216 28.17 69.62 7.24
N PRO H 217 27.15 69.46 8.11
CA PRO H 217 25.75 69.68 7.67
C PRO H 217 25.43 71.11 7.24
N HIS H 218 26.05 72.10 7.88
CA HIS H 218 25.97 73.49 7.48
C HIS H 218 27.32 74.01 7.05
N PRO H 219 27.47 74.73 5.90
CA PRO H 219 28.79 75.08 5.34
C PRO H 219 29.83 75.70 6.25
N ALA H 220 29.38 76.36 7.31
CA ALA H 220 30.26 76.75 8.40
C ALA H 220 29.59 76.23 9.67
N GLY H 221 29.92 75.00 10.06
CA GLY H 221 29.14 74.28 11.05
C GLY H 221 29.84 74.08 12.39
N LEU H 222 29.01 73.94 13.42
CA LEU H 222 29.32 73.54 14.79
C LEU H 222 30.06 74.62 15.59
N ALA H 223 30.53 75.66 14.92
CA ALA H 223 31.01 76.85 15.62
C ALA H 223 29.90 77.84 15.98
N PRO H 224 28.94 78.26 15.05
CA PRO H 224 28.04 79.37 15.39
C PRO H 224 27.08 79.19 16.57
N PHE H 225 26.65 77.95 16.88
CA PHE H 225 25.83 77.62 18.06
C PHE H 225 26.68 77.45 19.32
N PHE H 226 28.00 77.37 19.21
CA PHE H 226 28.79 77.56 20.41
C PHE H 226 29.22 79.00 20.59
N THR H 227 28.59 79.94 19.89
CA THR H 227 28.88 81.37 20.07
C THR H 227 27.65 82.24 20.24
N GLY H 228 26.45 81.78 19.89
CA GLY H 228 25.27 82.61 19.97
C GLY H 228 24.85 83.24 18.65
N ASN H 229 25.47 82.85 17.55
CA ASN H 229 25.22 83.28 16.18
C ASN H 229 24.31 82.34 15.44
N TRP H 230 23.28 81.85 16.15
CA TRP H 230 22.35 80.81 15.71
C TRP H 230 21.78 81.12 14.34
N GLY H 231 21.50 82.40 14.06
CA GLY H 231 20.92 82.84 12.80
C GLY H 231 21.66 82.46 11.54
N VAL H 232 22.95 82.11 11.67
CA VAL H 232 23.79 81.61 10.60
C VAL H 232 23.17 80.34 10.03
N TYR H 233 22.61 79.51 10.90
CA TYR H 233 21.90 78.29 10.50
C TYR H 233 20.54 78.59 9.83
N ALA H 234 20.15 79.85 9.67
CA ALA H 234 18.89 80.21 9.02
C ALA H 234 19.06 81.18 7.86
N GLN H 235 20.29 81.48 7.44
CA GLN H 235 20.57 82.56 6.50
C GLN H 235 19.98 82.34 5.12
N ASN H 236 20.40 81.29 4.42
CA ASN H 236 19.86 81.07 3.08
C ASN H 236 19.01 79.81 3.03
N PRO H 237 17.68 79.94 3.07
CA PRO H 237 16.82 78.75 2.99
C PRO H 237 16.77 78.23 1.56
N ASP H 238 16.25 77.03 1.39
CA ASP H 238 15.96 76.49 0.06
C ASP H 238 14.98 77.39 -0.67
N THR H 239 15.28 77.71 -1.93
CA THR H 239 14.52 78.72 -2.66
C THR H 239 13.20 78.14 -3.17
N ALA H 240 12.40 79.00 -3.78
CA ALA H 240 11.10 78.59 -4.31
C ALA H 240 11.26 77.87 -5.63
N SER H 241 12.47 77.88 -6.19
CA SER H 241 12.79 77.12 -7.39
C SER H 241 13.48 75.81 -7.05
N HIS H 242 13.44 75.38 -5.79
CA HIS H 242 14.10 74.15 -5.40
C HIS H 242 13.34 72.94 -5.92
N VAL H 243 14.09 72.02 -6.52
CA VAL H 243 13.56 70.73 -6.95
C VAL H 243 14.05 69.69 -5.97
N PHE H 244 13.12 68.92 -5.40
CA PHE H 244 13.42 67.97 -4.34
C PHE H 244 14.35 66.87 -4.81
N GLY H 245 15.38 66.57 -4.01
CA GLY H 245 16.35 65.56 -4.36
C GLY H 245 17.46 66.01 -5.28
N THR H 246 17.44 67.26 -5.74
CA THR H 246 18.46 67.79 -6.63
C THR H 246 19.06 69.05 -6.03
N SER H 247 20.15 69.51 -6.65
CA SER H 247 20.83 70.70 -6.16
C SER H 247 20.21 71.98 -6.70
N GLN H 248 19.28 71.86 -7.66
CA GLN H 248 18.73 73.04 -8.32
C GLN H 248 17.81 73.81 -7.38
N GLY H 249 18.06 75.11 -7.22
CA GLY H 249 17.27 75.95 -6.34
C GLY H 249 17.49 75.72 -4.87
N ALA H 250 18.51 74.96 -4.49
CA ALA H 250 18.70 74.57 -3.09
C ALA H 250 19.42 75.66 -2.31
N GLY H 251 19.10 75.77 -1.02
CA GLY H 251 19.83 76.63 -0.11
C GLY H 251 20.86 75.84 0.67
N SER H 252 21.24 76.38 1.83
CA SER H 252 22.11 75.67 2.74
C SER H 252 21.72 75.82 4.21
N ALA H 253 20.69 76.59 4.52
CA ALA H 253 20.22 76.70 5.89
C ALA H 253 19.59 75.38 6.33
N ILE H 254 19.65 75.11 7.63
CA ILE H 254 19.15 73.84 8.15
C ILE H 254 18.01 74.03 9.14
N LEU H 255 17.88 75.22 9.72
CA LEU H 255 16.78 75.58 10.62
C LEU H 255 16.10 76.87 10.23
N THR H 256 14.97 76.75 9.55
CA THR H 256 14.19 77.91 9.16
C THR H 256 12.84 77.89 9.86
N PHE H 257 12.07 78.97 9.68
CA PHE H 257 10.69 78.97 10.15
C PHE H 257 9.93 79.54 8.94
N LEU H 258 10.12 78.97 7.74
CA LEU H 258 9.57 79.63 6.55
C LEU H 258 8.05 79.67 6.56
N GLY H 259 7.40 78.58 6.98
CA GLY H 259 5.96 78.57 7.04
C GLY H 259 5.34 78.36 5.67
N GLY H 260 4.17 77.73 5.65
CA GLY H 260 3.55 77.44 4.37
C GLY H 260 3.99 76.11 3.79
N PHE H 261 4.24 76.08 2.49
CA PHE H 261 4.49 74.83 1.78
C PHE H 261 5.67 75.00 0.83
N HIS H 262 6.39 73.89 0.64
CA HIS H 262 7.29 73.79 -0.50
C HIS H 262 6.48 73.91 -1.79
N PRO H 263 6.88 74.76 -2.73
CA PRO H 263 6.07 74.91 -3.95
C PRO H 263 6.06 73.69 -4.85
N GLN H 264 7.12 72.86 -4.82
CA GLN H 264 7.20 71.75 -5.76
C GLN H 264 6.68 70.44 -5.16
N THR H 265 6.98 70.18 -3.90
CA THR H 265 6.52 68.95 -3.26
C THR H 265 5.18 69.12 -2.56
N GLU H 266 4.67 70.35 -2.47
CA GLU H 266 3.40 70.71 -1.85
C GLU H 266 3.34 70.25 -0.41
N SER H 267 4.50 70.27 0.25
CA SER H 267 4.67 69.79 1.61
C SER H 267 5.34 70.87 2.45
N LEU H 268 5.32 70.70 3.76
CA LEU H 268 6.03 71.62 4.64
C LEU H 268 7.52 71.42 4.48
N TRP H 269 8.29 72.47 4.78
CA TRP H 269 9.73 72.42 4.58
C TRP H 269 10.40 71.48 5.58
N LEU H 270 11.45 70.81 5.10
CA LEU H 270 12.19 69.88 5.95
C LEU H 270 12.99 70.62 7.02
N THR H 271 13.49 71.80 6.70
CA THR H 271 14.17 72.64 7.68
C THR H 271 13.21 73.05 8.79
N ASP H 272 11.98 73.40 8.43
CA ASP H 272 10.96 73.76 9.40
C ASP H 272 10.63 72.59 10.32
N MET H 273 10.54 71.37 9.77
CA MET H 273 10.36 70.19 10.60
C MET H 273 11.51 69.93 11.55
N ALA H 274 12.75 70.06 11.10
CA ALA H 274 13.90 69.88 11.96
C ALA H 274 13.97 70.92 13.07
N HIS H 275 13.66 72.18 12.77
CA HIS H 275 13.57 73.23 13.77
C HIS H 275 12.46 73.00 14.77
N HIS H 276 11.30 72.54 14.29
CA HIS H 276 10.20 72.13 15.18
C HIS H 276 10.65 71.03 16.13
N HIS H 277 11.33 70.02 15.59
CA HIS H 277 11.70 68.87 16.40
C HIS H 277 12.80 69.22 17.40
N LEU H 278 13.70 70.13 17.04
CA LEU H 278 14.69 70.62 18.00
C LEU H 278 14.01 71.38 19.14
N ALA H 279 13.03 72.23 18.81
CA ALA H 279 12.28 72.97 19.82
C ALA H 279 11.52 72.03 20.76
N ILE H 280 10.89 71.01 20.17
CA ILE H 280 10.10 70.02 20.90
C ILE H 280 11.02 69.21 21.78
N ALA H 281 12.23 68.92 21.28
CA ALA H 281 13.22 68.16 22.04
C ALA H 281 13.68 68.91 23.28
N VAL H 282 13.96 70.21 23.11
CA VAL H 282 14.42 71.01 24.25
C VAL H 282 13.30 71.18 25.27
N LEU H 283 12.09 71.47 24.79
CA LEU H 283 10.94 71.62 25.70
C LEU H 283 10.63 70.33 26.45
N PHE H 284 10.72 69.19 25.76
CA PHE H 284 10.41 67.91 26.39
C PHE H 284 11.51 67.46 27.34
N ILE H 285 12.77 67.78 27.05
CA ILE H 285 13.84 67.52 28.01
C ILE H 285 13.62 68.34 29.28
N VAL H 286 13.28 69.62 29.11
CA VAL H 286 13.01 70.50 30.25
C VAL H 286 11.85 69.95 31.08
N ALA H 287 10.77 69.54 30.41
CA ALA H 287 9.66 68.90 31.11
C ALA H 287 10.06 67.56 31.74
N GLY H 288 11.08 66.90 31.21
CA GLY H 288 11.63 65.71 31.82
C GLY H 288 12.53 65.97 33.00
N HIS H 289 12.82 67.23 33.31
CA HIS H 289 13.58 67.57 34.52
C HIS H 289 12.68 68.09 35.63
N MET H 290 11.51 67.50 35.84
CA MET H 290 10.54 68.12 36.73
C MET H 290 10.28 67.31 38.02
N TYR H 291 10.38 65.98 37.98
CA TYR H 291 9.89 65.16 39.09
C TYR H 291 11.04 64.53 39.88
N ARG H 292 10.84 64.37 41.20
CA ARG H 292 11.81 63.79 42.12
C ARG H 292 12.05 62.31 41.88
N THR H 293 13.22 61.93 41.39
CA THR H 293 13.49 60.50 41.28
C THR H 293 14.32 59.93 42.43
N GLN H 294 15.61 60.29 42.51
CA GLN H 294 16.46 59.91 43.62
C GLN H 294 17.50 60.99 43.92
N PHE H 295 17.18 62.25 43.63
CA PHE H 295 18.18 63.30 43.78
C PHE H 295 17.69 64.50 44.57
N GLY H 296 16.67 64.35 45.41
CA GLY H 296 16.23 65.45 46.26
C GLY H 296 15.48 66.57 45.59
N ILE H 297 16.00 67.09 44.47
CA ILE H 297 15.28 68.09 43.70
C ILE H 297 14.14 67.44 42.96
N GLY H 298 13.20 68.26 42.50
CA GLY H 298 12.14 67.78 41.63
C GLY H 298 10.76 68.09 42.17
N HIS H 299 9.78 67.36 41.67
CA HIS H 299 8.46 67.33 42.25
C HIS H 299 8.10 65.90 42.58
N SER H 300 7.20 65.74 43.56
CA SER H 300 6.53 64.48 43.75
C SER H 300 5.06 64.71 43.47
N ILE H 301 4.51 63.88 42.58
CA ILE H 301 3.10 64.01 42.22
C ILE H 301 2.23 63.72 43.44
N LYS H 302 2.66 62.78 44.28
CA LYS H 302 1.90 62.41 45.48
C LYS H 302 1.68 63.61 46.40
N GLU H 303 2.71 64.41 46.64
CA GLU H 303 2.55 65.62 47.46
C GLU H 303 1.77 66.69 46.70
N MET H 304 1.81 66.66 45.37
CA MET H 304 1.08 67.65 44.59
C MET H 304 -0.43 67.42 44.65
N MET H 305 -0.87 66.18 44.45
CA MET H 305 -2.28 65.83 44.62
C MET H 305 -2.71 65.88 46.07
N ASP H 306 -1.79 65.59 47.01
CA ASP H 306 -2.10 65.69 48.42
C ASP H 306 -1.96 67.11 48.96
N ALA H 307 -1.51 68.05 48.13
CA ALA H 307 -1.32 69.43 48.58
C ALA H 307 -2.66 70.07 48.91
N LYS H 308 -2.73 70.70 50.08
CA LYS H 308 -3.86 71.54 50.43
C LYS H 308 -3.35 72.80 51.12
N ASP H 309 -2.36 73.46 50.53
CA ASP H 309 -1.81 74.69 51.10
C ASP H 309 -1.29 75.56 49.97
N PHE H 310 -1.97 76.68 49.72
CA PHE H 310 -1.59 77.62 48.67
C PHE H 310 -1.07 78.89 49.33
N PHE H 311 0.20 78.86 49.73
CA PHE H 311 0.89 79.96 50.42
C PHE H 311 0.12 80.47 51.63
N GLY H 312 -0.48 79.56 52.39
CA GLY H 312 -1.20 79.96 53.59
C GLY H 312 -2.70 79.96 53.47
N THR H 313 -3.23 80.00 52.25
CA THR H 313 -4.67 79.91 52.06
C THR H 313 -5.12 78.45 52.22
N LYS H 314 -6.44 78.26 52.25
CA LYS H 314 -6.96 76.95 52.65
C LYS H 314 -6.79 75.90 51.54
N VAL H 315 -7.47 76.07 50.39
CA VAL H 315 -7.65 75.16 49.26
C VAL H 315 -7.93 73.68 49.59
N GLU H 316 -8.91 73.10 48.89
CA GLU H 316 -9.12 71.67 48.97
C GLU H 316 -8.02 70.92 48.23
N GLY H 317 -7.34 71.58 47.29
CA GLY H 317 -6.26 70.99 46.54
C GLY H 317 -5.88 71.85 45.35
N PRO H 318 -5.27 71.21 44.33
CA PRO H 318 -5.03 71.91 43.05
C PRO H 318 -6.33 72.44 42.44
N PHE H 319 -6.33 73.74 42.12
CA PHE H 319 -7.51 74.49 41.66
C PHE H 319 -8.66 74.43 42.65
N ASN H 320 -8.34 74.31 43.95
CA ASN H 320 -9.31 74.17 45.03
C ASN H 320 -10.27 72.99 44.79
N MET H 321 -9.74 71.85 44.31
CA MET H 321 -10.54 70.63 44.12
C MET H 321 -9.79 69.49 44.81
N PRO H 322 -10.47 68.59 45.59
CA PRO H 322 -9.70 67.54 46.28
C PRO H 322 -9.14 66.48 45.35
N HIS H 323 -7.82 66.29 45.40
CA HIS H 323 -7.21 65.29 44.54
C HIS H 323 -6.52 64.21 45.33
N GLN H 324 -6.90 64.02 46.59
CA GLN H 324 -6.25 63.04 47.44
C GLN H 324 -6.59 61.63 46.98
N GLY H 325 -5.59 60.75 47.04
CA GLY H 325 -5.76 59.37 46.62
C GLY H 325 -5.71 59.16 45.12
N ILE H 326 -5.60 60.22 44.33
CA ILE H 326 -5.65 60.07 42.88
C ILE H 326 -4.30 59.63 42.34
N TYR H 327 -3.21 60.01 43.03
CA TYR H 327 -1.91 59.42 42.73
C TYR H 327 -1.95 57.92 42.89
N GLU H 328 -2.51 57.44 43.99
CA GLU H 328 -2.64 56.01 44.26
C GLU H 328 -3.66 55.34 43.35
N THR H 329 -4.75 56.03 43.02
CA THR H 329 -5.74 55.50 42.09
C THR H 329 -5.16 55.32 40.70
N TYR H 330 -4.39 56.30 40.25
CA TYR H 330 -3.71 56.22 38.96
C TYR H 330 -2.65 55.14 38.97
N ASN H 331 -1.78 55.15 39.97
CA ASN H 331 -0.59 54.29 39.98
C ASN H 331 -0.89 52.85 40.34
N ASN H 332 -1.87 52.58 41.20
CA ASN H 332 -2.23 51.22 41.58
C ASN H 332 -3.05 50.49 40.50
N SER H 333 -3.89 51.21 39.77
CA SER H 333 -4.83 50.57 38.84
C SER H 333 -4.23 50.57 37.44
N LEU H 334 -4.06 49.37 36.88
CA LEU H 334 -3.58 49.27 35.50
C LEU H 334 -4.67 49.59 34.50
N HIS H 335 -5.93 49.39 34.88
CA HIS H 335 -7.03 49.75 33.98
C HIS H 335 -7.29 51.24 33.95
N PHE H 336 -7.08 51.95 35.06
CA PHE H 336 -7.11 53.41 35.04
C PHE H 336 -6.02 53.95 34.13
N GLN H 337 -4.82 53.38 34.23
CA GLN H 337 -3.68 53.76 33.41
C GLN H 337 -3.99 53.49 31.95
N LEU H 338 -4.55 52.31 31.65
CA LEU H 338 -4.92 51.95 30.28
C LEU H 338 -5.98 52.88 29.70
N GLY H 339 -7.03 53.18 30.49
CA GLY H 339 -8.08 54.06 30.01
C GLY H 339 -7.58 55.47 29.75
N TRP H 340 -6.78 56.01 30.67
CA TRP H 340 -6.16 57.31 30.48
C TRP H 340 -5.28 57.36 29.25
N HIS H 341 -4.41 56.37 29.09
CA HIS H 341 -3.42 56.42 28.02
C HIS H 341 -4.07 56.16 26.67
N LEU H 342 -5.10 55.31 26.64
CA LEU H 342 -5.87 55.15 25.41
C LEU H 342 -6.64 56.41 25.06
N ALA H 343 -7.14 57.16 26.05
CA ALA H 343 -7.78 58.44 25.73
C ALA H 343 -6.81 59.43 25.11
N CYS H 344 -5.62 59.56 25.69
CA CYS H 344 -4.60 60.45 25.15
C CYS H 344 -4.17 59.99 23.76
N LEU H 345 -3.97 58.69 23.58
CA LEU H 345 -3.56 58.12 22.30
C LEU H 345 -4.61 58.31 21.22
N GLY H 346 -5.89 58.12 21.58
CA GLY H 346 -6.96 58.29 20.62
C GLY H 346 -7.09 59.73 20.18
N VAL H 347 -6.93 60.65 21.14
CA VAL H 347 -6.99 62.08 20.82
C VAL H 347 -5.87 62.45 19.87
N ILE H 348 -4.64 61.98 20.12
CA ILE H 348 -3.54 62.41 19.26
C ILE H 348 -3.54 61.64 17.94
N THR H 349 -4.12 60.43 17.91
CA THR H 349 -4.29 59.74 16.64
C THR H 349 -5.24 60.49 15.74
N SER H 350 -6.33 61.01 16.32
CA SER H 350 -7.23 61.82 15.52
C SER H 350 -6.59 63.15 15.14
N LEU H 351 -5.76 63.70 16.02
CA LEU H 351 -5.01 64.91 15.69
C LEU H 351 -4.05 64.67 14.53
N VAL H 352 -3.44 63.48 14.50
CA VAL H 352 -2.58 63.07 13.40
C VAL H 352 -3.37 63.04 12.10
N ALA H 353 -4.58 62.47 12.16
CA ALA H 353 -5.45 62.45 10.98
C ALA H 353 -5.79 63.86 10.52
N GLN H 354 -6.16 64.74 11.46
CA GLN H 354 -6.59 66.08 11.09
C GLN H 354 -5.43 66.99 10.67
N HIS H 355 -4.19 66.65 11.02
CA HIS H 355 -3.05 67.47 10.66
C HIS H 355 -2.30 66.97 9.44
N MET H 356 -2.26 65.66 9.24
CA MET H 356 -1.50 65.10 8.11
C MET H 356 -2.18 65.34 6.78
N TYR H 357 -3.48 65.63 6.78
CA TYR H 357 -4.14 65.91 5.51
C TYR H 357 -4.07 67.39 5.12
N SER H 358 -4.22 68.30 6.07
CA SER H 358 -4.23 69.72 5.77
C SER H 358 -2.85 70.35 5.83
N LEU H 359 -1.90 69.68 6.48
CA LEU H 359 -0.50 70.04 6.46
C LEU H 359 0.30 68.84 5.99
N PRO H 360 0.30 68.55 4.69
CA PRO H 360 1.01 67.38 4.17
C PRO H 360 2.49 67.47 4.47
N PRO H 361 3.03 66.49 5.17
CA PRO H 361 4.42 66.59 5.62
C PRO H 361 5.40 65.84 4.73
N TYR H 362 4.90 65.11 3.75
CA TYR H 362 5.73 64.21 2.97
C TYR H 362 5.74 64.67 1.52
N ALA H 363 6.82 64.33 0.84
CA ALA H 363 7.07 64.80 -0.52
C ALA H 363 6.04 64.22 -1.48
N PHE H 364 5.30 65.10 -2.15
CA PHE H 364 4.31 64.79 -3.18
C PHE H 364 3.17 63.92 -2.69
N ILE H 365 2.94 63.86 -1.38
CA ILE H 365 1.85 63.05 -0.87
C ILE H 365 0.50 63.72 -1.10
N ALA H 366 0.47 65.05 -1.22
CA ALA H 366 -0.78 65.75 -1.40
C ALA H 366 -1.35 65.57 -2.80
N GLN H 367 -0.54 65.08 -3.74
CA GLN H 367 -1.01 64.73 -5.07
C GLN H 367 -1.34 63.25 -5.20
N ASP H 368 -0.94 62.43 -4.23
CA ASP H 368 -1.35 61.02 -4.17
C ASP H 368 -2.61 60.96 -3.31
N HIS H 369 -3.75 61.08 -3.98
CA HIS H 369 -5.01 61.36 -3.29
C HIS H 369 -5.55 60.14 -2.56
N THR H 370 -5.38 58.94 -3.15
CA THR H 370 -5.86 57.73 -2.51
C THR H 370 -5.12 57.46 -1.21
N THR H 371 -3.82 57.73 -1.18
CA THR H 371 -3.04 57.53 0.04
C THR H 371 -3.46 58.49 1.15
N MET H 372 -3.73 59.75 0.80
CA MET H 372 -4.19 60.71 1.82
C MET H 372 -5.55 60.32 2.36
N ALA H 373 -6.46 59.91 1.46
CA ALA H 373 -7.78 59.46 1.90
C ALA H 373 -7.68 58.24 2.81
N ALA H 374 -6.83 57.29 2.42
CA ALA H 374 -6.68 56.07 3.20
C ALA H 374 -6.01 56.34 4.55
N LEU H 375 -5.06 57.27 4.59
CA LEU H 375 -4.37 57.57 5.84
C LEU H 375 -5.28 58.31 6.82
N TYR H 376 -6.04 59.31 6.33
CA TYR H 376 -7.00 59.99 7.18
C TYR H 376 -8.03 59.01 7.72
N THR H 377 -8.59 58.19 6.85
CA THR H 377 -9.64 57.26 7.26
C THR H 377 -9.09 56.21 8.22
N HIS H 378 -7.89 55.71 7.95
CA HIS H 378 -7.23 54.73 8.82
C HIS H 378 -7.00 55.28 10.20
N HIS H 379 -6.46 56.49 10.30
CA HIS H 379 -6.16 57.04 11.62
C HIS H 379 -7.42 57.49 12.35
N GLN H 380 -8.47 57.89 11.63
CA GLN H 380 -9.72 58.21 12.33
C GLN H 380 -10.40 56.96 12.88
N TYR H 381 -10.38 55.85 12.12
CA TYR H 381 -10.95 54.61 12.63
C TYR H 381 -10.14 54.07 13.81
N ILE H 382 -8.80 54.20 13.74
CA ILE H 382 -7.95 53.84 14.87
C ILE H 382 -8.25 54.70 16.09
N ALA H 383 -8.44 56.00 15.89
CA ALA H 383 -8.75 56.92 16.98
C ALA H 383 -10.07 56.56 17.64
N GLY H 384 -11.10 56.25 16.84
CA GLY H 384 -12.38 55.83 17.40
C GLY H 384 -12.28 54.55 18.21
N PHE H 385 -11.51 53.58 17.71
CA PHE H 385 -11.26 52.36 18.47
C PHE H 385 -10.59 52.67 19.81
N LEU H 386 -9.56 53.52 19.78
CA LEU H 386 -8.82 53.85 21.00
C LEU H 386 -9.70 54.57 22.01
N MET H 387 -10.61 55.44 21.55
CA MET H 387 -11.49 56.15 22.48
C MET H 387 -12.49 55.19 23.12
N VAL H 388 -13.04 54.27 22.32
CA VAL H 388 -13.92 53.25 22.86
C VAL H 388 -13.21 52.40 23.91
N GLY H 389 -11.96 52.00 23.63
CA GLY H 389 -11.18 51.25 24.61
C GLY H 389 -10.80 52.02 25.85
N ALA H 390 -10.55 53.31 25.71
CA ALA H 390 -10.31 54.19 26.85
C ALA H 390 -11.48 54.18 27.80
N PHE H 391 -12.68 54.37 27.27
CA PHE H 391 -13.86 54.36 28.15
C PHE H 391 -14.19 52.97 28.65
N ALA H 392 -13.92 51.93 27.86
CA ALA H 392 -14.10 50.55 28.30
C ALA H 392 -13.21 50.24 29.50
N HIS H 393 -11.95 50.64 29.44
CA HIS H 393 -11.07 50.38 30.58
C HIS H 393 -11.31 51.33 31.73
N GLY H 394 -11.92 52.50 31.50
CA GLY H 394 -12.43 53.27 32.60
C GLY H 394 -13.53 52.54 33.37
N ALA H 395 -14.47 51.96 32.62
CA ALA H 395 -15.52 51.15 33.24
C ALA H 395 -14.95 49.92 33.94
N ILE H 396 -13.94 49.28 33.34
CA ILE H 396 -13.27 48.14 33.95
C ILE H 396 -12.57 48.54 35.24
N PHE H 397 -11.90 49.70 35.26
CA PHE H 397 -11.29 50.20 36.49
C PHE H 397 -12.33 50.43 37.57
N LEU H 398 -13.46 51.06 37.20
CA LEU H 398 -14.52 51.32 38.17
C LEU H 398 -15.15 50.05 38.70
N VAL H 399 -15.17 48.97 37.92
CA VAL H 399 -15.64 47.68 38.42
C VAL H 399 -14.60 46.94 39.26
N ARG H 400 -13.33 46.92 38.85
CA ARG H 400 -12.34 46.02 39.41
C ARG H 400 -11.30 46.67 40.32
N ASP H 401 -11.01 47.96 40.15
CA ASP H 401 -9.92 48.57 40.90
C ASP H 401 -10.35 49.72 41.82
N TYR H 402 -11.47 50.39 41.54
CA TYR H 402 -11.85 51.57 42.29
C TYR H 402 -12.27 51.24 43.71
N ASP H 403 -11.48 51.68 44.69
CA ASP H 403 -11.87 51.55 46.08
C ASP H 403 -12.37 52.89 46.56
N PRO H 404 -13.64 53.02 46.98
CA PRO H 404 -14.15 54.31 47.44
C PRO H 404 -13.54 54.79 48.76
N VAL H 405 -12.83 53.93 49.49
CA VAL H 405 -12.19 54.37 50.72
C VAL H 405 -10.98 55.24 50.43
N GLN H 406 -10.08 54.76 49.56
CA GLN H 406 -8.89 55.53 49.18
C GLN H 406 -9.23 56.71 48.28
N ASN H 407 -10.44 56.75 47.73
CA ASN H 407 -10.90 57.87 46.94
C ASN H 407 -12.01 58.65 47.61
N LYS H 408 -12.18 58.50 48.92
CA LYS H 408 -13.23 59.20 49.65
C LYS H 408 -12.95 60.70 49.68
N GLY H 409 -13.79 61.45 48.96
CA GLY H 409 -13.71 62.89 49.00
C GLY H 409 -13.06 63.57 47.81
N ASN H 410 -12.34 62.82 46.96
CA ASN H 410 -11.66 63.47 45.85
C ASN H 410 -12.62 63.78 44.70
N VAL H 411 -12.08 64.28 43.59
CA VAL H 411 -12.93 64.73 42.49
C VAL H 411 -13.61 63.54 41.82
N LEU H 412 -12.94 62.38 41.79
CA LEU H 412 -13.53 61.14 41.28
C LEU H 412 -14.81 60.77 42.05
N ASP H 413 -14.76 60.88 43.38
CA ASP H 413 -15.91 60.60 44.21
C ASP H 413 -17.05 61.57 43.91
N ARG H 414 -16.75 62.85 43.69
CA ARG H 414 -17.82 63.81 43.37
C ARG H 414 -18.45 63.54 42.02
N VAL H 415 -17.65 63.12 41.03
CA VAL H 415 -18.20 62.65 39.76
C VAL H 415 -19.12 61.45 39.97
N LEU H 416 -18.72 60.53 40.84
CA LEU H 416 -19.59 59.39 41.08
C LEU H 416 -20.84 59.80 41.86
N GLN H 417 -20.75 60.92 42.61
CA GLN H 417 -21.95 61.47 43.24
C GLN H 417 -22.96 62.00 42.24
N HIS H 418 -22.55 62.85 41.32
CA HIS H 418 -23.51 63.44 40.38
C HIS H 418 -23.42 62.82 38.99
N LYS H 419 -23.07 61.54 38.92
CA LYS H 419 -23.17 60.74 37.70
C LYS H 419 -24.54 60.83 37.01
N GLU H 420 -25.62 60.95 37.78
CA GLU H 420 -26.94 61.11 37.18
C GLU H 420 -27.09 62.43 36.45
N ALA H 421 -26.59 63.53 37.02
CA ALA H 421 -26.57 64.80 36.33
C ALA H 421 -25.73 64.71 35.06
N ILE H 422 -24.60 64.00 35.14
CA ILE H 422 -23.71 63.86 33.99
C ILE H 422 -24.41 63.11 32.85
N ILE H 423 -25.01 61.96 33.17
CA ILE H 423 -25.63 61.12 32.15
C ILE H 423 -26.87 61.80 31.59
N SER H 424 -27.65 62.45 32.45
CA SER H 424 -28.87 63.11 32.00
C SER H 424 -28.58 64.29 31.07
N HIS H 425 -27.58 65.11 31.39
CA HIS H 425 -27.30 66.23 30.49
C HIS H 425 -26.60 65.77 29.22
N LEU H 426 -25.84 64.67 29.27
CA LEU H 426 -25.35 64.06 28.04
C LEU H 426 -26.50 63.58 27.15
N SER H 427 -27.53 62.99 27.77
CA SER H 427 -28.73 62.61 27.05
C SER H 427 -29.42 63.82 26.43
N TRP H 428 -29.46 64.94 27.16
CA TRP H 428 -30.05 66.17 26.62
C TRP H 428 -29.26 66.69 25.42
N VAL H 429 -27.93 66.69 25.51
CA VAL H 429 -27.09 67.18 24.42
C VAL H 429 -27.28 66.30 23.18
N SER H 430 -27.31 64.98 23.38
CA SER H 430 -27.48 64.04 22.28
C SER H 430 -28.84 64.21 21.62
N LEU H 431 -29.91 64.31 22.42
CA LEU H 431 -31.24 64.48 21.86
C LEU H 431 -31.37 65.81 21.12
N PHE H 432 -30.82 66.87 21.69
CA PHE H 432 -30.75 68.21 21.11
C PHE H 432 -30.15 68.18 19.71
N LEU H 433 -28.90 67.72 19.64
CA LEU H 433 -28.15 67.64 18.40
C LEU H 433 -28.84 66.76 17.36
N GLY H 434 -29.25 65.57 17.77
CA GLY H 434 -29.88 64.64 16.84
C GLY H 434 -31.20 65.12 16.29
N PHE H 435 -32.08 65.61 17.16
CA PHE H 435 -33.38 66.16 16.78
C PHE H 435 -33.20 67.26 15.76
N HIS H 436 -32.34 68.24 16.06
CA HIS H 436 -32.30 69.40 15.18
C HIS H 436 -31.49 69.15 13.92
N THR H 437 -30.43 68.34 14.01
CA THR H 437 -29.64 68.03 12.81
C THR H 437 -30.45 67.19 11.83
N LEU H 438 -31.12 66.15 12.34
CA LEU H 438 -31.96 65.32 11.49
C LEU H 438 -33.16 66.09 10.98
N GLY H 439 -33.71 66.99 11.80
CA GLY H 439 -34.80 67.83 11.36
C GLY H 439 -34.44 68.77 10.23
N LEU H 440 -33.31 69.47 10.36
CA LEU H 440 -32.85 70.36 9.28
C LEU H 440 -32.53 69.56 8.03
N TYR H 441 -31.89 68.40 8.19
CA TYR H 441 -31.55 67.56 7.04
C TYR H 441 -32.79 67.06 6.31
N VAL H 442 -33.79 66.56 7.04
CA VAL H 442 -35.00 66.05 6.42
C VAL H 442 -35.83 67.20 5.83
N HIS H 443 -35.82 68.38 6.47
CA HIS H 443 -36.46 69.55 5.88
C HIS H 443 -35.81 69.92 4.54
N ASN H 444 -34.48 69.91 4.50
CA ASN H 444 -33.76 70.19 3.26
C ASN H 444 -34.10 69.16 2.19
N ASP H 445 -34.13 67.88 2.58
CA ASP H 445 -34.47 66.80 1.64
C ASP H 445 -35.87 66.98 1.08
N VAL H 446 -36.80 67.41 1.94
CA VAL H 446 -38.19 67.55 1.51
C VAL H 446 -38.35 68.75 0.58
N VAL H 447 -37.74 69.89 0.90
CA VAL H 447 -37.91 71.07 0.05
C VAL H 447 -37.13 70.91 -1.26
N VAL H 448 -36.04 70.15 -1.24
CA VAL H 448 -35.31 69.90 -2.48
C VAL H 448 -36.05 68.87 -3.33
N ALA H 449 -36.70 67.91 -2.68
CA ALA H 449 -37.53 66.96 -3.40
C ALA H 449 -38.73 67.63 -4.04
N PHE H 450 -39.33 68.61 -3.37
CA PHE H 450 -40.52 69.28 -3.90
C PHE H 450 -40.17 70.40 -4.87
N GLY H 451 -38.99 70.33 -5.51
CA GLY H 451 -38.59 71.26 -6.54
C GLY H 451 -38.38 72.68 -6.08
N THR H 452 -37.88 72.86 -4.86
CA THR H 452 -37.60 74.19 -4.37
C THR H 452 -36.40 74.17 -3.41
N PRO H 453 -35.17 74.18 -3.92
CA PRO H 453 -34.01 74.16 -3.03
C PRO H 453 -33.76 75.48 -2.32
N GLU H 454 -34.46 76.54 -2.72
CA GLU H 454 -34.27 77.84 -2.09
C GLU H 454 -34.89 77.90 -0.71
N LYS H 455 -35.84 77.01 -0.41
CA LYS H 455 -36.49 76.95 0.89
C LYS H 455 -35.64 76.19 1.92
N GLN H 456 -34.47 75.72 1.53
CA GLN H 456 -33.56 75.05 2.45
C GLN H 456 -33.09 75.99 3.55
N ILE H 457 -33.01 75.44 4.76
CA ILE H 457 -32.40 76.11 5.89
C ILE H 457 -30.91 75.90 5.79
N LEU H 458 -30.20 76.92 5.31
CA LEU H 458 -28.76 76.86 5.15
C LEU H 458 -28.12 77.85 6.12
N ILE H 459 -27.26 77.33 6.99
CA ILE H 459 -26.59 78.12 8.02
C ILE H 459 -25.11 78.12 7.73
N GLU H 460 -24.53 79.30 7.59
CA GLU H 460 -23.10 79.36 7.33
C GLU H 460 -22.33 79.06 8.62
N PRO H 461 -21.17 78.41 8.53
CA PRO H 461 -20.36 78.21 9.73
C PRO H 461 -19.55 79.44 10.10
N VAL H 462 -20.24 80.51 10.47
CA VAL H 462 -19.62 81.82 10.61
C VAL H 462 -18.63 81.88 11.76
N PHE H 463 -18.78 81.02 12.77
CA PHE H 463 -17.77 80.96 13.83
C PHE H 463 -16.51 80.25 13.35
N ALA H 464 -16.66 79.12 12.67
CA ALA H 464 -15.52 78.47 12.06
C ALA H 464 -14.92 79.29 10.94
N GLN H 465 -15.74 79.98 10.16
CA GLN H 465 -15.23 80.91 9.15
C GLN H 465 -14.50 82.08 9.78
N PHE H 466 -14.93 82.50 10.99
CA PHE H 466 -14.17 83.49 11.72
C PHE H 466 -12.81 82.89 12.06
N ILE H 467 -12.78 81.62 12.49
CA ILE H 467 -11.49 81.02 12.81
C ILE H 467 -10.59 80.97 11.58
N GLN H 468 -11.17 80.67 10.42
CA GLN H 468 -10.42 80.65 9.16
C GLN H 468 -9.86 82.04 8.84
N ALA H 469 -10.68 83.08 9.01
CA ALA H 469 -10.24 84.45 8.78
C ALA H 469 -9.20 84.88 9.81
N ALA H 470 -9.36 84.43 11.05
CA ALA H 470 -8.46 84.76 12.14
C ALA H 470 -7.11 84.08 11.94
N HIS H 471 -7.09 83.05 11.10
CA HIS H 471 -5.84 82.44 10.68
C HIS H 471 -5.27 83.07 9.42
N GLY H 472 -6.02 83.92 8.74
CA GLY H 472 -5.48 84.61 7.59
C GLY H 472 -6.29 84.54 6.30
N LYS H 473 -7.39 83.80 6.29
CA LYS H 473 -8.17 83.65 5.06
C LYS H 473 -8.94 84.92 4.72
N LEU H 474 -8.54 85.60 3.65
CA LEU H 474 -9.22 86.78 3.15
C LEU H 474 -10.54 86.47 2.46
N LEU H 475 -10.85 85.19 2.20
CA LEU H 475 -11.97 84.83 1.35
C LEU H 475 -13.30 85.21 1.96
N TYR H 476 -13.41 85.10 3.29
CA TYR H 476 -14.67 85.43 3.95
C TYR H 476 -14.83 86.92 4.18
N GLY H 477 -13.73 87.68 4.22
CA GLY H 477 -13.84 89.11 4.40
C GLY H 477 -14.30 89.52 5.78
N PHE H 478 -13.58 89.07 6.80
CA PHE H 478 -13.86 89.48 8.17
C PHE H 478 -13.00 90.64 8.63
N ASP H 479 -11.82 90.84 8.02
CA ASP H 479 -10.87 91.89 8.34
C ASP H 479 -10.48 91.88 9.82
N THR H 480 -9.80 90.80 10.23
CA THR H 480 -9.44 90.59 11.61
C THR H 480 -8.02 90.06 11.66
N LEU H 481 -7.68 89.47 12.80
CA LEU H 481 -6.40 88.87 13.13
C LEU H 481 -5.82 88.04 11.98
N LEU H 482 -4.60 88.38 11.56
CA LEU H 482 -3.82 87.68 10.52
C LEU H 482 -4.43 87.78 9.12
N SER H 483 -5.61 88.37 9.00
CA SER H 483 -6.22 88.70 7.71
C SER H 483 -6.29 90.20 7.49
N ASN H 484 -5.99 90.98 8.53
CA ASN H 484 -5.81 92.42 8.42
C ASN H 484 -4.31 92.57 8.65
N PRO H 485 -3.57 93.17 7.71
CA PRO H 485 -2.11 93.28 7.88
C PRO H 485 -1.68 94.28 8.94
N ASP H 486 -2.60 95.07 9.51
CA ASP H 486 -2.27 96.06 10.53
C ASP H 486 -2.60 95.61 11.94
N SER H 487 -3.12 94.40 12.12
CA SER H 487 -3.40 93.88 13.45
C SER H 487 -2.10 93.66 14.22
N ILE H 488 -2.17 93.84 15.54
CA ILE H 488 -1.01 93.61 16.40
C ILE H 488 -0.62 92.14 16.38
N ALA H 489 -1.60 91.24 16.22
CA ALA H 489 -1.29 89.83 16.01
C ALA H 489 -0.55 89.62 14.68
N ALA H 490 -0.90 90.40 13.66
CA ALA H 490 -0.21 90.28 12.38
C ALA H 490 1.20 90.87 12.44
N THR H 491 1.36 92.04 13.07
CA THR H 491 2.66 92.67 13.15
C THR H 491 3.58 92.04 14.20
N ALA H 492 3.00 91.52 15.29
CA ALA H 492 3.74 91.15 16.50
C ALA H 492 4.59 92.32 16.99
N TRP H 493 3.92 93.47 17.18
CA TRP H 493 4.38 94.85 17.41
C TRP H 493 5.66 94.97 18.25
N PRO H 494 5.82 94.30 19.44
CA PRO H 494 6.98 94.65 20.27
C PRO H 494 8.21 93.92 19.75
N ASN H 495 8.02 92.72 19.19
CA ASN H 495 9.15 91.94 18.71
C ASN H 495 9.32 92.03 17.20
N TYR H 496 8.23 92.24 16.46
CA TYR H 496 8.18 92.16 14.99
C TYR H 496 8.78 90.84 14.50
N GLY H 497 8.28 89.76 15.08
CA GLY H 497 8.87 88.46 14.90
C GLY H 497 7.94 87.34 14.53
N ASN H 498 6.95 87.58 13.66
CA ASN H 498 6.13 86.50 13.15
C ASN H 498 6.97 85.54 12.33
N VAL H 499 7.46 85.99 11.16
CA VAL H 499 8.37 85.29 10.26
C VAL H 499 7.71 84.10 9.56
N TRP H 500 6.81 83.38 10.24
CA TRP H 500 6.00 82.36 9.61
C TRP H 500 4.94 82.95 8.74
N LEU H 501 4.61 84.20 9.03
CA LEU H 501 3.41 84.76 8.43
C LEU H 501 3.44 84.89 6.90
N PRO H 502 4.60 85.20 6.14
CA PRO H 502 4.37 85.31 4.66
C PRO H 502 3.96 84.00 3.99
N GLY H 503 4.59 82.90 4.49
CA GLY H 503 4.47 81.58 3.96
C GLY H 503 3.14 81.02 4.36
N TRP H 504 2.75 81.21 5.63
CA TRP H 504 1.45 80.73 6.08
C TRP H 504 0.33 81.47 5.37
N LEU H 505 0.50 82.78 5.14
CA LEU H 505 -0.54 83.54 4.45
C LEU H 505 -0.66 83.11 3.00
N ASP H 506 0.47 82.84 2.33
CA ASP H 506 0.44 82.31 0.98
C ASP H 506 -0.20 80.93 0.93
N ALA H 507 0.05 80.11 1.97
CA ALA H 507 -0.53 78.78 2.02
C ALA H 507 -2.03 78.80 2.27
N ILE H 508 -2.49 79.81 3.02
CA ILE H 508 -3.92 79.88 3.37
C ILE H 508 -4.72 80.65 2.34
N ASN H 509 -4.09 81.49 1.53
CA ASN H 509 -4.83 82.28 0.55
C ASN H 509 -4.52 81.83 -0.86
N SER H 510 -4.32 80.52 -1.02
CA SER H 510 -4.11 79.86 -2.30
C SER H 510 -4.74 78.49 -2.19
N GLY H 511 -5.96 78.35 -2.70
CA GLY H 511 -6.57 77.05 -2.60
C GLY H 511 -6.07 76.16 -3.71
N ASN H 512 -5.03 75.39 -3.38
CA ASN H 512 -4.49 74.34 -4.23
C ASN H 512 -4.13 73.22 -3.28
N ASN H 513 -4.46 73.44 -2.02
CA ASN H 513 -4.14 72.55 -0.93
C ASN H 513 -5.38 72.20 -0.12
N SER H 514 -5.22 71.40 0.92
CA SER H 514 -6.30 71.16 1.85
C SER H 514 -6.22 71.98 3.13
N LEU H 515 -5.43 73.05 3.14
CA LEU H 515 -5.11 73.81 4.34
C LEU H 515 -6.20 74.83 4.63
N PHE H 516 -7.06 74.52 5.61
CA PHE H 516 -8.23 75.32 5.98
C PHE H 516 -9.18 75.51 4.78
N LEU H 517 -9.78 74.38 4.39
CA LEU H 517 -10.69 74.34 3.24
C LEU H 517 -11.91 75.24 3.43
N THR H 518 -12.51 75.63 2.31
CA THR H 518 -13.66 76.50 2.33
C THR H 518 -14.92 75.73 2.76
N ILE H 519 -15.64 76.31 3.72
CA ILE H 519 -16.76 75.63 4.37
C ILE H 519 -18.07 76.38 4.14
N GLY H 520 -19.17 75.63 4.17
CA GLY H 520 -20.48 76.18 3.98
C GLY H 520 -21.52 75.42 4.80
N PRO H 521 -22.80 75.59 4.47
CA PRO H 521 -23.88 74.95 5.25
C PRO H 521 -23.83 73.43 5.26
N GLY H 522 -23.27 72.82 4.22
CA GLY H 522 -22.97 71.41 4.28
C GLY H 522 -22.02 71.07 5.39
N ASP H 523 -20.94 71.83 5.53
CA ASP H 523 -20.00 71.64 6.64
C ASP H 523 -20.64 71.90 7.99
N PHE H 524 -21.54 72.88 8.06
CA PHE H 524 -22.28 73.17 9.29
C PHE H 524 -23.10 71.97 9.73
N LEU H 525 -23.93 71.44 8.82
CA LEU H 525 -24.83 70.35 9.17
C LEU H 525 -24.06 69.07 9.46
N VAL H 526 -23.00 68.80 8.69
CA VAL H 526 -22.20 67.62 8.98
C VAL H 526 -21.48 67.75 10.31
N HIS H 527 -20.91 68.92 10.62
CA HIS H 527 -20.22 69.12 11.89
C HIS H 527 -21.15 68.94 13.07
N HIS H 528 -22.42 69.33 12.94
CA HIS H 528 -23.35 69.01 14.01
C HIS H 528 -23.72 67.53 14.06
N ALA H 529 -23.72 66.83 12.92
CA ALA H 529 -23.83 65.37 12.95
C ALA H 529 -22.64 64.74 13.66
N ILE H 530 -21.44 65.28 13.44
CA ILE H 530 -20.23 64.83 14.13
C ILE H 530 -20.35 65.05 15.63
N ALA H 531 -20.83 66.23 16.02
CA ALA H 531 -21.04 66.56 17.43
C ALA H 531 -22.03 65.59 18.06
N LEU H 532 -23.10 65.27 17.33
CA LEU H 532 -24.09 64.29 17.73
C LEU H 532 -23.46 62.92 17.95
N GLY H 533 -22.62 62.49 17.01
CA GLY H 533 -21.99 61.19 17.11
C GLY H 533 -21.05 61.09 18.29
N LEU H 534 -20.20 62.11 18.48
CA LEU H 534 -19.29 62.14 19.61
C LEU H 534 -20.03 62.16 20.93
N HIS H 535 -21.10 62.95 21.01
CA HIS H 535 -21.84 63.08 22.26
C HIS H 535 -22.62 61.81 22.58
N THR H 536 -23.15 61.12 21.56
CA THR H 536 -23.89 59.90 21.86
C THR H 536 -22.95 58.75 22.21
N THR H 537 -21.81 58.63 21.52
CA THR H 537 -20.83 57.62 21.89
C THR H 537 -20.28 57.87 23.30
N THR H 538 -20.02 59.15 23.63
CA THR H 538 -19.68 59.55 24.97
C THR H 538 -20.78 59.20 25.97
N LEU H 539 -22.04 59.43 25.60
CA LEU H 539 -23.16 59.15 26.50
C LEU H 539 -23.25 57.67 26.83
N ILE H 540 -23.13 56.81 25.82
CA ILE H 540 -23.21 55.37 26.05
C ILE H 540 -22.05 54.89 26.90
N LEU H 541 -20.83 55.33 26.56
CA LEU H 541 -19.66 54.90 27.32
C LEU H 541 -19.63 55.45 28.73
N VAL H 542 -20.04 56.70 28.92
CA VAL H 542 -20.05 57.33 30.24
C VAL H 542 -21.14 56.73 31.11
N LYS H 543 -22.32 56.47 30.53
CA LYS H 543 -23.38 55.80 31.27
C LYS H 543 -22.96 54.39 31.67
N GLY H 544 -22.26 53.68 30.81
CA GLY H 544 -21.75 52.38 31.17
C GLY H 544 -20.66 52.41 32.24
N ALA H 545 -19.79 53.41 32.18
CA ALA H 545 -18.73 53.51 33.18
C ALA H 545 -19.28 53.92 34.54
N LEU H 546 -20.11 54.95 34.58
CA LEU H 546 -20.61 55.47 35.84
C LEU H 546 -21.63 54.54 36.48
N ASP H 547 -22.38 53.78 35.69
CA ASP H 547 -23.30 52.77 36.18
C ASP H 547 -22.71 51.37 36.03
N ALA H 548 -21.39 51.25 36.17
CA ALA H 548 -20.74 49.95 36.15
C ALA H 548 -20.73 49.26 37.50
N ARG H 549 -20.58 50.00 38.60
CA ARG H 549 -20.64 49.42 39.93
C ARG H 549 -22.06 49.07 40.32
N GLY H 550 -23.05 49.76 39.76
CA GLY H 550 -24.45 49.45 40.01
C GLY H 550 -25.38 50.60 39.68
N SER H 551 -26.62 50.28 39.32
CA SER H 551 -27.67 51.26 39.14
C SER H 551 -28.89 50.81 39.93
N LYS H 552 -30.01 51.49 39.71
CA LYS H 552 -31.22 51.17 40.48
C LYS H 552 -31.82 49.83 40.04
N LEU H 553 -31.59 49.42 38.80
CA LEU H 553 -32.06 48.11 38.37
C LEU H 553 -31.21 46.98 38.93
N MET H 554 -29.91 47.22 39.11
CA MET H 554 -28.97 46.20 39.57
C MET H 554 -27.97 46.84 40.53
N PRO H 555 -28.35 47.05 41.81
CA PRO H 555 -27.43 47.74 42.73
C PRO H 555 -26.41 46.82 43.39
N ASP H 556 -25.89 45.86 42.64
CA ASP H 556 -24.74 45.10 43.09
C ASP H 556 -23.87 44.71 41.90
N LYS H 557 -23.89 45.52 40.84
CA LYS H 557 -23.27 45.13 39.57
C LYS H 557 -21.75 45.00 39.67
N LYS H 558 -21.12 45.66 40.65
CA LYS H 558 -19.69 45.45 40.90
C LYS H 558 -19.37 44.02 41.27
N ASP H 559 -20.31 43.30 41.86
CA ASP H 559 -20.10 41.97 42.40
C ASP H 559 -20.07 40.90 41.31
N PHE H 560 -20.51 41.24 40.09
CA PHE H 560 -20.61 40.29 39.00
C PHE H 560 -19.51 40.45 37.96
N GLY H 561 -18.82 41.57 37.94
CA GLY H 561 -17.70 41.79 37.06
C GLY H 561 -18.05 42.69 35.90
N TYR H 562 -17.12 42.78 34.96
CA TYR H 562 -17.29 43.65 33.80
C TYR H 562 -18.25 43.04 32.79
N ALA H 563 -18.00 41.81 32.36
CA ALA H 563 -18.75 41.16 31.29
C ALA H 563 -19.52 39.99 31.87
N PHE H 564 -20.84 40.11 31.91
CA PHE H 564 -21.74 39.02 32.25
C PHE H 564 -22.95 39.17 31.34
N PRO H 565 -23.69 38.07 31.05
CA PRO H 565 -24.80 38.15 30.09
C PRO H 565 -25.91 39.09 30.50
N CYS H 566 -26.47 38.83 31.68
CA CYS H 566 -27.57 39.60 32.23
C CYS H 566 -27.79 39.20 33.68
N ASP H 567 -28.83 39.74 34.29
CA ASP H 567 -29.28 39.29 35.60
C ASP H 567 -30.64 38.60 35.49
N GLY H 568 -30.99 38.16 34.29
CA GLY H 568 -32.19 37.40 34.08
C GLY H 568 -33.36 38.23 33.60
N PRO H 569 -34.46 37.55 33.27
CA PRO H 569 -35.69 38.26 32.90
C PRO H 569 -36.42 38.88 34.07
N GLY H 570 -35.97 38.64 35.30
CA GLY H 570 -36.57 39.26 36.46
C GLY H 570 -36.29 40.76 36.49
N ARG H 571 -37.04 41.43 37.37
CA ARG H 571 -36.99 42.88 37.55
C ARG H 571 -37.26 43.63 36.26
N GLY H 572 -38.16 43.08 35.44
CA GLY H 572 -38.56 43.67 34.19
C GLY H 572 -37.76 43.18 33.00
N GLY H 573 -36.59 42.59 33.25
CA GLY H 573 -35.70 42.18 32.18
C GLY H 573 -34.42 42.98 32.21
N THR H 574 -33.28 42.29 32.18
CA THR H 574 -31.99 42.94 32.39
C THR H 574 -31.00 42.60 31.28
N CYS H 575 -31.47 42.50 30.04
CA CYS H 575 -30.57 42.25 28.92
C CYS H 575 -29.63 43.44 28.73
N ASP H 576 -28.35 43.15 28.47
CA ASP H 576 -27.34 44.17 28.14
C ASP H 576 -27.17 45.19 29.28
N ILE H 577 -27.20 44.69 30.52
CA ILE H 577 -27.06 45.55 31.69
C ILE H 577 -25.59 45.70 32.12
N SER H 578 -24.71 44.83 31.65
CA SER H 578 -23.32 44.85 32.06
C SER H 578 -22.61 46.09 31.49
N ALA H 579 -21.44 46.40 32.07
CA ALA H 579 -20.65 47.52 31.59
C ALA H 579 -19.96 47.19 30.27
N TRP H 580 -19.68 45.90 30.06
CA TRP H 580 -19.20 45.42 28.76
C TRP H 580 -20.20 45.74 27.66
N ASP H 581 -21.48 45.69 27.99
CA ASP H 581 -22.50 45.85 26.99
C ASP H 581 -22.65 47.30 26.55
N ALA H 582 -22.24 48.24 27.39
CA ALA H 582 -22.19 49.64 26.94
C ALA H 582 -21.05 49.86 25.95
N PHE H 583 -19.92 49.17 26.14
CA PHE H 583 -18.88 49.12 25.13
C PHE H 583 -19.45 48.57 23.83
N TYR H 584 -20.20 47.47 23.94
CA TYR H 584 -20.74 46.79 22.77
C TYR H 584 -21.73 47.69 22.02
N LEU H 585 -22.54 48.43 22.77
CA LEU H 585 -23.49 49.35 22.18
C LEU H 585 -22.78 50.56 21.56
N ALA H 586 -21.74 51.08 22.21
CA ALA H 586 -21.11 52.30 21.73
C ALA H 586 -20.13 52.02 20.60
N MET H 587 -19.77 50.76 20.38
CA MET H 587 -18.97 50.41 19.20
C MET H 587 -19.71 50.70 17.90
N PHE H 588 -21.01 50.39 17.85
CA PHE H 588 -21.82 50.74 16.68
C PHE H 588 -21.87 52.25 16.49
N TRP H 589 -22.04 52.99 17.58
CA TRP H 589 -22.09 54.43 17.49
C TRP H 589 -20.76 55.04 17.09
N MET H 590 -19.66 54.44 17.55
CA MET H 590 -18.33 54.88 17.14
C MET H 590 -18.14 54.65 15.65
N LEU H 591 -18.57 53.48 15.15
CA LEU H 591 -18.45 53.19 13.72
C LEU H 591 -19.30 54.15 12.89
N ASN H 592 -20.52 54.46 13.37
CA ASN H 592 -21.38 55.40 12.68
C ASN H 592 -20.78 56.81 12.66
N THR H 593 -20.22 57.24 13.79
CA THR H 593 -19.61 58.56 13.88
C THR H 593 -18.41 58.68 12.95
N ILE H 594 -17.51 57.69 12.98
CA ILE H 594 -16.32 57.72 12.13
C ILE H 594 -16.72 57.58 10.66
N GLY H 595 -17.79 56.85 10.38
CA GLY H 595 -18.32 56.80 9.04
C GLY H 595 -18.78 58.15 8.55
N TRP H 596 -19.47 58.91 9.42
CA TRP H 596 -19.86 60.27 9.08
C TRP H 596 -18.64 61.16 8.83
N VAL H 597 -17.62 61.04 9.70
CA VAL H 597 -16.39 61.81 9.56
C VAL H 597 -15.74 61.55 8.20
N THR H 598 -15.53 60.27 7.89
CA THR H 598 -14.78 59.90 6.70
C THR H 598 -15.59 60.08 5.42
N PHE H 599 -16.92 59.90 5.48
CA PHE H 599 -17.80 60.24 4.37
C PHE H 599 -17.70 61.71 4.03
N TYR H 600 -17.75 62.57 5.06
CA TYR H 600 -17.60 64.02 4.88
C TYR H 600 -16.25 64.37 4.29
N TRP H 601 -15.18 63.80 4.86
CA TRP H 601 -13.84 64.05 4.38
C TRP H 601 -13.70 63.67 2.92
N HIS H 602 -14.11 62.45 2.59
CA HIS H 602 -13.90 61.93 1.25
C HIS H 602 -14.73 62.68 0.22
N TRP H 603 -15.99 63.01 0.54
CA TRP H 603 -16.80 63.72 -0.44
C TRP H 603 -16.31 65.13 -0.67
N LYS H 604 -15.93 65.83 0.42
CA LYS H 604 -15.37 67.17 0.26
C LYS H 604 -14.05 67.13 -0.51
N HIS H 605 -13.22 66.13 -0.27
CA HIS H 605 -11.95 66.07 -0.98
C HIS H 605 -12.11 65.60 -2.41
N LEU H 606 -13.13 64.79 -2.71
CA LEU H 606 -13.41 64.48 -4.12
C LEU H 606 -13.81 65.73 -4.87
N GLY H 607 -14.67 66.55 -4.26
CA GLY H 607 -14.98 67.85 -4.84
C GLY H 607 -13.81 68.79 -4.96
N VAL H 608 -12.87 68.76 -4.02
CA VAL H 608 -11.71 69.65 -4.01
C VAL H 608 -10.64 69.20 -5.00
N TRP H 609 -10.32 67.89 -5.00
CA TRP H 609 -9.35 67.33 -5.94
C TRP H 609 -9.83 67.41 -7.37
N GLU H 610 -11.11 67.13 -7.64
CA GLU H 610 -11.64 67.32 -8.98
C GLU H 610 -11.75 68.78 -9.38
N GLY H 611 -11.82 69.69 -8.41
CA GLY H 611 -12.10 71.10 -8.66
C GLY H 611 -13.58 71.42 -8.69
N ASN H 612 -14.44 70.41 -8.75
CA ASN H 612 -15.88 70.62 -8.68
C ASN H 612 -16.32 70.66 -7.22
N VAL H 613 -15.92 71.71 -6.51
CA VAL H 613 -16.31 71.90 -5.13
C VAL H 613 -17.80 72.19 -4.99
N ALA H 614 -18.45 72.60 -6.08
CA ALA H 614 -19.87 72.91 -6.08
C ALA H 614 -20.72 71.66 -5.88
N GLN H 615 -20.21 70.48 -6.26
CA GLN H 615 -20.92 69.23 -6.02
C GLN H 615 -21.21 69.02 -4.54
N PHE H 616 -20.17 69.09 -3.72
CA PHE H 616 -20.35 69.01 -2.27
C PHE H 616 -21.09 70.23 -1.73
N ASN H 617 -20.69 71.43 -2.17
CA ASN H 617 -21.23 72.64 -1.54
C ASN H 617 -22.67 72.91 -1.96
N GLU H 618 -23.19 72.12 -2.89
CA GLU H 618 -24.60 72.16 -3.25
C GLU H 618 -25.40 70.96 -2.76
N ASN H 619 -24.86 69.74 -2.78
CA ASN H 619 -25.66 68.56 -2.51
C ASN H 619 -25.40 67.91 -1.16
N SER H 620 -24.52 68.47 -0.34
CA SER H 620 -24.31 67.93 1.00
C SER H 620 -25.31 68.45 2.02
N THR H 621 -26.17 69.39 1.62
CA THR H 621 -27.13 69.97 2.54
C THR H 621 -28.41 69.14 2.66
N TYR H 622 -28.71 68.31 1.67
CA TYR H 622 -29.75 67.31 1.80
C TYR H 622 -29.08 65.94 1.73
N LEU H 623 -29.75 64.91 2.26
CA LEU H 623 -29.15 63.60 2.35
C LEU H 623 -29.34 62.73 1.12
N MET H 624 -30.22 63.12 0.19
CA MET H 624 -30.25 62.48 -1.11
C MET H 624 -28.99 62.78 -1.91
N GLY H 625 -28.35 63.91 -1.65
CA GLY H 625 -27.07 64.20 -2.27
C GLY H 625 -25.97 63.28 -1.77
N TRP H 626 -26.02 62.92 -0.49
CA TRP H 626 -25.05 61.99 0.07
C TRP H 626 -25.21 60.60 -0.50
N LEU H 627 -26.44 60.12 -0.67
CA LEU H 627 -26.66 58.79 -1.24
C LEU H 627 -26.44 58.77 -2.75
N ARG H 628 -26.88 59.82 -3.45
CA ARG H 628 -26.79 59.86 -4.90
C ARG H 628 -25.42 60.32 -5.36
N ASP H 629 -25.04 61.54 -5.00
CA ASP H 629 -23.87 62.18 -5.58
C ASP H 629 -22.56 61.74 -4.91
N TYR H 630 -22.63 60.99 -3.81
CA TYR H 630 -21.43 60.45 -3.19
C TYR H 630 -21.39 58.94 -3.20
N LEU H 631 -22.43 58.27 -2.70
CA LEU H 631 -22.37 56.81 -2.59
C LEU H 631 -22.72 56.13 -3.91
N TRP H 632 -23.77 56.61 -4.59
CA TRP H 632 -24.22 55.96 -5.82
C TRP H 632 -23.25 56.24 -6.98
N LEU H 633 -22.74 57.48 -7.05
CA LEU H 633 -21.89 57.86 -8.17
C LEU H 633 -20.53 57.19 -8.06
N ASN H 634 -19.84 57.40 -6.96
CA ASN H 634 -18.46 56.93 -6.80
C ASN H 634 -18.36 55.44 -6.64
N SER H 635 -19.43 54.70 -6.42
CA SER H 635 -19.36 53.25 -6.48
C SER H 635 -19.21 52.73 -7.91
N SER H 636 -19.49 53.59 -8.91
CA SER H 636 -19.75 53.14 -10.28
C SER H 636 -18.57 52.42 -10.90
N GLN H 637 -17.34 52.85 -10.57
CA GLN H 637 -16.17 52.16 -11.10
C GLN H 637 -15.72 51.03 -10.18
N LEU H 638 -15.96 51.15 -8.88
CA LEU H 638 -15.70 50.04 -7.95
C LEU H 638 -16.56 48.84 -8.31
N ILE H 639 -17.81 49.11 -8.64
CA ILE H 639 -18.80 48.08 -8.90
C ILE H 639 -18.51 47.33 -10.19
N ASN H 640 -17.94 48.00 -11.19
CA ASN H 640 -17.55 47.38 -12.45
C ASN H 640 -16.11 46.87 -12.41
N GLY H 641 -15.59 46.60 -11.21
CA GLY H 641 -14.29 45.97 -11.07
C GLY H 641 -14.21 44.61 -11.73
N TYR H 642 -15.29 43.85 -11.67
CA TYR H 642 -15.50 42.73 -12.58
C TYR H 642 -16.94 42.77 -13.04
N ASN H 643 -17.17 42.31 -14.27
CA ASN H 643 -18.44 42.45 -14.95
C ASN H 643 -18.52 41.27 -15.92
N PRO H 644 -19.62 41.06 -16.66
CA PRO H 644 -19.61 39.98 -17.66
C PRO H 644 -18.63 40.17 -18.81
N PHE H 645 -17.98 41.32 -18.94
CA PHE H 645 -17.08 41.59 -20.05
C PHE H 645 -15.60 41.51 -19.70
N GLY H 646 -15.24 41.48 -18.42
CA GLY H 646 -13.85 41.34 -18.06
C GLY H 646 -13.58 41.85 -16.66
N THR H 647 -12.29 42.02 -16.38
CA THR H 647 -11.79 42.40 -15.06
C THR H 647 -10.84 43.58 -15.19
N ASN H 648 -10.97 44.54 -14.27
CA ASN H 648 -10.01 45.63 -14.13
C ASN H 648 -9.03 45.27 -13.00
N ASN H 649 -8.22 46.23 -12.58
CA ASN H 649 -7.44 46.08 -11.36
C ASN H 649 -8.26 46.37 -10.11
N LEU H 650 -9.49 46.85 -10.28
CA LEU H 650 -10.41 47.10 -9.18
C LEU H 650 -11.25 45.86 -8.84
N SER H 651 -10.96 44.72 -9.44
CA SER H 651 -11.75 43.52 -9.20
C SER H 651 -11.60 43.03 -7.76
N VAL H 652 -10.41 43.17 -7.20
CA VAL H 652 -10.21 42.78 -5.80
C VAL H 652 -10.99 43.71 -4.87
N TRP H 653 -11.10 44.98 -5.23
CA TRP H 653 -11.88 45.90 -4.42
C TRP H 653 -13.37 45.66 -4.55
N ALA H 654 -13.85 45.27 -5.74
CA ALA H 654 -15.23 44.84 -5.89
C ALA H 654 -15.53 43.60 -5.04
N TRP H 655 -14.62 42.63 -5.08
CA TRP H 655 -14.78 41.41 -4.30
C TRP H 655 -14.75 41.69 -2.80
N MET H 656 -13.89 42.60 -2.36
CA MET H 656 -13.82 42.94 -0.94
C MET H 656 -15.01 43.79 -0.51
N PHE H 657 -15.54 44.61 -1.42
CA PHE H 657 -16.78 45.35 -1.18
C PHE H 657 -17.94 44.40 -0.89
N LEU H 658 -18.13 43.40 -1.76
CA LEU H 658 -19.14 42.39 -1.53
C LEU H 658 -18.86 41.53 -0.31
N PHE H 659 -17.58 41.20 -0.09
CA PHE H 659 -17.16 40.44 1.08
C PHE H 659 -17.52 41.17 2.36
N GLY H 660 -17.28 42.47 2.42
CA GLY H 660 -17.59 43.28 3.57
C GLY H 660 -19.08 43.37 3.81
N HIS H 661 -19.87 43.50 2.73
CA HIS H 661 -21.33 43.43 2.88
C HIS H 661 -21.74 42.10 3.50
N LEU H 662 -21.13 41.00 3.06
CA LEU H 662 -21.45 39.68 3.58
C LEU H 662 -21.09 39.52 5.06
N VAL H 663 -19.89 39.98 5.45
CA VAL H 663 -19.48 39.86 6.87
C VAL H 663 -20.38 40.72 7.75
N TRP H 664 -20.66 41.95 7.31
CA TRP H 664 -21.49 42.87 8.07
C TRP H 664 -22.89 42.30 8.26
N ALA H 665 -23.44 41.68 7.23
CA ALA H 665 -24.77 41.07 7.37
C ALA H 665 -24.72 39.79 8.18
N THR H 666 -23.60 39.05 8.13
CA THR H 666 -23.48 37.86 8.96
C THR H 666 -23.42 38.21 10.44
N GLY H 667 -22.89 39.40 10.77
CA GLY H 667 -22.93 39.86 12.14
C GLY H 667 -24.32 40.10 12.67
N PHE H 668 -25.23 40.54 11.79
CA PHE H 668 -26.62 40.76 12.15
C PHE H 668 -27.28 39.48 12.67
N MET H 669 -26.86 38.31 12.18
CA MET H 669 -27.32 37.03 12.71
C MET H 669 -27.04 36.88 14.19
N PHE H 670 -25.80 37.10 14.61
CA PHE H 670 -25.46 36.99 16.02
C PHE H 670 -26.07 38.10 16.84
N LEU H 671 -26.22 39.29 16.26
CA LEU H 671 -26.77 40.41 17.01
C LEU H 671 -28.29 40.33 17.20
N ILE H 672 -29.03 39.75 16.26
CA ILE H 672 -30.48 39.72 16.31
C ILE H 672 -31.01 38.43 16.91
N SER H 673 -30.64 37.29 16.33
CA SER H 673 -31.01 35.99 16.89
C SER H 673 -30.16 35.73 18.11
N TRP H 674 -30.77 35.21 19.17
CA TRP H 674 -30.07 34.99 20.42
C TRP H 674 -30.04 33.50 20.75
N ARG H 675 -29.55 33.18 21.96
CA ARG H 675 -28.87 31.90 22.17
C ARG H 675 -29.80 30.69 22.16
N GLY H 676 -30.93 30.77 22.87
CA GLY H 676 -31.68 29.55 23.17
C GLY H 676 -32.24 28.87 21.95
N TYR H 677 -32.54 29.66 20.91
CA TYR H 677 -32.87 29.11 19.60
C TYR H 677 -31.74 28.20 19.09
N TRP H 678 -30.51 28.71 19.11
CA TRP H 678 -29.39 27.97 18.57
C TRP H 678 -29.03 26.78 19.42
N GLN H 679 -29.21 26.89 20.74
CA GLN H 679 -28.99 25.74 21.60
C GLN H 679 -30.00 24.64 21.31
N GLU H 680 -31.27 24.99 21.14
CA GLU H 680 -32.29 23.99 20.81
C GLU H 680 -32.02 23.36 19.45
N LEU H 681 -31.45 24.14 18.51
CA LEU H 681 -31.08 23.57 17.22
C LEU H 681 -29.91 22.59 17.35
N ILE H 682 -28.92 22.95 18.16
CA ILE H 682 -27.74 22.11 18.35
C ILE H 682 -28.06 20.81 19.08
N GLU H 683 -29.05 20.82 19.98
CA GLU H 683 -29.47 19.55 20.59
C GLU H 683 -30.05 18.58 19.55
N THR H 684 -30.84 19.08 18.60
CA THR H 684 -31.32 18.22 17.52
C THR H 684 -30.18 17.75 16.63
N LEU H 685 -29.18 18.61 16.39
CA LEU H 685 -28.01 18.18 15.63
C LEU H 685 -27.19 17.10 16.36
N VAL H 686 -27.05 17.23 17.68
CA VAL H 686 -26.39 16.22 18.49
C VAL H 686 -27.15 14.90 18.41
N TRP H 687 -28.49 14.97 18.46
CA TRP H 687 -29.30 13.76 18.29
C TRP H 687 -29.07 13.13 16.92
N ALA H 688 -29.01 13.97 15.87
CA ALA H 688 -28.83 13.46 14.52
C ALA H 688 -27.48 12.79 14.35
N HIS H 689 -26.45 13.36 14.98
CA HIS H 689 -25.13 12.73 14.90
C HIS H 689 -25.07 11.43 15.69
N GLU H 690 -25.68 11.39 16.87
CA GLU H 690 -25.57 10.21 17.72
C GLU H 690 -26.39 9.03 17.21
N ARG H 691 -27.32 9.25 16.29
CA ARG H 691 -28.17 8.19 15.77
C ARG H 691 -27.90 7.89 14.29
N THR H 692 -26.85 8.46 13.72
CA THR H 692 -26.51 8.21 12.33
C THR H 692 -25.46 7.11 12.26
N PRO H 693 -25.72 6.01 11.55
CA PRO H 693 -24.69 4.98 11.37
C PRO H 693 -23.50 5.50 10.59
N LEU H 694 -22.32 4.92 10.91
CA LEU H 694 -20.98 5.19 10.38
C LEU H 694 -20.41 6.52 10.89
N ALA H 695 -21.25 7.33 11.52
CA ALA H 695 -20.75 8.52 12.20
C ALA H 695 -20.89 8.36 13.70
N ASN H 696 -21.42 7.23 14.14
CA ASN H 696 -21.47 6.88 15.55
C ASN H 696 -20.06 6.54 16.04
N LEU H 697 -19.21 6.09 15.11
CA LEU H 697 -17.82 5.77 15.43
C LEU H 697 -17.01 6.99 15.83
N VAL H 698 -17.46 8.18 15.45
CA VAL H 698 -16.74 9.42 15.71
C VAL H 698 -17.55 10.26 16.68
N ARG H 699 -16.91 10.66 17.77
CA ARG H 699 -17.56 11.40 18.83
C ARG H 699 -16.76 12.66 19.10
N TRP H 700 -17.47 13.75 19.37
CA TRP H 700 -16.82 14.98 19.78
C TRP H 700 -16.15 14.81 21.14
N LYS H 701 -15.01 15.49 21.31
CA LYS H 701 -14.36 15.56 22.61
C LYS H 701 -14.92 16.68 23.47
N ASP H 702 -15.45 17.74 22.86
CA ASP H 702 -16.13 18.82 23.56
C ASP H 702 -17.58 18.80 23.13
N LYS H 703 -18.49 18.87 24.10
CA LYS H 703 -19.90 18.79 23.79
C LYS H 703 -20.34 20.05 23.04
N PRO H 704 -20.96 19.91 21.87
CA PRO H 704 -21.35 21.09 21.08
C PRO H 704 -22.45 21.87 21.78
N VAL H 705 -22.20 23.16 21.99
CA VAL H 705 -23.19 24.06 22.57
C VAL H 705 -23.20 25.35 21.78
N ALA H 706 -24.29 26.11 21.94
CA ALA H 706 -24.42 27.40 21.31
C ALA H 706 -23.43 28.39 21.92
N LEU H 707 -23.14 29.44 21.16
CA LEU H 707 -22.29 30.52 21.65
C LEU H 707 -22.95 31.21 22.83
N SER H 708 -22.13 31.65 23.77
CA SER H 708 -22.69 32.33 24.94
C SER H 708 -23.22 33.70 24.53
N ILE H 709 -23.98 34.31 25.45
CA ILE H 709 -24.69 35.56 25.13
C ILE H 709 -23.69 36.69 24.91
N VAL H 710 -22.74 36.85 25.84
CA VAL H 710 -21.65 37.81 25.68
C VAL H 710 -20.79 37.46 24.48
N GLN H 711 -20.53 36.17 24.29
CA GLN H 711 -19.69 35.71 23.19
C GLN H 711 -20.26 36.09 21.85
N ALA H 712 -21.56 35.85 21.64
CA ALA H 712 -22.11 36.12 20.32
C ALA H 712 -22.44 37.58 20.14
N ARG H 713 -22.66 38.32 21.24
CA ARG H 713 -22.61 39.78 21.15
C ARG H 713 -21.27 40.24 20.59
N LEU H 714 -20.18 39.68 21.13
CA LEU H 714 -18.83 40.00 20.64
C LEU H 714 -18.63 39.56 19.20
N VAL H 715 -19.09 38.36 18.84
CA VAL H 715 -18.84 37.81 17.51
C VAL H 715 -19.63 38.57 16.46
N GLY H 716 -20.89 38.91 16.76
CA GLY H 716 -21.66 39.76 15.87
C GLY H 716 -21.10 41.16 15.74
N LEU H 717 -20.61 41.74 16.85
CA LEU H 717 -19.95 43.03 16.79
C LEU H 717 -18.66 42.99 15.96
N ALA H 718 -17.87 41.93 16.11
CA ALA H 718 -16.65 41.79 15.34
C ALA H 718 -16.94 41.62 13.85
N HIS H 719 -17.94 40.82 13.49
CA HIS H 719 -18.36 40.72 12.10
C HIS H 719 -18.86 42.05 11.56
N PHE H 720 -19.68 42.75 12.34
CA PHE H 720 -20.16 44.07 11.98
C PHE H 720 -19.01 45.03 11.71
N SER H 721 -18.00 45.01 12.59
CA SER H 721 -16.86 45.91 12.48
C SER H 721 -16.01 45.56 11.27
N VAL H 722 -15.74 44.27 11.06
CA VAL H 722 -14.93 43.83 9.93
C VAL H 722 -15.62 44.16 8.61
N GLY H 723 -16.93 43.92 8.54
CA GLY H 723 -17.66 44.24 7.32
C GLY H 723 -17.73 45.74 7.06
N TYR H 724 -17.95 46.53 8.11
CA TYR H 724 -17.91 47.98 8.04
C TYR H 724 -16.58 48.48 7.47
N VAL H 725 -15.49 48.02 8.07
CA VAL H 725 -14.16 48.52 7.72
C VAL H 725 -13.77 48.08 6.32
N LEU H 726 -13.99 46.81 5.99
CA LEU H 726 -13.59 46.29 4.68
C LEU H 726 -14.44 46.88 3.56
N THR H 727 -15.75 47.06 3.80
CA THR H 727 -16.61 47.69 2.80
C THR H 727 -16.18 49.12 2.52
N TYR H 728 -15.96 49.91 3.58
CA TYR H 728 -15.59 51.30 3.34
C TYR H 728 -14.17 51.43 2.79
N ALA H 729 -13.27 50.53 3.16
CA ALA H 729 -11.93 50.54 2.61
C ALA H 729 -11.94 50.24 1.12
N ALA H 730 -12.73 49.23 0.72
CA ALA H 730 -12.86 48.90 -0.69
C ALA H 730 -13.44 50.06 -1.48
N PHE H 731 -14.51 50.68 -0.95
CA PHE H 731 -15.10 51.84 -1.60
C PHE H 731 -14.13 53.00 -1.70
N LEU H 732 -13.44 53.32 -0.61
CA LEU H 732 -12.52 54.45 -0.57
C LEU H 732 -11.40 54.28 -1.59
N ILE H 733 -10.73 53.13 -1.54
CA ILE H 733 -9.58 52.91 -2.41
C ILE H 733 -10.00 52.83 -3.88
N ALA H 734 -11.09 52.12 -4.18
CA ALA H 734 -11.46 51.99 -5.59
C ALA H 734 -12.07 53.25 -6.16
N SER H 735 -12.85 54.00 -5.35
CA SER H 735 -13.41 55.24 -5.84
C SER H 735 -12.40 56.36 -5.91
N THR H 736 -11.29 56.25 -5.17
CA THR H 736 -10.23 57.25 -5.25
C THR H 736 -9.09 56.80 -6.15
N ALA H 737 -9.14 55.56 -6.64
CA ALA H 737 -8.07 55.07 -7.50
C ALA H 737 -8.49 55.04 -8.96
N SER H 738 -9.79 54.96 -9.23
CA SER H 738 -10.26 54.96 -10.61
C SER H 738 -10.17 56.35 -11.24
N LYS H 739 -10.09 57.40 -10.42
CA LYS H 739 -9.79 58.74 -10.87
C LYS H 739 -8.82 59.32 -9.86
N TYR H 740 -8.61 60.62 -9.86
CA TYR H 740 -7.76 61.25 -8.84
C TYR H 740 -8.22 62.66 -8.53
N MET I 1 -18.81 -3.33 -32.34
CA MET I 1 -19.53 -3.20 -31.08
C MET I 1 -19.79 -1.77 -30.69
N MET I 2 -20.65 -1.11 -31.46
CA MET I 2 -21.35 0.14 -31.16
C MET I 2 -22.54 0.29 -32.08
N GLY I 3 -23.75 0.27 -31.54
CA GLY I 3 -24.95 0.30 -32.35
C GLY I 3 -25.48 1.69 -32.60
N SER I 4 -26.33 1.78 -33.61
CA SER I 4 -27.09 2.99 -33.87
C SER I 4 -28.28 3.13 -32.94
N TYR I 5 -28.59 2.09 -32.16
CA TYR I 5 -29.73 2.10 -31.24
C TYR I 5 -29.48 3.09 -30.11
N ALA I 6 -30.55 3.48 -29.42
CA ALA I 6 -30.50 4.52 -28.42
C ALA I 6 -29.69 4.08 -27.20
N ALA I 7 -28.97 5.05 -26.63
CA ALA I 7 -28.16 4.90 -25.43
C ALA I 7 -27.19 3.73 -25.55
N SER I 8 -26.38 3.73 -26.62
CA SER I 8 -25.55 2.59 -26.98
C SER I 8 -24.41 2.33 -26.02
N PHE I 9 -24.13 3.27 -25.11
CA PHE I 9 -23.16 3.05 -24.03
C PHE I 9 -23.68 2.10 -22.96
N LEU I 10 -24.97 1.79 -22.95
CA LEU I 10 -25.55 0.97 -21.89
C LEU I 10 -25.06 -0.49 -21.89
N PRO I 11 -24.91 -1.19 -23.02
CA PRO I 11 -24.25 -2.51 -22.94
C PRO I 11 -22.85 -2.48 -22.38
N TRP I 12 -22.07 -1.42 -22.67
CA TRP I 12 -20.69 -1.27 -22.21
C TRP I 12 -20.56 -1.36 -20.70
N ILE I 13 -21.55 -0.86 -19.96
CA ILE I 13 -21.58 -0.96 -18.51
C ILE I 13 -22.36 -2.17 -18.04
N PHE I 14 -23.49 -2.48 -18.70
CA PHE I 14 -24.42 -3.45 -18.15
C PHE I 14 -23.93 -4.89 -18.32
N ILE I 15 -23.24 -5.20 -19.42
CA ILE I 15 -22.71 -6.55 -19.59
C ILE I 15 -21.66 -6.89 -18.53
N PRO I 16 -20.70 -6.03 -18.19
CA PRO I 16 -19.87 -6.32 -17.00
C PRO I 16 -20.63 -6.32 -15.69
N VAL I 17 -21.75 -5.60 -15.59
CA VAL I 17 -22.52 -5.64 -14.34
C VAL I 17 -23.29 -6.95 -14.22
N VAL I 18 -24.02 -7.32 -15.27
CA VAL I 18 -24.80 -8.56 -15.29
C VAL I 18 -23.91 -9.80 -15.31
N CYS I 19 -22.70 -9.70 -15.85
CA CYS I 19 -21.85 -10.86 -16.03
C CYS I 19 -20.69 -10.96 -15.06
N TRP I 20 -20.22 -9.85 -14.49
CA TRP I 20 -19.15 -9.90 -13.50
C TRP I 20 -19.63 -9.40 -12.15
N LEU I 21 -20.18 -8.19 -12.05
CA LEU I 21 -20.44 -7.57 -10.76
C LEU I 21 -21.59 -8.27 -10.04
N MET I 22 -22.74 -8.37 -10.70
CA MET I 22 -23.87 -9.10 -10.12
C MET I 22 -23.55 -10.55 -9.82
N PRO I 23 -22.86 -11.33 -10.68
CA PRO I 23 -22.47 -12.67 -10.24
C PRO I 23 -21.55 -12.67 -9.04
N VAL I 24 -20.52 -11.83 -8.98
CA VAL I 24 -19.63 -11.84 -7.81
C VAL I 24 -20.39 -11.50 -6.54
N VAL I 25 -21.29 -10.52 -6.63
CA VAL I 25 -22.12 -10.13 -5.48
C VAL I 25 -23.02 -11.28 -5.05
N VAL I 26 -23.66 -11.95 -6.02
CA VAL I 26 -24.62 -13.00 -5.70
C VAL I 26 -23.92 -14.22 -5.11
N MET I 27 -22.82 -14.67 -5.73
CA MET I 27 -22.09 -15.81 -5.16
C MET I 27 -21.44 -15.48 -3.83
N GLY I 28 -20.93 -14.25 -3.64
CA GLY I 28 -20.38 -13.89 -2.35
C GLY I 28 -21.42 -13.85 -1.26
N LEU I 29 -22.57 -13.25 -1.54
CA LEU I 29 -23.66 -13.19 -0.56
C LEU I 29 -24.22 -14.57 -0.26
N LEU I 30 -24.39 -15.39 -1.29
CA LEU I 30 -24.89 -16.75 -1.09
C LEU I 30 -23.86 -17.61 -0.38
N PHE I 31 -22.56 -17.39 -0.65
CA PHE I 31 -21.52 -18.13 0.05
C PHE I 31 -21.47 -17.77 1.52
N LEU I 32 -21.67 -16.49 1.84
CA LEU I 32 -21.78 -16.09 3.24
C LEU I 32 -23.03 -16.66 3.90
N TYR I 33 -24.15 -16.69 3.18
CA TYR I 33 -25.41 -17.13 3.78
C TYR I 33 -25.48 -18.64 3.97
N ILE I 34 -25.00 -19.42 3.00
CA ILE I 34 -25.09 -20.88 3.11
C ILE I 34 -23.98 -21.46 3.97
N GLU I 35 -22.91 -20.71 4.22
CA GLU I 35 -21.87 -21.15 5.15
C GLU I 35 -22.06 -20.54 6.53
N GLY I 36 -23.16 -19.81 6.75
CA GLY I 36 -23.42 -19.18 8.04
C GLY I 36 -23.59 -20.21 9.14
N ASP I 37 -22.57 -20.31 9.99
CA ASP I 37 -22.51 -21.36 10.99
C ASP I 37 -23.08 -20.86 12.31
N ALA I 38 -24.28 -20.30 12.26
CA ALA I 38 -25.07 -20.00 13.45
C ALA I 38 -26.08 -21.13 13.65
N GLN I 39 -27.07 -21.01 14.52
CA GLN I 39 -28.00 -22.09 14.86
C GLN I 39 -28.82 -22.60 13.66
N MET J 1 -24.24 -95.57 -19.75
CA MET J 1 -23.74 -95.60 -21.11
C MET J 1 -23.65 -94.18 -21.68
N GLN J 2 -22.53 -93.88 -22.34
CA GLN J 2 -22.28 -92.51 -22.80
C GLN J 2 -23.11 -92.15 -24.03
N THR J 3 -23.81 -93.11 -24.63
CA THR J 3 -24.75 -92.83 -25.69
C THR J 3 -26.04 -92.19 -25.15
N LYS J 4 -26.25 -92.24 -23.84
CA LYS J 4 -27.33 -91.52 -23.18
C LYS J 4 -26.89 -90.21 -22.56
N HIS J 5 -25.59 -90.02 -22.33
CA HIS J 5 -25.06 -88.76 -21.82
C HIS J 5 -24.43 -87.91 -22.91
N LEU J 6 -24.44 -88.39 -24.16
CA LEU J 6 -24.36 -87.53 -25.32
C LEU J 6 -25.72 -87.03 -25.74
N LEU J 7 -26.74 -87.90 -25.66
CA LEU J 7 -28.10 -87.58 -26.04
C LEU J 7 -28.66 -86.48 -25.16
N THR J 8 -28.37 -86.54 -23.87
CA THR J 8 -28.84 -85.51 -22.94
C THR J 8 -28.10 -84.20 -23.16
N TYR J 9 -26.79 -84.26 -23.41
CA TYR J 9 -26.05 -83.05 -23.75
C TYR J 9 -26.51 -82.51 -25.09
N LEU J 10 -26.69 -83.38 -26.08
CA LEU J 10 -27.24 -82.90 -27.34
C LEU J 10 -28.77 -82.93 -27.25
N SER J 11 -29.29 -82.47 -26.12
CA SER J 11 -30.68 -82.12 -25.94
C SER J 11 -30.81 -80.87 -25.08
N THR J 12 -29.70 -80.25 -24.69
CA THR J 12 -29.73 -79.02 -23.91
C THR J 12 -30.23 -77.87 -24.77
N ALA J 13 -30.67 -76.81 -24.10
CA ALA J 13 -31.16 -75.61 -24.79
C ALA J 13 -30.17 -74.97 -25.76
N PRO J 14 -28.87 -74.74 -25.42
CA PRO J 14 -27.98 -74.09 -26.40
C PRO J 14 -27.75 -74.90 -27.66
N VAL J 15 -27.80 -76.22 -27.57
CA VAL J 15 -27.57 -77.00 -28.76
C VAL J 15 -28.84 -77.15 -29.59
N LEU J 16 -29.98 -77.41 -28.94
CA LEU J 16 -31.22 -77.59 -29.68
C LEU J 16 -31.72 -76.29 -30.27
N ALA J 17 -31.49 -75.16 -29.58
CA ALA J 17 -31.86 -73.86 -30.11
C ALA J 17 -31.06 -73.56 -31.36
N ALA J 18 -29.75 -73.81 -31.31
CA ALA J 18 -28.86 -73.63 -32.45
C ALA J 18 -29.27 -74.55 -33.60
N LEU J 19 -29.64 -75.79 -33.29
CA LEU J 19 -30.08 -76.75 -34.30
C LEU J 19 -31.36 -76.31 -34.98
N TRP J 20 -32.37 -75.92 -34.19
CA TRP J 20 -33.64 -75.46 -34.74
C TRP J 20 -33.46 -74.17 -35.57
N MET J 21 -32.60 -73.25 -35.09
CA MET J 21 -32.30 -72.02 -35.81
C MET J 21 -31.60 -72.29 -37.13
N THR J 22 -30.61 -73.18 -37.13
CA THR J 22 -29.90 -73.58 -38.35
C THR J 22 -30.86 -74.24 -39.32
N ILE J 23 -31.78 -75.05 -38.80
CA ILE J 23 -32.75 -75.74 -39.66
C ILE J 23 -33.68 -74.74 -40.33
N THR J 24 -34.25 -73.81 -39.56
CA THR J 24 -35.20 -72.88 -40.16
C THR J 24 -34.49 -71.87 -41.06
N ALA J 25 -33.23 -71.55 -40.74
CA ALA J 25 -32.42 -70.71 -41.63
C ALA J 25 -32.16 -71.44 -42.94
N GLY J 26 -31.92 -72.76 -42.87
CA GLY J 26 -31.78 -73.57 -44.06
C GLY J 26 -33.02 -73.62 -44.92
N ILE J 27 -34.19 -73.74 -44.29
CA ILE J 27 -35.45 -73.64 -45.03
C ILE J 27 -35.58 -72.28 -45.71
N LEU J 28 -35.28 -71.20 -44.98
CA LEU J 28 -35.49 -69.85 -45.52
C LEU J 28 -34.50 -69.51 -46.62
N ILE J 29 -33.24 -69.96 -46.48
CA ILE J 29 -32.23 -69.63 -47.48
C ILE J 29 -32.46 -70.45 -48.75
N GLU J 30 -32.74 -71.74 -48.60
CA GLU J 30 -33.08 -72.57 -49.74
C GLU J 30 -34.45 -72.25 -50.32
N PHE J 31 -35.29 -71.53 -49.59
CA PHE J 31 -36.45 -70.89 -50.20
C PHE J 31 -36.03 -69.80 -51.19
N ASN J 32 -34.99 -69.04 -50.86
CA ASN J 32 -34.51 -67.97 -51.72
C ASN J 32 -33.40 -68.41 -52.66
N ARG J 33 -32.88 -69.63 -52.49
CA ARG J 33 -32.20 -70.29 -53.60
C ARG J 33 -33.19 -70.68 -54.69
N PHE J 34 -34.43 -70.96 -54.28
CA PHE J 34 -35.56 -71.15 -55.18
C PHE J 34 -36.25 -69.80 -55.33
N TYR J 35 -37.50 -69.82 -55.83
CA TYR J 35 -38.27 -68.73 -56.42
C TYR J 35 -38.16 -67.44 -55.61
N PRO J 36 -37.46 -66.43 -56.15
CA PRO J 36 -37.02 -65.30 -55.35
C PRO J 36 -37.99 -64.13 -55.34
N ASP J 37 -37.62 -63.06 -54.62
CA ASP J 37 -38.23 -61.75 -54.64
C ASP J 37 -39.74 -61.79 -54.42
N LEU J 38 -40.17 -62.26 -53.26
CA LEU J 38 -41.59 -62.44 -52.97
C LEU J 38 -41.98 -61.42 -51.90
N LEU J 39 -42.26 -60.21 -52.33
CA LEU J 39 -42.70 -59.16 -51.43
C LEU J 39 -44.21 -59.23 -51.22
N PHE J 40 -44.93 -59.86 -52.14
CA PHE J 40 -46.34 -60.10 -51.96
C PHE J 40 -46.61 -61.52 -52.41
N HIS J 41 -47.75 -62.04 -52.02
CA HIS J 41 -48.22 -63.25 -52.68
C HIS J 41 -48.63 -62.84 -54.10
N PRO J 42 -48.17 -63.56 -55.16
CA PRO J 42 -48.33 -63.09 -56.55
C PRO J 42 -49.77 -62.82 -56.96
N LEU J 43 -50.69 -63.66 -56.48
CA LEU J 43 -52.14 -63.49 -56.62
C LEU J 43 -52.66 -63.46 -58.06
N THR K 5 33.38 -50.69 -42.54
CA THR K 5 33.05 -51.43 -43.75
C THR K 5 32.95 -52.92 -43.47
N LEU K 6 32.63 -53.70 -44.50
CA LEU K 6 32.65 -55.16 -44.36
C LEU K 6 34.09 -55.60 -44.17
N PRO K 7 34.43 -56.10 -42.99
CA PRO K 7 35.85 -56.28 -42.63
C PRO K 7 36.51 -57.48 -43.28
N ASP K 8 37.74 -57.76 -42.86
CA ASP K 8 38.50 -58.89 -43.37
C ASP K 8 38.37 -60.09 -42.45
N THR K 9 37.20 -60.24 -41.83
CA THR K 9 36.93 -61.35 -40.94
C THR K 9 36.82 -62.63 -41.75
N THR K 10 37.92 -63.35 -41.89
CA THR K 10 37.96 -64.63 -42.58
C THR K 10 38.80 -65.60 -41.76
N TRP K 11 39.09 -66.76 -42.35
CA TRP K 11 39.78 -67.82 -41.63
C TRP K 11 41.25 -67.50 -41.42
N SER K 12 41.65 -67.36 -40.15
CA SER K 12 43.02 -67.04 -39.79
C SER K 12 43.42 -67.82 -38.54
N PRO K 13 44.72 -68.10 -38.37
CA PRO K 13 45.18 -68.74 -37.12
C PRO K 13 44.98 -67.85 -35.90
N ALA K 14 45.04 -66.53 -36.13
CA ALA K 14 44.89 -65.56 -35.06
C ALA K 14 43.48 -65.57 -34.46
N VAL K 15 42.45 -65.77 -35.28
CA VAL K 15 41.07 -65.85 -34.81
C VAL K 15 40.91 -67.05 -33.88
N GLY K 16 41.47 -68.19 -34.29
CA GLY K 16 41.48 -69.37 -33.44
C GLY K 16 42.29 -69.21 -32.17
N LEU K 17 43.42 -68.51 -32.23
CA LEU K 17 44.21 -68.24 -31.04
C LEU K 17 43.44 -67.34 -30.07
N VAL K 18 42.72 -66.36 -30.60
CA VAL K 18 41.85 -65.51 -29.79
C VAL K 18 40.75 -66.34 -29.15
N VAL K 19 40.19 -67.30 -29.90
CA VAL K 19 39.16 -68.19 -29.40
C VAL K 19 39.67 -69.04 -28.23
N ILE K 20 40.89 -69.59 -28.39
CA ILE K 20 41.50 -70.38 -27.33
C ILE K 20 41.82 -69.54 -26.10
N LEU K 21 42.31 -68.30 -26.30
CA LEU K 21 42.56 -67.41 -25.17
C LEU K 21 41.28 -67.04 -24.44
N CYS K 22 40.20 -66.80 -25.18
CA CYS K 22 38.92 -66.50 -24.55
C CYS K 22 38.36 -67.70 -23.79
N ASN K 23 38.57 -68.91 -24.32
CA ASN K 23 38.17 -70.12 -23.62
C ASN K 23 38.94 -70.28 -22.32
N LEU K 24 40.24 -69.99 -22.34
CA LEU K 24 41.05 -70.04 -21.12
C LEU K 24 40.61 -68.98 -20.12
N PHE K 25 40.28 -67.78 -20.60
CA PHE K 25 39.79 -66.70 -19.76
C PHE K 25 38.46 -67.06 -19.09
N ALA K 26 37.56 -67.68 -19.86
CA ALA K 26 36.29 -68.12 -19.30
C ALA K 26 36.47 -69.27 -18.33
N ILE K 27 37.50 -70.11 -18.55
CA ILE K 27 37.84 -71.15 -17.58
C ILE K 27 38.27 -70.53 -16.26
N ALA K 28 39.10 -69.48 -16.32
CA ALA K 28 39.51 -68.76 -15.12
C ALA K 28 38.30 -68.11 -14.43
N ILE K 29 37.41 -67.53 -15.23
CA ILE K 29 36.20 -66.90 -14.69
C ILE K 29 35.33 -67.93 -13.97
N GLY K 30 35.12 -69.09 -14.59
CA GLY K 30 34.38 -70.17 -13.97
C GLY K 30 35.06 -70.74 -12.75
N ARG K 31 36.39 -70.63 -12.70
CA ARG K 31 37.13 -70.95 -11.49
C ARG K 31 36.88 -69.90 -10.41
N TYR K 32 36.45 -68.70 -10.80
CA TYR K 32 36.21 -67.66 -9.80
C TYR K 32 34.81 -67.04 -9.79
N ALA K 33 33.85 -67.54 -10.58
CA ALA K 33 32.53 -66.93 -10.58
C ALA K 33 31.39 -67.89 -10.27
N ILE K 34 31.44 -69.12 -10.81
CA ILE K 34 30.33 -70.05 -10.75
C ILE K 34 30.07 -70.50 -9.31
N GLN K 35 28.83 -70.31 -8.84
CA GLN K 35 28.48 -70.57 -7.45
C GLN K 35 28.46 -72.06 -7.13
N SER K 36 27.61 -72.83 -7.82
CA SER K 36 27.53 -74.26 -7.55
C SER K 36 28.71 -75.01 -8.15
N ARG K 37 29.36 -75.84 -7.35
CA ARG K 37 30.50 -76.62 -7.79
C ARG K 37 30.33 -78.12 -7.63
N GLY K 38 29.44 -78.57 -6.72
CA GLY K 38 29.14 -79.98 -6.62
C GLY K 38 28.29 -80.50 -7.76
N LYS K 39 27.74 -79.61 -8.57
CA LYS K 39 26.97 -80.01 -9.73
C LYS K 39 27.88 -80.65 -10.78
N GLY K 40 27.31 -81.60 -11.52
CA GLY K 40 28.04 -82.30 -12.56
C GLY K 40 27.49 -83.68 -12.84
N PHE K 54 36.11 -79.43 -11.58
CA PHE K 54 34.98 -78.89 -12.33
C PHE K 54 34.36 -79.97 -13.21
N GLY K 55 33.07 -80.24 -12.98
CA GLY K 55 32.35 -81.24 -13.75
C GLY K 55 32.07 -80.81 -15.18
N LEU K 56 31.58 -81.75 -16.00
CA LEU K 56 31.24 -81.54 -17.41
C LEU K 56 30.21 -80.42 -17.55
N PRO K 57 29.23 -80.35 -16.62
CA PRO K 57 28.28 -79.23 -16.64
C PRO K 57 28.95 -77.87 -16.46
N GLU K 58 30.04 -77.82 -15.69
CA GLU K 58 30.80 -76.58 -15.57
C GLU K 58 31.67 -76.34 -16.80
N LEU K 59 32.26 -77.39 -17.35
CA LEU K 59 33.18 -77.27 -18.48
C LEU K 59 32.45 -76.83 -19.75
N LEU K 60 31.24 -77.33 -19.96
CA LEU K 60 30.43 -76.91 -21.10
C LEU K 60 30.07 -75.43 -20.99
N ALA K 61 29.76 -74.98 -19.78
CA ALA K 61 29.49 -73.56 -19.55
C ALA K 61 30.72 -72.70 -19.81
N THR K 62 31.89 -73.18 -19.35
CA THR K 62 33.15 -72.48 -19.55
C THR K 62 33.47 -72.33 -21.04
N THR K 63 33.33 -73.43 -21.79
CA THR K 63 33.51 -73.42 -23.23
C THR K 63 32.50 -72.53 -23.95
N SER K 64 31.22 -72.56 -23.56
CA SER K 64 30.20 -71.74 -24.21
C SER K 64 30.42 -70.25 -23.98
N PHE K 65 30.76 -69.85 -22.74
CA PHE K 65 31.07 -68.45 -22.49
C PHE K 65 32.35 -68.02 -23.19
N GLY K 66 33.35 -68.90 -23.26
CA GLY K 66 34.56 -68.62 -24.00
C GLY K 66 34.26 -68.41 -25.47
N HIS K 67 33.41 -69.26 -26.05
CA HIS K 67 32.99 -69.14 -27.43
C HIS K 67 32.23 -67.84 -27.68
N LEU K 68 31.35 -67.45 -26.76
CA LEU K 68 30.59 -66.21 -26.90
C LEU K 68 31.49 -64.97 -26.86
N LEU K 69 32.38 -64.93 -25.85
CA LEU K 69 33.34 -63.84 -25.75
C LEU K 69 34.25 -63.81 -26.97
N ALA K 70 34.64 -64.98 -27.47
CA ALA K 70 35.52 -65.07 -28.63
C ALA K 70 34.79 -64.64 -29.90
N ALA K 71 33.51 -64.98 -30.03
CA ALA K 71 32.72 -64.60 -31.19
C ALA K 71 32.55 -63.09 -31.25
N GLY K 72 32.40 -62.46 -30.08
CA GLY K 72 32.43 -61.01 -30.03
C GLY K 72 33.80 -60.44 -30.37
N VAL K 73 34.84 -61.05 -29.79
CA VAL K 73 36.21 -60.54 -29.91
C VAL K 73 36.73 -60.69 -31.33
N VAL K 74 36.23 -61.68 -32.05
CA VAL K 74 36.67 -61.93 -33.43
C VAL K 74 36.24 -60.79 -34.33
N SER K 75 34.96 -60.42 -34.24
CA SER K 75 34.43 -59.29 -35.02
C SER K 75 35.13 -58.01 -34.61
N GLY K 76 35.31 -57.83 -33.29
CA GLY K 76 36.04 -56.67 -32.82
C GLY K 76 37.47 -56.54 -33.28
N LEU K 77 38.24 -57.63 -33.22
CA LEU K 77 39.65 -57.63 -33.58
C LEU K 77 39.81 -57.54 -35.08
N GLN K 78 39.18 -58.44 -35.84
CA GLN K 78 39.26 -58.33 -37.29
C GLN K 78 38.08 -57.52 -37.81
N TYR K 79 37.80 -56.38 -37.17
CA TYR K 79 37.10 -55.27 -37.79
C TYR K 79 37.78 -53.97 -37.36
N SER K 80 38.79 -54.08 -36.50
CA SER K 80 39.51 -52.91 -36.01
C SER K 80 40.71 -52.59 -36.89
N GLU L 4 14.07 -46.26 7.41
CA GLU L 4 14.90 -45.16 7.87
C GLU L 4 14.88 -44.02 6.86
N LEU L 5 14.45 -44.34 5.64
CA LEU L 5 14.19 -43.29 4.67
C LEU L 5 12.71 -42.90 4.70
N VAL L 6 11.83 -43.89 4.57
CA VAL L 6 10.39 -43.69 4.72
C VAL L 6 9.97 -44.43 5.97
N LYS L 7 9.42 -43.69 6.92
CA LYS L 7 9.08 -44.13 8.26
C LYS L 7 7.68 -43.59 8.57
N PRO L 8 7.06 -43.95 9.69
CA PRO L 8 5.83 -43.26 10.09
C PRO L 8 6.05 -41.76 10.28
N TYR L 9 5.08 -40.98 9.83
CA TYR L 9 5.13 -39.53 9.96
C TYR L 9 4.94 -39.13 11.42
N ASN L 10 5.90 -38.36 11.95
CA ASN L 10 5.95 -37.85 13.33
C ASN L 10 6.06 -39.06 14.28
N GLY L 11 6.52 -40.19 13.78
CA GLY L 11 6.67 -41.35 14.63
C GLY L 11 5.38 -42.05 15.00
N ASP L 12 4.22 -41.54 14.58
CA ASP L 12 2.95 -42.17 14.87
C ASP L 12 2.60 -43.12 13.74
N PRO L 13 2.54 -44.44 14.01
CA PRO L 13 2.39 -45.41 12.91
C PRO L 13 0.99 -45.43 12.30
N PHE L 14 0.06 -44.67 12.88
CA PHE L 14 -1.32 -44.67 12.43
C PHE L 14 -1.76 -43.34 11.82
N ALA L 15 -0.88 -42.34 11.78
CA ALA L 15 -1.19 -41.11 11.07
C ALA L 15 -1.24 -41.36 9.57
N GLY L 16 -2.23 -40.78 8.90
CA GLY L 16 -2.38 -40.97 7.48
C GLY L 16 -1.42 -40.13 6.65
N HIS L 17 -0.12 -40.38 6.84
CA HIS L 17 0.95 -39.72 6.12
C HIS L 17 2.18 -40.62 6.28
N LEU L 18 3.25 -40.23 5.62
CA LEU L 18 4.53 -40.92 5.66
C LEU L 18 5.63 -39.88 5.73
N SER L 19 6.60 -40.12 6.61
CA SER L 19 7.79 -39.28 6.68
C SER L 19 8.74 -39.72 5.59
N THR L 20 8.71 -39.02 4.47
CA THR L 20 9.48 -39.32 3.28
C THR L 20 10.59 -38.28 3.08
N PRO L 21 11.61 -38.59 2.29
CA PRO L 21 12.65 -37.57 2.01
C PRO L 21 12.15 -36.37 1.21
N ILE L 22 10.93 -36.42 0.70
CA ILE L 22 10.30 -35.23 0.14
C ILE L 22 9.46 -34.48 1.18
N SER L 23 8.68 -35.18 1.98
CA SER L 23 7.73 -34.52 2.87
C SER L 23 8.30 -34.23 4.26
N ASP L 24 9.41 -34.86 4.65
CA ASP L 24 9.93 -34.70 5.99
C ASP L 24 11.43 -34.53 6.08
N SER L 25 12.11 -34.22 4.99
CA SER L 25 13.54 -33.90 5.04
C SER L 25 13.74 -32.58 5.77
N GLY L 26 14.90 -32.42 6.42
CA GLY L 26 15.18 -31.20 7.16
C GLY L 26 15.25 -29.96 6.29
N LEU L 27 15.81 -30.11 5.08
CA LEU L 27 15.89 -28.99 4.13
C LEU L 27 14.51 -28.51 3.73
N VAL L 28 13.64 -29.44 3.33
CA VAL L 28 12.28 -29.10 2.93
C VAL L 28 11.50 -28.54 4.12
N LYS L 29 11.74 -29.09 5.31
CA LYS L 29 11.05 -28.63 6.49
C LYS L 29 11.41 -27.20 6.84
N THR L 30 12.70 -26.86 6.83
CA THR L 30 13.05 -25.48 7.16
C THR L 30 12.64 -24.51 6.06
N PHE L 31 12.64 -24.96 4.79
CA PHE L 31 12.20 -24.09 3.71
C PHE L 31 10.70 -23.80 3.80
N ILE L 32 9.89 -24.83 4.06
CA ILE L 32 8.46 -24.62 4.20
C ILE L 32 8.13 -23.82 5.45
N SER L 33 8.78 -24.13 6.58
CA SER L 33 8.53 -23.42 7.82
C SER L 33 9.05 -21.99 7.81
N ASN L 34 9.93 -21.64 6.87
CA ASN L 34 10.40 -20.27 6.77
C ASN L 34 9.77 -19.51 5.61
N LEU L 35 8.78 -20.10 4.95
CA LEU L 35 7.91 -19.35 4.06
C LEU L 35 7.09 -18.35 4.88
N PRO L 36 6.66 -17.23 4.27
CA PRO L 36 6.03 -16.15 5.07
C PRO L 36 4.78 -16.57 5.83
N ALA L 37 3.96 -17.47 5.30
CA ALA L 37 2.81 -17.97 6.03
C ALA L 37 3.18 -18.83 7.22
N TYR L 38 4.37 -19.40 7.23
CA TYR L 38 4.82 -20.28 8.30
C TYR L 38 5.94 -19.72 9.13
N ARG L 39 6.54 -18.60 8.73
CA ARG L 39 7.69 -18.05 9.43
C ARG L 39 7.32 -17.54 10.82
N GLN L 40 8.09 -17.93 11.82
CA GLN L 40 7.74 -17.68 13.20
C GLN L 40 7.92 -16.20 13.57
N GLY L 41 7.01 -15.71 14.42
CA GLY L 41 7.11 -14.39 14.98
C GLY L 41 6.50 -13.29 14.13
N LEU L 42 6.14 -13.59 12.89
CA LEU L 42 5.57 -12.58 12.01
C LEU L 42 4.15 -12.22 12.43
N SER L 43 3.86 -10.96 12.35
CA SER L 43 2.45 -10.64 12.38
C SER L 43 1.80 -11.08 11.08
N PRO L 44 0.49 -11.37 11.09
CA PRO L 44 -0.21 -11.76 9.85
C PRO L 44 -0.11 -10.77 8.71
N ILE L 45 0.03 -9.48 9.03
CA ILE L 45 0.12 -8.46 7.97
C ILE L 45 1.42 -8.61 7.17
N LEU L 46 2.53 -8.97 7.82
CA LEU L 46 3.77 -9.15 7.07
C LEU L 46 3.75 -10.43 6.24
N ARG L 47 3.16 -11.51 6.77
CA ARG L 47 2.94 -12.72 5.99
C ARG L 47 2.14 -12.41 4.74
N GLY L 48 1.04 -11.68 4.92
CA GLY L 48 0.20 -11.32 3.79
C GLY L 48 0.92 -10.45 2.78
N LEU L 49 1.69 -9.46 3.26
CA LEU L 49 2.43 -8.56 2.37
C LEU L 49 3.42 -9.34 1.51
N GLU L 50 4.18 -10.25 2.13
CA GLU L 50 5.17 -11.01 1.38
C GLU L 50 4.53 -11.95 0.38
N VAL L 51 3.46 -12.65 0.81
CA VAL L 51 2.73 -13.54 -0.09
C VAL L 51 2.14 -12.77 -1.26
N GLY L 52 1.56 -11.60 -0.98
CA GLY L 52 0.95 -10.81 -2.02
C GLY L 52 1.94 -10.29 -3.02
N MET L 53 3.10 -9.79 -2.56
CA MET L 53 4.10 -9.32 -3.50
C MET L 53 4.56 -10.45 -4.41
N ALA L 54 4.86 -11.62 -3.83
CA ALA L 54 5.32 -12.74 -4.64
C ALA L 54 4.27 -13.20 -5.64
N HIS L 55 3.00 -13.08 -5.29
CA HIS L 55 1.97 -13.53 -6.22
C HIS L 55 1.64 -12.48 -7.27
N GLY L 56 1.39 -11.24 -6.84
CA GLY L 56 1.02 -10.18 -7.76
C GLY L 56 2.10 -9.85 -8.76
N TYR L 57 3.38 -10.04 -8.36
CA TYR L 57 4.47 -9.79 -9.30
C TYR L 57 4.44 -10.73 -10.48
N PHE L 58 4.17 -12.02 -10.25
CA PHE L 58 4.15 -12.97 -11.35
C PHE L 58 2.79 -13.09 -12.01
N LEU L 59 1.73 -12.56 -11.40
CA LEU L 59 0.38 -12.74 -11.93
C LEU L 59 0.19 -12.08 -13.30
N ILE L 60 0.79 -10.90 -13.51
CA ILE L 60 0.48 -10.13 -14.70
C ILE L 60 1.18 -10.66 -15.94
N GLY L 61 2.21 -11.49 -15.78
CA GLY L 61 3.02 -11.99 -16.87
C GLY L 61 2.33 -12.79 -17.96
N PRO L 62 1.51 -13.79 -17.60
CA PRO L 62 0.74 -14.52 -18.61
C PRO L 62 -0.14 -13.66 -19.50
N TRP L 63 -0.77 -12.62 -18.97
CA TRP L 63 -1.55 -11.73 -19.81
C TRP L 63 -0.68 -10.76 -20.59
N VAL L 64 0.48 -10.40 -20.05
CA VAL L 64 1.39 -9.51 -20.76
C VAL L 64 1.90 -10.17 -22.03
N LYS L 65 2.28 -11.45 -21.95
CA LYS L 65 2.85 -12.12 -23.10
C LYS L 65 1.87 -12.98 -23.88
N LEU L 66 0.68 -13.26 -23.36
CA LEU L 66 -0.22 -14.20 -24.01
C LEU L 66 -1.65 -13.70 -24.14
N GLY L 67 -1.99 -12.58 -23.52
CA GLY L 67 -3.35 -12.10 -23.53
C GLY L 67 -3.77 -11.50 -24.85
N PRO L 68 -5.00 -10.96 -24.91
CA PRO L 68 -5.48 -10.38 -26.17
C PRO L 68 -4.72 -9.13 -26.59
N LEU L 69 -4.06 -8.46 -25.65
CA LEU L 69 -3.39 -7.21 -25.93
C LEU L 69 -1.90 -7.39 -26.20
N ARG L 70 -1.45 -8.64 -26.30
CA ARG L 70 -0.02 -8.93 -26.45
C ARG L 70 0.53 -8.41 -27.77
N ASP L 71 -0.29 -8.36 -28.82
CA ASP L 71 0.14 -7.87 -30.12
C ASP L 71 -0.37 -6.44 -30.31
N SER L 72 0.09 -5.53 -29.47
CA SER L 72 -0.36 -4.14 -29.49
C SER L 72 0.67 -3.30 -28.75
N ASP L 73 0.38 -2.01 -28.61
CA ASP L 73 1.21 -1.09 -27.85
C ASP L 73 0.81 -1.04 -26.37
N VAL L 74 -0.20 -1.82 -25.97
CA VAL L 74 -0.80 -1.70 -24.65
C VAL L 74 -0.79 -3.06 -23.94
N ALA L 75 0.23 -3.88 -24.22
CA ALA L 75 0.26 -5.24 -23.67
C ALA L 75 0.45 -5.24 -22.17
N ASN L 76 1.40 -4.45 -21.67
CA ASN L 76 1.64 -4.37 -20.22
C ASN L 76 0.45 -3.76 -19.50
N LEU L 77 -0.23 -2.81 -20.15
CA LEU L 77 -1.45 -2.22 -19.59
C LEU L 77 -2.53 -3.26 -19.41
N GLY L 78 -2.77 -4.09 -20.43
CA GLY L 78 -3.78 -5.12 -20.31
C GLY L 78 -3.41 -6.17 -19.28
N GLY L 79 -2.11 -6.51 -19.22
CA GLY L 79 -1.64 -7.40 -18.17
C GLY L 79 -1.89 -6.87 -16.78
N LEU L 80 -1.66 -5.56 -16.59
CA LEU L 80 -1.84 -4.96 -15.27
C LEU L 80 -3.33 -4.88 -14.89
N ILE L 81 -4.19 -4.48 -15.84
CA ILE L 81 -5.62 -4.42 -15.54
C ILE L 81 -6.17 -5.81 -15.22
N SER L 82 -5.75 -6.82 -15.98
CA SER L 82 -6.19 -8.18 -15.74
C SER L 82 -5.70 -8.69 -14.39
N GLY L 83 -4.42 -8.39 -14.06
CA GLY L 83 -3.89 -8.81 -12.77
C GLY L 83 -4.58 -8.10 -11.61
N ILE L 84 -4.90 -6.82 -11.79
CA ILE L 84 -5.59 -6.05 -10.75
C ILE L 84 -6.97 -6.64 -10.49
N THR L 85 -7.70 -6.99 -11.56
CA THR L 85 -9.02 -7.58 -11.40
C THR L 85 -8.94 -8.96 -10.76
N LEU L 86 -7.95 -9.77 -11.17
CA LEU L 86 -7.79 -11.09 -10.59
C LEU L 86 -7.40 -11.01 -9.12
N ILE L 87 -6.56 -10.04 -8.74
CA ILE L 87 -6.19 -9.88 -7.34
C ILE L 87 -7.37 -9.37 -6.52
N LEU L 88 -8.20 -8.50 -7.10
CA LEU L 88 -9.42 -8.07 -6.40
C LEU L 88 -10.33 -9.25 -6.11
N LEU L 89 -10.49 -10.14 -7.09
CA LEU L 89 -11.25 -11.37 -6.86
C LEU L 89 -10.58 -12.27 -5.83
N ALA L 90 -9.25 -12.35 -5.86
CA ALA L 90 -8.50 -13.16 -4.90
C ALA L 90 -8.68 -12.63 -3.47
N THR L 91 -8.66 -11.31 -3.32
CA THR L 91 -8.85 -10.69 -2.01
C THR L 91 -10.29 -10.87 -1.53
N ALA L 92 -11.26 -10.81 -2.45
CA ALA L 92 -12.63 -11.12 -2.09
C ALA L 92 -12.77 -12.56 -1.63
N CYS L 93 -12.07 -13.48 -2.30
CA CYS L 93 -12.03 -14.88 -1.89
C CYS L 93 -11.45 -15.03 -0.49
N LEU L 94 -10.33 -14.37 -0.24
CA LEU L 94 -9.66 -14.45 1.06
C LEU L 94 -10.54 -13.89 2.18
N ALA L 95 -11.15 -12.73 1.94
CA ALA L 95 -11.95 -12.10 2.98
C ALA L 95 -13.26 -12.87 3.21
N ALA L 96 -13.87 -13.43 2.16
CA ALA L 96 -15.07 -14.24 2.36
C ALA L 96 -14.73 -15.55 3.08
N TYR L 97 -13.57 -16.14 2.78
CA TYR L 97 -13.10 -17.29 3.55
C TYR L 97 -12.94 -16.94 5.02
N GLY L 98 -12.36 -15.77 5.31
CA GLY L 98 -12.23 -15.35 6.69
C GLY L 98 -13.55 -15.07 7.37
N LEU L 99 -14.51 -14.53 6.63
CA LEU L 99 -15.83 -14.28 7.19
C LEU L 99 -16.57 -15.57 7.53
N VAL L 100 -16.39 -16.61 6.71
CA VAL L 100 -17.14 -17.84 6.96
C VAL L 100 -16.41 -18.75 7.95
N SER L 101 -15.08 -18.74 7.93
CA SER L 101 -14.32 -19.78 8.62
C SER L 101 -14.06 -19.48 10.09
N PHE L 102 -14.33 -18.26 10.55
CA PHE L 102 -13.93 -17.86 11.89
C PHE L 102 -15.08 -17.16 12.63
N GLN L 103 -16.31 -17.43 12.22
CA GLN L 103 -17.48 -16.98 12.98
C GLN L 103 -17.69 -17.79 14.24
N LYS L 104 -16.99 -18.92 14.38
CA LYS L 104 -16.92 -19.72 15.59
C LYS L 104 -15.97 -19.01 16.57
N ALA L 105 -15.73 -19.58 17.75
CA ALA L 105 -14.75 -19.04 18.68
C ALA L 105 -13.33 -19.20 18.15
N SER L 106 -12.35 -18.67 18.89
CA SER L 106 -11.00 -18.58 18.36
C SER L 106 -10.07 -19.49 19.14
N SER L 107 -9.06 -20.01 18.44
CA SER L 107 -7.95 -20.71 19.07
C SER L 107 -6.93 -19.69 19.55
N SER L 108 -6.32 -19.98 20.70
CA SER L 108 -5.20 -19.17 21.18
C SER L 108 -3.87 -19.59 20.56
N GLY L 109 -3.90 -20.37 19.48
CA GLY L 109 -2.69 -20.86 18.84
C GLY L 109 -2.21 -19.94 17.73
N ASP L 110 -2.31 -20.38 16.49
CA ASP L 110 -1.89 -19.56 15.36
C ASP L 110 -2.78 -18.33 15.22
N ALA L 111 -2.15 -17.20 14.93
CA ALA L 111 -2.89 -15.99 14.57
C ALA L 111 -3.59 -16.11 13.22
N LEU L 112 -3.01 -16.87 12.29
CA LEU L 112 -3.58 -17.11 10.98
C LEU L 112 -4.83 -18.00 11.03
N LYS L 113 -5.14 -18.60 12.17
CA LYS L 113 -6.32 -19.44 12.30
C LYS L 113 -7.40 -18.75 13.11
N THR L 114 -7.32 -17.41 13.19
CA THR L 114 -8.36 -16.61 13.83
C THR L 114 -8.90 -15.64 12.80
N GLY L 115 -10.04 -15.03 13.13
CA GLY L 115 -10.64 -14.06 12.22
C GLY L 115 -9.83 -12.79 12.09
N GLU L 116 -9.27 -12.30 13.20
CA GLU L 116 -8.53 -11.05 13.18
C GLU L 116 -7.23 -11.20 12.39
N GLY L 117 -6.49 -12.28 12.66
CA GLY L 117 -5.26 -12.53 11.93
C GLY L 117 -5.49 -12.82 10.47
N TRP L 118 -6.58 -13.51 10.13
CA TRP L 118 -6.87 -13.74 8.72
C TRP L 118 -7.26 -12.46 8.00
N SER L 119 -8.00 -11.57 8.65
CA SER L 119 -8.28 -10.28 8.05
C SER L 119 -7.02 -9.43 7.87
N GLN L 120 -6.10 -9.47 8.84
CA GLN L 120 -4.81 -8.80 8.67
C GLN L 120 -4.03 -9.39 7.51
N PHE L 121 -4.03 -10.71 7.40
CA PHE L 121 -3.36 -11.39 6.28
C PHE L 121 -3.97 -10.99 4.95
N THR L 122 -5.31 -10.90 4.90
CA THR L 122 -6.00 -10.51 3.67
C THR L 122 -5.64 -9.09 3.27
N ALA L 123 -5.62 -8.17 4.25
CA ALA L 123 -5.24 -6.79 3.97
C ALA L 123 -3.80 -6.69 3.47
N GLY L 124 -2.89 -7.38 4.15
CA GLY L 124 -1.50 -7.39 3.70
C GLY L 124 -1.34 -8.01 2.33
N PHE L 125 -2.12 -9.07 2.05
CA PHE L 125 -2.08 -9.69 0.73
C PHE L 125 -2.53 -8.73 -0.35
N PHE L 126 -3.62 -8.01 -0.11
CA PHE L 126 -4.13 -7.09 -1.11
C PHE L 126 -3.11 -6.00 -1.40
N VAL L 127 -2.52 -5.41 -0.35
CA VAL L 127 -1.56 -4.34 -0.56
C VAL L 127 -0.30 -4.87 -1.26
N GLY L 128 0.21 -6.01 -0.81
CA GLY L 128 1.39 -6.58 -1.44
C GLY L 128 1.15 -7.00 -2.87
N ALA L 129 -0.04 -7.51 -3.18
CA ALA L 129 -0.28 -8.01 -4.52
C ALA L 129 -0.55 -6.89 -5.51
N MET L 130 -1.24 -5.84 -5.07
CA MET L 130 -1.36 -4.65 -5.91
C MET L 130 -0.01 -4.00 -6.13
N GLY L 131 0.83 -3.95 -5.10
CA GLY L 131 2.18 -3.45 -5.28
C GLY L 131 3.02 -4.30 -6.22
N GLY L 132 2.94 -5.63 -6.08
CA GLY L 132 3.71 -6.50 -6.94
C GLY L 132 3.27 -6.44 -8.39
N ALA L 133 1.94 -6.41 -8.62
CA ALA L 133 1.40 -6.24 -9.96
C ALA L 133 1.83 -4.91 -10.56
N PHE L 134 1.78 -3.84 -9.76
CA PHE L 134 2.15 -2.55 -10.33
C PHE L 134 3.65 -2.42 -10.55
N VAL L 135 4.48 -3.04 -9.71
CA VAL L 135 5.92 -2.97 -9.94
C VAL L 135 6.31 -3.82 -11.15
N ALA L 136 5.59 -4.92 -11.39
CA ALA L 136 5.83 -5.70 -12.60
C ALA L 136 5.42 -4.90 -13.84
N PHE L 137 4.27 -4.21 -13.76
CA PHE L 137 3.84 -3.34 -14.84
C PHE L 137 4.83 -2.21 -15.08
N PHE L 138 5.38 -1.66 -14.01
CA PHE L 138 6.29 -0.52 -14.13
C PHE L 138 7.62 -0.93 -14.75
N LEU L 139 8.15 -2.09 -14.34
CA LEU L 139 9.39 -2.56 -14.93
C LEU L 139 9.20 -2.97 -16.38
N LEU L 140 8.07 -3.61 -16.71
CA LEU L 140 7.86 -4.03 -18.10
C LEU L 140 7.48 -2.88 -19.00
N GLU L 141 6.82 -1.85 -18.47
CA GLU L 141 6.50 -0.66 -19.25
C GLU L 141 7.74 0.19 -19.50
N ASN L 142 8.69 0.16 -18.57
CA ASN L 142 9.96 0.85 -18.72
C ASN L 142 11.09 -0.14 -18.95
N PHE L 143 10.83 -1.18 -19.76
CA PHE L 143 11.87 -2.16 -20.00
C PHE L 143 13.03 -1.51 -20.72
N ALA L 144 12.75 -0.57 -21.64
CA ALA L 144 13.81 0.08 -22.39
C ALA L 144 14.77 0.79 -21.44
N VAL L 145 14.22 1.41 -20.40
CA VAL L 145 15.03 2.08 -19.39
C VAL L 145 15.84 1.07 -18.57
N VAL L 146 15.21 -0.02 -18.13
CA VAL L 146 15.90 -1.06 -17.34
C VAL L 146 17.01 -1.70 -18.17
N ASP L 147 16.74 -1.93 -19.44
CA ASP L 147 17.69 -2.54 -20.36
C ASP L 147 18.88 -1.63 -20.58
N GLY L 148 18.62 -0.32 -20.71
CA GLY L 148 19.71 0.63 -20.85
C GLY L 148 20.48 0.83 -19.57
N ILE L 149 19.83 0.61 -18.42
CA ILE L 149 20.54 0.58 -17.14
C ILE L 149 21.54 -0.57 -17.16
N MET L 150 21.09 -1.74 -17.61
CA MET L 150 21.94 -2.92 -17.55
C MET L 150 23.05 -2.89 -18.59
N LYS L 151 22.85 -2.22 -19.72
CA LYS L 151 23.91 -2.11 -20.73
C LYS L 151 24.74 -0.84 -20.59
N GLY L 152 24.44 0.01 -19.60
CA GLY L 152 25.16 1.26 -19.46
C GLY L 152 24.92 2.24 -20.58
N LEU L 153 23.70 2.34 -21.08
CA LEU L 153 23.36 3.24 -22.18
C LEU L 153 23.01 4.65 -21.70
N PHE L 154 23.15 4.92 -20.42
CA PHE L 154 22.96 6.26 -19.88
C PHE L 154 24.22 6.81 -19.23
N ASN L 155 25.38 6.24 -19.57
CA ASN L 155 26.65 6.72 -19.07
C ASN L 155 27.37 7.51 -20.15
N MET M 1 -40.71 5.48 -36.01
CA MET M 1 -39.46 6.10 -35.59
C MET M 1 -38.59 5.12 -34.83
N ALA M 2 -37.64 5.64 -34.06
CA ALA M 2 -36.78 4.82 -33.23
C ALA M 2 -37.03 5.17 -31.76
N LEU M 3 -36.56 4.29 -30.88
CA LEU M 3 -36.56 4.60 -29.46
C LEU M 3 -35.53 5.70 -29.18
N THR M 4 -35.88 6.61 -28.29
CA THR M 4 -34.95 7.64 -27.88
C THR M 4 -34.17 7.17 -26.65
N ASP M 5 -33.14 7.94 -26.30
CA ASP M 5 -32.41 7.68 -25.06
C ASP M 5 -33.32 7.87 -23.85
N THR M 6 -34.23 8.84 -23.91
CA THR M 6 -35.16 9.08 -22.81
C THR M 6 -36.12 7.93 -22.62
N GLN M 7 -36.59 7.30 -23.71
CA GLN M 7 -37.49 6.16 -23.56
C GLN M 7 -36.77 4.97 -22.91
N VAL M 8 -35.50 4.75 -23.26
CA VAL M 8 -34.73 3.68 -22.64
C VAL M 8 -34.50 3.97 -21.16
N TYR M 9 -34.15 5.22 -20.83
CA TYR M 9 -33.93 5.58 -19.42
C TYR M 9 -35.22 5.47 -18.62
N ILE M 10 -36.35 5.85 -19.23
CA ILE M 10 -37.65 5.72 -18.56
C ILE M 10 -37.98 4.25 -18.33
N ALA M 11 -37.60 3.38 -19.29
CA ALA M 11 -37.79 1.95 -19.10
C ALA M 11 -37.00 1.42 -17.93
N LEU M 12 -35.73 1.84 -17.79
CA LEU M 12 -34.94 1.45 -16.62
C LEU M 12 -35.56 1.93 -15.31
N VAL M 13 -36.00 3.18 -15.28
CA VAL M 13 -36.56 3.75 -14.05
C VAL M 13 -37.88 3.06 -13.70
N ILE M 14 -38.68 2.71 -14.71
CA ILE M 14 -39.96 2.06 -14.46
C ILE M 14 -39.73 0.63 -13.99
N ALA M 15 -38.76 -0.07 -14.59
CA ALA M 15 -38.43 -1.44 -14.18
C ALA M 15 -37.76 -1.50 -12.82
N LEU M 16 -37.27 -0.37 -12.31
CA LEU M 16 -36.81 -0.34 -10.92
C LEU M 16 -37.92 -0.71 -9.93
N LEU M 17 -39.18 -0.43 -10.26
CA LEU M 17 -40.28 -0.73 -9.34
C LEU M 17 -40.60 -2.23 -9.25
N PRO M 18 -40.68 -3.01 -10.38
CA PRO M 18 -40.81 -4.47 -10.22
C PRO M 18 -39.60 -5.11 -9.56
N ALA M 19 -38.42 -4.49 -9.59
CA ALA M 19 -37.29 -5.00 -8.83
C ALA M 19 -37.58 -5.00 -7.33
N VAL M 20 -38.12 -3.88 -6.83
CA VAL M 20 -38.44 -3.78 -5.41
C VAL M 20 -39.62 -4.70 -5.07
N LEU M 21 -40.60 -4.81 -5.98
CA LEU M 21 -41.71 -5.73 -5.73
C LEU M 21 -41.27 -7.19 -5.74
N ALA M 22 -40.33 -7.55 -6.62
CA ALA M 22 -39.73 -8.87 -6.63
C ALA M 22 -38.97 -9.16 -5.35
N PHE M 23 -38.21 -8.16 -4.88
CA PHE M 23 -37.48 -8.31 -3.62
C PHE M 23 -38.45 -8.50 -2.45
N ARG M 24 -39.55 -7.74 -2.45
CA ARG M 24 -40.55 -7.86 -1.39
C ARG M 24 -41.21 -9.23 -1.40
N LEU M 25 -41.58 -9.72 -2.59
CA LEU M 25 -42.19 -11.04 -2.69
C LEU M 25 -41.20 -12.13 -2.29
N SER M 26 -39.92 -11.98 -2.66
CA SER M 26 -38.91 -12.96 -2.28
C SER M 26 -38.70 -12.99 -0.78
N ALA M 27 -38.65 -11.81 -0.14
CA ALA M 27 -38.43 -11.76 1.30
C ALA M 27 -39.64 -12.24 2.07
N GLU M 28 -40.84 -12.05 1.51
CA GLU M 28 -42.05 -12.53 2.19
C GLU M 28 -42.21 -14.04 1.99
N LEU M 29 -41.82 -14.54 0.82
CA LEU M 29 -41.82 -15.99 0.59
C LEU M 29 -40.74 -16.67 1.41
N TYR M 30 -39.66 -15.97 1.74
CA TYR M 30 -38.60 -16.57 2.53
C TYR M 30 -39.05 -16.82 3.96
N LYS M 31 -39.89 -15.94 4.51
CA LYS M 31 -40.36 -16.06 5.88
C LYS M 31 -41.26 -17.30 6.06
N ALA N 2 -19.48 24.93 38.97
CA ALA N 2 -20.86 25.01 39.41
C ALA N 2 -21.23 26.44 39.79
N HIS N 3 -22.50 26.79 39.63
CA HIS N 3 -23.00 28.11 39.98
C HIS N 3 -23.08 28.26 41.49
N THR N 4 -23.13 29.51 41.94
CA THR N 4 -23.11 29.82 43.36
C THR N 4 -24.40 30.54 43.73
N VAL N 5 -25.13 30.01 44.71
CA VAL N 5 -26.39 30.59 45.14
C VAL N 5 -26.26 30.95 46.60
N LYS N 6 -26.41 32.24 46.92
CA LYS N 6 -26.26 32.74 48.27
C LYS N 6 -27.56 33.37 48.74
N ILE N 7 -27.90 33.10 50.00
CA ILE N 7 -29.13 33.63 50.60
C ILE N 7 -28.72 34.64 51.66
N TYR N 8 -29.27 35.84 51.57
CA TYR N 8 -28.94 36.93 52.47
C TYR N 8 -30.03 37.05 53.54
N ASP N 9 -29.71 37.74 54.63
CA ASP N 9 -30.58 37.65 55.80
C ASP N 9 -31.81 38.56 55.73
N THR N 10 -32.03 39.20 54.59
CA THR N 10 -33.30 39.86 54.31
C THR N 10 -34.39 38.88 53.89
N CYS N 11 -34.07 37.58 53.85
CA CYS N 11 -35.05 36.55 53.53
C CYS N 11 -36.19 36.54 54.54
N ILE N 12 -37.41 36.62 54.03
CA ILE N 12 -38.60 36.67 54.87
C ILE N 12 -39.32 35.33 54.88
N GLY N 13 -38.73 34.30 54.27
CA GLY N 13 -39.30 32.96 54.29
C GLY N 13 -40.64 32.81 53.60
N CYS N 14 -40.80 33.43 52.44
CA CYS N 14 -42.01 33.28 51.65
C CYS N 14 -42.02 32.02 50.80
N THR N 15 -40.90 31.27 50.79
CA THR N 15 -40.68 30.00 50.10
C THR N 15 -40.75 30.10 48.57
N GLN N 16 -40.89 31.32 48.02
CA GLN N 16 -41.20 31.44 46.59
C GLN N 16 -40.02 31.06 45.71
N CYS N 17 -38.79 31.29 46.18
CA CYS N 17 -37.62 30.87 45.42
C CYS N 17 -37.53 29.35 45.33
N VAL N 18 -37.89 28.66 46.42
CA VAL N 18 -37.82 27.19 46.43
C VAL N 18 -38.84 26.58 45.48
N ARG N 19 -40.06 27.13 45.45
CA ARG N 19 -41.09 26.66 44.54
C ARG N 19 -40.77 26.95 43.09
N ALA N 20 -40.03 28.02 42.81
CA ALA N 20 -39.68 28.39 41.45
C ALA N 20 -38.46 27.67 40.90
N CYS N 21 -37.70 26.98 41.74
CA CYS N 21 -36.50 26.31 41.27
C CYS N 21 -36.88 25.11 40.42
N PRO N 22 -36.44 25.04 39.16
CA PRO N 22 -36.76 23.88 38.32
C PRO N 22 -35.87 22.68 38.55
N THR N 23 -34.81 22.80 39.36
CA THR N 23 -33.86 21.72 39.52
C THR N 23 -33.65 21.31 40.99
N ASP N 24 -34.53 21.76 41.89
CA ASP N 24 -34.51 21.44 43.32
C ASP N 24 -33.13 21.75 43.91
N VAL N 25 -32.79 23.03 43.92
CA VAL N 25 -31.54 23.48 44.54
C VAL N 25 -31.77 23.99 45.95
N LEU N 26 -32.91 24.60 46.23
CA LEU N 26 -33.18 25.32 47.47
C LEU N 26 -34.13 24.52 48.35
N GLU N 27 -34.03 24.73 49.65
CA GLU N 27 -35.00 24.18 50.58
C GLU N 27 -35.25 25.18 51.71
N MET N 28 -36.37 25.03 52.39
CA MET N 28 -36.66 25.88 53.53
C MET N 28 -36.16 25.24 54.81
N VAL N 29 -35.32 25.94 55.55
CA VAL N 29 -34.76 25.40 56.80
C VAL N 29 -35.18 26.34 57.92
N PRO N 30 -35.27 25.83 59.16
CA PRO N 30 -35.64 26.70 60.28
C PRO N 30 -34.60 27.77 60.56
N TRP N 31 -35.09 28.96 60.93
CA TRP N 31 -34.24 30.12 61.15
C TRP N 31 -35.03 31.17 61.92
N ASP N 32 -34.50 31.59 63.05
CA ASP N 32 -35.17 32.55 63.93
C ASP N 32 -34.88 34.00 63.54
N GLY N 33 -34.52 34.25 62.29
CA GLY N 33 -34.20 35.59 61.84
C GLY N 33 -35.32 36.37 61.20
N CYS N 34 -36.52 35.80 61.09
CA CYS N 34 -37.67 36.51 60.54
C CYS N 34 -38.93 35.97 61.18
N LYS N 35 -40.07 36.58 60.82
CA LYS N 35 -41.36 36.17 61.35
C LYS N 35 -41.79 34.79 60.86
N ALA N 36 -41.45 34.41 59.64
CA ALA N 36 -41.88 33.12 59.10
C ALA N 36 -41.15 31.94 59.75
N GLY N 37 -40.04 32.20 60.44
CA GLY N 37 -39.31 31.14 61.09
C GLY N 37 -38.53 30.24 60.17
N GLN N 38 -38.23 30.69 58.95
CA GLN N 38 -37.53 29.87 57.98
C GLN N 38 -36.70 30.75 57.06
N ILE N 39 -35.61 30.19 56.56
CA ILE N 39 -34.79 30.84 55.54
C ILE N 39 -34.62 29.86 54.38
N ALA N 40 -34.40 30.42 53.20
CA ALA N 40 -33.99 29.62 52.06
C ALA N 40 -32.55 29.14 52.24
N SER N 41 -32.28 27.96 51.71
CA SER N 41 -30.95 27.38 51.71
C SER N 41 -30.71 26.76 50.35
N SER N 42 -29.44 26.69 49.95
CA SER N 42 -29.06 26.12 48.66
C SER N 42 -28.01 25.03 48.86
N PRO N 43 -28.43 23.85 49.32
CA PRO N 43 -27.44 22.77 49.51
C PRO N 43 -27.08 22.06 48.21
N ARG N 44 -27.84 22.29 47.13
CA ARG N 44 -27.64 21.52 45.92
C ARG N 44 -27.29 22.42 44.72
N THR N 45 -26.37 23.37 44.92
CA THR N 45 -25.96 24.28 43.84
C THR N 45 -25.24 23.57 42.70
N GLU N 46 -24.81 22.32 42.88
CA GLU N 46 -24.34 21.52 41.78
C GLU N 46 -25.41 21.27 40.72
N ASP N 47 -26.69 21.29 41.12
CA ASP N 47 -27.81 21.17 40.19
C ASP N 47 -28.32 22.52 39.73
N CYS N 48 -27.72 23.62 40.18
CA CYS N 48 -28.13 24.93 39.70
C CYS N 48 -27.78 25.10 38.23
N VAL N 49 -28.79 25.41 37.44
CA VAL N 49 -28.57 25.72 36.03
C VAL N 49 -28.23 27.19 35.82
N GLY N 50 -28.60 28.06 36.76
CA GLY N 50 -28.39 29.48 36.60
C GLY N 50 -29.56 30.24 36.02
N CYS N 51 -30.76 29.68 36.08
CA CYS N 51 -31.90 30.25 35.37
C CYS N 51 -32.41 31.53 36.02
N LYS N 52 -32.09 31.73 37.30
CA LYS N 52 -32.51 32.90 38.09
C LYS N 52 -34.02 33.07 38.17
N ARG N 53 -34.77 31.96 38.15
CA ARG N 53 -36.18 32.02 38.51
C ARG N 53 -36.36 32.35 39.98
N CYS N 54 -35.41 31.91 40.81
CA CYS N 54 -35.49 32.18 42.25
C CYS N 54 -35.35 33.66 42.54
N GLU N 55 -34.45 34.34 41.83
CA GLU N 55 -34.34 35.80 41.97
C GLU N 55 -35.58 36.51 41.42
N THR N 56 -36.17 35.98 40.35
CA THR N 56 -37.39 36.55 39.81
C THR N 56 -38.54 36.45 40.81
N ALA N 57 -38.60 35.37 41.58
CA ALA N 57 -39.67 35.17 42.54
C ALA N 57 -39.48 35.92 43.85
N CYS N 58 -38.30 36.47 44.10
CA CYS N 58 -38.00 37.06 45.39
C CYS N 58 -38.68 38.40 45.56
N PRO N 59 -39.49 38.60 46.62
CA PRO N 59 -40.18 39.87 46.81
C PRO N 59 -39.41 40.93 47.60
N THR N 60 -38.29 40.57 48.23
CA THR N 60 -37.56 41.55 49.01
C THR N 60 -36.73 42.45 48.09
N ASP N 61 -36.41 43.64 48.61
CA ASP N 61 -35.65 44.62 47.84
C ASP N 61 -34.48 44.98 48.77
N PHE N 62 -33.27 44.63 48.37
CA PHE N 62 -32.91 43.97 47.13
C PHE N 62 -33.06 42.46 47.35
N LEU N 63 -32.58 41.67 46.39
CA LEU N 63 -32.79 40.23 46.42
C LEU N 63 -32.16 39.59 47.64
N SER N 64 -32.96 38.76 48.31
CA SER N 64 -32.44 37.93 49.39
C SER N 64 -31.75 36.68 48.87
N ILE N 65 -31.98 36.30 47.62
CA ILE N 65 -31.30 35.19 46.98
C ILE N 65 -30.54 35.74 45.77
N ARG N 66 -29.28 35.36 45.64
CA ARG N 66 -28.43 35.85 44.57
C ARG N 66 -27.74 34.67 43.90
N VAL N 67 -27.84 34.62 42.58
CA VAL N 67 -27.15 33.60 41.79
C VAL N 67 -25.98 34.25 41.09
N TYR N 68 -24.79 33.71 41.31
CA TYR N 68 -23.55 34.13 40.68
C TYR N 68 -23.17 32.99 39.73
N LEU N 69 -23.26 33.26 38.44
CA LEU N 69 -22.91 32.26 37.44
C LEU N 69 -21.40 32.11 37.37
N GLY N 70 -20.94 30.86 37.30
CA GLY N 70 -19.51 30.58 37.36
C GLY N 70 -19.04 29.49 36.42
N ALA N 71 -18.31 28.52 36.96
CA ALA N 71 -17.79 27.42 36.15
C ALA N 71 -18.93 26.55 35.63
N GLU N 72 -18.82 26.14 34.38
CA GLU N 72 -19.90 25.46 33.69
C GLU N 72 -19.62 23.96 33.59
N THR N 73 -20.58 23.17 34.02
CA THR N 73 -20.49 21.72 34.02
C THR N 73 -21.51 21.17 33.05
N THR N 74 -21.63 19.84 32.99
CA THR N 74 -22.75 19.22 32.27
C THR N 74 -24.08 19.61 32.89
N ARG N 75 -24.14 19.61 34.22
CA ARG N 75 -25.40 19.87 34.91
C ARG N 75 -25.82 21.34 34.80
N SER N 76 -24.87 22.26 34.98
CA SER N 76 -25.20 23.67 34.97
C SER N 76 -25.52 24.21 33.58
N MET N 77 -24.91 23.65 32.54
CA MET N 77 -25.24 24.02 31.17
C MET N 77 -26.53 23.37 30.69
N GLY N 78 -27.14 22.51 31.50
CA GLY N 78 -28.43 21.94 31.19
C GLY N 78 -28.44 21.01 30.00
N LEU N 79 -27.39 20.22 29.82
CA LEU N 79 -27.27 19.36 28.65
C LEU N 79 -27.93 18.01 28.95
N ALA N 80 -28.74 17.54 28.02
CA ALA N 80 -29.27 16.19 28.09
C ALA N 80 -28.37 15.17 27.42
N TYR N 81 -27.21 15.60 26.94
CA TYR N 81 -26.30 14.74 26.19
C TYR N 81 -24.87 14.93 26.69
N THR O 2 -32.78 1.54 46.05
CA THR O 2 -32.21 1.03 44.81
C THR O 2 -33.07 -0.09 44.26
N THR O 3 -32.56 -0.73 43.20
CA THR O 3 -33.34 -1.66 42.34
C THR O 3 -34.70 -1.05 41.99
N LEU O 4 -34.66 0.07 41.27
CA LEU O 4 -35.85 0.88 41.02
C LEU O 4 -36.90 0.12 40.24
N THR O 5 -38.03 -0.14 40.90
CA THR O 5 -39.07 -0.98 40.34
C THR O 5 -40.20 -0.10 39.81
N GLY O 6 -40.97 -0.67 38.89
CA GLY O 6 -42.09 0.05 38.33
C GLY O 6 -42.31 -0.28 36.88
N GLN O 7 -43.59 -0.35 36.52
CA GLN O 7 -43.97 -0.47 35.13
C GLN O 7 -43.69 0.84 34.40
N PRO O 8 -43.08 0.80 33.23
CA PRO O 8 -43.02 1.99 32.39
C PRO O 8 -44.42 2.38 31.96
N PRO O 9 -44.70 3.68 31.85
CA PRO O 9 -45.97 4.12 31.28
C PRO O 9 -46.06 3.72 29.82
N LEU O 10 -47.30 3.58 29.33
CA LEU O 10 -47.54 3.15 27.96
C LEU O 10 -47.11 4.29 27.05
N TYR O 11 -45.86 4.23 26.61
CA TYR O 11 -45.25 5.30 25.83
C TYR O 11 -44.66 4.69 24.58
N GLY O 12 -44.98 5.28 23.43
CA GLY O 12 -44.48 4.76 22.17
C GLY O 12 -43.04 5.10 21.87
N GLY O 13 -42.39 5.86 22.74
CA GLY O 13 -41.01 6.26 22.55
C GLY O 13 -40.91 7.53 21.73
N SER O 14 -39.82 8.25 21.95
CA SER O 14 -39.62 9.50 21.23
C SER O 14 -38.15 9.69 20.94
N THR O 15 -37.88 10.51 19.92
CA THR O 15 -36.51 10.89 19.61
C THR O 15 -35.94 11.88 20.64
N GLY O 16 -36.77 12.40 21.53
CA GLY O 16 -36.36 13.32 22.57
C GLY O 16 -35.91 12.69 23.88
N GLY O 17 -35.77 11.36 23.93
CA GLY O 17 -35.44 10.68 25.17
C GLY O 17 -33.96 10.64 25.50
N LEU O 18 -33.50 9.53 26.07
CA LEU O 18 -32.13 9.41 26.57
C LEU O 18 -31.12 9.35 25.43
N LEU O 19 -29.92 9.83 25.70
CA LEU O 19 -28.80 9.76 24.78
C LEU O 19 -27.62 9.10 25.46
N SER O 20 -26.43 9.17 24.85
CA SER O 20 -25.26 8.46 25.35
C SER O 20 -24.80 8.94 26.72
N LYS O 21 -25.22 10.14 27.12
CA LYS O 21 -24.91 10.63 28.47
C LYS O 21 -25.56 9.74 29.53
N ALA O 22 -26.69 9.12 29.20
CA ALA O 22 -27.32 8.18 30.13
C ALA O 22 -26.46 6.95 30.37
N ASP O 23 -25.95 6.32 29.30
CA ASP O 23 -25.19 5.10 29.43
C ASP O 23 -23.72 5.33 29.78
N ILE O 24 -23.22 6.56 29.62
CA ILE O 24 -21.81 6.85 29.87
C ILE O 24 -21.59 7.77 31.06
N GLU O 25 -22.43 8.78 31.28
CA GLU O 25 -22.18 9.73 32.36
C GLU O 25 -23.18 9.59 33.49
N GLU O 26 -24.48 9.78 33.23
CA GLU O 26 -25.55 9.67 34.23
C GLU O 26 -26.92 9.80 33.59
N LYS O 27 -27.93 9.19 34.21
CA LYS O 27 -29.32 9.42 33.86
C LYS O 27 -30.08 9.66 35.16
N TYR O 28 -31.38 9.90 35.04
CA TYR O 28 -32.22 10.16 36.18
C TYR O 28 -33.47 9.30 36.05
N ALA O 29 -34.15 9.09 37.16
CA ALA O 29 -35.41 8.38 37.15
C ALA O 29 -36.39 9.06 38.07
N ILE O 30 -37.67 8.99 37.72
CA ILE O 30 -38.74 9.43 38.59
C ILE O 30 -39.69 8.27 38.79
N THR O 31 -39.96 7.96 40.05
CA THR O 31 -40.88 6.90 40.45
C THR O 31 -42.07 7.55 41.12
N TRP O 32 -43.26 7.02 40.88
CA TRP O 32 -44.44 7.49 41.59
C TRP O 32 -45.48 6.39 41.58
N THR O 33 -46.59 6.65 42.28
CA THR O 33 -47.74 5.77 42.26
C THR O 33 -48.97 6.55 41.83
N SER O 34 -49.62 6.06 40.81
CA SER O 34 -50.91 6.60 40.44
C SER O 34 -52.03 5.65 40.84
N PRO O 35 -53.20 6.20 41.16
CA PRO O 35 -54.34 5.32 41.46
C PRO O 35 -55.04 4.79 40.23
N LYS O 36 -54.69 5.26 39.03
CA LYS O 36 -55.49 4.94 37.86
C LYS O 36 -54.65 5.08 36.60
N GLU O 37 -55.11 4.42 35.55
CA GLU O 37 -54.61 4.59 34.20
C GLU O 37 -55.03 5.96 33.68
N GLN O 38 -54.12 6.92 33.62
CA GLN O 38 -54.46 8.24 33.12
C GLN O 38 -53.49 8.69 32.04
N VAL O 39 -53.74 9.88 31.49
CA VAL O 39 -52.94 10.43 30.41
C VAL O 39 -52.15 11.62 30.93
N PHE O 40 -50.87 11.65 30.58
CA PHE O 40 -50.01 12.78 30.92
C PHE O 40 -49.09 13.04 29.74
N GLU O 41 -48.30 14.11 29.85
CA GLU O 41 -47.41 14.52 28.78
C GLU O 41 -45.96 14.34 29.20
N MET O 42 -45.21 13.58 28.41
CA MET O 42 -43.81 13.36 28.71
C MET O 42 -42.99 14.62 28.40
N PRO O 43 -41.91 14.87 29.15
CA PRO O 43 -41.06 16.02 28.81
C PRO O 43 -40.29 15.82 27.52
N THR O 44 -40.18 14.57 27.07
CA THR O 44 -39.57 14.24 25.78
C THR O 44 -40.63 14.24 24.69
N ALA O 45 -41.70 15.02 24.92
CA ALA O 45 -42.84 15.30 24.04
C ALA O 45 -43.74 14.09 23.83
N GLY O 46 -45.03 14.36 23.67
CA GLY O 46 -46.00 13.32 23.39
C GLY O 46 -46.80 12.92 24.61
N ALA O 47 -47.83 12.13 24.36
CA ALA O 47 -48.74 11.64 25.40
C ALA O 47 -48.33 10.25 25.85
N ALA O 48 -48.43 10.02 27.16
CA ALA O 48 -48.12 8.72 27.76
C ALA O 48 -49.26 8.35 28.70
N VAL O 49 -49.41 7.04 28.92
CA VAL O 49 -50.47 6.49 29.75
C VAL O 49 -49.86 5.98 31.04
N MET O 50 -50.11 6.71 32.11
CA MET O 50 -49.68 6.37 33.44
C MET O 50 -50.45 5.18 34.01
N ARG O 51 -49.69 4.16 34.43
CA ARG O 51 -50.23 2.86 34.83
C ARG O 51 -50.80 2.91 36.24
N GLU O 52 -51.62 1.93 36.56
CA GLU O 52 -52.09 1.73 37.92
C GLU O 52 -50.90 1.28 38.76
N GLY O 53 -50.77 1.87 39.95
CA GLY O 53 -49.70 1.45 40.84
C GLY O 53 -48.43 2.23 40.59
N GLU O 54 -47.32 1.51 40.50
CA GLU O 54 -46.02 2.16 40.55
C GLU O 54 -45.47 2.33 39.14
N ASN O 55 -45.16 3.57 38.79
CA ASN O 55 -44.59 3.96 37.51
C ASN O 55 -43.15 4.40 37.69
N LEU O 56 -42.30 4.00 36.76
CA LEU O 56 -40.89 4.39 36.73
C LEU O 56 -40.55 4.95 35.36
N VAL O 57 -39.89 6.10 35.33
CA VAL O 57 -39.54 6.79 34.08
C VAL O 57 -38.08 7.20 34.13
N TYR O 58 -37.32 6.86 33.09
CA TYR O 58 -35.93 7.28 32.94
C TYR O 58 -35.85 8.53 32.08
N LEU O 59 -35.22 9.58 32.60
CA LEU O 59 -35.04 10.85 31.90
C LEU O 59 -33.57 11.23 31.91
N ALA O 60 -33.23 12.19 31.05
CA ALA O 60 -31.84 12.56 30.80
C ALA O 60 -31.32 13.62 31.77
N ARG O 61 -32.19 14.45 32.33
CA ARG O 61 -31.78 15.52 33.22
C ARG O 61 -32.64 15.49 34.47
N LYS O 62 -32.13 16.10 35.54
CA LYS O 62 -32.95 16.26 36.74
C LYS O 62 -34.10 17.23 36.48
N GLU O 63 -33.87 18.23 35.63
CA GLU O 63 -34.90 19.21 35.33
C GLU O 63 -36.07 18.58 34.59
N GLN O 64 -35.82 17.55 33.77
CA GLN O 64 -36.92 16.84 33.13
C GLN O 64 -37.75 16.06 34.14
N CYS O 65 -37.10 15.40 35.11
CA CYS O 65 -37.82 14.68 36.15
C CYS O 65 -38.65 15.63 37.00
N LEU O 66 -38.09 16.78 37.36
CA LEU O 66 -38.84 17.74 38.15
C LEU O 66 -39.92 18.44 37.33
N ALA O 67 -39.73 18.58 36.02
CA ALA O 67 -40.78 19.14 35.17
C ALA O 67 -41.95 18.17 35.04
N LEU O 68 -41.67 16.87 34.92
CA LEU O 68 -42.75 15.89 34.92
C LEU O 68 -43.45 15.86 36.28
N ALA O 69 -42.68 15.99 37.36
CA ALA O 69 -43.29 15.99 38.68
C ALA O 69 -44.16 17.24 38.91
N ALA O 70 -43.72 18.38 38.39
CA ALA O 70 -44.40 19.65 38.64
C ALA O 70 -45.62 19.84 37.75
N GLN O 71 -45.51 19.50 36.46
CA GLN O 71 -46.58 19.79 35.52
C GLN O 71 -47.52 18.63 35.26
N GLN O 72 -47.14 17.41 35.63
CA GLN O 72 -48.01 16.26 35.43
C GLN O 72 -48.46 15.64 36.74
N LEU O 73 -47.53 15.24 37.61
CA LEU O 73 -47.88 14.48 38.79
C LEU O 73 -48.57 15.34 39.84
N ARG O 74 -48.02 16.53 40.12
CA ARG O 74 -48.60 17.41 41.13
C ARG O 74 -50.01 17.93 40.83
N PRO O 75 -50.35 18.42 39.62
CA PRO O 75 -51.75 18.80 39.38
C PRO O 75 -52.73 17.63 39.40
N ARG O 76 -52.26 16.41 39.21
CA ARG O 76 -53.09 15.21 39.27
C ARG O 76 -53.17 14.66 40.68
N LYS O 77 -52.72 15.43 41.68
CA LYS O 77 -52.60 15.06 43.08
C LYS O 77 -51.75 13.80 43.29
N ILE O 78 -50.63 13.67 42.58
CA ILE O 78 -49.64 12.63 42.84
C ILE O 78 -48.43 13.32 43.45
N ASN O 79 -48.23 13.15 44.75
CA ASN O 79 -47.16 13.82 45.48
C ASN O 79 -46.33 12.81 46.26
N ASP O 80 -46.22 11.60 45.72
CA ASP O 80 -45.38 10.57 46.33
C ASP O 80 -44.15 10.28 45.47
N TYR O 81 -43.92 11.09 44.43
CA TYR O 81 -42.83 10.84 43.50
C TYR O 81 -41.49 11.01 44.16
N LYS O 82 -40.53 10.19 43.73
CA LYS O 82 -39.15 10.23 44.20
C LYS O 82 -38.25 10.28 42.97
N ILE O 83 -37.21 11.08 43.01
CA ILE O 83 -36.31 11.28 41.89
C ILE O 83 -34.93 10.78 42.25
N TYR O 84 -34.32 10.03 41.33
CA TYR O 84 -33.06 9.35 41.54
C TYR O 84 -32.07 9.74 40.45
N ARG O 85 -30.80 9.71 40.80
CA ARG O 85 -29.69 9.79 39.85
C ARG O 85 -29.10 8.40 39.72
N ILE O 86 -28.92 7.93 38.48
CA ILE O 86 -28.38 6.61 38.20
C ILE O 86 -27.11 6.76 37.39
N PHE O 87 -26.05 6.19 37.90
CA PHE O 87 -24.71 6.14 37.34
C PHE O 87 -24.56 4.90 36.46
N PRO O 88 -23.60 4.93 35.49
CA PRO O 88 -23.49 3.84 34.50
C PRO O 88 -23.22 2.46 35.08
N ASP O 89 -22.58 2.41 36.25
CA ASP O 89 -22.39 1.12 36.91
C ASP O 89 -23.71 0.57 37.45
N GLY O 90 -24.61 1.45 37.87
CA GLY O 90 -25.90 1.05 38.41
C GLY O 90 -26.19 1.57 39.79
N GLU O 91 -25.31 2.35 40.40
CA GLU O 91 -25.57 2.89 41.73
C GLU O 91 -26.61 4.01 41.63
N THR O 92 -27.47 4.08 42.65
CA THR O 92 -28.67 4.90 42.60
C THR O 92 -28.78 5.79 43.83
N VAL O 93 -28.92 7.09 43.57
CA VAL O 93 -28.99 8.08 44.66
C VAL O 93 -30.35 8.76 44.65
N LEU O 94 -31.07 8.68 45.77
CA LEU O 94 -32.32 9.42 45.93
C LEU O 94 -32.05 10.91 45.97
N LEU O 95 -32.83 11.67 45.20
CA LEU O 95 -32.53 13.10 45.06
C LEU O 95 -33.61 14.05 45.55
N HIS O 96 -34.85 14.00 45.03
CA HIS O 96 -35.71 15.15 45.24
C HIS O 96 -36.40 15.18 46.60
N PRO O 97 -37.17 14.15 47.06
CA PRO O 97 -37.69 14.23 48.41
C PRO O 97 -36.72 13.59 49.38
N LYS O 98 -35.53 14.19 49.50
CA LYS O 98 -34.36 13.60 50.15
C LYS O 98 -34.61 13.23 51.60
N ASP O 99 -35.21 14.13 52.37
CA ASP O 99 -35.55 13.81 53.76
C ASP O 99 -36.95 13.22 53.88
N GLY O 100 -37.63 13.05 52.75
CA GLY O 100 -39.03 12.69 52.71
C GLY O 100 -39.99 13.86 52.75
N VAL O 101 -39.50 15.06 53.07
CA VAL O 101 -40.28 16.29 53.06
C VAL O 101 -39.87 17.11 51.85
N PHE O 102 -40.86 17.70 51.19
CA PHE O 102 -40.60 18.56 50.06
C PHE O 102 -39.82 19.80 50.49
N PRO O 103 -38.92 20.30 49.63
CA PRO O 103 -38.07 21.43 50.03
C PRO O 103 -38.82 22.73 50.28
N GLU O 104 -40.02 22.89 49.74
CA GLU O 104 -40.82 24.07 50.00
C GLU O 104 -41.37 24.10 51.43
N LYS O 105 -41.29 22.98 52.14
CA LYS O 105 -41.78 22.86 53.50
C LYS O 105 -40.60 22.87 54.46
N VAL O 106 -40.71 23.66 55.53
CA VAL O 106 -39.62 23.75 56.50
C VAL O 106 -39.56 22.47 57.31
N ASN O 107 -38.35 21.91 57.44
CA ASN O 107 -38.16 20.62 58.09
C ASN O 107 -36.99 20.73 59.06
N GLN O 108 -37.21 20.27 60.29
CA GLN O 108 -36.15 20.24 61.29
C GLN O 108 -35.10 19.20 60.91
N GLY O 109 -33.84 19.50 61.27
CA GLY O 109 -32.70 18.69 60.91
C GLY O 109 -31.97 19.20 59.69
N ARG O 110 -32.63 20.01 58.88
CA ARG O 110 -31.98 20.69 57.77
C ARG O 110 -31.08 21.79 58.29
N GLU O 111 -29.87 21.88 57.75
CA GLU O 111 -28.95 22.95 58.09
C GLU O 111 -28.91 23.98 56.96
N ALA O 112 -28.78 25.25 57.33
CA ALA O 112 -28.69 26.34 56.37
C ALA O 112 -27.34 26.27 55.64
N VAL O 113 -27.40 26.27 54.32
CA VAL O 113 -26.23 26.19 53.47
C VAL O 113 -26.19 27.44 52.61
N ASN O 114 -24.99 28.04 52.50
CA ASN O 114 -24.71 29.21 51.67
C ASN O 114 -25.58 30.41 52.05
N THR O 115 -25.81 30.57 53.35
CA THR O 115 -26.48 31.76 53.86
C THR O 115 -25.42 32.80 54.23
N VAL O 116 -25.79 34.06 54.09
CA VAL O 116 -24.88 35.18 54.30
C VAL O 116 -25.45 36.05 55.41
N PRO O 117 -24.69 36.36 56.47
CA PRO O 117 -25.25 37.09 57.62
C PRO O 117 -25.20 38.61 57.46
N ARG O 118 -25.65 39.10 56.31
CA ARG O 118 -25.69 40.52 56.01
C ARG O 118 -26.62 40.72 54.81
N SER O 119 -26.94 41.99 54.54
CA SER O 119 -27.64 42.33 53.32
C SER O 119 -26.70 42.28 52.12
N ILE O 120 -27.28 42.42 50.93
CA ILE O 120 -26.56 42.14 49.69
C ILE O 120 -25.47 43.16 49.40
N GLY O 121 -25.76 44.45 49.53
CA GLY O 121 -24.75 45.42 49.19
C GLY O 121 -23.83 45.75 50.35
N GLN O 122 -24.02 45.05 51.46
CA GLN O 122 -23.02 45.04 52.53
C GLN O 122 -21.87 44.10 52.22
N ASN O 123 -21.91 43.44 51.06
CA ASN O 123 -20.79 42.68 50.57
C ASN O 123 -19.61 43.61 50.30
N PRO O 124 -18.38 43.11 50.44
CA PRO O 124 -17.20 43.97 50.20
C PRO O 124 -17.04 44.37 48.74
N ASN O 125 -16.18 45.36 48.49
CA ASN O 125 -15.91 45.85 47.16
C ASN O 125 -14.96 44.89 46.45
N PRO O 126 -14.98 44.84 45.11
CA PRO O 126 -13.98 44.05 44.39
C PRO O 126 -12.54 44.53 44.61
N ALA O 127 -12.38 45.83 44.82
CA ALA O 127 -11.05 46.44 44.92
C ALA O 127 -10.30 45.95 46.16
N GLN O 128 -10.99 45.89 47.29
CA GLN O 128 -10.37 45.43 48.53
C GLN O 128 -10.16 43.92 48.51
N LEU O 129 -10.89 43.23 47.66
CA LEU O 129 -10.82 41.78 47.55
C LEU O 129 -10.00 41.37 46.35
N LYS O 130 -8.87 42.06 46.15
CA LYS O 130 -7.89 41.66 45.15
C LYS O 130 -7.10 40.47 45.66
N PHE O 131 -5.99 40.14 44.98
CA PHE O 131 -5.48 38.78 44.79
C PHE O 131 -5.47 37.92 46.05
N SER O 132 -6.39 36.96 46.08
CA SER O 132 -6.76 36.14 47.24
C SER O 132 -7.88 35.20 46.80
N GLY O 133 -8.30 34.29 47.69
CA GLY O 133 -9.44 33.45 47.35
C GLY O 133 -10.77 34.09 47.64
N LYS O 134 -10.77 35.32 48.15
CA LYS O 134 -11.99 35.95 48.64
C LYS O 134 -12.90 36.41 47.51
N LYS O 135 -14.15 35.99 47.60
CA LYS O 135 -15.21 36.49 46.74
C LYS O 135 -16.06 37.46 47.53
N PRO O 136 -16.72 38.40 46.85
CA PRO O 136 -17.57 39.34 47.58
C PRO O 136 -18.80 38.72 48.23
N TYR O 137 -19.23 37.53 47.81
CA TYR O 137 -20.33 36.84 48.46
C TYR O 137 -19.85 35.88 49.55
N ASP O 138 -18.60 35.99 49.98
CA ASP O 138 -18.06 35.11 51.00
C ASP O 138 -18.77 35.37 52.33
N PRO O 139 -19.06 34.31 53.12
CA PRO O 139 -19.71 34.39 54.43
C PRO O 139 -19.03 35.33 55.42
N VAL P 2 -39.84 52.84 65.03
CA VAL P 2 -40.88 53.80 64.65
C VAL P 2 -42.26 53.25 64.99
N GLN P 3 -43.28 53.82 64.35
CA GLN P 3 -44.67 53.53 64.68
C GLN P 3 -45.46 53.55 63.36
N ARG P 4 -46.53 52.76 63.33
CA ARG P 4 -47.42 52.74 62.16
C ARG P 4 -47.99 54.13 61.88
N GLY P 5 -47.86 54.56 60.63
CA GLY P 5 -48.25 55.90 60.24
C GLY P 5 -47.11 56.89 60.12
N SER P 6 -45.95 56.58 60.71
CA SER P 6 -44.81 57.49 60.68
C SER P 6 -44.11 57.36 59.34
N LYS P 7 -44.11 58.45 58.56
CA LYS P 7 -43.38 58.48 57.31
C LYS P 7 -41.88 58.47 57.56
N VAL P 8 -41.17 57.60 56.86
CA VAL P 8 -39.74 57.38 57.08
C VAL P 8 -38.98 57.54 55.78
N ARG P 9 -37.70 57.85 55.91
CA ARG P 9 -36.77 57.95 54.79
C ARG P 9 -35.83 56.76 54.83
N ILE P 10 -35.66 56.11 53.68
CA ILE P 10 -34.85 54.90 53.61
C ILE P 10 -33.37 55.25 53.49
N LEU P 11 -32.57 54.70 54.40
CA LEU P 11 -31.12 54.86 54.33
C LEU P 11 -30.45 53.60 53.79
N ARG P 12 -31.22 52.65 53.27
CA ARG P 12 -30.69 51.39 52.78
C ARG P 12 -30.21 51.57 51.34
N PRO P 13 -28.90 51.41 51.04
CA PRO P 13 -28.38 51.82 49.72
C PRO P 13 -28.92 51.07 48.53
N GLU P 14 -29.15 49.78 48.65
CA GLU P 14 -29.49 49.05 47.46
C GLU P 14 -30.99 48.92 47.30
N SER P 15 -31.73 49.67 48.10
CA SER P 15 -33.16 49.74 47.96
C SER P 15 -33.56 50.63 46.79
N TYR P 16 -34.72 50.35 46.20
CA TYR P 16 -35.27 51.18 45.14
C TYR P 16 -35.71 52.55 45.66
N TRP P 17 -35.86 52.70 46.98
CA TRP P 17 -36.44 53.91 47.58
C TRP P 17 -35.47 54.64 48.51
N TYR P 18 -34.17 54.62 48.26
CA TYR P 18 -33.23 55.41 49.06
C TYR P 18 -33.39 56.89 48.72
N ASN P 19 -33.25 57.78 49.72
CA ASN P 19 -33.83 59.15 49.73
C ASN P 19 -35.32 59.25 49.51
N GLU P 20 -36.07 58.17 49.62
CA GLU P 20 -37.51 58.27 49.43
C GLU P 20 -38.22 57.93 50.72
N ILE P 21 -39.42 58.47 50.85
CA ILE P 21 -40.22 58.35 52.06
C ILE P 21 -41.29 57.31 51.84
N GLY P 22 -41.69 56.67 52.93
CA GLY P 22 -42.75 55.68 52.89
C GLY P 22 -43.44 55.59 54.22
N THR P 23 -44.72 55.25 54.18
CA THR P 23 -45.51 55.13 55.40
C THR P 23 -45.23 53.78 56.04
N VAL P 24 -44.95 53.79 57.35
CA VAL P 24 -44.74 52.54 58.07
C VAL P 24 -46.07 51.87 58.32
N ALA P 25 -46.19 50.61 57.90
CA ALA P 25 -47.38 49.83 58.14
C ALA P 25 -47.36 49.06 59.46
N SER P 26 -46.23 48.48 59.84
CA SER P 26 -46.09 47.80 61.12
C SER P 26 -44.62 47.65 61.49
N VAL P 27 -44.33 47.65 62.79
CA VAL P 27 -43.01 47.33 63.31
C VAL P 27 -43.13 46.05 64.12
N ASP P 28 -42.31 45.06 63.80
CA ASP P 28 -42.36 43.77 64.48
C ASP P 28 -41.77 43.92 65.88
N GLN P 29 -42.52 43.45 66.89
CA GLN P 29 -42.08 43.63 68.27
C GLN P 29 -40.95 42.67 68.64
N SER P 30 -40.79 41.59 67.88
CA SER P 30 -39.72 40.63 68.14
C SER P 30 -38.39 41.21 67.69
N GLY P 31 -37.29 40.61 68.12
CA GLY P 31 -35.96 41.08 67.77
C GLY P 31 -35.40 40.45 66.52
N ILE P 32 -35.94 40.81 65.36
CA ILE P 32 -35.45 40.34 64.07
C ILE P 32 -34.63 41.46 63.45
N LYS P 33 -33.82 41.10 62.44
CA LYS P 33 -32.89 42.05 61.84
C LYS P 33 -33.62 43.17 61.11
N TYR P 34 -34.73 42.87 60.45
CA TYR P 34 -35.46 43.85 59.65
C TYR P 34 -36.93 43.84 60.06
N PRO P 35 -37.29 44.49 61.16
CA PRO P 35 -38.67 44.42 61.65
C PRO P 35 -39.61 45.47 61.06
N VAL P 36 -39.06 46.54 60.50
CA VAL P 36 -39.88 47.65 60.02
C VAL P 36 -40.46 47.30 58.66
N ILE P 37 -41.78 47.39 58.54
CA ILE P 37 -42.48 47.14 57.28
C ILE P 37 -42.90 48.50 56.74
N VAL P 38 -42.36 48.88 55.58
CA VAL P 38 -42.64 50.18 54.98
C VAL P 38 -43.37 49.95 53.66
N ARG P 39 -44.46 50.68 53.45
CA ARG P 39 -45.28 50.59 52.24
C ARG P 39 -45.08 51.87 51.44
N PHE P 40 -44.65 51.73 50.19
CA PHE P 40 -44.39 52.87 49.32
C PHE P 40 -45.47 53.01 48.27
N ASP P 41 -45.44 54.13 47.54
CA ASP P 41 -46.32 54.33 46.40
C ASP P 41 -45.66 54.05 45.06
N LYS P 42 -44.35 54.26 44.95
CA LYS P 42 -43.61 53.86 43.76
C LYS P 42 -43.36 52.36 43.82
N VAL P 43 -43.78 51.64 42.78
CA VAL P 43 -43.57 50.20 42.77
C VAL P 43 -42.12 49.90 42.41
N ASN P 44 -41.69 48.68 42.76
CA ASN P 44 -40.36 48.20 42.42
C ASN P 44 -40.21 47.85 40.95
N TYR P 45 -39.02 47.37 40.59
CA TYR P 45 -38.82 46.73 39.30
C TYR P 45 -39.33 45.29 39.27
N THR P 46 -39.60 44.72 40.44
CA THR P 46 -39.84 43.29 40.64
C THR P 46 -41.01 42.75 39.81
N GLY P 47 -40.79 41.64 39.15
CA GLY P 47 -41.78 41.01 38.29
C GLY P 47 -41.03 40.40 37.12
N PHE P 48 -41.75 39.62 36.33
CA PHE P 48 -41.18 39.12 35.09
C PHE P 48 -41.16 40.23 34.04
N SER P 49 -40.48 39.96 32.92
CA SER P 49 -40.50 40.90 31.82
C SER P 49 -41.89 40.98 31.22
N GLY P 50 -42.37 42.21 31.01
CA GLY P 50 -43.71 42.44 30.53
C GLY P 50 -44.76 42.61 31.61
N SER P 51 -44.38 42.47 32.87
CA SER P 51 -45.32 42.61 33.98
C SER P 51 -45.44 44.09 34.36
N ALA P 52 -46.68 44.54 34.56
CA ALA P 52 -46.96 45.94 34.82
C ALA P 52 -47.16 46.15 36.32
N GLY P 53 -46.05 46.32 37.01
CA GLY P 53 -46.10 46.64 38.43
C GLY P 53 -44.86 46.19 39.14
N GLY P 54 -44.99 46.09 40.45
CA GLY P 54 -43.90 45.63 41.29
C GLY P 54 -44.39 45.45 42.71
N VAL P 55 -43.45 45.30 43.62
CA VAL P 55 -43.76 45.31 45.05
C VAL P 55 -43.60 46.74 45.54
N ASN P 56 -44.54 47.19 46.38
CA ASN P 56 -44.52 48.53 46.93
C ASN P 56 -44.23 48.53 48.42
N THR P 57 -43.94 47.37 48.99
CA THR P 57 -43.71 47.24 50.42
C THR P 57 -42.43 46.44 50.62
N ASN P 58 -41.73 46.74 51.71
CA ASN P 58 -40.44 46.11 51.96
C ASN P 58 -40.16 46.10 53.45
N ASN P 59 -39.14 45.33 53.82
CA ASN P 59 -38.68 45.20 55.18
C ASN P 59 -37.34 45.91 55.34
N PHE P 60 -37.27 46.81 56.30
CA PHE P 60 -36.05 47.52 56.63
C PHE P 60 -35.81 47.43 58.13
N ALA P 61 -34.57 47.61 58.52
CA ALA P 61 -34.24 47.72 59.94
C ALA P 61 -34.62 49.11 60.44
N LEU P 62 -34.56 49.26 61.76
CA LEU P 62 -34.68 50.60 62.35
C LEU P 62 -33.48 51.46 61.99
N SER P 63 -32.31 50.86 61.85
CA SER P 63 -31.08 51.56 61.50
C SER P 63 -30.98 51.88 60.01
N GLU P 64 -31.91 51.39 59.19
CA GLU P 64 -31.95 51.75 57.78
C GLU P 64 -33.11 52.69 57.46
N VAL P 65 -33.81 53.21 58.48
CA VAL P 65 -34.90 54.15 58.27
C VAL P 65 -34.67 55.38 59.13
N GLU P 66 -35.33 56.47 58.75
CA GLU P 66 -35.20 57.76 59.43
C GLU P 66 -36.61 58.31 59.62
N GLU P 67 -37.07 58.38 60.87
CA GLU P 67 -38.39 58.89 61.18
C GLU P 67 -38.45 60.39 60.90
N VAL P 68 -39.31 60.79 59.98
CA VAL P 68 -39.35 62.19 59.55
C VAL P 68 -40.47 62.93 60.27
N SER P 69 -41.71 62.48 60.06
CA SER P 69 -42.86 63.06 60.73
C SER P 69 -43.13 62.30 62.02
N ALA P 70 -44.28 62.53 62.62
CA ALA P 70 -44.73 61.72 63.75
C ALA P 70 -45.70 60.66 63.27
N ASP Q 24 -22.96 91.01 4.47
CA ASP Q 24 -21.60 91.09 3.95
C ASP Q 24 -20.72 90.07 4.67
N VAL Q 25 -21.22 89.60 5.82
CA VAL Q 25 -20.48 88.73 6.74
C VAL Q 25 -20.11 87.40 6.10
N ALA Q 26 -18.84 87.01 6.26
CA ALA Q 26 -18.31 85.70 5.86
C ALA Q 26 -18.42 85.47 4.36
N GLY Q 27 -18.19 86.52 3.60
CA GLY Q 27 -18.23 86.43 2.15
C GLY Q 27 -19.61 86.31 1.55
N LEU Q 28 -20.63 86.83 2.24
CA LEU Q 28 -21.99 86.68 1.76
C LEU Q 28 -22.44 87.95 1.06
N VAL Q 29 -23.25 87.76 0.02
CA VAL Q 29 -23.83 88.89 -0.71
C VAL Q 29 -25.34 88.86 -0.55
N PRO Q 30 -25.99 90.01 -0.69
CA PRO Q 30 -27.46 90.03 -0.75
C PRO Q 30 -27.96 89.24 -1.95
N CYS Q 31 -29.15 88.64 -1.79
CA CYS Q 31 -29.77 87.92 -2.90
C CYS Q 31 -30.17 88.85 -4.03
N LYS Q 32 -30.33 90.15 -3.76
CA LYS Q 32 -30.53 91.15 -4.80
C LYS Q 32 -29.35 91.17 -5.77
N ASP Q 33 -28.17 91.48 -5.25
CA ASP Q 33 -26.94 91.52 -6.04
C ASP Q 33 -26.34 90.12 -6.13
N SER Q 34 -27.08 89.23 -6.77
CA SER Q 34 -26.64 87.85 -6.93
C SER Q 34 -27.26 87.26 -8.19
N PRO Q 35 -26.46 87.01 -9.23
CA PRO Q 35 -27.01 86.49 -10.49
C PRO Q 35 -27.69 85.14 -10.39
N ALA Q 36 -27.11 84.23 -9.59
CA ALA Q 36 -27.62 82.88 -9.47
C ALA Q 36 -29.02 82.84 -8.85
N PHE Q 37 -29.25 83.71 -7.86
CA PHE Q 37 -30.55 83.83 -7.22
C PHE Q 37 -31.65 84.21 -8.22
N GLN Q 38 -31.38 85.22 -9.05
CA GLN Q 38 -32.36 85.62 -10.06
C GLN Q 38 -32.49 84.59 -11.16
N LYS Q 39 -31.41 83.85 -11.45
CA LYS Q 39 -31.46 82.78 -12.45
C LYS Q 39 -32.40 81.67 -12.01
N ARG Q 40 -32.34 81.27 -10.73
CA ARG Q 40 -33.27 80.25 -10.27
C ARG Q 40 -34.63 80.86 -9.92
N ALA Q 41 -34.68 82.18 -9.77
CA ALA Q 41 -35.95 82.86 -9.52
C ALA Q 41 -36.79 82.95 -10.78
N ALA Q 42 -36.14 83.02 -11.95
CA ALA Q 42 -36.86 83.04 -13.21
C ALA Q 42 -37.62 81.74 -13.51
N ALA Q 43 -37.29 80.65 -12.81
CA ALA Q 43 -37.99 79.39 -12.97
C ALA Q 43 -38.65 79.00 -11.66
N ALA Q 44 -39.33 79.96 -11.03
CA ALA Q 44 -39.92 79.76 -9.71
C ALA Q 44 -41.10 78.81 -9.79
N VAL Q 45 -41.11 77.82 -8.89
CA VAL Q 45 -42.19 76.84 -8.80
C VAL Q 45 -43.20 77.36 -7.78
N ASN Q 46 -44.47 76.99 -7.93
CA ASN Q 46 -45.59 77.44 -7.11
C ASN Q 46 -45.83 76.39 -6.02
N THR Q 47 -45.53 76.75 -4.77
CA THR Q 47 -45.72 75.85 -3.64
C THR Q 47 -47.19 75.63 -3.33
N THR Q 48 -47.95 76.71 -3.24
CA THR Q 48 -49.33 76.66 -2.79
C THR Q 48 -50.30 76.65 -3.97
N ALA Q 49 -51.59 76.85 -3.68
CA ALA Q 49 -52.63 77.01 -4.68
C ALA Q 49 -52.71 78.43 -5.22
N ASP Q 50 -51.74 79.27 -4.90
CA ASP Q 50 -51.70 80.61 -5.45
C ASP Q 50 -51.34 80.55 -6.93
N PRO Q 51 -51.78 81.52 -7.74
CA PRO Q 51 -51.25 81.61 -9.11
C PRO Q 51 -49.84 82.16 -9.17
N ALA Q 52 -49.48 83.10 -8.28
CA ALA Q 52 -48.15 83.69 -8.31
C ALA Q 52 -47.15 82.90 -7.47
N SER Q 53 -47.37 82.85 -6.14
CA SER Q 53 -46.61 82.05 -5.16
C SER Q 53 -45.10 82.26 -5.21
N GLY Q 54 -44.44 81.55 -6.14
CA GLY Q 54 -43.00 81.57 -6.27
C GLY Q 54 -42.35 82.92 -6.40
N GLN Q 55 -43.07 83.85 -7.04
CA GLN Q 55 -42.59 85.20 -7.25
C GLN Q 55 -42.49 85.95 -5.91
N LYS Q 56 -43.55 85.87 -5.08
CA LYS Q 56 -43.47 86.53 -3.79
C LYS Q 56 -42.52 85.82 -2.85
N ARG Q 57 -42.37 84.49 -3.01
CA ARG Q 57 -41.32 83.75 -2.33
C ARG Q 57 -39.95 84.35 -2.64
N PHE Q 58 -39.65 84.55 -3.91
CA PHE Q 58 -38.31 85.04 -4.25
C PHE Q 58 -38.13 86.51 -3.89
N GLU Q 59 -39.21 87.30 -3.90
CA GLU Q 59 -39.06 88.69 -3.48
C GLU Q 59 -38.80 88.77 -1.97
N ARG Q 60 -39.46 87.92 -1.18
CA ARG Q 60 -39.19 87.91 0.26
C ARG Q 60 -37.78 87.36 0.54
N TYR Q 61 -37.39 86.34 -0.21
CA TYR Q 61 -36.09 85.71 -0.01
C TYR Q 61 -34.96 86.57 -0.53
N SER Q 62 -35.28 87.58 -1.35
CA SER Q 62 -34.27 88.51 -1.87
C SER Q 62 -33.65 89.38 -0.78
N GLN Q 63 -34.37 89.58 0.33
CA GLN Q 63 -33.87 90.44 1.39
C GLN Q 63 -32.77 89.71 2.16
N ALA Q 64 -32.79 88.39 2.13
CA ALA Q 64 -31.80 87.57 2.81
C ALA Q 64 -30.44 87.67 2.14
N LEU Q 65 -29.43 87.12 2.79
CA LEU Q 65 -28.07 87.13 2.27
C LEU Q 65 -27.81 85.81 1.55
N CYS Q 66 -27.61 85.87 0.24
CA CYS Q 66 -27.35 84.68 -0.56
C CYS Q 66 -25.86 84.40 -0.65
N GLY Q 67 -25.47 83.48 -1.54
CA GLY Q 67 -24.07 83.18 -1.73
C GLY Q 67 -23.70 82.93 -3.17
N GLU Q 68 -22.74 82.03 -3.39
CA GLU Q 68 -22.33 81.61 -4.72
C GLU Q 68 -23.47 80.90 -5.45
N ASP Q 69 -24.23 80.13 -4.70
CA ASP Q 69 -25.38 79.39 -5.22
C ASP Q 69 -26.61 80.23 -5.53
N GLY Q 70 -26.70 81.43 -4.97
CA GLY Q 70 -27.96 82.13 -4.97
C GLY Q 70 -29.05 81.45 -4.16
N LEU Q 71 -28.72 80.89 -3.00
CA LEU Q 71 -29.70 80.34 -2.11
C LEU Q 71 -29.57 81.15 -0.82
N PRO Q 72 -30.64 81.45 -0.15
CA PRO Q 72 -30.58 82.37 1.00
C PRO Q 72 -30.00 81.77 2.27
N HIS Q 73 -28.69 81.90 2.44
CA HIS Q 73 -28.03 81.44 3.65
C HIS Q 73 -28.53 82.24 4.85
N LEU Q 74 -28.51 81.59 6.03
CA LEU Q 74 -28.91 82.21 7.27
C LEU Q 74 -27.70 82.34 8.19
N VAL Q 75 -27.58 83.50 8.84
CA VAL Q 75 -26.47 83.79 9.74
C VAL Q 75 -26.99 83.82 11.16
N VAL Q 76 -26.32 83.09 12.07
CA VAL Q 76 -26.74 83.03 13.45
C VAL Q 76 -25.70 83.73 14.34
N ASP Q 77 -25.88 85.03 14.55
CA ASP Q 77 -24.90 85.86 15.24
C ASP Q 77 -25.55 86.82 16.23
N GLY Q 78 -26.86 86.73 16.40
CA GLY Q 78 -27.60 87.83 17.00
C GLY Q 78 -27.84 88.85 15.91
N ARG Q 79 -26.82 89.68 15.64
CA ARG Q 79 -26.68 90.51 14.45
C ARG Q 79 -27.95 91.25 14.03
N LEU Q 80 -28.41 92.20 14.85
CA LEU Q 80 -29.76 92.77 14.83
C LEU Q 80 -30.24 93.23 13.46
N SER Q 81 -29.32 93.54 12.55
CA SER Q 81 -29.66 93.78 11.15
C SER Q 81 -30.22 92.51 10.49
N ARG Q 82 -29.48 91.40 10.59
CA ARG Q 82 -29.96 90.10 10.11
C ARG Q 82 -30.43 89.26 11.29
N ALA Q 83 -31.49 89.75 11.94
CA ALA Q 83 -32.00 89.14 13.17
C ALA Q 83 -33.18 88.21 12.94
N GLY Q 84 -33.87 88.35 11.81
CA GLY Q 84 -35.04 87.53 11.56
C GLY Q 84 -34.70 86.10 11.18
N ASP Q 85 -33.43 85.88 10.85
CA ASP Q 85 -32.94 84.55 10.50
C ASP Q 85 -32.89 83.60 11.69
N PHE Q 86 -32.54 84.08 12.89
CA PHE Q 86 -32.58 83.19 14.04
C PHE Q 86 -33.30 83.75 15.25
N LEU Q 87 -33.09 85.04 15.57
CA LEU Q 87 -33.42 85.58 16.89
C LEU Q 87 -34.91 85.59 17.23
N ILE Q 88 -35.71 86.17 16.35
CA ILE Q 88 -37.17 86.20 16.51
C ILE Q 88 -37.75 84.78 16.50
N PRO Q 89 -37.39 83.87 15.56
CA PRO Q 89 -37.84 82.48 15.72
C PRO Q 89 -37.36 81.79 16.99
N SER Q 90 -36.14 82.10 17.43
CA SER Q 90 -35.62 81.51 18.68
C SER Q 90 -36.46 81.94 19.87
N ALA Q 91 -36.78 83.24 19.95
CA ALA Q 91 -37.58 83.77 21.05
C ALA Q 91 -38.99 83.21 21.02
N LEU Q 92 -39.57 83.11 19.83
CA LEU Q 92 -40.96 82.66 19.67
C LEU Q 92 -41.05 81.18 20.06
N PHE Q 93 -40.04 80.40 19.65
CA PHE Q 93 -39.97 79.00 20.05
C PHE Q 93 -39.80 78.84 21.55
N LEU Q 94 -38.90 79.65 22.15
CA LEU Q 94 -38.63 79.52 23.58
C LEU Q 94 -39.89 79.86 24.36
N PHE Q 95 -40.64 80.85 23.88
CA PHE Q 95 -41.89 81.21 24.52
C PHE Q 95 -42.90 80.06 24.46
N ILE Q 96 -43.09 79.48 23.27
CA ILE Q 96 -44.09 78.41 23.11
C ILE Q 96 -43.68 77.16 23.87
N THR Q 97 -42.41 76.77 23.76
CA THR Q 97 -41.98 75.51 24.38
C THR Q 97 -41.84 75.67 25.89
N GLY Q 98 -41.59 76.89 26.37
CA GLY Q 98 -41.56 77.14 27.79
C GLY Q 98 -42.96 77.14 28.36
N TRP Q 99 -43.92 77.68 27.60
CA TRP Q 99 -45.34 77.55 27.89
C TRP Q 99 -45.69 76.08 28.06
N ILE Q 100 -45.27 75.25 27.09
CA ILE Q 100 -45.64 73.85 27.03
C ILE Q 100 -45.09 73.13 28.26
N GLY Q 101 -43.80 73.33 28.52
CA GLY Q 101 -43.14 72.63 29.62
C GLY Q 101 -43.66 73.08 30.97
N TRP Q 102 -43.89 74.38 31.13
CA TRP Q 102 -44.41 74.89 32.40
C TRP Q 102 -45.82 74.39 32.65
N VAL Q 103 -46.64 74.33 31.61
CA VAL Q 103 -48.02 73.83 31.72
C VAL Q 103 -48.01 72.36 32.13
N GLY Q 104 -47.14 71.57 31.50
CA GLY Q 104 -47.00 70.17 31.85
C GLY Q 104 -46.52 69.94 33.27
N ARG Q 105 -45.51 70.69 33.69
CA ARG Q 105 -45.01 70.64 35.06
C ARG Q 105 -46.08 71.03 36.07
N ALA Q 106 -46.82 72.11 35.78
CA ALA Q 106 -47.86 72.60 36.66
C ALA Q 106 -48.99 71.58 36.81
N TYR Q 107 -49.38 70.96 35.69
CA TYR Q 107 -50.38 69.90 35.75
C TYR Q 107 -49.89 68.71 36.56
N LEU Q 108 -48.62 68.35 36.40
CA LEU Q 108 -48.07 67.23 37.17
C LEU Q 108 -48.05 67.54 38.66
N ILE Q 109 -47.72 68.79 39.03
CA ILE Q 109 -47.71 69.19 40.43
C ILE Q 109 -49.12 69.19 41.00
N ALA Q 110 -50.09 69.76 40.27
CA ALA Q 110 -51.46 69.83 40.73
C ALA Q 110 -52.18 68.48 40.71
N VAL Q 111 -51.65 67.50 40.00
CA VAL Q 111 -52.19 66.14 40.02
C VAL Q 111 -51.51 65.26 41.05
N ARG Q 112 -50.22 65.48 41.33
CA ARG Q 112 -49.49 64.78 42.38
C ARG Q 112 -50.10 65.00 43.77
N ASN Q 113 -50.83 66.11 43.97
CA ASN Q 113 -51.58 66.35 45.20
C ASN Q 113 -52.66 65.30 45.40
N SER Q 114 -53.45 65.03 44.36
CA SER Q 114 -54.49 64.01 44.44
C SER Q 114 -53.88 62.62 44.41
N GLY Q 115 -54.57 61.67 45.04
CA GLY Q 115 -54.10 60.30 45.10
C GLY Q 115 -54.33 59.54 43.82
N GLU Q 116 -55.13 60.10 42.92
CA GLU Q 116 -55.48 59.47 41.65
C GLU Q 116 -54.57 59.92 40.52
N ALA Q 117 -53.30 60.17 40.81
CA ALA Q 117 -52.34 60.72 39.85
C ALA Q 117 -52.12 59.82 38.65
N ASN Q 118 -52.02 58.50 38.89
CA ASN Q 118 -51.85 57.53 37.82
C ASN Q 118 -53.05 57.52 36.89
N GLU Q 119 -54.26 57.60 37.45
CA GLU Q 119 -55.47 57.65 36.65
C GLU Q 119 -55.57 58.97 35.90
N LYS Q 120 -55.14 60.06 36.52
CA LYS Q 120 -55.22 61.36 35.86
C LYS Q 120 -54.12 61.54 34.82
N GLU Q 121 -53.09 60.69 34.84
CA GLU Q 121 -52.08 60.76 33.79
C GLU Q 121 -52.57 60.14 32.50
N ILE Q 122 -53.41 59.09 32.56
CA ILE Q 122 -53.92 58.47 31.36
C ILE Q 122 -55.29 59.03 31.01
N ILE Q 123 -56.03 59.51 32.01
CA ILE Q 123 -57.33 60.14 31.79
C ILE Q 123 -57.21 61.56 32.32
N ILE Q 124 -56.91 62.50 31.44
CA ILE Q 124 -56.59 63.86 31.85
C ILE Q 124 -57.83 64.59 32.32
N ASP Q 125 -57.75 65.20 33.49
CA ASP Q 125 -58.80 66.09 33.99
C ASP Q 125 -58.77 67.36 33.15
N VAL Q 126 -59.65 67.37 32.15
CA VAL Q 126 -59.76 68.41 31.13
C VAL Q 126 -59.98 69.78 31.77
N PRO Q 127 -60.90 69.99 32.77
CA PRO Q 127 -60.91 71.32 33.42
C PRO Q 127 -59.60 71.71 34.09
N LEU Q 128 -58.97 70.76 34.78
CA LEU Q 128 -57.66 71.00 35.39
C LEU Q 128 -56.61 71.25 34.31
N ALA Q 129 -56.70 70.50 33.21
CA ALA Q 129 -55.83 70.68 32.05
C ALA Q 129 -55.90 72.12 31.56
N ILE Q 130 -57.09 72.55 31.12
CA ILE Q 130 -57.35 73.91 30.62
C ILE Q 130 -56.94 74.98 31.62
N LYS Q 131 -57.16 74.73 32.91
CA LYS Q 131 -56.66 75.63 33.95
C LYS Q 131 -55.15 75.78 33.89
N CYS Q 132 -54.43 74.67 33.70
CA CYS Q 132 -52.98 74.76 33.54
C CYS Q 132 -52.56 75.39 32.21
N MET Q 133 -53.24 75.03 31.11
CA MET Q 133 -52.95 75.54 29.76
C MET Q 133 -53.02 77.06 29.73
N LEU Q 134 -54.01 77.63 30.44
CA LEU Q 134 -54.30 79.05 30.33
C LEU Q 134 -53.29 79.92 31.04
N THR Q 135 -52.40 79.35 31.83
CA THR Q 135 -51.44 80.11 32.61
C THR Q 135 -50.04 80.11 32.02
N GLY Q 136 -49.84 79.51 30.84
CA GLY Q 136 -48.53 79.53 30.23
C GLY Q 136 -48.14 80.87 29.65
N PHE Q 137 -49.10 81.78 29.46
CA PHE Q 137 -48.81 83.15 29.05
C PHE Q 137 -47.92 83.88 30.04
N ALA Q 138 -47.93 83.50 31.31
CA ALA Q 138 -46.97 84.00 32.28
C ALA Q 138 -45.97 82.92 32.69
N TRP Q 139 -45.58 82.03 31.77
CA TRP Q 139 -44.61 80.96 32.08
C TRP Q 139 -43.25 81.41 32.60
N PRO Q 140 -42.56 82.44 32.04
CA PRO Q 140 -41.19 82.67 32.52
C PRO Q 140 -41.11 83.28 33.91
N LEU Q 141 -41.92 84.31 34.17
CA LEU Q 141 -41.79 85.10 35.39
C LEU Q 141 -41.98 84.24 36.64
N ALA Q 142 -43.02 83.40 36.64
CA ALA Q 142 -43.31 82.52 37.76
C ALA Q 142 -42.15 81.57 38.02
N ALA Q 143 -41.50 81.09 36.96
CA ALA Q 143 -40.35 80.22 37.12
C ALA Q 143 -39.22 80.96 37.84
N LEU Q 144 -39.03 82.24 37.48
CA LEU Q 144 -38.08 83.09 38.18
C LEU Q 144 -38.44 83.19 39.66
N LYS Q 145 -39.73 83.33 39.96
CA LYS Q 145 -40.19 83.35 41.34
C LYS Q 145 -39.81 82.07 42.06
N GLU Q 146 -39.99 80.93 41.39
CA GLU Q 146 -39.60 79.66 41.97
C GLU Q 146 -38.08 79.61 42.13
N LEU Q 147 -37.37 80.16 41.15
CA LEU Q 147 -35.92 80.29 41.24
C LEU Q 147 -35.53 81.25 42.36
N ALA Q 148 -36.42 82.21 42.65
CA ALA Q 148 -36.25 83.03 43.83
C ALA Q 148 -36.57 82.23 45.08
N SER Q 149 -37.66 81.46 45.04
CA SER Q 149 -38.18 80.80 46.22
C SER Q 149 -37.39 79.54 46.55
N GLY Q 150 -37.34 78.61 45.61
CA GLY Q 150 -36.72 77.32 45.86
C GLY Q 150 -37.73 76.21 45.72
N GLU Q 151 -38.88 76.54 45.12
CA GLU Q 151 -39.95 75.58 44.88
C GLU Q 151 -39.87 74.96 43.49
N LEU Q 152 -38.87 75.33 42.69
CA LEU Q 152 -38.59 74.70 41.42
C LEU Q 152 -37.66 73.50 41.55
N THR Q 153 -36.58 73.66 42.32
CA THR Q 153 -35.57 72.64 42.48
C THR Q 153 -35.82 71.88 43.77
N ALA Q 154 -35.90 70.56 43.65
CA ALA Q 154 -36.04 69.70 44.81
C ALA Q 154 -34.66 69.32 45.35
N LYS Q 155 -34.63 68.93 46.62
CA LYS Q 155 -33.37 68.68 47.32
C LYS Q 155 -32.69 67.43 46.82
N ASP Q 156 -31.37 67.32 47.06
CA ASP Q 156 -30.62 66.15 46.64
C ASP Q 156 -30.74 65.00 47.62
N ASN Q 157 -31.52 65.16 48.70
CA ASN Q 157 -31.74 64.11 49.68
C ASN Q 157 -33.19 63.66 49.70
N GLU Q 158 -34.04 64.27 48.87
CA GLU Q 158 -35.39 63.77 48.66
C GLU Q 158 -35.47 63.00 47.35
N ILE Q 159 -34.36 62.84 46.63
CA ILE Q 159 -34.36 62.32 45.27
C ILE Q 159 -33.53 61.05 45.25
N THR Q 160 -34.09 59.98 44.68
CA THR Q 160 -33.44 58.68 44.72
C THR Q 160 -32.19 58.66 43.84
N VAL Q 161 -31.16 57.98 44.35
CA VAL Q 161 -29.88 57.87 43.66
C VAL Q 161 -29.44 56.41 43.67
N SER Q 162 -28.51 56.10 42.78
CA SER Q 162 -27.88 54.79 42.71
C SER Q 162 -26.82 54.63 43.80
N PRO Q 163 -26.46 53.39 44.15
CA PRO Q 163 -25.21 53.19 44.90
C PRO Q 163 -24.00 53.38 43.99
N ARG Q 164 -22.82 53.51 44.60
CA ARG Q 164 -21.58 53.70 43.83
C ARG Q 164 -20.38 53.04 44.50
N MET R 1 2.43 35.07 -14.00
CA MET R 1 2.75 34.89 -12.58
C MET R 1 4.15 34.31 -12.39
N MET R 2 5.15 35.11 -12.75
CA MET R 2 6.55 34.84 -12.49
C MET R 2 7.29 36.16 -12.55
N GLY R 3 7.61 36.73 -11.38
CA GLY R 3 8.10 38.09 -11.31
C GLY R 3 9.54 38.23 -11.75
N SER R 4 9.90 39.48 -12.08
CA SER R 4 11.27 39.84 -12.42
C SER R 4 12.13 40.10 -11.19
N TYR R 5 11.55 40.00 -9.99
CA TYR R 5 12.29 40.24 -8.76
C TYR R 5 13.26 39.11 -8.47
N ALA R 6 14.20 39.34 -7.57
CA ALA R 6 15.18 38.34 -7.18
C ALA R 6 14.52 37.19 -6.46
N ALA R 7 15.04 35.98 -6.73
CA ALA R 7 14.60 34.72 -6.14
C ALA R 7 13.10 34.53 -6.33
N SER R 8 12.65 34.50 -7.58
CA SER R 8 11.22 34.47 -7.90
C SER R 8 10.58 33.12 -7.65
N PHE R 9 11.37 32.07 -7.42
CA PHE R 9 10.85 30.76 -7.08
C PHE R 9 10.39 30.66 -5.64
N LEU R 10 10.56 31.73 -4.84
CA LEU R 10 10.21 31.67 -3.42
C LEU R 10 8.71 31.77 -3.13
N PRO R 11 7.91 32.63 -3.79
CA PRO R 11 6.45 32.53 -3.58
C PRO R 11 5.85 31.20 -3.96
N TRP R 12 6.38 30.53 -4.99
CA TRP R 12 5.93 29.23 -5.47
C TRP R 12 5.87 28.20 -4.34
N ILE R 13 6.83 28.22 -3.43
CA ILE R 13 6.88 27.31 -2.31
C ILE R 13 6.30 27.94 -1.05
N PHE R 14 6.55 29.24 -0.85
CA PHE R 14 6.20 29.85 0.43
C PHE R 14 4.70 30.08 0.54
N ILE R 15 3.99 30.35 -0.56
CA ILE R 15 2.54 30.49 -0.46
C ILE R 15 1.87 29.18 -0.05
N PRO R 16 2.21 28.01 -0.61
CA PRO R 16 1.71 26.75 -0.02
C PRO R 16 2.19 26.49 1.41
N VAL R 17 3.37 26.97 1.80
CA VAL R 17 3.80 26.83 3.18
C VAL R 17 2.94 27.64 4.13
N VAL R 18 2.88 28.96 3.91
CA VAL R 18 2.17 29.85 4.82
C VAL R 18 0.65 29.69 4.72
N CYS R 19 0.16 29.16 3.61
CA CYS R 19 -1.27 29.03 3.37
C CYS R 19 -1.82 27.64 3.59
N TRP R 20 -1.06 26.59 3.30
CA TRP R 20 -1.54 25.22 3.51
C TRP R 20 -0.76 24.53 4.62
N LEU R 21 0.57 24.42 4.49
CA LEU R 21 1.36 23.56 5.35
C LEU R 21 1.40 24.08 6.78
N MET R 22 1.76 25.35 6.94
CA MET R 22 1.79 25.96 8.27
C MET R 22 0.42 26.01 8.95
N PRO R 23 -0.69 26.38 8.27
CA PRO R 23 -2.00 26.26 8.95
C PRO R 23 -2.39 24.84 9.29
N VAL R 24 -2.03 23.85 8.46
CA VAL R 24 -2.33 22.46 8.77
C VAL R 24 -1.57 22.02 10.02
N VAL R 25 -0.28 22.35 10.08
CA VAL R 25 0.55 21.96 11.22
C VAL R 25 0.09 22.68 12.49
N VAL R 26 -0.20 23.97 12.38
CA VAL R 26 -0.60 24.75 13.56
C VAL R 26 -1.97 24.33 14.04
N MET R 27 -2.91 24.10 13.11
CA MET R 27 -4.23 23.63 13.47
C MET R 27 -4.19 22.26 14.11
N GLY R 28 -3.37 21.35 13.56
CA GLY R 28 -3.23 20.03 14.15
C GLY R 28 -2.58 20.05 15.51
N LEU R 29 -1.53 20.86 15.68
CA LEU R 29 -0.85 20.93 16.97
C LEU R 29 -1.73 21.58 18.03
N LEU R 30 -2.47 22.62 17.64
CA LEU R 30 -3.40 23.24 18.58
C LEU R 30 -4.56 22.31 18.89
N PHE R 31 -4.96 21.47 17.93
CA PHE R 31 -5.96 20.46 18.19
C PHE R 31 -5.45 19.41 19.18
N LEU R 32 -4.19 19.02 19.04
CA LEU R 32 -3.62 18.06 19.98
C LEU R 32 -3.36 18.70 21.34
N TYR R 33 -3.24 20.02 21.39
CA TYR R 33 -3.00 20.68 22.67
C TYR R 33 -4.31 20.95 23.41
N ILE R 34 -5.34 21.44 22.73
CA ILE R 34 -6.58 21.80 23.41
C ILE R 34 -7.43 20.58 23.77
N GLU R 35 -7.19 19.42 23.17
CA GLU R 35 -7.93 18.22 23.51
C GLU R 35 -7.13 17.22 24.33
N GLY R 36 -6.04 17.66 24.95
CA GLY R 36 -5.31 16.76 25.83
C GLY R 36 -6.05 16.58 27.15
N ASP R 37 -6.62 15.39 27.36
CA ASP R 37 -7.33 15.09 28.59
C ASP R 37 -6.34 14.66 29.66
N ALA R 38 -5.42 15.55 30.01
CA ALA R 38 -4.42 15.29 31.04
C ALA R 38 -4.95 15.83 32.37
N GLN R 39 -4.13 15.97 33.42
CA GLN R 39 -4.60 16.50 34.70
C GLN R 39 -5.03 17.97 34.58
N MET S 1 -74.07 58.68 34.42
CA MET S 1 -74.76 58.76 33.14
C MET S 1 -73.83 58.57 31.97
N GLN S 2 -74.40 58.27 30.80
CA GLN S 2 -73.60 57.94 29.64
C GLN S 2 -72.96 59.17 29.02
N THR S 3 -73.41 60.37 29.39
CA THR S 3 -72.72 61.59 29.02
C THR S 3 -71.60 61.94 29.98
N LYS S 4 -71.32 61.08 30.96
CA LYS S 4 -70.15 61.20 31.81
C LYS S 4 -69.13 60.10 31.56
N HIS S 5 -69.57 58.91 31.14
CA HIS S 5 -68.68 57.82 30.78
C HIS S 5 -68.24 57.88 29.32
N LEU S 6 -68.81 58.81 28.55
CA LEU S 6 -68.35 59.27 27.23
C LEU S 6 -67.31 60.37 27.30
N LEU S 7 -67.54 61.35 28.14
CA LEU S 7 -66.57 62.42 28.34
C LEU S 7 -65.28 61.85 28.88
N THR S 8 -65.36 60.88 29.78
CA THR S 8 -64.17 60.29 30.36
C THR S 8 -63.40 59.48 29.31
N TYR S 9 -64.12 58.80 28.41
CA TYR S 9 -63.47 58.18 27.26
C TYR S 9 -62.87 59.24 26.34
N LEU S 10 -63.60 60.32 26.07
CA LEU S 10 -63.04 61.38 25.24
C LEU S 10 -62.30 62.38 26.13
N SER S 11 -61.52 61.85 27.07
CA SER S 11 -60.55 62.60 27.84
C SER S 11 -59.30 61.78 28.11
N THR S 12 -59.19 60.58 27.53
CA THR S 12 -58.00 59.76 27.73
C THR S 12 -56.85 60.29 26.88
N ALA S 13 -55.67 59.73 27.12
CA ALA S 13 -54.46 60.13 26.40
C ALA S 13 -54.53 59.95 24.88
N PRO S 14 -54.96 58.80 24.31
CA PRO S 14 -54.91 58.69 22.84
C PRO S 14 -55.88 59.59 22.12
N VAL S 15 -57.00 59.95 22.76
CA VAL S 15 -58.00 60.76 22.08
C VAL S 15 -57.69 62.24 22.25
N LEU S 16 -57.30 62.67 23.45
CA LEU S 16 -56.90 64.06 23.65
C LEU S 16 -55.64 64.39 22.87
N ALA S 17 -54.69 63.45 22.84
CA ALA S 17 -53.46 63.65 22.08
C ALA S 17 -53.76 63.79 20.59
N ALA S 18 -54.65 62.94 20.07
CA ALA S 18 -55.04 62.99 18.66
C ALA S 18 -55.76 64.29 18.34
N LEU S 19 -56.69 64.73 19.20
CA LEU S 19 -57.42 65.97 18.98
C LEU S 19 -56.47 67.16 19.02
N TRP S 20 -55.53 67.16 19.97
CA TRP S 20 -54.61 68.29 20.10
C TRP S 20 -53.63 68.34 18.93
N MET S 21 -53.19 67.18 18.46
CA MET S 21 -52.25 67.18 17.35
C MET S 21 -52.94 67.51 16.04
N THR S 22 -54.19 67.08 15.89
CA THR S 22 -55.01 67.48 14.75
C THR S 22 -55.22 68.99 14.78
N ILE S 23 -55.44 69.56 15.97
CA ILE S 23 -55.68 70.99 16.10
C ILE S 23 -54.40 71.78 15.79
N THR S 24 -53.26 71.31 16.29
CA THR S 24 -51.98 71.97 16.04
C THR S 24 -51.60 71.89 14.57
N ALA S 25 -51.81 70.73 13.95
CA ALA S 25 -51.54 70.57 12.53
C ALA S 25 -52.51 71.43 11.70
N GLY S 26 -53.73 71.60 12.19
CA GLY S 26 -54.68 72.49 11.55
C GLY S 26 -54.23 73.93 11.59
N ILE S 27 -53.67 74.35 12.73
CA ILE S 27 -53.09 75.69 12.86
C ILE S 27 -51.94 75.86 11.89
N LEU S 28 -51.07 74.85 11.79
CA LEU S 28 -49.84 74.99 11.03
C LEU S 28 -50.10 74.92 9.53
N ILE S 29 -51.00 74.02 9.09
CA ILE S 29 -51.27 73.85 7.67
C ILE S 29 -52.03 75.05 7.12
N GLU S 30 -53.06 75.50 7.83
CA GLU S 30 -53.85 76.63 7.39
C GLU S 30 -53.10 77.95 7.46
N PHE S 31 -52.03 78.01 8.24
CA PHE S 31 -51.06 79.10 8.17
C PHE S 31 -50.27 79.07 6.86
N ASN S 32 -50.19 77.90 6.22
CA ASN S 32 -49.52 77.77 4.94
C ASN S 32 -50.48 77.72 3.76
N ARG S 33 -51.76 77.40 3.99
CA ARG S 33 -52.80 77.86 3.08
C ARG S 33 -52.80 79.37 2.94
N PHE S 34 -52.55 80.08 4.04
CA PHE S 34 -52.25 81.51 4.09
C PHE S 34 -50.76 81.66 3.88
N TYR S 35 -50.18 82.77 4.38
CA TYR S 35 -48.84 83.31 4.13
C TYR S 35 -47.78 82.23 4.01
N PRO S 36 -47.23 82.01 2.82
CA PRO S 36 -46.32 80.87 2.61
C PRO S 36 -44.86 81.22 2.71
N ASP S 37 -44.03 80.18 2.81
CA ASP S 37 -42.59 80.24 2.55
C ASP S 37 -41.85 81.24 3.43
N LEU S 38 -41.81 80.99 4.73
CA LEU S 38 -41.10 81.86 5.66
C LEU S 38 -39.92 81.09 6.21
N LEU S 39 -38.79 81.16 5.49
CA LEU S 39 -37.53 80.62 5.98
C LEU S 39 -36.99 81.42 7.16
N PHE S 40 -37.43 82.66 7.29
CA PHE S 40 -36.86 83.64 8.21
C PHE S 40 -37.90 84.71 8.45
N HIS S 41 -37.78 85.39 9.58
CA HIS S 41 -38.67 86.52 9.81
C HIS S 41 -38.21 87.67 8.92
N PRO S 42 -39.10 88.24 8.08
CA PRO S 42 -38.69 89.14 6.99
C PRO S 42 -37.92 90.38 7.43
N LEU S 43 -38.30 90.95 8.57
CA LEU S 43 -37.59 92.04 9.24
C LEU S 43 -37.45 93.30 8.37
N THR T 5 -64.76 19.52 -30.80
CA THR T 5 -65.71 20.33 -31.53
C THR T 5 -66.98 20.58 -30.72
N LEU T 6 -67.70 21.64 -31.07
CA LEU T 6 -68.99 21.97 -30.46
C LEU T 6 -70.00 20.89 -30.87
N PRO T 7 -70.44 20.06 -29.91
CA PRO T 7 -71.21 18.87 -30.28
C PRO T 7 -72.67 19.15 -30.60
N ASP T 8 -73.42 18.07 -30.86
CA ASP T 8 -74.83 18.16 -31.17
C ASP T 8 -75.67 17.90 -29.92
N THR T 9 -75.16 18.33 -28.77
CA THR T 9 -75.91 18.22 -27.53
C THR T 9 -77.03 19.25 -27.55
N THR T 10 -78.20 18.82 -28.03
CA THR T 10 -79.39 19.65 -28.09
C THR T 10 -80.55 18.87 -27.47
N TRP T 11 -81.73 19.49 -27.50
CA TRP T 11 -82.93 18.86 -26.95
C TRP T 11 -83.31 17.64 -27.78
N SER T 12 -83.51 16.50 -27.09
CA SER T 12 -83.77 15.24 -27.74
C SER T 12 -84.34 14.25 -26.74
N PRO T 13 -85.11 13.25 -27.19
CA PRO T 13 -85.68 12.26 -26.27
C PRO T 13 -84.62 11.41 -25.56
N ALA T 14 -83.51 11.15 -26.26
CA ALA T 14 -82.46 10.31 -25.71
C ALA T 14 -81.79 10.91 -24.48
N VAL T 15 -81.53 12.22 -24.49
CA VAL T 15 -80.91 12.92 -23.37
C VAL T 15 -81.83 12.84 -22.15
N GLY T 16 -83.13 13.04 -22.36
CA GLY T 16 -84.09 12.92 -21.29
C GLY T 16 -84.24 11.50 -20.74
N LEU T 17 -84.19 10.50 -21.62
CA LEU T 17 -84.23 9.10 -21.19
C LEU T 17 -83.00 8.77 -20.36
N VAL T 18 -81.85 9.29 -20.77
CA VAL T 18 -80.62 9.10 -20.00
C VAL T 18 -80.71 9.80 -18.66
N VAL T 19 -81.36 10.97 -18.61
CA VAL T 19 -81.58 11.71 -17.38
C VAL T 19 -82.42 10.92 -16.39
N ILE T 20 -83.55 10.39 -16.88
CA ILE T 20 -84.42 9.58 -16.03
C ILE T 20 -83.74 8.29 -15.58
N LEU T 21 -82.99 7.63 -16.47
CA LEU T 21 -82.27 6.42 -16.11
C LEU T 21 -81.20 6.68 -15.07
N CYS T 22 -80.50 7.81 -15.18
CA CYS T 22 -79.49 8.18 -14.19
C CYS T 22 -80.13 8.50 -12.84
N ASN T 23 -81.32 9.10 -12.87
CA ASN T 23 -82.06 9.33 -11.63
C ASN T 23 -82.43 8.00 -10.96
N LEU T 24 -82.84 7.02 -11.77
CA LEU T 24 -83.13 5.69 -11.26
C LEU T 24 -81.88 5.01 -10.70
N PHE T 25 -80.74 5.19 -11.38
CA PHE T 25 -79.46 4.63 -10.94
C PHE T 25 -79.04 5.22 -9.60
N ALA T 26 -79.22 6.53 -9.43
CA ALA T 26 -78.91 7.17 -8.16
C ALA T 26 -79.91 6.77 -7.08
N ILE T 27 -81.15 6.43 -7.46
CA ILE T 27 -82.11 5.90 -6.50
C ILE T 27 -81.65 4.55 -5.98
N ALA T 28 -81.16 3.69 -6.89
CA ALA T 28 -80.59 2.41 -6.46
C ALA T 28 -79.33 2.61 -5.61
N ILE T 29 -78.54 3.63 -5.96
CA ILE T 29 -77.35 3.98 -5.19
C ILE T 29 -77.74 4.36 -3.76
N GLY T 30 -78.73 5.24 -3.63
CA GLY T 30 -79.26 5.62 -2.33
C GLY T 30 -79.89 4.47 -1.58
N ARG T 31 -80.36 3.47 -2.32
CA ARG T 31 -80.79 2.22 -1.70
C ARG T 31 -79.59 1.38 -1.26
N TYR T 32 -78.40 1.72 -1.75
CA TYR T 32 -77.21 0.98 -1.31
C TYR T 32 -76.17 1.85 -0.58
N ALA T 33 -76.39 3.16 -0.45
CA ALA T 33 -75.33 4.01 0.08
C ALA T 33 -75.63 4.67 1.41
N ILE T 34 -76.78 5.35 1.50
CA ILE T 34 -77.07 6.28 2.60
C ILE T 34 -77.16 5.54 3.93
N GLN T 35 -76.40 6.01 4.91
CA GLN T 35 -76.35 5.39 6.24
C GLN T 35 -77.58 5.76 7.04
N SER T 36 -77.81 7.05 7.24
CA SER T 36 -79.02 7.51 7.93
C SER T 36 -80.23 7.36 7.01
N ARG T 37 -81.22 6.60 7.45
CA ARG T 37 -82.45 6.40 6.70
C ARG T 37 -83.68 6.92 7.43
N GLY T 38 -83.60 7.14 8.74
CA GLY T 38 -84.74 7.65 9.49
C GLY T 38 -84.96 9.14 9.30
N LYS T 39 -84.06 9.82 8.61
CA LYS T 39 -84.25 11.24 8.32
C LYS T 39 -85.33 11.42 7.28
N GLY T 40 -86.03 12.56 7.35
CA GLY T 40 -87.09 12.87 6.43
C GLY T 40 -88.17 13.74 7.02
N PHE T 54 -88.21 5.78 1.36
CA PHE T 54 -87.23 6.79 1.76
C PHE T 54 -87.89 8.18 1.81
N GLY T 55 -87.43 9.00 2.75
CA GLY T 55 -88.03 10.30 2.98
C GLY T 55 -87.74 11.32 1.91
N LEU T 56 -88.36 12.50 2.04
CA LEU T 56 -88.21 13.63 1.13
C LEU T 56 -86.76 14.06 1.05
N PRO T 57 -86.05 14.11 2.17
CA PRO T 57 -84.60 14.42 2.14
C PRO T 57 -83.78 13.43 1.33
N GLU T 58 -84.15 12.15 1.40
CA GLU T 58 -83.44 11.14 0.62
C GLU T 58 -83.87 11.17 -0.84
N LEU T 59 -85.14 11.48 -1.10
CA LEU T 59 -85.65 11.58 -2.47
C LEU T 59 -85.00 12.73 -3.22
N LEU T 60 -84.87 13.88 -2.54
CA LEU T 60 -84.20 15.03 -3.13
C LEU T 60 -82.73 14.74 -3.41
N ALA T 61 -82.07 14.03 -2.49
CA ALA T 61 -80.66 13.69 -2.65
C ALA T 61 -80.47 12.73 -3.83
N THR T 62 -81.32 11.70 -3.92
CA THR T 62 -81.24 10.73 -5.01
C THR T 62 -81.51 11.38 -6.36
N THR T 63 -82.53 12.23 -6.43
CA THR T 63 -82.82 12.97 -7.66
C THR T 63 -81.71 13.94 -8.03
N SER T 64 -81.10 14.62 -7.07
CA SER T 64 -80.01 15.56 -7.35
C SER T 64 -78.76 14.84 -7.86
N PHE T 65 -78.40 13.71 -7.23
CA PHE T 65 -77.29 12.92 -7.74
C PHE T 65 -77.58 12.33 -9.11
N GLY T 66 -78.83 11.94 -9.35
CA GLY T 66 -79.23 11.48 -10.66
C GLY T 66 -79.11 12.57 -11.70
N HIS T 67 -79.49 13.79 -11.34
CA HIS T 67 -79.36 14.95 -12.22
C HIS T 67 -77.89 15.25 -12.52
N LEU T 68 -77.03 15.15 -11.51
CA LEU T 68 -75.59 15.40 -11.70
C LEU T 68 -74.93 14.35 -12.60
N LEU T 69 -75.17 13.08 -12.30
CA LEU T 69 -74.61 12.01 -13.13
C LEU T 69 -75.22 12.04 -14.53
N ALA T 70 -76.48 12.46 -14.62
CA ALA T 70 -77.12 12.66 -15.92
C ALA T 70 -76.45 13.77 -16.70
N ALA T 71 -76.10 14.87 -16.03
CA ALA T 71 -75.42 15.99 -16.66
C ALA T 71 -74.06 15.58 -17.19
N GLY T 72 -73.34 14.79 -16.41
CA GLY T 72 -72.07 14.25 -16.87
C GLY T 72 -72.20 13.31 -18.06
N VAL T 73 -73.10 12.33 -17.93
CA VAL T 73 -73.25 11.28 -18.95
C VAL T 73 -73.81 11.84 -20.24
N VAL T 74 -74.71 12.83 -20.15
CA VAL T 74 -75.36 13.41 -21.32
C VAL T 74 -74.36 14.19 -22.14
N SER T 75 -73.55 15.03 -21.47
CA SER T 75 -72.50 15.79 -22.14
C SER T 75 -71.50 14.84 -22.78
N GLY T 76 -71.10 13.81 -22.04
CA GLY T 76 -70.18 12.83 -22.57
C GLY T 76 -70.70 12.03 -23.76
N LEU T 77 -71.94 11.56 -23.69
CA LEU T 77 -72.56 10.78 -24.75
C LEU T 77 -72.81 11.64 -25.98
N GLN T 78 -73.44 12.81 -25.81
CA GLN T 78 -73.59 13.71 -26.93
C GLN T 78 -72.43 14.70 -26.98
N TYR T 79 -71.21 14.18 -26.80
CA TYR T 79 -69.99 14.82 -27.29
C TYR T 79 -69.08 13.73 -27.84
N SER T 80 -69.51 12.48 -27.71
CA SER T 80 -68.69 11.32 -28.07
C SER T 80 -68.59 11.15 -29.58
N GLU U 4 -46.89 -0.76 14.96
CA GLU U 4 -45.93 -1.85 15.10
C GLU U 4 -44.74 -1.69 14.16
N LEU U 5 -44.90 -0.91 13.10
CA LEU U 5 -43.73 -0.53 12.32
C LEU U 5 -42.85 0.45 13.09
N VAL U 6 -43.44 1.44 13.73
CA VAL U 6 -42.69 2.41 14.53
C VAL U 6 -42.97 2.11 15.99
N LYS U 7 -41.91 1.80 16.72
CA LYS U 7 -41.99 1.31 18.09
C LYS U 7 -40.83 1.90 18.87
N PRO U 8 -40.76 1.74 20.20
CA PRO U 8 -39.56 2.11 20.94
C PRO U 8 -38.32 1.36 20.44
N TYR U 9 -37.19 2.05 20.48
CA TYR U 9 -35.94 1.49 19.97
C TYR U 9 -35.31 0.57 21.00
N ASN U 10 -35.10 -0.69 20.60
CA ASN U 10 -34.77 -1.83 21.46
C ASN U 10 -35.74 -1.97 22.62
N GLY U 11 -37.02 -1.75 22.36
CA GLY U 11 -38.07 -1.89 23.35
C GLY U 11 -38.00 -0.92 24.51
N ASP U 12 -37.18 0.13 24.42
CA ASP U 12 -37.01 1.07 25.50
C ASP U 12 -37.80 2.32 25.12
N PRO U 13 -38.90 2.62 25.83
CA PRO U 13 -39.71 3.80 25.49
C PRO U 13 -39.05 5.11 25.85
N PHE U 14 -37.98 5.08 26.66
CA PHE U 14 -37.32 6.30 27.08
C PHE U 14 -36.03 6.58 26.31
N ALA U 15 -35.62 5.70 25.42
CA ALA U 15 -34.45 5.97 24.59
C ALA U 15 -34.77 7.05 23.56
N GLY U 16 -33.75 7.86 23.24
CA GLY U 16 -33.94 8.94 22.29
C GLY U 16 -33.80 8.47 20.86
N HIS U 17 -34.66 7.55 20.45
CA HIS U 17 -34.63 6.95 19.12
C HIS U 17 -35.98 6.30 18.89
N LEU U 18 -36.29 6.04 17.62
CA LEU U 18 -37.52 5.35 17.26
C LEU U 18 -37.18 4.25 16.27
N SER U 19 -37.53 3.02 16.64
CA SER U 19 -37.32 1.87 15.77
C SER U 19 -38.34 1.94 14.64
N THR U 20 -37.88 2.40 13.49
CA THR U 20 -38.67 2.57 12.28
C THR U 20 -38.12 1.66 11.18
N PRO U 21 -38.88 1.44 10.10
CA PRO U 21 -38.33 0.64 8.99
C PRO U 21 -37.19 1.31 8.22
N ILE U 22 -36.80 2.52 8.60
CA ILE U 22 -35.50 3.04 8.18
C ILE U 22 -34.45 2.80 9.27
N SER U 23 -34.81 2.95 10.54
CA SER U 23 -33.83 2.82 11.61
C SER U 23 -33.69 1.39 12.15
N ASP U 24 -34.63 0.49 11.84
CA ASP U 24 -34.64 -0.81 12.49
C ASP U 24 -34.90 -2.00 11.56
N SER U 25 -35.37 -1.78 10.33
CA SER U 25 -35.76 -2.89 9.45
C SER U 25 -34.58 -3.78 9.10
N GLY U 26 -34.87 -5.06 8.84
CA GLY U 26 -33.84 -6.07 8.78
C GLY U 26 -32.87 -5.91 7.62
N LEU U 27 -33.36 -5.47 6.46
CA LEU U 27 -32.49 -5.23 5.32
C LEU U 27 -31.49 -4.11 5.61
N VAL U 28 -32.00 -2.99 6.14
CA VAL U 28 -31.15 -1.87 6.50
C VAL U 28 -30.19 -2.25 7.63
N LYS U 29 -30.71 -3.01 8.61
CA LYS U 29 -29.90 -3.42 9.75
C LYS U 29 -28.73 -4.31 9.33
N THR U 30 -28.99 -5.33 8.51
CA THR U 30 -27.89 -6.21 8.11
C THR U 30 -26.98 -5.53 7.10
N PHE U 31 -27.50 -4.58 6.31
CA PHE U 31 -26.64 -3.86 5.38
C PHE U 31 -25.67 -2.95 6.12
N ILE U 32 -26.16 -2.24 7.14
CA ILE U 32 -25.31 -1.38 7.95
C ILE U 32 -24.32 -2.21 8.77
N SER U 33 -24.79 -3.29 9.39
CA SER U 33 -23.92 -4.17 10.15
C SER U 33 -22.88 -4.87 9.29
N ASN U 34 -23.13 -5.07 8.00
CA ASN U 34 -22.18 -5.75 7.14
C ASN U 34 -21.31 -4.78 6.35
N LEU U 35 -21.47 -3.47 6.57
CA LEU U 35 -20.50 -2.50 6.10
C LEU U 35 -19.17 -2.72 6.81
N PRO U 36 -18.03 -2.37 6.19
CA PRO U 36 -16.74 -2.72 6.79
C PRO U 36 -16.45 -2.07 8.13
N ALA U 37 -17.11 -0.97 8.47
CA ALA U 37 -16.98 -0.40 9.80
C ALA U 37 -17.57 -1.29 10.88
N TYR U 38 -18.66 -1.99 10.58
CA TYR U 38 -19.41 -2.75 11.57
C TYR U 38 -19.32 -4.26 11.41
N ARG U 39 -18.70 -4.76 10.35
CA ARG U 39 -18.68 -6.20 10.06
C ARG U 39 -17.90 -6.98 11.11
N GLN U 40 -18.50 -8.03 11.66
CA GLN U 40 -17.88 -8.79 12.75
C GLN U 40 -16.72 -9.63 12.24
N GLY U 41 -15.66 -9.66 13.04
CA GLY U 41 -14.49 -10.48 12.76
C GLY U 41 -13.45 -9.82 11.87
N LEU U 42 -13.74 -8.62 11.39
CA LEU U 42 -12.74 -7.87 10.63
C LEU U 42 -11.79 -7.15 11.57
N SER U 43 -10.48 -7.37 11.37
CA SER U 43 -9.54 -6.53 12.09
C SER U 43 -9.56 -5.12 11.52
N PRO U 44 -9.22 -4.09 12.34
CA PRO U 44 -9.35 -2.69 11.90
C PRO U 44 -8.57 -2.30 10.66
N ILE U 45 -7.45 -2.97 10.39
CA ILE U 45 -6.66 -2.65 9.20
C ILE U 45 -7.43 -3.00 7.92
N LEU U 46 -8.12 -4.13 7.90
CA LEU U 46 -8.91 -4.48 6.72
C LEU U 46 -10.15 -3.61 6.59
N ARG U 47 -10.74 -3.20 7.72
CA ARG U 47 -11.83 -2.24 7.70
C ARG U 47 -11.39 -0.94 7.06
N GLY U 48 -10.24 -0.43 7.50
CA GLY U 48 -9.70 0.78 6.91
C GLY U 48 -9.36 0.61 5.45
N LEU U 49 -8.85 -0.57 5.09
CA LEU U 49 -8.50 -0.86 3.70
C LEU U 49 -9.70 -0.75 2.79
N GLU U 50 -10.80 -1.42 3.16
CA GLU U 50 -12.00 -1.40 2.34
C GLU U 50 -12.66 -0.02 2.31
N VAL U 51 -12.74 0.63 3.48
CA VAL U 51 -13.33 1.97 3.58
C VAL U 51 -12.53 2.97 2.74
N GLY U 52 -11.20 2.93 2.86
CA GLY U 52 -10.36 3.81 2.09
C GLY U 52 -10.43 3.55 0.62
N MET U 53 -10.45 2.27 0.22
CA MET U 53 -10.57 1.92 -1.19
C MET U 53 -11.81 2.55 -1.81
N ALA U 54 -12.95 2.39 -1.13
CA ALA U 54 -14.20 2.97 -1.62
C ALA U 54 -14.14 4.49 -1.67
N HIS U 55 -13.56 5.13 -0.65
CA HIS U 55 -13.55 6.59 -0.62
C HIS U 55 -12.57 7.20 -1.62
N GLY U 56 -11.36 6.63 -1.68
CA GLY U 56 -10.35 7.14 -2.58
C GLY U 56 -10.73 6.95 -4.03
N TYR U 57 -11.42 5.84 -4.34
CA TYR U 57 -11.81 5.58 -5.73
C TYR U 57 -12.74 6.65 -6.27
N PHE U 58 -13.69 7.11 -5.48
CA PHE U 58 -14.61 8.12 -5.97
C PHE U 58 -14.15 9.54 -5.68
N LEU U 59 -13.11 9.72 -4.87
CA LEU U 59 -12.76 11.07 -4.43
C LEU U 59 -12.23 11.97 -5.55
N ILE U 60 -11.48 11.41 -6.50
CA ILE U 60 -10.85 12.26 -7.51
C ILE U 60 -11.82 12.64 -8.63
N GLY U 61 -12.96 11.98 -8.72
CA GLY U 61 -13.94 12.21 -9.77
C GLY U 61 -14.47 13.62 -9.93
N PRO U 62 -14.88 14.28 -8.82
CA PRO U 62 -15.29 15.69 -8.90
C PRO U 62 -14.25 16.63 -9.49
N TRP U 63 -12.97 16.47 -9.17
CA TRP U 63 -11.96 17.33 -9.77
C TRP U 63 -11.65 16.92 -11.20
N VAL U 64 -11.75 15.63 -11.52
CA VAL U 64 -11.49 15.16 -12.87
C VAL U 64 -12.50 15.74 -13.85
N LYS U 65 -13.79 15.68 -13.52
CA LYS U 65 -14.80 16.20 -14.43
C LYS U 65 -15.25 17.62 -14.14
N LEU U 66 -14.76 18.24 -13.07
CA LEU U 66 -15.27 19.55 -12.67
C LEU U 66 -14.19 20.54 -12.24
N GLY U 67 -12.96 20.09 -12.04
CA GLY U 67 -11.93 20.95 -11.50
C GLY U 67 -11.36 21.92 -12.50
N PRO U 68 -10.35 22.69 -12.09
CA PRO U 68 -9.77 23.70 -13.00
C PRO U 68 -9.03 23.10 -14.19
N LEU U 69 -8.68 21.83 -14.13
CA LEU U 69 -7.93 21.17 -15.20
C LEU U 69 -8.84 20.31 -16.08
N ARG U 70 -10.16 20.46 -15.95
CA ARG U 70 -11.09 19.61 -16.68
C ARG U 70 -11.07 19.90 -18.18
N ASP U 71 -10.75 21.14 -18.57
CA ASP U 71 -10.65 21.50 -19.98
C ASP U 71 -9.19 21.57 -20.42
N SER U 72 -8.47 20.47 -20.31
CA SER U 72 -7.05 20.42 -20.63
C SER U 72 -6.67 18.99 -20.91
N ASP U 73 -5.38 18.75 -21.14
CA ASP U 73 -4.87 17.41 -21.43
C ASP U 73 -4.56 16.62 -20.16
N VAL U 74 -4.61 17.26 -19.00
CA VAL U 74 -4.08 16.70 -17.76
C VAL U 74 -5.19 16.65 -16.70
N ALA U 75 -6.42 16.41 -17.12
CA ALA U 75 -7.57 16.44 -16.21
C ALA U 75 -7.47 15.35 -15.14
N ASN U 76 -7.15 14.12 -15.56
CA ASN U 76 -6.98 13.02 -14.62
C ASN U 76 -5.80 13.28 -13.68
N LEU U 77 -4.75 13.91 -14.19
CA LEU U 77 -3.60 14.31 -13.39
C LEU U 77 -3.97 15.28 -12.28
N GLY U 78 -4.68 16.35 -12.61
CA GLY U 78 -5.08 17.32 -11.60
C GLY U 78 -6.07 16.72 -10.60
N GLY U 79 -6.98 15.88 -11.10
CA GLY U 79 -7.91 15.21 -10.20
C GLY U 79 -7.21 14.28 -9.23
N LEU U 80 -6.20 13.57 -9.71
CA LEU U 80 -5.46 12.66 -8.84
C LEU U 80 -4.65 13.43 -7.81
N ILE U 81 -4.00 14.53 -8.23
CA ILE U 81 -3.21 15.32 -7.29
C ILE U 81 -4.10 15.90 -6.19
N SER U 82 -5.27 16.44 -6.57
CA SER U 82 -6.19 16.99 -5.59
C SER U 82 -6.74 15.89 -4.66
N GLY U 83 -7.02 14.71 -5.23
CA GLY U 83 -7.53 13.61 -4.41
C GLY U 83 -6.51 13.11 -3.42
N ILE U 84 -5.24 12.99 -3.85
CA ILE U 84 -4.14 12.63 -2.96
C ILE U 84 -3.96 13.64 -1.84
N THR U 85 -4.05 14.92 -2.15
CA THR U 85 -3.87 15.91 -1.10
C THR U 85 -5.03 15.90 -0.11
N LEU U 86 -6.26 15.75 -0.62
CA LEU U 86 -7.42 15.62 0.25
C LEU U 86 -7.36 14.36 1.11
N ILE U 87 -6.88 13.26 0.54
CA ILE U 87 -6.74 12.02 1.31
C ILE U 87 -5.64 12.15 2.35
N LEU U 88 -4.56 12.88 2.05
CA LEU U 88 -3.53 13.16 3.06
C LEU U 88 -4.12 13.92 4.24
N LEU U 89 -4.94 14.94 3.95
CA LEU U 89 -5.60 15.67 5.03
C LEU U 89 -6.62 14.80 5.76
N ALA U 90 -7.27 13.88 5.05
CA ALA U 90 -8.23 12.98 5.67
C ALA U 90 -7.56 11.99 6.62
N THR U 91 -6.42 11.44 6.19
CA THR U 91 -5.64 10.54 7.04
C THR U 91 -5.09 11.29 8.24
N ALA U 92 -4.66 12.54 8.04
CA ALA U 92 -4.22 13.38 9.15
C ALA U 92 -5.35 13.63 10.15
N CYS U 93 -6.57 13.87 9.64
CA CYS U 93 -7.72 14.08 10.50
C CYS U 93 -8.04 12.82 11.31
N LEU U 94 -7.99 11.65 10.65
CA LEU U 94 -8.24 10.39 11.33
C LEU U 94 -7.21 10.12 12.42
N ALA U 95 -5.93 10.35 12.11
CA ALA U 95 -4.87 10.07 13.07
C ALA U 95 -4.89 11.05 14.23
N ALA U 96 -5.22 12.32 13.98
CA ALA U 96 -5.36 13.30 15.05
C ALA U 96 -6.56 12.98 15.94
N TYR U 97 -7.68 12.57 15.33
CA TYR U 97 -8.84 12.12 16.10
C TYR U 97 -8.47 10.95 16.99
N GLY U 98 -7.73 9.97 16.46
CA GLY U 98 -7.30 8.85 17.26
C GLY U 98 -6.36 9.22 18.38
N LEU U 99 -5.49 10.21 18.15
CA LEU U 99 -4.61 10.69 19.20
C LEU U 99 -5.37 11.37 20.33
N VAL U 100 -6.36 12.19 20.02
CA VAL U 100 -7.03 12.94 21.08
C VAL U 100 -8.11 12.10 21.77
N SER U 101 -8.76 11.19 21.03
CA SER U 101 -9.99 10.57 21.50
C SER U 101 -9.75 9.39 22.42
N PHE U 102 -8.64 8.68 22.26
CA PHE U 102 -8.41 7.41 22.93
C PHE U 102 -7.19 7.49 23.84
N GLN U 103 -6.86 8.68 24.32
CA GLN U 103 -5.77 8.83 25.29
C GLN U 103 -6.17 8.36 26.68
N LYS U 104 -7.44 8.03 26.88
CA LYS U 104 -8.00 7.43 28.09
C LYS U 104 -7.74 5.93 28.02
N ALA U 105 -8.06 5.15 29.06
CA ALA U 105 -7.85 3.71 29.10
C ALA U 105 -8.68 2.95 28.05
N SER U 106 -8.48 1.64 27.97
CA SER U 106 -8.98 0.87 26.84
C SER U 106 -10.18 0.03 27.25
N SER U 107 -10.96 -0.36 26.25
CA SER U 107 -12.12 -1.22 26.44
C SER U 107 -11.84 -2.60 25.88
N SER U 108 -12.41 -3.63 26.51
CA SER U 108 -12.32 -4.99 26.00
C SER U 108 -13.33 -5.27 24.89
N GLY U 109 -14.12 -4.28 24.50
CA GLY U 109 -15.14 -4.45 23.50
C GLY U 109 -14.59 -4.23 22.12
N ASP U 110 -15.09 -3.18 21.44
CA ASP U 110 -14.69 -2.91 20.07
C ASP U 110 -13.23 -2.51 19.99
N ALA U 111 -12.56 -3.01 18.94
CA ALA U 111 -11.22 -2.56 18.62
C ALA U 111 -11.18 -1.17 18.04
N LEU U 112 -12.27 -0.72 17.42
CA LEU U 112 -12.35 0.61 16.82
C LEU U 112 -12.62 1.71 17.84
N LYS U 113 -12.73 1.39 19.12
CA LYS U 113 -12.79 2.39 20.18
C LYS U 113 -11.52 2.33 21.02
N THR U 114 -10.44 1.88 20.41
CA THR U 114 -9.14 1.74 21.03
C THR U 114 -8.15 2.53 20.18
N GLY U 115 -7.15 3.12 20.83
CA GLY U 115 -6.13 3.86 20.10
C GLY U 115 -5.36 3.02 19.12
N GLU U 116 -5.01 1.78 19.51
CA GLU U 116 -4.31 0.88 18.60
C GLU U 116 -5.21 0.50 17.43
N GLY U 117 -6.48 0.19 17.70
CA GLY U 117 -7.38 -0.18 16.64
C GLY U 117 -7.72 0.97 15.71
N TRP U 118 -7.91 2.17 16.25
CA TRP U 118 -8.14 3.32 15.40
C TRP U 118 -6.90 3.68 14.58
N SER U 119 -5.70 3.45 15.13
CA SER U 119 -4.48 3.66 14.34
C SER U 119 -4.36 2.64 13.21
N GLN U 120 -4.72 1.38 13.47
CA GLN U 120 -4.77 0.39 12.40
C GLN U 120 -5.78 0.77 11.33
N PHE U 121 -6.95 1.25 11.77
CA PHE U 121 -7.97 1.73 10.84
C PHE U 121 -7.47 2.90 10.02
N THR U 122 -6.72 3.80 10.66
CA THR U 122 -6.17 4.97 9.99
C THR U 122 -5.15 4.58 8.91
N ALA U 123 -4.25 3.65 9.25
CA ALA U 123 -3.26 3.19 8.29
C ALA U 123 -3.92 2.46 7.13
N GLY U 124 -4.90 1.61 7.44
CA GLY U 124 -5.64 0.92 6.38
C GLY U 124 -6.39 1.89 5.50
N PHE U 125 -6.96 2.94 6.10
CA PHE U 125 -7.64 3.97 5.34
C PHE U 125 -6.69 4.67 4.39
N PHE U 126 -5.49 5.02 4.89
CA PHE U 126 -4.51 5.71 4.05
C PHE U 126 -4.14 4.86 2.84
N VAL U 127 -3.80 3.59 3.08
CA VAL U 127 -3.35 2.72 1.99
C VAL U 127 -4.49 2.48 1.00
N GLY U 128 -5.68 2.15 1.52
CA GLY U 128 -6.82 1.92 0.64
C GLY U 128 -7.21 3.15 -0.16
N ALA U 129 -7.11 4.33 0.46
CA ALA U 129 -7.59 5.54 -0.21
C ALA U 129 -6.61 6.02 -1.26
N MET U 130 -5.31 5.96 -0.97
CA MET U 130 -4.32 6.25 -2.00
C MET U 130 -4.39 5.25 -3.15
N GLY U 131 -4.58 3.97 -2.82
CA GLY U 131 -4.71 2.97 -3.87
C GLY U 131 -5.95 3.20 -4.73
N GLY U 132 -7.08 3.51 -4.11
CA GLY U 132 -8.32 3.71 -4.85
C GLY U 132 -8.26 4.95 -5.73
N ALA U 133 -7.70 6.04 -5.22
CA ALA U 133 -7.50 7.23 -6.03
C ALA U 133 -6.59 6.94 -7.21
N PHE U 134 -5.50 6.20 -6.98
CA PHE U 134 -4.58 5.91 -8.07
C PHE U 134 -5.19 4.99 -9.13
N VAL U 135 -5.97 3.97 -8.74
CA VAL U 135 -6.51 3.07 -9.76
C VAL U 135 -7.61 3.79 -10.54
N ALA U 136 -8.36 4.68 -9.86
CA ALA U 136 -9.34 5.50 -10.56
C ALA U 136 -8.66 6.40 -11.58
N PHE U 137 -7.54 7.03 -11.20
CA PHE U 137 -6.76 7.82 -12.15
C PHE U 137 -6.22 6.97 -13.28
N PHE U 138 -5.80 5.75 -12.95
CA PHE U 138 -5.18 4.89 -13.95
C PHE U 138 -6.19 4.43 -14.99
N LEU U 139 -7.40 4.07 -14.54
CA LEU U 139 -8.45 3.70 -15.47
C LEU U 139 -8.91 4.89 -16.29
N LEU U 140 -9.01 6.07 -15.65
CA LEU U 140 -9.39 7.28 -16.38
C LEU U 140 -8.34 7.69 -17.41
N GLU U 141 -7.06 7.57 -17.07
CA GLU U 141 -5.98 7.95 -17.98
C GLU U 141 -5.82 6.96 -19.12
N ASN U 142 -6.23 5.71 -18.91
CA ASN U 142 -6.19 4.69 -19.96
C ASN U 142 -7.60 4.29 -20.39
N PHE U 143 -8.52 5.26 -20.44
CA PHE U 143 -9.89 4.96 -20.82
C PHE U 143 -10.00 4.54 -22.28
N ALA U 144 -9.04 4.99 -23.10
CA ALA U 144 -8.97 4.48 -24.48
C ALA U 144 -8.68 2.99 -24.49
N VAL U 145 -7.76 2.54 -23.64
CA VAL U 145 -7.39 1.13 -23.60
C VAL U 145 -8.52 0.30 -23.02
N VAL U 146 -9.15 0.78 -21.95
CA VAL U 146 -10.27 0.07 -21.34
C VAL U 146 -11.44 -0.01 -22.32
N ASP U 147 -11.74 1.11 -22.98
CA ASP U 147 -12.82 1.17 -23.95
C ASP U 147 -12.58 0.22 -25.12
N GLY U 148 -11.33 0.14 -25.59
CA GLY U 148 -11.00 -0.82 -26.64
C GLY U 148 -11.06 -2.26 -26.16
N ILE U 149 -10.79 -2.47 -24.87
CA ILE U 149 -10.91 -3.80 -24.29
C ILE U 149 -12.36 -4.28 -24.32
N MET U 150 -13.29 -3.40 -23.92
CA MET U 150 -14.69 -3.82 -23.94
C MET U 150 -15.29 -3.82 -25.34
N LYS U 151 -14.76 -3.02 -26.27
CA LYS U 151 -15.28 -2.98 -27.62
C LYS U 151 -14.68 -4.05 -28.52
N GLY U 152 -13.72 -4.82 -28.03
CA GLY U 152 -13.04 -5.79 -28.87
C GLY U 152 -12.24 -5.16 -29.99
N LEU U 153 -11.63 -3.99 -29.74
CA LEU U 153 -10.80 -3.31 -30.71
C LEU U 153 -9.38 -3.83 -30.74
N PHE U 154 -9.04 -4.73 -29.83
CA PHE U 154 -7.73 -5.36 -29.78
C PHE U 154 -7.78 -6.80 -30.27
N ASN U 155 -8.94 -7.26 -30.71
CA ASN U 155 -9.09 -8.60 -31.25
C ASN U 155 -9.03 -8.56 -32.77
N MET V 1 19.65 50.17 -7.57
CA MET V 1 19.71 48.77 -8.03
C MET V 1 18.55 47.96 -7.47
N ALA V 2 18.23 46.87 -8.16
CA ALA V 2 17.27 45.88 -7.68
C ALA V 2 18.00 44.86 -6.81
N LEU V 3 17.26 44.29 -5.86
CA LEU V 3 17.83 43.37 -4.89
C LEU V 3 18.35 42.12 -5.59
N THR V 4 19.39 41.52 -5.02
CA THR V 4 19.91 40.28 -5.56
C THR V 4 19.35 39.10 -4.79
N ASP V 5 19.56 37.90 -5.33
CA ASP V 5 19.07 36.68 -4.68
C ASP V 5 19.73 36.48 -3.32
N THR V 6 21.02 36.78 -3.23
CA THR V 6 21.76 36.63 -1.97
C THR V 6 21.24 37.56 -0.89
N GLN V 7 20.74 38.74 -1.26
CA GLN V 7 20.19 39.63 -0.24
C GLN V 7 18.87 39.10 0.31
N VAL V 8 18.06 38.45 -0.55
CA VAL V 8 16.84 37.81 -0.09
C VAL V 8 17.17 36.62 0.82
N TYR V 9 18.18 35.84 0.45
CA TYR V 9 18.61 34.71 1.27
C TYR V 9 19.16 35.19 2.61
N ILE V 10 19.92 36.29 2.60
CA ILE V 10 20.48 36.85 3.82
C ILE V 10 19.37 37.37 4.72
N ALA V 11 18.35 37.99 4.14
CA ALA V 11 17.21 38.46 4.91
C ALA V 11 16.46 37.30 5.55
N LEU V 12 16.29 36.19 4.81
CA LEU V 12 15.68 34.98 5.38
C LEU V 12 16.49 34.44 6.56
N VAL V 13 17.81 34.34 6.37
CA VAL V 13 18.68 33.75 7.40
C VAL V 13 18.72 34.65 8.63
N ILE V 14 18.72 35.96 8.43
CA ILE V 14 18.78 36.91 9.56
C ILE V 14 17.46 36.89 10.32
N ALA V 15 16.34 36.86 9.58
CA ALA V 15 15.02 36.79 10.23
C ALA V 15 14.77 35.44 10.90
N LEU V 16 15.57 34.42 10.58
CA LEU V 16 15.50 33.15 11.32
C LEU V 16 15.89 33.31 12.80
N LEU V 17 16.58 34.40 13.17
CA LEU V 17 16.92 34.60 14.58
C LEU V 17 15.77 35.18 15.40
N PRO V 18 15.00 36.22 14.93
CA PRO V 18 13.78 36.59 15.67
C PRO V 18 12.74 35.49 15.73
N ALA V 19 12.80 34.50 14.83
CA ALA V 19 11.94 33.32 14.95
C ALA V 19 12.17 32.61 16.28
N VAL V 20 13.42 32.26 16.57
CA VAL V 20 13.70 31.54 17.82
C VAL V 20 13.58 32.48 19.01
N LEU V 21 13.78 33.79 18.81
CA LEU V 21 13.66 34.70 19.93
C LEU V 21 12.19 34.90 20.33
N ALA V 22 11.30 35.02 19.35
CA ALA V 22 9.88 35.08 19.62
C ALA V 22 9.36 33.77 20.17
N PHE V 23 9.91 32.65 19.69
CA PHE V 23 9.55 31.35 20.24
C PHE V 23 9.94 31.25 21.72
N ARG V 24 11.14 31.73 22.06
CA ARG V 24 11.60 31.68 23.45
C ARG V 24 10.77 32.62 24.33
N LEU V 25 10.43 33.79 23.80
CA LEU V 25 9.59 34.73 24.55
C LEU V 25 8.20 34.15 24.79
N SER V 26 7.61 33.49 23.78
CA SER V 26 6.30 32.89 23.96
C SER V 26 6.35 31.70 24.91
N ALA V 27 7.46 30.94 24.89
CA ALA V 27 7.60 29.82 25.81
C ALA V 27 7.78 30.31 27.24
N GLU V 28 8.46 31.46 27.42
CA GLU V 28 8.67 31.96 28.77
C GLU V 28 7.42 32.65 29.30
N LEU V 29 6.66 33.27 28.41
CA LEU V 29 5.38 33.85 28.81
C LEU V 29 4.30 32.79 29.02
N TYR V 30 4.47 31.61 28.43
CA TYR V 30 3.54 30.52 28.72
C TYR V 30 3.76 29.97 30.12
N LYS V 31 5.03 29.87 30.54
CA LYS V 31 5.39 29.38 31.86
C LYS V 31 4.81 30.25 32.98
N THR W 9 -22.21 80.95 48.59
CA THR W 9 -21.50 82.21 48.33
C THR W 9 -20.93 82.22 46.92
N TYR W 10 -20.26 81.12 46.54
CA TYR W 10 -19.75 80.86 45.19
C TYR W 10 -18.77 81.94 44.72
N THR W 11 -17.61 82.03 45.37
CA THR W 11 -16.60 83.03 45.02
C THR W 11 -15.68 82.55 43.91
N PHE W 12 -15.03 81.41 44.11
CA PHE W 12 -14.09 80.80 43.17
C PHE W 12 -14.75 80.51 41.82
N ARG W 13 -15.91 79.84 41.89
CA ARG W 13 -16.55 79.29 40.70
C ARG W 13 -17.01 80.39 39.76
N THR W 14 -17.64 81.43 40.33
CA THR W 14 -18.13 82.54 39.51
C THR W 14 -16.98 83.35 38.92
N PHE W 15 -15.87 83.47 39.65
CA PHE W 15 -14.68 84.15 39.14
C PHE W 15 -14.12 83.43 37.92
N TRP W 16 -13.97 82.11 38.00
CA TRP W 16 -13.41 81.39 36.86
C TRP W 16 -14.38 81.33 35.69
N ALA W 17 -15.67 81.19 35.97
CA ALA W 17 -16.68 81.20 34.91
C ALA W 17 -16.73 82.56 34.23
N VAL W 18 -16.59 83.64 35.00
CA VAL W 18 -16.57 84.99 34.45
C VAL W 18 -15.32 85.22 33.63
N LEU W 19 -14.19 84.66 34.06
CA LEU W 19 -12.95 84.75 33.28
C LEU W 19 -13.10 84.06 31.92
N LEU W 20 -13.69 82.86 31.92
CA LEU W 20 -13.96 82.15 30.67
C LEU W 20 -14.92 82.91 29.78
N LEU W 21 -15.98 83.46 30.39
CA LEU W 21 -16.95 84.25 29.64
C LEU W 21 -16.34 85.54 29.11
N ALA W 22 -15.37 86.09 29.82
CA ALA W 22 -14.68 87.29 29.37
C ALA W 22 -13.79 86.98 28.18
N ILE W 23 -13.16 85.80 28.18
CA ILE W 23 -12.41 85.36 27.01
C ILE W 23 -13.34 85.17 25.82
N ASN W 24 -14.53 84.60 26.08
CA ASN W 24 -15.56 84.45 25.06
C ASN W 24 -15.99 85.79 24.48
N PHE W 25 -16.24 86.77 25.34
CA PHE W 25 -16.67 88.08 24.87
C PHE W 25 -15.53 88.87 24.22
N LEU W 26 -14.28 88.56 24.56
CA LEU W 26 -13.15 89.12 23.83
C LEU W 26 -13.09 88.61 22.41
N VAL W 27 -13.27 87.29 22.23
CA VAL W 27 -13.34 86.74 20.88
C VAL W 27 -14.58 87.27 20.14
N ALA W 28 -15.67 87.53 20.87
CA ALA W 28 -16.84 88.15 20.25
C ALA W 28 -16.56 89.59 19.82
N ALA W 29 -15.81 90.33 20.62
CA ALA W 29 -15.43 91.70 20.26
C ALA W 29 -14.54 91.70 19.02
N TYR W 30 -13.67 90.69 18.90
CA TYR W 30 -12.96 90.48 17.65
C TYR W 30 -13.92 90.16 16.51
N TYR W 31 -14.96 89.37 16.80
CA TYR W 31 -15.86 88.89 15.75
C TYR W 31 -16.68 90.01 15.12
N PHE W 32 -17.28 90.85 15.95
CA PHE W 32 -18.19 91.88 15.45
C PHE W 32 -17.46 93.15 15.02
N GLY W 33 -16.14 93.20 15.14
CA GLY W 33 -15.36 94.35 14.73
C GLY W 33 -15.12 95.41 15.78
N ILE W 34 -15.48 95.13 17.03
CA ILE W 34 -15.16 96.00 18.15
C ILE W 34 -13.65 96.01 18.35
N LEU W 35 -13.03 94.84 18.31
CA LEU W 35 -11.58 94.74 18.43
C LEU W 35 -10.96 94.20 17.14
N THR X 9 -72.82 -61.12 -17.04
CA THR X 9 -73.55 -61.45 -18.27
C THR X 9 -73.21 -60.51 -19.41
N TYR X 10 -72.48 -59.43 -19.10
CA TYR X 10 -71.85 -58.53 -20.06
C TYR X 10 -72.84 -57.88 -21.02
N THR X 11 -73.70 -56.98 -20.53
CA THR X 11 -74.65 -56.33 -21.42
C THR X 11 -74.27 -54.88 -21.76
N PHE X 12 -73.87 -54.09 -20.76
CA PHE X 12 -73.53 -52.68 -20.95
C PHE X 12 -72.27 -52.51 -21.80
N ARG X 13 -71.22 -53.22 -21.40
CA ARG X 13 -69.91 -53.14 -22.06
C ARG X 13 -70.02 -53.64 -23.49
N THR X 14 -70.83 -54.69 -23.69
CA THR X 14 -71.07 -55.22 -25.04
C THR X 14 -71.75 -54.18 -25.92
N PHE X 15 -72.75 -53.47 -25.37
CA PHE X 15 -73.44 -52.44 -26.12
C PHE X 15 -72.51 -51.32 -26.55
N TRP X 16 -71.67 -50.85 -25.62
CA TRP X 16 -70.74 -49.77 -25.96
C TRP X 16 -69.68 -50.21 -26.97
N ALA X 17 -69.15 -51.43 -26.81
CA ALA X 17 -68.18 -51.95 -27.76
C ALA X 17 -68.81 -52.16 -29.14
N VAL X 18 -70.06 -52.62 -29.17
CA VAL X 18 -70.76 -52.84 -30.44
C VAL X 18 -71.04 -51.50 -31.12
N LEU X 19 -71.36 -50.47 -30.34
CA LEU X 19 -71.52 -49.12 -30.86
C LEU X 19 -70.23 -48.61 -31.49
N LEU X 20 -69.11 -48.80 -30.79
CA LEU X 20 -67.81 -48.35 -31.30
C LEU X 20 -67.42 -49.12 -32.56
N LEU X 21 -67.69 -50.42 -32.57
CA LEU X 21 -67.46 -51.25 -33.75
C LEU X 21 -68.34 -50.81 -34.92
N ALA X 22 -69.57 -50.38 -34.62
CA ALA X 22 -70.48 -49.90 -35.66
C ALA X 22 -69.98 -48.60 -36.26
N ILE X 23 -69.43 -47.70 -35.42
CA ILE X 23 -68.82 -46.47 -35.94
C ILE X 23 -67.61 -46.80 -36.82
N ASN X 24 -66.80 -47.76 -36.35
CA ASN X 24 -65.65 -48.23 -37.13
C ASN X 24 -66.07 -48.78 -38.49
N PHE X 25 -67.12 -49.61 -38.51
CA PHE X 25 -67.57 -50.20 -39.76
C PHE X 25 -68.32 -49.19 -40.64
N LEU X 26 -68.92 -48.16 -40.05
CA LEU X 26 -69.49 -47.08 -40.85
C LEU X 26 -68.41 -46.31 -41.59
N VAL X 27 -67.31 -45.99 -40.89
CA VAL X 27 -66.17 -45.37 -41.56
C VAL X 27 -65.56 -46.32 -42.58
N ALA X 28 -65.59 -47.63 -42.33
CA ALA X 28 -65.12 -48.60 -43.32
C ALA X 28 -66.00 -48.61 -44.57
N ALA X 29 -67.31 -48.48 -44.39
CA ALA X 29 -68.22 -48.41 -45.55
C ALA X 29 -68.01 -47.11 -46.32
N TYR X 30 -67.68 -46.02 -45.61
CA TYR X 30 -67.24 -44.80 -46.29
C TYR X 30 -65.97 -45.05 -47.09
N TYR X 31 -65.03 -45.78 -46.50
CA TYR X 31 -63.73 -46.07 -47.12
C TYR X 31 -63.90 -46.88 -48.41
N PHE X 32 -64.72 -47.92 -48.37
CA PHE X 32 -64.80 -48.90 -49.45
C PHE X 32 -65.77 -48.50 -50.55
N GLY X 33 -66.44 -47.36 -50.42
CA GLY X 33 -67.34 -46.87 -51.45
C GLY X 33 -68.76 -47.40 -51.42
N ILE X 34 -69.08 -48.25 -50.43
CA ILE X 34 -70.45 -48.68 -50.21
C ILE X 34 -71.27 -47.46 -49.83
N LEU X 35 -70.73 -46.64 -48.94
CA LEU X 35 -71.33 -45.35 -48.65
C LEU X 35 -70.40 -44.25 -49.17
N VAL Y 16 66.33 33.73 45.74
CA VAL Y 16 67.61 33.35 45.17
C VAL Y 16 68.54 32.82 46.27
N ASP Y 17 69.04 31.59 46.07
CA ASP Y 17 69.89 30.93 47.04
C ASP Y 17 71.38 31.19 46.73
N ASN Y 18 72.24 30.66 47.59
CA ASN Y 18 73.68 30.74 47.42
C ASN Y 18 74.29 29.35 47.49
N ASP Y 19 75.00 28.97 46.42
CA ASP Y 19 75.62 27.68 46.19
C ASP Y 19 74.70 26.49 46.47
N PRO Y 20 73.61 26.29 45.69
CA PRO Y 20 72.77 25.10 45.92
C PRO Y 20 73.47 23.81 45.55
N VAL Y 21 74.08 23.79 44.38
CA VAL Y 21 74.72 22.57 43.86
C VAL Y 21 76.23 22.77 43.74
N PRO Y 22 77.04 21.92 44.35
CA PRO Y 22 78.48 21.95 44.10
C PRO Y 22 78.86 21.56 42.68
N THR Y 23 79.45 22.52 41.95
CA THR Y 23 79.99 22.24 40.63
C THR Y 23 81.16 21.28 40.76
N SER Y 24 80.99 20.07 40.27
CA SER Y 24 81.99 19.02 40.41
C SER Y 24 81.83 18.04 39.26
N PHE Y 25 82.87 17.25 39.04
CA PHE Y 25 82.87 16.25 37.97
C PHE Y 25 82.51 14.87 38.48
N GLU Y 26 82.20 14.77 39.78
CA GLU Y 26 81.91 13.50 40.44
C GLU Y 26 80.69 12.81 39.83
N LYS Y 27 79.65 13.58 39.54
CA LYS Y 27 78.43 13.00 39.02
C LYS Y 27 78.46 12.83 37.50
N TRP Y 28 79.44 13.46 36.83
CA TRP Y 28 79.70 13.13 35.43
C TRP Y 28 80.13 11.67 35.28
N ALA Y 29 80.88 11.16 36.26
CA ALA Y 29 81.34 9.78 36.29
C ALA Y 29 80.24 8.78 36.58
N LYS Y 30 79.06 9.23 36.97
CA LYS Y 30 78.01 8.33 37.43
C LYS Y 30 76.78 8.43 36.54
N PRO Y 31 76.68 7.59 35.51
CA PRO Y 31 75.46 7.60 34.69
C PRO Y 31 74.28 7.01 35.47
N GLY Y 32 73.19 7.78 35.50
CA GLY Y 32 71.99 7.38 36.20
C GLY Y 32 71.89 7.87 37.64
N HIS Y 33 72.70 8.86 38.02
CA HIS Y 33 72.65 9.48 39.35
C HIS Y 33 71.31 10.14 39.60
N PHE Y 34 70.68 10.58 38.53
CA PHE Y 34 69.51 11.43 38.58
C PHE Y 34 68.25 10.65 38.96
N ASP Y 35 68.29 9.33 38.78
CA ASP Y 35 67.17 8.47 39.16
C ASP Y 35 67.65 7.46 40.20
N ARG Y 36 66.73 6.60 40.64
CA ARG Y 36 67.02 5.58 41.63
C ARG Y 36 67.14 4.19 41.02
N THR Y 37 66.28 3.87 40.04
CA THR Y 37 66.42 2.63 39.31
C THR Y 37 67.66 2.65 38.42
N LEU Y 38 68.12 3.84 38.06
CA LEU Y 38 69.25 3.99 37.14
C LEU Y 38 70.60 4.05 37.84
N ALA Y 39 70.65 3.87 39.16
CA ALA Y 39 71.93 3.72 39.85
C ALA Y 39 71.88 2.44 40.69
N ARG Y 40 72.07 1.31 40.03
CA ARG Y 40 72.38 0.05 40.67
C ARG Y 40 73.31 -0.76 39.78
N GLY Y 41 73.90 -0.09 38.79
CA GLY Y 41 74.64 -0.76 37.74
C GLY Y 41 73.71 -1.25 36.64
N PRO Y 42 74.19 -1.25 35.41
CA PRO Y 42 73.35 -1.80 34.33
C PRO Y 42 73.39 -3.30 34.34
N GLN Y 43 72.35 -3.94 34.89
CA GLN Y 43 72.28 -5.40 34.87
C GLN Y 43 71.86 -5.92 33.51
N THR Y 44 70.99 -5.18 32.83
CA THR Y 44 70.55 -5.51 31.49
C THR Y 44 70.88 -4.37 30.55
N THR Y 45 70.62 -4.60 29.27
CA THR Y 45 70.80 -3.58 28.26
C THR Y 45 69.82 -2.43 28.42
N THR Y 46 68.59 -2.72 28.90
CA THR Y 46 67.49 -1.76 28.90
C THR Y 46 67.81 -0.51 29.71
N TRP Y 47 68.60 -0.68 30.77
CA TRP Y 47 69.14 0.41 31.59
C TRP Y 47 69.68 1.55 30.74
N ILE Y 48 70.53 1.20 29.76
CA ILE Y 48 71.14 2.18 28.87
C ILE Y 48 70.08 2.97 28.14
N TRP Y 49 69.11 2.28 27.54
CA TRP Y 49 68.02 2.96 26.86
C TRP Y 49 67.23 3.81 27.84
N ASN Y 50 66.98 3.26 29.04
CA ASN Y 50 66.25 3.98 30.07
C ASN Y 50 66.98 5.25 30.47
N LEU Y 51 68.32 5.22 30.42
CA LEU Y 51 69.11 6.40 30.72
C LEU Y 51 68.70 7.55 29.81
N HIS Y 52 68.70 7.30 28.50
CA HIS Y 52 68.34 8.35 27.58
C HIS Y 52 66.83 8.54 27.56
N ALA Y 53 66.09 7.55 28.04
CA ALA Y 53 64.65 7.74 28.16
C ALA Y 53 64.31 8.60 29.36
N LEU Y 54 65.21 8.71 30.35
CA LEU Y 54 64.85 9.38 31.59
C LEU Y 54 65.66 10.63 31.88
N ALA Y 55 66.49 11.09 30.94
CA ALA Y 55 67.44 12.15 31.19
C ALA Y 55 66.76 13.51 31.43
N HIS Y 56 65.81 13.86 30.58
CA HIS Y 56 65.16 15.17 30.66
C HIS Y 56 63.78 15.09 31.30
N ASP Y 57 63.52 14.03 32.06
CA ASP Y 57 62.31 13.91 32.84
C ASP Y 57 62.65 14.42 34.24
N PHE Y 58 62.69 15.75 34.37
CA PHE Y 58 63.09 16.36 35.64
C PHE Y 58 62.03 16.12 36.71
N ASP Y 59 60.79 15.85 36.30
CA ASP Y 59 59.71 15.50 37.22
C ASP Y 59 59.93 14.15 37.91
N THR Y 60 60.60 13.18 37.26
CA THR Y 60 60.93 11.88 37.85
C THR Y 60 62.27 11.91 38.59
N HIS Y 61 63.12 12.93 38.37
CA HIS Y 61 64.41 12.96 39.06
C HIS Y 61 64.20 13.15 40.55
N THR Y 62 63.62 14.29 40.92
CA THR Y 62 63.31 14.64 42.30
C THR Y 62 61.82 14.97 42.39
N SER Y 63 61.33 15.22 43.59
CA SER Y 63 59.88 15.34 43.81
C SER Y 63 59.56 16.69 44.43
N ASP Y 64 60.14 17.76 43.86
CA ASP Y 64 59.94 19.10 44.39
C ASP Y 64 59.90 20.09 43.23
N LEU Y 65 58.94 21.02 43.29
CA LEU Y 65 58.78 21.99 42.20
C LEU Y 65 59.98 22.92 42.09
N GLU Y 66 60.65 23.20 43.20
CA GLU Y 66 61.77 24.14 43.21
C GLU Y 66 62.96 23.61 42.41
N ASP Y 67 63.37 22.36 42.70
CA ASP Y 67 64.49 21.76 41.98
C ASP Y 67 64.14 21.52 40.52
N ILE Y 68 62.88 21.16 40.26
CA ILE Y 68 62.41 20.97 38.89
C ILE Y 68 62.49 22.28 38.10
N SER Y 69 62.08 23.38 38.73
CA SER Y 69 62.06 24.67 38.06
C SER Y 69 63.48 25.21 37.84
N ARG Y 70 64.37 24.99 38.82
CA ARG Y 70 65.78 25.36 38.65
C ARG Y 70 66.43 24.59 37.51
N LYS Y 71 66.15 23.28 37.46
CA LYS Y 71 66.60 22.42 36.38
C LYS Y 71 66.12 22.93 35.03
N ILE Y 72 64.83 23.30 34.95
CA ILE Y 72 64.23 23.76 33.70
C ILE Y 72 64.84 25.08 33.25
N PHE Y 73 65.02 26.01 34.20
CA PHE Y 73 65.65 27.30 33.92
C PHE Y 73 67.04 27.16 33.33
N SER Y 74 67.89 26.38 33.98
CA SER Y 74 69.23 26.29 33.44
C SER Y 74 69.34 25.30 32.26
N ALA Y 75 68.30 24.50 31.99
CA ALA Y 75 68.25 23.75 30.74
C ALA Y 75 67.84 24.63 29.57
N HIS Y 76 66.91 25.54 29.81
CA HIS Y 76 66.54 26.55 28.82
C HIS Y 76 67.72 27.43 28.46
N PHE Y 77 68.55 27.77 29.44
CA PHE Y 77 69.81 28.47 29.17
C PHE Y 77 70.70 27.70 28.20
N GLY Y 78 70.86 26.39 28.42
CA GLY Y 78 71.69 25.57 27.56
C GLY Y 78 71.14 25.45 26.15
N HIS Y 79 69.81 25.36 26.06
CA HIS Y 79 69.17 25.31 24.75
C HIS Y 79 69.36 26.62 23.99
N LEU Y 80 69.23 27.75 24.69
CA LEU Y 80 69.47 29.04 24.04
C LEU Y 80 70.92 29.17 23.60
N ALA Y 81 71.85 28.62 24.39
CA ALA Y 81 73.25 28.58 23.99
C ALA Y 81 73.46 27.77 22.71
N VAL Y 82 72.77 26.62 22.61
CA VAL Y 82 72.87 25.76 21.43
C VAL Y 82 72.31 26.47 20.19
N VAL Y 83 71.18 27.15 20.36
CA VAL Y 83 70.59 27.91 19.25
C VAL Y 83 71.49 29.07 18.83
N PHE Y 84 72.16 29.71 19.78
CA PHE Y 84 73.09 30.78 19.41
C PHE Y 84 74.33 30.24 18.73
N ILE Y 85 74.80 29.05 19.14
CA ILE Y 85 75.88 28.38 18.42
C ILE Y 85 75.47 28.12 16.98
N TRP Y 86 74.24 27.66 16.79
CA TRP Y 86 73.69 27.43 15.46
C TRP Y 86 73.63 28.71 14.64
N LEU Y 87 73.08 29.80 15.21
CA LEU Y 87 73.04 31.12 14.57
C LEU Y 87 74.41 31.62 14.13
N SER Y 88 75.37 31.53 15.05
CA SER Y 88 76.72 31.99 14.78
C SER Y 88 77.39 31.13 13.71
N GLY Y 89 77.09 29.83 13.69
CA GLY Y 89 77.56 28.97 12.63
C GLY Y 89 77.01 29.39 11.28
N MET Y 90 75.73 29.77 11.26
CA MET Y 90 75.11 30.19 10.01
C MET Y 90 75.78 31.46 9.49
N TYR Y 91 75.99 32.40 10.40
CA TYR Y 91 76.59 33.67 10.02
C TYR Y 91 78.05 33.51 9.62
N PHE Y 92 78.79 32.61 10.27
CA PHE Y 92 80.17 32.34 9.89
C PHE Y 92 80.23 31.68 8.51
N HIS Y 93 79.34 30.73 8.25
CA HIS Y 93 79.34 30.06 6.95
C HIS Y 93 78.92 31.01 5.84
N GLY Y 94 78.00 31.93 6.12
CA GLY Y 94 77.66 32.96 5.17
C GLY Y 94 78.70 34.04 4.99
N ALA Y 95 79.55 34.26 6.01
CA ALA Y 95 80.60 35.26 5.94
C ALA Y 95 81.92 34.75 5.41
N LYS Y 96 82.14 33.44 5.36
CA LYS Y 96 83.41 32.93 4.88
C LYS Y 96 83.24 31.86 3.79
N PHE Y 97 82.15 31.09 3.81
CA PHE Y 97 82.01 29.99 2.86
C PHE Y 97 80.89 30.19 1.84
N SER Y 98 80.39 31.40 1.63
CA SER Y 98 79.22 31.61 0.77
C SER Y 98 79.55 32.59 -0.35
N ASN Y 99 78.51 32.96 -1.12
CA ASN Y 99 78.65 33.85 -2.25
C ASN Y 99 77.80 35.11 -2.07
N TYR Y 100 77.68 35.59 -0.83
CA TYR Y 100 76.63 36.54 -0.46
C TYR Y 100 76.76 37.87 -1.19
N GLU Y 101 77.97 38.39 -1.32
CA GLU Y 101 78.18 39.67 -1.99
C GLU Y 101 77.92 39.55 -3.49
N ALA Y 102 78.39 38.45 -4.08
CA ALA Y 102 78.13 38.16 -5.49
C ALA Y 102 76.64 37.99 -5.75
N TRP Y 103 75.94 37.38 -4.78
CA TRP Y 103 74.49 37.27 -4.87
C TRP Y 103 73.82 38.62 -4.77
N LEU Y 104 74.37 39.50 -3.93
CA LEU Y 104 73.80 40.83 -3.77
C LEU Y 104 73.99 41.66 -5.02
N ALA Y 105 75.08 41.41 -5.75
CA ALA Y 105 75.33 42.13 -7.00
C ALA Y 105 74.27 41.81 -8.05
N ASP Y 106 74.02 40.51 -8.27
CA ASP Y 106 73.01 40.06 -9.23
C ASP Y 106 72.07 39.13 -8.46
N PRO Y 107 70.91 39.63 -8.04
CA PRO Y 107 69.99 38.81 -7.23
C PRO Y 107 69.35 37.65 -7.99
N THR Y 108 68.73 37.94 -9.14
CA THR Y 108 68.01 36.91 -9.87
C THR Y 108 68.95 35.88 -10.49
N GLY Y 109 70.02 36.37 -11.12
CA GLY Y 109 70.94 35.50 -11.84
C GLY Y 109 71.77 34.60 -10.95
N ILE Y 110 71.90 34.96 -9.68
CA ILE Y 110 72.69 34.17 -8.74
C ILE Y 110 71.73 33.47 -7.80
N LYS Y 111 71.85 32.15 -7.68
CA LYS Y 111 71.12 31.40 -6.67
C LYS Y 111 71.89 31.50 -5.36
N PRO Y 112 71.23 31.53 -4.20
CA PRO Y 112 71.98 31.54 -2.95
C PRO Y 112 72.64 30.19 -2.68
N SER Y 113 73.89 30.23 -2.20
CA SER Y 113 74.58 29.00 -1.85
C SER Y 113 75.61 29.25 -0.77
N ALA Y 114 75.87 28.20 0.00
CA ALA Y 114 76.93 28.17 1.01
C ALA Y 114 77.43 26.73 1.11
N GLN Y 115 78.17 26.41 2.18
CA GLN Y 115 78.59 25.04 2.50
C GLN Y 115 79.40 24.39 1.38
N VAL Y 116 80.58 24.91 1.09
CA VAL Y 116 81.47 24.32 0.10
C VAL Y 116 82.00 23.00 0.65
N VAL Y 117 81.61 21.90 0.03
CA VAL Y 117 82.00 20.60 0.52
C VAL Y 117 83.48 20.36 0.23
N TRP Y 118 84.06 19.48 1.00
CA TRP Y 118 85.45 19.06 0.88
C TRP Y 118 85.60 18.07 -0.26
N PRO Y 119 86.60 18.27 -1.13
CA PRO Y 119 86.75 17.42 -2.33
C PRO Y 119 87.57 16.15 -2.10
N ILE Y 120 87.01 15.21 -1.33
CA ILE Y 120 87.79 14.03 -0.99
C ILE Y 120 87.37 12.76 -1.75
N VAL Y 121 86.11 12.35 -1.68
CA VAL Y 121 85.64 11.15 -2.37
C VAL Y 121 84.35 11.50 -3.11
N GLY Y 122 84.50 11.96 -4.35
CA GLY Y 122 83.33 12.24 -5.17
C GLY Y 122 82.61 13.53 -4.86
N GLN Y 123 82.45 13.86 -3.57
CA GLN Y 123 81.55 14.89 -3.04
C GLN Y 123 81.66 16.26 -3.71
N GLY Y 124 82.81 16.58 -4.27
CA GLY Y 124 83.04 17.87 -4.90
C GLY Y 124 82.16 18.16 -6.10
N ILE Y 125 81.51 17.13 -6.65
CA ILE Y 125 80.54 17.27 -7.72
C ILE Y 125 79.30 17.99 -7.20
N LEU Y 126 79.05 17.89 -5.90
CA LEU Y 126 77.98 18.62 -5.24
C LEU Y 126 78.30 20.09 -5.06
N ASN Y 127 79.52 20.51 -5.31
CA ASN Y 127 79.85 21.93 -5.44
C ASN Y 127 79.60 22.42 -6.86
N GLY Y 128 78.42 22.13 -7.40
CA GLY Y 128 78.08 22.52 -8.76
C GLY Y 128 77.98 24.02 -8.88
N ASP Y 129 78.13 24.56 -10.08
CA ASP Y 129 78.19 26.00 -10.23
C ASP Y 129 76.82 26.63 -9.98
N VAL Y 130 76.80 27.59 -9.06
CA VAL Y 130 75.57 28.23 -8.61
C VAL Y 130 75.59 29.61 -9.26
N GLY Y 131 76.76 30.00 -9.73
CA GLY Y 131 76.92 31.27 -10.40
C GLY Y 131 77.92 32.17 -9.70
N GLY Y 132 78.58 33.02 -10.49
CA GLY Y 132 79.51 33.98 -9.94
C GLY Y 132 80.90 33.41 -9.74
N GLY Y 133 81.12 32.19 -10.21
CA GLY Y 133 82.41 31.53 -10.07
C GLY Y 133 82.50 30.72 -8.79
N PHE Y 134 81.59 30.98 -7.86
CA PHE Y 134 81.57 30.27 -6.60
C PHE Y 134 81.03 28.86 -6.83
N HIS Y 135 81.57 27.89 -6.09
CA HIS Y 135 81.19 26.49 -6.22
C HIS Y 135 80.81 25.94 -4.86
N GLY Y 136 79.51 25.70 -4.67
CA GLY Y 136 79.04 25.21 -3.39
C GLY Y 136 77.65 24.63 -3.53
N ILE Y 137 77.11 24.18 -2.39
CA ILE Y 137 75.78 23.61 -2.37
C ILE Y 137 74.75 24.74 -2.27
N GLN Y 138 73.76 24.73 -3.17
CA GLN Y 138 72.74 25.76 -3.15
C GLN Y 138 71.90 25.66 -1.87
N ILE Y 139 71.84 26.77 -1.14
CA ILE Y 139 71.08 26.80 0.10
C ILE Y 139 69.64 27.17 -0.21
N THR Y 140 68.73 26.64 0.59
CA THR Y 140 67.31 26.93 0.43
C THR Y 140 66.74 27.56 1.70
N SER Y 141 67.59 27.88 2.68
CA SER Y 141 67.13 28.38 3.97
C SER Y 141 66.66 29.82 3.90
N GLY Y 142 66.99 30.51 2.82
CA GLY Y 142 66.69 31.92 2.71
C GLY Y 142 67.51 32.83 3.59
N LEU Y 143 68.77 32.49 3.86
CA LEU Y 143 69.62 33.30 4.72
C LEU Y 143 70.14 34.54 4.01
N PHE Y 144 70.48 34.41 2.72
CA PHE Y 144 70.97 35.51 1.90
C PHE Y 144 69.92 36.62 1.82
N GLN Y 145 68.67 36.19 1.62
CA GLN Y 145 67.55 37.09 1.59
C GLN Y 145 67.35 37.76 2.94
N LEU Y 146 67.56 37.01 4.03
CA LEU Y 146 67.49 37.58 5.38
C LEU Y 146 68.54 38.65 5.60
N TRP Y 147 69.73 38.43 5.07
CA TRP Y 147 70.83 39.36 5.30
C TRP Y 147 70.66 40.62 4.45
N ARG Y 148 70.15 40.47 3.22
CA ARG Y 148 69.78 41.64 2.43
C ARG Y 148 68.63 42.41 3.07
N ALA Y 149 67.63 41.70 3.60
CA ALA Y 149 66.46 42.35 4.20
C ALA Y 149 66.85 43.09 5.48
N SER Y 150 67.84 42.57 6.20
CA SER Y 150 68.26 43.21 7.44
C SER Y 150 69.16 44.43 7.18
N GLY Y 151 69.66 44.58 5.95
CA GLY Y 151 70.53 45.68 5.59
C GLY Y 151 72.00 45.31 5.55
N ILE Y 152 72.34 44.05 5.76
CA ILE Y 152 73.73 43.63 5.64
C ILE Y 152 74.12 43.62 4.17
N THR Y 153 75.27 44.21 3.88
CA THR Y 153 75.77 44.30 2.51
C THR Y 153 77.03 43.47 2.30
N ASN Y 154 78.09 43.72 3.07
CA ASN Y 154 79.30 42.93 2.94
C ASN Y 154 79.27 41.78 3.94
N GLU Y 155 80.35 41.01 4.01
CA GLU Y 155 80.40 39.81 4.83
C GLU Y 155 81.04 40.00 6.20
N PHE Y 156 81.75 41.11 6.42
CA PHE Y 156 82.41 41.33 7.71
C PHE Y 156 81.39 41.54 8.81
N GLN Y 157 80.25 42.13 8.46
CA GLN Y 157 79.12 42.26 9.38
C GLN Y 157 78.62 40.89 9.82
N LEU Y 158 78.53 39.95 8.88
CA LEU Y 158 78.13 38.59 9.23
C LEU Y 158 79.19 37.89 10.07
N TYR Y 159 80.46 38.19 9.82
CA TYR Y 159 81.54 37.58 10.58
C TYR Y 159 81.50 38.02 12.04
N CYS Y 160 81.33 39.32 12.27
CA CYS Y 160 81.25 39.77 13.65
C CYS Y 160 79.90 39.42 14.28
N THR Y 161 78.87 39.18 13.45
CA THR Y 161 77.62 38.63 13.98
C THR Y 161 77.81 37.18 14.45
N ALA Y 162 78.64 36.42 13.74
CA ALA Y 162 79.02 35.09 14.20
C ALA Y 162 79.81 35.16 15.51
N ILE Y 163 80.70 36.14 15.60
CA ILE Y 163 81.45 36.37 16.84
C ILE Y 163 80.50 36.68 18.00
N GLY Y 164 79.53 37.56 17.75
CA GLY Y 164 78.50 37.90 18.71
C GLY Y 164 77.62 36.72 19.09
N GLY Y 165 77.31 35.87 18.12
CA GLY Y 165 76.54 34.66 18.42
C GLY Y 165 77.29 33.71 19.32
N LEU Y 166 78.59 33.52 19.06
CA LEU Y 166 79.42 32.68 19.93
C LEU Y 166 79.52 33.26 21.33
N VAL Y 167 79.68 34.58 21.44
CA VAL Y 167 79.79 35.19 22.78
C VAL Y 167 78.44 35.16 23.49
N MET Y 168 77.32 35.25 22.76
CA MET Y 168 76.01 35.11 23.36
C MET Y 168 75.78 33.69 23.85
N ALA Y 169 76.24 32.71 23.07
CA ALA Y 169 76.14 31.31 23.47
C ALA Y 169 76.94 31.04 24.73
N GLY Y 170 78.14 31.61 24.80
CA GLY Y 170 78.95 31.56 26.02
C GLY Y 170 78.25 32.20 27.19
N LEU Y 171 77.55 33.31 26.93
CA LEU Y 171 76.76 33.98 27.96
C LEU Y 171 75.64 33.11 28.49
N MET Y 172 74.87 32.45 27.61
CA MET Y 172 73.79 31.59 28.07
C MET Y 172 74.32 30.37 28.80
N LEU Y 173 75.46 29.83 28.36
CA LEU Y 173 76.13 28.72 29.02
C LEU Y 173 76.53 29.08 30.44
N PHE Y 174 77.20 30.23 30.59
CA PHE Y 174 77.59 30.68 31.92
C PHE Y 174 76.38 31.01 32.77
N ALA Y 175 75.32 31.56 32.15
CA ALA Y 175 74.11 31.90 32.90
C ALA Y 175 73.41 30.66 33.42
N GLY Y 176 73.44 29.57 32.65
CA GLY Y 176 72.91 28.31 33.11
C GLY Y 176 73.68 27.74 34.27
N TRP Y 177 75.01 27.76 34.17
CA TRP Y 177 75.82 27.28 35.28
C TRP Y 177 75.60 28.14 36.52
N PHE Y 178 75.38 29.44 36.30
CA PHE Y 178 75.22 30.38 37.40
C PHE Y 178 73.87 30.22 38.09
N HIS Y 179 72.80 30.10 37.31
CA HIS Y 179 71.46 30.00 37.84
C HIS Y 179 71.10 28.59 38.25
N TYR Y 180 71.97 27.61 38.03
CA TYR Y 180 71.75 26.35 38.70
C TYR Y 180 72.69 26.18 39.89
N HIS Y 181 74.00 26.30 39.67
CA HIS Y 181 74.96 25.88 40.68
C HIS Y 181 75.29 26.97 41.68
N LYS Y 182 75.13 28.24 41.31
CA LYS Y 182 75.62 29.31 42.14
C LYS Y 182 74.52 30.13 42.81
N ARG Y 183 73.62 30.74 42.03
CA ARG Y 183 72.52 31.55 42.58
C ARG Y 183 71.24 31.09 41.91
N ALA Y 184 70.58 30.11 42.50
CA ALA Y 184 69.39 29.55 41.90
C ALA Y 184 68.14 30.11 42.54
N PRO Y 185 67.13 30.48 41.74
CA PRO Y 185 65.94 31.12 42.28
C PRO Y 185 65.05 30.16 43.05
N LYS Y 186 64.18 30.73 43.88
CA LYS Y 186 63.21 29.95 44.61
C LYS Y 186 61.92 29.80 43.79
N LEU Y 187 60.92 29.17 44.39
CA LEU Y 187 59.71 28.78 43.66
C LEU Y 187 58.84 29.98 43.34
N GLU Y 188 58.72 30.92 44.27
CA GLU Y 188 57.83 32.06 44.12
C GLU Y 188 58.34 32.99 43.02
N TRP Y 189 59.65 32.94 42.76
CA TRP Y 189 60.26 33.64 41.65
C TRP Y 189 59.74 33.09 40.32
N PHE Y 190 59.66 31.77 40.22
CA PHE Y 190 59.10 31.11 39.04
C PHE Y 190 57.59 31.29 38.97
N GLN Y 191 56.93 31.16 40.12
CA GLN Y 191 55.48 31.26 40.21
C GLN Y 191 54.96 32.67 40.00
N ASN Y 192 55.85 33.68 39.97
CA ASN Y 192 55.45 35.04 39.67
C ASN Y 192 55.13 35.17 38.18
N VAL Y 193 53.94 34.70 37.78
CA VAL Y 193 53.55 34.69 36.38
C VAL Y 193 53.21 36.10 35.93
N GLU Y 194 52.96 36.98 36.90
CA GLU Y 194 52.54 38.34 36.61
C GLU Y 194 53.69 39.16 36.05
N SER Y 195 54.78 39.25 36.82
CA SER Y 195 56.00 39.92 36.42
C SER Y 195 56.57 39.26 35.17
N MET Y 196 56.46 37.93 35.11
CA MET Y 196 56.91 37.18 33.94
C MET Y 196 56.17 37.58 32.68
N LEU Y 197 54.84 37.61 32.72
CA LEU Y 197 54.07 37.92 31.53
C LEU Y 197 54.21 39.38 31.16
N ASN Y 198 54.33 40.27 32.15
CA ASN Y 198 54.58 41.68 31.87
C ASN Y 198 55.95 41.89 31.24
N HIS Y 199 56.94 41.10 31.65
CA HIS Y 199 58.26 41.19 31.06
C HIS Y 199 58.35 40.54 29.71
N HIS Y 200 57.46 39.62 29.40
CA HIS Y 200 57.58 38.92 28.15
C HIS Y 200 56.66 39.45 27.07
N LEU Y 201 55.54 40.09 27.42
CA LEU Y 201 54.80 40.84 26.44
C LEU Y 201 55.59 42.10 26.09
N ALA Y 202 55.95 42.87 27.11
CA ALA Y 202 56.61 44.15 26.89
C ALA Y 202 58.11 44.02 26.70
N GLY Y 203 58.82 43.54 27.71
CA GLY Y 203 60.27 43.53 27.70
C GLY Y 203 60.94 42.61 26.71
N LEU Y 204 60.39 41.40 26.51
CA LEU Y 204 61.04 40.47 25.60
C LEU Y 204 60.55 40.65 24.16
N LEU Y 205 59.25 40.89 23.98
CA LEU Y 205 58.72 41.03 22.63
C LEU Y 205 58.72 42.47 22.14
N GLY Y 206 58.15 43.38 22.93
CA GLY Y 206 58.04 44.78 22.54
C GLY Y 206 59.38 45.48 22.34
N LEU Y 207 60.33 45.24 23.24
CA LEU Y 207 61.67 45.82 23.08
C LEU Y 207 62.37 45.28 21.85
N GLY Y 208 62.24 43.98 21.59
CA GLY Y 208 62.85 43.39 20.42
C GLY Y 208 62.28 43.91 19.12
N SER Y 209 60.95 44.06 19.08
CA SER Y 209 60.27 44.63 17.93
C SER Y 209 60.66 46.09 17.71
N LEU Y 210 60.81 46.84 18.81
CA LEU Y 210 61.19 48.24 18.73
C LEU Y 210 62.63 48.40 18.28
N GLY Y 211 63.51 47.55 18.80
CA GLY Y 211 64.91 47.60 18.40
C GLY Y 211 65.12 47.16 16.96
N TRP Y 212 64.34 46.18 16.49
CA TRP Y 212 64.44 45.84 15.08
C TRP Y 212 63.85 46.94 14.21
N ALA Y 213 62.82 47.62 14.70
CA ALA Y 213 62.42 48.88 14.08
C ALA Y 213 63.53 49.92 14.14
N GLY Y 214 64.31 49.93 15.21
CA GLY Y 214 65.49 50.77 15.31
C GLY Y 214 66.61 50.32 14.40
N HIS Y 215 66.56 49.05 13.98
CA HIS Y 215 67.39 48.56 12.89
C HIS Y 215 66.71 48.71 11.53
N GLN Y 216 65.41 48.97 11.50
CA GLN Y 216 64.74 49.16 10.22
C GLN Y 216 64.63 50.63 9.86
N ILE Y 217 64.47 51.50 10.86
CA ILE Y 217 64.38 52.93 10.59
C ILE Y 217 65.74 53.44 10.13
N HIS Y 218 66.80 53.01 10.80
CA HIS Y 218 68.13 53.55 10.59
C HIS Y 218 69.00 52.71 9.68
N VAL Y 219 68.79 51.40 9.58
CA VAL Y 219 69.72 50.58 8.81
C VAL Y 219 69.04 49.91 7.63
N SER Y 220 67.98 49.13 7.90
CA SER Y 220 67.42 48.25 6.87
C SER Y 220 66.74 49.01 5.73
N LEU Y 221 65.83 49.91 6.05
CA LEU Y 221 65.19 50.76 5.02
C LEU Y 221 66.17 51.59 4.21
N PRO Y 222 67.20 52.31 4.80
CA PRO Y 222 68.15 53.06 3.97
C PRO Y 222 68.93 52.21 2.98
N ILE Y 223 69.54 51.14 3.51
CA ILE Y 223 70.39 50.24 2.74
C ILE Y 223 69.57 49.58 1.64
N ASN Y 224 68.36 49.12 2.00
CA ASN Y 224 67.53 48.43 1.02
C ASN Y 224 66.96 49.38 -0.03
N GLN Y 225 66.63 50.61 0.34
CA GLN Y 225 66.14 51.58 -0.63
C GLN Y 225 67.25 51.95 -1.60
N LEU Y 226 68.47 52.07 -1.11
CA LEU Y 226 69.61 52.32 -1.98
C LEU Y 226 69.89 51.14 -2.91
N LEU Y 227 69.76 49.91 -2.39
CA LEU Y 227 69.96 48.71 -3.20
C LEU Y 227 68.86 48.54 -4.25
N ASP Y 228 67.64 48.99 -3.95
CA ASP Y 228 66.50 48.80 -4.84
C ASP Y 228 66.51 49.72 -6.05
N ALA Y 229 67.53 50.55 -6.19
CA ALA Y 229 67.68 51.40 -7.37
C ALA Y 229 68.79 50.99 -8.31
N GLY Y 230 69.69 50.09 -7.90
CA GLY Y 230 70.85 49.75 -8.69
C GLY Y 230 72.13 50.45 -8.30
N VAL Y 231 72.40 50.59 -7.00
CA VAL Y 231 73.57 51.32 -6.51
C VAL Y 231 74.80 50.42 -6.55
N ALA Y 232 74.59 49.14 -6.88
CA ALA Y 232 75.63 48.12 -7.00
C ALA Y 232 76.41 47.95 -5.69
N ALA Y 233 75.67 47.54 -4.66
CA ALA Y 233 76.10 47.30 -3.28
C ALA Y 233 77.13 48.29 -2.75
N LYS Y 234 78.41 47.93 -2.86
CA LYS Y 234 79.55 48.48 -2.11
C LYS Y 234 79.60 49.99 -1.94
N ASP Y 235 79.03 50.73 -2.87
CA ASP Y 235 79.09 52.19 -2.84
C ASP Y 235 78.10 52.80 -1.85
N ILE Y 236 77.38 51.98 -1.10
CA ILE Y 236 76.59 52.52 0.01
C ILE Y 236 77.54 52.86 1.15
N PRO Y 237 77.20 53.83 1.99
CA PRO Y 237 77.92 53.98 3.26
C PRO Y 237 77.60 52.83 4.20
N LEU Y 238 78.49 52.62 5.17
CA LEU Y 238 78.24 51.65 6.22
C LEU Y 238 77.07 52.10 7.09
N PRO Y 239 76.38 51.18 7.78
CA PRO Y 239 75.21 51.57 8.56
C PRO Y 239 75.45 52.57 9.69
N HIS Y 240 76.71 52.80 10.09
CA HIS Y 240 76.99 53.83 11.09
C HIS Y 240 76.78 55.22 10.51
N GLU Y 241 76.98 55.38 9.20
CA GLU Y 241 76.95 56.71 8.59
C GLU Y 241 75.52 57.22 8.47
N PHE Y 242 74.56 56.33 8.56
CA PHE Y 242 73.16 56.73 8.39
C PHE Y 242 72.54 57.33 9.66
N ILE Y 243 73.26 57.32 10.77
CA ILE Y 243 72.77 58.06 11.93
C ILE Y 243 73.79 59.17 12.25
N LEU Y 244 75.03 58.99 11.81
CA LEU Y 244 76.02 60.05 11.90
C LEU Y 244 75.69 61.17 10.93
N ASN Y 245 75.34 60.81 9.68
CA ASN Y 245 75.02 61.79 8.65
C ASN Y 245 73.55 61.71 8.29
N PRO Y 246 72.71 62.65 8.76
CA PRO Y 246 71.35 62.75 8.23
C PRO Y 246 71.28 63.35 6.82
N SER Y 247 72.43 63.73 6.26
CA SER Y 247 72.48 64.17 4.87
C SER Y 247 72.21 63.00 3.92
N LEU Y 248 72.53 61.78 4.35
CA LEU Y 248 72.08 60.60 3.63
C LEU Y 248 70.57 60.39 3.81
N MET Y 249 70.04 60.84 4.94
CA MET Y 249 68.61 60.81 5.19
C MET Y 249 67.88 61.98 4.55
N ALA Y 250 68.61 62.90 3.92
CA ALA Y 250 67.99 64.03 3.25
C ALA Y 250 67.23 63.56 2.02
N GLU Y 251 67.92 62.89 1.09
CA GLU Y 251 67.27 62.50 -0.16
C GLU Y 251 66.31 61.33 0.04
N LEU Y 252 66.57 60.49 1.04
CA LEU Y 252 65.65 59.41 1.36
C LEU Y 252 64.58 59.96 2.28
N TYR Y 253 63.37 60.12 1.73
CA TYR Y 253 62.19 60.65 2.41
C TYR Y 253 62.45 61.98 3.14
N PRO Y 254 62.59 63.10 2.43
CA PRO Y 254 63.04 64.37 3.03
C PRO Y 254 62.20 64.95 4.16
N ASN Y 255 61.00 64.43 4.43
CA ASN Y 255 59.98 65.23 5.09
C ASN Y 255 60.03 65.24 6.62
N ILE Y 256 61.21 65.04 7.19
CA ILE Y 256 61.43 65.27 8.63
C ILE Y 256 62.71 66.10 8.73
N ASN Y 257 62.84 66.89 9.80
CA ASN Y 257 64.03 67.69 10.03
C ASN Y 257 65.30 66.85 10.17
N TRP Y 258 65.13 65.58 10.55
CA TRP Y 258 66.20 64.58 10.62
C TRP Y 258 67.33 64.99 11.55
N GLY Y 259 67.04 65.11 12.84
CA GLY Y 259 68.05 65.53 13.79
C GLY Y 259 67.97 64.74 15.08
N VAL Y 260 69.02 64.87 15.89
CA VAL Y 260 69.15 64.10 17.13
C VAL Y 260 68.21 64.66 18.20
N PHE Y 261 67.69 65.85 17.99
CA PHE Y 261 66.63 66.37 18.86
C PHE Y 261 65.42 66.78 18.03
N SER Y 262 65.66 67.39 16.87
CA SER Y 262 64.59 67.90 16.03
C SER Y 262 63.82 66.77 15.37
N GLY Y 263 64.49 65.68 15.01
CA GLY Y 263 63.86 64.59 14.30
C GLY Y 263 62.93 63.75 15.13
N VAL Y 264 63.14 63.73 16.45
CA VAL Y 264 62.28 62.93 17.32
C VAL Y 264 61.19 63.77 17.96
N ILE Y 265 61.28 65.09 17.83
CA ILE Y 265 60.24 66.06 18.20
C ILE Y 265 58.89 65.72 17.55
N PRO Y 266 58.80 65.36 16.23
CA PRO Y 266 57.49 64.99 15.68
C PRO Y 266 56.85 63.76 16.32
N PHE Y 267 57.63 62.81 16.85
CA PHE Y 267 57.02 61.75 17.64
C PHE Y 267 56.46 62.30 18.95
N PHE Y 268 57.19 63.20 19.59
CA PHE Y 268 56.81 63.68 20.90
C PHE Y 268 55.71 64.73 20.81
N THR Y 269 55.39 65.17 19.59
CA THR Y 269 54.36 66.20 19.42
C THR Y 269 53.15 65.73 18.64
N PHE Y 270 52.91 64.41 18.54
CA PHE Y 270 51.83 63.81 17.75
C PHE Y 270 51.85 64.27 16.28
N ASN Y 271 53.05 64.31 15.70
CA ASN Y 271 53.26 64.74 14.33
C ASN Y 271 53.83 63.55 13.56
N TRP Y 272 52.94 62.74 12.99
CA TRP Y 272 53.40 61.54 12.31
C TRP Y 272 53.15 61.54 10.80
N ALA Y 273 52.41 62.52 10.28
CA ALA Y 273 52.30 62.66 8.83
C ALA Y 273 53.64 62.96 8.19
N ALA Y 274 54.56 63.56 8.96
CA ALA Y 274 55.95 63.64 8.53
C ALA Y 274 56.58 62.25 8.45
N TYR Y 275 56.29 61.40 9.44
CA TYR Y 275 56.88 60.06 9.47
C TYR Y 275 56.29 59.12 8.41
N SER Y 276 55.20 59.54 7.75
CA SER Y 276 54.45 58.68 6.84
C SER Y 276 55.23 58.31 5.59
N ASP Y 277 56.35 59.00 5.35
CA ASP Y 277 57.16 58.67 4.19
C ASP Y 277 57.90 57.35 4.38
N PHE Y 278 58.33 57.03 5.60
CA PHE Y 278 58.96 55.72 5.80
C PHE Y 278 58.12 54.79 6.68
N LEU Y 279 57.28 55.36 7.54
CA LEU Y 279 56.28 54.52 8.21
C LEU Y 279 55.03 54.46 7.35
N THR Y 280 55.03 53.58 6.36
CA THR Y 280 53.97 53.48 5.37
C THR Y 280 53.07 52.29 5.65
N PHE Y 281 51.92 52.28 4.98
CA PHE Y 281 51.02 51.12 5.02
C PHE Y 281 50.67 50.70 3.59
N LYS Y 282 51.67 50.53 2.74
CA LYS Y 282 51.44 50.25 1.32
C LYS Y 282 50.83 48.88 1.08
N GLY Y 283 51.40 47.84 1.69
CA GLY Y 283 51.00 46.48 1.40
C GLY Y 283 51.50 46.01 0.05
N GLY Y 284 51.04 44.82 -0.34
CA GLY Y 284 51.44 44.25 -1.61
C GLY Y 284 52.89 43.78 -1.61
N LEU Y 285 53.50 43.93 -2.80
CA LEU Y 285 54.88 43.52 -3.01
C LEU Y 285 55.66 44.66 -3.66
N ASN Y 286 56.96 44.70 -3.39
CA ASN Y 286 57.87 45.57 -4.10
C ASN Y 286 57.99 45.01 -5.52
N PRO Y 287 57.65 45.80 -6.55
CA PRO Y 287 57.73 45.29 -7.92
C PRO Y 287 59.13 45.29 -8.50
N VAL Y 288 60.13 45.40 -7.64
CA VAL Y 288 61.53 45.29 -8.04
C VAL Y 288 62.21 44.05 -7.47
N THR Y 289 61.97 43.72 -6.19
CA THR Y 289 62.63 42.58 -5.56
C THR Y 289 61.71 41.38 -5.40
N GLY Y 290 60.40 41.57 -5.33
CA GLY Y 290 59.48 40.47 -5.10
C GLY Y 290 59.31 40.21 -3.62
N GLY Y 291 59.90 41.08 -2.81
CA GLY Y 291 59.78 41.00 -1.37
C GLY Y 291 58.67 41.88 -0.86
N LEU Y 292 58.69 42.12 0.43
CA LEU Y 292 57.75 43.05 1.05
C LEU Y 292 58.34 44.45 1.00
N TRP Y 293 57.45 45.43 1.12
CA TRP Y 293 57.88 46.81 1.26
C TRP Y 293 58.47 46.97 2.65
N LEU Y 294 59.78 47.19 2.72
CA LEU Y 294 60.46 47.26 4.02
C LEU Y 294 60.05 48.48 4.84
N SER Y 295 59.52 49.52 4.18
CA SER Y 295 58.89 50.61 4.92
C SER Y 295 57.67 50.12 5.67
N ASP Y 296 56.89 49.24 5.03
CA ASP Y 296 55.74 48.63 5.69
C ASP Y 296 56.19 47.75 6.86
N THR Y 297 57.29 47.00 6.71
CA THR Y 297 57.78 46.18 7.82
C THR Y 297 58.34 47.03 8.96
N ALA Y 298 58.93 48.18 8.64
CA ALA Y 298 59.38 49.10 9.68
C ALA Y 298 58.20 49.65 10.48
N HIS Y 299 57.18 50.17 9.78
CA HIS Y 299 55.96 50.64 10.44
C HIS Y 299 55.27 49.51 11.20
N HIS Y 300 55.35 48.30 10.67
CA HIS Y 300 54.85 47.10 11.28
C HIS Y 300 55.49 46.83 12.64
N HIS Y 301 56.82 46.79 12.67
CA HIS Y 301 57.56 46.49 13.88
C HIS Y 301 57.34 47.59 14.91
N VAL Y 302 57.18 48.83 14.44
CA VAL Y 302 56.86 49.94 15.33
C VAL Y 302 55.52 49.70 16.04
N ALA Y 303 54.49 49.37 15.27
CA ALA Y 303 53.17 49.14 15.86
C ALA Y 303 53.14 47.88 16.73
N ILE Y 304 53.86 46.83 16.32
CA ILE Y 304 53.94 45.58 17.07
C ILE Y 304 54.59 45.81 18.42
N ALA Y 305 55.71 46.56 18.41
CA ALA Y 305 56.42 46.95 19.61
C ALA Y 305 55.53 47.71 20.56
N VAL Y 306 54.80 48.69 20.03
CA VAL Y 306 54.00 49.54 20.91
C VAL Y 306 52.84 48.75 21.51
N LEU Y 307 52.16 47.93 20.69
CA LEU Y 307 51.10 47.08 21.23
C LEU Y 307 51.60 46.07 22.24
N PHE Y 308 52.82 45.55 22.07
CA PHE Y 308 53.36 44.60 23.02
C PHE Y 308 53.81 45.26 24.32
N ILE Y 309 54.33 46.49 24.25
CA ILE Y 309 54.65 47.22 25.48
C ILE Y 309 53.39 47.65 26.22
N ILE Y 310 52.32 48.05 25.49
CA ILE Y 310 51.03 48.27 26.13
C ILE Y 310 50.52 47.00 26.80
N ALA Y 311 50.58 45.87 26.09
CA ALA Y 311 50.07 44.60 26.61
C ALA Y 311 50.81 44.13 27.85
N GLY Y 312 52.10 44.46 27.98
CA GLY Y 312 52.85 44.11 29.17
C GLY Y 312 52.67 45.10 30.31
N HIS Y 313 51.47 45.66 30.42
CA HIS Y 313 51.15 46.57 31.53
C HIS Y 313 49.77 46.25 32.10
N MET Y 314 49.33 45.00 32.05
CA MET Y 314 47.99 44.60 32.47
C MET Y 314 48.03 43.66 33.67
N TYR Y 315 49.22 43.25 34.10
CA TYR Y 315 49.37 42.26 35.16
C TYR Y 315 49.92 42.92 36.42
N ARG Y 316 49.29 42.61 37.55
CA ARG Y 316 49.62 43.24 38.84
C ARG Y 316 50.90 42.66 39.41
N THR Y 317 51.91 43.51 39.63
CA THR Y 317 53.21 43.02 40.05
C THR Y 317 53.50 43.48 41.44
N ASN Y 318 53.65 44.79 41.68
CA ASN Y 318 54.05 45.29 42.99
C ASN Y 318 53.39 46.61 43.36
N TRP Y 319 52.60 47.19 42.48
CA TRP Y 319 52.19 48.58 42.67
C TRP Y 319 50.67 48.72 42.54
N GLY Y 320 49.95 47.62 42.73
CA GLY Y 320 48.50 47.68 42.86
C GLY Y 320 47.76 48.01 41.57
N ILE Y 321 48.49 48.11 40.47
CA ILE Y 321 47.91 48.30 39.15
C ILE Y 321 48.19 47.04 38.34
N GLY Y 322 47.19 46.60 37.59
CA GLY Y 322 47.28 45.37 36.82
C GLY Y 322 46.30 44.33 37.33
N HIS Y 323 46.07 43.34 36.48
CA HIS Y 323 45.19 42.26 36.84
C HIS Y 323 45.98 41.09 37.40
N SER Y 324 45.42 40.45 38.40
CA SER Y 324 45.79 39.09 38.72
C SER Y 324 45.13 38.20 37.66
N LEU Y 325 45.88 37.23 37.15
CA LEU Y 325 45.30 36.30 36.17
C LEU Y 325 44.19 35.50 36.83
N LYS Y 326 44.31 35.28 38.15
CA LYS Y 326 43.35 34.48 38.90
C LYS Y 326 41.97 35.14 38.95
N GLU Y 327 41.92 36.45 39.22
CA GLU Y 327 40.62 37.12 39.29
C GLU Y 327 39.90 37.06 37.95
N ILE Y 328 40.68 37.24 36.87
CA ILE Y 328 40.17 37.10 35.51
C ILE Y 328 39.60 35.70 35.29
N LEU Y 329 40.38 34.68 35.67
CA LEU Y 329 40.00 33.30 35.39
C LEU Y 329 38.79 32.87 36.20
N GLU Y 330 38.90 32.92 37.53
CA GLU Y 330 37.80 32.50 38.41
C GLU Y 330 36.56 33.36 38.23
N ALA Y 331 36.70 34.61 37.76
CA ALA Y 331 35.52 35.39 37.42
C ALA Y 331 34.82 34.88 36.17
N HIS Y 332 35.59 34.52 35.15
CA HIS Y 332 35.05 34.06 33.87
C HIS Y 332 34.43 32.68 34.04
N LYS Y 333 33.10 32.63 34.10
CA LYS Y 333 32.34 31.41 34.31
C LYS Y 333 30.90 31.65 33.87
N GLY Y 334 30.29 30.62 33.28
CA GLY Y 334 28.96 30.76 32.74
C GLY Y 334 28.01 29.68 33.21
N PRO Y 335 26.78 29.69 32.72
CA PRO Y 335 25.78 28.74 33.23
C PRO Y 335 25.92 27.32 32.69
N PHE Y 336 26.62 27.12 31.57
CA PHE Y 336 26.91 25.77 31.08
C PHE Y 336 28.15 25.17 31.68
N THR Y 337 29.08 26.00 32.16
CA THR Y 337 30.41 25.55 32.51
C THR Y 337 30.60 25.53 34.03
N GLY Y 338 29.50 25.41 34.77
CA GLY Y 338 29.55 25.26 36.21
C GLY Y 338 30.18 26.43 36.92
N THR Y 339 31.41 26.25 37.41
CA THR Y 339 32.21 27.32 37.94
C THR Y 339 33.23 27.86 36.95
N GLY Y 340 33.12 27.47 35.67
CA GLY Y 340 33.98 27.96 34.61
C GLY Y 340 35.45 27.65 34.79
N HIS Y 341 36.24 28.68 35.03
CA HIS Y 341 37.70 28.55 35.12
C HIS Y 341 38.18 28.56 36.56
N LYS Y 342 37.33 28.15 37.50
CA LYS Y 342 37.73 28.05 38.89
C LYS Y 342 38.69 26.89 39.08
N GLY Y 343 39.98 27.20 39.27
CA GLY Y 343 41.00 26.22 39.55
C GLY Y 343 42.05 26.11 38.47
N LEU Y 344 41.87 26.80 37.34
CA LEU Y 344 42.88 26.74 36.29
C LEU Y 344 44.13 27.51 36.65
N TYR Y 345 44.02 28.50 37.53
CA TYR Y 345 45.19 29.25 37.95
C TYR Y 345 46.15 28.38 38.75
N GLU Y 346 45.62 27.57 39.66
CA GLU Y 346 46.47 26.66 40.42
C GLU Y 346 47.11 25.61 39.52
N VAL Y 347 46.35 25.13 38.53
CA VAL Y 347 46.81 24.15 37.56
C VAL Y 347 47.96 24.72 36.74
N LEU Y 348 47.83 25.97 36.30
CA LEU Y 348 48.83 26.54 35.41
C LEU Y 348 49.99 27.22 36.13
N THR Y 349 49.93 27.37 37.46
CA THR Y 349 51.15 27.73 38.19
C THR Y 349 51.69 26.58 39.05
N THR Y 350 51.11 25.38 38.95
CA THR Y 350 51.73 24.22 39.58
C THR Y 350 52.32 23.22 38.59
N SER Y 351 51.71 22.99 37.42
CA SER Y 351 52.20 22.00 36.47
C SER Y 351 53.01 22.67 35.39
N TRP Y 352 54.28 22.29 35.27
CA TRP Y 352 55.07 22.67 34.12
C TRP Y 352 54.54 22.01 32.84
N HIS Y 353 53.94 20.83 32.97
CA HIS Y 353 53.42 20.10 31.82
C HIS Y 353 52.16 20.75 31.25
N ALA Y 354 51.30 21.27 32.12
CA ALA Y 354 50.14 22.02 31.66
C ALA Y 354 50.53 23.26 30.90
N GLN Y 355 51.64 23.91 31.25
CA GLN Y 355 52.12 25.03 30.46
C GLN Y 355 52.80 24.57 29.18
N LEU Y 356 53.54 23.46 29.24
CA LEU Y 356 54.22 22.96 28.05
C LEU Y 356 53.25 22.53 26.98
N ALA Y 357 52.12 21.94 27.37
CA ALA Y 357 51.08 21.56 26.42
C ALA Y 357 50.61 22.75 25.59
N ILE Y 358 50.21 23.83 26.28
CA ILE Y 358 49.73 25.03 25.59
C ILE Y 358 50.84 25.66 24.76
N ASN Y 359 52.05 25.72 25.30
CA ASN Y 359 53.09 26.49 24.64
C ASN Y 359 53.60 25.75 23.40
N LEU Y 360 53.70 24.43 23.47
CA LEU Y 360 54.03 23.62 22.31
C LEU Y 360 52.94 23.69 21.25
N ALA Y 361 51.66 23.59 21.66
CA ALA Y 361 50.56 23.68 20.69
C ALA Y 361 50.53 25.05 20.03
N MET Y 362 50.73 26.11 20.83
CA MET Y 362 50.69 27.46 20.31
C MET Y 362 51.87 27.72 19.37
N MET Y 363 53.06 27.24 19.71
CA MET Y 363 54.20 27.47 18.83
C MET Y 363 54.11 26.61 17.56
N GLY Y 364 53.48 25.43 17.65
CA GLY Y 364 53.20 24.69 16.43
C GLY Y 364 52.21 25.40 15.53
N SER Y 365 51.17 25.98 16.11
CA SER Y 365 50.25 26.81 15.35
C SER Y 365 50.93 28.04 14.77
N LEU Y 366 51.82 28.71 15.54
CA LEU Y 366 52.59 29.83 15.00
C LEU Y 366 53.47 29.39 13.84
N SER Y 367 54.12 28.22 13.94
CA SER Y 367 54.98 27.76 12.85
C SER Y 367 54.18 27.45 11.60
N ILE Y 368 52.99 26.86 11.75
CA ILE Y 368 52.11 26.64 10.62
C ILE Y 368 51.68 27.97 10.00
N ILE Y 369 51.39 28.95 10.84
CA ILE Y 369 51.01 30.29 10.37
C ILE Y 369 52.18 30.95 9.63
N VAL Y 370 53.40 30.77 10.15
CA VAL Y 370 54.61 31.31 9.52
C VAL Y 370 54.84 30.66 8.16
N ALA Y 371 54.63 29.35 8.06
CA ALA Y 371 54.66 28.66 6.78
C ALA Y 371 53.67 29.26 5.80
N GLN Y 372 52.41 29.40 6.22
CA GLN Y 372 51.34 29.87 5.34
C GLN Y 372 51.38 31.37 5.11
N HIS Y 373 52.26 32.10 5.77
CA HIS Y 373 52.35 33.54 5.56
C HIS Y 373 53.57 33.94 4.75
N MET Y 374 54.70 33.30 4.94
CA MET Y 374 55.90 33.72 4.24
C MET Y 374 55.97 33.22 2.79
N TYR Y 375 54.98 32.46 2.33
CA TYR Y 375 54.88 32.18 0.90
C TYR Y 375 54.03 33.20 0.17
N ALA Y 376 52.95 33.68 0.81
CA ALA Y 376 51.91 34.42 0.11
C ALA Y 376 52.10 35.92 0.20
N MET Y 377 52.63 36.44 1.30
CA MET Y 377 53.24 37.78 1.28
C MET Y 377 54.72 37.52 1.48
N PRO Y 378 55.46 37.29 0.40
CA PRO Y 378 56.88 36.98 0.52
C PRO Y 378 57.63 38.17 1.10
N PRO Y 379 58.15 38.02 2.30
CA PRO Y 379 58.52 39.20 3.08
C PRO Y 379 59.96 39.63 2.91
N TYR Y 380 60.75 38.87 2.13
CA TYR Y 380 62.17 39.20 2.02
C TYR Y 380 62.48 39.42 0.54
N PRO Y 381 63.44 40.28 0.21
CA PRO Y 381 63.77 40.53 -1.21
C PRO Y 381 64.36 39.30 -1.87
N TYR Y 382 63.81 38.96 -3.05
CA TYR Y 382 64.29 37.88 -3.92
C TYR Y 382 64.24 36.51 -3.25
N LEU Y 383 63.17 36.25 -2.49
CA LEU Y 383 62.87 34.90 -2.06
C LEU Y 383 61.61 34.35 -2.69
N ALA Y 384 60.71 35.23 -3.16
CA ALA Y 384 59.55 34.80 -3.93
C ALA Y 384 59.94 34.15 -5.24
N THR Y 385 60.88 34.77 -5.97
CA THR Y 385 61.35 34.22 -7.24
C THR Y 385 62.41 33.15 -7.04
N ASP Y 386 62.79 32.91 -5.79
CA ASP Y 386 63.59 31.74 -5.44
C ASP Y 386 62.61 30.69 -4.92
N TYR Y 387 62.00 29.98 -5.87
CA TYR Y 387 61.07 28.89 -5.57
C TYR Y 387 61.68 27.80 -4.67
N PRO Y 388 62.99 27.40 -4.81
CA PRO Y 388 63.61 26.54 -3.78
C PRO Y 388 63.44 27.04 -2.36
N THR Y 389 63.80 28.31 -2.13
CA THR Y 389 63.70 28.91 -0.80
C THR Y 389 62.25 28.92 -0.31
N GLN Y 390 61.32 29.28 -1.19
CA GLN Y 390 59.91 29.41 -0.79
C GLN Y 390 59.31 28.06 -0.41
N LEU Y 391 59.50 27.05 -1.27
CA LEU Y 391 59.03 25.70 -0.99
C LEU Y 391 59.65 25.16 0.28
N SER Y 392 60.96 25.34 0.44
CA SER Y 392 61.68 24.82 1.60
C SER Y 392 61.18 25.46 2.89
N LEU Y 393 60.98 26.77 2.88
CA LEU Y 393 60.56 27.46 4.11
C LEU Y 393 59.15 27.07 4.51
N PHE Y 394 58.22 27.03 3.54
CA PHE Y 394 56.86 26.58 3.82
C PHE Y 394 56.86 25.18 4.41
N THR Y 395 57.53 24.24 3.75
CA THR Y 395 57.46 22.84 4.14
C THR Y 395 58.15 22.62 5.49
N HIS Y 396 59.27 23.31 5.73
CA HIS Y 396 59.97 23.22 6.99
C HIS Y 396 59.10 23.70 8.15
N HIS Y 397 58.48 24.86 8.00
CA HIS Y 397 57.69 25.37 9.11
C HIS Y 397 56.41 24.56 9.32
N MET Y 398 55.87 23.96 8.25
CA MET Y 398 54.75 23.04 8.41
C MET Y 398 55.14 21.82 9.23
N TRP Y 399 56.31 21.24 8.97
CA TRP Y 399 56.73 20.05 9.71
C TRP Y 399 57.03 20.38 11.17
N ILE Y 400 57.69 21.52 11.40
CA ILE Y 400 57.96 21.96 12.77
C ILE Y 400 56.66 22.20 13.52
N GLY Y 401 55.68 22.81 12.85
CA GLY Y 401 54.40 23.06 13.49
C GLY Y 401 53.65 21.79 13.85
N GLY Y 402 53.64 20.81 12.94
CA GLY Y 402 52.98 19.54 13.23
C GLY Y 402 53.63 18.80 14.38
N PHE Y 403 54.97 18.76 14.40
CA PHE Y 403 55.67 18.09 15.49
C PHE Y 403 55.38 18.76 16.84
N LEU Y 404 55.40 20.10 16.87
CA LEU Y 404 55.15 20.79 18.13
C LEU Y 404 53.72 20.65 18.59
N ILE Y 405 52.76 20.56 17.66
CA ILE Y 405 51.36 20.35 18.04
C ILE Y 405 51.19 18.97 18.68
N VAL Y 406 51.81 17.95 18.09
CA VAL Y 406 51.74 16.61 18.66
C VAL Y 406 52.41 16.57 20.03
N GLY Y 407 53.50 17.33 20.19
CA GLY Y 407 54.11 17.46 21.50
C GLY Y 407 53.25 18.15 22.54
N GLY Y 408 52.51 19.18 22.13
CA GLY Y 408 51.56 19.81 23.03
C GLY Y 408 50.49 18.84 23.51
N ALA Y 409 49.99 18.00 22.58
CA ALA Y 409 49.07 16.94 22.97
C ALA Y 409 49.72 15.94 23.92
N ALA Y 410 50.99 15.61 23.68
CA ALA Y 410 51.73 14.69 24.54
C ALA Y 410 51.81 15.21 25.96
N HIS Y 411 52.19 16.47 26.11
CA HIS Y 411 52.33 17.02 27.46
C HIS Y 411 50.99 17.33 28.10
N GLY Y 412 49.93 17.52 27.31
CA GLY Y 412 48.59 17.51 27.90
C GLY Y 412 48.25 16.18 28.53
N ALA Y 413 48.54 15.09 27.83
CA ALA Y 413 48.35 13.75 28.39
C ALA Y 413 49.20 13.53 29.63
N ILE Y 414 50.45 14.02 29.60
CA ILE Y 414 51.34 13.89 30.75
C ILE Y 414 50.81 14.65 31.96
N PHE Y 415 50.29 15.87 31.72
CA PHE Y 415 49.68 16.67 32.78
C PHE Y 415 48.51 15.92 33.40
N PHE Y 416 47.66 15.34 32.54
CA PHE Y 416 46.48 14.65 33.05
C PHE Y 416 46.84 13.41 33.85
N VAL Y 417 47.88 12.69 33.41
CA VAL Y 417 48.32 11.51 34.15
C VAL Y 417 48.98 11.89 35.48
N ARG Y 418 49.90 12.86 35.47
CA ARG Y 418 50.77 13.11 36.61
C ARG Y 418 50.35 14.27 37.50
N ASP Y 419 49.82 15.37 36.93
CA ASP Y 419 49.68 16.61 37.68
C ASP Y 419 48.23 17.05 37.85
N TYR Y 420 47.26 16.18 37.57
CA TYR Y 420 45.86 16.55 37.69
C TYR Y 420 45.38 16.21 39.10
N ASP Y 421 44.72 17.17 39.74
CA ASP Y 421 44.19 16.98 41.08
C ASP Y 421 42.69 17.21 41.05
N PRO Y 422 41.86 16.24 41.50
CA PRO Y 422 40.41 16.46 41.46
C PRO Y 422 39.90 17.50 42.44
N ALA Y 423 40.64 17.75 43.53
CA ALA Y 423 40.20 18.73 44.51
C ALA Y 423 40.38 20.15 43.97
N VAL Y 424 41.40 20.36 43.14
CA VAL Y 424 41.58 21.63 42.44
C VAL Y 424 40.43 21.83 41.47
N ASN Y 425 40.10 20.77 40.72
CA ASN Y 425 39.18 20.87 39.59
C ASN Y 425 37.85 20.20 39.95
N GLN Y 426 36.96 20.99 40.53
CA GLN Y 426 35.60 20.55 40.83
C GLN Y 426 34.62 21.45 40.09
N ASN Y 427 33.87 20.84 39.16
CA ASN Y 427 32.84 21.50 38.34
C ASN Y 427 33.39 22.66 37.51
N ASN Y 428 34.69 22.71 37.29
CA ASN Y 428 35.26 23.65 36.35
C ASN Y 428 35.31 23.02 34.96
N VAL Y 429 35.89 23.75 34.01
CA VAL Y 429 35.87 23.36 32.61
C VAL Y 429 36.65 22.06 32.39
N LEU Y 430 37.74 21.88 33.16
CA LEU Y 430 38.50 20.63 33.13
C LEU Y 430 37.64 19.44 33.57
N ASP Y 431 36.96 19.59 34.71
CA ASP Y 431 36.14 18.53 35.27
C ASP Y 431 34.97 18.18 34.35
N ARG Y 432 34.28 19.18 33.83
CA ARG Y 432 33.12 18.91 32.99
C ARG Y 432 33.52 18.41 31.61
N VAL Y 433 34.73 18.74 31.13
CA VAL Y 433 35.23 18.11 29.91
C VAL Y 433 35.52 16.64 30.14
N LEU Y 434 36.13 16.30 31.28
CA LEU Y 434 36.35 14.90 31.61
C LEU Y 434 35.04 14.15 31.79
N ARG Y 435 33.99 14.81 32.24
CA ARG Y 435 32.73 14.11 32.48
C ARG Y 435 31.87 13.93 31.23
N HIS Y 436 32.27 14.45 30.07
CA HIS Y 436 31.56 14.12 28.83
C HIS Y 436 32.53 13.88 27.67
N ARG Y 437 33.76 13.48 28.01
CA ARG Y 437 34.70 12.92 27.04
C ARG Y 437 34.09 11.92 26.08
N ASP Y 438 33.14 11.08 26.52
CA ASP Y 438 32.57 10.08 25.61
C ASP Y 438 31.74 10.73 24.50
N ALA Y 439 30.93 11.73 24.86
CA ALA Y 439 30.20 12.49 23.85
C ALA Y 439 31.15 13.23 22.92
N ILE Y 440 32.19 13.84 23.48
CA ILE Y 440 33.16 14.58 22.67
C ILE Y 440 33.85 13.65 21.66
N ILE Y 441 34.31 12.50 22.13
CA ILE Y 441 35.05 11.57 21.29
C ILE Y 441 34.15 10.93 20.25
N SER Y 442 32.91 10.58 20.63
CA SER Y 442 31.99 9.99 19.66
C SER Y 442 31.62 10.96 18.55
N HIS Y 443 31.40 12.24 18.89
CA HIS Y 443 31.08 13.22 17.86
C HIS Y 443 32.29 13.51 16.98
N LEU Y 444 33.48 13.56 17.57
CA LEU Y 444 34.69 13.73 16.76
C LEU Y 444 34.91 12.53 15.84
N ASN Y 445 34.58 11.34 16.33
CA ASN Y 445 34.68 10.11 15.54
C ASN Y 445 33.75 10.19 14.33
N TRP Y 446 32.52 10.65 14.57
CA TRP Y 446 31.54 10.81 13.50
C TRP Y 446 32.00 11.83 12.47
N VAL Y 447 32.56 12.95 12.93
CA VAL Y 447 33.07 13.98 12.00
C VAL Y 447 34.21 13.42 11.17
N CYS Y 448 35.07 12.62 11.79
CA CYS Y 448 36.18 12.00 11.06
C CYS Y 448 35.68 11.07 9.98
N ILE Y 449 34.67 10.24 10.28
CA ILE Y 449 34.14 9.32 9.27
C ILE Y 449 33.44 10.08 8.16
N PHE Y 450 32.65 11.10 8.51
CA PHE Y 450 31.96 11.91 7.51
C PHE Y 450 32.96 12.61 6.59
N LEU Y 451 34.00 13.20 7.17
CA LEU Y 451 34.99 13.92 6.38
C LEU Y 451 35.78 12.96 5.50
N GLY Y 452 36.14 11.78 6.04
CA GLY Y 452 36.86 10.80 5.26
C GLY Y 452 36.08 10.32 4.06
N PHE Y 453 34.80 9.99 4.27
CA PHE Y 453 33.95 9.64 3.14
C PHE Y 453 33.85 10.79 2.16
N HIS Y 454 33.30 11.92 2.60
CA HIS Y 454 33.01 13.00 1.66
C HIS Y 454 34.24 13.81 1.23
N SER Y 455 35.45 13.33 1.49
CA SER Y 455 36.60 13.80 0.73
C SER Y 455 37.29 12.69 -0.06
N PHE Y 456 37.74 11.63 0.62
CA PHE Y 456 38.47 10.59 -0.09
C PHE Y 456 37.56 9.75 -0.99
N GLY Y 457 36.33 9.46 -0.55
CA GLY Y 457 35.39 8.80 -1.43
C GLY Y 457 35.08 9.60 -2.66
N LEU Y 458 35.08 10.94 -2.55
CA LEU Y 458 34.99 11.79 -3.73
C LEU Y 458 36.17 11.58 -4.67
N TYR Y 459 37.38 11.50 -4.11
CA TYR Y 459 38.55 11.23 -4.94
C TYR Y 459 38.46 9.88 -5.65
N VAL Y 460 38.04 8.83 -4.94
CA VAL Y 460 38.07 7.51 -5.58
C VAL Y 460 36.84 7.31 -6.47
N HIS Y 461 35.74 8.02 -6.18
CA HIS Y 461 34.65 8.16 -7.15
C HIS Y 461 35.17 8.75 -8.44
N ASN Y 462 35.98 9.81 -8.35
CA ASN Y 462 36.53 10.44 -9.55
C ASN Y 462 37.44 9.50 -10.31
N ASP Y 463 38.28 8.76 -9.57
CA ASP Y 463 39.15 7.77 -10.20
C ASP Y 463 38.35 6.70 -10.94
N THR Y 464 37.25 6.23 -10.33
CA THR Y 464 36.44 5.19 -10.94
C THR Y 464 35.69 5.71 -12.16
N MET Y 465 35.19 6.95 -12.11
CA MET Y 465 34.48 7.49 -13.28
C MET Y 465 35.45 7.88 -14.40
N ARG Y 466 36.67 8.27 -14.05
CA ARG Y 466 37.65 8.57 -15.09
C ARG Y 466 38.13 7.30 -15.76
N ALA Y 467 38.23 6.20 -15.01
CA ALA Y 467 38.57 4.93 -15.62
C ALA Y 467 37.41 4.40 -16.46
N PHE Y 468 36.18 4.63 -16.02
CA PHE Y 468 34.98 4.23 -16.73
C PHE Y 468 34.76 5.02 -18.02
N GLY Y 469 35.51 6.08 -18.26
CA GLY Y 469 35.17 7.00 -19.33
C GLY Y 469 33.89 7.75 -19.09
N ARG Y 470 33.68 8.24 -17.87
CA ARG Y 470 32.51 9.04 -17.51
C ARG Y 470 32.96 10.34 -16.87
N PRO Y 471 33.58 11.24 -17.65
CA PRO Y 471 34.10 12.48 -17.06
C PRO Y 471 33.02 13.45 -16.63
N GLN Y 472 31.83 13.38 -17.23
CA GLN Y 472 30.69 14.19 -16.82
C GLN Y 472 30.14 13.78 -15.46
N ASP Y 473 30.48 12.59 -14.99
CA ASP Y 473 30.00 12.06 -13.72
C ASP Y 473 30.99 12.29 -12.58
N MET Y 474 32.08 13.01 -12.84
CA MET Y 474 33.09 13.27 -11.83
C MET Y 474 32.79 14.55 -11.07
N PHE Y 475 33.44 14.68 -9.92
CA PHE Y 475 33.42 15.90 -9.12
C PHE Y 475 34.58 16.77 -9.61
N SER Y 476 34.31 17.49 -10.69
CA SER Y 476 35.33 18.29 -11.36
C SER Y 476 34.76 19.65 -11.74
N ASP Y 477 35.57 20.51 -12.34
CA ASP Y 477 35.05 21.75 -12.87
C ASP Y 477 34.31 21.55 -14.20
N THR Y 478 34.47 20.38 -14.83
CA THR Y 478 33.75 20.04 -16.05
C THR Y 478 32.66 19.01 -15.82
N GLY Y 479 32.52 18.50 -14.61
CA GLY Y 479 31.46 17.57 -14.29
C GLY Y 479 30.50 18.10 -13.25
N ILE Y 480 30.38 17.40 -12.13
CA ILE Y 480 29.59 17.87 -11.00
C ILE Y 480 30.47 18.83 -10.20
N GLN Y 481 30.22 20.13 -10.35
CA GLN Y 481 31.08 21.12 -9.74
C GLN Y 481 30.85 21.23 -8.24
N LEU Y 482 31.95 21.38 -7.51
CA LEU Y 482 31.96 21.66 -6.08
C LEU Y 482 32.75 22.95 -5.93
N GLN Y 483 32.07 24.08 -6.08
CA GLN Y 483 32.95 25.25 -6.07
C GLN Y 483 33.10 25.78 -4.65
N PRO Y 484 34.33 26.10 -4.26
CA PRO Y 484 34.57 26.65 -2.92
C PRO Y 484 34.16 28.11 -2.82
N VAL Y 485 32.85 28.34 -2.64
CA VAL Y 485 32.32 29.69 -2.80
C VAL Y 485 32.74 30.59 -1.64
N PHE Y 486 32.89 30.02 -0.44
CA PHE Y 486 33.23 30.84 0.72
C PHE Y 486 34.66 31.34 0.66
N ALA Y 487 35.60 30.47 0.31
CA ALA Y 487 36.98 30.87 0.11
C ALA Y 487 37.13 31.85 -1.04
N GLN Y 488 36.38 31.67 -2.12
CA GLN Y 488 36.38 32.63 -3.22
C GLN Y 488 35.86 34.00 -2.80
N TRP Y 489 34.80 34.05 -1.98
CA TRP Y 489 34.28 35.34 -1.58
C TRP Y 489 35.23 36.03 -0.59
N VAL Y 490 35.90 35.25 0.27
CA VAL Y 490 36.93 35.85 1.13
C VAL Y 490 38.10 36.38 0.30
N GLN Y 491 38.46 35.66 -0.77
CA GLN Y 491 39.45 36.14 -1.72
C GLN Y 491 39.02 37.44 -2.39
N HIS Y 492 37.74 37.54 -2.73
CA HIS Y 492 37.17 38.74 -3.34
C HIS Y 492 37.22 39.93 -2.40
N LEU Y 493 36.86 39.72 -1.12
CA LEU Y 493 36.83 40.81 -0.16
C LEU Y 493 38.24 41.31 0.19
N HIS Y 494 39.25 40.50 -0.06
CA HIS Y 494 40.59 41.03 0.18
C HIS Y 494 41.11 41.84 -0.98
N THR Y 495 40.57 41.73 -2.16
CA THR Y 495 41.05 42.56 -3.26
C THR Y 495 40.21 43.81 -3.47
N LEU Y 496 38.95 43.81 -3.02
CA LEU Y 496 38.15 45.04 -2.95
C LEU Y 496 38.27 45.63 -1.54
N ALA Y 497 39.51 46.01 -1.22
CA ALA Y 497 39.91 46.42 0.12
C ALA Y 497 41.19 47.24 0.15
N PRO Y 498 42.16 47.08 -0.80
CA PRO Y 498 43.20 48.13 -0.93
C PRO Y 498 42.70 49.47 -1.43
N GLY Y 499 41.39 49.64 -1.64
CA GLY Y 499 40.82 50.96 -1.79
C GLY Y 499 39.51 51.09 -1.05
N GLY Y 500 39.02 49.99 -0.49
CA GLY Y 500 37.71 49.95 0.13
C GLY Y 500 37.74 49.95 1.65
N THR Y 501 37.63 48.77 2.24
CA THR Y 501 37.58 48.61 3.68
C THR Y 501 38.94 48.83 4.35
N ALA Y 502 40.02 48.89 3.61
CA ALA Y 502 41.32 49.33 4.12
C ALA Y 502 41.74 50.50 3.26
N PRO Y 503 41.13 51.69 3.46
CA PRO Y 503 41.25 52.79 2.50
C PRO Y 503 42.65 53.38 2.47
N ASN Y 504 43.23 53.53 3.65
CA ASN Y 504 44.52 54.20 3.77
C ASN Y 504 45.60 53.14 3.62
N ALA Y 505 45.66 52.54 2.43
CA ALA Y 505 46.54 51.42 2.11
C ALA Y 505 46.67 51.30 0.60
N ALA Y 506 47.90 51.18 0.10
CA ALA Y 506 48.13 51.20 -1.34
C ALA Y 506 47.69 49.88 -2.00
N ALA Y 507 48.27 48.78 -1.58
CA ALA Y 507 48.00 47.49 -2.19
C ALA Y 507 47.43 46.51 -1.18
N THR Y 508 47.04 45.34 -1.68
CA THR Y 508 46.37 44.33 -0.87
C THR Y 508 47.36 43.69 0.09
N ALA Y 509 46.81 42.89 1.01
CA ALA Y 509 47.68 42.15 1.93
C ALA Y 509 48.57 41.19 1.18
N SER Y 510 48.02 40.45 0.22
CA SER Y 510 48.84 39.61 -0.64
C SER Y 510 48.24 39.55 -2.03
N VAL Y 511 49.10 39.28 -3.01
CA VAL Y 511 48.64 39.14 -4.39
C VAL Y 511 47.90 37.83 -4.60
N ALA Y 512 48.00 36.91 -3.63
CA ALA Y 512 47.34 35.61 -3.72
C ALA Y 512 45.82 35.76 -3.77
N PHE Y 513 45.28 36.71 -3.02
CA PHE Y 513 43.84 36.95 -3.07
C PHE Y 513 43.38 37.62 -4.35
N GLY Y 514 44.30 38.19 -5.11
CA GLY Y 514 43.94 38.85 -6.36
C GLY Y 514 44.95 39.92 -6.71
N GLY Y 515 44.76 40.51 -7.88
CA GLY Y 515 45.67 41.53 -8.36
C GLY Y 515 46.23 41.20 -9.73
N ASP Y 516 47.56 41.21 -9.85
CA ASP Y 516 48.21 40.96 -11.13
C ASP Y 516 49.56 40.34 -10.87
N VAL Y 517 50.13 39.75 -11.93
CA VAL Y 517 51.36 38.97 -11.83
C VAL Y 517 52.53 39.88 -11.45
N VAL Y 518 53.01 39.76 -10.22
CA VAL Y 518 54.22 40.45 -9.80
C VAL Y 518 55.39 39.67 -10.37
N ALA Y 519 56.11 40.29 -11.31
CA ALA Y 519 57.09 39.60 -12.14
C ALA Y 519 58.46 40.21 -11.88
N VAL Y 520 59.25 39.53 -11.04
CA VAL Y 520 60.60 39.98 -10.75
C VAL Y 520 61.59 39.09 -11.50
N GLY Y 521 62.41 39.72 -12.34
CA GLY Y 521 63.20 38.95 -13.28
C GLY Y 521 62.28 38.35 -14.33
N GLY Y 522 62.66 37.19 -14.84
CA GLY Y 522 61.80 36.47 -15.73
C GLY Y 522 60.76 35.61 -15.05
N LYS Y 523 60.71 35.64 -13.72
CA LYS Y 523 59.93 34.71 -12.93
C LYS Y 523 58.77 35.38 -12.22
N VAL Y 524 57.72 34.62 -12.02
CA VAL Y 524 56.61 35.09 -11.20
C VAL Y 524 57.04 35.10 -9.74
N ALA Y 525 56.83 36.24 -9.10
CA ALA Y 525 56.98 36.33 -7.65
C ALA Y 525 55.71 35.91 -6.93
N MET Y 526 54.57 36.52 -7.24
CA MET Y 526 53.27 36.07 -6.75
C MET Y 526 52.17 36.49 -7.71
N MET Y 527 51.24 35.59 -7.96
CA MET Y 527 50.09 35.79 -8.81
C MET Y 527 48.87 35.24 -8.08
N PRO Y 528 47.63 35.68 -8.44
CA PRO Y 528 46.44 35.14 -7.77
C PRO Y 528 46.28 33.64 -7.86
N ILE Y 529 46.01 33.02 -6.71
CA ILE Y 529 45.78 31.58 -6.63
C ILE Y 529 44.27 31.39 -6.64
N ALA Y 530 43.72 31.10 -7.82
CA ALA Y 530 42.29 30.85 -7.93
C ALA Y 530 41.95 29.49 -7.32
N LEU Y 531 40.74 29.40 -6.76
CA LEU Y 531 40.31 28.22 -6.02
C LEU Y 531 39.17 27.55 -6.77
N GLY Y 532 39.37 26.28 -7.13
CA GLY Y 532 38.36 25.54 -7.84
C GLY Y 532 37.98 24.25 -7.13
N THR Y 533 37.45 23.30 -7.89
CA THR Y 533 36.95 22.05 -7.30
C THR Y 533 38.09 21.23 -6.67
N ALA Y 534 39.25 21.19 -7.32
CA ALA Y 534 40.39 20.45 -6.78
C ALA Y 534 40.87 21.04 -5.45
N ASP Y 535 40.84 22.37 -5.33
CA ASP Y 535 41.13 23.04 -4.06
C ASP Y 535 40.12 22.71 -2.97
N PHE Y 536 38.83 22.70 -3.33
CA PHE Y 536 37.78 22.29 -2.41
C PHE Y 536 38.04 20.87 -1.87
N LEU Y 537 38.37 19.95 -2.78
CA LEU Y 537 38.63 18.57 -2.40
C LEU Y 537 39.84 18.45 -1.49
N VAL Y 538 40.94 19.11 -1.84
CA VAL Y 538 42.15 18.95 -1.04
C VAL Y 538 42.03 19.69 0.29
N HIS Y 539 41.21 20.76 0.35
CA HIS Y 539 41.00 21.43 1.62
C HIS Y 539 40.16 20.57 2.56
N HIS Y 540 39.16 19.88 2.03
CA HIS Y 540 38.41 18.97 2.86
C HIS Y 540 39.23 17.75 3.27
N ILE Y 541 40.16 17.31 2.42
CA ILE Y 541 41.13 16.29 2.82
C ILE Y 541 42.00 16.78 3.99
N HIS Y 542 42.47 18.03 3.92
CA HIS Y 542 43.25 18.62 5.03
C HIS Y 542 42.43 18.69 6.31
N ALA Y 543 41.17 19.12 6.20
CA ALA Y 543 40.28 19.19 7.36
C ALA Y 543 40.07 17.81 7.96
N PHE Y 544 39.89 16.81 7.11
CA PHE Y 544 39.72 15.43 7.56
C PHE Y 544 40.95 14.92 8.30
N THR Y 545 42.14 15.15 7.73
CA THR Y 545 43.37 14.67 8.36
C THR Y 545 43.62 15.38 9.68
N ILE Y 546 43.38 16.70 9.74
CA ILE Y 546 43.47 17.45 10.98
C ILE Y 546 42.51 16.90 12.01
N HIS Y 547 41.27 16.62 11.61
CA HIS Y 547 40.26 16.13 12.55
C HIS Y 547 40.62 14.75 13.09
N VAL Y 548 41.19 13.88 12.27
CA VAL Y 548 41.57 12.56 12.80
C VAL Y 548 42.76 12.68 13.73
N THR Y 549 43.73 13.54 13.41
CA THR Y 549 44.84 13.77 14.33
C THR Y 549 44.34 14.32 15.65
N VAL Y 550 43.36 15.24 15.58
CA VAL Y 550 42.72 15.78 16.78
C VAL Y 550 41.99 14.68 17.54
N LEU Y 551 41.30 13.79 16.82
CA LEU Y 551 40.56 12.72 17.48
C LEU Y 551 41.48 11.80 18.26
N ILE Y 552 42.60 11.39 17.64
CA ILE Y 552 43.57 10.54 18.31
C ILE Y 552 44.17 11.25 19.52
N LEU Y 553 44.59 12.51 19.35
CA LEU Y 553 45.30 13.19 20.43
C LEU Y 553 44.37 13.59 21.56
N LEU Y 554 43.16 14.03 21.24
CA LEU Y 554 42.19 14.37 22.27
C LEU Y 554 41.69 13.13 22.99
N LYS Y 555 41.59 12.00 22.29
CA LYS Y 555 41.22 10.77 22.97
C LYS Y 555 42.32 10.31 23.90
N GLY Y 556 43.57 10.54 23.52
CA GLY Y 556 44.66 10.26 24.43
C GLY Y 556 44.67 11.16 25.66
N VAL Y 557 44.41 12.45 25.46
CA VAL Y 557 44.43 13.40 26.57
C VAL Y 557 43.25 13.17 27.51
N LEU Y 558 42.05 12.99 26.96
CA LEU Y 558 40.85 12.84 27.76
C LEU Y 558 40.74 11.47 28.43
N PHE Y 559 41.36 10.44 27.87
CA PHE Y 559 41.31 9.10 28.45
C PHE Y 559 42.64 8.69 29.03
N ALA Y 560 43.53 9.64 29.34
CA ALA Y 560 44.81 9.30 29.94
C ALA Y 560 44.64 8.79 31.37
N ARG Y 561 43.60 9.24 32.06
CA ARG Y 561 43.40 8.87 33.45
C ARG Y 561 42.62 7.56 33.59
N SER Y 562 41.54 7.40 32.85
CA SER Y 562 40.67 6.24 33.00
C SER Y 562 39.82 6.11 31.75
N SER Y 563 39.16 4.95 31.65
CA SER Y 563 38.15 4.70 30.64
C SER Y 563 37.24 3.60 31.15
N ARG Y 564 36.31 3.16 30.31
CA ARG Y 564 35.51 1.99 30.66
C ARG Y 564 36.33 0.72 30.59
N LEU Y 565 37.38 0.69 29.77
CA LEU Y 565 38.25 -0.47 29.67
C LEU Y 565 39.19 -0.57 30.85
N ILE Y 566 40.00 0.46 31.08
CA ILE Y 566 40.92 0.47 32.21
C ILE Y 566 40.57 1.65 33.12
N PRO Y 567 39.89 1.41 34.24
CA PRO Y 567 39.54 2.51 35.15
C PRO Y 567 40.72 3.09 35.93
N ASP Y 568 41.91 2.50 35.86
CA ASP Y 568 43.05 2.99 36.63
C ASP Y 568 44.26 3.24 35.73
N LYS Y 569 44.06 3.94 34.62
CA LYS Y 569 45.19 4.25 33.73
C LYS Y 569 46.15 5.25 34.35
N ALA Y 570 45.67 6.07 35.29
CA ALA Y 570 46.54 7.03 35.96
C ALA Y 570 47.57 6.31 36.82
N ASN Y 571 47.20 5.16 37.37
CA ASN Y 571 48.16 4.38 38.16
C ASN Y 571 49.19 3.70 37.26
N LEU Y 572 48.78 3.28 36.06
CA LEU Y 572 49.71 2.70 35.11
C LEU Y 572 50.66 3.72 34.52
N GLY Y 573 50.28 4.98 34.49
CA GLY Y 573 51.15 6.07 34.11
C GLY Y 573 50.80 6.63 32.74
N PHE Y 574 51.72 7.45 32.24
CA PHE Y 574 51.62 8.02 30.90
C PHE Y 574 52.24 7.10 29.85
N ARG Y 575 53.31 6.41 30.21
CA ARG Y 575 54.09 5.61 29.27
C ARG Y 575 54.09 4.16 29.73
N PHE Y 576 53.07 3.41 29.33
CA PHE Y 576 53.02 1.98 29.55
C PHE Y 576 52.53 1.29 28.29
N PRO Y 577 53.00 0.07 28.01
CA PRO Y 577 52.65 -0.58 26.75
C PRO Y 577 51.20 -1.00 26.62
N CYS Y 578 50.65 -1.54 27.70
CA CYS Y 578 49.33 -2.16 27.70
C CYS Y 578 48.97 -2.46 29.15
N ASP Y 579 47.84 -3.13 29.32
CA ASP Y 579 47.47 -3.80 30.55
C ASP Y 579 47.19 -5.27 30.27
N GLY Y 580 47.97 -5.88 29.38
CA GLY Y 580 47.88 -7.30 29.15
C GLY Y 580 46.93 -7.71 28.05
N PRO Y 581 46.98 -8.99 27.68
CA PRO Y 581 46.13 -9.49 26.58
C PRO Y 581 44.68 -9.69 26.96
N GLY Y 582 44.33 -9.50 28.22
CA GLY Y 582 42.97 -9.65 28.68
C GLY Y 582 42.11 -8.48 28.29
N ARG Y 583 40.83 -8.56 28.70
CA ARG Y 583 39.77 -7.64 28.30
C ARG Y 583 39.64 -7.59 26.78
N GLY Y 584 39.93 -8.73 26.12
CA GLY Y 584 40.07 -8.80 24.69
C GLY Y 584 41.46 -8.46 24.19
N GLY Y 585 42.18 -7.61 24.91
CA GLY Y 585 43.48 -7.11 24.48
C GLY Y 585 43.53 -5.60 24.65
N THR Y 586 44.51 -5.12 25.41
CA THR Y 586 44.56 -3.71 25.77
C THR Y 586 45.84 -3.06 25.29
N CYS Y 587 46.30 -3.43 24.10
CA CYS Y 587 47.52 -2.86 23.55
C CYS Y 587 47.28 -1.41 23.17
N GLN Y 588 48.26 -0.56 23.44
CA GLN Y 588 48.25 0.85 23.04
C GLN Y 588 47.08 1.62 23.64
N VAL Y 589 46.83 1.43 24.94
CA VAL Y 589 45.80 2.21 25.63
C VAL Y 589 46.36 3.51 26.21
N SER Y 590 47.67 3.61 26.39
CA SER Y 590 48.28 4.73 27.10
C SER Y 590 48.17 6.02 26.28
N GLY Y 591 48.33 7.14 26.98
CA GLY Y 591 48.45 8.43 26.31
C GLY Y 591 49.66 8.53 25.41
N TRP Y 592 50.76 7.89 25.79
CA TRP Y 592 51.95 7.81 24.94
C TRP Y 592 51.64 7.15 23.62
N ASP Y 593 50.85 6.08 23.63
CA ASP Y 593 50.54 5.39 22.37
C ASP Y 593 49.59 6.20 21.51
N HIS Y 594 48.73 7.01 22.13
CA HIS Y 594 47.92 7.93 21.33
C HIS Y 594 48.77 9.01 20.69
N VAL Y 595 49.81 9.48 21.39
CA VAL Y 595 50.77 10.39 20.76
C VAL Y 595 51.52 9.68 19.64
N PHE Y 596 51.84 8.40 19.85
CA PHE Y 596 52.52 7.58 18.85
C PHE Y 596 51.69 7.46 17.57
N LEU Y 597 50.38 7.28 17.71
CA LEU Y 597 49.50 7.21 16.54
C LEU Y 597 49.25 8.59 15.93
N GLY Y 598 49.14 9.62 16.77
CA GLY Y 598 49.00 10.98 16.28
C GLY Y 598 50.20 11.48 15.51
N LEU Y 599 51.38 10.92 15.78
CA LEU Y 599 52.55 11.26 14.98
C LEU Y 599 52.43 10.79 13.53
N PHE Y 600 51.97 9.55 13.31
CA PHE Y 600 51.71 9.09 11.95
C PHE Y 600 50.63 9.92 11.29
N TRP Y 601 49.58 10.25 12.04
CA TRP Y 601 48.51 11.03 11.42
C TRP Y 601 48.91 12.47 11.14
N MET Y 602 49.77 13.06 11.98
CA MET Y 602 50.38 14.34 11.68
C MET Y 602 51.23 14.25 10.42
N TYR Y 603 51.99 13.17 10.28
CA TYR Y 603 52.79 12.95 9.07
C TYR Y 603 51.89 12.95 7.84
N ASN Y 604 50.78 12.21 7.92
CA ASN Y 604 49.82 12.13 6.81
C ASN Y 604 49.25 13.51 6.47
N CYS Y 605 48.83 14.25 7.50
CA CYS Y 605 48.23 15.57 7.30
C CYS Y 605 49.22 16.55 6.67
N ILE Y 606 50.41 16.66 7.24
CA ILE Y 606 51.40 17.62 6.76
C ILE Y 606 51.92 17.20 5.38
N SER Y 607 52.03 15.89 5.13
CA SER Y 607 52.46 15.43 3.81
C SER Y 607 51.47 15.83 2.74
N VAL Y 608 50.16 15.66 3.02
CA VAL Y 608 49.16 16.09 2.06
C VAL Y 608 49.16 17.60 1.90
N VAL Y 609 49.38 18.35 2.99
CA VAL Y 609 49.40 19.81 2.92
C VAL Y 609 50.55 20.31 2.06
N ILE Y 610 51.76 19.79 2.28
CA ILE Y 610 52.90 20.22 1.49
C ILE Y 610 52.83 19.73 0.05
N PHE Y 611 52.18 18.58 -0.20
CA PHE Y 611 51.97 18.14 -1.57
C PHE Y 611 51.01 19.07 -2.32
N HIS Y 612 49.94 19.49 -1.63
CA HIS Y 612 49.03 20.48 -2.19
C HIS Y 612 49.77 21.79 -2.48
N PHE Y 613 50.61 22.23 -1.54
CA PHE Y 613 51.39 23.45 -1.74
C PHE Y 613 52.29 23.33 -2.96
N SER Y 614 53.06 22.24 -3.04
CA SER Y 614 54.01 22.05 -4.12
C SER Y 614 53.31 22.01 -5.48
N TRP Y 615 52.22 21.24 -5.58
CA TRP Y 615 51.53 21.14 -6.84
C TRP Y 615 50.81 22.42 -7.23
N LYS Y 616 50.11 23.08 -6.30
CA LYS Y 616 49.39 24.29 -6.64
C LYS Y 616 50.32 25.44 -6.97
N MET Y 617 51.48 25.54 -6.29
CA MET Y 617 52.47 26.55 -6.62
C MET Y 617 53.08 26.28 -7.98
N GLN Y 618 53.47 25.03 -8.26
CA GLN Y 618 54.09 24.72 -9.53
C GLN Y 618 53.10 24.77 -10.69
N SER Y 619 51.81 24.66 -10.41
CA SER Y 619 50.82 24.60 -11.48
C SER Y 619 50.10 25.90 -11.75
N ASP Y 620 49.88 26.76 -10.75
CA ASP Y 620 49.01 27.90 -10.92
C ASP Y 620 49.64 29.22 -10.49
N VAL Y 621 50.84 29.21 -9.93
CA VAL Y 621 51.50 30.47 -9.57
C VAL Y 621 52.86 30.57 -10.24
N TRP Y 622 53.77 29.65 -9.91
CA TRP Y 622 55.17 29.75 -10.29
C TRP Y 622 55.37 29.56 -11.78
N GLY Y 623 56.57 29.79 -12.26
CA GLY Y 623 56.84 29.60 -13.68
C GLY Y 623 57.72 30.72 -14.20
N THR Y 624 57.50 31.10 -15.45
CA THR Y 624 58.18 32.24 -16.02
C THR Y 624 57.17 33.16 -16.69
N VAL Y 625 57.54 34.43 -16.77
CA VAL Y 625 56.73 35.44 -17.45
C VAL Y 625 57.47 35.81 -18.73
N ALA Y 626 56.79 35.68 -19.86
CA ALA Y 626 57.37 36.01 -21.15
C ALA Y 626 57.60 37.53 -21.23
N PRO Y 627 58.50 37.97 -22.14
CA PRO Y 627 58.67 39.41 -22.38
C PRO Y 627 57.38 40.13 -22.76
N ASP Y 628 56.45 39.43 -23.43
CA ASP Y 628 55.15 40.01 -23.74
C ASP Y 628 54.24 40.04 -22.51
N GLY Y 629 54.44 39.12 -21.57
CA GLY Y 629 53.60 39.07 -20.39
C GLY Y 629 52.66 37.88 -20.33
N THR Y 630 53.13 36.72 -20.78
CA THR Y 630 52.37 35.47 -20.69
C THR Y 630 53.06 34.56 -19.69
N VAL Y 631 52.31 34.13 -18.68
CA VAL Y 631 52.84 33.24 -17.65
C VAL Y 631 52.78 31.81 -18.15
N SER Y 632 53.93 31.13 -18.17
CA SER Y 632 53.98 29.70 -18.45
C SER Y 632 54.31 29.00 -17.14
N HIS Y 633 53.29 28.43 -16.52
CA HIS Y 633 53.45 27.75 -15.24
C HIS Y 633 54.30 26.49 -15.42
N ILE Y 634 54.94 26.05 -14.33
CA ILE Y 634 55.94 24.99 -14.37
C ILE Y 634 55.32 23.67 -14.83
N THR Y 635 54.20 23.28 -14.23
CA THR Y 635 53.47 22.09 -14.70
C THR Y 635 52.33 22.46 -15.64
N GLY Y 636 52.16 23.75 -15.93
CA GLY Y 636 51.21 24.21 -16.93
C GLY Y 636 49.74 24.01 -16.57
N GLY Y 637 49.40 24.19 -15.30
CA GLY Y 637 48.02 24.11 -14.86
C GLY Y 637 47.35 22.76 -14.99
N ASN Y 638 48.05 21.70 -14.59
CA ASN Y 638 47.43 20.38 -14.61
C ASN Y 638 46.62 20.11 -13.35
N PHE Y 639 46.70 21.00 -12.36
CA PHE Y 639 46.09 20.79 -11.04
C PHE Y 639 44.57 20.64 -11.12
N ALA Y 640 43.92 21.49 -11.92
CA ALA Y 640 42.46 21.51 -11.98
C ALA Y 640 41.85 20.23 -12.52
N GLN Y 641 42.61 19.46 -13.31
CA GLN Y 641 42.09 18.24 -13.89
C GLN Y 641 42.77 16.97 -13.40
N SER Y 642 43.91 17.08 -12.71
CA SER Y 642 44.61 15.91 -12.22
C SER Y 642 44.61 15.79 -10.70
N ALA Y 643 44.45 16.88 -9.95
CA ALA Y 643 44.41 16.80 -8.50
C ALA Y 643 43.01 16.45 -7.99
N ILE Y 644 42.14 15.97 -8.86
CA ILE Y 644 40.82 15.47 -8.46
C ILE Y 644 40.76 13.96 -8.39
N THR Y 645 41.78 13.25 -8.87
CA THR Y 645 41.85 11.80 -8.79
C THR Y 645 43.14 11.39 -8.07
N ILE Y 646 43.12 10.19 -7.49
CA ILE Y 646 44.35 9.66 -6.91
C ILE Y 646 45.34 9.29 -8.01
N ASN Y 647 44.83 8.85 -9.17
CA ASN Y 647 45.70 8.55 -10.30
C ASN Y 647 46.43 9.80 -10.78
N GLY Y 648 45.75 10.94 -10.78
CA GLY Y 648 46.40 12.17 -11.18
C GLY Y 648 47.49 12.61 -10.21
N TRP Y 649 47.24 12.45 -8.91
CA TRP Y 649 48.28 12.72 -7.92
C TRP Y 649 49.46 11.78 -8.08
N LEU Y 650 49.17 10.51 -8.37
CA LEU Y 650 50.24 9.53 -8.56
C LEU Y 650 51.05 9.82 -9.81
N ARG Y 651 50.39 10.23 -10.90
CA ARG Y 651 51.04 10.37 -12.19
C ARG Y 651 51.64 11.76 -12.38
N ASP Y 652 50.79 12.78 -12.34
CA ASP Y 652 51.19 14.15 -12.70
C ASP Y 652 51.86 14.89 -11.56
N PHE Y 653 51.84 14.35 -10.34
CA PHE Y 653 52.59 14.95 -9.25
C PHE Y 653 53.73 14.05 -8.77
N LEU Y 654 53.43 12.82 -8.35
CA LEU Y 654 54.48 12.00 -7.77
C LEU Y 654 55.40 11.41 -8.83
N TRP Y 655 54.82 10.76 -9.84
CA TRP Y 655 55.64 10.13 -10.89
C TRP Y 655 56.35 11.17 -11.74
N ALA Y 656 55.64 12.24 -12.11
CA ALA Y 656 56.18 13.24 -13.03
C ALA Y 656 57.32 14.03 -12.40
N GLN Y 657 57.10 14.55 -11.20
CA GLN Y 657 58.06 15.46 -10.59
C GLN Y 657 59.21 14.76 -9.88
N ALA Y 658 59.14 13.44 -9.73
CA ALA Y 658 60.26 12.69 -9.15
C ALA Y 658 61.32 12.34 -10.18
N SER Y 659 61.12 12.73 -11.44
CA SER Y 659 62.12 12.48 -12.47
C SER Y 659 63.41 13.22 -12.18
N GLN Y 660 63.32 14.39 -11.55
CA GLN Y 660 64.50 15.18 -11.22
C GLN Y 660 65.34 14.51 -10.14
N VAL Y 661 64.70 13.96 -9.11
CA VAL Y 661 65.44 13.36 -8.01
C VAL Y 661 66.02 12.00 -8.42
N ILE Y 662 65.46 11.37 -9.45
CA ILE Y 662 65.97 10.07 -9.86
C ILE Y 662 66.89 10.16 -11.07
N GLY Y 663 66.94 11.31 -11.75
CA GLY Y 663 67.92 11.50 -12.80
C GLY Y 663 69.13 12.26 -12.29
N SER Y 664 69.25 12.37 -10.97
CA SER Y 664 70.26 13.24 -10.37
C SER Y 664 71.64 12.60 -10.29
N TYR Y 665 71.78 11.33 -10.66
CA TYR Y 665 73.06 10.64 -10.48
C TYR Y 665 74.06 11.12 -11.53
N GLY Y 666 75.10 11.77 -11.07
CA GLY Y 666 76.11 12.33 -11.94
C GLY Y 666 76.13 13.85 -12.00
N SER Y 667 75.47 14.54 -11.08
CA SER Y 667 75.40 15.99 -11.12
C SER Y 667 75.51 16.53 -9.70
N ALA Y 668 75.21 17.82 -9.54
CA ALA Y 668 75.22 18.45 -8.22
C ALA Y 668 74.02 18.07 -7.37
N LEU Y 669 73.00 17.45 -7.96
CA LEU Y 669 71.82 17.03 -7.24
C LEU Y 669 71.91 15.58 -6.77
N SER Y 670 73.07 14.95 -6.96
CA SER Y 670 73.33 13.55 -6.67
C SER Y 670 73.00 13.16 -5.24
N ALA Y 671 73.32 14.07 -4.31
CA ALA Y 671 73.05 13.81 -2.90
C ALA Y 671 71.57 13.72 -2.63
N TYR Y 672 70.76 14.47 -3.39
CA TYR Y 672 69.31 14.37 -3.22
C TYR Y 672 68.78 13.02 -3.67
N GLY Y 673 69.29 12.46 -4.77
CA GLY Y 673 68.90 11.12 -5.15
C GLY Y 673 69.37 10.07 -4.15
N LEU Y 674 70.59 10.22 -3.64
CA LEU Y 674 71.10 9.31 -2.62
C LEU Y 674 70.25 9.38 -1.35
N LEU Y 675 69.85 10.58 -0.93
CA LEU Y 675 69.04 10.71 0.28
C LEU Y 675 67.59 10.31 0.04
N PHE Y 676 67.08 10.48 -1.18
CA PHE Y 676 65.79 9.91 -1.57
C PHE Y 676 65.76 8.40 -1.36
N LEU Y 677 66.79 7.71 -1.85
CA LEU Y 677 66.89 6.27 -1.64
C LEU Y 677 67.11 5.91 -0.16
N GLY Y 678 68.00 6.64 0.53
CA GLY Y 678 68.27 6.35 1.93
C GLY Y 678 67.07 6.58 2.83
N ALA Y 679 66.25 7.56 2.48
CA ALA Y 679 65.04 7.83 3.23
C ALA Y 679 63.97 6.79 2.97
N HIS Y 680 63.86 6.32 1.72
CA HIS Y 680 63.03 5.15 1.44
C HIS Y 680 63.45 3.96 2.30
N PHE Y 681 64.77 3.75 2.41
CA PHE Y 681 65.31 2.66 3.22
C PHE Y 681 64.94 2.82 4.69
N VAL Y 682 65.12 4.02 5.25
CA VAL Y 682 64.86 4.24 6.67
C VAL Y 682 63.38 4.12 6.97
N TRP Y 683 62.52 4.61 6.07
CA TRP Y 683 61.08 4.44 6.22
C TRP Y 683 60.69 2.98 6.22
N ALA Y 684 61.28 2.18 5.33
CA ALA Y 684 60.96 0.76 5.31
C ALA Y 684 61.59 0.00 6.47
N PHE Y 685 62.73 0.46 6.96
CA PHE Y 685 63.34 -0.08 8.16
C PHE Y 685 62.44 0.10 9.38
N SER Y 686 61.70 1.21 9.39
CA SER Y 686 60.75 1.47 10.48
C SER Y 686 59.69 0.38 10.60
N LEU Y 687 59.28 -0.22 9.49
CA LEU Y 687 58.15 -1.14 9.52
C LEU Y 687 58.50 -2.43 10.23
N MET Y 688 59.78 -2.80 10.29
CA MET Y 688 60.20 -3.94 11.10
C MET Y 688 59.89 -3.71 12.57
N PHE Y 689 60.21 -2.51 13.08
CA PHE Y 689 59.89 -2.17 14.46
C PHE Y 689 58.40 -1.98 14.68
N LEU Y 690 57.70 -1.46 13.67
CA LEU Y 690 56.28 -1.17 13.81
C LEU Y 690 55.38 -2.39 13.74
N PHE Y 691 55.72 -3.39 12.94
CA PHE Y 691 54.82 -4.51 12.73
C PHE Y 691 55.08 -5.67 13.68
N SER Y 692 56.29 -5.78 14.22
CA SER Y 692 56.67 -6.89 15.08
C SER Y 692 56.49 -6.51 16.55
N GLY Y 693 56.83 -7.46 17.41
CA GLY Y 693 56.86 -7.22 18.84
C GLY Y 693 58.12 -7.80 19.44
N ARG Y 694 58.41 -7.40 20.68
CA ARG Y 694 59.72 -7.66 21.25
C ARG Y 694 59.92 -9.11 21.68
N GLY Y 695 58.86 -9.91 21.74
CA GLY Y 695 58.99 -11.30 22.13
C GLY Y 695 59.83 -12.12 21.17
N TYR Y 696 59.57 -11.95 19.87
CA TYR Y 696 60.39 -12.60 18.85
C TYR Y 696 61.85 -12.21 18.99
N TRP Y 697 62.10 -10.92 19.23
CA TRP Y 697 63.46 -10.42 19.28
C TRP Y 697 64.18 -10.92 20.52
N GLN Y 698 63.47 -11.04 21.64
CA GLN Y 698 64.06 -11.61 22.84
C GLN Y 698 64.40 -13.09 22.65
N GLU Y 699 63.50 -13.86 22.03
CA GLU Y 699 63.83 -15.26 21.73
C GLU Y 699 64.97 -15.43 20.74
N LEU Y 700 65.13 -14.51 19.78
CA LEU Y 700 66.26 -14.57 18.85
C LEU Y 700 67.57 -14.14 19.49
N ILE Y 701 67.53 -13.09 20.33
CA ILE Y 701 68.68 -12.67 21.11
C ILE Y 701 69.11 -13.78 22.05
N GLU Y 702 68.17 -14.61 22.50
CA GLU Y 702 68.52 -15.79 23.31
C GLU Y 702 69.45 -16.75 22.59
N SER Y 703 69.16 -17.06 21.32
CA SER Y 703 70.02 -17.98 20.57
C SER Y 703 71.35 -17.33 20.20
N ILE Y 704 71.32 -16.03 19.89
CA ILE Y 704 72.59 -15.32 19.67
C ILE Y 704 73.42 -15.25 20.97
N VAL Y 705 72.76 -15.13 22.12
CA VAL Y 705 73.41 -15.19 23.42
C VAL Y 705 74.02 -16.56 23.67
N TRP Y 706 73.33 -17.63 23.22
CA TRP Y 706 73.92 -18.97 23.27
C TRP Y 706 75.20 -19.04 22.46
N ALA Y 707 75.16 -18.46 21.25
CA ALA Y 707 76.32 -18.45 20.36
C ALA Y 707 77.50 -17.74 21.00
N HIS Y 708 77.21 -16.65 21.71
CA HIS Y 708 78.25 -15.94 22.43
C HIS Y 708 78.73 -16.71 23.66
N ASN Y 709 77.82 -17.39 24.36
CA ASN Y 709 78.16 -18.08 25.59
C ASN Y 709 79.03 -19.31 25.31
N LYS Y 710 78.87 -19.90 24.11
CA LYS Y 710 79.70 -21.02 23.74
C LYS Y 710 81.16 -20.62 23.56
N LEU Y 711 81.41 -19.38 23.10
CA LEU Y 711 82.75 -18.91 22.79
C LEU Y 711 83.34 -18.05 23.90
N LYS Y 712 82.79 -18.13 25.12
CA LYS Y 712 83.24 -17.38 26.30
C LYS Y 712 83.27 -15.87 26.04
N VAL Y 713 82.26 -15.40 25.30
CA VAL Y 713 82.24 -14.01 24.84
C VAL Y 713 80.90 -13.33 25.11
N ALA Y 714 79.96 -13.99 25.79
CA ALA Y 714 78.69 -13.35 26.12
C ALA Y 714 78.92 -12.21 27.11
N PRO Y 715 78.31 -11.04 26.90
CA PRO Y 715 78.61 -9.88 27.74
C PRO Y 715 78.01 -10.01 29.14
N ALA Y 716 78.67 -9.36 30.09
CA ALA Y 716 78.17 -9.30 31.46
C ALA Y 716 76.87 -8.52 31.54
N ILE Y 717 76.75 -7.42 30.78
CA ILE Y 717 75.47 -6.75 30.61
C ILE Y 717 74.62 -7.56 29.64
N GLN Y 718 73.52 -8.11 30.15
CA GLN Y 718 72.66 -9.02 29.42
C GLN Y 718 71.96 -8.32 28.26
N PRO Y 719 72.07 -8.88 27.06
CA PRO Y 719 71.37 -8.29 25.92
C PRO Y 719 69.87 -8.52 26.03
N ARG Y 720 69.13 -7.43 26.14
CA ARG Y 720 67.67 -7.51 26.14
C ARG Y 720 67.15 -6.77 24.93
N ALA Y 721 66.07 -7.28 24.35
CA ALA Y 721 65.40 -6.57 23.28
C ALA Y 721 64.81 -5.27 23.82
N LEU Y 722 64.51 -4.34 22.91
CA LEU Y 722 63.90 -3.08 23.31
C LEU Y 722 62.52 -3.34 23.87
N SER Y 723 62.07 -2.45 24.75
CA SER Y 723 60.74 -2.57 25.33
C SER Y 723 59.68 -2.34 24.26
N ILE Y 724 58.43 -2.62 24.63
CA ILE Y 724 57.31 -2.45 23.72
C ILE Y 724 57.16 -1.00 23.32
N ILE Y 725 57.25 -0.10 24.30
CA ILE Y 725 57.18 1.32 24.04
C ILE Y 725 58.39 1.78 23.23
N GLN Y 726 59.59 1.26 23.54
CA GLN Y 726 60.76 1.63 22.76
C GLN Y 726 60.68 1.11 21.33
N GLY Y 727 60.12 -0.09 21.15
CA GLY Y 727 59.90 -0.59 19.80
C GLY Y 727 58.98 0.31 19.00
N ARG Y 728 57.87 0.76 19.62
CA ARG Y 728 56.99 1.72 18.97
C ARG Y 728 57.69 3.05 18.70
N ALA Y 729 58.52 3.50 19.65
CA ALA Y 729 59.20 4.78 19.52
C ALA Y 729 60.21 4.76 18.38
N VAL Y 730 61.01 3.69 18.30
CA VAL Y 730 61.98 3.52 17.22
C VAL Y 730 61.27 3.42 15.89
N GLY Y 731 60.15 2.68 15.82
CA GLY Y 731 59.41 2.56 14.59
C GLY Y 731 58.86 3.89 14.11
N VAL Y 732 58.23 4.65 15.02
CA VAL Y 732 57.67 5.93 14.61
C VAL Y 732 58.76 6.96 14.29
N ALA Y 733 59.90 6.90 14.99
CA ALA Y 733 61.00 7.81 14.70
C ALA Y 733 61.58 7.54 13.31
N HIS Y 734 61.83 6.28 12.99
CA HIS Y 734 62.36 5.94 11.68
C HIS Y 734 61.35 6.21 10.59
N TYR Y 735 60.06 5.99 10.87
CA TYR Y 735 59.00 6.25 9.90
C TYR Y 735 58.94 7.73 9.56
N LEU Y 736 58.90 8.58 10.59
CA LEU Y 736 58.87 10.02 10.38
C LEU Y 736 60.13 10.49 9.66
N LEU Y 737 61.31 10.03 10.10
CA LEU Y 737 62.57 10.44 9.50
C LEU Y 737 62.64 10.07 8.03
N GLY Y 738 62.36 8.81 7.70
CA GLY Y 738 62.36 8.35 6.33
C GLY Y 738 61.35 9.02 5.44
N GLY Y 739 60.09 9.15 5.87
CA GLY Y 739 59.09 9.77 5.02
C GLY Y 739 59.37 11.25 4.78
N ILE Y 740 59.73 11.97 5.85
CA ILE Y 740 60.01 13.39 5.73
C ILE Y 740 61.25 13.62 4.86
N ALA Y 741 62.29 12.79 5.03
CA ALA Y 741 63.48 12.97 4.23
C ALA Y 741 63.27 12.57 2.79
N THR Y 742 62.36 11.63 2.51
CA THR Y 742 62.01 11.30 1.14
C THR Y 742 61.37 12.49 0.45
N THR Y 743 60.38 13.08 1.13
CA THR Y 743 59.70 14.25 0.57
C THR Y 743 60.65 15.43 0.46
N TRP Y 744 61.59 15.56 1.40
CA TRP Y 744 62.58 16.63 1.38
C TRP Y 744 63.50 16.53 0.17
N ALA Y 745 64.07 15.34 -0.05
CA ALA Y 745 64.98 15.13 -1.17
C ALA Y 745 64.28 15.32 -2.50
N PHE Y 746 63.05 14.79 -2.61
CA PHE Y 746 62.22 14.96 -3.79
C PHE Y 746 61.94 16.43 -4.10
N PHE Y 747 61.41 17.15 -3.09
CA PHE Y 747 61.07 18.56 -3.22
C PHE Y 747 62.28 19.36 -3.65
N LEU Y 748 63.40 19.16 -2.97
CA LEU Y 748 64.58 19.99 -3.20
C LEU Y 748 65.19 19.73 -4.57
N ALA Y 749 65.28 18.46 -4.98
CA ALA Y 749 65.83 18.17 -6.29
C ALA Y 749 64.93 18.72 -7.40
N ARG Y 750 63.62 18.51 -7.28
CA ARG Y 750 62.66 18.98 -8.27
C ARG Y 750 62.70 20.50 -8.39
N ILE Y 751 62.77 21.21 -7.26
CA ILE Y 751 62.62 22.65 -7.33
C ILE Y 751 63.96 23.35 -7.53
N ILE Y 752 65.10 22.69 -7.29
CA ILE Y 752 66.34 23.26 -7.77
C ILE Y 752 66.41 23.13 -9.27
N SER Y 753 66.03 21.96 -9.83
CA SER Y 753 66.13 21.75 -11.26
C SER Y 753 65.13 22.58 -12.07
N VAL Y 754 63.86 22.67 -11.64
CA VAL Y 754 62.87 23.41 -12.40
C VAL Y 754 62.71 24.86 -11.91
N GLY Y 755 63.32 25.23 -10.80
CA GLY Y 755 63.15 26.56 -10.27
C GLY Y 755 64.42 27.39 -10.25
N ALA Z 2 24.00 -17.96 24.42
CA ALA Z 2 24.56 -19.00 23.56
C ALA Z 2 23.81 -19.07 22.23
N THR Z 3 24.56 -19.24 21.14
CA THR Z 3 23.98 -19.35 19.80
C THR Z 3 24.31 -20.70 19.19
N LYS Z 4 23.67 -20.97 18.04
CA LYS Z 4 24.02 -22.16 17.27
C LYS Z 4 25.42 -22.06 16.70
N PHE Z 5 25.74 -20.91 16.13
CA PHE Z 5 27.00 -20.73 15.44
C PHE Z 5 28.08 -20.29 16.42
N PRO Z 6 29.25 -20.93 16.42
CA PRO Z 6 29.62 -22.12 15.63
C PRO Z 6 29.18 -23.41 16.29
N LYS Z 7 28.81 -24.42 15.50
CA LYS Z 7 28.47 -25.72 16.08
C LYS Z 7 29.71 -26.42 16.63
N PHE Z 8 30.86 -26.18 16.03
CA PHE Z 8 32.07 -26.91 16.37
C PHE Z 8 32.75 -26.42 17.65
N SER Z 9 32.32 -25.29 18.22
CA SER Z 9 32.97 -24.79 19.43
C SER Z 9 31.93 -24.08 20.29
N GLN Z 10 31.61 -24.68 21.43
CA GLN Z 10 30.67 -24.06 22.36
C GLN Z 10 31.26 -22.86 23.08
N ASP Z 11 32.59 -22.81 23.22
CA ASP Z 11 33.26 -21.67 23.83
C ASP Z 11 33.03 -20.41 23.01
N LEU Z 12 33.18 -20.52 21.69
CA LEU Z 12 32.81 -19.40 20.82
C LEU Z 12 31.31 -19.21 20.76
N ALA Z 13 30.54 -20.29 20.86
CA ALA Z 13 29.09 -20.18 20.74
C ALA Z 13 28.46 -19.40 21.89
N GLN Z 14 29.02 -19.47 23.09
CA GLN Z 14 28.51 -18.69 24.21
C GLN Z 14 29.06 -17.27 24.23
N ASP Z 15 30.02 -16.95 23.36
CA ASP Z 15 30.62 -15.62 23.33
C ASP Z 15 29.59 -14.59 22.89
N PRO Z 16 29.36 -13.53 23.67
CA PRO Z 16 28.31 -12.55 23.34
C PRO Z 16 28.78 -11.40 22.45
N THR Z 17 29.97 -11.48 21.87
CA THR Z 17 30.53 -10.37 21.12
C THR Z 17 30.62 -10.72 19.63
N THR Z 18 31.13 -9.78 18.84
CA THR Z 18 31.34 -10.03 17.42
C THR Z 18 32.52 -10.96 17.18
N ARG Z 19 33.41 -11.10 18.17
CA ARG Z 19 34.53 -12.04 18.10
C ARG Z 19 34.05 -13.45 17.78
N ARG Z 20 32.90 -13.82 18.34
CA ARG Z 20 32.26 -15.12 18.09
C ARG Z 20 32.15 -15.42 16.61
N ILE Z 21 31.77 -14.42 15.81
CA ILE Z 21 31.67 -14.65 14.38
C ILE Z 21 33.07 -14.81 13.79
N TRP Z 22 33.97 -13.86 14.08
CA TRP Z 22 35.25 -13.77 13.38
C TRP Z 22 36.08 -15.02 13.62
N TYR Z 23 36.26 -15.36 14.90
CA TYR Z 23 37.05 -16.52 15.29
C TYR Z 23 36.48 -17.81 14.73
N ALA Z 24 35.15 -17.89 14.62
CA ALA Z 24 34.54 -19.10 14.08
C ALA Z 24 34.95 -19.29 12.63
N ILE Z 25 34.97 -18.19 11.87
CA ILE Z 25 35.44 -18.25 10.49
C ILE Z 25 36.89 -18.69 10.44
N ALA Z 26 37.69 -18.26 11.40
CA ALA Z 26 39.08 -18.65 11.39
C ALA Z 26 39.33 -19.99 12.08
N THR Z 27 38.31 -20.62 12.65
CA THR Z 27 38.51 -21.90 13.31
C THR Z 27 37.64 -23.00 12.74
N ALA Z 28 36.97 -22.76 11.61
CA ALA Z 28 36.08 -23.74 11.04
C ALA Z 28 36.83 -24.89 10.37
N HIS Z 29 38.10 -24.71 10.03
CA HIS Z 29 38.88 -25.74 9.36
C HIS Z 29 39.97 -26.32 10.25
N ASP Z 30 40.08 -25.86 11.50
CA ASP Z 30 40.99 -26.48 12.46
C ASP Z 30 40.25 -27.61 13.19
N PHE Z 31 40.10 -28.72 12.46
CA PHE Z 31 39.21 -29.80 12.88
C PHE Z 31 39.64 -30.44 14.19
N GLU Z 32 40.94 -30.40 14.50
CA GLU Z 32 41.47 -31.02 15.71
C GLU Z 32 40.94 -30.33 16.97
N SER Z 33 40.78 -29.02 16.92
CA SER Z 33 40.30 -28.28 18.09
C SER Z 33 38.79 -28.23 18.19
N HIS Z 34 38.04 -28.82 17.27
CA HIS Z 34 36.58 -28.78 17.37
C HIS Z 34 36.11 -29.66 18.52
N ASP Z 35 34.92 -29.35 19.02
CA ASP Z 35 34.41 -29.99 20.23
C ASP Z 35 34.03 -31.44 19.95
N GLY Z 36 34.56 -32.34 20.77
CA GLY Z 36 34.29 -33.75 20.62
C GLY Z 36 34.85 -34.39 19.37
N MET Z 37 36.06 -34.02 18.97
CA MET Z 37 36.66 -34.58 17.77
C MET Z 37 37.37 -35.89 18.11
N THR Z 38 37.34 -36.83 17.18
CA THR Z 38 38.04 -38.09 17.28
C THR Z 38 38.88 -38.28 16.02
N GLU Z 39 39.97 -39.04 16.13
CA GLU Z 39 40.93 -39.25 15.05
C GLU Z 39 40.27 -39.87 13.82
N GLU Z 40 39.35 -40.81 14.06
CA GLU Z 40 38.60 -41.44 12.97
C GLU Z 40 37.79 -40.40 12.19
N ASN Z 41 36.97 -39.62 12.90
CA ASN Z 41 36.18 -38.57 12.26
C ASN Z 41 37.07 -37.48 11.70
N LEU Z 42 38.20 -37.23 12.35
CA LEU Z 42 39.17 -36.27 11.83
C LEU Z 42 39.63 -36.65 10.44
N TYR Z 43 40.15 -37.88 10.29
CA TYR Z 43 40.68 -38.31 8.99
C TYR Z 43 39.59 -38.42 7.94
N GLN Z 44 38.38 -38.84 8.34
CA GLN Z 44 37.29 -38.91 7.37
C GLN Z 44 36.88 -37.51 6.89
N LYS Z 45 36.90 -36.52 7.80
CA LYS Z 45 36.65 -35.14 7.40
C LYS Z 45 37.72 -34.64 6.44
N ILE Z 46 38.99 -35.02 6.69
CA ILE Z 46 40.08 -34.60 5.80
C ILE Z 46 39.86 -35.16 4.40
N PHE Z 47 39.45 -36.44 4.34
CA PHE Z 47 39.22 -37.10 3.06
C PHE Z 47 38.10 -36.41 2.27
N ALA Z 48 36.98 -36.13 2.95
CA ALA Z 48 35.85 -35.48 2.28
C ALA Z 48 36.21 -34.06 1.82
N SER Z 49 36.96 -33.32 2.65
CA SER Z 49 37.40 -31.99 2.27
C SER Z 49 38.37 -32.00 1.09
N HIS Z 50 39.24 -33.01 1.03
CA HIS Z 50 40.12 -33.20 -0.12
C HIS Z 50 39.33 -33.40 -1.40
N PHE Z 51 38.28 -34.22 -1.34
CA PHE Z 51 37.44 -34.41 -2.53
C PHE Z 51 36.72 -33.13 -2.93
N GLY Z 52 36.24 -32.37 -1.95
CA GLY Z 52 35.59 -31.09 -2.26
C GLY Z 52 36.54 -30.11 -2.91
N HIS Z 53 37.78 -30.07 -2.43
CA HIS Z 53 38.79 -29.21 -3.04
C HIS Z 53 39.14 -29.66 -4.46
N LEU Z 54 39.24 -30.98 -4.68
CA LEU Z 54 39.49 -31.49 -6.02
C LEU Z 54 38.36 -31.11 -6.97
N ALA Z 55 37.13 -31.16 -6.48
CA ALA Z 55 35.98 -30.74 -7.26
C ALA Z 55 36.05 -29.25 -7.61
N ILE Z 56 36.50 -28.44 -6.65
CA ILE Z 56 36.65 -27.00 -6.91
C ILE Z 56 37.70 -26.75 -8.00
N ILE Z 57 38.82 -27.49 -7.94
CA ILE Z 57 39.85 -27.39 -8.99
C ILE Z 57 39.28 -27.74 -10.36
N PHE Z 58 38.52 -28.84 -10.42
CA PHE Z 58 37.94 -29.28 -11.68
C PHE Z 58 36.93 -28.26 -12.22
N LEU Z 59 36.11 -27.69 -11.32
CA LEU Z 59 35.14 -26.67 -11.73
C LEU Z 59 35.83 -25.40 -12.23
N TRP Z 60 36.94 -25.03 -11.61
CA TRP Z 60 37.73 -23.88 -12.03
C TRP Z 60 38.29 -24.03 -13.45
N VAL Z 61 38.91 -25.19 -13.73
CA VAL Z 61 39.46 -25.39 -15.07
C VAL Z 61 38.33 -25.58 -16.09
N SER Z 62 37.19 -26.13 -15.64
CA SER Z 62 35.99 -26.19 -16.48
C SER Z 62 35.49 -24.80 -16.85
N GLY Z 63 35.50 -23.88 -15.90
CA GLY Z 63 35.07 -22.53 -16.14
C GLY Z 63 35.96 -21.81 -17.13
N SER Z 64 37.28 -22.01 -16.97
CA SER Z 64 38.24 -21.49 -17.93
C SER Z 64 37.94 -21.98 -19.35
N LEU Z 65 37.76 -23.31 -19.50
CA LEU Z 65 37.48 -23.88 -20.81
C LEU Z 65 36.16 -23.38 -21.39
N PHE Z 66 35.11 -23.32 -20.55
CA PHE Z 66 33.80 -22.94 -21.04
C PHE Z 66 33.78 -21.48 -21.48
N HIS Z 67 34.44 -20.60 -20.74
CA HIS Z 67 34.43 -19.20 -21.13
C HIS Z 67 35.31 -18.95 -22.34
N VAL Z 68 36.36 -19.74 -22.52
CA VAL Z 68 37.12 -19.58 -23.76
C VAL Z 68 36.33 -20.10 -24.95
N ALA Z 69 35.63 -21.22 -24.79
CA ALA Z 69 34.84 -21.78 -25.89
C ALA Z 69 33.65 -20.86 -26.23
N TRP Z 70 33.12 -20.17 -25.23
CA TRP Z 70 31.91 -19.39 -25.44
C TRP Z 70 32.20 -17.95 -25.85
N GLN Z 71 33.05 -17.24 -25.10
CA GLN Z 71 33.25 -15.82 -25.32
C GLN Z 71 34.65 -15.50 -25.83
N GLY Z 72 35.47 -16.53 -26.06
CA GLY Z 72 36.84 -16.36 -26.46
C GLY Z 72 37.03 -16.46 -27.96
N ASN Z 73 38.30 -16.42 -28.37
CA ASN Z 73 38.68 -16.43 -29.77
C ASN Z 73 39.70 -17.53 -30.03
N PHE Z 74 39.41 -18.74 -29.56
CA PHE Z 74 40.41 -19.81 -29.61
C PHE Z 74 40.74 -20.19 -31.05
N GLU Z 75 39.74 -20.30 -31.92
CA GLU Z 75 39.97 -20.72 -33.30
C GLU Z 75 40.74 -19.66 -34.09
N GLN Z 76 40.36 -18.39 -33.94
CA GLN Z 76 41.12 -17.30 -34.55
C GLN Z 76 42.52 -17.21 -33.96
N TRP Z 77 42.69 -17.70 -32.73
CA TRP Z 77 44.03 -17.79 -32.17
C TRP Z 77 44.78 -19.00 -32.73
N ILE Z 78 44.08 -20.02 -33.20
CA ILE Z 78 44.76 -21.13 -33.89
C ILE Z 78 45.35 -20.63 -35.21
N GLN Z 79 44.56 -19.86 -35.97
CA GLN Z 79 45.05 -19.45 -37.30
C GLN Z 79 46.26 -18.53 -37.23
N ASP Z 80 46.39 -17.68 -36.21
CA ASP Z 80 47.50 -16.73 -36.11
C ASP Z 80 47.86 -16.54 -34.65
N PRO Z 81 48.57 -17.51 -34.04
CA PRO Z 81 48.83 -17.44 -32.60
C PRO Z 81 49.88 -16.42 -32.20
N LEU Z 82 50.62 -15.85 -33.15
CA LEU Z 82 51.63 -14.86 -32.80
C LEU Z 82 51.10 -13.44 -32.87
N ASN Z 83 50.01 -13.19 -33.59
CA ASN Z 83 49.51 -11.84 -33.77
C ASN Z 83 48.02 -11.74 -33.43
N THR Z 84 47.54 -12.61 -32.52
CA THR Z 84 46.18 -12.56 -32.03
C THR Z 84 46.21 -12.67 -30.51
N ARG Z 85 45.46 -11.80 -29.85
CA ARG Z 85 45.42 -11.81 -28.41
C ARG Z 85 44.33 -12.74 -27.91
N PRO Z 86 44.65 -13.67 -27.02
CA PRO Z 86 43.63 -14.58 -26.47
C PRO Z 86 42.62 -13.82 -25.63
N ILE Z 87 41.38 -14.28 -25.66
CA ILE Z 87 40.31 -13.69 -24.88
C ILE Z 87 40.03 -14.59 -23.68
N ALA Z 88 40.16 -14.03 -22.48
CA ALA Z 88 39.82 -14.75 -21.26
C ALA Z 88 38.32 -15.00 -21.20
N HIS Z 89 37.53 -13.92 -21.15
CA HIS Z 89 36.09 -13.99 -21.11
C HIS Z 89 35.57 -12.60 -21.45
N ALA Z 90 34.25 -12.48 -21.47
CA ALA Z 90 33.62 -11.21 -21.77
C ALA Z 90 33.55 -10.33 -20.53
N ILE Z 91 33.17 -9.08 -20.75
CA ILE Z 91 32.97 -8.10 -19.69
C ILE Z 91 31.49 -7.74 -19.66
N TRP Z 92 30.90 -7.77 -18.46
CA TRP Z 92 29.57 -7.22 -18.26
C TRP Z 92 29.59 -6.34 -17.01
N ASP Z 93 29.88 -5.06 -17.22
CA ASP Z 93 29.86 -4.05 -16.17
C ASP Z 93 28.87 -2.98 -16.57
N PRO Z 94 27.69 -2.92 -15.96
CA PRO Z 94 26.70 -1.87 -16.33
C PRO Z 94 27.13 -0.46 -15.96
N GLN Z 95 28.24 -0.28 -15.27
CA GLN Z 95 28.74 1.03 -14.89
C GLN Z 95 29.75 1.59 -15.87
N PHE Z 96 30.07 0.86 -16.93
CA PHE Z 96 30.95 1.36 -17.96
C PHE Z 96 30.33 2.55 -18.68
N GLY Z 97 31.17 3.53 -19.01
CA GLY Z 97 30.82 4.55 -19.96
C GLY Z 97 31.07 4.05 -21.37
N LYS Z 98 30.85 4.95 -22.33
CA LYS Z 98 31.09 4.61 -23.74
C LYS Z 98 32.57 4.37 -24.00
N ALA Z 99 33.44 5.20 -23.41
CA ALA Z 99 34.87 5.10 -23.66
C ALA Z 99 35.43 3.78 -23.14
N ALA Z 100 34.94 3.30 -21.99
CA ALA Z 100 35.40 2.01 -21.49
C ALA Z 100 34.84 0.85 -22.32
N VAL Z 101 33.65 1.01 -22.91
CA VAL Z 101 33.12 -0.02 -23.79
C VAL Z 101 33.97 -0.14 -25.05
N ASP Z 102 34.33 1.00 -25.65
CA ASP Z 102 35.19 0.95 -26.83
C ASP Z 102 36.62 0.51 -26.49
N ALA Z 103 37.11 0.89 -25.30
CA ALA Z 103 38.51 0.60 -24.95
C ALA Z 103 38.73 -0.88 -24.71
N PHE Z 104 37.76 -1.58 -24.16
CA PHE Z 104 37.88 -3.00 -23.88
C PHE Z 104 37.37 -3.86 -25.02
N THR Z 105 36.88 -3.25 -26.08
CA THR Z 105 36.50 -3.96 -27.30
C THR Z 105 37.80 -4.19 -28.07
N GLN Z 106 38.43 -5.33 -27.81
CA GLN Z 106 39.76 -5.61 -28.34
C GLN Z 106 39.85 -7.04 -28.86
N ALA Z 107 41.00 -7.38 -29.45
CA ALA Z 107 41.32 -8.72 -29.97
C ALA Z 107 40.29 -9.20 -31.00
N GLY Z 108 39.80 -8.27 -31.81
CA GLY Z 108 38.90 -8.63 -32.87
C GLY Z 108 37.48 -8.94 -32.43
N ALA Z 109 37.15 -8.72 -31.17
CA ALA Z 109 35.79 -8.88 -30.68
C ALA Z 109 35.00 -7.61 -30.91
N SER Z 110 33.67 -7.74 -30.84
CA SER Z 110 32.76 -6.62 -31.00
C SER Z 110 32.27 -6.07 -29.67
N SER Z 111 32.65 -6.71 -28.58
CA SER Z 111 32.16 -6.45 -27.24
C SER Z 111 33.35 -6.28 -26.31
N PRO Z 112 33.20 -5.68 -25.13
CA PRO Z 112 34.31 -5.64 -24.17
C PRO Z 112 34.69 -7.04 -23.69
N VAL Z 113 35.99 -7.34 -23.82
CA VAL Z 113 36.54 -8.63 -23.40
C VAL Z 113 37.84 -8.39 -22.65
N ASP Z 114 38.26 -9.39 -21.88
CA ASP Z 114 39.55 -9.37 -21.19
C ASP Z 114 40.56 -10.16 -22.01
N ILE Z 115 41.80 -9.69 -22.03
CA ILE Z 115 42.85 -10.39 -22.76
C ILE Z 115 43.56 -11.35 -21.82
N ALA Z 116 43.47 -12.64 -22.11
CA ALA Z 116 43.95 -13.68 -21.19
C ALA Z 116 45.46 -13.68 -21.07
N TYR Z 117 45.95 -13.79 -19.83
CA TYR Z 117 47.38 -13.92 -19.57
C TYR Z 117 47.69 -15.17 -18.76
N SER Z 118 46.75 -16.12 -18.70
CA SER Z 118 47.00 -17.36 -17.99
C SER Z 118 47.91 -18.30 -18.77
N GLY Z 119 47.80 -18.32 -20.09
CA GLY Z 119 48.50 -19.29 -20.91
C GLY Z 119 47.67 -20.48 -21.30
N VAL Z 120 46.35 -20.45 -21.05
CA VAL Z 120 45.50 -21.60 -21.33
C VAL Z 120 45.44 -21.87 -22.82
N TYR Z 121 45.49 -20.81 -23.64
CA TYR Z 121 45.43 -20.96 -25.09
C TYR Z 121 46.63 -21.73 -25.61
N HIS Z 122 47.84 -21.33 -25.19
CA HIS Z 122 49.06 -21.97 -25.67
C HIS Z 122 49.15 -23.41 -25.20
N TRP Z 123 48.77 -23.69 -23.95
CA TRP Z 123 48.82 -25.04 -23.43
C TRP Z 123 47.76 -25.94 -24.04
N TRP Z 124 46.56 -25.42 -24.32
CA TRP Z 124 45.59 -26.20 -25.08
C TRP Z 124 46.04 -26.42 -26.52
N TYR Z 125 46.64 -25.44 -27.17
CA TYR Z 125 47.07 -25.60 -28.55
C TYR Z 125 48.23 -26.59 -28.69
N THR Z 126 49.13 -26.63 -27.71
CA THR Z 126 50.21 -27.60 -27.75
C THR Z 126 49.73 -29.03 -27.56
N ILE Z 127 48.75 -29.27 -26.70
CA ILE Z 127 48.33 -30.62 -26.38
C ILE Z 127 47.22 -31.11 -27.31
N GLY Z 128 46.96 -30.42 -28.41
CA GLY Z 128 46.17 -30.96 -29.49
C GLY Z 128 44.81 -30.29 -29.59
N MET Z 129 44.51 -29.35 -28.73
CA MET Z 129 43.23 -28.69 -28.74
C MET Z 129 43.05 -27.69 -29.86
N ARG Z 130 42.00 -27.92 -30.66
CA ARG Z 130 41.91 -27.15 -31.90
C ARG Z 130 40.63 -26.35 -32.13
N THR Z 131 39.45 -26.82 -31.74
CA THR Z 131 38.21 -26.11 -32.03
C THR Z 131 37.55 -25.68 -30.72
N ASN Z 132 36.45 -24.95 -30.85
CA ASN Z 132 35.63 -24.63 -29.70
C ASN Z 132 34.87 -25.84 -29.18
N GLY Z 133 34.53 -26.80 -30.05
CA GLY Z 133 33.80 -27.95 -29.59
C GLY Z 133 34.65 -28.80 -28.71
N ASP Z 134 35.95 -28.78 -28.98
CA ASP Z 134 36.83 -29.66 -28.16
C ASP Z 134 37.00 -28.99 -26.77
N LEU Z 135 37.09 -27.64 -26.68
CA LEU Z 135 37.09 -26.95 -25.36
C LEU Z 135 35.78 -27.15 -24.62
N TYR Z 136 34.66 -27.11 -25.35
CA TYR Z 136 33.36 -27.33 -24.75
C TYR Z 136 33.23 -28.73 -24.16
N GLN Z 137 33.71 -29.74 -24.90
CA GLN Z 137 33.63 -31.10 -24.39
C GLN Z 137 34.60 -31.32 -23.24
N GLY Z 138 35.75 -30.63 -23.27
CA GLY Z 138 36.65 -30.68 -22.12
C GLY Z 138 36.05 -30.08 -20.87
N ALA Z 139 35.37 -28.94 -21.01
CA ALA Z 139 34.69 -28.31 -19.88
C ALA Z 139 33.57 -29.18 -19.33
N ILE Z 140 32.81 -29.82 -20.22
CA ILE Z 140 31.71 -30.69 -19.79
C ILE Z 140 32.26 -31.93 -19.08
N PHE Z 141 33.36 -32.50 -19.59
CA PHE Z 141 33.97 -33.65 -18.93
C PHE Z 141 34.56 -33.29 -17.58
N LEU Z 142 35.17 -32.10 -17.45
CA LEU Z 142 35.66 -31.71 -16.14
C LEU Z 142 34.53 -31.36 -15.18
N LEU Z 143 33.41 -30.84 -15.67
CA LEU Z 143 32.20 -30.69 -14.90
C LEU Z 143 31.69 -32.03 -14.37
N VAL Z 144 31.75 -33.08 -15.19
CA VAL Z 144 31.40 -34.44 -14.78
C VAL Z 144 32.39 -34.97 -13.73
N LEU Z 145 33.68 -34.72 -13.93
CA LEU Z 145 34.70 -35.16 -12.97
C LEU Z 145 34.56 -34.48 -11.62
N ALA Z 146 34.22 -33.19 -11.62
CA ALA Z 146 33.99 -32.48 -10.37
C ALA Z 146 32.83 -33.07 -9.59
N SER Z 147 31.77 -33.45 -10.30
CA SER Z 147 30.66 -34.10 -9.65
C SER Z 147 31.00 -35.48 -9.13
N LEU Z 148 31.81 -36.23 -9.88
CA LEU Z 148 32.27 -37.54 -9.39
C LEU Z 148 33.08 -37.38 -8.12
N ALA Z 149 33.96 -36.37 -8.06
CA ALA Z 149 34.72 -36.10 -6.85
C ALA Z 149 33.83 -35.68 -5.69
N LEU Z 150 32.81 -34.86 -5.97
CA LEU Z 150 31.85 -34.46 -4.94
C LEU Z 150 31.11 -35.68 -4.38
N PHE Z 151 30.66 -36.57 -5.27
CA PHE Z 151 29.94 -37.76 -4.84
C PHE Z 151 30.84 -38.69 -4.04
N ALA Z 152 32.12 -38.81 -4.44
CA ALA Z 152 33.06 -39.63 -3.70
C ALA Z 152 33.31 -39.09 -2.30
N GLY Z 153 33.48 -37.77 -2.17
CA GLY Z 153 33.63 -37.18 -0.85
C GLY Z 153 32.40 -37.33 0.01
N TRP Z 154 31.21 -37.24 -0.61
CA TRP Z 154 29.98 -37.49 0.13
C TRP Z 154 29.87 -38.94 0.56
N LEU Z 155 30.24 -39.87 -0.33
CA LEU Z 155 30.11 -41.31 -0.10
C LEU Z 155 31.03 -41.76 1.02
N HIS Z 156 32.25 -41.23 1.06
CA HIS Z 156 33.18 -41.62 2.11
C HIS Z 156 32.89 -40.92 3.44
N LEU Z 157 31.74 -40.24 3.54
CA LEU Z 157 31.15 -39.87 4.82
C LEU Z 157 29.95 -40.73 5.18
N GLN Z 158 29.40 -41.50 4.25
CA GLN Z 158 28.26 -42.36 4.52
C GLN Z 158 28.69 -43.50 5.45
N PRO Z 159 27.80 -43.91 6.40
CA PRO Z 159 28.23 -44.75 7.54
C PRO Z 159 28.86 -46.08 7.18
N LYS Z 160 28.53 -46.60 5.99
CA LYS Z 160 29.13 -47.85 5.55
C LYS Z 160 30.44 -47.64 4.80
N PHE Z 161 30.64 -46.48 4.17
CA PHE Z 161 31.78 -46.26 3.30
C PHE Z 161 32.86 -45.36 3.91
N ARG Z 162 32.77 -45.03 5.20
CA ARG Z 162 33.82 -44.23 5.80
C ARG Z 162 35.05 -45.09 6.03
N PRO Z 163 36.21 -44.72 5.49
CA PRO Z 163 37.41 -45.54 5.66
C PRO Z 163 37.87 -45.55 7.11
N SER Z 164 38.43 -46.69 7.51
CA SER Z 164 38.88 -46.87 8.88
C SER Z 164 40.23 -46.18 9.09
N LEU Z 165 40.60 -46.03 10.36
CA LEU Z 165 41.84 -45.32 10.69
C LEU Z 165 43.07 -46.12 10.30
N SER Z 166 42.97 -47.45 10.32
CA SER Z 166 44.06 -48.29 9.85
C SER Z 166 44.28 -48.12 8.35
N TRP Z 167 43.21 -47.84 7.61
CA TRP Z 167 43.34 -47.52 6.19
C TRP Z 167 44.06 -46.20 5.98
N PHE Z 168 43.68 -45.18 6.76
CA PHE Z 168 44.33 -43.87 6.64
C PHE Z 168 45.79 -43.92 7.05
N LYS Z 169 46.13 -44.74 8.03
CA LYS Z 169 47.52 -44.89 8.45
C LYS Z 169 48.28 -45.95 7.66
N ASN Z 170 47.81 -46.28 6.46
CA ASN Z 170 48.53 -47.20 5.58
C ASN Z 170 49.47 -46.42 4.66
N ALA Z 171 50.67 -46.17 5.18
CA ALA Z 171 51.65 -45.36 4.47
C ALA Z 171 52.30 -46.10 3.31
N GLU Z 172 52.59 -47.39 3.51
CA GLU Z 172 53.28 -48.19 2.48
C GLU Z 172 52.41 -48.34 1.25
N SER Z 173 51.14 -48.68 1.46
CA SER Z 173 50.19 -48.84 0.37
C SER Z 173 50.03 -47.51 -0.38
N ARG Z 174 49.87 -46.42 0.35
CA ARG Z 174 49.70 -45.13 -0.33
C ARG Z 174 50.94 -44.74 -1.13
N LEU Z 175 52.12 -44.98 -0.57
CA LEU Z 175 53.35 -44.64 -1.27
C LEU Z 175 53.52 -45.46 -2.54
N ASN Z 176 53.23 -46.77 -2.45
CA ASN Z 176 53.25 -47.63 -3.63
C ASN Z 176 52.26 -47.21 -4.70
N HIS Z 177 51.01 -46.98 -4.30
CA HIS Z 177 49.97 -46.69 -5.28
C HIS Z 177 50.06 -45.27 -5.83
N HIS Z 178 50.60 -44.33 -5.06
CA HIS Z 178 50.82 -43.00 -5.58
C HIS Z 178 52.02 -42.93 -6.52
N LEU Z 179 53.12 -43.61 -6.16
CA LEU Z 179 54.28 -43.58 -7.04
C LEU Z 179 54.03 -44.30 -8.36
N ALA Z 180 53.31 -45.43 -8.33
CA ALA Z 180 53.04 -46.19 -9.54
C ALA Z 180 51.73 -45.82 -10.22
N GLY Z 181 50.64 -45.65 -9.47
CA GLY Z 181 49.37 -45.33 -10.08
C GLY Z 181 49.22 -43.88 -10.47
N LEU Z 182 49.34 -42.96 -9.51
CA LEU Z 182 49.24 -41.55 -9.83
C LEU Z 182 50.37 -41.12 -10.74
N PHE Z 183 51.59 -41.14 -10.19
CA PHE Z 183 52.75 -40.53 -10.83
C PHE Z 183 53.20 -41.33 -12.05
N GLY Z 184 53.03 -42.64 -12.01
CA GLY Z 184 53.46 -43.49 -13.12
C GLY Z 184 52.43 -43.71 -14.20
N VAL Z 185 51.26 -44.22 -13.83
CA VAL Z 185 50.22 -44.51 -14.83
C VAL Z 185 49.68 -43.21 -15.42
N SER Z 186 49.58 -42.14 -14.61
CA SER Z 186 49.13 -40.87 -15.16
C SER Z 186 50.14 -40.29 -16.16
N SER Z 187 51.43 -40.44 -15.86
CA SER Z 187 52.46 -40.02 -16.82
C SER Z 187 52.47 -40.86 -18.09
N LEU Z 188 52.25 -42.17 -17.96
CA LEU Z 188 52.11 -43.08 -19.09
C LEU Z 188 50.92 -42.72 -19.96
N ALA Z 189 49.77 -42.40 -19.33
CA ALA Z 189 48.60 -41.97 -20.08
C ALA Z 189 48.84 -40.61 -20.74
N TRP Z 190 49.60 -39.72 -20.11
CA TRP Z 190 49.88 -38.45 -20.76
C TRP Z 190 50.82 -38.61 -21.96
N ALA Z 191 51.79 -39.52 -21.85
CA ALA Z 191 52.62 -39.84 -23.01
C ALA Z 191 51.77 -40.44 -24.14
N GLY Z 192 50.78 -41.26 -23.77
CA GLY Z 192 49.80 -41.75 -24.72
C GLY Z 192 49.00 -40.67 -25.41
N HIS Z 193 48.51 -39.69 -24.64
CA HIS Z 193 47.81 -38.55 -25.23
C HIS Z 193 48.70 -37.79 -26.19
N LEU Z 194 49.93 -37.53 -25.76
CA LEU Z 194 50.86 -36.77 -26.58
C LEU Z 194 51.09 -37.47 -27.92
N ILE Z 195 51.41 -38.76 -27.87
CA ILE Z 195 51.72 -39.52 -29.07
C ILE Z 195 50.50 -39.67 -29.97
N HIS Z 196 49.35 -40.04 -29.40
CA HIS Z 196 48.18 -40.33 -30.21
C HIS Z 196 47.49 -39.07 -30.73
N VAL Z 197 47.49 -37.99 -29.95
CA VAL Z 197 46.62 -36.85 -30.27
C VAL Z 197 47.42 -35.57 -30.45
N ALA Z 198 48.21 -35.20 -29.44
CA ALA Z 198 48.95 -33.95 -29.49
C ALA Z 198 49.98 -33.96 -30.61
N ILE Z 199 50.69 -35.07 -30.80
CA ILE Z 199 51.64 -35.20 -31.90
C ILE Z 199 50.96 -35.12 -33.27
N PRO Z 200 49.93 -35.90 -33.62
CA PRO Z 200 49.38 -35.76 -34.99
C PRO Z 200 48.65 -34.46 -35.24
N GLU Z 201 48.01 -33.88 -34.21
CA GLU Z 201 47.45 -32.53 -34.38
C GLU Z 201 48.55 -31.49 -34.53
N SER Z 202 49.72 -31.73 -33.93
CA SER Z 202 50.88 -30.91 -34.23
C SER Z 202 51.32 -31.09 -35.68
N ARG Z 203 51.24 -32.33 -36.19
CA ARG Z 203 51.58 -32.63 -37.57
C ARG Z 203 50.41 -32.43 -38.53
N GLY Z 204 49.29 -31.90 -38.05
CA GLY Z 204 48.18 -31.51 -38.90
C GLY Z 204 47.04 -32.50 -38.98
N GLN Z 205 47.24 -33.71 -38.48
CA GLN Z 205 46.20 -34.73 -38.58
C GLN Z 205 45.23 -34.61 -37.40
N HIS Z 206 43.95 -34.69 -37.69
CA HIS Z 206 42.94 -34.73 -36.63
C HIS Z 206 42.79 -36.17 -36.19
N VAL Z 207 43.11 -36.43 -34.93
CA VAL Z 207 42.77 -37.69 -34.28
C VAL Z 207 41.87 -37.37 -33.10
N GLY Z 208 40.55 -37.42 -33.32
CA GLY Z 208 39.61 -37.18 -32.27
C GLY Z 208 39.20 -38.49 -31.61
N TRP Z 209 38.21 -38.38 -30.73
CA TRP Z 209 37.67 -39.57 -30.12
C TRP Z 209 36.92 -40.44 -31.12
N ASP Z 210 36.55 -39.87 -32.27
CA ASP Z 210 35.83 -40.60 -33.30
C ASP Z 210 36.70 -41.58 -34.08
N ASN Z 211 38.02 -41.36 -34.13
CA ASN Z 211 38.86 -42.20 -34.98
C ASN Z 211 40.18 -42.63 -34.34
N PHE Z 212 40.34 -42.49 -33.02
CA PHE Z 212 41.59 -42.87 -32.38
C PHE Z 212 41.72 -44.39 -32.29
N LEU Z 213 40.60 -45.10 -32.25
CA LEU Z 213 40.60 -46.56 -32.19
C LEU Z 213 41.15 -47.17 -33.46
N SER Z 214 41.00 -46.46 -34.58
CA SER Z 214 41.35 -46.99 -35.89
C SER Z 214 42.40 -46.14 -36.61
N THR Z 215 43.31 -45.52 -35.85
CA THR Z 215 44.39 -44.74 -36.47
C THR Z 215 45.67 -45.01 -35.71
N MET Z 216 46.56 -45.73 -36.34
CA MET Z 216 47.91 -45.95 -35.84
C MET Z 216 48.77 -44.68 -35.69
N PRO Z 217 49.29 -44.41 -34.48
CA PRO Z 217 50.16 -43.23 -34.33
C PRO Z 217 51.47 -43.31 -35.10
N HIS Z 218 52.06 -44.48 -35.22
CA HIS Z 218 53.25 -44.67 -36.01
C HIS Z 218 52.92 -45.47 -37.26
N PRO Z 219 53.46 -45.07 -38.48
CA PRO Z 219 53.15 -45.80 -39.73
C PRO Z 219 53.40 -47.32 -39.77
N ALA Z 220 54.40 -47.78 -39.04
CA ALA Z 220 54.58 -49.20 -38.80
C ALA Z 220 54.37 -49.42 -37.30
N GLY Z 221 53.12 -49.62 -36.89
CA GLY Z 221 52.73 -49.57 -35.50
C GLY Z 221 52.76 -50.91 -34.79
N LEU Z 222 53.14 -50.84 -33.50
CA LEU Z 222 53.08 -51.83 -32.42
C LEU Z 222 53.94 -53.07 -32.64
N ALA Z 223 54.49 -53.23 -33.84
CA ALA Z 223 55.48 -54.30 -34.02
C ALA Z 223 56.90 -53.98 -33.58
N PRO Z 224 57.48 -52.83 -33.90
CA PRO Z 224 58.83 -52.34 -33.25
C PRO Z 224 59.04 -52.35 -31.73
N PHE Z 225 58.06 -52.46 -30.88
CA PHE Z 225 58.31 -52.60 -29.47
C PHE Z 225 57.93 -53.95 -28.89
N PHE Z 226 57.23 -54.81 -29.63
CA PHE Z 226 57.09 -56.19 -29.26
C PHE Z 226 58.21 -57.06 -29.85
N THR Z 227 59.24 -56.42 -30.41
CA THR Z 227 60.45 -57.12 -30.84
C THR Z 227 61.74 -56.47 -30.34
N GLY Z 228 61.69 -55.36 -29.61
CA GLY Z 228 62.88 -54.72 -29.11
C GLY Z 228 63.64 -53.91 -30.14
N ASN Z 229 63.03 -53.61 -31.29
CA ASN Z 229 63.58 -52.83 -32.39
C ASN Z 229 63.16 -51.32 -32.27
N TRP Z 230 63.07 -50.90 -31.00
CA TRP Z 230 62.47 -49.66 -30.53
C TRP Z 230 62.75 -48.42 -31.38
N GLY Z 231 63.98 -48.31 -31.90
CA GLY Z 231 64.43 -47.21 -32.71
C GLY Z 231 63.59 -46.79 -33.91
N VAL Z 232 62.67 -47.66 -34.35
CA VAL Z 232 61.72 -47.36 -35.41
C VAL Z 232 60.84 -46.18 -35.01
N TYR Z 233 60.50 -46.10 -33.72
CA TYR Z 233 59.74 -44.93 -33.25
C TYR Z 233 60.59 -43.64 -33.16
N ALA Z 234 61.90 -43.68 -33.47
CA ALA Z 234 62.74 -42.49 -33.47
C ALA Z 234 63.36 -42.19 -34.83
N GLN Z 235 63.02 -42.94 -35.88
CA GLN Z 235 63.72 -42.92 -37.15
C GLN Z 235 63.65 -41.58 -37.88
N ASN Z 236 62.47 -41.15 -38.31
CA ASN Z 236 62.44 -39.88 -39.03
C ASN Z 236 61.94 -38.78 -38.11
N PRO Z 237 62.82 -37.89 -37.63
CA PRO Z 237 62.40 -36.76 -36.76
C PRO Z 237 61.50 -35.76 -37.49
N ASP Z 238 60.62 -35.12 -36.73
CA ASP Z 238 59.89 -33.97 -37.21
C ASP Z 238 60.92 -32.89 -37.55
N THR Z 239 60.91 -32.43 -38.80
CA THR Z 239 62.03 -31.66 -39.32
C THR Z 239 62.05 -30.25 -38.75
N ALA Z 240 63.12 -29.52 -39.05
CA ALA Z 240 63.30 -28.16 -38.58
C ALA Z 240 62.64 -27.16 -39.53
N SER Z 241 61.94 -27.68 -40.54
CA SER Z 241 61.05 -26.88 -41.36
C SER Z 241 59.59 -27.20 -41.08
N HIS Z 242 59.31 -27.93 -40.00
CA HIS Z 242 57.94 -28.24 -39.65
C HIS Z 242 57.22 -26.99 -39.18
N VAL Z 243 56.05 -26.73 -39.75
CA VAL Z 243 55.16 -25.67 -39.30
C VAL Z 243 54.06 -26.36 -38.50
N PHE Z 244 53.90 -25.94 -37.25
CA PHE Z 244 53.02 -26.57 -36.26
C PHE Z 244 51.57 -26.57 -36.72
N GLY Z 245 50.87 -27.68 -36.49
CA GLY Z 245 49.49 -27.82 -36.91
C GLY Z 245 49.28 -28.18 -38.36
N THR Z 246 50.35 -28.44 -39.11
CA THR Z 246 50.26 -28.78 -40.52
C THR Z 246 51.23 -29.92 -40.84
N SER Z 247 51.08 -30.46 -42.04
CA SER Z 247 51.88 -31.61 -42.44
C SER Z 247 53.16 -31.19 -43.18
N GLN Z 248 53.40 -29.88 -43.31
CA GLN Z 248 54.61 -29.40 -43.96
C GLN Z 248 55.82 -29.69 -43.09
N GLY Z 249 56.79 -30.42 -43.62
CA GLY Z 249 57.93 -30.85 -42.84
C GLY Z 249 57.60 -31.81 -41.71
N ALA Z 250 56.49 -32.53 -41.81
CA ALA Z 250 56.09 -33.45 -40.76
C ALA Z 250 56.94 -34.70 -40.80
N GLY Z 251 57.30 -35.20 -39.62
CA GLY Z 251 57.94 -36.48 -39.48
C GLY Z 251 56.92 -37.56 -39.18
N SER Z 252 57.43 -38.69 -38.69
CA SER Z 252 56.56 -39.78 -38.24
C SER Z 252 57.01 -40.39 -36.92
N ALA Z 253 58.19 -40.03 -36.42
CA ALA Z 253 58.68 -40.52 -35.14
C ALA Z 253 57.83 -39.99 -34.01
N ILE Z 254 57.75 -40.74 -32.91
CA ILE Z 254 56.85 -40.39 -31.81
C ILE Z 254 57.62 -40.40 -30.49
N LEU Z 255 58.86 -40.89 -30.52
CA LEU Z 255 59.73 -40.92 -29.35
C LEU Z 255 61.16 -40.53 -29.70
N THR Z 256 61.51 -39.25 -29.55
CA THR Z 256 62.82 -38.77 -29.94
C THR Z 256 63.55 -38.17 -28.71
N PHE Z 257 64.82 -37.87 -28.90
CA PHE Z 257 65.64 -37.16 -27.92
C PHE Z 257 66.51 -36.14 -28.66
N LEU Z 258 65.93 -35.36 -29.57
CA LEU Z 258 66.72 -34.37 -30.31
C LEU Z 258 67.32 -33.33 -29.38
N GLY Z 259 66.56 -32.86 -28.40
CA GLY Z 259 67.03 -31.83 -27.52
C GLY Z 259 66.85 -30.45 -28.11
N GLY Z 260 67.06 -29.41 -27.32
CA GLY Z 260 66.87 -28.06 -27.81
C GLY Z 260 65.42 -27.70 -27.97
N PHE Z 261 65.08 -26.98 -29.04
CA PHE Z 261 63.73 -26.49 -29.23
C PHE Z 261 63.26 -26.75 -30.66
N HIS Z 262 61.94 -26.82 -30.81
CA HIS Z 262 61.32 -26.69 -32.12
C HIS Z 262 61.62 -25.30 -32.67
N PRO Z 263 62.02 -25.18 -33.94
CA PRO Z 263 62.45 -23.85 -34.43
C PRO Z 263 61.30 -22.88 -34.69
N GLN Z 264 60.18 -23.34 -35.25
CA GLN Z 264 59.09 -22.43 -35.59
C GLN Z 264 58.32 -21.99 -34.36
N THR Z 265 57.92 -22.94 -33.52
CA THR Z 265 57.06 -22.64 -32.38
C THR Z 265 57.85 -22.41 -31.10
N GLU Z 266 59.19 -22.49 -31.17
CA GLU Z 266 60.13 -22.05 -30.15
C GLU Z 266 60.02 -22.82 -28.83
N SER Z 267 59.31 -23.94 -28.83
CA SER Z 267 59.11 -24.70 -27.61
C SER Z 267 59.82 -26.04 -27.69
N LEU Z 268 59.59 -26.87 -26.68
CA LEU Z 268 60.16 -28.21 -26.64
C LEU Z 268 59.57 -29.06 -27.74
N TRP Z 269 60.36 -30.02 -28.23
CA TRP Z 269 59.82 -31.00 -29.16
C TRP Z 269 58.81 -31.89 -28.43
N LEU Z 270 57.63 -32.02 -29.04
CA LEU Z 270 56.56 -32.81 -28.43
C LEU Z 270 56.92 -34.29 -28.40
N THR Z 271 57.69 -34.75 -29.39
CA THR Z 271 58.24 -36.11 -29.36
C THR Z 271 59.16 -36.30 -28.16
N ASP Z 272 60.00 -35.29 -27.90
CA ASP Z 272 60.88 -35.32 -26.74
C ASP Z 272 60.11 -35.33 -25.44
N MET Z 273 59.03 -34.55 -25.35
CA MET Z 273 58.21 -34.55 -24.15
C MET Z 273 57.47 -35.87 -23.94
N ALA Z 274 56.93 -36.48 -25.01
CA ALA Z 274 56.33 -37.80 -24.91
C ALA Z 274 57.31 -38.87 -24.47
N HIS Z 275 58.53 -38.85 -25.02
CA HIS Z 275 59.57 -39.76 -24.58
C HIS Z 275 59.99 -39.56 -23.14
N HIS Z 276 60.11 -38.29 -22.70
CA HIS Z 276 60.39 -37.99 -21.30
C HIS Z 276 59.30 -38.55 -20.39
N HIS Z 277 58.04 -38.33 -20.76
CA HIS Z 277 56.93 -38.78 -19.95
C HIS Z 277 56.87 -40.30 -19.87
N LEU Z 278 57.18 -40.98 -20.98
CA LEU Z 278 57.30 -42.45 -20.97
C LEU Z 278 58.37 -42.91 -20.01
N ALA Z 279 59.55 -42.29 -20.08
CA ALA Z 279 60.67 -42.67 -19.23
C ALA Z 279 60.32 -42.47 -17.76
N ILE Z 280 59.71 -41.33 -17.46
CA ILE Z 280 59.33 -40.97 -16.10
C ILE Z 280 58.24 -41.90 -15.59
N ALA Z 281 57.34 -42.31 -16.49
CA ALA Z 281 56.29 -43.25 -16.12
C ALA Z 281 56.89 -44.58 -15.70
N VAL Z 282 57.83 -45.10 -16.50
CA VAL Z 282 58.44 -46.40 -16.20
C VAL Z 282 59.23 -46.32 -14.89
N LEU Z 283 60.01 -45.23 -14.72
CA LEU Z 283 60.75 -45.04 -13.47
C LEU Z 283 59.82 -44.95 -12.26
N PHE Z 284 58.67 -44.30 -12.41
CA PHE Z 284 57.77 -44.15 -11.27
C PHE Z 284 57.01 -45.44 -10.95
N ILE Z 285 56.66 -46.25 -11.95
CA ILE Z 285 56.08 -47.56 -11.66
C ILE Z 285 57.10 -48.45 -10.95
N VAL Z 286 58.36 -48.39 -11.39
CA VAL Z 286 59.43 -49.13 -10.71
C VAL Z 286 59.56 -48.68 -9.26
N ALA Z 287 59.65 -47.36 -9.04
CA ALA Z 287 59.76 -46.81 -7.69
C ALA Z 287 58.55 -47.14 -6.81
N GLY Z 288 57.36 -47.23 -7.40
CA GLY Z 288 56.18 -47.66 -6.69
C GLY Z 288 56.01 -49.15 -6.58
N HIS Z 289 57.00 -49.92 -7.03
CA HIS Z 289 57.03 -51.35 -6.79
C HIS Z 289 57.99 -51.71 -5.65
N MET Z 290 58.02 -50.92 -4.59
CA MET Z 290 59.09 -51.05 -3.61
C MET Z 290 58.64 -51.44 -2.20
N TYR Z 291 57.45 -51.02 -1.75
CA TYR Z 291 57.10 -51.19 -0.34
C TYR Z 291 56.16 -52.38 -0.14
N ARG Z 292 56.10 -52.87 1.11
CA ARG Z 292 55.39 -54.09 1.48
C ARG Z 292 53.95 -53.83 1.91
N THR Z 293 52.98 -54.10 1.04
CA THR Z 293 51.60 -53.82 1.45
C THR Z 293 50.85 -55.03 1.99
N GLN Z 294 50.56 -56.04 1.16
CA GLN Z 294 49.88 -57.23 1.66
C GLN Z 294 50.34 -58.48 0.92
N PHE Z 295 51.43 -58.39 0.15
CA PHE Z 295 51.89 -59.55 -0.60
C PHE Z 295 53.28 -60.02 -0.17
N GLY Z 296 53.68 -59.76 1.06
CA GLY Z 296 54.95 -60.32 1.55
C GLY Z 296 56.22 -59.69 1.00
N ILE Z 297 56.30 -59.54 -0.33
CA ILE Z 297 57.39 -58.81 -0.93
C ILE Z 297 57.24 -57.32 -0.62
N GLY Z 298 58.35 -56.61 -0.70
CA GLY Z 298 58.32 -55.18 -0.48
C GLY Z 298 59.11 -54.74 0.73
N HIS Z 299 59.25 -53.42 0.88
CA HIS Z 299 59.92 -52.83 2.03
C HIS Z 299 58.89 -52.39 3.06
N SER Z 300 59.34 -52.38 4.31
CA SER Z 300 58.57 -51.75 5.37
C SER Z 300 59.31 -50.49 5.78
N ILE Z 301 58.61 -49.35 5.67
CA ILE Z 301 59.21 -48.05 5.97
C ILE Z 301 59.61 -47.98 7.43
N LYS Z 302 58.73 -48.47 8.31
CA LYS Z 302 58.98 -48.50 9.75
C LYS Z 302 60.21 -49.33 10.07
N GLU Z 303 60.33 -50.49 9.43
CA GLU Z 303 61.49 -51.36 9.64
C GLU Z 303 62.77 -50.69 9.15
N MET Z 304 62.67 -49.89 8.08
CA MET Z 304 63.85 -49.23 7.55
C MET Z 304 64.34 -48.11 8.45
N MET Z 305 63.41 -47.37 9.06
CA MET Z 305 63.81 -46.37 10.04
C MET Z 305 64.29 -46.99 11.34
N ASP Z 306 63.71 -48.12 11.75
CA ASP Z 306 64.04 -48.72 13.04
C ASP Z 306 65.27 -49.64 12.98
N ALA Z 307 65.78 -49.94 11.79
CA ALA Z 307 66.88 -50.89 11.67
C ALA Z 307 68.19 -50.28 12.18
N LYS Z 308 68.95 -51.08 12.91
CA LYS Z 308 70.23 -50.69 13.50
C LYS Z 308 71.28 -51.77 13.19
N ASP Z 309 71.35 -52.21 11.94
CA ASP Z 309 72.25 -53.29 11.60
C ASP Z 309 72.66 -53.17 10.14
N PHE Z 310 73.96 -52.97 9.89
CA PHE Z 310 74.48 -52.84 8.52
C PHE Z 310 75.41 -54.02 8.23
N PHE Z 311 74.81 -55.15 7.84
CA PHE Z 311 75.51 -56.39 7.50
C PHE Z 311 76.48 -56.84 8.58
N GLY Z 312 76.10 -56.66 9.85
CA GLY Z 312 76.96 -57.00 10.96
C GLY Z 312 77.61 -55.81 11.64
N THR Z 313 77.63 -54.65 10.98
CA THR Z 313 78.14 -53.45 11.62
C THR Z 313 77.10 -52.89 12.59
N LYS Z 314 77.55 -51.93 13.40
CA LYS Z 314 76.65 -51.39 14.43
C LYS Z 314 75.62 -50.44 13.81
N VAL Z 315 76.10 -49.29 13.30
CA VAL Z 315 75.40 -48.10 12.77
C VAL Z 315 74.20 -47.62 13.60
N GLU Z 316 74.12 -46.31 13.88
CA GLU Z 316 72.98 -45.77 14.63
C GLU Z 316 71.67 -45.80 13.84
N GLY Z 317 71.75 -46.03 12.54
CA GLY Z 317 70.56 -46.19 11.74
C GLY Z 317 70.89 -45.96 10.29
N PRO Z 318 69.90 -45.52 9.52
CA PRO Z 318 70.18 -45.03 8.17
C PRO Z 318 71.19 -43.88 8.18
N PHE Z 319 72.31 -44.06 7.46
CA PHE Z 319 73.46 -43.14 7.45
C PHE Z 319 74.07 -42.92 8.83
N ASN Z 320 74.04 -43.95 9.68
CA ASN Z 320 74.53 -43.89 11.06
C ASN Z 320 73.83 -42.75 11.82
N MET Z 321 72.55 -42.57 11.53
CA MET Z 321 71.75 -41.50 12.11
C MET Z 321 70.55 -42.18 12.76
N PRO Z 322 70.28 -41.92 14.03
CA PRO Z 322 69.12 -42.53 14.67
C PRO Z 322 67.83 -42.04 14.05
N HIS Z 323 66.97 -42.97 13.66
CA HIS Z 323 65.73 -42.66 12.96
C HIS Z 323 64.54 -43.37 13.57
N GLN Z 324 64.68 -43.92 14.76
CA GLN Z 324 63.60 -44.65 15.39
C GLN Z 324 62.46 -43.71 15.77
N GLY Z 325 61.23 -44.17 15.52
CA GLY Z 325 60.05 -43.38 15.80
C GLY Z 325 59.70 -42.36 14.74
N ILE Z 326 60.57 -42.12 13.76
CA ILE Z 326 60.32 -41.12 12.74
C ILE Z 326 59.15 -41.54 11.85
N TYR Z 327 59.00 -42.86 11.62
CA TYR Z 327 57.82 -43.38 10.92
C TYR Z 327 56.54 -43.00 11.65
N GLU Z 328 56.50 -43.20 12.97
CA GLU Z 328 55.34 -42.86 13.78
C GLU Z 328 55.10 -41.36 13.81
N THR Z 329 56.18 -40.57 13.90
CA THR Z 329 56.08 -39.12 13.90
C THR Z 329 55.49 -38.60 12.59
N TYR Z 330 55.93 -39.18 11.47
CA TYR Z 330 55.39 -38.82 10.16
C TYR Z 330 53.93 -39.24 10.03
N ASN Z 331 53.66 -40.54 10.19
CA ASN Z 331 52.37 -41.12 9.88
C ASN Z 331 51.27 -40.73 10.86
N ASN Z 332 51.59 -40.48 12.14
CA ASN Z 332 50.59 -40.19 13.15
C ASN Z 332 50.24 -38.71 13.24
N SER Z 333 51.12 -37.83 12.79
CA SER Z 333 50.90 -36.39 12.89
C SER Z 333 50.53 -35.84 11.52
N LEU Z 334 49.31 -35.28 11.41
CA LEU Z 334 48.88 -34.71 10.16
C LEU Z 334 49.57 -33.38 9.87
N HIS Z 335 49.98 -32.66 10.90
CA HIS Z 335 50.66 -31.39 10.68
C HIS Z 335 52.11 -31.57 10.23
N PHE Z 336 52.79 -32.60 10.73
CA PHE Z 336 54.10 -32.95 10.17
C PHE Z 336 53.98 -33.29 8.70
N GLN Z 337 52.97 -34.08 8.35
CA GLN Z 337 52.71 -34.50 6.97
C GLN Z 337 52.43 -33.28 6.11
N LEU Z 338 51.59 -32.37 6.61
CA LEU Z 338 51.25 -31.16 5.88
C LEU Z 338 52.45 -30.28 5.64
N GLY Z 339 53.26 -30.06 6.68
CA GLY Z 339 54.46 -29.24 6.51
C GLY Z 339 55.44 -29.84 5.52
N TRP Z 340 55.65 -31.15 5.61
CA TRP Z 340 56.56 -31.84 4.71
C TRP Z 340 56.06 -31.79 3.25
N HIS Z 341 54.75 -32.02 3.06
CA HIS Z 341 54.21 -32.05 1.71
C HIS Z 341 54.15 -30.65 1.11
N LEU Z 342 53.87 -29.63 1.92
CA LEU Z 342 53.92 -28.26 1.43
C LEU Z 342 55.34 -27.84 1.07
N ALA Z 343 56.35 -28.32 1.81
CA ALA Z 343 57.73 -28.05 1.42
C ALA Z 343 58.07 -28.64 0.07
N CYS Z 344 57.68 -29.90 -0.15
CA CYS Z 344 57.91 -30.56 -1.44
C CYS Z 344 57.16 -29.85 -2.56
N LEU Z 345 55.90 -29.46 -2.30
CA LEU Z 345 55.08 -28.79 -3.30
C LEU Z 345 55.63 -27.41 -3.65
N GLY Z 346 56.12 -26.66 -2.65
CA GLY Z 346 56.70 -25.36 -2.91
C GLY Z 346 57.98 -25.45 -3.70
N VAL Z 347 58.80 -26.46 -3.39
CA VAL Z 347 60.03 -26.68 -4.15
C VAL Z 347 59.72 -26.96 -5.61
N ILE Z 348 58.74 -27.84 -5.88
CA ILE Z 348 58.48 -28.15 -7.28
C ILE Z 348 57.73 -27.02 -7.97
N THR Z 349 56.98 -26.20 -7.22
CA THR Z 349 56.34 -25.04 -7.85
C THR Z 349 57.37 -24.01 -8.29
N SER Z 350 58.38 -23.79 -7.45
CA SER Z 350 59.47 -22.91 -7.85
C SER Z 350 60.26 -23.52 -9.01
N LEU Z 351 60.43 -24.84 -9.00
CA LEU Z 351 61.09 -25.52 -10.12
C LEU Z 351 60.29 -25.39 -11.42
N VAL Z 352 58.96 -25.47 -11.31
CA VAL Z 352 58.07 -25.24 -12.44
C VAL Z 352 58.28 -23.85 -13.01
N ALA Z 353 58.34 -22.85 -12.13
CA ALA Z 353 58.58 -21.48 -12.57
C ALA Z 353 59.93 -21.33 -13.24
N GLN Z 354 60.98 -21.89 -12.64
CA GLN Z 354 62.34 -21.74 -13.17
C GLN Z 354 62.58 -22.57 -14.43
N HIS Z 355 61.74 -23.56 -14.71
CA HIS Z 355 61.91 -24.38 -15.90
C HIS Z 355 60.99 -23.96 -17.05
N MET Z 356 59.79 -23.48 -16.73
CA MET Z 356 58.82 -23.13 -17.77
C MET Z 356 59.20 -21.87 -18.51
N TYR Z 357 59.96 -20.98 -17.87
CA TYR Z 357 60.42 -19.78 -18.56
C TYR Z 357 61.59 -20.07 -19.50
N SER Z 358 62.51 -20.93 -19.11
CA SER Z 358 63.74 -21.16 -19.85
C SER Z 358 63.64 -22.32 -20.81
N LEU Z 359 62.88 -23.34 -20.45
CA LEU Z 359 62.46 -24.41 -21.35
C LEU Z 359 60.98 -24.24 -21.64
N PRO Z 360 60.61 -23.35 -22.57
CA PRO Z 360 59.19 -23.11 -22.84
C PRO Z 360 58.56 -24.34 -23.43
N PRO Z 361 57.50 -24.85 -22.82
CA PRO Z 361 56.97 -26.13 -23.24
C PRO Z 361 55.80 -26.02 -24.21
N TYR Z 362 55.30 -24.80 -24.42
CA TYR Z 362 54.04 -24.65 -25.11
C TYR Z 362 54.23 -23.81 -26.37
N ALA Z 363 53.31 -24.03 -27.31
CA ALA Z 363 53.39 -23.45 -28.64
C ALA Z 363 53.31 -21.93 -28.56
N PHE Z 364 54.38 -21.27 -29.02
CA PHE Z 364 54.50 -19.82 -29.18
C PHE Z 364 54.37 -19.05 -27.87
N ILE Z 365 54.48 -19.74 -26.74
CA ILE Z 365 54.31 -19.09 -25.43
C ILE Z 365 55.51 -18.22 -25.09
N ALA Z 366 56.70 -18.54 -25.62
CA ALA Z 366 57.87 -17.72 -25.35
C ALA Z 366 57.82 -16.40 -26.10
N GLN Z 367 56.90 -16.26 -27.05
CA GLN Z 367 56.63 -14.98 -27.69
C GLN Z 367 55.41 -14.27 -27.15
N ASP Z 368 54.71 -14.87 -26.19
CA ASP Z 368 53.69 -14.18 -25.42
C ASP Z 368 54.33 -13.77 -24.10
N HIS Z 369 54.92 -12.58 -24.11
CA HIS Z 369 55.82 -12.19 -23.04
C HIS Z 369 55.07 -11.84 -21.75
N THR Z 370 53.88 -11.24 -21.88
CA THR Z 370 53.08 -10.94 -20.69
C THR Z 370 52.65 -12.22 -20.00
N THR Z 371 52.27 -13.24 -20.79
CA THR Z 371 51.90 -14.53 -20.23
C THR Z 371 53.07 -15.21 -19.54
N MET Z 372 54.26 -15.17 -20.14
CA MET Z 372 55.45 -15.76 -19.52
C MET Z 372 55.79 -15.07 -18.21
N ALA Z 373 55.74 -13.74 -18.20
CA ALA Z 373 56.01 -12.98 -16.99
C ALA Z 373 54.99 -13.30 -15.91
N ALA Z 374 53.71 -13.35 -16.28
CA ALA Z 374 52.66 -13.65 -15.33
C ALA Z 374 52.79 -15.05 -14.76
N LEU Z 375 53.17 -16.03 -15.61
CA LEU Z 375 53.29 -17.41 -15.13
C LEU Z 375 54.47 -17.58 -14.18
N TYR Z 376 55.63 -16.97 -14.50
CA TYR Z 376 56.76 -17.04 -13.59
C TYR Z 376 56.43 -16.39 -12.26
N THR Z 377 55.81 -15.20 -12.30
CA THR Z 377 55.49 -14.49 -11.07
C THR Z 377 54.45 -15.24 -10.25
N HIS Z 378 53.42 -15.80 -10.91
CA HIS Z 378 52.38 -16.56 -10.25
C HIS Z 378 52.95 -17.77 -9.54
N HIS Z 379 53.81 -18.53 -10.22
CA HIS Z 379 54.31 -19.73 -9.60
C HIS Z 379 55.36 -19.45 -8.53
N GLN Z 380 56.13 -18.36 -8.65
CA GLN Z 380 57.04 -18.03 -7.56
C GLN Z 380 56.30 -17.52 -6.33
N TYR Z 381 55.19 -16.79 -6.51
CA TYR Z 381 54.39 -16.37 -5.37
C TYR Z 381 53.71 -17.57 -4.69
N ILE Z 382 53.22 -18.51 -5.50
CA ILE Z 382 52.65 -19.74 -4.95
C ILE Z 382 53.71 -20.54 -4.19
N ALA Z 383 54.93 -20.63 -4.74
CA ALA Z 383 56.01 -21.35 -4.07
C ALA Z 383 56.39 -20.70 -2.75
N GLY Z 384 56.42 -19.37 -2.71
CA GLY Z 384 56.72 -18.70 -1.44
C GLY Z 384 55.65 -18.93 -0.39
N PHE Z 385 54.36 -18.86 -0.80
CA PHE Z 385 53.27 -19.15 0.14
C PHE Z 385 53.36 -20.57 0.65
N LEU Z 386 53.65 -21.52 -0.25
CA LEU Z 386 53.73 -22.93 0.14
C LEU Z 386 54.88 -23.18 1.08
N MET Z 387 56.03 -22.53 0.86
CA MET Z 387 57.17 -22.68 1.75
C MET Z 387 56.88 -22.16 3.14
N VAL Z 388 56.22 -20.99 3.20
CA VAL Z 388 55.82 -20.44 4.48
C VAL Z 388 54.84 -21.36 5.20
N GLY Z 389 53.84 -21.90 4.49
CA GLY Z 389 52.91 -22.84 5.09
C GLY Z 389 53.51 -24.15 5.53
N ALA Z 390 54.51 -24.64 4.79
CA ALA Z 390 55.31 -25.78 5.19
C ALA Z 390 55.95 -25.58 6.55
N PHE Z 391 56.66 -24.46 6.70
CA PHE Z 391 57.31 -24.18 7.97
C PHE Z 391 56.28 -23.90 9.07
N ALA Z 392 55.16 -23.28 8.73
CA ALA Z 392 54.10 -23.02 9.70
C ALA Z 392 53.52 -24.31 10.25
N HIS Z 393 53.25 -25.28 9.38
CA HIS Z 393 52.73 -26.55 9.89
C HIS Z 393 53.79 -27.41 10.54
N GLY Z 394 55.07 -27.21 10.22
CA GLY Z 394 56.12 -27.81 11.03
C GLY Z 394 56.09 -27.30 12.46
N ALA Z 395 55.91 -25.98 12.60
CA ALA Z 395 55.77 -25.39 13.93
C ALA Z 395 54.50 -25.86 14.64
N ILE Z 396 53.40 -26.00 13.90
CA ILE Z 396 52.15 -26.50 14.48
C ILE Z 396 52.30 -27.95 14.95
N PHE Z 397 53.02 -28.78 14.19
CA PHE Z 397 53.32 -30.14 14.63
C PHE Z 397 54.16 -30.12 15.90
N LEU Z 398 55.17 -29.25 15.96
CA LEU Z 398 56.02 -29.19 17.15
C LEU Z 398 55.27 -28.70 18.39
N VAL Z 399 54.28 -27.83 18.22
CA VAL Z 399 53.40 -27.48 19.34
C VAL Z 399 52.41 -28.58 19.70
N ARG Z 400 51.66 -29.13 18.75
CA ARG Z 400 50.50 -29.93 19.06
C ARG Z 400 50.69 -31.43 18.92
N ASP Z 401 51.73 -31.89 18.21
CA ASP Z 401 51.87 -33.32 17.95
C ASP Z 401 53.22 -33.92 18.30
N TYR Z 402 54.23 -33.12 18.62
CA TYR Z 402 55.54 -33.67 18.92
C TYR Z 402 55.61 -34.23 20.33
N ASP Z 403 55.96 -35.52 20.45
CA ASP Z 403 56.12 -36.15 21.76
C ASP Z 403 57.55 -36.65 21.83
N PRO Z 404 58.37 -36.19 22.78
CA PRO Z 404 59.78 -36.59 22.80
C PRO Z 404 60.01 -38.04 23.19
N VAL Z 405 59.05 -38.72 23.83
CA VAL Z 405 59.29 -40.08 24.31
C VAL Z 405 59.41 -41.06 23.14
N GLN Z 406 58.51 -40.97 22.17
CA GLN Z 406 58.70 -41.75 20.96
C GLN Z 406 59.83 -41.20 20.10
N ASN Z 407 60.13 -39.91 20.19
CA ASN Z 407 61.18 -39.30 19.40
C ASN Z 407 62.52 -39.24 20.13
N LYS Z 408 62.66 -39.93 21.27
CA LYS Z 408 63.91 -39.91 22.02
C LYS Z 408 64.98 -40.67 21.23
N GLY Z 409 66.06 -39.96 20.92
CA GLY Z 409 67.18 -40.56 20.24
C GLY Z 409 67.32 -40.11 18.79
N ASN Z 410 66.20 -39.95 18.09
CA ASN Z 410 66.27 -39.79 16.64
C ASN Z 410 66.77 -38.42 16.20
N VAL Z 411 66.75 -38.19 14.88
CA VAL Z 411 67.37 -36.99 14.29
C VAL Z 411 66.61 -35.73 14.72
N LEU Z 412 65.30 -35.84 14.89
CA LEU Z 412 64.47 -34.72 15.32
C LEU Z 412 64.87 -34.23 16.71
N ASP Z 413 65.14 -35.17 17.62
CA ASP Z 413 65.54 -34.80 18.97
C ASP Z 413 66.87 -34.07 18.99
N ARG Z 414 67.86 -34.53 18.20
CA ARG Z 414 69.15 -33.86 18.15
C ARG Z 414 69.05 -32.48 17.51
N VAL Z 415 68.16 -32.33 16.52
CA VAL Z 415 67.87 -31.02 15.94
C VAL Z 415 67.33 -30.08 17.02
N LEU Z 416 66.41 -30.59 17.84
CA LEU Z 416 65.87 -29.78 18.93
C LEU Z 416 66.93 -29.49 19.98
N GLN Z 417 67.86 -30.43 20.19
CA GLN Z 417 68.93 -30.22 21.16
C GLN Z 417 69.87 -29.09 20.76
N HIS Z 418 70.21 -28.98 19.47
CA HIS Z 418 71.08 -27.88 19.04
C HIS Z 418 70.34 -26.83 18.20
N LYS Z 419 69.03 -26.69 18.41
CA LYS Z 419 68.24 -25.57 17.91
C LYS Z 419 68.87 -24.19 18.08
N GLU Z 420 69.59 -23.95 19.19
CA GLU Z 420 70.27 -22.68 19.37
C GLU Z 420 71.38 -22.47 18.35
N ALA Z 421 72.18 -23.51 18.08
CA ALA Z 421 73.20 -23.43 17.03
C ALA Z 421 72.57 -23.23 15.67
N ILE Z 422 71.47 -23.94 15.41
CA ILE Z 422 70.75 -23.81 14.14
C ILE Z 422 70.31 -22.37 13.91
N ILE Z 423 69.64 -21.80 14.91
CA ILE Z 423 69.10 -20.45 14.77
C ILE Z 423 70.21 -19.41 14.75
N SER Z 424 71.27 -19.61 15.55
CA SER Z 424 72.35 -18.63 15.58
C SER Z 424 73.15 -18.60 14.28
N HIS Z 425 73.39 -19.76 13.66
CA HIS Z 425 74.13 -19.72 12.40
C HIS Z 425 73.25 -19.25 11.25
N LEU Z 426 71.94 -19.53 11.30
CA LEU Z 426 71.02 -18.91 10.34
C LEU Z 426 71.05 -17.40 10.47
N SER Z 427 71.04 -16.89 11.70
CA SER Z 427 71.14 -15.45 11.95
C SER Z 427 72.45 -14.88 11.44
N TRP Z 428 73.56 -15.58 11.69
CA TRP Z 428 74.87 -15.11 11.22
C TRP Z 428 74.91 -15.02 9.71
N VAL Z 429 74.44 -16.06 9.02
CA VAL Z 429 74.56 -16.10 7.56
C VAL Z 429 73.61 -15.08 6.92
N SER Z 430 72.46 -14.84 7.55
CA SER Z 430 71.56 -13.79 7.07
C SER Z 430 72.20 -12.42 7.23
N LEU Z 431 72.79 -12.16 8.40
CA LEU Z 431 73.44 -10.88 8.65
C LEU Z 431 74.61 -10.65 7.71
N PHE Z 432 75.41 -11.70 7.47
CA PHE Z 432 76.51 -11.76 6.51
C PHE Z 432 76.09 -11.27 5.14
N LEU Z 433 75.14 -12.01 4.56
CA LEU Z 433 74.57 -11.72 3.25
C LEU Z 433 74.03 -10.30 3.19
N GLY Z 434 73.26 -9.92 4.23
CA GLY Z 434 72.64 -8.62 4.32
C GLY Z 434 73.59 -7.44 4.31
N PHE Z 435 74.53 -7.48 5.25
CA PHE Z 435 75.54 -6.47 5.45
C PHE Z 435 76.27 -6.25 4.15
N HIS Z 436 76.77 -7.34 3.54
CA HIS Z 436 77.66 -7.14 2.41
C HIS Z 436 76.90 -6.78 1.14
N THR Z 437 75.72 -7.37 0.92
CA THR Z 437 74.96 -7.06 -0.27
C THR Z 437 74.49 -5.61 -0.26
N LEU Z 438 73.95 -5.15 0.88
CA LEU Z 438 73.53 -3.76 1.00
C LEU Z 438 74.71 -2.82 0.91
N GLY Z 439 75.86 -3.19 1.51
CA GLY Z 439 77.04 -2.38 1.41
C GLY Z 439 77.54 -2.21 0.00
N LEU Z 440 77.58 -3.30 -0.77
CA LEU Z 440 78.09 -3.20 -2.14
C LEU Z 440 77.12 -2.41 -3.02
N TYR Z 441 75.81 -2.62 -2.82
CA TYR Z 441 74.83 -1.86 -3.58
C TYR Z 441 74.89 -0.38 -3.27
N VAL Z 442 75.01 -0.03 -2.00
CA VAL Z 442 75.05 1.38 -1.61
C VAL Z 442 76.37 2.01 -2.04
N HIS Z 443 77.46 1.25 -2.05
CA HIS Z 443 78.71 1.76 -2.62
C HIS Z 443 78.52 2.08 -4.09
N ASN Z 444 77.88 1.17 -4.83
CA ASN Z 444 77.61 1.39 -6.25
C ASN Z 444 76.75 2.63 -6.46
N ASP Z 445 75.70 2.79 -5.65
CA ASP Z 445 74.81 3.93 -5.76
C ASP Z 445 75.52 5.24 -5.46
N VAL Z 446 76.31 5.26 -4.37
CA VAL Z 446 77.03 6.45 -3.95
C VAL Z 446 78.07 6.83 -4.99
N VAL Z 447 78.78 5.83 -5.52
CA VAL Z 447 79.89 6.08 -6.42
C VAL Z 447 79.38 6.49 -7.80
N VAL Z 448 78.25 5.91 -8.23
CA VAL Z 448 77.65 6.28 -9.51
C VAL Z 448 77.04 7.66 -9.44
N ALA Z 449 76.38 7.98 -8.31
CA ALA Z 449 75.81 9.32 -8.13
C ALA Z 449 76.89 10.39 -8.14
N PHE Z 450 78.10 10.07 -7.65
CA PHE Z 450 79.20 11.01 -7.61
C PHE Z 450 79.92 11.13 -8.95
N GLY Z 451 79.25 10.81 -10.05
CA GLY Z 451 79.80 10.94 -11.39
C GLY Z 451 80.90 9.95 -11.68
N THR Z 452 80.72 8.73 -11.23
CA THR Z 452 81.74 7.72 -11.45
C THR Z 452 81.05 6.35 -11.62
N PRO Z 453 80.74 5.90 -12.85
CA PRO Z 453 80.48 4.47 -13.04
C PRO Z 453 81.63 3.54 -12.65
N GLU Z 454 82.90 3.92 -12.81
CA GLU Z 454 83.97 2.92 -12.85
C GLU Z 454 84.45 2.46 -11.48
N LYS Z 455 84.12 3.17 -10.41
CA LYS Z 455 84.51 2.73 -9.07
C LYS Z 455 83.51 1.77 -8.44
N GLN Z 456 82.51 1.35 -9.21
CA GLN Z 456 81.56 0.34 -8.76
C GLN Z 456 82.29 -0.98 -8.46
N ILE Z 457 81.76 -1.73 -7.49
CA ILE Z 457 82.29 -3.04 -7.14
C ILE Z 457 81.49 -4.10 -7.90
N LEU Z 458 82.14 -4.70 -8.90
CA LEU Z 458 81.47 -5.58 -9.85
C LEU Z 458 82.14 -6.93 -9.87
N ILE Z 459 81.40 -7.95 -9.46
CA ILE Z 459 81.90 -9.32 -9.44
C ILE Z 459 81.14 -10.08 -10.52
N GLU Z 460 81.87 -10.60 -11.49
CA GLU Z 460 81.26 -11.49 -12.46
C GLU Z 460 80.83 -12.79 -11.80
N PRO Z 461 79.64 -13.31 -12.11
CA PRO Z 461 79.22 -14.58 -11.50
C PRO Z 461 79.96 -15.76 -12.09
N VAL Z 462 81.26 -15.85 -11.83
CA VAL Z 462 82.16 -16.72 -12.57
C VAL Z 462 81.89 -18.19 -12.29
N PHE Z 463 81.35 -18.51 -11.12
CA PHE Z 463 80.97 -19.90 -10.85
C PHE Z 463 79.73 -20.28 -11.65
N ALA Z 464 78.71 -19.43 -11.65
CA ALA Z 464 77.56 -19.67 -12.51
C ALA Z 464 77.90 -19.61 -13.98
N GLN Z 465 78.81 -18.71 -14.38
CA GLN Z 465 79.23 -18.65 -15.78
C GLN Z 465 80.00 -19.92 -16.18
N PHE Z 466 80.79 -20.46 -15.25
CA PHE Z 466 81.44 -21.75 -15.49
C PHE Z 466 80.41 -22.86 -15.66
N ILE Z 467 79.33 -22.83 -14.85
CA ILE Z 467 78.27 -23.83 -14.99
C ILE Z 467 77.58 -23.70 -16.36
N GLN Z 468 77.35 -22.45 -16.80
CA GLN Z 468 76.75 -22.22 -18.12
C GLN Z 468 77.65 -22.74 -19.23
N ALA Z 469 78.96 -22.50 -19.10
CA ALA Z 469 79.93 -23.06 -20.03
C ALA Z 469 79.96 -24.59 -19.95
N ALA Z 470 79.67 -25.13 -18.78
CA ALA Z 470 79.61 -26.57 -18.59
C ALA Z 470 78.38 -27.17 -19.27
N HIS Z 471 77.34 -26.35 -19.48
CA HIS Z 471 76.21 -26.79 -20.31
C HIS Z 471 76.44 -26.60 -21.80
N GLY Z 472 77.45 -25.84 -22.21
CA GLY Z 472 77.70 -25.68 -23.62
C GLY Z 472 77.84 -24.27 -24.12
N LYS Z 473 77.71 -23.27 -23.23
CA LYS Z 473 77.92 -21.90 -23.67
C LYS Z 473 79.39 -21.61 -23.93
N LEU Z 474 79.72 -21.34 -25.18
CA LEU Z 474 81.08 -20.97 -25.57
C LEU Z 474 81.30 -19.47 -25.54
N LEU Z 475 80.32 -18.70 -25.06
CA LEU Z 475 80.48 -17.24 -24.96
C LEU Z 475 81.49 -16.88 -23.88
N TYR Z 476 81.48 -17.60 -22.75
CA TYR Z 476 82.39 -17.28 -21.67
C TYR Z 476 83.80 -17.78 -21.94
N GLY Z 477 83.97 -18.73 -22.87
CA GLY Z 477 85.28 -19.23 -23.23
C GLY Z 477 86.04 -19.91 -22.12
N PHE Z 478 85.32 -20.70 -21.30
CA PHE Z 478 85.94 -21.50 -20.26
C PHE Z 478 86.55 -22.79 -20.77
N ASP Z 479 86.04 -23.31 -21.90
CA ASP Z 479 86.50 -24.52 -22.57
C ASP Z 479 86.47 -25.72 -21.63
N THR Z 480 85.29 -26.00 -21.07
CA THR Z 480 85.08 -27.14 -20.20
C THR Z 480 84.07 -28.04 -20.88
N LEU Z 481 83.56 -28.97 -20.11
CA LEU Z 481 82.66 -30.04 -20.50
C LEU Z 481 81.46 -29.49 -21.24
N LEU Z 482 81.09 -30.13 -22.35
CA LEU Z 482 79.98 -29.81 -23.24
C LEU Z 482 80.20 -28.51 -24.03
N SER Z 483 81.26 -27.76 -23.72
CA SER Z 483 81.75 -26.68 -24.55
C SER Z 483 83.20 -26.91 -24.94
N ASN Z 484 83.77 -28.03 -24.50
CA ASN Z 484 84.97 -28.60 -25.10
C ASN Z 484 84.47 -29.76 -25.94
N PRO Z 485 84.45 -29.65 -27.27
CA PRO Z 485 83.90 -30.72 -28.11
C PRO Z 485 84.67 -32.03 -28.03
N ASP Z 486 85.90 -32.03 -27.55
CA ASP Z 486 86.66 -33.24 -27.33
C ASP Z 486 86.55 -33.80 -25.92
N SER Z 487 85.89 -33.08 -25.01
CA SER Z 487 85.75 -33.54 -23.64
C SER Z 487 84.83 -34.75 -23.55
N ILE Z 488 85.11 -35.62 -22.59
CA ILE Z 488 84.38 -36.88 -22.46
C ILE Z 488 82.91 -36.69 -22.11
N ALA Z 489 82.55 -35.57 -21.50
CA ALA Z 489 81.13 -35.27 -21.30
C ALA Z 489 80.46 -34.94 -22.62
N ALA Z 490 81.18 -34.28 -23.53
CA ALA Z 490 80.62 -33.94 -24.84
C ALA Z 490 80.56 -35.15 -25.76
N THR Z 491 81.55 -36.04 -25.67
CA THR Z 491 81.60 -37.19 -26.55
C THR Z 491 80.80 -38.38 -26.01
N ALA Z 492 80.75 -38.55 -24.68
CA ALA Z 492 80.30 -39.78 -24.02
C ALA Z 492 81.05 -40.99 -24.56
N TRP Z 493 82.38 -41.01 -24.33
CA TRP Z 493 83.37 -41.85 -24.99
C TRP Z 493 83.06 -43.35 -25.10
N PRO Z 494 82.59 -44.06 -24.04
CA PRO Z 494 82.27 -45.49 -24.26
C PRO Z 494 81.02 -45.72 -25.09
N ASN Z 495 79.93 -45.00 -24.80
CA ASN Z 495 78.66 -45.24 -25.48
C ASN Z 495 78.54 -44.46 -26.78
N TYR Z 496 79.01 -43.21 -26.81
CA TYR Z 496 78.77 -42.25 -27.89
C TYR Z 496 77.27 -42.11 -28.16
N GLY Z 497 76.56 -41.79 -27.08
CA GLY Z 497 75.12 -41.77 -27.15
C GLY Z 497 74.47 -40.56 -26.50
N ASN Z 498 75.12 -39.39 -26.56
CA ASN Z 498 74.48 -38.16 -26.10
C ASN Z 498 73.21 -37.87 -26.89
N VAL Z 499 73.35 -37.64 -28.21
CA VAL Z 499 72.29 -37.36 -29.20
C VAL Z 499 71.44 -36.13 -28.87
N TRP Z 500 71.19 -35.85 -27.58
CA TRP Z 500 70.55 -34.60 -27.19
C TRP Z 500 71.43 -33.40 -27.45
N LEU Z 501 72.75 -33.61 -27.51
CA LEU Z 501 73.73 -32.54 -27.55
C LEU Z 501 73.69 -31.61 -28.76
N PRO Z 502 73.43 -32.07 -30.03
CA PRO Z 502 73.29 -31.10 -31.13
C PRO Z 502 72.21 -30.03 -30.89
N GLY Z 503 70.98 -30.48 -30.61
CA GLY Z 503 69.88 -29.58 -30.34
C GLY Z 503 70.10 -28.71 -29.12
N TRP Z 504 70.62 -29.31 -28.04
CA TRP Z 504 70.87 -28.54 -26.82
C TRP Z 504 71.95 -27.49 -27.04
N LEU Z 505 73.03 -27.85 -27.75
CA LEU Z 505 74.09 -26.90 -28.04
C LEU Z 505 73.58 -25.76 -28.90
N ASP Z 506 72.73 -26.07 -29.88
CA ASP Z 506 72.15 -25.04 -30.74
C ASP Z 506 71.23 -24.10 -29.95
N ALA Z 507 70.38 -24.66 -29.10
CA ALA Z 507 69.44 -23.83 -28.34
C ALA Z 507 70.14 -23.04 -27.24
N ILE Z 508 71.25 -23.58 -26.73
CA ILE Z 508 72.05 -22.90 -25.73
C ILE Z 508 72.84 -21.74 -26.34
N ASN Z 509 73.44 -21.94 -27.50
CA ASN Z 509 74.42 -20.98 -28.03
C ASN Z 509 73.79 -20.05 -29.07
N SER Z 510 72.47 -20.01 -29.15
CA SER Z 510 71.77 -19.09 -30.03
C SER Z 510 70.80 -18.27 -29.17
N GLY Z 511 71.29 -17.14 -28.66
CA GLY Z 511 70.46 -16.35 -27.79
C GLY Z 511 69.33 -15.64 -28.50
N ASN Z 512 68.14 -16.23 -28.39
CA ASN Z 512 66.88 -15.62 -28.76
C ASN Z 512 65.85 -16.10 -27.76
N ASN Z 513 66.31 -16.87 -26.78
CA ASN Z 513 65.48 -17.60 -25.83
C ASN Z 513 66.02 -17.39 -24.43
N SER Z 514 65.48 -18.12 -23.45
CA SER Z 514 65.92 -17.99 -22.08
C SER Z 514 66.79 -19.14 -21.60
N LEU Z 515 67.41 -19.89 -22.51
CA LEU Z 515 68.31 -20.97 -22.10
C LEU Z 515 69.58 -20.44 -21.50
N PHE Z 516 69.61 -20.40 -20.17
CA PHE Z 516 70.77 -20.02 -19.36
C PHE Z 516 71.31 -18.65 -19.76
N LEU Z 517 70.46 -17.63 -19.62
CA LEU Z 517 70.71 -16.28 -20.13
C LEU Z 517 72.06 -15.73 -19.63
N THR Z 518 72.64 -14.81 -20.41
CA THR Z 518 73.93 -14.27 -20.04
C THR Z 518 73.80 -13.39 -18.79
N ILE Z 519 74.83 -13.44 -17.95
CA ILE Z 519 74.77 -12.89 -16.61
C ILE Z 519 75.99 -12.03 -16.33
N GLY Z 520 75.84 -11.10 -15.41
CA GLY Z 520 76.89 -10.18 -15.06
C GLY Z 520 76.82 -9.76 -13.61
N PRO Z 521 77.53 -8.68 -13.25
CA PRO Z 521 77.59 -8.24 -11.85
C PRO Z 521 76.24 -7.91 -11.24
N GLY Z 522 75.32 -7.37 -12.05
CA GLY Z 522 73.96 -7.20 -11.59
C GLY Z 522 73.31 -8.50 -11.18
N ASP Z 523 73.46 -9.54 -11.99
CA ASP Z 523 72.91 -10.85 -11.65
C ASP Z 523 73.53 -11.42 -10.37
N PHE Z 524 74.82 -11.23 -10.19
CA PHE Z 524 75.51 -11.63 -8.96
C PHE Z 524 74.92 -10.96 -7.74
N LEU Z 525 74.74 -9.65 -7.82
CA LEU Z 525 74.26 -8.89 -6.68
C LEU Z 525 72.79 -9.23 -6.36
N VAL Z 526 71.96 -9.40 -7.39
CA VAL Z 526 70.58 -9.81 -7.13
C VAL Z 526 70.50 -11.24 -6.63
N HIS Z 527 71.36 -12.15 -7.08
CA HIS Z 527 71.37 -13.50 -6.55
C HIS Z 527 71.73 -13.53 -5.08
N HIS Z 528 72.64 -12.65 -4.66
CA HIS Z 528 72.92 -12.58 -3.24
C HIS Z 528 71.81 -11.89 -2.45
N ALA Z 529 71.07 -10.97 -3.08
CA ALA Z 529 69.83 -10.46 -2.47
C ALA Z 529 68.81 -11.58 -2.26
N ILE Z 530 68.65 -12.45 -3.25
CA ILE Z 530 67.79 -13.63 -3.12
C ILE Z 530 68.28 -14.59 -2.04
N ALA Z 531 69.60 -14.81 -1.96
CA ALA Z 531 70.16 -15.67 -0.92
C ALA Z 531 69.85 -15.12 0.47
N LEU Z 532 70.06 -13.81 0.66
CA LEU Z 532 69.63 -13.07 1.82
C LEU Z 532 68.15 -13.29 2.16
N GLY Z 533 67.29 -13.11 1.15
CA GLY Z 533 65.86 -13.23 1.39
C GLY Z 533 65.45 -14.63 1.82
N LEU Z 534 65.98 -15.64 1.13
CA LEU Z 534 65.71 -17.02 1.50
C LEU Z 534 66.22 -17.34 2.90
N HIS Z 535 67.44 -16.91 3.20
CA HIS Z 535 68.04 -17.21 4.49
C HIS Z 535 67.30 -16.54 5.63
N THR Z 536 66.86 -15.29 5.44
CA THR Z 536 66.17 -14.61 6.53
C THR Z 536 64.75 -15.12 6.71
N THR Z 537 64.03 -15.41 5.61
CA THR Z 537 62.71 -16.02 5.75
C THR Z 537 62.78 -17.39 6.41
N THR Z 538 63.78 -18.20 6.04
CA THR Z 538 64.04 -19.47 6.70
C THR Z 538 64.41 -19.27 8.17
N LEU Z 539 65.21 -18.23 8.47
CA LEU Z 539 65.59 -17.94 9.85
C LEU Z 539 64.39 -17.64 10.72
N ILE Z 540 63.48 -16.79 10.22
CA ILE Z 540 62.29 -16.45 11.00
C ILE Z 540 61.41 -17.68 11.21
N LEU Z 541 61.16 -18.42 10.12
CA LEU Z 541 60.34 -19.62 10.23
C LEU Z 541 60.95 -20.70 11.12
N VAL Z 542 62.26 -20.91 11.02
CA VAL Z 542 62.94 -21.91 11.83
C VAL Z 542 63.01 -21.49 13.29
N LYS Z 543 63.28 -20.20 13.55
CA LYS Z 543 63.29 -19.72 14.92
C LYS Z 543 61.92 -19.85 15.56
N GLY Z 544 60.86 -19.62 14.79
CA GLY Z 544 59.53 -19.88 15.30
C GLY Z 544 59.19 -21.33 15.53
N ALA Z 545 59.65 -22.20 14.63
CA ALA Z 545 59.39 -23.63 14.78
C ALA Z 545 60.15 -24.22 15.96
N LEU Z 546 61.44 -23.88 16.09
CA LEU Z 546 62.29 -24.51 17.09
C LEU Z 546 62.09 -23.91 18.47
N ASP Z 547 61.47 -22.73 18.57
CA ASP Z 547 61.11 -22.13 19.84
C ASP Z 547 59.60 -22.16 20.06
N ALA Z 548 58.89 -22.92 19.23
CA ALA Z 548 57.45 -23.10 19.38
C ALA Z 548 57.06 -23.80 20.66
N ARG Z 549 57.87 -24.77 21.13
CA ARG Z 549 57.60 -25.42 22.40
C ARG Z 549 57.88 -24.48 23.57
N GLY Z 550 58.89 -23.62 23.45
CA GLY Z 550 59.20 -22.68 24.51
C GLY Z 550 60.59 -22.09 24.37
N SER Z 551 60.80 -20.93 24.98
CA SER Z 551 62.10 -20.29 24.99
C SER Z 551 62.46 -19.93 26.43
N LYS Z 552 63.58 -19.22 26.59
CA LYS Z 552 63.96 -18.74 27.91
C LYS Z 552 63.03 -17.64 28.39
N LEU Z 553 62.35 -16.96 27.46
CA LEU Z 553 61.36 -15.96 27.84
C LEU Z 553 60.04 -16.60 28.29
N MET Z 554 59.70 -17.78 27.76
CA MET Z 554 58.42 -18.43 28.02
C MET Z 554 58.59 -19.94 27.89
N PRO Z 555 59.08 -20.62 28.95
CA PRO Z 555 59.35 -22.05 28.83
C PRO Z 555 58.15 -22.94 29.08
N ASP Z 556 56.96 -22.53 28.63
CA ASP Z 556 55.80 -23.41 28.67
C ASP Z 556 54.90 -23.13 27.48
N LYS Z 557 55.50 -22.74 26.35
CA LYS Z 557 54.73 -22.29 25.19
C LYS Z 557 53.96 -23.43 24.52
N LYS Z 558 54.25 -24.69 24.83
CA LYS Z 558 53.43 -25.79 24.34
C LYS Z 558 52.00 -25.72 24.86
N ASP Z 559 51.83 -25.30 26.12
CA ASP Z 559 50.52 -25.37 26.75
C ASP Z 559 49.60 -24.23 26.33
N PHE Z 560 50.13 -23.22 25.63
CA PHE Z 560 49.31 -22.11 25.17
C PHE Z 560 48.94 -22.21 23.70
N GLY Z 561 49.50 -23.15 22.97
CA GLY Z 561 49.09 -23.43 21.61
C GLY Z 561 50.02 -22.80 20.59
N TYR Z 562 49.53 -22.77 19.35
CA TYR Z 562 50.28 -22.18 18.26
C TYR Z 562 50.05 -20.68 18.15
N ALA Z 563 48.79 -20.27 18.16
CA ALA Z 563 48.40 -18.87 18.00
C ALA Z 563 47.84 -18.34 19.31
N PHE Z 564 48.59 -17.43 19.94
CA PHE Z 564 48.09 -16.66 21.08
C PHE Z 564 48.71 -15.28 20.97
N PRO Z 565 48.08 -14.23 21.55
CA PRO Z 565 48.60 -12.86 21.37
C PRO Z 565 49.99 -12.65 21.94
N CYS Z 566 50.12 -12.96 23.23
CA CYS Z 566 51.33 -12.69 23.99
C CYS Z 566 51.22 -13.39 25.34
N ASP Z 567 52.18 -13.12 26.22
CA ASP Z 567 52.07 -13.48 27.62
C ASP Z 567 52.02 -12.24 28.50
N GLY Z 568 51.58 -11.12 27.92
CA GLY Z 568 51.42 -9.89 28.67
C GLY Z 568 52.69 -9.08 28.73
N PRO Z 569 52.60 -7.87 29.28
CA PRO Z 569 53.76 -6.98 29.34
C PRO Z 569 54.79 -7.38 30.39
N GLY Z 570 54.52 -8.40 31.18
CA GLY Z 570 55.48 -8.88 32.16
C GLY Z 570 56.64 -9.57 31.49
N ARG Z 571 57.67 -9.82 32.31
CA ARG Z 571 58.94 -10.43 31.90
C ARG Z 571 59.59 -9.64 30.77
N GLY Z 572 59.52 -8.32 30.86
CA GLY Z 572 60.08 -7.42 29.88
C GLY Z 572 59.14 -7.05 28.75
N GLY Z 573 58.04 -7.79 28.59
CA GLY Z 573 57.16 -7.59 27.46
C GLY Z 573 57.28 -8.74 26.48
N THR Z 574 56.15 -9.28 26.02
CA THR Z 574 56.14 -10.52 25.26
C THR Z 574 55.29 -10.42 23.99
N CYS Z 575 55.26 -9.25 23.35
CA CYS Z 575 54.53 -9.11 22.09
C CYS Z 575 55.16 -9.99 21.02
N ASP Z 576 54.31 -10.62 20.20
CA ASP Z 576 54.73 -11.42 19.05
C ASP Z 576 55.63 -12.58 19.48
N ILE Z 577 55.24 -13.28 20.54
CA ILE Z 577 56.04 -14.38 21.07
C ILE Z 577 55.58 -15.75 20.56
N SER Z 578 54.32 -15.87 20.15
CA SER Z 578 53.80 -17.16 19.72
C SER Z 578 54.43 -17.57 18.39
N ALA Z 579 54.31 -18.86 18.08
CA ALA Z 579 54.90 -19.38 16.85
C ALA Z 579 54.13 -18.93 15.62
N TRP Z 580 52.82 -18.68 15.78
CA TRP Z 580 52.02 -18.04 14.74
C TRP Z 580 52.58 -16.68 14.35
N ASP Z 581 53.08 -15.93 15.34
CA ASP Z 581 53.65 -14.63 15.07
C ASP Z 581 54.93 -14.72 14.27
N ALA Z 582 55.67 -15.81 14.37
CA ALA Z 582 56.83 -16.01 13.51
C ALA Z 582 56.41 -16.26 12.06
N PHE Z 583 55.33 -17.01 11.85
CA PHE Z 583 54.74 -17.11 10.52
C PHE Z 583 54.35 -15.73 9.99
N TYR Z 584 53.74 -14.94 10.86
CA TYR Z 584 53.21 -13.64 10.47
C TYR Z 584 54.35 -12.69 10.10
N LEU Z 585 55.46 -12.79 10.81
CA LEU Z 585 56.63 -11.98 10.50
C LEU Z 585 57.38 -12.50 9.28
N ALA Z 586 57.37 -13.81 9.05
CA ALA Z 586 58.08 -14.35 7.90
C ALA Z 586 57.28 -14.20 6.62
N MET Z 587 55.97 -13.95 6.73
CA MET Z 587 55.19 -13.71 5.52
C MET Z 587 55.59 -12.41 4.84
N PHE Z 588 55.92 -11.38 5.63
CA PHE Z 588 56.48 -10.15 5.05
C PHE Z 588 57.80 -10.43 4.34
N TRP Z 589 58.65 -11.26 4.95
CA TRP Z 589 59.93 -11.57 4.33
C TRP Z 589 59.80 -12.43 3.10
N MET Z 590 58.85 -13.37 3.11
CA MET Z 590 58.55 -14.15 1.92
C MET Z 590 58.04 -13.25 0.78
N LEU Z 591 57.14 -12.32 1.10
CA LEU Z 591 56.66 -11.39 0.08
C LEU Z 591 57.78 -10.52 -0.46
N ASN Z 592 58.67 -10.05 0.42
CA ASN Z 592 59.81 -9.24 -0.01
C ASN Z 592 60.76 -10.04 -0.89
N THR Z 593 61.05 -11.29 -0.52
CA THR Z 593 61.94 -12.13 -1.31
C THR Z 593 61.34 -12.48 -2.66
N ILE Z 594 60.04 -12.78 -2.69
CA ILE Z 594 59.37 -13.09 -3.95
C ILE Z 594 59.29 -11.84 -4.82
N GLY Z 595 59.08 -10.67 -4.22
CA GLY Z 595 59.15 -9.43 -4.97
C GLY Z 595 60.51 -9.20 -5.56
N TRP Z 596 61.56 -9.50 -4.79
CA TRP Z 596 62.94 -9.38 -5.30
C TRP Z 596 63.18 -10.27 -6.51
N VAL Z 597 62.82 -11.55 -6.40
CA VAL Z 597 63.12 -12.49 -7.48
C VAL Z 597 62.27 -12.17 -8.72
N THR Z 598 61.02 -11.76 -8.53
CA THR Z 598 60.17 -11.41 -9.67
C THR Z 598 60.58 -10.08 -10.30
N PHE Z 599 61.02 -9.10 -9.52
CA PHE Z 599 61.58 -7.87 -10.06
C PHE Z 599 62.79 -8.14 -10.93
N TYR Z 600 63.69 -9.00 -10.42
CA TYR Z 600 64.88 -9.42 -11.17
C TYR Z 600 64.48 -10.06 -12.50
N TRP Z 601 63.58 -11.04 -12.43
CA TRP Z 601 63.14 -11.75 -13.62
C TRP Z 601 62.54 -10.80 -14.64
N HIS Z 602 61.65 -9.92 -14.20
CA HIS Z 602 60.94 -9.05 -15.12
C HIS Z 602 61.85 -8.03 -15.76
N TRP Z 603 62.77 -7.44 -14.97
CA TRP Z 603 63.65 -6.43 -15.55
C TRP Z 603 64.65 -7.06 -16.52
N LYS Z 604 65.23 -8.20 -16.16
CA LYS Z 604 66.14 -8.89 -17.06
C LYS Z 604 65.40 -9.34 -18.33
N HIS Z 605 64.15 -9.78 -18.20
CA HIS Z 605 63.45 -10.26 -19.38
C HIS Z 605 62.95 -9.12 -20.26
N LEU Z 606 62.63 -7.97 -19.69
CA LEU Z 606 62.32 -6.81 -20.53
C LEU Z 606 63.54 -6.39 -21.32
N GLY Z 607 64.70 -6.36 -20.68
CA GLY Z 607 65.94 -6.14 -21.41
C GLY Z 607 66.27 -7.18 -22.47
N VAL Z 608 65.97 -8.44 -22.21
CA VAL Z 608 66.22 -9.52 -23.16
C VAL Z 608 65.23 -9.49 -24.33
N TRP Z 609 63.94 -9.31 -24.03
CA TRP Z 609 62.89 -9.30 -25.03
C TRP Z 609 63.00 -8.11 -25.97
N GLU Z 610 63.12 -6.90 -25.44
CA GLU Z 610 63.26 -5.73 -26.29
C GLU Z 610 64.60 -5.71 -27.03
N GLY Z 611 65.65 -6.21 -26.40
CA GLY Z 611 66.97 -6.28 -26.99
C GLY Z 611 68.02 -5.49 -26.24
N ASN Z 612 67.60 -4.57 -25.38
CA ASN Z 612 68.54 -3.79 -24.58
C ASN Z 612 68.92 -4.55 -23.32
N VAL Z 613 69.75 -5.59 -23.45
CA VAL Z 613 70.32 -6.22 -22.28
C VAL Z 613 71.30 -5.29 -21.58
N ALA Z 614 71.85 -4.31 -22.30
CA ALA Z 614 72.75 -3.33 -21.71
C ALA Z 614 72.08 -2.52 -20.61
N GLN Z 615 70.77 -2.30 -20.72
CA GLN Z 615 70.04 -1.58 -19.66
C GLN Z 615 70.18 -2.26 -18.30
N PHE Z 616 69.89 -3.56 -18.24
CA PHE Z 616 70.09 -4.32 -17.02
C PHE Z 616 71.57 -4.45 -16.69
N ASN Z 617 72.40 -4.82 -17.67
CA ASN Z 617 73.80 -5.16 -17.41
C ASN Z 617 74.65 -3.96 -17.01
N GLU Z 618 74.12 -2.76 -17.19
CA GLU Z 618 74.78 -1.55 -16.73
C GLU Z 618 74.08 -0.86 -15.56
N ASN Z 619 72.76 -0.97 -15.41
CA ASN Z 619 72.05 -0.20 -14.41
C ASN Z 619 71.53 -1.02 -13.23
N SER Z 620 71.63 -2.34 -13.27
CA SER Z 620 71.11 -3.16 -12.18
C SER Z 620 72.09 -3.34 -11.04
N THR Z 621 73.31 -2.83 -11.17
CA THR Z 621 74.30 -2.93 -10.10
C THR Z 621 74.10 -1.91 -9.00
N TYR Z 622 73.44 -0.80 -9.29
CA TYR Z 622 73.07 0.18 -8.29
C TYR Z 622 71.55 0.23 -8.20
N LEU Z 623 71.02 0.62 -7.04
CA LEU Z 623 69.60 0.50 -6.79
C LEU Z 623 68.76 1.65 -7.33
N MET Z 624 69.39 2.75 -7.74
CA MET Z 624 68.65 3.78 -8.45
C MET Z 624 68.36 3.37 -9.89
N GLY Z 625 69.13 2.43 -10.44
CA GLY Z 625 68.77 1.85 -11.72
C GLY Z 625 67.46 1.10 -11.63
N TRP Z 626 67.27 0.38 -10.53
CA TRP Z 626 66.03 -0.34 -10.28
C TRP Z 626 64.84 0.60 -10.11
N LEU Z 627 65.02 1.72 -9.42
CA LEU Z 627 63.93 2.66 -9.23
C LEU Z 627 63.65 3.47 -10.49
N ARG Z 628 64.70 3.81 -11.24
CA ARG Z 628 64.56 4.67 -12.41
C ARG Z 628 64.18 3.87 -13.64
N ASP Z 629 65.00 2.90 -14.01
CA ASP Z 629 64.84 2.23 -15.30
C ASP Z 629 63.92 1.01 -15.25
N TYR Z 630 63.47 0.60 -14.07
CA TYR Z 630 62.50 -0.49 -13.99
C TYR Z 630 61.17 -0.04 -13.40
N LEU Z 631 61.17 0.61 -12.23
CA LEU Z 631 59.91 0.95 -11.58
C LEU Z 631 59.29 2.20 -12.18
N TRP Z 632 60.05 3.29 -12.24
CA TRP Z 632 59.52 4.57 -12.70
C TRP Z 632 59.20 4.54 -14.19
N LEU Z 633 60.08 3.93 -14.98
CA LEU Z 633 59.94 3.92 -16.43
C LEU Z 633 58.73 3.11 -16.86
N ASN Z 634 58.71 1.82 -16.54
CA ASN Z 634 57.71 0.86 -16.97
C ASN Z 634 56.33 1.12 -16.42
N SER Z 635 56.17 1.94 -15.40
CA SER Z 635 54.85 2.31 -14.93
C SER Z 635 54.20 3.38 -15.78
N SER Z 636 54.93 3.96 -16.74
CA SER Z 636 54.49 5.15 -17.46
C SER Z 636 53.20 4.91 -18.24
N GLN Z 637 53.12 3.78 -18.95
CA GLN Z 637 51.88 3.45 -19.63
C GLN Z 637 50.82 2.97 -18.66
N LEU Z 638 51.23 2.39 -17.53
CA LEU Z 638 50.26 1.86 -16.57
C LEU Z 638 49.45 2.97 -15.92
N ILE Z 639 50.10 4.07 -15.55
CA ILE Z 639 49.40 5.16 -14.88
C ILE Z 639 48.67 6.06 -15.86
N ASN Z 640 48.80 5.81 -17.15
CA ASN Z 640 48.05 6.51 -18.19
C ASN Z 640 46.94 5.64 -18.77
N GLY Z 641 46.59 4.56 -18.06
CA GLY Z 641 45.43 3.77 -18.42
C GLY Z 641 44.13 4.53 -18.36
N TYR Z 642 44.06 5.55 -17.50
CA TYR Z 642 43.04 6.57 -17.60
C TYR Z 642 43.64 7.88 -17.13
N ASN Z 643 43.19 8.97 -17.73
CA ASN Z 643 43.79 10.29 -17.57
C ASN Z 643 42.67 11.29 -17.90
N PRO Z 644 42.89 12.60 -17.77
CA PRO Z 644 41.86 13.55 -18.25
C PRO Z 644 41.58 13.48 -19.74
N PHE Z 645 42.42 12.85 -20.54
CA PHE Z 645 42.20 12.75 -21.98
C PHE Z 645 41.40 11.52 -22.40
N GLY Z 646 41.46 10.43 -21.64
CA GLY Z 646 40.69 9.26 -22.00
C GLY Z 646 41.19 8.02 -21.29
N THR Z 647 40.65 6.88 -21.72
CA THR Z 647 40.95 5.57 -21.14
C THR Z 647 41.49 4.65 -22.22
N ASN Z 648 42.56 3.92 -21.90
CA ASN Z 648 43.04 2.84 -22.75
C ASN Z 648 42.40 1.53 -22.27
N ASN Z 649 42.91 0.39 -22.75
CA ASN Z 649 42.55 -0.89 -22.17
C ASN Z 649 43.32 -1.17 -20.89
N LEU Z 650 44.26 -0.29 -20.52
CA LEU Z 650 45.03 -0.35 -19.30
C LEU Z 650 44.34 0.32 -18.12
N SER Z 651 43.06 0.69 -18.26
CA SER Z 651 42.35 1.34 -17.17
C SER Z 651 42.11 0.39 -16.02
N VAL Z 652 41.90 -0.90 -16.32
CA VAL Z 652 41.78 -1.92 -15.28
C VAL Z 652 43.03 -1.97 -14.43
N TRP Z 653 44.18 -2.02 -15.08
CA TRP Z 653 45.43 -2.20 -14.37
C TRP Z 653 45.84 -0.95 -13.62
N ALA Z 654 45.52 0.24 -14.15
CA ALA Z 654 45.72 1.47 -13.38
C ALA Z 654 44.85 1.51 -12.13
N TRP Z 655 43.57 1.18 -12.28
CA TRP Z 655 42.66 1.15 -11.14
C TRP Z 655 43.08 0.10 -10.12
N MET Z 656 43.53 -1.08 -10.59
CA MET Z 656 43.97 -2.13 -9.69
C MET Z 656 45.30 -1.81 -9.03
N PHE Z 657 46.19 -1.11 -9.74
CA PHE Z 657 47.44 -0.60 -9.18
C PHE Z 657 47.16 0.30 -7.99
N LEU Z 658 46.27 1.28 -8.19
CA LEU Z 658 45.86 2.16 -7.10
C LEU Z 658 45.12 1.42 -5.99
N PHE Z 659 44.25 0.48 -6.37
CA PHE Z 659 43.52 -0.34 -5.42
C PHE Z 659 44.46 -1.15 -4.55
N GLY Z 660 45.50 -1.72 -5.14
CA GLY Z 660 46.49 -2.49 -4.42
C GLY Z 660 47.30 -1.64 -3.47
N HIS Z 661 47.70 -0.43 -3.92
CA HIS Z 661 48.31 0.52 -2.99
C HIS Z 661 47.41 0.82 -1.81
N LEU Z 662 46.11 0.98 -2.06
CA LEU Z 662 45.13 1.26 -1.00
C LEU Z 662 45.00 0.10 -0.01
N VAL Z 663 44.90 -1.14 -0.52
CA VAL Z 663 44.75 -2.30 0.37
C VAL Z 663 46.02 -2.51 1.20
N TRP Z 664 47.19 -2.37 0.55
CA TRP Z 664 48.47 -2.50 1.22
C TRP Z 664 48.64 -1.46 2.32
N ALA Z 665 48.17 -0.24 2.07
CA ALA Z 665 48.27 0.80 3.10
C ALA Z 665 47.23 0.62 4.20
N THR Z 666 46.06 0.07 3.87
CA THR Z 666 45.07 -0.25 4.88
C THR Z 666 45.58 -1.33 5.84
N GLY Z 667 46.40 -2.25 5.32
CA GLY Z 667 47.04 -3.23 6.18
C GLY Z 667 47.94 -2.63 7.24
N PHE Z 668 48.64 -1.55 6.90
CA PHE Z 668 49.51 -0.85 7.83
C PHE Z 668 48.76 -0.35 9.06
N MET Z 669 47.47 -0.02 8.91
CA MET Z 669 46.65 0.39 10.03
C MET Z 669 46.48 -0.73 11.06
N PHE Z 670 46.19 -1.95 10.59
CA PHE Z 670 46.05 -3.07 11.51
C PHE Z 670 47.40 -3.53 12.04
N LEU Z 671 48.47 -3.28 11.31
CA LEU Z 671 49.78 -3.72 11.76
C LEU Z 671 50.48 -2.73 12.68
N ILE Z 672 50.11 -1.45 12.68
CA ILE Z 672 50.76 -0.44 13.52
C ILE Z 672 49.90 -0.05 14.71
N SER Z 673 48.67 0.39 14.46
CA SER Z 673 47.72 0.65 15.54
C SER Z 673 47.26 -0.69 16.11
N TRP Z 674 47.16 -0.76 17.43
CA TRP Z 674 46.82 -2.02 18.10
C TRP Z 674 45.53 -1.84 18.91
N ARG Z 675 45.20 -2.88 19.68
CA ARG Z 675 43.79 -3.16 19.97
C ARG Z 675 43.13 -2.17 20.91
N GLY Z 676 43.81 -1.82 22.01
CA GLY Z 676 43.14 -1.11 23.09
C GLY Z 676 42.64 0.25 22.67
N TYR Z 677 43.38 0.92 21.76
CA TYR Z 677 42.89 2.16 21.16
C TYR Z 677 41.52 1.98 20.52
N TRP Z 678 41.38 0.96 19.69
CA TRP Z 678 40.12 0.72 18.99
C TRP Z 678 39.04 0.25 19.94
N GLN Z 679 39.42 -0.46 21.01
CA GLN Z 679 38.43 -0.86 22.00
C GLN Z 679 37.84 0.36 22.70
N GLU Z 680 38.69 1.29 23.18
CA GLU Z 680 38.16 2.51 23.82
C GLU Z 680 37.38 3.38 22.84
N LEU Z 681 37.73 3.34 21.55
CA LEU Z 681 36.94 4.07 20.56
C LEU Z 681 35.55 3.44 20.39
N ILE Z 682 35.49 2.11 20.35
CA ILE Z 682 34.22 1.41 20.19
C ILE Z 682 33.32 1.56 21.42
N GLU Z 683 33.91 1.71 22.62
CA GLU Z 683 33.07 2.00 23.80
C GLU Z 683 32.37 3.35 23.67
N THR Z 684 33.07 4.38 23.15
CA THR Z 684 32.41 5.66 22.88
C THR Z 684 31.33 5.52 21.82
N LEU Z 685 31.59 4.73 20.78
CA LEU Z 685 30.57 4.45 19.77
C LEU Z 685 29.35 3.74 20.34
N VAL Z 686 29.56 2.78 21.24
CA VAL Z 686 28.49 2.06 21.92
C VAL Z 686 27.66 3.02 22.76
N TRP Z 687 28.33 3.93 23.49
CA TRP Z 687 27.62 4.94 24.26
C TRP Z 687 26.79 5.83 23.34
N ALA Z 688 27.37 6.28 22.23
CA ALA Z 688 26.67 7.18 21.32
C ALA Z 688 25.46 6.52 20.70
N HIS Z 689 25.59 5.25 20.31
CA HIS Z 689 24.44 4.53 19.77
C HIS Z 689 23.37 4.32 20.84
N GLU Z 690 23.77 4.00 22.06
CA GLU Z 690 22.79 3.80 23.13
C GLU Z 690 22.18 5.09 23.65
N ARG Z 691 22.72 6.24 23.25
CA ARG Z 691 22.22 7.53 23.72
C ARG Z 691 21.59 8.34 22.60
N THR Z 692 21.44 7.76 21.41
CA THR Z 692 20.87 8.47 20.28
C THR Z 692 19.41 8.09 20.10
N PRO Z 693 18.50 9.05 20.14
CA PRO Z 693 17.10 8.75 19.82
C PRO Z 693 16.94 8.28 18.38
N LEU Z 694 15.94 7.40 18.20
CA LEU Z 694 15.49 6.76 16.96
C LEU Z 694 16.46 5.68 16.47
N ALA Z 695 17.66 5.62 17.05
CA ALA Z 695 18.54 4.50 16.78
C ALA Z 695 18.56 3.56 17.98
N ASN Z 696 18.03 4.03 19.11
CA ASN Z 696 17.85 3.25 20.32
C ASN Z 696 16.90 2.08 20.09
N LEU Z 697 15.99 2.25 19.13
CA LEU Z 697 15.10 1.17 18.70
C LEU Z 697 15.87 -0.01 18.14
N VAL Z 698 17.04 0.24 17.58
CA VAL Z 698 17.88 -0.79 16.98
C VAL Z 698 18.97 -1.15 17.99
N ARG Z 699 19.10 -2.44 18.27
CA ARG Z 699 20.11 -2.89 19.22
C ARG Z 699 20.90 -4.01 18.58
N TRP Z 700 22.22 -3.98 18.75
CA TRP Z 700 23.06 -5.04 18.25
C TRP Z 700 22.78 -6.33 19.01
N LYS Z 701 22.87 -7.45 18.28
CA LYS Z 701 22.74 -8.76 18.89
C LYS Z 701 24.04 -9.28 19.46
N ASP Z 702 25.16 -8.96 18.82
CA ASP Z 702 26.48 -9.30 19.32
C ASP Z 702 27.17 -8.00 19.69
N LYS Z 703 27.74 -7.97 20.90
CA LYS Z 703 28.31 -6.74 21.41
C LYS Z 703 29.54 -6.34 20.61
N PRO Z 704 29.61 -5.11 20.10
CA PRO Z 704 30.77 -4.68 19.30
C PRO Z 704 32.02 -4.58 20.15
N VAL Z 705 33.05 -5.31 19.77
CA VAL Z 705 34.37 -5.21 20.38
C VAL Z 705 35.38 -4.97 19.27
N ALA Z 706 36.56 -4.51 19.67
CA ALA Z 706 37.65 -4.36 18.73
C ALA Z 706 38.12 -5.74 18.27
N LEU Z 707 38.78 -5.76 17.11
CA LEU Z 707 39.37 -7.01 16.63
C LEU Z 707 40.44 -7.47 17.61
N SER Z 708 40.56 -8.78 17.77
CA SER Z 708 41.56 -9.30 18.67
C SER Z 708 42.96 -9.09 18.11
N ILE Z 709 43.95 -9.28 18.97
CA ILE Z 709 45.34 -8.95 18.62
C ILE Z 709 45.83 -9.83 17.48
N VAL Z 710 45.66 -11.15 17.62
CA VAL Z 710 46.03 -12.07 16.56
C VAL Z 710 45.15 -11.85 15.34
N GLN Z 711 43.87 -11.51 15.56
CA GLN Z 711 42.95 -11.29 14.45
C GLN Z 711 43.41 -10.14 13.58
N ALA Z 712 43.77 -9.01 14.18
CA ALA Z 712 44.12 -7.89 13.34
C ALA Z 712 45.56 -7.97 12.85
N ARG Z 713 46.41 -8.75 13.53
CA ARG Z 713 47.67 -9.15 12.89
C ARG Z 713 47.40 -9.89 11.58
N LEU Z 714 46.48 -10.86 11.63
CA LEU Z 714 46.08 -11.60 10.44
C LEU Z 714 45.43 -10.69 9.39
N VAL Z 715 44.57 -9.76 9.84
CA VAL Z 715 43.84 -8.89 8.92
C VAL Z 715 44.79 -7.91 8.22
N GLY Z 716 45.73 -7.33 8.98
CA GLY Z 716 46.74 -6.48 8.38
C GLY Z 716 47.67 -7.23 7.44
N LEU Z 717 48.07 -8.46 7.81
CA LEU Z 717 48.88 -9.27 6.92
C LEU Z 717 48.14 -9.64 5.64
N ALA Z 718 46.85 -9.97 5.75
CA ALA Z 718 46.04 -10.28 4.58
C ALA Z 718 45.87 -9.08 3.66
N HIS Z 719 45.63 -7.89 4.24
CA HIS Z 719 45.56 -6.67 3.44
C HIS Z 719 46.89 -6.38 2.76
N PHE Z 720 47.99 -6.54 3.51
CA PHE Z 720 49.33 -6.34 2.98
C PHE Z 720 49.60 -7.27 1.80
N SER Z 721 49.25 -8.54 1.95
CA SER Z 721 49.49 -9.53 0.90
C SER Z 721 48.61 -9.27 -0.33
N VAL Z 722 47.32 -8.96 -0.09
CA VAL Z 722 46.40 -8.66 -1.20
C VAL Z 722 46.88 -7.43 -1.95
N GLY Z 723 47.28 -6.38 -1.23
CA GLY Z 723 47.75 -5.17 -1.89
C GLY Z 723 49.05 -5.38 -2.64
N TYR Z 724 50.01 -6.09 -2.01
CA TYR Z 724 51.27 -6.46 -2.64
C TYR Z 724 51.06 -7.18 -3.96
N VAL Z 725 50.24 -8.24 -3.93
CA VAL Z 725 50.04 -9.08 -5.09
C VAL Z 725 49.28 -8.32 -6.18
N LEU Z 726 48.23 -7.60 -5.81
CA LEU Z 726 47.43 -6.90 -6.81
C LEU Z 726 48.21 -5.77 -7.46
N THR Z 727 48.98 -5.02 -6.67
CA THR Z 727 49.81 -3.95 -7.21
C THR Z 727 50.84 -4.50 -8.19
N TYR Z 728 51.53 -5.58 -7.81
CA TYR Z 728 52.57 -6.08 -8.71
C TYR Z 728 51.98 -6.76 -9.93
N ALA Z 729 50.83 -7.42 -9.79
CA ALA Z 729 50.19 -8.06 -10.94
C ALA Z 729 49.73 -7.02 -11.95
N ALA Z 730 49.11 -5.94 -11.47
CA ALA Z 730 48.69 -4.86 -12.35
C ALA Z 730 49.87 -4.24 -13.08
N PHE Z 731 50.95 -3.97 -12.33
CA PHE Z 731 52.14 -3.40 -12.96
C PHE Z 731 52.77 -4.34 -13.97
N LEU Z 732 52.90 -5.62 -13.63
CA LEU Z 732 53.53 -6.61 -14.51
C LEU Z 732 52.77 -6.73 -15.81
N ILE Z 733 51.45 -6.92 -15.73
CA ILE Z 733 50.64 -7.07 -16.94
C ILE Z 733 50.65 -5.79 -17.76
N ALA Z 734 50.52 -4.61 -17.11
CA ALA Z 734 50.46 -3.38 -17.87
C ALA Z 734 51.78 -3.02 -18.53
N SER Z 735 52.91 -3.23 -17.86
CA SER Z 735 54.19 -2.85 -18.44
C SER Z 735 54.70 -3.89 -19.43
N THR Z 736 54.22 -5.13 -19.38
CA THR Z 736 54.62 -6.11 -20.37
C THR Z 736 53.61 -6.20 -21.51
N ALA Z 737 52.42 -5.61 -21.33
CA ALA Z 737 51.40 -5.69 -22.37
C ALA Z 737 51.34 -4.42 -23.21
N SER Z 738 51.71 -3.27 -22.63
CA SER Z 738 51.72 -2.03 -23.39
C SER Z 738 52.81 -2.02 -24.46
N LYS Z 739 53.83 -2.86 -24.30
CA LYS Z 739 54.84 -3.12 -25.32
C LYS Z 739 54.90 -4.64 -25.43
N TYR Z 740 55.91 -5.19 -26.08
CA TYR Z 740 56.15 -6.63 -25.97
C TYR Z 740 57.64 -6.95 -25.93
N ALA AA 2 35.35 -18.60 30.54
CA ALA AA 2 36.19 -17.72 31.34
C ALA AA 2 37.65 -18.15 31.28
N HIS AA 3 38.53 -17.30 31.81
CA HIS AA 3 39.95 -17.60 31.86
C HIS AA 3 40.26 -18.51 33.03
N THR AA 4 41.34 -19.28 32.91
CA THR AA 4 41.72 -20.24 33.94
C THR AA 4 43.02 -19.80 34.59
N VAL AA 5 42.99 -19.57 35.90
CA VAL AA 5 44.14 -19.10 36.66
C VAL AA 5 44.58 -20.21 37.59
N LYS AA 6 45.69 -20.85 37.26
CA LYS AA 6 46.24 -21.95 38.04
C LYS AA 6 47.40 -21.46 38.89
N ILE AA 7 47.61 -22.11 40.02
CA ILE AA 7 48.70 -21.79 40.93
C ILE AA 7 49.51 -23.06 41.15
N TYR AA 8 50.82 -22.96 40.97
CA TYR AA 8 51.71 -24.10 41.06
C TYR AA 8 52.49 -24.04 42.37
N ASP AA 9 52.94 -25.19 42.86
CA ASP AA 9 53.41 -25.31 44.23
C ASP AA 9 54.78 -24.69 44.50
N THR AA 10 55.29 -23.92 43.53
CA THR AA 10 56.46 -23.07 43.71
C THR AA 10 56.11 -21.75 44.37
N CYS AA 11 54.83 -21.56 44.75
CA CYS AA 11 54.39 -20.32 45.37
C CYS AA 11 55.08 -20.08 46.71
N ILE AA 12 55.60 -18.88 46.87
CA ILE AA 12 56.34 -18.50 48.07
C ILE AA 12 55.46 -17.71 49.04
N GLY AA 13 54.21 -17.45 48.65
CA GLY AA 13 53.30 -16.68 49.49
C GLY AA 13 53.70 -15.23 49.68
N CYS AA 14 54.15 -14.58 48.62
CA CYS AA 14 54.51 -13.17 48.70
C CYS AA 14 53.30 -12.25 48.58
N THR AA 15 52.10 -12.81 48.32
CA THR AA 15 50.81 -12.13 48.23
C THR AA 15 50.71 -11.11 47.09
N GLN AA 16 51.77 -10.95 46.28
CA GLN AA 16 51.83 -9.81 45.37
C GLN AA 16 50.86 -9.96 44.20
N CYS AA 17 50.55 -11.20 43.82
CA CYS AA 17 49.57 -11.44 42.76
C CYS AA 17 48.17 -11.06 43.20
N VAL AA 18 47.82 -11.35 44.45
CA VAL AA 18 46.48 -11.03 44.96
C VAL AA 18 46.27 -9.54 45.04
N ARG AA 19 47.29 -8.79 45.46
CA ARG AA 19 47.22 -7.34 45.51
C ARG AA 19 47.25 -6.70 44.13
N ALA AA 20 47.84 -7.36 43.14
CA ALA AA 20 47.88 -6.86 41.77
C ALA AA 20 46.60 -7.11 40.99
N CYS AA 21 45.72 -7.97 41.48
CA CYS AA 21 44.53 -8.32 40.71
C CYS AA 21 43.53 -7.17 40.71
N PRO AA 22 43.17 -6.63 39.55
CA PRO AA 22 42.21 -5.53 39.51
C PRO AA 22 40.76 -5.97 39.64
N THR AA 23 40.47 -7.27 39.62
CA THR AA 23 39.10 -7.74 39.58
C THR AA 23 38.76 -8.70 40.72
N ASP AA 24 39.60 -8.73 41.77
CA ASP AA 24 39.41 -9.55 42.97
C ASP AA 24 39.16 -11.01 42.61
N VAL AA 25 40.12 -11.63 41.94
CA VAL AA 25 40.04 -13.04 41.61
C VAL AA 25 40.76 -13.91 42.63
N LEU AA 26 41.95 -13.52 43.04
CA LEU AA 26 42.83 -14.32 43.87
C LEU AA 26 42.62 -14.00 45.34
N GLU AA 27 43.03 -14.93 46.19
CA GLU AA 27 43.12 -14.69 47.63
C GLU AA 27 44.25 -15.53 48.18
N MET AA 28 44.59 -15.31 49.44
CA MET AA 28 45.60 -16.14 50.07
C MET AA 28 44.96 -17.08 51.09
N VAL AA 29 45.30 -18.36 51.00
CA VAL AA 29 44.70 -19.41 51.83
C VAL AA 29 45.82 -20.14 52.55
N PRO AA 30 45.52 -20.73 53.73
CA PRO AA 30 46.58 -21.43 54.48
C PRO AA 30 47.11 -22.65 53.74
N TRP AA 31 48.41 -22.88 53.91
CA TRP AA 31 49.14 -23.91 53.18
C TRP AA 31 50.50 -24.07 53.85
N ASP AA 32 50.92 -25.32 54.07
CA ASP AA 32 52.14 -25.58 54.80
C ASP AA 32 53.35 -25.75 53.88
N GLY AA 33 53.18 -25.55 52.58
CA GLY AA 33 54.22 -25.84 51.62
C GLY AA 33 55.28 -24.79 51.42
N CYS AA 34 55.14 -23.61 52.03
CA CYS AA 34 56.18 -22.59 51.95
C CYS AA 34 56.44 -22.05 53.35
N LYS AA 35 57.52 -21.26 53.45
CA LYS AA 35 57.86 -20.59 54.70
C LYS AA 35 56.81 -19.59 55.13
N ALA AA 36 56.26 -18.81 54.20
CA ALA AA 36 55.24 -17.81 54.50
C ALA AA 36 53.93 -18.42 54.98
N GLY AA 37 53.68 -19.69 54.69
CA GLY AA 37 52.49 -20.35 55.19
C GLY AA 37 51.20 -20.04 54.46
N GLN AA 38 51.27 -19.41 53.29
CA GLN AA 38 50.08 -19.03 52.54
C GLN AA 38 50.33 -19.30 51.06
N ILE AA 39 49.29 -19.76 50.36
CA ILE AA 39 49.36 -19.95 48.93
C ILE AA 39 48.26 -19.11 48.27
N ALA AA 40 48.55 -18.61 47.08
CA ALA AA 40 47.53 -17.97 46.28
C ALA AA 40 46.50 -19.00 45.80
N SER AA 41 45.26 -18.54 45.72
CA SER AA 41 44.16 -19.34 45.21
C SER AA 41 43.33 -18.45 44.30
N SER AA 42 42.62 -19.08 43.36
CA SER AA 42 41.80 -18.36 42.39
C SER AA 42 40.36 -18.90 42.45
N PRO AA 43 39.60 -18.53 43.48
CA PRO AA 43 38.22 -19.04 43.56
C PRO AA 43 37.25 -18.30 42.66
N ARG AA 44 37.68 -17.19 42.07
CA ARG AA 44 36.78 -16.33 41.32
C ARG AA 44 37.27 -16.06 39.91
N THR AA 45 37.63 -17.11 39.17
CA THR AA 45 38.07 -16.97 37.79
C THR AA 45 36.95 -16.54 36.84
N GLU AA 46 35.70 -16.55 37.27
CA GLU AA 46 34.62 -15.99 36.45
C GLU AA 46 34.69 -14.48 36.37
N ASP AA 47 35.44 -13.83 37.26
CA ASP AA 47 35.67 -12.40 37.20
C ASP AA 47 37.06 -12.06 36.64
N CYS AA 48 37.81 -13.07 36.22
CA CYS AA 48 39.11 -12.82 35.61
C CYS AA 48 38.95 -12.14 34.25
N VAL AA 49 39.67 -11.05 34.05
CA VAL AA 49 39.69 -10.39 32.76
C VAL AA 49 40.84 -10.85 31.88
N GLY AA 50 41.92 -11.35 32.47
CA GLY AA 50 43.05 -11.85 31.72
C GLY AA 50 44.22 -10.90 31.61
N CYS AA 51 44.29 -9.88 32.46
CA CYS AA 51 45.28 -8.82 32.31
C CYS AA 51 46.69 -9.30 32.59
N LYS AA 52 46.83 -10.42 33.31
CA LYS AA 52 48.12 -11.02 33.69
C LYS AA 52 48.97 -10.08 34.53
N ARG AA 53 48.32 -9.22 35.33
CA ARG AA 53 49.05 -8.46 36.32
C ARG AA 53 49.62 -9.36 37.41
N CYS AA 54 48.92 -10.46 37.72
CA CYS AA 54 49.41 -11.42 38.70
C CYS AA 54 50.70 -12.07 38.24
N GLU AA 55 50.80 -12.37 36.95
CA GLU AA 55 52.03 -12.96 36.42
C GLU AA 55 53.17 -11.95 36.37
N THR AA 56 52.85 -10.67 36.12
CA THR AA 56 53.86 -9.63 36.22
C THR AA 56 54.35 -9.47 37.67
N ALA AA 57 53.47 -9.72 38.63
CA ALA AA 57 53.83 -9.58 40.04
C ALA AA 57 54.61 -10.74 40.61
N CYS AA 58 54.62 -11.90 39.94
CA CYS AA 58 55.22 -13.10 40.52
C CYS AA 58 56.75 -13.02 40.50
N PRO AA 59 57.42 -13.28 41.62
CA PRO AA 59 58.89 -13.26 41.64
C PRO AA 59 59.57 -14.58 41.33
N THR AA 60 58.85 -15.70 41.36
CA THR AA 60 59.47 -16.99 41.16
C THR AA 60 59.82 -17.23 39.70
N ASP AA 61 60.89 -17.99 39.47
CA ASP AA 61 61.37 -18.33 38.14
C ASP AA 61 61.34 -19.84 37.99
N PHE AA 62 60.39 -20.35 37.20
CA PHE AA 62 59.37 -19.62 36.47
C PHE AA 62 58.17 -19.34 37.38
N LEU AA 63 57.10 -18.82 36.78
CA LEU AA 63 55.98 -18.26 37.54
C LEU AA 63 55.23 -19.33 38.32
N SER AA 64 54.79 -18.95 39.51
CA SER AA 64 53.93 -19.80 40.32
C SER AA 64 52.45 -19.60 40.04
N ILE AA 65 52.12 -18.62 39.21
CA ILE AA 65 50.74 -18.33 38.82
C ILE AA 65 50.70 -18.27 37.29
N ARG AA 66 49.68 -18.89 36.71
CA ARG AA 66 49.58 -18.97 35.26
C ARG AA 66 48.15 -18.72 34.83
N VAL AA 67 47.95 -17.78 33.91
CA VAL AA 67 46.64 -17.48 33.36
C VAL AA 67 46.56 -18.01 31.94
N TYR AA 68 45.58 -18.87 31.69
CA TYR AA 68 45.34 -19.47 30.39
C TYR AA 68 44.05 -18.83 29.88
N LEU AA 69 44.18 -18.01 28.84
CA LEU AA 69 43.03 -17.34 28.28
C LEU AA 69 42.20 -18.32 27.45
N GLY AA 70 40.96 -18.51 27.84
CA GLY AA 70 40.10 -19.45 27.16
C GLY AA 70 38.85 -18.80 26.61
N ALA AA 71 37.70 -19.27 27.08
CA ALA AA 71 36.42 -18.73 26.63
C ALA AA 71 36.26 -17.28 27.04
N GLU AA 72 35.67 -16.48 26.17
CA GLU AA 72 35.47 -15.05 26.42
C GLU AA 72 34.00 -14.77 26.71
N THR AA 73 33.75 -14.10 27.83
CA THR AA 73 32.41 -13.69 28.24
C THR AA 73 32.40 -12.17 28.37
N THR AA 74 31.26 -11.63 28.79
CA THR AA 74 31.15 -10.19 29.02
C THR AA 74 32.10 -9.73 30.12
N ARG AA 75 32.24 -10.54 31.17
CA ARG AA 75 33.11 -10.18 32.29
C ARG AA 75 34.59 -10.25 31.89
N SER AA 76 34.98 -11.27 31.13
CA SER AA 76 36.38 -11.42 30.76
C SER AA 76 36.81 -10.48 29.65
N MET AA 77 35.87 -10.01 28.82
CA MET AA 77 36.18 -9.02 27.80
C MET AA 77 36.24 -7.60 28.36
N GLY AA 78 35.90 -7.41 29.64
CA GLY AA 78 35.97 -6.11 30.26
C GLY AA 78 34.93 -5.11 29.80
N LEU AA 79 33.75 -5.58 29.40
CA LEU AA 79 32.76 -4.71 28.78
C LEU AA 79 31.91 -4.04 29.85
N ALA AA 80 31.87 -2.71 29.82
CA ALA AA 80 30.94 -1.95 30.64
C ALA AA 80 29.55 -1.88 30.04
N TYR AA 81 29.35 -2.49 28.88
CA TYR AA 81 28.07 -2.50 28.19
C TYR AA 81 27.63 -3.92 27.85
N THR BA 2 21.81 -7.07 50.68
CA THR BA 2 20.68 -6.49 49.97
C THR BA 2 20.21 -5.21 50.63
N THR BA 3 19.37 -4.46 49.89
CA THR BA 3 18.90 -3.12 50.27
C THR BA 3 20.05 -2.21 50.66
N LEU BA 4 20.99 -2.00 49.71
CA LEU BA 4 22.21 -1.24 49.94
C LEU BA 4 21.90 0.19 50.35
N THR BA 5 22.52 0.64 51.43
CA THR BA 5 22.21 1.93 52.00
C THR BA 5 23.45 2.82 51.96
N GLY BA 6 23.20 4.11 51.78
CA GLY BA 6 24.27 5.08 51.65
C GLY BA 6 23.85 6.22 50.76
N GLN BA 7 24.37 7.40 51.10
CA GLN BA 7 24.04 8.56 50.30
C GLN BA 7 24.84 8.55 48.99
N PRO BA 8 24.26 9.00 47.88
CA PRO BA 8 25.06 9.21 46.69
C PRO BA 8 26.00 10.38 46.89
N PRO BA 9 27.26 10.25 46.46
CA PRO BA 9 28.19 11.38 46.52
C PRO BA 9 27.75 12.51 45.60
N LEU BA 10 28.28 13.70 45.87
CA LEU BA 10 28.03 14.84 45.01
C LEU BA 10 28.79 14.60 43.71
N TYR BA 11 28.13 13.97 42.77
CA TYR BA 11 28.68 13.72 41.45
C TYR BA 11 27.73 14.37 40.45
N GLY BA 12 28.30 15.19 39.56
CA GLY BA 12 27.48 15.95 38.64
C GLY BA 12 26.92 15.13 37.49
N GLY BA 13 27.19 13.84 37.46
CA GLY BA 13 26.81 12.99 36.36
C GLY BA 13 27.87 12.99 35.26
N SER BA 14 27.88 11.90 34.50
CA SER BA 14 28.83 11.79 33.40
C SER BA 14 28.30 10.83 32.37
N THR BA 15 28.96 10.84 31.20
CA THR BA 15 28.67 9.91 30.13
C THR BA 15 29.42 8.59 30.28
N GLY BA 16 30.34 8.50 31.23
CA GLY BA 16 31.09 7.29 31.48
C GLY BA 16 30.47 6.31 32.44
N GLY BA 17 29.25 6.57 32.92
CA GLY BA 17 28.60 5.70 33.88
C GLY BA 17 27.88 4.51 33.28
N LEU BA 18 26.73 4.14 33.86
CA LEU BA 18 26.04 2.91 33.50
C LEU BA 18 25.38 2.98 32.13
N LEU BA 19 25.25 1.82 31.51
CA LEU BA 19 24.58 1.67 30.22
C LEU BA 19 23.49 0.62 30.35
N SER BA 20 22.98 0.13 29.22
CA SER BA 20 21.91 -0.87 29.17
C SER BA 20 22.21 -2.15 29.94
N LYS BA 21 23.50 -2.50 30.05
CA LYS BA 21 23.91 -3.70 30.77
C LYS BA 21 23.54 -3.62 32.24
N ALA BA 22 23.55 -2.42 32.81
CA ALA BA 22 23.15 -2.23 34.20
C ALA BA 22 21.68 -2.57 34.42
N ASP BA 23 20.84 -2.34 33.42
CA ASP BA 23 19.41 -2.58 33.55
C ASP BA 23 18.99 -3.96 33.09
N ILE BA 24 19.74 -4.61 32.20
CA ILE BA 24 19.32 -5.90 31.66
C ILE BA 24 20.23 -7.06 32.04
N GLU BA 25 21.50 -6.82 32.37
CA GLU BA 25 22.40 -7.94 32.64
C GLU BA 25 22.89 -7.99 34.09
N GLU BA 26 23.56 -6.94 34.56
CA GLU BA 26 24.11 -6.83 35.91
C GLU BA 26 24.73 -5.45 36.11
N LYS BA 27 24.84 -5.02 37.36
CA LYS BA 27 25.59 -3.81 37.70
C LYS BA 27 26.30 -4.09 39.02
N TYR BA 28 27.05 -3.11 39.51
CA TYR BA 28 27.80 -3.29 40.74
C TYR BA 28 27.63 -2.06 41.59
N ALA BA 29 27.79 -2.23 42.89
CA ALA BA 29 27.81 -1.11 43.81
C ALA BA 29 28.98 -1.24 44.75
N ILE BA 30 29.45 -0.11 45.23
CA ILE BA 30 30.42 -0.06 46.32
C ILE BA 30 29.88 0.87 47.39
N THR BA 31 29.85 0.38 48.61
CA THR BA 31 29.47 1.17 49.78
C THR BA 31 30.70 1.37 50.63
N TRP BA 32 30.82 2.53 51.24
CA TRP BA 32 31.88 2.75 52.20
C TRP BA 32 31.45 3.80 53.21
N THR BA 33 32.20 3.91 54.30
CA THR BA 33 31.93 4.89 55.33
C THR BA 33 33.12 5.84 55.41
N SER BA 34 32.87 7.09 55.09
CA SER BA 34 33.91 8.09 55.22
C SER BA 34 33.69 8.92 56.48
N PRO BA 35 34.76 9.25 57.20
CA PRO BA 35 34.58 10.04 58.43
C PRO BA 35 34.30 11.51 58.18
N LYS BA 36 34.55 12.02 56.98
CA LYS BA 36 34.38 13.43 56.69
C LYS BA 36 34.11 13.62 55.21
N GLU BA 37 33.64 14.81 54.85
CA GLU BA 37 33.42 15.18 53.47
C GLU BA 37 34.77 15.39 52.77
N GLN BA 38 35.06 14.59 51.75
CA GLN BA 38 36.33 14.66 51.03
C GLN BA 38 36.08 14.77 49.54
N VAL BA 39 37.17 14.87 48.77
CA VAL BA 39 37.11 14.87 47.31
C VAL BA 39 37.81 13.62 46.80
N PHE BA 40 37.24 13.01 45.76
CA PHE BA 40 37.85 11.83 45.17
C PHE BA 40 37.56 11.81 43.68
N GLU BA 41 38.24 10.91 42.98
CA GLU BA 41 38.10 10.78 41.53
C GLU BA 41 37.31 9.51 41.21
N MET BA 42 36.21 9.69 40.49
CA MET BA 42 35.44 8.53 40.04
C MET BA 42 36.19 7.81 38.93
N PRO BA 43 35.99 6.48 38.79
CA PRO BA 43 36.59 5.79 37.64
C PRO BA 43 35.98 6.21 36.32
N THR BA 44 34.77 6.77 36.34
CA THR BA 44 34.09 7.25 35.15
C THR BA 44 34.38 8.74 34.94
N ALA BA 45 35.57 9.16 35.37
CA ALA BA 45 36.17 10.48 35.18
C ALA BA 45 35.48 11.59 35.96
N GLY BA 46 36.25 12.58 36.38
CA GLY BA 46 35.70 13.72 37.08
C GLY BA 46 35.92 13.63 38.58
N ALA BA 47 35.60 14.73 39.26
CA ALA BA 47 35.72 14.82 40.70
C ALA BA 47 34.35 14.70 41.34
N ALA BA 48 34.29 13.88 42.38
CA ALA BA 48 33.07 13.75 43.17
C ALA BA 48 33.40 14.04 44.62
N VAL BA 49 32.36 14.37 45.38
CA VAL BA 49 32.50 14.75 46.78
C VAL BA 49 31.94 13.63 47.65
N MET BA 50 32.82 13.02 48.43
CA MET BA 50 32.50 11.93 49.33
C MET BA 50 31.86 12.49 50.60
N ARG BA 51 30.68 11.98 50.93
CA ARG BA 51 29.95 12.47 52.09
C ARG BA 51 30.54 11.90 53.39
N GLU BA 52 30.13 12.50 54.50
CA GLU BA 52 30.32 11.89 55.80
C GLU BA 52 29.29 10.76 55.97
N GLY BA 53 29.70 9.68 56.61
CA GLY BA 53 28.80 8.55 56.73
C GLY BA 53 28.90 7.60 55.55
N GLU BA 54 27.77 7.03 55.14
CA GLU BA 54 27.77 5.98 54.14
C GLU BA 54 27.59 6.53 52.73
N ASN BA 55 28.51 6.18 51.86
CA ASN BA 55 28.43 6.49 50.44
C ASN BA 55 28.14 5.21 49.67
N LEU BA 56 27.23 5.31 48.70
CA LEU BA 56 26.85 4.21 47.83
C LEU BA 56 26.99 4.65 46.38
N VAL BA 57 27.77 3.90 45.60
CA VAL BA 57 28.07 4.25 44.21
C VAL BA 57 27.82 3.03 43.34
N TYR BA 58 27.03 3.22 42.27
CA TYR BA 58 26.77 2.16 41.30
C TYR BA 58 27.69 2.32 40.10
N LEU BA 59 28.43 1.25 39.78
CA LEU BA 59 29.32 1.19 38.63
C LEU BA 59 28.90 0.05 37.71
N ALA BA 60 29.50 0.04 36.52
CA ALA BA 60 29.14 -0.92 35.48
C ALA BA 60 29.97 -2.20 35.53
N ARG BA 61 31.15 -2.16 36.15
CA ARG BA 61 32.04 -3.31 36.18
C ARG BA 61 32.57 -3.49 37.59
N LYS BA 62 32.96 -4.73 37.90
CA LYS BA 62 33.65 -5.01 39.16
C LYS BA 62 35.00 -4.32 39.21
N GLU BA 63 35.65 -4.21 38.06
CA GLU BA 63 36.97 -3.61 37.98
C GLU BA 63 36.93 -2.11 38.30
N GLN BA 64 35.86 -1.41 37.91
CA GLN BA 64 35.72 0.00 38.27
C GLN BA 64 35.53 0.17 39.78
N CYS BA 65 34.73 -0.71 40.40
CA CYS BA 65 34.55 -0.65 41.85
C CYS BA 65 35.87 -0.88 42.57
N LEU BA 66 36.65 -1.86 42.12
CA LEU BA 66 37.93 -2.13 42.75
C LEU BA 66 38.95 -1.03 42.47
N ALA BA 67 38.88 -0.39 41.30
CA ALA BA 67 39.75 0.75 41.02
C ALA BA 67 39.45 1.92 41.92
N LEU BA 68 38.15 2.20 42.14
CA LEU BA 68 37.77 3.25 43.10
C LEU BA 68 38.21 2.88 44.51
N ALA BA 69 38.09 1.60 44.89
CA ALA BA 69 38.46 1.19 46.23
C ALA BA 69 39.97 1.24 46.45
N ALA BA 70 40.75 0.99 45.40
CA ALA BA 70 42.20 0.95 45.57
C ALA BA 70 42.86 2.31 45.40
N GLN BA 71 42.47 3.06 44.37
CA GLN BA 71 43.15 4.31 44.05
C GLN BA 71 42.58 5.52 44.78
N GLN BA 72 41.37 5.43 45.32
CA GLN BA 72 40.74 6.56 45.98
C GLN BA 72 40.44 6.29 47.45
N LEU BA 73 39.76 5.19 47.76
CA LEU BA 73 39.34 4.93 49.13
C LEU BA 73 40.52 4.51 50.01
N ARG BA 74 41.35 3.60 49.51
CA ARG BA 74 42.47 3.11 50.31
C ARG BA 74 43.53 4.17 50.66
N PRO BA 75 43.98 5.05 49.77
CA PRO BA 75 44.91 6.10 50.22
C PRO BA 75 44.30 7.12 51.19
N ARG BA 76 42.97 7.19 51.28
CA ARG BA 76 42.30 8.06 52.24
C ARG BA 76 41.95 7.31 53.52
N LYS BA 77 42.57 6.16 53.77
CA LYS BA 77 42.42 5.31 54.96
C LYS BA 77 41.00 4.80 55.15
N ILE BA 78 40.23 4.66 54.08
CA ILE BA 78 38.87 4.12 54.15
C ILE BA 78 38.92 2.67 53.67
N ASN BA 79 39.02 1.73 54.62
CA ASN BA 79 39.13 0.31 54.32
C ASN BA 79 37.92 -0.43 54.87
N ASP BA 80 36.73 0.14 54.70
CA ASP BA 80 35.50 -0.48 55.16
C ASP BA 80 34.57 -0.83 54.01
N TYR BA 81 35.00 -0.60 52.77
CA TYR BA 81 34.12 -0.69 51.62
C TYR BA 81 33.65 -2.12 51.37
N LYS BA 82 32.48 -2.22 50.76
CA LYS BA 82 31.87 -3.49 50.39
C LYS BA 82 31.40 -3.37 48.95
N ILE BA 83 31.78 -4.34 48.12
CA ILE BA 83 31.40 -4.35 46.71
C ILE BA 83 30.35 -5.44 46.50
N TYR BA 84 29.24 -5.05 45.89
CA TYR BA 84 28.11 -5.93 45.63
C TYR BA 84 27.88 -6.02 44.14
N ARG BA 85 27.45 -7.19 43.69
CA ARG BA 85 26.93 -7.38 42.34
C ARG BA 85 25.41 -7.41 42.43
N ILE BA 86 24.76 -6.54 41.65
CA ILE BA 86 23.32 -6.39 41.68
C ILE BA 86 22.75 -6.91 40.37
N PHE BA 87 21.80 -7.80 40.47
CA PHE BA 87 21.13 -8.38 39.33
C PHE BA 87 19.85 -7.60 39.02
N PRO BA 88 19.43 -7.56 37.73
CA PRO BA 88 18.38 -6.62 37.31
C PRO BA 88 17.02 -6.79 37.97
N ASP BA 89 16.71 -7.99 38.45
CA ASP BA 89 15.50 -8.17 39.24
C ASP BA 89 15.61 -7.45 40.58
N GLY BA 90 16.80 -7.40 41.16
CA GLY BA 90 17.06 -6.74 42.43
C GLY BA 90 17.95 -7.50 43.37
N GLU BA 91 18.36 -8.72 43.02
CA GLU BA 91 19.18 -9.53 43.91
C GLU BA 91 20.61 -9.04 43.93
N THR BA 92 21.15 -8.88 45.13
CA THR BA 92 22.53 -8.47 45.34
C THR BA 92 23.32 -9.57 46.04
N VAL BA 93 24.59 -9.67 45.67
CA VAL BA 93 25.53 -10.57 46.34
C VAL BA 93 26.79 -9.79 46.72
N LEU BA 94 27.24 -9.96 47.96
CA LEU BA 94 28.48 -9.34 48.39
C LEU BA 94 29.67 -9.99 47.69
N LEU BA 95 30.57 -9.16 47.18
CA LEU BA 95 31.66 -9.69 46.36
C LEU BA 95 33.06 -9.52 46.93
N HIS BA 96 33.52 -8.30 47.20
CA HIS BA 96 34.96 -8.14 47.43
C HIS BA 96 35.41 -8.52 48.85
N PRO BA 97 34.82 -7.98 49.96
CA PRO BA 97 35.20 -8.53 51.25
C PRO BA 97 34.28 -9.68 51.62
N LYS BA 98 34.43 -10.78 50.89
CA LYS BA 98 33.51 -11.91 50.94
C LYS BA 98 33.45 -12.57 52.31
N ASP BA 99 34.60 -12.83 52.91
CA ASP BA 99 34.61 -13.44 54.25
C ASP BA 99 34.82 -12.38 55.32
N GLY BA 100 34.90 -11.12 54.92
CA GLY BA 100 35.17 -10.02 55.82
C GLY BA 100 36.61 -9.54 55.82
N VAL BA 101 37.55 -10.45 55.59
CA VAL BA 101 38.96 -10.11 55.53
C VAL BA 101 39.36 -9.97 54.07
N PHE BA 102 40.21 -8.98 53.78
CA PHE BA 102 40.65 -8.71 52.42
C PHE BA 102 41.46 -9.89 51.87
N PRO BA 103 41.37 -10.13 50.55
CA PRO BA 103 41.95 -11.36 49.99
C PRO BA 103 43.47 -11.45 50.09
N GLU BA 104 44.17 -10.33 50.28
CA GLU BA 104 45.62 -10.36 50.41
C GLU BA 104 46.09 -10.78 51.79
N LYS BA 105 45.16 -10.99 52.73
CA LYS BA 105 45.46 -11.45 54.06
C LYS BA 105 44.97 -12.89 54.18
N VAL BA 106 45.83 -13.78 54.66
CA VAL BA 106 45.47 -15.19 54.72
C VAL BA 106 44.43 -15.41 55.82
N ASN BA 107 43.30 -15.99 55.45
CA ASN BA 107 42.20 -16.24 56.38
C ASN BA 107 42.01 -17.74 56.46
N GLN BA 108 42.11 -18.29 57.67
CA GLN BA 108 41.64 -19.64 57.91
C GLN BA 108 40.13 -19.69 57.72
N GLY BA 109 39.67 -20.69 56.96
CA GLY BA 109 38.32 -20.75 56.45
C GLY BA 109 38.26 -20.67 54.94
N ARG BA 110 39.41 -20.49 54.30
CA ARG BA 110 39.49 -20.43 52.84
C ARG BA 110 40.11 -21.72 52.31
N GLU BA 111 39.53 -22.25 51.23
CA GLU BA 111 40.07 -23.45 50.60
C GLU BA 111 40.85 -23.06 49.34
N ALA BA 112 41.78 -23.93 48.95
CA ALA BA 112 42.64 -23.70 47.79
C ALA BA 112 41.91 -24.12 46.52
N VAL BA 113 41.84 -23.20 45.56
CA VAL BA 113 41.13 -23.40 44.30
C VAL BA 113 42.13 -23.26 43.16
N ASN BA 114 42.07 -24.19 42.21
CA ASN BA 114 42.95 -24.25 41.03
C ASN BA 114 44.42 -24.31 41.43
N THR BA 115 44.72 -25.05 42.50
CA THR BA 115 46.09 -25.30 42.90
C THR BA 115 46.55 -26.61 42.27
N VAL BA 116 47.67 -26.56 41.57
CA VAL BA 116 48.23 -27.70 40.85
C VAL BA 116 49.49 -28.15 41.56
N PRO BA 117 49.53 -29.37 42.11
CA PRO BA 117 50.66 -29.80 42.96
C PRO BA 117 51.87 -30.25 42.17
N ARG BA 118 52.45 -29.33 41.39
CA ARG BA 118 53.65 -29.55 40.62
C ARG BA 118 54.17 -28.19 40.18
N SER BA 119 55.32 -28.19 39.52
CA SER BA 119 55.84 -26.96 38.95
C SER BA 119 55.18 -26.70 37.59
N ILE BA 120 55.50 -25.54 37.01
CA ILE BA 120 55.02 -25.23 35.67
C ILE BA 120 55.70 -26.12 34.64
N GLY BA 121 56.97 -26.48 34.88
CA GLY BA 121 57.71 -27.30 33.94
C GLY BA 121 57.30 -28.77 33.96
N GLN BA 122 56.66 -29.19 35.06
CA GLN BA 122 56.26 -30.57 35.24
C GLN BA 122 54.91 -30.89 34.61
N ASN BA 123 54.32 -29.94 33.91
CA ASN BA 123 53.03 -30.17 33.27
C ASN BA 123 53.16 -31.14 32.11
N PRO BA 124 52.10 -31.89 31.79
CA PRO BA 124 52.14 -32.81 30.65
C PRO BA 124 52.30 -32.12 29.30
N ASN BA 125 52.55 -32.92 28.27
CA ASN BA 125 52.81 -32.44 26.93
C ASN BA 125 51.48 -32.56 26.17
N PRO BA 126 51.09 -31.58 25.34
CA PRO BA 126 49.83 -31.70 24.59
C PRO BA 126 49.75 -32.88 23.63
N ALA BA 127 50.90 -33.43 23.21
CA ALA BA 127 50.88 -34.59 22.29
C ALA BA 127 50.34 -35.82 23.00
N GLN BA 128 50.78 -36.08 24.23
CA GLN BA 128 50.19 -37.13 25.03
C GLN BA 128 48.74 -36.76 25.34
N LEU BA 129 48.50 -35.46 25.52
CA LEU BA 129 47.21 -35.00 26.01
C LEU BA 129 46.23 -34.78 24.87
N LYS BA 130 46.32 -35.62 23.83
CA LYS BA 130 45.39 -35.59 22.71
C LYS BA 130 44.07 -36.24 23.11
N PHE BA 131 43.21 -36.56 22.13
CA PHE BA 131 41.76 -36.42 22.18
C PHE BA 131 41.13 -36.83 23.50
N SER BA 132 40.65 -35.83 24.24
CA SER BA 132 40.24 -35.92 25.63
C SER BA 132 39.76 -34.56 26.10
N GLY BA 133 39.27 -34.47 27.34
CA GLY BA 133 39.04 -33.17 27.94
C GLY BA 133 40.24 -32.65 28.70
N LYS BA 134 41.37 -33.35 28.61
CA LYS BA 134 42.53 -33.05 29.45
C LYS BA 134 43.29 -31.84 28.94
N LYS BA 135 43.66 -30.96 29.86
CA LYS BA 135 44.45 -29.77 29.61
C LYS BA 135 45.78 -29.90 30.34
N PRO BA 136 46.85 -29.25 29.86
CA PRO BA 136 48.16 -29.36 30.53
C PRO BA 136 48.19 -28.82 31.94
N TYR BA 137 47.25 -27.95 32.32
CA TYR BA 137 47.18 -27.41 33.67
C TYR BA 137 46.15 -28.16 34.52
N ASP BA 138 45.67 -29.30 34.04
CA ASP BA 138 44.73 -30.10 34.83
C ASP BA 138 45.41 -30.59 36.09
N PRO BA 139 44.75 -30.52 37.26
CA PRO BA 139 45.31 -30.77 38.61
C PRO BA 139 46.07 -32.09 38.76
N VAL CA 2 72.64 -29.57 50.32
CA VAL CA 2 73.70 -28.59 50.14
C VAL CA 2 73.77 -27.65 51.35
N GLN CA 3 74.50 -26.56 51.19
CA GLN CA 3 74.75 -25.63 52.29
C GLN CA 3 75.03 -24.25 51.71
N ARG CA 4 74.98 -23.25 52.59
CA ARG CA 4 75.26 -21.87 52.19
C ARG CA 4 76.70 -21.73 51.69
N GLY CA 5 76.84 -21.08 50.54
CA GLY CA 5 78.14 -20.87 49.94
C GLY CA 5 78.59 -21.94 48.97
N SER CA 6 77.78 -22.99 48.75
CA SER CA 6 78.15 -24.06 47.83
C SER CA 6 77.59 -23.72 46.46
N LYS CA 7 78.46 -23.64 45.47
CA LYS CA 7 78.02 -23.37 44.10
C LYS CA 7 77.26 -24.56 43.55
N VAL CA 8 76.01 -24.33 43.16
CA VAL CA 8 75.15 -25.39 42.65
C VAL CA 8 74.71 -25.06 41.23
N ARG CA 9 74.67 -26.10 40.40
CA ARG CA 9 74.15 -26.04 39.05
C ARG CA 9 72.67 -26.39 39.09
N ILE CA 10 71.86 -25.60 38.37
CA ILE CA 10 70.42 -25.78 38.36
C ILE CA 10 70.03 -26.84 37.34
N LEU CA 11 69.15 -27.76 37.75
CA LEU CA 11 68.61 -28.74 36.80
C LEU CA 11 67.12 -28.56 36.49
N ARG CA 12 66.46 -27.48 36.92
CA ARG CA 12 65.04 -27.22 36.64
C ARG CA 12 64.85 -26.82 35.21
N PRO CA 13 64.00 -27.43 34.45
CA PRO CA 13 64.05 -27.19 32.87
C PRO CA 13 63.68 -25.79 32.54
N GLU CA 14 62.56 -25.36 33.13
CA GLU CA 14 61.92 -24.09 32.91
C GLU CA 14 62.65 -22.90 33.61
N SER CA 15 63.63 -23.12 34.48
CA SER CA 15 64.35 -22.04 35.13
C SER CA 15 65.23 -21.29 34.13
N TYR CA 16 65.35 -19.97 34.36
CA TYR CA 16 66.22 -19.12 33.55
C TYR CA 16 67.68 -19.50 33.67
N TRP CA 17 68.10 -20.10 34.79
CA TRP CA 17 69.49 -20.44 35.02
C TRP CA 17 69.75 -21.94 34.87
N TYR CA 18 69.04 -22.62 33.96
CA TYR CA 18 69.29 -24.02 33.64
C TYR CA 18 70.73 -24.19 33.17
N ASN CA 19 71.41 -25.23 33.68
CA ASN CA 19 72.80 -25.55 33.38
C ASN CA 19 73.77 -24.43 33.78
N GLU CA 20 73.32 -23.50 34.62
CA GLU CA 20 74.14 -22.41 35.11
C GLU CA 20 74.34 -22.57 36.62
N ILE CA 21 75.35 -21.89 37.14
CA ILE CA 21 75.77 -22.07 38.53
C ILE CA 21 75.39 -20.84 39.35
N GLY CA 22 74.95 -21.08 40.57
CA GLY CA 22 74.64 -20.01 41.49
C GLY CA 22 74.98 -20.43 42.91
N THR CA 23 75.14 -19.43 43.77
CA THR CA 23 75.54 -19.72 45.15
C THR CA 23 74.31 -19.83 46.06
N VAL CA 24 74.30 -20.85 46.92
CA VAL CA 24 73.23 -20.98 47.88
C VAL CA 24 73.40 -19.97 49.00
N ALA CA 25 72.31 -19.29 49.36
CA ALA CA 25 72.31 -18.36 50.47
C ALA CA 25 71.66 -18.91 51.73
N SER CA 26 70.71 -19.84 51.60
CA SER CA 26 70.09 -20.51 52.75
C SER CA 26 69.41 -21.79 52.31
N VAL CA 27 69.55 -22.84 53.09
CA VAL CA 27 68.78 -24.07 52.93
C VAL CA 27 67.79 -24.11 54.09
N ASP CA 28 66.51 -24.25 53.76
CA ASP CA 28 65.47 -24.22 54.78
C ASP CA 28 65.47 -25.55 55.54
N GLN CA 29 65.46 -25.46 56.88
CA GLN CA 29 65.51 -26.65 57.70
C GLN CA 29 64.16 -27.34 57.77
N SER CA 30 63.07 -26.60 57.55
CA SER CA 30 61.74 -27.16 57.55
C SER CA 30 61.51 -28.00 56.29
N GLY CA 31 60.47 -28.83 56.29
CA GLY CA 31 60.24 -29.73 55.17
C GLY CA 31 59.36 -29.15 54.08
N ILE CA 32 59.83 -28.11 53.39
CA ILE CA 32 59.10 -27.49 52.30
C ILE CA 32 59.59 -28.09 50.99
N LYS CA 33 58.81 -27.92 49.92
CA LYS CA 33 59.12 -28.56 48.64
C LYS CA 33 60.41 -28.03 48.04
N TYR CA 34 60.65 -26.72 48.13
CA TYR CA 34 61.81 -26.08 47.52
C TYR CA 34 62.55 -25.31 48.59
N PRO CA 35 63.44 -25.96 49.35
CA PRO CA 35 64.10 -25.30 50.48
C PRO CA 35 65.38 -24.57 50.10
N VAL CA 36 65.90 -24.79 48.91
CA VAL CA 36 67.19 -24.22 48.53
C VAL CA 36 66.98 -22.84 47.92
N ILE CA 37 67.72 -21.85 48.42
CA ILE CA 37 67.57 -20.44 48.04
C ILE CA 37 68.84 -20.08 47.29
N VAL CA 38 68.81 -20.12 45.97
CA VAL CA 38 70.00 -19.91 45.16
C VAL CA 38 69.97 -18.51 44.58
N ARG CA 39 71.06 -17.78 44.73
CA ARG CA 39 71.19 -16.42 44.21
C ARG CA 39 72.16 -16.49 43.02
N PHE CA 40 71.89 -15.68 42.00
CA PHE CA 40 72.67 -15.70 40.78
C PHE CA 40 73.19 -14.30 40.48
N ASP CA 41 74.09 -14.21 39.50
CA ASP CA 41 74.55 -12.92 38.99
C ASP CA 41 73.73 -12.40 37.82
N LYS CA 42 73.22 -13.29 36.98
CA LYS CA 42 72.37 -12.90 35.85
C LYS CA 42 70.95 -12.72 36.36
N VAL CA 43 70.37 -11.54 36.14
CA VAL CA 43 69.02 -11.28 36.63
C VAL CA 43 68.02 -11.94 35.70
N ASN CA 44 66.77 -11.99 36.15
CA ASN CA 44 65.68 -12.61 35.42
C ASN CA 44 65.21 -11.76 34.25
N TYR CA 45 64.24 -12.26 33.50
CA TYR CA 45 63.43 -11.42 32.64
C TYR CA 45 62.38 -10.66 33.42
N THR CA 46 62.07 -11.10 34.64
CA THR CA 46 60.95 -10.66 35.46
C THR CA 46 60.90 -9.15 35.68
N GLY CA 47 59.75 -8.57 35.43
CA GLY CA 47 59.56 -7.13 35.56
C GLY CA 47 58.63 -6.68 34.44
N PHE CA 48 58.18 -5.44 34.53
CA PHE CA 48 57.34 -4.87 33.49
C PHE CA 48 58.18 -4.56 32.25
N SER CA 49 57.52 -4.16 31.17
CA SER CA 49 58.22 -3.76 29.97
C SER CA 49 58.95 -2.44 30.21
N GLY CA 50 60.23 -2.41 29.84
CA GLY CA 50 61.06 -1.24 30.06
C GLY CA 50 61.67 -1.16 31.44
N SER CA 51 61.45 -2.16 32.29
CA SER CA 51 62.06 -2.23 33.61
C SER CA 51 63.52 -2.60 33.46
N ALA CA 52 64.40 -1.81 34.08
CA ALA CA 52 65.84 -2.06 34.03
C ALA CA 52 66.25 -2.81 35.28
N GLY CA 53 65.68 -4.00 35.44
CA GLY CA 53 65.98 -4.81 36.60
C GLY CA 53 65.55 -6.23 36.36
N GLY CA 54 65.74 -7.04 37.39
CA GLY CA 54 65.35 -8.43 37.31
C GLY CA 54 65.44 -9.09 38.66
N VAL CA 55 65.32 -10.40 38.64
CA VAL CA 55 65.32 -11.22 39.85
C VAL CA 55 66.51 -12.17 39.78
N ASN CA 56 67.38 -12.11 40.78
CA ASN CA 56 68.61 -12.89 40.77
C ASN CA 56 68.61 -14.03 41.77
N THR CA 57 67.47 -14.31 42.42
CA THR CA 57 67.40 -15.41 43.37
C THR CA 57 66.12 -16.20 43.13
N ASN CA 58 66.16 -17.48 43.48
CA ASN CA 58 65.01 -18.35 43.30
C ASN CA 58 65.09 -19.54 44.25
N ASN CA 59 63.96 -20.23 44.38
CA ASN CA 59 63.84 -21.38 45.27
C ASN CA 59 63.77 -22.65 44.43
N PHE CA 60 64.61 -23.61 44.80
CA PHE CA 60 64.70 -24.90 44.12
C PHE CA 60 64.70 -26.02 45.14
N ALA CA 61 64.23 -27.19 44.70
CA ALA CA 61 64.31 -28.38 45.52
C ALA CA 61 65.75 -28.91 45.53
N LEU CA 62 65.98 -29.90 46.41
CA LEU CA 62 67.32 -30.47 46.53
C LEU CA 62 67.66 -31.35 45.33
N SER CA 63 66.66 -31.89 44.65
CA SER CA 63 66.86 -32.70 43.46
C SER CA 63 67.03 -31.86 42.20
N GLU CA 64 66.95 -30.53 42.32
CA GLU CA 64 67.09 -29.67 41.15
C GLU CA 64 68.37 -28.85 41.20
N VAL CA 65 69.22 -29.08 42.21
CA VAL CA 65 70.52 -28.44 42.31
C VAL CA 65 71.58 -29.52 42.42
N GLU CA 66 72.79 -29.19 41.95
CA GLU CA 66 73.92 -30.11 42.00
C GLU CA 66 75.12 -29.34 42.54
N GLU CA 67 75.67 -29.80 43.66
CA GLU CA 67 76.81 -29.16 44.30
C GLU CA 67 78.05 -29.25 43.43
N VAL CA 68 78.46 -28.13 42.84
CA VAL CA 68 79.65 -28.13 41.99
C VAL CA 68 80.91 -28.08 42.87
N SER CA 69 81.03 -27.03 43.68
CA SER CA 69 82.08 -26.96 44.69
C SER CA 69 81.48 -27.29 46.04
N ALA CA 70 82.30 -27.33 47.08
CA ALA CA 70 81.80 -27.62 48.43
C ALA CA 70 81.31 -26.33 49.10
N ASP DA 24 90.94 -12.65 -18.69
CA ASP DA 24 90.56 -13.57 -19.76
C ASP DA 24 89.43 -14.47 -19.28
N VAL DA 25 89.28 -14.57 -17.96
CA VAL DA 25 88.34 -15.49 -17.33
C VAL DA 25 86.91 -15.08 -17.61
N ALA DA 26 86.08 -16.06 -18.00
CA ALA DA 26 84.64 -15.92 -18.25
C ALA DA 26 84.35 -14.90 -19.34
N GLY DA 27 85.15 -14.96 -20.40
CA GLY DA 27 84.95 -14.07 -21.53
C GLY DA 27 85.29 -12.63 -21.26
N LEU DA 28 86.15 -12.36 -20.29
CA LEU DA 28 86.49 -10.98 -19.99
C LEU DA 28 87.73 -10.55 -20.77
N VAL DA 29 87.77 -9.27 -21.08
CA VAL DA 29 88.90 -8.64 -21.75
C VAL DA 29 89.61 -7.75 -20.75
N PRO DA 30 90.93 -7.58 -20.88
CA PRO DA 30 91.60 -6.63 -19.99
C PRO DA 30 91.34 -5.18 -20.38
N CYS DA 31 91.39 -4.30 -19.37
CA CYS DA 31 90.86 -2.95 -19.54
C CYS DA 31 91.70 -2.11 -20.51
N LYS DA 32 92.97 -2.48 -20.70
CA LYS DA 32 93.79 -1.84 -21.73
C LYS DA 32 93.22 -2.11 -23.12
N ASP DA 33 92.79 -3.34 -23.37
CA ASP DA 33 92.22 -3.71 -24.68
C ASP DA 33 90.69 -3.68 -24.59
N SER DA 34 90.15 -2.50 -24.33
CA SER DA 34 88.71 -2.31 -24.30
C SER DA 34 88.37 -0.90 -24.75
N PRO DA 35 87.68 -0.74 -25.90
CA PRO DA 35 87.38 0.60 -26.44
C PRO DA 35 86.54 1.46 -25.52
N ALA DA 36 85.54 0.85 -24.87
CA ALA DA 36 84.61 1.57 -24.01
C ALA DA 36 85.31 2.12 -22.77
N PHE DA 37 86.33 1.40 -22.31
CA PHE DA 37 87.14 1.85 -21.19
C PHE DA 37 87.85 3.16 -21.50
N GLN DA 38 88.50 3.24 -22.66
CA GLN DA 38 89.16 4.48 -23.07
C GLN DA 38 88.14 5.57 -23.36
N LYS DA 39 86.97 5.21 -23.86
CA LYS DA 39 85.92 6.19 -24.12
C LYS DA 39 85.45 6.86 -22.84
N ARG DA 40 85.32 6.09 -21.75
CA ARG DA 40 84.95 6.72 -20.49
C ARG DA 40 86.17 7.27 -19.76
N ALA DA 41 87.37 6.83 -20.15
CA ALA DA 41 88.60 7.40 -19.60
C ALA DA 41 88.85 8.80 -20.11
N ALA DA 42 88.42 9.09 -21.33
CA ALA DA 42 88.58 10.41 -21.92
C ALA DA 42 87.84 11.51 -21.15
N ALA DA 43 86.86 11.16 -20.32
CA ALA DA 43 86.10 12.14 -19.55
C ALA DA 43 86.08 11.78 -18.07
N ALA DA 44 87.26 11.53 -17.49
CA ALA DA 44 87.35 11.12 -16.10
C ALA DA 44 87.12 12.29 -15.15
N VAL DA 45 86.11 12.18 -14.29
CA VAL DA 45 85.80 13.17 -13.27
C VAL DA 45 86.83 13.04 -12.14
N ASN DA 46 87.18 14.17 -11.52
CA ASN DA 46 88.25 14.24 -10.53
C ASN DA 46 87.67 13.92 -9.14
N THR DA 47 87.98 12.73 -8.65
CA THR DA 47 87.48 12.26 -7.36
C THR DA 47 88.07 13.04 -6.19
N THR DA 48 89.40 13.17 -6.15
CA THR DA 48 90.08 13.86 -5.07
C THR DA 48 90.36 15.31 -5.46
N ALA DA 49 91.14 16.00 -4.62
CA ALA DA 49 91.57 17.37 -4.87
C ALA DA 49 92.77 17.44 -5.81
N ASP DA 50 93.26 16.29 -6.27
CA ASP DA 50 94.36 16.27 -7.22
C ASP DA 50 93.90 16.83 -8.56
N PRO DA 51 94.71 17.67 -9.21
CA PRO DA 51 94.37 18.13 -10.57
C PRO DA 51 94.27 17.01 -11.59
N ALA DA 52 95.02 15.91 -11.43
CA ALA DA 52 94.95 14.80 -12.38
C ALA DA 52 93.86 13.81 -12.00
N SER DA 53 93.99 13.20 -10.81
CA SER DA 53 92.97 12.35 -10.19
C SER DA 53 92.54 11.19 -11.07
N GLY DA 54 91.46 11.37 -11.82
CA GLY DA 54 90.85 10.33 -12.63
C GLY DA 54 91.73 9.76 -13.73
N GLN DA 55 92.70 10.54 -14.18
CA GLN DA 55 93.72 10.09 -15.13
C GLN DA 55 94.47 8.88 -14.56
N LYS DA 56 95.03 9.04 -13.37
CA LYS DA 56 95.75 7.93 -12.75
C LYS DA 56 94.81 6.84 -12.29
N ARG DA 57 93.56 7.19 -11.98
CA ARG DA 57 92.52 6.22 -11.66
C ARG DA 57 92.31 5.24 -12.82
N PHE DA 58 92.09 5.77 -14.02
CA PHE DA 58 91.87 4.91 -15.17
C PHE DA 58 93.16 4.20 -15.58
N GLU DA 59 94.31 4.86 -15.39
CA GLU DA 59 95.60 4.22 -15.66
C GLU DA 59 95.82 2.99 -14.77
N ARG DA 60 95.42 3.10 -13.50
CA ARG DA 60 95.56 1.98 -12.58
C ARG DA 60 94.50 0.92 -12.83
N TYR DA 61 93.30 1.36 -13.25
CA TYR DA 61 92.21 0.43 -13.50
C TYR DA 61 92.40 -0.32 -14.82
N SER DA 62 93.32 0.18 -15.67
CA SER DA 62 93.65 -0.49 -16.93
C SER DA 62 94.15 -1.92 -16.78
N GLN DA 63 94.78 -2.21 -15.64
CA GLN DA 63 95.36 -3.55 -15.42
C GLN DA 63 94.27 -4.59 -15.20
N ALA DA 64 93.08 -4.15 -14.80
CA ALA DA 64 92.00 -5.06 -14.43
C ALA DA 64 91.36 -5.70 -15.64
N LEU DA 65 90.42 -6.61 -15.37
CA LEU DA 65 89.66 -7.31 -16.39
C LEU DA 65 88.35 -6.56 -16.61
N CYS DA 66 88.24 -5.87 -17.74
CA CYS DA 66 87.03 -5.12 -18.02
C CYS DA 66 85.98 -5.99 -18.71
N GLY DA 67 84.89 -5.36 -19.15
CA GLY DA 67 83.84 -6.09 -19.82
C GLY DA 67 83.32 -5.36 -21.04
N GLU DA 68 82.09 -5.69 -21.44
CA GLU DA 68 81.40 -5.02 -22.54
C GLU DA 68 81.18 -3.55 -22.20
N ASP DA 69 80.74 -3.29 -20.97
CA ASP DA 69 80.42 -1.95 -20.51
C ASP DA 69 81.66 -1.09 -20.32
N GLY DA 70 82.83 -1.72 -20.27
CA GLY DA 70 84.04 -0.96 -19.99
C GLY DA 70 84.18 -0.61 -18.52
N LEU DA 71 83.59 -1.42 -17.64
CA LEU DA 71 83.81 -1.27 -16.23
C LEU DA 71 84.62 -2.45 -15.71
N PRO DA 72 85.59 -2.22 -14.83
CA PRO DA 72 86.51 -3.30 -14.42
C PRO DA 72 85.88 -4.30 -13.47
N HIS DA 73 85.23 -5.32 -14.04
CA HIS DA 73 84.67 -6.41 -13.25
C HIS DA 73 85.79 -7.15 -12.51
N LEU DA 74 85.52 -7.50 -11.27
CA LEU DA 74 86.50 -8.21 -10.44
C LEU DA 74 86.16 -9.69 -10.40
N VAL DA 75 87.21 -10.51 -10.37
CA VAL DA 75 87.09 -11.96 -10.37
C VAL DA 75 87.52 -12.48 -9.01
N VAL DA 76 86.74 -13.40 -8.44
CA VAL DA 76 87.03 -13.90 -7.10
C VAL DA 76 87.22 -15.42 -7.12
N ASP DA 77 88.45 -15.86 -7.41
CA ASP DA 77 88.69 -17.26 -7.72
C ASP DA 77 90.02 -17.79 -7.16
N GLY DA 78 90.67 -17.05 -6.29
CA GLY DA 78 92.03 -17.40 -5.92
C GLY DA 78 93.03 -16.85 -6.91
N ARG DA 79 93.21 -17.56 -8.05
CA ARG DA 79 93.81 -17.09 -9.31
C ARG DA 79 94.97 -16.11 -9.15
N LEU DA 80 96.06 -16.53 -8.51
CA LEU DA 80 97.12 -15.69 -7.96
C LEU DA 80 97.65 -14.58 -8.88
N SER DA 81 97.50 -14.75 -10.20
CA SER DA 81 97.71 -13.64 -11.13
C SER DA 81 96.73 -12.51 -10.86
N ARG DA 82 95.43 -12.82 -10.74
CA ARG DA 82 94.43 -11.85 -10.32
C ARG DA 82 94.09 -12.07 -8.84
N ALA DA 83 95.07 -11.80 -7.99
CA ALA DA 83 94.93 -12.01 -6.55
C ALA DA 83 94.55 -10.75 -5.80
N GLY DA 84 94.91 -9.58 -6.32
CA GLY DA 84 94.76 -8.35 -5.59
C GLY DA 84 93.33 -7.84 -5.49
N ASP DA 85 92.44 -8.39 -6.31
CA ASP DA 85 91.05 -7.95 -6.33
C ASP DA 85 90.23 -8.48 -5.17
N PHE DA 86 90.52 -9.69 -4.69
CA PHE DA 86 89.81 -10.18 -3.51
C PHE DA 86 90.72 -10.65 -2.39
N LEU DA 87 91.77 -11.40 -2.73
CA LEU DA 87 92.45 -12.26 -1.77
C LEU DA 87 93.29 -11.48 -0.77
N ILE DA 88 94.08 -10.54 -1.27
CA ILE DA 88 94.84 -9.63 -0.40
C ILE DA 88 93.90 -8.77 0.44
N PRO DA 89 92.83 -8.14 -0.10
CA PRO DA 89 91.85 -7.52 0.81
C PRO DA 89 91.15 -8.49 1.74
N SER DA 90 90.92 -9.73 1.30
CA SER DA 90 90.32 -10.73 2.18
C SER DA 90 91.21 -11.00 3.40
N ALA DA 91 92.51 -11.18 3.15
CA ALA DA 91 93.46 -11.42 4.23
C ALA DA 91 93.57 -10.20 5.13
N LEU DA 92 93.56 -9.00 4.54
CA LEU DA 92 93.70 -7.78 5.31
C LEU DA 92 92.49 -7.57 6.22
N PHE DA 93 91.28 -7.78 5.68
CA PHE DA 93 90.08 -7.68 6.50
C PHE DA 93 90.06 -8.74 7.58
N LEU DA 94 90.43 -9.99 7.24
CA LEU DA 94 90.39 -11.07 8.21
C LEU DA 94 91.34 -10.78 9.36
N PHE DA 95 92.55 -10.31 9.06
CA PHE DA 95 93.52 -9.98 10.10
C PHE DA 95 93.02 -8.84 10.98
N ILE DA 96 92.51 -7.78 10.37
CA ILE DA 96 92.05 -6.62 11.14
C ILE DA 96 90.84 -6.99 12.01
N THR DA 97 89.87 -7.70 11.44
CA THR DA 97 88.66 -7.99 12.19
C THR DA 97 88.90 -9.11 13.21
N GLY DA 98 89.92 -9.95 13.00
CA GLY DA 98 90.29 -10.93 13.99
C GLY DA 98 90.98 -10.27 15.15
N TRP DA 99 91.81 -9.26 14.86
CA TRP DA 99 92.38 -8.39 15.89
C TRP DA 99 91.27 -7.82 16.76
N ILE DA 100 90.27 -7.22 16.12
CA ILE DA 100 89.15 -6.58 16.81
C ILE DA 100 88.38 -7.58 17.66
N GLY DA 101 88.04 -8.73 17.06
CA GLY DA 101 87.27 -9.73 17.77
C GLY DA 101 88.02 -10.32 18.95
N TRP DA 102 89.32 -10.57 18.78
CA TRP DA 102 90.10 -11.16 19.86
C TRP DA 102 90.32 -10.17 20.99
N VAL DA 103 90.48 -8.88 20.68
CA VAL DA 103 90.76 -7.95 21.76
C VAL DA 103 89.47 -7.72 22.52
N GLY DA 104 88.33 -7.76 21.81
CA GLY DA 104 87.04 -7.71 22.49
C GLY DA 104 86.80 -8.89 23.41
N ARG DA 105 87.13 -10.10 22.92
CA ARG DA 105 87.02 -11.31 23.72
C ARG DA 105 87.92 -11.27 24.94
N ALA DA 106 89.17 -10.83 24.76
CA ALA DA 106 90.15 -10.74 25.84
C ALA DA 106 89.68 -9.76 26.91
N TYR DA 107 89.17 -8.60 26.50
CA TYR DA 107 88.69 -7.62 27.46
C TYR DA 107 87.47 -8.15 28.22
N LEU DA 108 86.55 -8.83 27.52
CA LEU DA 108 85.35 -9.32 28.20
C LEU DA 108 85.70 -10.45 29.17
N ILE DA 109 86.69 -11.26 28.83
CA ILE DA 109 87.12 -12.34 29.71
C ILE DA 109 87.84 -11.76 30.93
N ALA DA 110 88.71 -10.77 30.71
CA ALA DA 110 89.49 -10.18 31.79
C ALA DA 110 88.71 -9.22 32.68
N VAL DA 111 87.53 -8.74 32.24
CA VAL DA 111 86.64 -8.04 33.16
C VAL DA 111 85.65 -8.98 33.83
N ARG DA 112 85.44 -10.18 33.29
CA ARG DA 112 84.57 -11.16 33.92
C ARG DA 112 85.10 -11.69 35.24
N ASN DA 113 86.43 -11.62 35.45
CA ASN DA 113 87.01 -12.03 36.73
C ASN DA 113 86.58 -11.07 37.84
N SER DA 114 86.82 -9.78 37.64
CA SER DA 114 86.42 -8.77 38.60
C SER DA 114 84.90 -8.65 38.64
N GLY DA 115 84.35 -8.47 39.84
CA GLY DA 115 82.92 -8.45 40.01
C GLY DA 115 82.23 -7.19 39.55
N GLU DA 116 83.02 -6.16 39.23
CA GLU DA 116 82.48 -4.88 38.76
C GLU DA 116 82.35 -4.84 37.24
N ALA DA 117 82.17 -6.00 36.61
CA ALA DA 117 82.18 -6.15 35.16
C ALA DA 117 81.11 -5.31 34.49
N ASN DA 118 79.93 -5.21 35.10
CA ASN DA 118 78.84 -4.42 34.54
C ASN DA 118 79.22 -2.94 34.50
N GLU DA 119 79.97 -2.49 35.50
CA GLU DA 119 80.53 -1.13 35.49
C GLU DA 119 81.66 -1.02 34.47
N LYS DA 120 82.45 -2.09 34.32
CA LYS DA 120 83.57 -2.07 33.38
C LYS DA 120 83.11 -2.11 31.93
N GLU DA 121 81.85 -2.49 31.67
CA GLU DA 121 81.39 -2.56 30.29
C GLU DA 121 80.97 -1.21 29.75
N ILE DA 122 80.36 -0.35 30.57
CA ILE DA 122 79.91 0.96 30.10
C ILE DA 122 80.94 2.04 30.43
N ILE DA 123 81.74 1.82 31.46
CA ILE DA 123 82.92 2.63 31.73
C ILE DA 123 84.10 1.74 31.43
N ILE DA 124 84.73 1.97 30.28
CA ILE DA 124 85.83 1.10 29.85
C ILE DA 124 87.06 1.34 30.71
N ASP DA 125 87.58 0.27 31.30
CA ASP DA 125 88.88 0.33 31.96
C ASP DA 125 89.94 0.47 30.86
N VAL DA 126 90.28 1.73 30.59
CA VAL DA 126 91.12 2.12 29.45
C VAL DA 126 92.49 1.45 29.47
N PRO DA 127 93.30 1.43 30.60
CA PRO DA 127 94.60 0.72 30.53
C PRO DA 127 94.47 -0.76 30.22
N LEU DA 128 93.43 -1.40 30.75
CA LEU DA 128 93.16 -2.79 30.42
C LEU DA 128 92.77 -2.93 28.96
N ALA DA 129 92.04 -1.95 28.44
CA ALA DA 129 91.65 -1.95 27.03
C ALA DA 129 92.87 -1.85 26.13
N ILE DA 130 93.84 -0.98 26.45
CA ILE DA 130 95.06 -0.86 25.65
C ILE DA 130 95.89 -2.13 25.78
N LYS DA 131 95.91 -2.72 26.98
CA LYS DA 131 96.64 -3.95 27.20
C LYS DA 131 96.09 -5.09 26.35
N CYS DA 132 94.76 -5.14 26.21
CA CYS DA 132 94.18 -6.06 25.24
C CYS DA 132 94.53 -5.67 23.81
N MET DA 133 94.38 -4.38 23.45
CA MET DA 133 94.49 -3.89 22.08
C MET DA 133 95.87 -4.12 21.48
N LEU DA 134 96.93 -3.97 22.28
CA LEU DA 134 98.28 -4.15 21.77
C LEU DA 134 98.63 -5.60 21.49
N THR DA 135 97.78 -6.55 21.90
CA THR DA 135 98.06 -7.97 21.72
C THR DA 135 97.35 -8.57 20.51
N GLY DA 136 96.55 -7.79 19.78
CA GLY DA 136 95.79 -8.32 18.66
C GLY DA 136 96.64 -8.70 17.46
N PHE DA 137 97.85 -8.16 17.34
CA PHE DA 137 98.79 -8.53 16.28
C PHE DA 137 99.13 -10.01 16.28
N ALA DA 138 99.07 -10.66 17.43
CA ALA DA 138 99.26 -12.11 17.52
C ALA DA 138 97.95 -12.85 17.70
N TRP DA 139 96.84 -12.30 17.19
CA TRP DA 139 95.51 -12.91 17.34
C TRP DA 139 95.37 -14.33 16.80
N PRO DA 140 95.88 -14.73 15.62
CA PRO DA 140 95.55 -16.08 15.16
C PRO DA 140 96.23 -17.19 15.93
N LEU DA 141 97.56 -17.08 16.16
CA LEU DA 141 98.34 -18.15 16.78
C LEU DA 141 97.82 -18.47 18.17
N ALA DA 142 97.64 -17.43 19.00
CA ALA DA 142 97.06 -17.57 20.32
C ALA DA 142 95.70 -18.23 20.25
N ALA DA 143 94.88 -17.82 19.28
CA ALA DA 143 93.56 -18.42 19.11
C ALA DA 143 93.67 -19.90 18.76
N LEU DA 144 94.64 -20.25 17.92
CA LEU DA 144 94.92 -21.65 17.60
C LEU DA 144 95.23 -22.43 18.87
N LYS DA 145 95.96 -21.78 19.79
CA LYS DA 145 96.33 -22.41 21.04
C LYS DA 145 95.10 -22.76 21.86
N GLU DA 146 94.10 -21.88 21.87
CA GLU DA 146 92.87 -22.16 22.57
C GLU DA 146 92.17 -23.36 21.94
N LEU DA 147 92.21 -23.41 20.61
CA LEU DA 147 91.67 -24.54 19.85
C LEU DA 147 92.42 -25.81 20.16
N ALA DA 148 93.70 -25.68 20.55
CA ALA DA 148 94.47 -26.83 20.96
C ALA DA 148 94.12 -27.23 22.39
N SER DA 149 93.85 -26.25 23.25
CA SER DA 149 93.76 -26.55 24.68
C SER DA 149 92.34 -26.90 25.10
N GLY DA 150 91.40 -26.00 24.81
CA GLY DA 150 90.05 -26.15 25.29
C GLY DA 150 89.59 -24.90 26.01
N GLU DA 151 90.38 -23.84 25.92
CA GLU DA 151 90.08 -22.56 26.55
C GLU DA 151 89.37 -21.59 25.62
N LEU DA 152 88.94 -22.06 24.45
CA LEU DA 152 88.05 -21.31 23.57
C LEU DA 152 86.60 -21.69 23.73
N THR DA 153 86.31 -22.99 23.81
CA THR DA 153 84.96 -23.52 23.85
C THR DA 153 84.59 -23.92 25.27
N ALA DA 154 83.53 -23.30 25.78
CA ALA DA 154 82.92 -23.76 27.02
C ALA DA 154 82.10 -25.00 26.73
N LYS DA 155 81.81 -25.76 27.78
CA LYS DA 155 81.13 -27.04 27.61
C LYS DA 155 79.63 -26.83 27.39
N ASP DA 156 78.93 -27.86 26.92
CA ASP DA 156 77.51 -27.78 26.62
C ASP DA 156 76.63 -27.92 27.86
N ASN DA 157 77.19 -28.31 28.99
CA ASN DA 157 76.44 -28.41 30.25
C ASN DA 157 76.74 -27.24 31.17
N GLU DA 158 77.38 -26.19 30.66
CA GLU DA 158 77.69 -25.00 31.43
C GLU DA 158 76.98 -23.76 30.88
N ILE DA 159 76.07 -23.92 29.93
CA ILE DA 159 75.46 -22.82 29.20
C ILE DA 159 73.95 -22.97 29.27
N THR DA 160 73.25 -21.87 29.52
CA THR DA 160 71.79 -21.91 29.64
C THR DA 160 71.13 -22.27 28.30
N VAL DA 161 70.16 -23.17 28.37
CA VAL DA 161 69.40 -23.61 27.21
C VAL DA 161 67.91 -23.58 27.58
N SER DA 162 67.08 -23.37 26.57
CA SER DA 162 65.63 -23.34 26.76
C SER DA 162 65.07 -24.75 26.70
N PRO DA 163 63.93 -25.01 27.36
CA PRO DA 163 63.34 -26.35 27.32
C PRO DA 163 62.75 -26.71 25.96
N ARG DA 164 62.51 -28.00 25.75
CA ARG DA 164 61.96 -28.49 24.49
C ARG DA 164 60.90 -29.56 24.73
N MET EA 1 27.92 -2.72 -25.02
CA MET EA 1 27.84 -3.73 -23.97
C MET EA 1 26.79 -4.78 -24.31
N MET EA 2 27.08 -5.53 -25.37
CA MET EA 2 26.32 -6.71 -25.78
C MET EA 2 27.17 -7.54 -26.72
N GLY EA 3 27.39 -8.80 -26.38
CA GLY EA 3 28.33 -9.63 -27.10
C GLY EA 3 27.77 -10.21 -28.38
N SER EA 4 28.68 -10.73 -29.20
CA SER EA 4 28.33 -11.57 -30.34
C SER EA 4 28.32 -13.04 -29.99
N TYR EA 5 28.61 -13.39 -28.74
CA TYR EA 5 28.61 -14.79 -28.31
C TYR EA 5 27.20 -15.31 -28.16
N ALA EA 6 27.07 -16.62 -27.99
CA ALA EA 6 25.77 -17.26 -27.92
C ALA EA 6 25.07 -16.93 -26.59
N ALA EA 7 23.75 -16.77 -26.68
CA ALA EA 7 22.86 -16.44 -25.57
C ALA EA 7 23.36 -15.21 -24.83
N SER EA 8 23.61 -14.13 -25.57
CA SER EA 8 24.26 -12.92 -25.05
C SER EA 8 23.43 -12.19 -24.00
N PHE EA 9 22.15 -12.53 -23.86
CA PHE EA 9 21.32 -11.98 -22.79
C PHE EA 9 21.60 -12.61 -21.43
N LEU EA 10 22.49 -13.60 -21.36
CA LEU EA 10 22.73 -14.28 -20.09
C LEU EA 10 23.58 -13.48 -19.10
N PRO EA 11 24.62 -12.72 -19.49
CA PRO EA 11 25.24 -11.81 -18.51
C PRO EA 11 24.29 -10.77 -17.94
N TRP EA 12 23.35 -10.28 -18.75
CA TRP EA 12 22.34 -9.29 -18.38
C TRP EA 12 21.56 -9.69 -17.13
N ILE EA 13 21.33 -10.99 -16.93
CA ILE EA 13 20.63 -11.48 -15.76
C ILE EA 13 21.57 -12.12 -14.75
N PHE EA 14 22.68 -12.72 -15.20
CA PHE EA 14 23.50 -13.49 -14.28
C PHE EA 14 24.43 -12.61 -13.46
N ILE EA 15 24.92 -11.49 -14.02
CA ILE EA 15 25.69 -10.53 -13.22
C ILE EA 15 24.83 -9.93 -12.10
N PRO EA 16 23.59 -9.47 -12.33
CA PRO EA 16 22.75 -9.08 -11.18
C PRO EA 16 22.42 -10.20 -10.23
N VAL EA 17 22.31 -11.45 -10.70
CA VAL EA 17 21.98 -12.55 -9.80
C VAL EA 17 23.17 -12.94 -8.94
N VAL EA 18 24.33 -13.18 -9.55
CA VAL EA 18 25.54 -13.53 -8.80
C VAL EA 18 26.06 -12.35 -7.98
N CYS EA 19 25.75 -11.13 -8.40
CA CYS EA 19 26.33 -9.93 -7.80
C CYS EA 19 25.40 -9.20 -6.84
N TRP EA 20 24.07 -9.32 -6.98
CA TRP EA 20 23.14 -8.68 -6.06
C TRP EA 20 22.28 -9.71 -5.34
N LEU EA 21 21.61 -10.61 -6.07
CA LEU EA 21 20.58 -11.44 -5.47
C LEU EA 21 21.19 -12.57 -4.66
N MET EA 22 22.16 -13.28 -5.23
CA MET EA 22 22.88 -14.31 -4.47
C MET EA 22 23.59 -13.77 -3.24
N PRO EA 23 24.35 -12.65 -3.27
CA PRO EA 23 24.93 -12.17 -2.00
C PRO EA 23 23.89 -11.71 -1.00
N VAL EA 24 22.78 -11.11 -1.44
CA VAL EA 24 21.72 -10.72 -0.51
C VAL EA 24 21.14 -11.96 0.17
N VAL EA 25 20.87 -13.00 -0.62
CA VAL EA 25 20.27 -14.23 -0.08
C VAL EA 25 21.25 -14.92 0.86
N VAL EA 26 22.51 -15.04 0.44
CA VAL EA 26 23.51 -15.76 1.23
C VAL EA 26 23.79 -15.01 2.53
N MET EA 27 23.93 -13.68 2.44
CA MET EA 27 24.23 -12.87 3.60
C MET EA 27 23.05 -12.82 4.57
N GLY EA 28 21.82 -12.75 4.05
CA GLY EA 28 20.66 -12.80 4.91
C GLY EA 28 20.46 -14.14 5.57
N LEU EA 29 20.71 -15.23 4.83
CA LEU EA 29 20.62 -16.57 5.41
C LEU EA 29 21.68 -16.76 6.48
N LEU EA 30 22.90 -16.29 6.22
CA LEU EA 30 23.97 -16.41 7.21
C LEU EA 30 23.72 -15.49 8.40
N PHE EA 31 23.09 -14.34 8.17
CA PHE EA 31 22.73 -13.46 9.28
C PHE EA 31 21.66 -14.10 10.16
N LEU EA 32 20.66 -14.73 9.55
CA LEU EA 32 19.65 -15.45 10.33
C LEU EA 32 20.25 -16.65 11.05
N TYR EA 33 21.24 -17.31 10.44
CA TYR EA 33 21.81 -18.50 11.04
C TYR EA 33 22.77 -18.18 12.19
N ILE EA 34 23.73 -17.28 11.97
CA ILE EA 34 24.72 -16.99 13.00
C ILE EA 34 24.16 -16.15 14.13
N GLU EA 35 23.03 -15.47 13.92
CA GLU EA 35 22.38 -14.76 15.00
C GLU EA 35 21.20 -15.51 15.59
N GLY EA 36 20.97 -16.75 15.15
CA GLY EA 36 19.91 -17.55 15.70
C GLY EA 36 20.21 -17.92 17.13
N ASP EA 37 19.46 -17.34 18.06
CA ASP EA 37 19.70 -17.54 19.48
C ASP EA 37 19.03 -18.81 19.96
N ALA EA 38 19.45 -19.94 19.42
CA ALA EA 38 18.98 -21.25 19.83
C ALA EA 38 20.01 -21.84 20.82
N GLN EA 39 19.91 -23.11 21.22
CA GLN EA 39 20.83 -23.67 22.19
C GLN EA 39 22.22 -23.90 21.60
N MET FA 1 89.41 13.41 43.34
CA MET FA 1 89.91 14.61 42.69
C MET FA 1 89.15 14.68 41.36
N GLN FA 2 88.83 15.89 40.89
CA GLN FA 2 87.91 16.03 39.76
C GLN FA 2 88.49 15.55 38.44
N THR FA 3 89.82 15.55 38.27
CA THR FA 3 90.35 15.02 37.01
C THR FA 3 90.33 13.50 36.99
N LYS FA 4 90.20 12.84 38.14
CA LYS FA 4 89.91 11.41 38.15
C LYS FA 4 88.45 11.11 37.86
N HIS FA 5 87.57 12.07 38.12
CA HIS FA 5 86.16 11.97 37.73
C HIS FA 5 85.92 12.49 36.32
N LEU FA 6 86.90 13.17 35.74
CA LEU FA 6 86.96 13.41 34.29
C LEU FA 6 87.60 12.27 33.53
N LEU FA 7 88.56 11.59 34.14
CA LEU FA 7 89.11 10.38 33.55
C LEU FA 7 88.02 9.33 33.40
N THR FA 8 87.09 9.29 34.35
CA THR FA 8 86.02 8.31 34.30
C THR FA 8 84.95 8.67 33.26
N TYR FA 9 84.62 9.95 33.11
CA TYR FA 9 83.68 10.35 32.07
C TYR FA 9 84.32 10.23 30.70
N LEU FA 10 85.60 10.60 30.58
CA LEU FA 10 86.27 10.37 29.31
C LEU FA 10 86.87 8.97 29.28
N SER FA 11 86.08 8.01 29.73
CA SER FA 11 86.32 6.59 29.56
C SER FA 11 85.03 5.83 29.34
N THR FA 12 83.88 6.50 29.29
CA THR FA 12 82.59 5.84 29.14
C THR FA 12 82.44 5.33 27.71
N ALA FA 13 81.48 4.41 27.54
CA ALA FA 13 81.18 3.85 26.22
C ALA FA 13 80.82 4.90 25.16
N PRO FA 14 79.91 5.87 25.39
CA PRO FA 14 79.66 6.87 24.32
C PRO FA 14 80.86 7.73 23.98
N VAL FA 15 81.71 8.08 24.95
CA VAL FA 15 82.85 8.93 24.67
C VAL FA 15 83.96 8.14 23.98
N LEU FA 16 84.30 6.97 24.51
CA LEU FA 16 85.36 6.16 23.90
C LEU FA 16 84.98 5.68 22.53
N ALA FA 17 83.71 5.29 22.34
CA ALA FA 17 83.21 4.85 21.05
C ALA FA 17 83.31 5.97 20.03
N ALA FA 18 82.86 7.17 20.39
CA ALA FA 18 82.90 8.32 19.49
C ALA FA 18 84.33 8.73 19.16
N LEU FA 19 85.22 8.73 20.15
CA LEU FA 19 86.62 9.06 19.93
C LEU FA 19 87.30 8.08 18.99
N TRP FA 20 87.07 6.78 19.20
CA TRP FA 20 87.67 5.78 18.33
C TRP FA 20 87.06 5.84 16.93
N MET FA 21 85.78 6.20 16.83
CA MET FA 21 85.17 6.29 15.52
C MET FA 21 85.69 7.51 14.76
N THR FA 22 85.92 8.62 15.46
CA THR FA 22 86.53 9.80 14.85
C THR FA 22 87.95 9.47 14.41
N ILE FA 23 88.67 8.69 15.22
CA ILE FA 23 90.03 8.26 14.88
C ILE FA 23 90.02 7.41 13.61
N THR FA 24 89.11 6.44 13.53
CA THR FA 24 89.10 5.55 12.38
C THR FA 24 88.55 6.24 11.13
N ALA FA 25 87.67 7.23 11.32
CA ALA FA 25 87.23 8.07 10.22
C ALA FA 25 88.38 8.90 9.68
N GLY FA 26 89.20 9.44 10.56
CA GLY FA 26 90.39 10.14 10.16
C GLY FA 26 91.39 9.25 9.42
N ILE FA 27 91.56 8.02 9.91
CA ILE FA 27 92.46 7.05 9.29
C ILE FA 27 92.02 6.76 7.85
N LEU FA 28 90.71 6.56 7.65
CA LEU FA 28 90.23 6.28 6.29
C LEU FA 28 90.24 7.52 5.40
N ILE FA 29 89.80 8.67 5.92
CA ILE FA 29 89.64 9.87 5.09
C ILE FA 29 91.00 10.42 4.69
N GLU FA 30 91.94 10.46 5.63
CA GLU FA 30 93.31 10.87 5.29
C GLU FA 30 94.12 9.76 4.66
N PHE FA 31 93.50 8.62 4.32
CA PHE FA 31 94.12 7.66 3.41
C PHE FA 31 93.65 7.89 1.97
N ASN FA 32 92.48 8.49 1.79
CA ASN FA 32 92.04 8.93 0.48
C ASN FA 32 92.43 10.38 0.19
N ARG FA 33 92.98 11.12 1.16
CA ARG FA 33 93.70 12.34 0.85
C ARG FA 33 95.00 12.03 0.12
N PHE FA 34 95.46 10.80 0.27
CA PHE FA 34 96.59 10.18 -0.41
C PHE FA 34 95.91 9.10 -1.24
N TYR FA 35 96.63 8.05 -1.64
CA TYR FA 35 96.39 7.14 -2.76
C TYR FA 35 94.91 6.84 -2.98
N PRO FA 36 94.32 7.40 -4.05
CA PRO FA 36 92.87 7.34 -4.20
C PRO FA 36 92.40 6.20 -5.08
N ASP FA 37 91.08 5.98 -5.08
CA ASP FA 37 90.38 5.12 -6.03
C ASP FA 37 90.93 3.70 -6.06
N LEU FA 38 90.85 3.01 -4.92
CA LEU FA 38 91.52 1.73 -4.75
C LEU FA 38 90.46 0.64 -4.66
N LEU FA 39 89.99 0.18 -5.83
CA LEU FA 39 89.03 -0.91 -5.89
C LEU FA 39 89.69 -2.26 -5.63
N PHE FA 40 91.00 -2.34 -5.83
CA PHE FA 40 91.73 -3.59 -5.79
C PHE FA 40 93.19 -3.31 -5.46
N HIS FA 41 93.86 -4.30 -4.92
CA HIS FA 41 95.29 -4.22 -4.73
C HIS FA 41 95.96 -4.32 -6.10
N PRO FA 42 96.79 -3.33 -6.51
CA PRO FA 42 97.25 -3.24 -7.91
C PRO FA 42 98.05 -4.43 -8.42
N LEU FA 43 98.80 -5.07 -7.53
CA LEU FA 43 99.59 -6.28 -7.82
C LEU FA 43 100.62 -6.09 -8.93
N THR GA 5 43.74 60.06 3.17
CA THR GA 5 44.91 60.89 2.93
C THR GA 5 45.71 61.08 4.21
N LEU GA 6 47.03 61.28 4.05
CA LEU GA 6 47.93 61.59 5.16
C LEU GA 6 47.47 62.87 5.83
N PRO GA 7 46.98 62.77 7.07
CA PRO GA 7 46.26 63.90 7.68
C PRO GA 7 47.15 65.03 8.17
N ASP GA 8 46.56 65.98 8.90
CA ASP GA 8 47.24 67.19 9.32
C ASP GA 8 47.68 67.13 10.77
N THR GA 9 48.17 65.97 11.21
CA THR GA 9 48.64 65.82 12.58
C THR GA 9 49.93 66.63 12.78
N THR GA 10 49.79 67.82 13.37
CA THR GA 10 50.89 68.75 13.52
C THR GA 10 50.84 69.37 14.91
N TRP GA 11 51.89 70.14 15.23
CA TRP GA 11 52.00 70.81 16.51
C TRP GA 11 50.97 71.92 16.64
N SER GA 12 49.94 71.67 17.45
CA SER GA 12 48.90 72.66 17.68
C SER GA 12 48.66 72.76 19.18
N PRO GA 13 48.18 73.91 19.68
CA PRO GA 13 47.78 74.01 21.09
C PRO GA 13 46.64 73.07 21.43
N ALA GA 14 45.79 72.79 20.43
CA ALA GA 14 44.67 71.87 20.62
C ALA GA 14 45.13 70.44 20.88
N VAL GA 15 46.28 70.02 20.33
CA VAL GA 15 46.83 68.70 20.58
C VAL GA 15 47.19 68.56 22.06
N GLY GA 16 47.89 69.57 22.59
CA GLY GA 16 48.19 69.61 24.00
C GLY GA 16 46.98 69.73 24.89
N LEU GA 17 45.96 70.49 24.47
CA LEU GA 17 44.72 70.62 25.21
C LEU GA 17 44.00 69.28 25.29
N VAL GA 18 43.98 68.54 24.18
CA VAL GA 18 43.38 67.21 24.14
C VAL GA 18 44.15 66.26 25.04
N VAL GA 19 45.48 66.35 25.03
CA VAL GA 19 46.33 65.50 25.85
C VAL GA 19 46.08 65.76 27.34
N ILE GA 20 46.01 67.04 27.72
CA ILE GA 20 45.73 67.42 29.09
C ILE GA 20 44.33 67.00 29.53
N LEU GA 21 43.33 67.16 28.65
CA LEU GA 21 41.97 66.76 29.00
C LEU GA 21 41.87 65.24 29.13
N CYS GA 22 42.58 64.49 28.29
CA CYS GA 22 42.57 63.04 28.40
C CYS GA 22 43.31 62.57 29.65
N ASN GA 23 44.37 63.27 30.04
CA ASN GA 23 45.05 62.97 31.30
C ASN GA 23 44.13 63.22 32.48
N LEU GA 24 43.36 64.31 32.43
CA LEU GA 24 42.39 64.61 33.48
C LEU GA 24 41.27 63.56 33.53
N PHE GA 25 40.79 63.15 32.36
CA PHE GA 25 39.76 62.12 32.27
C PHE GA 25 40.27 60.77 32.78
N ALA GA 26 41.54 60.45 32.52
CA ALA GA 26 42.11 59.21 33.02
C ALA GA 26 42.33 59.29 34.53
N ILE GA 27 42.67 60.48 35.05
CA ILE GA 27 42.73 60.67 36.49
C ILE GA 27 41.37 60.43 37.13
N ALA GA 28 40.31 60.94 36.49
CA ALA GA 28 38.94 60.70 36.96
C ALA GA 28 38.58 59.22 36.90
N ILE GA 29 38.98 58.55 35.82
CA ILE GA 29 38.71 57.12 35.67
C ILE GA 29 39.41 56.33 36.77
N GLY GA 30 40.69 56.63 37.03
CA GLY GA 30 41.43 56.03 38.11
C GLY GA 30 40.84 56.34 39.48
N ARG GA 31 40.18 57.48 39.61
CA ARG GA 31 39.44 57.80 40.82
C ARG GA 31 38.06 57.17 40.81
N TYR GA 32 37.72 56.45 39.74
CA TYR GA 32 36.47 55.70 39.71
C TYR GA 32 36.65 54.20 39.44
N ALA GA 33 37.83 53.78 38.98
CA ALA GA 33 37.98 52.39 38.55
C ALA GA 33 38.99 51.57 39.36
N ILE GA 34 40.19 52.12 39.56
CA ILE GA 34 41.34 51.38 40.09
C ILE GA 34 41.08 50.88 41.50
N GLN GA 35 41.20 49.56 41.68
CA GLN GA 35 40.80 48.91 42.93
C GLN GA 35 41.81 49.14 44.05
N SER GA 36 43.07 48.77 43.82
CA SER GA 36 44.08 48.87 44.88
C SER GA 36 44.59 50.29 45.02
N ARG GA 37 44.37 50.90 46.19
CA ARG GA 37 44.77 52.27 46.45
C ARG GA 37 45.85 52.41 47.52
N GLY GA 38 46.06 51.39 48.35
CA GLY GA 38 47.09 51.47 49.39
C GLY GA 38 48.50 51.39 48.85
N LYS GA 39 48.66 50.96 47.61
CA LYS GA 39 49.99 50.90 46.99
C LYS GA 39 50.47 52.30 46.63
N GLY GA 40 51.78 52.43 46.44
CA GLY GA 40 52.37 53.71 46.10
C GLY GA 40 53.21 54.26 47.22
N PHE GA 54 45.90 59.17 46.19
CA PHE GA 54 46.43 58.38 45.08
C PHE GA 54 47.95 58.54 44.99
N GLY GA 55 48.67 57.44 45.22
CA GLY GA 55 50.12 57.48 45.22
C GLY GA 55 50.75 57.56 43.84
N LEU GA 56 52.08 57.55 43.80
CA LEU GA 56 52.88 57.70 42.58
C LEU GA 56 52.56 56.62 41.57
N PRO GA 57 52.42 55.36 41.99
CA PRO GA 57 52.05 54.28 41.07
C PRO GA 57 50.69 54.47 40.43
N GLU GA 58 49.73 55.00 41.19
CA GLU GA 58 48.42 55.30 40.62
C GLU GA 58 48.49 56.48 39.66
N LEU GA 59 49.27 57.51 40.04
CA LEU GA 59 49.40 58.72 39.24
C LEU GA 59 50.07 58.46 37.90
N LEU GA 60 51.16 57.69 37.90
CA LEU GA 60 51.87 57.33 36.68
C LEU GA 60 51.00 56.47 35.77
N ALA GA 61 50.23 55.55 36.37
CA ALA GA 61 49.30 54.73 35.62
C ALA GA 61 48.23 55.58 34.94
N THR GA 62 47.65 56.53 35.68
CA THR GA 62 46.65 57.43 35.14
C THR GA 62 47.22 58.31 34.03
N THR GA 63 48.44 58.82 34.24
CA THR GA 63 49.12 59.62 33.23
C THR GA 63 49.40 58.84 31.94
N SER GA 64 49.88 57.60 32.05
CA SER GA 64 50.15 56.78 30.88
C SER GA 64 48.86 56.39 30.15
N PHE GA 65 47.79 56.11 30.90
CA PHE GA 65 46.50 55.82 30.27
C PHE GA 65 45.95 57.03 29.54
N GLY GA 66 46.07 58.21 30.15
CA GLY GA 66 45.69 59.46 29.51
C GLY GA 66 46.50 59.71 28.26
N HIS GA 67 47.80 59.43 28.31
CA HIS GA 67 48.68 59.55 27.15
C HIS GA 67 48.25 58.64 26.01
N LEU GA 68 47.92 57.38 26.31
CA LEU GA 68 47.47 56.44 25.29
C LEU GA 68 46.13 56.85 24.68
N LEU GA 69 45.17 57.22 25.54
CA LEU GA 69 43.86 57.67 25.07
C LEU GA 69 43.99 58.97 24.27
N ALA GA 70 44.91 59.85 24.66
CA ALA GA 70 45.14 61.08 23.93
C ALA GA 70 45.82 60.83 22.60
N ALA GA 71 46.71 59.84 22.53
CA ALA GA 71 47.37 59.47 21.30
C ALA GA 71 46.35 58.93 20.31
N GLY GA 72 45.36 58.21 20.83
CA GLY GA 72 44.21 57.83 20.01
C GLY GA 72 43.35 59.02 19.58
N VAL GA 73 43.09 59.92 20.53
CA VAL GA 73 42.14 61.02 20.31
C VAL GA 73 42.71 62.04 19.34
N VAL GA 74 44.00 62.33 19.44
CA VAL GA 74 44.68 63.29 18.57
C VAL GA 74 44.67 62.79 17.14
N SER GA 75 44.98 61.50 16.96
CA SER GA 75 44.95 60.87 15.65
C SER GA 75 43.55 60.90 15.05
N GLY GA 76 42.56 60.58 15.86
CA GLY GA 76 41.19 60.62 15.41
C GLY GA 76 40.66 62.00 15.06
N LEU GA 77 41.04 63.00 15.85
CA LEU GA 77 40.63 64.38 15.61
C LEU GA 77 41.33 64.94 14.39
N GLN GA 78 42.67 64.98 14.40
CA GLN GA 78 43.39 65.43 13.23
C GLN GA 78 43.69 64.26 12.31
N TYR GA 79 42.68 63.43 12.05
CA TYR GA 79 42.62 62.55 10.90
C TYR GA 79 41.21 62.62 10.32
N SER GA 80 40.30 63.27 11.06
CA SER GA 80 38.91 63.38 10.67
C SER GA 80 38.73 64.30 9.47
N GLU HA 4 22.97 23.60 36.88
CA GLU HA 4 21.53 23.48 36.67
C GLU HA 4 21.20 23.23 35.20
N LEU HA 5 22.01 23.77 34.31
CA LEU HA 5 21.78 23.56 32.88
C LEU HA 5 22.12 22.13 32.47
N VAL HA 6 23.27 21.64 32.91
CA VAL HA 6 23.68 20.25 32.72
C VAL HA 6 23.67 19.60 34.09
N LYS HA 7 22.92 18.51 34.19
CA LYS HA 7 22.67 17.85 35.46
C LYS HA 7 22.71 16.34 35.20
N PRO HA 8 22.71 15.48 36.22
CA PRO HA 8 22.62 14.03 35.96
C PRO HA 8 21.34 13.66 35.23
N TYR HA 9 21.45 12.67 34.36
CA TYR HA 9 20.34 12.27 33.50
C TYR HA 9 19.28 11.55 34.32
N ASN HA 10 18.06 12.12 34.30
CA ASN HA 10 16.93 11.71 35.13
C ASN HA 10 17.29 11.67 36.61
N GLY HA 11 18.10 12.63 37.04
CA GLY HA 11 18.52 12.73 38.43
C GLY HA 11 19.44 11.65 38.91
N ASP HA 12 19.95 10.79 38.03
CA ASP HA 12 20.78 9.66 38.41
C ASP HA 12 22.23 9.95 38.05
N PRO HA 13 23.11 10.17 39.05
CA PRO HA 13 24.49 10.58 38.76
C PRO HA 13 25.35 9.52 38.11
N PHE HA 14 24.99 8.26 38.30
CA PHE HA 14 25.82 7.15 37.82
C PHE HA 14 25.36 6.57 36.49
N ALA HA 15 24.25 7.04 35.94
CA ALA HA 15 23.88 6.63 34.59
C ALA HA 15 24.81 7.28 33.59
N GLY HA 16 25.22 6.52 32.58
CA GLY HA 16 26.13 7.03 31.57
C GLY HA 16 25.48 7.96 30.58
N HIS HA 17 25.06 9.11 31.08
CA HIS HA 17 24.40 10.15 30.29
C HIS HA 17 24.44 11.42 31.12
N LEU HA 18 24.28 12.54 30.45
CA LEU HA 18 24.13 13.83 31.10
C LEU HA 18 22.82 14.43 30.64
N SER HA 19 22.10 15.05 31.56
CA SER HA 19 20.86 15.73 31.20
C SER HA 19 21.22 17.11 30.69
N THR HA 20 21.30 17.23 29.37
CA THR HA 20 21.75 18.44 28.71
C THR HA 20 20.56 19.08 28.01
N PRO HA 21 20.59 20.38 27.69
CA PRO HA 21 19.46 20.94 26.94
C PRO HA 21 19.33 20.46 25.51
N ILE HA 22 20.37 19.87 24.92
CA ILE HA 22 20.13 19.08 23.70
C ILE HA 22 19.40 17.79 24.06
N SER HA 23 19.83 17.10 25.11
CA SER HA 23 19.33 15.76 25.39
C SER HA 23 18.07 15.73 26.23
N ASP HA 24 17.83 16.74 27.09
CA ASP HA 24 16.76 16.65 28.07
C ASP HA 24 15.85 17.86 28.18
N SER HA 25 15.98 18.87 27.31
CA SER HA 25 15.09 20.02 27.41
C SER HA 25 13.69 19.66 26.94
N GLY HA 26 12.71 20.50 27.28
CA GLY HA 26 11.32 20.18 27.03
C GLY HA 26 10.96 20.13 25.57
N LEU HA 27 11.46 21.08 24.78
CA LEU HA 27 11.18 21.10 23.34
C LEU HA 27 11.69 19.85 22.65
N VAL HA 28 12.96 19.49 22.91
CA VAL HA 28 13.53 18.31 22.28
C VAL HA 28 12.82 17.05 22.75
N LYS HA 29 12.43 17.02 24.03
CA LYS HA 29 11.75 15.83 24.55
C LYS HA 29 10.38 15.65 23.91
N THR HA 30 9.57 16.71 23.82
CA THR HA 30 8.25 16.54 23.20
C THR HA 30 8.37 16.26 21.71
N PHE HA 31 9.36 16.85 21.04
CA PHE HA 31 9.51 16.61 19.60
C PHE HA 31 9.95 15.17 19.33
N ILE HA 32 10.90 14.65 20.09
CA ILE HA 32 11.36 13.28 19.90
C ILE HA 32 10.29 12.28 20.31
N SER HA 33 9.65 12.50 21.47
CA SER HA 33 8.64 11.58 21.96
C SER HA 33 7.37 11.60 21.13
N ASN HA 34 7.15 12.62 20.31
CA ASN HA 34 6.00 12.65 19.42
C ASN HA 34 6.35 12.35 17.98
N LEU HA 35 7.58 11.93 17.71
CA LEU HA 35 7.91 11.29 16.45
C LEU HA 35 7.18 9.95 16.39
N PRO HA 36 6.85 9.46 15.18
CA PRO HA 36 5.95 8.28 15.08
C PRO HA 36 6.49 7.01 15.72
N ALA HA 37 7.80 6.84 15.81
CA ALA HA 37 8.36 5.71 16.54
C ALA HA 37 8.12 5.80 18.04
N TYR HA 38 7.84 6.98 18.57
CA TYR HA 38 7.65 7.16 20.00
C TYR HA 38 6.28 7.72 20.38
N ARG HA 39 5.46 8.14 19.42
CA ARG HA 39 4.15 8.71 19.69
C ARG HA 39 3.23 7.69 20.35
N GLN HA 40 2.79 7.98 21.57
CA GLN HA 40 2.09 7.00 22.39
C GLN HA 40 0.68 6.74 21.85
N GLY HA 41 0.30 5.47 21.87
CA GLY HA 41 -1.01 5.02 21.45
C GLY HA 41 -1.06 4.44 20.05
N LEU HA 42 -0.05 4.70 19.22
CA LEU HA 42 -0.08 4.27 17.84
C LEU HA 42 0.10 2.76 17.73
N SER HA 43 -0.57 2.20 16.78
CA SER HA 43 -0.23 0.85 16.37
C SER HA 43 1.10 0.86 15.64
N PRO HA 44 1.86 -0.24 15.74
CA PRO HA 44 3.15 -0.34 15.05
C PRO HA 44 3.08 -0.14 13.55
N ILE HA 45 1.98 -0.56 12.92
CA ILE HA 45 1.85 -0.40 11.48
C ILE HA 45 1.69 1.06 11.09
N LEU HA 46 1.04 1.89 11.93
CA LEU HA 46 0.93 3.30 11.60
C LEU HA 46 2.24 4.05 11.82
N ARG HA 47 2.99 3.68 12.88
CA ARG HA 47 4.34 4.18 13.07
C ARG HA 47 5.19 3.86 11.85
N GLY HA 48 5.12 2.61 11.38
CA GLY HA 48 5.87 2.21 10.21
C GLY HA 48 5.46 2.96 8.96
N LEU HA 49 4.15 3.17 8.78
CA LEU HA 49 3.65 3.86 7.61
C LEU HA 49 4.16 5.30 7.54
N GLU HA 50 4.13 5.99 8.68
CA GLU HA 50 4.61 7.37 8.71
C GLU HA 50 6.12 7.45 8.49
N VAL HA 51 6.88 6.55 9.15
CA VAL HA 51 8.33 6.52 8.96
C VAL HA 51 8.67 6.20 7.50
N GLY HA 52 7.95 5.25 6.91
CA GLY HA 52 8.20 4.87 5.53
C GLY HA 52 7.90 6.01 4.58
N MET HA 53 6.78 6.70 4.80
CA MET HA 53 6.42 7.82 3.94
C MET HA 53 7.54 8.87 3.95
N ALA HA 54 7.97 9.25 5.15
CA ALA HA 54 9.01 10.27 5.31
C ALA HA 54 10.32 9.84 4.67
N HIS HA 55 10.64 8.55 4.73
CA HIS HA 55 11.93 8.12 4.17
C HIS HA 55 11.85 7.93 2.66
N GLY HA 56 10.84 7.21 2.18
CA GLY HA 56 10.73 6.94 0.76
C GLY HA 56 10.52 8.19 -0.07
N TYR HA 57 9.93 9.23 0.53
CA TYR HA 57 9.76 10.49 -0.19
C TYR HA 57 11.09 11.13 -0.55
N PHE HA 58 12.07 11.09 0.36
CA PHE HA 58 13.33 11.76 0.08
C PHE HA 58 14.40 10.84 -0.48
N LEU HA 59 14.20 9.51 -0.46
CA LEU HA 59 15.26 8.61 -0.93
C LEU HA 59 15.56 8.75 -2.42
N ILE HA 60 14.53 8.94 -3.25
CA ILE HA 60 14.76 8.93 -4.70
C ILE HA 60 15.44 10.20 -5.20
N GLY HA 61 15.43 11.27 -4.41
CA GLY HA 61 15.97 12.56 -4.78
C GLY HA 61 17.44 12.63 -5.14
N PRO HA 62 18.33 12.02 -4.33
CA PRO HA 62 19.75 11.99 -4.71
C PRO HA 62 20.05 11.37 -6.05
N TRP HA 63 19.35 10.30 -6.43
CA TRP HA 63 19.57 9.73 -7.75
C TRP HA 63 18.89 10.53 -8.84
N VAL HA 64 17.77 11.18 -8.52
CA VAL HA 64 17.05 11.98 -9.51
C VAL HA 64 17.90 13.17 -9.93
N LYS HA 65 18.57 13.82 -8.98
CA LYS HA 65 19.40 14.97 -9.34
C LYS HA 65 20.88 14.67 -9.53
N LEU HA 66 21.37 13.53 -9.07
CA LEU HA 66 22.80 13.26 -9.06
C LEU HA 66 23.17 11.89 -9.61
N GLY HA 67 22.20 11.04 -9.93
CA GLY HA 67 22.49 9.72 -10.41
C GLY HA 67 22.97 9.71 -11.84
N PRO HA 68 23.26 8.52 -12.37
CA PRO HA 68 23.76 8.43 -13.75
C PRO HA 68 22.73 8.79 -14.79
N LEU HA 69 21.45 8.81 -14.45
CA LEU HA 69 20.40 9.15 -15.39
C LEU HA 69 19.98 10.60 -15.29
N ARG HA 70 20.70 11.41 -14.51
CA ARG HA 70 20.30 12.78 -14.24
C ARG HA 70 20.32 13.64 -15.50
N ASP HA 71 21.24 13.35 -16.43
CA ASP HA 71 21.34 14.10 -17.67
C ASP HA 71 20.71 13.32 -18.81
N SER HA 72 19.41 13.07 -18.70
CA SER HA 72 18.70 12.29 -19.70
C SER HA 72 17.22 12.64 -19.61
N ASP HA 73 16.42 11.92 -20.39
CA ASP HA 73 14.98 12.08 -20.39
C ASP HA 73 14.31 11.30 -19.27
N VAL HA 74 15.06 10.45 -18.56
CA VAL HA 74 14.49 9.44 -17.68
C VAL HA 74 15.09 9.52 -16.28
N ALA HA 75 15.45 10.74 -15.85
CA ALA HA 75 16.08 10.92 -14.55
C ALA HA 75 15.16 10.51 -13.39
N ASN HA 76 13.88 10.89 -13.49
CA ASN HA 76 12.92 10.55 -12.46
C ASN HA 76 12.70 9.05 -12.39
N LEU HA 77 12.65 8.39 -13.56
CA LEU HA 77 12.49 6.93 -13.59
C LEU HA 77 13.69 6.23 -12.97
N GLY HA 78 14.90 6.68 -13.28
CA GLY HA 78 16.08 6.06 -12.68
C GLY HA 78 16.14 6.25 -11.18
N GLY HA 79 15.82 7.46 -10.72
CA GLY HA 79 15.74 7.71 -9.29
C GLY HA 79 14.70 6.85 -8.60
N LEU HA 80 13.56 6.63 -9.26
CA LEU HA 80 12.52 5.80 -8.69
C LEU HA 80 12.95 4.33 -8.60
N ILE HA 81 13.54 3.79 -9.68
CA ILE HA 81 14.00 2.40 -9.64
C ILE HA 81 15.05 2.21 -8.54
N SER HA 82 15.97 3.17 -8.42
CA SER HA 82 17.00 3.10 -7.39
C SER HA 82 16.40 3.17 -5.99
N GLY HA 83 15.47 4.11 -5.77
CA GLY HA 83 14.83 4.24 -4.46
C GLY HA 83 13.97 3.04 -4.12
N ILE HA 84 13.29 2.47 -5.10
CA ILE HA 84 12.44 1.30 -4.88
C ILE HA 84 13.27 0.11 -4.44
N THR HA 85 14.39 -0.15 -5.12
CA THR HA 85 15.18 -1.30 -4.69
C THR HA 85 15.95 -1.01 -3.40
N LEU HA 86 16.29 0.26 -3.13
CA LEU HA 86 16.94 0.57 -1.86
C LEU HA 86 15.96 0.39 -0.70
N ILE HA 87 14.69 0.76 -0.90
CA ILE HA 87 13.66 0.49 0.09
C ILE HA 87 13.44 -1.02 0.24
N LEU HA 88 13.55 -1.78 -0.85
CA LEU HA 88 13.45 -3.24 -0.75
C LEU HA 88 14.56 -3.81 0.13
N LEU HA 89 15.80 -3.36 -0.06
CA LEU HA 89 16.87 -3.76 0.86
C LEU HA 89 16.63 -3.29 2.28
N ALA HA 90 16.10 -2.07 2.45
CA ALA HA 90 15.82 -1.55 3.79
C ALA HA 90 14.77 -2.38 4.51
N THR HA 91 13.74 -2.81 3.78
CA THR HA 91 12.70 -3.64 4.37
C THR HA 91 13.20 -5.04 4.65
N ALA HA 92 14.09 -5.57 3.80
CA ALA HA 92 14.72 -6.86 4.09
C ALA HA 92 15.57 -6.77 5.35
N CYS HA 93 16.29 -5.64 5.52
CA CYS HA 93 17.06 -5.38 6.73
C CYS HA 93 16.16 -5.34 7.96
N LEU HA 94 15.04 -4.62 7.85
CA LEU HA 94 14.10 -4.49 8.96
C LEU HA 94 13.51 -5.84 9.35
N ALA HA 95 13.10 -6.63 8.36
CA ALA HA 95 12.48 -7.92 8.67
C ALA HA 95 13.51 -8.92 9.18
N ALA HA 96 14.76 -8.85 8.70
CA ALA HA 96 15.81 -9.69 9.27
C ALA HA 96 16.14 -9.30 10.71
N TYR HA 97 16.16 -8.00 11.01
CA TYR HA 97 16.35 -7.55 12.38
C TYR HA 97 15.23 -8.06 13.28
N GLY HA 98 13.98 -7.98 12.80
CA GLY HA 98 12.87 -8.53 13.57
C GLY HA 98 12.93 -10.03 13.76
N LEU HA 99 13.40 -10.75 12.74
CA LEU HA 99 13.54 -12.20 12.85
C LEU HA 99 14.61 -12.59 13.86
N VAL HA 100 15.74 -11.89 13.91
CA VAL HA 100 16.81 -12.32 14.81
C VAL HA 100 16.69 -11.71 16.20
N SER HA 101 15.96 -10.59 16.32
CA SER HA 101 16.02 -9.79 17.55
C SER HA 101 14.94 -10.12 18.55
N PHE HA 102 13.93 -10.92 18.17
CA PHE HA 102 12.78 -11.14 19.05
C PHE HA 102 12.41 -12.61 19.11
N GLN HA 103 13.32 -13.49 18.72
CA GLN HA 103 13.16 -14.92 18.94
C GLN HA 103 13.20 -15.30 20.42
N LYS HA 104 13.64 -14.39 21.28
CA LYS HA 104 13.56 -14.54 22.72
C LYS HA 104 12.15 -14.24 23.21
N ALA HA 105 12.00 -14.06 24.52
CA ALA HA 105 10.69 -13.78 25.11
C ALA HA 105 10.17 -12.40 24.72
N SER HA 106 8.89 -12.16 24.98
CA SER HA 106 8.24 -10.94 24.51
C SER HA 106 7.97 -10.01 25.69
N SER HA 107 8.23 -8.74 25.47
CA SER HA 107 7.96 -7.70 26.46
C SER HA 107 6.50 -7.27 26.36
N SER HA 108 5.83 -7.21 27.50
CA SER HA 108 4.43 -6.81 27.57
C SER HA 108 4.24 -5.30 27.48
N GLY HA 109 5.32 -4.53 27.35
CA GLY HA 109 5.24 -3.09 27.35
C GLY HA 109 5.18 -2.50 25.95
N ASP HA 110 6.31 -1.96 25.48
CA ASP HA 110 6.38 -1.40 24.14
C ASP HA 110 6.19 -2.49 23.08
N ALA HA 111 5.36 -2.16 22.09
CA ALA HA 111 5.06 -3.08 21.00
C ALA HA 111 6.17 -3.20 19.97
N LEU HA 112 6.99 -2.15 19.79
CA LEU HA 112 8.13 -2.20 18.90
C LEU HA 112 9.30 -3.01 19.44
N LYS HA 113 9.16 -3.60 20.63
CA LYS HA 113 10.20 -4.45 21.19
C LYS HA 113 9.76 -5.92 21.19
N THR HA 114 8.71 -6.21 20.43
CA THR HA 114 8.24 -7.58 20.22
C THR HA 114 8.33 -7.91 18.73
N GLY HA 115 8.33 -9.20 18.43
CA GLY HA 115 8.44 -9.63 17.05
C GLY HA 115 7.22 -9.29 16.20
N GLU HA 116 6.02 -9.46 16.78
CA GLU HA 116 4.80 -9.10 16.07
C GLU HA 116 4.74 -7.61 15.79
N GLY HA 117 5.06 -6.79 16.78
CA GLY HA 117 5.06 -5.35 16.57
C GLY HA 117 6.12 -4.89 15.61
N TRP HA 118 7.30 -5.51 15.64
CA TRP HA 118 8.32 -5.15 14.66
C TRP HA 118 7.94 -5.58 13.24
N SER HA 119 7.26 -6.71 13.10
CA SER HA 119 6.79 -7.10 11.77
C SER HA 119 5.69 -6.17 11.27
N GLN HA 120 4.81 -5.71 12.17
CA GLN HA 120 3.83 -4.69 11.79
C GLN HA 120 4.52 -3.39 11.37
N PHE HA 121 5.56 -2.99 12.11
CA PHE HA 121 6.35 -1.82 11.75
C PHE HA 121 7.02 -2.02 10.39
N THR HA 122 7.51 -3.24 10.13
CA THR HA 122 8.18 -3.53 8.87
C THR HA 122 7.21 -3.46 7.70
N ALA HA 123 6.02 -4.04 7.85
CA ALA HA 123 4.99 -3.95 6.82
C ALA HA 123 4.56 -2.51 6.58
N GLY HA 124 4.36 -1.76 7.67
CA GLY HA 124 4.01 -0.35 7.52
C GLY HA 124 5.10 0.44 6.85
N PHE HA 125 6.37 0.17 7.20
CA PHE HA 125 7.48 0.87 6.57
C PHE HA 125 7.52 0.58 5.09
N PHE HA 126 7.34 -0.69 4.72
CA PHE HA 126 7.41 -1.03 3.31
C PHE HA 126 6.32 -0.33 2.52
N VAL HA 127 5.07 -0.38 3.01
CA VAL HA 127 3.97 0.22 2.28
C VAL HA 127 4.15 1.74 2.19
N GLY HA 128 4.47 2.37 3.32
CA GLY HA 128 4.63 3.82 3.32
C GLY HA 128 5.82 4.29 2.50
N ALA HA 129 6.90 3.50 2.46
CA ALA HA 129 8.08 3.93 1.73
C ALA HA 129 7.90 3.76 0.24
N MET HA 130 7.25 2.68 -0.19
CA MET HA 130 6.93 2.56 -1.61
C MET HA 130 5.96 3.62 -2.06
N GLY HA 131 4.97 3.95 -1.22
CA GLY HA 131 4.08 5.05 -1.53
C GLY HA 131 4.79 6.39 -1.61
N GLY HA 132 5.68 6.67 -0.66
CA GLY HA 132 6.40 7.93 -0.69
C GLY HA 132 7.33 8.05 -1.88
N ALA HA 133 8.04 6.97 -2.21
CA ALA HA 133 8.89 6.95 -3.39
C ALA HA 133 8.09 7.18 -4.66
N PHE HA 134 6.94 6.50 -4.78
CA PHE HA 134 6.14 6.69 -5.98
C PHE HA 134 5.49 8.08 -6.04
N VAL HA 135 5.09 8.65 -4.92
CA VAL HA 135 4.46 9.96 -4.98
C VAL HA 135 5.50 11.04 -5.28
N ALA HA 136 6.74 10.85 -4.82
CA ALA HA 136 7.80 11.79 -5.17
C ALA HA 136 8.16 11.67 -6.64
N PHE HA 137 8.21 10.43 -7.15
CA PHE HA 137 8.41 10.21 -8.59
C PHE HA 137 7.29 10.82 -9.40
N PHE HA 138 6.05 10.67 -8.93
CA PHE HA 138 4.89 11.15 -9.66
C PHE HA 138 4.88 12.68 -9.73
N LEU HA 139 5.21 13.33 -8.61
CA LEU HA 139 5.30 14.79 -8.63
C LEU HA 139 6.46 15.26 -9.48
N LEU HA 140 7.61 14.58 -9.41
CA LEU HA 140 8.77 14.97 -10.21
C LEU HA 140 8.54 14.81 -11.71
N GLU HA 141 7.89 13.73 -12.13
CA GLU HA 141 7.61 13.50 -13.53
C GLU HA 141 6.57 14.48 -14.07
N ASN HA 142 5.51 14.73 -13.32
CA ASN HA 142 4.45 15.63 -13.71
C ASN HA 142 4.69 17.04 -13.17
N PHE HA 143 5.97 17.41 -13.06
CA PHE HA 143 6.33 18.71 -12.48
C PHE HA 143 5.86 19.86 -13.36
N ALA HA 144 5.72 19.63 -14.66
CA ALA HA 144 5.17 20.66 -15.54
C ALA HA 144 3.72 20.98 -15.17
N VAL HA 145 2.95 19.94 -14.86
CA VAL HA 145 1.56 20.13 -14.45
C VAL HA 145 1.49 20.82 -13.10
N VAL HA 146 2.33 20.41 -12.15
CA VAL HA 146 2.35 21.02 -10.82
C VAL HA 146 2.78 22.49 -10.92
N ASP HA 147 3.76 22.76 -11.77
CA ASP HA 147 4.26 24.12 -12.00
C ASP HA 147 3.16 25.01 -12.57
N GLY HA 148 2.45 24.51 -13.59
CA GLY HA 148 1.34 25.27 -14.16
C GLY HA 148 0.19 25.46 -13.19
N ILE HA 149 -0.02 24.47 -12.32
CA ILE HA 149 -1.06 24.56 -11.30
C ILE HA 149 -0.73 25.67 -10.31
N MET HA 150 0.52 25.71 -9.85
CA MET HA 150 0.91 26.73 -8.88
C MET HA 150 1.01 28.12 -9.50
N LYS HA 151 1.30 28.22 -10.79
CA LYS HA 151 1.23 29.53 -11.46
C LYS HA 151 -0.17 29.84 -11.99
N GLY HA 152 -1.08 28.88 -11.96
CA GLY HA 152 -2.40 29.11 -12.52
C GLY HA 152 -2.44 29.16 -14.03
N LEU HA 153 -1.54 28.42 -14.70
CA LEU HA 153 -1.49 28.38 -16.15
C LEU HA 153 -2.67 27.63 -16.75
N PHE HA 154 -3.34 26.79 -15.96
CA PHE HA 154 -4.49 26.02 -16.42
C PHE HA 154 -5.80 26.76 -16.22
N ASN HA 155 -5.76 28.00 -15.75
CA ASN HA 155 -6.96 28.80 -15.54
C ASN HA 155 -7.23 29.68 -16.75
N MET IA 1 34.03 -23.41 -35.59
CA MET IA 1 32.68 -22.92 -35.35
C MET IA 1 32.49 -22.46 -33.91
N ALA IA 2 31.58 -21.51 -33.73
CA ALA IA 2 31.29 -20.92 -32.43
C ALA IA 2 30.26 -21.77 -31.70
N LEU IA 3 30.31 -21.68 -30.36
CA LEU IA 3 29.33 -22.35 -29.51
C LEU IA 3 27.94 -21.82 -29.82
N THR IA 4 26.97 -22.73 -29.90
CA THR IA 4 25.59 -22.39 -30.17
C THR IA 4 24.90 -22.03 -28.85
N ASP IA 5 23.71 -21.40 -28.95
CA ASP IA 5 22.90 -21.14 -27.76
C ASP IA 5 22.58 -22.43 -27.00
N THR IA 6 22.28 -23.51 -27.73
CA THR IA 6 21.89 -24.75 -27.09
C THR IA 6 23.06 -25.40 -26.35
N GLN IA 7 24.30 -25.13 -26.77
CA GLN IA 7 25.44 -25.64 -26.02
C GLN IA 7 25.57 -24.94 -24.67
N VAL IA 8 25.33 -23.63 -24.65
CA VAL IA 8 25.35 -22.88 -23.39
C VAL IA 8 24.22 -23.36 -22.47
N TYR IA 9 23.02 -23.54 -23.04
CA TYR IA 9 21.89 -24.00 -22.24
C TYR IA 9 22.14 -25.40 -21.67
N ILE IA 10 22.72 -26.28 -22.48
CA ILE IA 10 23.08 -27.63 -22.03
C ILE IA 10 24.12 -27.56 -20.93
N ALA IA 11 25.09 -26.65 -21.05
CA ALA IA 11 26.13 -26.52 -20.04
C ALA IA 11 25.56 -26.10 -18.69
N LEU IA 12 24.64 -25.13 -18.70
CA LEU IA 12 23.94 -24.76 -17.45
C LEU IA 12 23.14 -25.92 -16.87
N VAL IA 13 22.42 -26.65 -17.74
CA VAL IA 13 21.59 -27.76 -17.30
C VAL IA 13 22.43 -28.84 -16.63
N ILE IA 14 23.58 -29.16 -17.21
CA ILE IA 14 24.43 -30.21 -16.65
C ILE IA 14 25.16 -29.71 -15.40
N ALA IA 15 25.54 -28.42 -15.37
CA ALA IA 15 26.21 -27.88 -14.19
C ALA IA 15 25.28 -27.74 -13.01
N LEU IA 16 23.98 -27.81 -13.22
CA LEU IA 16 23.05 -27.93 -12.09
C LEU IA 16 23.31 -29.17 -11.24
N LEU IA 17 23.95 -30.21 -11.80
CA LEU IA 17 24.25 -31.40 -11.02
C LEU IA 17 25.42 -31.24 -10.06
N PRO IA 18 26.60 -30.66 -10.46
CA PRO IA 18 27.63 -30.40 -9.43
C PRO IA 18 27.17 -29.42 -8.37
N ALA IA 19 26.20 -28.54 -8.68
CA ALA IA 19 25.60 -27.69 -7.65
C ALA IA 19 24.91 -28.53 -6.58
N VAL IA 20 24.10 -29.51 -7.02
CA VAL IA 20 23.41 -30.38 -6.08
C VAL IA 20 24.41 -31.20 -5.28
N LEU IA 21 25.41 -31.77 -5.95
CA LEU IA 21 26.37 -32.63 -5.23
C LEU IA 21 27.25 -31.83 -4.28
N ALA IA 22 27.59 -30.59 -4.62
CA ALA IA 22 28.29 -29.71 -3.70
C ALA IA 22 27.43 -29.37 -2.48
N PHE IA 23 26.13 -29.15 -2.70
CA PHE IA 23 25.22 -28.93 -1.58
C PHE IA 23 25.18 -30.15 -0.66
N ARG IA 24 25.13 -31.34 -1.24
CA ARG IA 24 25.10 -32.57 -0.44
C ARG IA 24 26.38 -32.75 0.34
N LEU IA 25 27.53 -32.50 -0.29
CA LEU IA 25 28.80 -32.62 0.41
C LEU IA 25 28.91 -31.62 1.55
N SER IA 26 28.45 -30.38 1.33
CA SER IA 26 28.47 -29.38 2.39
C SER IA 26 27.55 -29.76 3.55
N ALA IA 27 26.34 -30.26 3.24
CA ALA IA 27 25.41 -30.65 4.30
C ALA IA 27 25.89 -31.88 5.06
N GLU IA 28 26.63 -32.76 4.37
CA GLU IA 28 27.20 -33.93 5.05
C GLU IA 28 28.38 -33.53 5.93
N LEU IA 29 29.24 -32.66 5.42
CA LEU IA 29 30.40 -32.22 6.18
C LEU IA 29 30.02 -31.31 7.34
N TYR IA 30 28.85 -30.67 7.27
CA TYR IA 30 28.36 -29.90 8.41
C TYR IA 30 27.85 -30.83 9.51
N LYS IA 31 27.39 -32.02 9.14
CA LYS IA 31 26.94 -33.00 10.12
C LYS IA 31 28.12 -33.51 10.94
N THR JA 9 86.46 -39.19 17.94
CA THR JA 9 87.29 -39.81 16.92
C THR JA 9 86.91 -39.27 15.53
N TYR JA 10 85.60 -39.23 15.26
CA TYR JA 10 85.01 -38.65 14.06
C TYR JA 10 85.53 -39.31 12.78
N THR JA 11 85.24 -40.59 12.59
CA THR JA 11 85.70 -41.27 11.38
C THR JA 11 84.70 -41.09 10.25
N PHE JA 12 83.41 -41.31 10.55
CA PHE JA 12 82.33 -41.24 9.57
C PHE JA 12 82.17 -39.84 8.98
N ARG JA 13 82.07 -38.86 9.87
CA ARG JA 13 81.81 -37.48 9.47
C ARG JA 13 82.95 -36.92 8.65
N THR JA 14 84.20 -37.22 9.05
CA THR JA 14 85.36 -36.82 8.28
C THR JA 14 85.40 -37.48 6.91
N PHE JA 15 85.01 -38.75 6.82
CA PHE JA 15 84.95 -39.48 5.55
C PHE JA 15 83.99 -38.82 4.58
N TRP JA 16 82.77 -38.53 5.06
CA TRP JA 16 81.78 -37.90 4.19
C TRP JA 16 82.13 -36.45 3.85
N ALA JA 17 82.71 -35.71 4.82
CA ALA JA 17 83.14 -34.35 4.56
C ALA JA 17 84.28 -34.31 3.54
N VAL JA 18 85.20 -35.26 3.63
CA VAL JA 18 86.31 -35.34 2.68
C VAL JA 18 85.82 -35.73 1.30
N LEU JA 19 84.82 -36.62 1.24
CA LEU JA 19 84.21 -36.99 -0.03
C LEU JA 19 83.54 -35.78 -0.69
N LEU JA 20 82.80 -35.00 0.09
CA LEU JA 20 82.15 -33.79 -0.44
C LEU JA 20 83.19 -32.75 -0.86
N LEU JA 21 84.27 -32.63 -0.07
CA LEU JA 21 85.32 -31.68 -0.41
C LEU JA 21 86.09 -32.12 -1.64
N ALA JA 22 86.23 -33.42 -1.84
CA ALA JA 22 86.85 -33.91 -3.07
C ALA JA 22 85.94 -33.66 -4.26
N ILE JA 23 84.63 -33.80 -4.08
CA ILE JA 23 83.70 -33.45 -5.17
C ILE JA 23 83.85 -31.97 -5.54
N ASN JA 24 83.93 -31.12 -4.52
CA ASN JA 24 84.20 -29.69 -4.71
C ASN JA 24 85.52 -29.45 -5.45
N PHE JA 25 86.57 -30.17 -5.06
CA PHE JA 25 87.88 -29.96 -5.69
C PHE JA 25 87.95 -30.51 -7.11
N LEU JA 26 87.22 -31.59 -7.41
CA LEU JA 26 87.10 -32.05 -8.80
C LEU JA 26 86.38 -31.03 -9.68
N VAL JA 27 85.31 -30.43 -9.18
CA VAL JA 27 84.67 -29.37 -9.96
C VAL JA 27 85.58 -28.16 -10.07
N ALA JA 28 86.41 -27.89 -9.06
CA ALA JA 28 87.37 -26.79 -9.15
C ALA JA 28 88.49 -27.10 -10.13
N ALA JA 29 88.93 -28.35 -10.19
CA ALA JA 29 89.94 -28.75 -11.17
C ALA JA 29 89.38 -28.67 -12.58
N TYR JA 30 88.07 -28.92 -12.74
CA TYR JA 30 87.43 -28.73 -14.04
C TYR JA 30 87.30 -27.24 -14.34
N TYR JA 31 87.15 -26.42 -13.30
CA TYR JA 31 87.12 -24.97 -13.48
C TYR JA 31 88.47 -24.43 -13.97
N PHE JA 32 89.56 -24.79 -13.30
CA PHE JA 32 90.85 -24.16 -13.54
C PHE JA 32 91.65 -24.81 -14.68
N GLY JA 33 91.06 -25.77 -15.39
CA GLY JA 33 91.66 -26.31 -16.59
C GLY JA 33 92.73 -27.37 -16.43
N ILE JA 34 93.02 -27.78 -15.19
CA ILE JA 34 93.90 -28.90 -14.93
C ILE JA 34 93.24 -30.16 -15.48
N LEU JA 35 91.94 -30.28 -15.24
CA LEU JA 35 91.13 -31.31 -15.88
C LEU JA 35 90.19 -30.68 -16.90
#